data_7PT7
#
_entry.id   7PT7
#
_cell.length_a   1.00
_cell.length_b   1.00
_cell.length_c   1.00
_cell.angle_alpha   90.00
_cell.angle_beta   90.00
_cell.angle_gamma   90.00
#
_symmetry.space_group_name_H-M   'P 1'
#
loop_
_entity.id
_entity.type
_entity.pdbx_description
1 polymer 'Undefined Mcm4 flexible N-terminal tail'
2 polymer 'DNA replication licensing factor MCM2'
3 polymer 'DNA replication licensing factor MCM3'
4 polymer 'DNA replication licensing factor MCM4'
5 polymer 'Minichromosome maintenance protein 5'
6 polymer 'DNA replication licensing factor MCM6'
7 polymer 'DNA replication licensing factor MCM7'
8 polymer 'Cell division control protein 7'
9 polymer 'DDK kinase regulatory subunit DBF4'
10 non-polymer "ADENOSINE-5'-DIPHOSPHATE"
11 non-polymer 'MAGNESIUM ION'
12 non-polymer 'ZINC ION'
13 non-polymer 'BERYLLIUM TRIFLUORIDE ION'
#
loop_
_entity_poly.entity_id
_entity_poly.type
_entity_poly.pdbx_seq_one_letter_code
_entity_poly.pdbx_strand_id
1 'polypeptide(L)' (UNK)(UNK)(UNK)(UNK) 1
2 'polypeptide(L)'
;MSDNRRRRREEDDSDSENELPPSSPQQHFRGGMNPVSSPIGSPDMINPEGDDNEVDDVPDIDEVEEQMNEVDLMDDNMYE
DYAADHNRDRYDPDQVDDREQQELSLSERRRIDAQLNERDRLLRNVAYIDDEDEEQEGAAQLDEMGLPVQRRRRRRQYED
LENSDDDLLSDMDIDPLREELTLESLSNVKANSYSEWITQPNVSRTIARELKSFLLEYTDETGRSVYGARIRTLGEMNSE
SLEVNYRHLAESKAILALFLAKCPEEMLKIFDLVAMEATELHYPDYARIHSEIHVRISDFPTIYSLRELRESNLSSLVRV
TGVVTRRTGVFPQLKYVKFNCLKCGSILGPFFQDSNEEIRISFCTNCKSKGPFRVNGEKTVYRNYQRVTLQEAPGTVPPG
RLPRHREVILLADLVDVSKPGEEVEVTGIYKNNYDGNLNAKNGFPVFATIIEANSIKRREGNTANEGEEGLDVFSWTEEE
EREFRKISRDRGIIDKIISSMAPSIYGHRDIKTAVACSLFGGVPKNVNGKHSIRGDINVLLLGDPGTAKSQILKYVEKTA
HRAVFATGQGASAVGLTASVRKDPITKEWTLEGGALVLADKGVCLIDEFDKMNDQDRTSIHEAMEQQSISISKAGIVTTL
QARCSIIAAANPNGGRYNSTLPLAQNVSLTEPILSRFDILCVVRDLVDEEADERLATFVVDSHVRSHPENDEDREGEELK
NNGESAIEQGEDEINEQLNARQRRLQRQRKKEEEISPIPQELLMKYIHYARTKIYPKLHQMDMDKVSRVYADLRRESIST
GSFPITVRHLESILRIAESFAKMRLSEFVSSYDLDRAIKVVVDSFVDAQKVSVRRQLRRSFAIYTLGH
;
2,B
3 'polypeptide(L)'
;MEGSTGFDGDATTFFAPDAVFGDRVRRFQEFLDTFTSYRDSVRSIQVYNSNNAANYNDDQDDADERDLLGDDDGDDLEKE
KKAASSTSLNILPHRIIISLDDLREFDRSFWSGILVEPAYFIPPAEKALTDLADSMDDVPHPNASAVSSRHPWKLSFKGS
FGAHALSPRTLTAQHLNKLVSVEGIVTKTSLVRPKLIRSVHYAAKTGRFHYRDYTDATTTLTTRIPTPAIYPTEDTEGNK
LTTEYGYSTFIDHQRITVQEMPEMAPAGQLPRSIDVILDDDLVDKTKPGDRVNVVGVFKSLGAGGMNQSNSNTLIGFKTL
ILGNTVYPLHARSTGVAARQMLTDFDIRNINKLSKKKDIFDILSQSLAPSIYGHDHIKKAILLMLMGGVEKNLENGSHLR
GDINILMVGDPSTAKSQLLRFVLNTASLAIATTGRGSSGVGLTAAVTTDRETGERRLEAGAMVLADRGVVCIDEFDKMTD
VDRVAIHEVMEQQTVTIAKAGIHTTLNARCSVIAAANPVFGQYDVNRDPHQNIALPDSLLSRFDLLFVVTDDINEIRDRS
ISEHVLRTHRYLPPGYLEGEPVRERLNLSLAVGEDADINPEEHSNSGAGVENEGEDDEDHVFEKFNPLLQAGAKLAKNKG
NYNGTEIPKLVTIPFLRKYVQYAKERVIPQLTQEAINVIVKNYTDLRNDDNTKKSPITARTLETLIRLATAHAKVRLSKT
VNKVDAKVAANLLRFALLGEDIGNDIDEEESEYEEALSKRSPQKSPKKRQRVRQPASNSGSPIKSTPRRSTASSVNATPS
SARRILRFQDDEQNAGEDDNDIMSPLPADEEAELQRRLQLGLRVSPRRREHLHAPEEGSSGPLTEVGTPRLPNVSSAGQD
DEQQQSVISFDNVEPGTISTGRLSLISGIIARLMQTEIFEEESYPVASLFERINEELPEEEKFSAQEYLAGLKIMSDRNN
LMVADDKVWRV
;
3,C
4 'polypeptide(L)'
;MSQQSSSPTKEDNNSSSPVVPNPDSVPPQLSSPALFYSSSSSQGDIYGRNNSQNLSQGEGNIRAAIGSSPLNFPSSSQRQ
NSDVFQSQGRQGRIRSSASASGRSRYHSDLRSDRALPTSSSSLGRNGQNRVHMRRNDIHTSDLSSPRRIVDFDTRSGVNT
LDTSSSSAPPSEASEPLRIIWGTNVSIQECTTNFRNFLMSFKYKFRKILDEREEFINNTTDEELYYIKQLNEMRELGTSN
LNLDARNLLAYKQTEDLYHQLLNYPQEVISIMDQTIKDCMVSLIVDNNLDYDLDEIETKFYKVRPYNVGSCKGMRELNPN
DIDKLINLKGLVLRSTPVIPDMKVAFFKCNVCDHTMAVEIDRGVIQEPARCERIDCNEPNSMSLIHNRCSFADKQVIKLQ
ETPDFVPDGQTPHSISLCVYDELVDSCRAGDRIEVTGTFRSIPIRANSRQRVLKSLYKTYVDVVHVKKVSDKRLDVDTST
IEQELMQNKVDHNEVEEVRQITDQDLAKIREVAAREDLYSLLARSIAPSIYELEDVKKGILLQLFGGTNKTFTKGGRYRG
DINILLCGDPSTSKSQILQYVHKITPRGVYTSGKGSSAVGLTAYITRDVDTKQLVLESGALVLSDGGVCCIDEFDKMSDS
TRSVLHEVMEQQTISIAKAGIITTLNARSSILASANPIGSRYNPNLPVTENIDLPPPLLSRFDLVYLVLDKVDEKNDREL
AKHLTNLYLEDKPEHISQDDVLPVEFLTMYISYAKEHIHPIITEAAKTELVRAYVGMRKMGDDSRSDEKRITATTRQLES
MIRLAEAHAKMKLKNVVELEDVQEAVRLIRSAIKDYATDPKTGKIDMNLVQTGKSVIQRKLQEDLSREIMNVLKDQASDS
MSFNELIKQINEHSQDRVESSDIQEALSRLQQEDKVIVLGEGVRRSVRLNNRV
;
4,D
5 'polypeptide(L)'
;MSFDRPEIYSAPVLQGESPNDDDNTEIIKSFKNFILEFRLDSQFIYRDQLRNNILVKNYSLTVNMEHLIGYNEDIYKKLS
DEPSDIIPLFETAITQVAKRISILSRAQSANNNDKDPENTSMDTDSLLLNSLPTFQLILNSNANQIPLRDLDSEHVSKIV
RLSGIIISTSVLSSRATYLSIMCRNCRHTTSITINNFNSITGNTVSLPRSCLSTIESESSMANESNIGDESTKKNCGPDP
YIIIHESSKFIDQQFLKLQEIPELVPVGEMPRNLTMTCDRYLTNKVIPGTRVTIVGIYSIYNSKNGAGSGRSGGGNGGSG
VAIRTPYIKILGIQSDVETSSIWNSVTMFTEEEEEEFLQLSRNPKLYEILTNSIAPSIFGNEDIKKAIVCLLMGGSKKIL
PDGMRLRGDINVLLLGDPGTAKSQLLKFVEKVSPIAVYTSGKGSSAAGLTASVQRDPMTREFYLEGGAMVLADGGVVCID
EFDKMRDEDRVAIHEAMEQQTISIAKAGITTVLNSRTSVLAAANPIYGRYDDLKSPGDNIDFQTTILSRFDMIFIVKDDH
NEERDISIANHVINIHTGNANAMQNQQEENGSEISIEKMKRYITYCRLKCAPRLSPQAAEKLSSNFVTIRKQLLINELES
TERSSIPITIRQLEAIIRITESLAKLELSPIAQERHVDEAIRLFQASTMDAASQDPIGGLNQASGTSLSEIRRFEQELKR
RLPIGWSTSYQTLRREFVDTHRFSQLALDKALYALEKHETIQLRHQGQNIYRSGV
;
5,E
6 'polypeptide(L)'
;MSSPFPADTPSSNRPSNSSPPPSSIGAGFGSSSGLDSQIGSRLHFPSSSQPHVSNSQTGPFVNDSTQFSSQRLQTDGSAT
NDMEGNEPARSFKSRALNHVKKVDDVTGEKVREAFEQFLEDFSVQSTDTGEVEKVYRAQIEFMKIYDLNTIYIDYQHLSM
RENGALAMAISEQYYRFLPFLQKGLRRVVRKYAPELLNTSDSLKRSEGDEGQADEDEQQDDDMNGSSLPRDSGSSAAPGN
GTSAMATRSITTSTSPEQTERVFQISFFNLPTVHRIRDIRSEKIGSLLSISGTVTRTSEVRPELYKASFTCDMCRAIVDN
VEQSFKYTEPTFCPNPSCENRAFWTLNVTRSRFLDWQKVRIQENANEIPTGSMPRTLDVILRGDSVERAKPGDRCKFTGV
EIVVPDVTQLGLPGVKPSSTLDTRGISKTTEGLNSGVTGLRSLGVRDLTYKISFLACHVISIGSNIGASSPDANSNNRET
ELQMAANLQANNVYQDNERDQEVFLNSLSSDEINELKEMVKDEHIYDKLVRSIAPAVFGHEAVKKGILLQMLGGVHKSTV
EGIKLRGDINICVVGDPSTSKSQFLKYVVGFAPRSVYTSGKASSAAGLTAAVVRDEEGGDYTIEAGALMLADNGICCIDE
FDKMDISDQVAIHEAMEQQTISIAKAGIHATLNARTSILAAANPVGGRYNRKLSLRGNLNMTAPIMSRFDLFFVILDDCN
EKIDTELASHIVDLHMKRDEAIEPPFSAEQLRRYIKYARTFKPILTKEARSYLVEKYKELRKDDAQGFSRSSYRITVRQL
ESMIRLSEAIARANCVDEITPSFIAEAYDLLRQSIIRVDVDDVEMDEEFDNIESQSHAASGNNDDNDDGTGSGVITSEPP
ADIEEGQSEATARPGTSEKKKTTVTYDKYVSMMNMIVRKIAEVDREGAEELTAVDIVDWYLLQKENDLGSLAEYWEERRL
AFKVIKRLVKDRILMEIHGTRHNLRDLENEENENNKTVYVIHPNCEVLDQLEPQDSS
;
6,F
7 'polypeptide(L)'
;MSAALPSIQLPVDYNNLFNEITDFLVTFKQDTLSSDATRNENEDENLDAENIEQHLLEKGPKYMAMLQKVANRELNSVII
DLDDILQYQNEKFLQGTQADDLVSAIQQNANHFTELFCRAIDNNMPLPTKEIDYKDDVLDVILNQRRLRNERMLSDRTNE
IRSENLMDTTMDPPSSMNDALREVVEDETELFPPNLTRRYFLYFKPLSQNCARRYRKKAISSKPLSVRQIKGDFLGQLIT
VRGIITRVSDVKPAVEVIAYTCDQCGYEVFQEVNSRTFTPLSECTSEECSQNQTKGQLFMSTRASKFSAFQECKIQELSQ
QVPVGHIPRSLNIHVNGTLVRSLSPGDIVDVTGIFLPAPYTGFKALKAGLLTETYLEAQFVRQHKKKFASFSLTSDVEER
VMELITSGDVYNRLAKSIAPEIYGNLDVKKALLLLLVGGVDKRVGDGMKIRGDINVCLMGDPGVAKSQLLKAICKISPRG
VYTTGKGSSGVGLTAAVMKDPVTDEMILEGGALVLADNGICCIDEFDKMDESDRTAIHEVMEQQTISISKAGINTTLNAR
TSILAAANPLYGRYNPRLSPLDNINLPAALLSRFDILFLMLDIPSRDDDEKLAEHVTYVHMHNKQPDLDFTPVEPSKMRE
YIAYAKTKRPVMSEAVNDYVVQAYIRLRQDSKREMDSKFSFGQATPRTLLGIIRLSQALAKLRLADMVDIDDVEEALRLV
RVSKESLYQETNKSKEDESPTTKIFTIIKKMLQETGKNTLSYENIVKTVRLRGFTMLQLSNCIQEYSYLNVWHLINEGNT
LKFVDDGTMDTDQEDSLVSTPKLAPQTTASANVSAQDSDIDLQDA
;
7,G
8 'polypeptide(L)'
;MTSKTKNIDDIPPEIKEEMIQLYHDLPGIENEYKLIDKIGEGTFSSVYKAKDITGKITKKFASHFWNYGSNYVALKKIYV
TSSPQRIYNELNLLYIMTGSSRVAPLCDAKRVRDQVIAVLPYYPHEEFRTFYRDLPIKGIKKYIWELLRALKFVHSKGII
HRDIKPTNFLFNLELGRGVLVDFGLAEAQMDYKSMISSQNDYDNYANTNHDGGYSMRNHEQFCPCIMRNQYSPNSHNQTP
PMVTIQNGKVVHLNNVNGVDLTKGYPKNETRRIKRANRAGTRGFRAPEVLMKCGAQSTKIDIWSVGVILLSLLGRRFPMF
QSLDDADSLLELCTIFGWKELRKCAALHGLGFEASGLIWDKPNGYSNGLKEFVYDLLNKECTIGTFPEYSVAFETFGFLQ
QELHDRMSIEPQLPDPKTNMDAVDAYELKKYQEEIWSDHYWCFQVLEQCFEMDPQKRSSAEDLLKTPFFNELNENTYLLD
GESTDEDDVVSSSEADLLDKDVLLISE
;
8
9 'polypeptide(L)'
;MVSPTKMIIRSPLKETDTNLKHNNGIAASTTAAGHLNVFSNDNNCNNNNTTESFPKKRSLERLELQQQQHLHEKKRARIE
RARSIEGAVQVSKGTGLKNVEPRVTPKELLEWQTNWKKIMKRDSRIYFDITDDVEMNTYNKSKMDKRRDLLKRGFLTLGA
QITQFFDTTVTIVITRRSVENIYLLKDTDILSRAKKNYMKVWSYEKAARFLKNLDVDLDHLSKTKSASLAAPTLSNLLHN
EKLYGPTDRDPRTKRDDIHYFKYPHVYLYDLWQTWAPIITLEWKPQELTNLDELPYPILKIGSFGRCPFIGDRNYDESSY
KRVVKRYSRDKANKKYALQLRALFQYHADTLLNTSSVNDQTKNLIFIPHTCNDSTKSFKKWMQEKAKNFEKTELKKTDDS
AVQDVRNEHADQTDEKNSILLNETETKEPPLKEEKENKQSIAEESNKYPQRKELAATPKLNHPVLATFARQETEEVPDDL
CTLKTKSRQAFEIKASGAHQSNDVATSFGNGLGPTRASVMSKNMKSLSRLMVDRKLGVKQTNGNNKNYTATIATTAETSK
ENRHRLDFNALKKDEAPSKETGKDSAVHLETNRKPQNFPKVATKSVSADSKVHNDIKITTTESPTASKKSTSTNVTLHFN
AQTAQTAQPVKKETVKNSGYCENCRVKYESLEQHIVSEKHLSFAENDLNFEAIDSLIENLRFQI
;
9
#
loop_
_chem_comp.id
_chem_comp.type
_chem_comp.name
_chem_comp.formula
ADP non-polymer ADENOSINE-5'-DIPHOSPHATE 'C10 H15 N5 O10 P2'
BEF non-polymer 'BERYLLIUM TRIFLUORIDE ION' 'Be F3 -1'
MG non-polymer 'MAGNESIUM ION' 'Mg 2'
ZN non-polymer 'ZINC ION' 'Zn 2'
#
# COMPACT_ATOMS: atom_id res chain seq x y z
N UNK A 1 43.82 -60.83 3.05
CA UNK A 1 44.54 -62.06 3.42
C UNK A 1 44.98 -61.97 4.88
N UNK A 2 44.30 -61.14 5.67
CA UNK A 2 44.73 -60.93 7.07
C UNK A 2 43.64 -61.40 8.05
N UNK A 3 44.02 -62.18 9.06
CA UNK A 3 43.05 -62.72 10.05
C UNK A 3 42.45 -61.59 10.89
N UNK A 4 41.20 -61.74 11.32
CA UNK A 4 40.53 -60.70 12.14
C UNK A 4 39.83 -61.37 13.33
N LEU B 181 -31.46 -46.28 4.68
CA LEU B 181 -32.71 -46.59 5.38
C LEU B 181 -33.50 -47.65 4.64
N THR B 182 -34.75 -47.34 4.29
CA THR B 182 -35.63 -48.25 3.61
C THR B 182 -36.15 -47.60 2.33
N LEU B 183 -36.71 -48.44 1.45
CA LEU B 183 -37.27 -47.93 0.20
C LEU B 183 -38.43 -46.99 0.47
N GLU B 184 -39.30 -47.34 1.42
CA GLU B 184 -40.43 -46.50 1.75
C GLU B 184 -40.05 -45.29 2.59
N SER B 185 -38.83 -45.26 3.14
CA SER B 185 -38.37 -44.07 3.84
C SER B 185 -38.29 -42.87 2.89
N LEU B 186 -37.81 -43.09 1.67
CA LEU B 186 -37.82 -42.04 0.67
C LEU B 186 -39.24 -41.68 0.26
N SER B 187 -40.15 -42.66 0.24
CA SER B 187 -41.53 -42.39 -0.14
C SER B 187 -42.19 -41.43 0.85
N ASN B 188 -41.96 -41.64 2.15
CA ASN B 188 -42.48 -40.72 3.16
C ASN B 188 -41.68 -39.43 3.11
N VAL B 189 -42.26 -38.40 2.51
CA VAL B 189 -41.58 -37.13 2.26
C VAL B 189 -42.10 -36.09 3.23
N LYS B 190 -41.19 -35.32 3.83
CA LYS B 190 -41.57 -34.25 4.75
C LYS B 190 -40.45 -33.21 4.71
N ALA B 191 -40.66 -32.15 3.93
CA ALA B 191 -39.72 -31.03 3.86
C ALA B 191 -40.40 -29.87 3.16
N ASN B 192 -39.90 -28.66 3.43
CA ASN B 192 -40.43 -27.47 2.77
C ASN B 192 -39.95 -27.34 1.34
N SER B 193 -38.75 -27.82 1.04
CA SER B 193 -38.19 -27.77 -0.31
C SER B 193 -37.87 -29.17 -0.78
N TYR B 194 -38.18 -29.46 -2.05
CA TYR B 194 -37.94 -30.79 -2.59
C TYR B 194 -36.44 -31.08 -2.66
N SER B 195 -35.66 -30.12 -3.15
CA SER B 195 -34.21 -30.29 -3.17
C SER B 195 -33.64 -30.37 -1.75
N GLU B 196 -34.22 -29.64 -0.81
CA GLU B 196 -33.81 -29.77 0.58
C GLU B 196 -34.12 -31.16 1.12
N TRP B 197 -35.26 -31.73 0.71
CA TRP B 197 -35.58 -33.10 1.09
C TRP B 197 -34.55 -34.07 0.51
N ILE B 198 -34.16 -33.87 -0.74
CA ILE B 198 -33.15 -34.73 -1.34
C ILE B 198 -31.82 -34.60 -0.60
N THR B 199 -31.45 -33.36 -0.25
CA THR B 199 -30.18 -33.08 0.41
C THR B 199 -30.26 -33.16 1.93
N GLN B 200 -31.35 -33.70 2.47
CA GLN B 200 -31.40 -33.95 3.90
C GLN B 200 -30.32 -34.95 4.27
N PRO B 201 -29.48 -34.66 5.27
CA PRO B 201 -28.28 -35.49 5.51
C PRO B 201 -28.55 -36.98 5.61
N ASN B 202 -29.46 -37.37 6.51
CA ASN B 202 -29.83 -38.77 6.62
C ASN B 202 -30.48 -39.27 5.34
N VAL B 203 -31.36 -38.45 4.75
CA VAL B 203 -32.01 -38.83 3.50
C VAL B 203 -30.98 -38.90 2.37
N SER B 204 -29.98 -38.00 2.39
CA SER B 204 -28.94 -38.06 1.37
C SER B 204 -28.12 -39.33 1.48
N ARG B 205 -27.77 -39.74 2.71
CA ARG B 205 -27.08 -41.00 2.90
C ARG B 205 -27.93 -42.17 2.43
N THR B 206 -29.24 -42.12 2.74
CA THR B 206 -30.14 -43.16 2.27
C THR B 206 -30.16 -43.22 0.75
N ILE B 207 -30.16 -42.05 0.10
CA ILE B 207 -30.15 -41.99 -1.36
C ILE B 207 -28.88 -42.62 -1.90
N ALA B 208 -27.75 -42.32 -1.27
CA ALA B 208 -26.48 -42.88 -1.72
C ALA B 208 -26.50 -44.40 -1.62
N ARG B 209 -26.99 -44.91 -0.49
CA ARG B 209 -27.02 -46.38 -0.29
C ARG B 209 -27.99 -47.00 -1.30
N GLU B 210 -29.15 -46.38 -1.50
CA GLU B 210 -30.15 -46.95 -2.41
C GLU B 210 -29.63 -46.95 -3.84
N LEU B 211 -28.90 -45.91 -4.24
CA LEU B 211 -28.33 -45.89 -5.58
C LEU B 211 -27.25 -46.95 -5.71
N LYS B 212 -26.45 -47.14 -4.66
CA LYS B 212 -25.49 -48.24 -4.64
C LYS B 212 -26.19 -49.58 -4.86
N SER B 213 -27.30 -49.79 -4.15
CA SER B 213 -28.05 -51.03 -4.29
C SER B 213 -28.57 -51.19 -5.71
N PHE B 214 -29.14 -50.11 -6.28
CA PHE B 214 -29.67 -50.19 -7.63
C PHE B 214 -28.60 -50.58 -8.63
N LEU B 215 -27.42 -49.96 -8.52
CA LEU B 215 -26.37 -50.25 -9.49
C LEU B 215 -25.77 -51.63 -9.29
N LEU B 216 -25.58 -52.05 -8.04
CA LEU B 216 -24.92 -53.33 -7.78
C LEU B 216 -25.85 -54.53 -7.99
N GLU B 217 -27.16 -54.34 -7.83
CA GLU B 217 -28.07 -55.48 -7.78
C GLU B 217 -28.82 -55.72 -9.09
N TYR B 218 -29.09 -54.68 -9.87
CA TYR B 218 -29.91 -54.85 -11.06
C TYR B 218 -29.16 -55.68 -12.10
N THR B 219 -29.84 -56.68 -12.66
CA THR B 219 -29.23 -57.64 -13.56
C THR B 219 -30.17 -57.92 -14.72
N ASP B 220 -29.59 -58.25 -15.88
CA ASP B 220 -30.38 -58.52 -17.07
C ASP B 220 -31.13 -59.85 -16.94
N GLU B 221 -31.85 -60.19 -18.01
CA GLU B 221 -32.70 -61.37 -18.00
C GLU B 221 -31.88 -62.65 -17.93
N THR B 222 -30.82 -62.75 -18.74
CA THR B 222 -30.02 -63.97 -18.84
C THR B 222 -29.02 -64.13 -17.69
N GLY B 223 -29.18 -63.38 -16.61
CA GLY B 223 -28.24 -63.44 -15.50
C GLY B 223 -26.99 -62.61 -15.70
N ARG B 224 -26.86 -61.91 -16.82
CA ARG B 224 -25.70 -61.06 -17.05
C ARG B 224 -25.92 -59.69 -16.42
N SER B 225 -24.89 -59.18 -15.77
CA SER B 225 -25.00 -57.92 -15.04
C SER B 225 -25.18 -56.75 -16.01
N VAL B 226 -26.15 -55.89 -15.71
CA VAL B 226 -26.32 -54.68 -16.50
C VAL B 226 -25.20 -53.69 -16.18
N TYR B 227 -25.14 -53.25 -14.92
CA TYR B 227 -24.08 -52.35 -14.50
C TYR B 227 -22.72 -53.03 -14.61
N GLY B 228 -22.68 -54.36 -14.50
CA GLY B 228 -21.45 -55.08 -14.77
C GLY B 228 -21.00 -54.94 -16.21
N ALA B 229 -21.94 -55.03 -17.15
CA ALA B 229 -21.60 -54.79 -18.55
C ALA B 229 -21.13 -53.35 -18.76
N ARG B 230 -21.79 -52.40 -18.10
CA ARG B 230 -21.39 -51.01 -18.25
C ARG B 230 -19.99 -50.75 -17.70
N ILE B 231 -19.67 -51.34 -16.53
CA ILE B 231 -18.34 -51.15 -15.97
C ILE B 231 -17.29 -51.88 -16.79
N ARG B 232 -17.65 -53.02 -17.40
CA ARG B 232 -16.73 -53.67 -18.33
C ARG B 232 -16.45 -52.77 -19.52
N THR B 233 -17.48 -52.09 -20.02
CA THR B 233 -17.30 -51.10 -21.09
C THR B 233 -16.33 -50.00 -20.66
N LEU B 234 -16.57 -49.43 -19.47
CA LEU B 234 -15.79 -48.30 -19.00
C LEU B 234 -14.34 -48.70 -18.74
N GLY B 235 -14.11 -49.93 -18.28
CA GLY B 235 -12.77 -50.36 -17.95
C GLY B 235 -11.86 -50.44 -19.16
N GLU B 236 -12.40 -50.80 -20.31
CA GLU B 236 -11.57 -50.99 -21.50
C GLU B 236 -11.55 -49.79 -22.44
N MET B 237 -12.68 -49.10 -22.66
CA MET B 237 -12.54 -47.88 -23.47
C MET B 237 -12.34 -46.60 -22.65
N ASN B 238 -12.28 -46.70 -21.33
CA ASN B 238 -11.71 -45.65 -20.48
C ASN B 238 -12.38 -44.29 -20.70
N SER B 239 -13.70 -44.27 -20.84
CA SER B 239 -14.42 -43.03 -21.03
C SER B 239 -14.71 -42.37 -19.69
N GLU B 240 -15.13 -41.10 -19.76
CA GLU B 240 -15.53 -40.34 -18.58
C GLU B 240 -17.03 -40.32 -18.39
N SER B 241 -17.77 -41.18 -19.10
CA SER B 241 -19.21 -41.18 -19.07
C SER B 241 -19.73 -42.60 -19.04
N LEU B 242 -20.89 -42.77 -18.41
CA LEU B 242 -21.57 -44.06 -18.34
C LEU B 242 -23.02 -43.87 -18.81
N GLU B 243 -23.46 -44.74 -19.71
CA GLU B 243 -24.78 -44.60 -20.33
C GLU B 243 -25.81 -45.36 -19.49
N VAL B 244 -26.23 -44.72 -18.40
CA VAL B 244 -27.19 -45.33 -17.49
C VAL B 244 -28.59 -45.05 -18.00
N ASN B 245 -29.37 -46.12 -18.22
CA ASN B 245 -30.71 -45.98 -18.76
C ASN B 245 -31.69 -45.55 -17.68
N TYR B 246 -32.65 -44.71 -18.06
CA TYR B 246 -33.65 -44.22 -17.11
C TYR B 246 -34.73 -45.27 -16.84
N ARG B 247 -35.14 -46.02 -17.86
CA ARG B 247 -36.27 -46.94 -17.71
C ARG B 247 -35.94 -48.04 -16.70
N HIS B 248 -34.76 -48.65 -16.81
CA HIS B 248 -34.39 -49.73 -15.92
C HIS B 248 -34.34 -49.25 -14.48
N LEU B 249 -33.82 -48.04 -14.26
CA LEU B 249 -33.83 -47.46 -12.92
C LEU B 249 -35.26 -47.21 -12.46
N ALA B 250 -36.14 -46.80 -13.37
CA ALA B 250 -37.53 -46.53 -13.01
C ALA B 250 -38.22 -47.79 -12.53
N GLU B 251 -38.08 -48.89 -13.26
CA GLU B 251 -38.62 -50.15 -12.76
C GLU B 251 -37.78 -50.74 -11.64
N SER B 252 -36.62 -50.18 -11.34
CA SER B 252 -35.87 -50.58 -10.16
C SER B 252 -36.42 -49.91 -8.91
N LYS B 253 -36.36 -48.58 -8.87
CA LYS B 253 -36.87 -47.80 -7.75
C LYS B 253 -37.56 -46.57 -8.32
N ALA B 254 -38.90 -46.55 -8.21
CA ALA B 254 -39.67 -45.44 -8.78
C ALA B 254 -39.38 -44.13 -8.07
N ILE B 255 -39.15 -44.18 -6.76
CA ILE B 255 -38.95 -42.95 -5.99
C ILE B 255 -37.68 -42.24 -6.44
N LEU B 256 -36.61 -42.98 -6.70
CA LEU B 256 -35.37 -42.36 -7.15
C LEU B 256 -35.52 -41.81 -8.56
N ALA B 257 -36.26 -42.50 -9.42
CA ALA B 257 -36.50 -41.98 -10.77
C ALA B 257 -37.29 -40.69 -10.72
N LEU B 258 -38.28 -40.61 -9.84
CA LEU B 258 -39.05 -39.37 -9.70
C LEU B 258 -38.21 -38.26 -9.08
N PHE B 259 -37.32 -38.60 -8.14
CA PHE B 259 -36.39 -37.61 -7.62
C PHE B 259 -35.50 -37.05 -8.73
N LEU B 260 -35.01 -37.94 -9.60
CA LEU B 260 -34.22 -37.50 -10.74
C LEU B 260 -35.03 -36.57 -11.64
N ALA B 261 -36.27 -36.96 -11.94
CA ALA B 261 -37.10 -36.15 -12.82
C ALA B 261 -37.35 -34.77 -12.23
N LYS B 262 -37.77 -34.71 -10.97
CA LYS B 262 -38.10 -33.43 -10.36
C LYS B 262 -36.87 -32.59 -10.05
N CYS B 263 -35.85 -33.18 -9.46
CA CYS B 263 -34.64 -32.46 -9.05
C CYS B 263 -33.40 -33.22 -9.49
N PRO B 264 -33.05 -33.14 -10.78
CA PRO B 264 -31.81 -33.77 -11.24
C PRO B 264 -30.55 -33.00 -10.87
N GLU B 265 -30.69 -31.81 -10.28
CA GLU B 265 -29.53 -31.00 -9.93
C GLU B 265 -28.67 -31.67 -8.87
N GLU B 266 -29.27 -32.48 -8.01
CA GLU B 266 -28.57 -33.03 -6.85
C GLU B 266 -28.34 -34.53 -6.93
N MET B 267 -29.32 -35.31 -7.41
CA MET B 267 -29.14 -36.76 -7.42
C MET B 267 -28.01 -37.16 -8.34
N LEU B 268 -27.88 -36.49 -9.48
CA LEU B 268 -26.81 -36.83 -10.42
C LEU B 268 -25.44 -36.66 -9.79
N LYS B 269 -25.28 -35.62 -8.96
CA LYS B 269 -24.01 -35.45 -8.25
C LYS B 269 -23.74 -36.63 -7.33
N ILE B 270 -24.75 -37.09 -6.61
CA ILE B 270 -24.60 -38.27 -5.76
C ILE B 270 -24.35 -39.51 -6.63
N PHE B 271 -25.11 -39.64 -7.72
CA PHE B 271 -24.96 -40.82 -8.58
C PHE B 271 -23.57 -40.89 -9.20
N ASP B 272 -22.96 -39.74 -9.51
CA ASP B 272 -21.59 -39.74 -9.98
C ASP B 272 -20.64 -40.31 -8.93
N LEU B 273 -20.82 -39.88 -7.67
CA LEU B 273 -19.94 -40.37 -6.61
C LEU B 273 -20.12 -41.87 -6.40
N VAL B 274 -21.35 -42.35 -6.40
CA VAL B 274 -21.56 -43.79 -6.19
C VAL B 274 -21.06 -44.58 -7.39
N ALA B 275 -21.18 -44.03 -8.60
CA ALA B 275 -20.60 -44.69 -9.76
C ALA B 275 -19.08 -44.80 -9.63
N MET B 276 -18.42 -43.73 -9.18
CA MET B 276 -16.98 -43.80 -8.96
C MET B 276 -16.64 -44.82 -7.88
N GLU B 277 -17.43 -44.87 -6.81
CA GLU B 277 -17.18 -45.85 -5.76
C GLU B 277 -17.28 -47.27 -6.30
N ALA B 278 -18.30 -47.55 -7.11
CA ALA B 278 -18.44 -48.88 -7.67
C ALA B 278 -17.33 -49.20 -8.65
N THR B 279 -16.90 -48.21 -9.44
CA THR B 279 -15.77 -48.44 -10.34
C THR B 279 -14.53 -48.78 -9.56
N GLU B 280 -14.27 -48.07 -8.45
CA GLU B 280 -13.14 -48.41 -7.60
C GLU B 280 -13.29 -49.81 -7.02
N LEU B 281 -14.52 -50.19 -6.67
CA LEU B 281 -14.76 -51.54 -6.17
C LEU B 281 -14.41 -52.59 -7.23
N HIS B 282 -14.72 -52.31 -8.49
CA HIS B 282 -14.33 -53.22 -9.56
C HIS B 282 -12.91 -52.96 -10.03
N TYR B 283 -12.61 -51.73 -10.42
CA TYR B 283 -11.28 -51.33 -10.88
C TYR B 283 -10.74 -50.27 -9.93
N PRO B 284 -9.99 -50.66 -8.92
CA PRO B 284 -9.40 -49.68 -8.01
C PRO B 284 -8.35 -48.83 -8.70
N ASP B 285 -8.10 -47.67 -8.11
CA ASP B 285 -7.09 -46.72 -8.59
C ASP B 285 -7.40 -46.28 -10.03
N TYR B 286 -8.54 -45.60 -10.18
CA TYR B 286 -8.93 -45.03 -11.46
C TYR B 286 -8.70 -43.52 -11.52
N ALA B 287 -7.98 -42.95 -10.55
CA ALA B 287 -7.77 -41.51 -10.52
C ALA B 287 -6.96 -41.04 -11.72
N ARG B 288 -5.91 -41.78 -12.08
CA ARG B 288 -5.04 -41.34 -13.15
C ARG B 288 -5.74 -41.37 -14.50
N ILE B 289 -6.59 -42.37 -14.74
CA ILE B 289 -7.34 -42.41 -16.00
C ILE B 289 -8.32 -41.26 -16.06
N HIS B 290 -9.10 -41.07 -15.00
CA HIS B 290 -10.10 -40.01 -14.96
C HIS B 290 -10.32 -39.60 -13.52
N SER B 291 -10.16 -38.30 -13.24
CA SER B 291 -10.44 -37.81 -11.89
C SER B 291 -11.91 -37.98 -11.54
N GLU B 292 -12.81 -37.69 -12.47
CA GLU B 292 -14.24 -37.76 -12.23
C GLU B 292 -14.87 -38.68 -13.27
N ILE B 293 -16.09 -39.11 -12.96
CA ILE B 293 -16.90 -39.93 -13.86
C ILE B 293 -18.28 -39.29 -13.98
N HIS B 294 -18.97 -39.61 -15.07
CA HIS B 294 -20.28 -39.05 -15.35
C HIS B 294 -21.23 -40.15 -15.78
N VAL B 295 -22.52 -39.87 -15.61
CA VAL B 295 -23.59 -40.78 -15.96
C VAL B 295 -24.51 -40.09 -16.95
N ARG B 296 -24.79 -40.77 -18.07
CA ARG B 296 -25.55 -40.18 -19.17
C ARG B 296 -26.91 -40.89 -19.25
N ILE B 297 -27.95 -40.21 -18.80
CA ILE B 297 -29.29 -40.79 -18.78
C ILE B 297 -29.83 -40.88 -20.20
N SER B 298 -30.57 -41.95 -20.48
CA SER B 298 -31.12 -42.18 -21.81
C SER B 298 -32.58 -42.59 -21.71
N ASP B 299 -33.33 -42.28 -22.78
CA ASP B 299 -34.70 -42.76 -22.96
C ASP B 299 -35.65 -42.20 -21.90
N PHE B 300 -35.63 -40.88 -21.74
CA PHE B 300 -36.61 -40.25 -20.86
C PHE B 300 -37.99 -40.31 -21.49
N PRO B 301 -39.05 -40.53 -20.70
CA PRO B 301 -40.38 -40.72 -21.28
C PRO B 301 -40.92 -39.52 -22.05
N THR B 302 -41.02 -38.37 -21.40
CA THR B 302 -41.72 -37.24 -21.99
C THR B 302 -40.78 -36.45 -22.90
N ILE B 303 -41.28 -36.07 -24.07
CA ILE B 303 -40.54 -35.27 -25.04
C ILE B 303 -41.28 -33.97 -25.25
N TYR B 304 -40.56 -32.85 -25.10
CA TYR B 304 -41.12 -31.53 -25.24
C TYR B 304 -40.42 -30.79 -26.37
N SER B 305 -41.19 -30.05 -27.16
CA SER B 305 -40.57 -29.17 -28.14
C SER B 305 -40.01 -27.94 -27.44
N LEU B 306 -39.14 -27.22 -28.15
CA LEU B 306 -38.44 -26.09 -27.55
C LEU B 306 -39.40 -25.00 -27.12
N ARG B 307 -40.45 -24.75 -27.91
CA ARG B 307 -41.40 -23.70 -27.58
C ARG B 307 -42.34 -24.10 -26.44
N GLU B 308 -42.37 -25.38 -26.08
CA GLU B 308 -43.26 -25.88 -25.06
C GLU B 308 -42.59 -25.99 -23.69
N LEU B 309 -41.34 -25.53 -23.56
CA LEU B 309 -40.65 -25.62 -22.28
C LEU B 309 -41.36 -24.80 -21.21
N ARG B 310 -41.76 -23.58 -21.55
CA ARG B 310 -42.47 -22.67 -20.64
C ARG B 310 -41.58 -22.47 -19.41
N GLU B 311 -42.08 -22.68 -18.20
CA GLU B 311 -41.27 -22.54 -16.99
C GLU B 311 -41.42 -23.69 -16.01
N SER B 312 -42.48 -24.49 -16.11
CA SER B 312 -42.65 -25.61 -15.20
C SER B 312 -41.48 -26.58 -15.28
N ASN B 313 -40.86 -26.69 -16.45
CA ASN B 313 -39.71 -27.59 -16.63
C ASN B 313 -38.44 -27.06 -16.00
N LEU B 314 -38.52 -25.98 -15.22
CA LEU B 314 -37.34 -25.43 -14.58
C LEU B 314 -36.77 -26.40 -13.54
N SER B 315 -35.44 -26.51 -13.51
CA SER B 315 -34.74 -27.41 -12.60
C SER B 315 -35.25 -28.84 -12.75
N SER B 316 -35.52 -29.24 -13.99
CA SER B 316 -36.09 -30.55 -14.26
C SER B 316 -35.37 -31.17 -15.45
N LEU B 317 -35.36 -32.49 -15.49
CA LEU B 317 -34.79 -33.21 -16.62
C LEU B 317 -35.77 -33.19 -17.78
N VAL B 318 -35.28 -32.82 -18.96
CA VAL B 318 -36.11 -32.72 -20.15
C VAL B 318 -35.45 -33.48 -21.29
N ARG B 319 -36.27 -33.91 -22.24
CA ARG B 319 -35.79 -34.60 -23.44
C ARG B 319 -36.37 -33.86 -24.65
N VAL B 320 -35.53 -33.10 -25.34
CA VAL B 320 -35.96 -32.30 -26.47
C VAL B 320 -35.14 -32.67 -27.69
N THR B 321 -35.72 -32.39 -28.86
CA THR B 321 -35.08 -32.69 -30.13
C THR B 321 -35.06 -31.42 -30.98
N GLY B 322 -34.09 -31.36 -31.89
CA GLY B 322 -33.99 -30.22 -32.76
C GLY B 322 -32.93 -30.44 -33.81
N VAL B 323 -32.47 -29.34 -34.39
CA VAL B 323 -31.39 -29.34 -35.36
C VAL B 323 -30.30 -28.40 -34.86
N VAL B 324 -29.06 -28.88 -34.81
CA VAL B 324 -27.96 -28.07 -34.35
C VAL B 324 -27.68 -26.97 -35.37
N THR B 325 -27.46 -25.75 -34.88
CA THR B 325 -27.21 -24.60 -35.73
C THR B 325 -25.81 -24.03 -35.59
N ARG B 326 -25.39 -23.69 -34.37
CA ARG B 326 -24.11 -23.04 -34.15
C ARG B 326 -23.29 -23.79 -33.10
N ARG B 327 -21.99 -23.91 -33.36
CA ARG B 327 -21.02 -24.40 -32.39
C ARG B 327 -20.09 -23.27 -32.00
N THR B 328 -19.68 -23.25 -30.73
CA THR B 328 -18.81 -22.21 -30.21
C THR B 328 -17.40 -22.71 -29.98
N GLY B 329 -16.99 -23.78 -30.64
CA GLY B 329 -15.68 -24.35 -30.44
C GLY B 329 -15.58 -25.00 -29.07
N VAL B 330 -14.38 -25.44 -28.74
CA VAL B 330 -14.10 -26.08 -27.45
C VAL B 330 -13.30 -25.11 -26.59
N PHE B 331 -13.85 -24.76 -25.44
CA PHE B 331 -13.25 -23.78 -24.55
C PHE B 331 -12.94 -24.43 -23.20
N PRO B 332 -11.72 -24.32 -22.71
CA PRO B 332 -11.44 -24.77 -21.33
C PRO B 332 -12.24 -23.95 -20.33
N GLN B 333 -12.73 -24.63 -19.30
CA GLN B 333 -13.46 -23.99 -18.21
C GLN B 333 -12.90 -24.46 -16.88
N LEU B 334 -12.87 -23.56 -15.91
CA LEU B 334 -12.29 -23.87 -14.62
C LEU B 334 -13.08 -24.99 -13.93
N LYS B 335 -12.37 -26.03 -13.50
CA LYS B 335 -12.99 -27.13 -12.76
C LYS B 335 -12.45 -27.23 -11.35
N TYR B 336 -11.13 -27.32 -11.18
CA TYR B 336 -10.49 -27.32 -9.87
C TYR B 336 -9.55 -26.12 -9.84
N VAL B 337 -10.09 -24.97 -9.47
CA VAL B 337 -9.31 -23.74 -9.39
C VAL B 337 -8.55 -23.70 -8.08
N LYS B 338 -7.30 -23.26 -8.15
CA LYS B 338 -6.45 -23.08 -6.97
C LYS B 338 -6.13 -21.60 -6.85
N PHE B 339 -6.87 -20.89 -6.00
CA PHE B 339 -6.55 -19.51 -5.71
C PHE B 339 -5.25 -19.42 -4.91
N ASN B 340 -4.48 -18.38 -5.18
CA ASN B 340 -3.22 -18.16 -4.50
C ASN B 340 -3.35 -17.00 -3.52
N CYS B 341 -2.61 -17.09 -2.41
CA CYS B 341 -2.59 -16.07 -1.37
C CYS B 341 -1.16 -15.57 -1.24
N LEU B 342 -0.86 -14.47 -1.93
CA LEU B 342 0.45 -13.84 -1.85
C LEU B 342 0.78 -13.35 -0.45
N LYS B 343 -0.23 -13.11 0.40
CA LYS B 343 0.02 -12.73 1.78
C LYS B 343 0.43 -13.94 2.62
N CYS B 344 -0.17 -15.10 2.37
CA CYS B 344 0.28 -16.32 3.00
C CYS B 344 1.73 -16.64 2.62
N GLY B 345 2.06 -16.48 1.34
CA GLY B 345 3.38 -16.80 0.85
C GLY B 345 3.33 -17.72 -0.37
N SER B 346 2.37 -18.65 -0.38
CA SER B 346 2.25 -19.61 -1.46
C SER B 346 0.78 -19.74 -1.83
N ILE B 347 0.47 -20.72 -2.67
CA ILE B 347 -0.90 -20.90 -3.16
C ILE B 347 -1.76 -21.56 -2.10
N LEU B 348 -3.08 -21.35 -2.20
CA LEU B 348 -4.03 -21.97 -1.31
C LEU B 348 -4.49 -23.32 -1.88
N GLY B 349 -5.45 -23.95 -1.20
CA GLY B 349 -5.95 -25.23 -1.62
C GLY B 349 -6.82 -25.16 -2.84
N PRO B 350 -7.02 -26.30 -3.50
CA PRO B 350 -7.89 -26.36 -4.69
C PRO B 350 -9.36 -26.37 -4.26
N PHE B 351 -10.08 -25.31 -4.60
CA PHE B 351 -11.49 -25.18 -4.26
C PHE B 351 -12.32 -25.54 -5.48
N PHE B 352 -13.34 -26.37 -5.28
CA PHE B 352 -14.21 -26.76 -6.36
C PHE B 352 -15.02 -25.55 -6.84
N GLN B 353 -15.00 -25.31 -8.15
CA GLN B 353 -15.67 -24.17 -8.74
C GLN B 353 -17.09 -24.56 -9.13
N ASP B 354 -18.08 -23.93 -8.49
CA ASP B 354 -19.47 -24.19 -8.84
C ASP B 354 -19.78 -23.63 -10.23
N SER B 355 -20.51 -24.42 -11.02
CA SER B 355 -20.80 -24.04 -12.40
C SER B 355 -21.81 -22.91 -12.51
N ASN B 356 -22.49 -22.55 -11.41
CA ASN B 356 -23.47 -21.47 -11.47
C ASN B 356 -22.79 -20.11 -11.53
N GLU B 357 -21.74 -19.90 -10.73
CA GLU B 357 -21.10 -18.60 -10.66
C GLU B 357 -19.67 -18.79 -10.16
N GLU B 358 -18.87 -17.74 -10.28
CA GLU B 358 -17.46 -17.78 -9.91
C GLU B 358 -17.32 -17.41 -8.44
N ILE B 359 -16.82 -18.36 -7.64
CA ILE B 359 -16.57 -18.10 -6.23
C ILE B 359 -15.40 -17.12 -6.10
N ARG B 360 -15.39 -16.40 -4.97
CA ARG B 360 -14.37 -15.39 -4.70
C ARG B 360 -13.81 -15.59 -3.32
N ILE B 361 -12.55 -15.20 -3.13
CA ILE B 361 -11.91 -15.22 -1.83
C ILE B 361 -11.99 -13.79 -1.30
N SER B 362 -13.10 -13.48 -0.62
CA SER B 362 -13.23 -12.18 0.04
C SER B 362 -12.28 -12.08 1.23
N PHE B 363 -12.29 -13.10 2.09
CA PHE B 363 -11.37 -13.22 3.20
C PHE B 363 -10.56 -14.50 3.05
N CYS B 364 -9.29 -14.43 3.39
CA CYS B 364 -8.49 -15.64 3.56
C CYS B 364 -8.77 -16.22 4.93
N THR B 365 -9.31 -17.44 4.96
CA THR B 365 -9.65 -18.06 6.24
C THR B 365 -8.42 -18.28 7.11
N ASN B 366 -7.23 -18.26 6.52
CA ASN B 366 -5.99 -18.48 7.28
C ASN B 366 -5.38 -17.18 7.79
N CYS B 367 -5.07 -16.24 6.90
CA CYS B 367 -4.37 -15.02 7.30
C CYS B 367 -5.17 -13.75 7.07
N LYS B 368 -6.42 -13.85 6.60
CA LYS B 368 -7.28 -12.69 6.36
C LYS B 368 -6.63 -11.71 5.38
N SER B 369 -6.46 -12.18 4.15
CA SER B 369 -5.84 -11.39 3.09
C SER B 369 -6.91 -10.91 2.12
N LYS B 370 -6.97 -9.60 1.90
CA LYS B 370 -7.94 -9.00 0.99
C LYS B 370 -7.40 -8.84 -0.42
N GLY B 371 -6.08 -8.82 -0.59
CA GLY B 371 -5.47 -8.60 -1.88
C GLY B 371 -5.49 -9.79 -2.82
N PRO B 372 -4.77 -10.87 -2.46
CA PRO B 372 -4.55 -11.96 -3.41
C PRO B 372 -5.69 -12.96 -3.43
N PHE B 373 -6.38 -13.05 -4.55
CA PHE B 373 -7.31 -14.12 -4.83
C PHE B 373 -7.22 -14.57 -6.28
N ARG B 374 -6.04 -14.43 -6.88
CA ARG B 374 -5.83 -14.73 -8.28
C ARG B 374 -5.79 -16.24 -8.52
N VAL B 375 -5.68 -16.62 -9.79
CA VAL B 375 -5.69 -18.02 -10.20
C VAL B 375 -4.43 -18.32 -10.98
N ASN B 376 -3.86 -19.50 -10.77
CA ASN B 376 -2.67 -19.96 -11.48
C ASN B 376 -3.09 -21.03 -12.47
N GLY B 377 -2.97 -20.71 -13.77
CA GLY B 377 -3.43 -21.60 -14.81
C GLY B 377 -2.67 -22.90 -14.92
N GLU B 378 -1.51 -23.00 -14.27
CA GLU B 378 -0.75 -24.24 -14.32
C GLU B 378 -1.30 -25.27 -13.35
N LYS B 379 -1.51 -24.89 -12.10
CA LYS B 379 -2.03 -25.81 -11.10
C LYS B 379 -3.52 -26.05 -11.25
N THR B 380 -4.26 -25.09 -11.77
CA THR B 380 -5.70 -25.25 -11.95
C THR B 380 -5.99 -26.33 -12.97
N VAL B 381 -6.97 -27.18 -12.66
CA VAL B 381 -7.41 -28.23 -13.57
C VAL B 381 -8.70 -27.79 -14.24
N TYR B 382 -8.72 -27.82 -15.57
CA TYR B 382 -9.81 -27.28 -16.35
C TYR B 382 -10.72 -28.40 -16.86
N ARG B 383 -11.83 -27.98 -17.48
CA ARG B 383 -12.77 -28.90 -18.09
C ARG B 383 -13.21 -28.34 -19.44
N ASN B 384 -13.63 -29.25 -20.33
CA ASN B 384 -14.10 -28.82 -21.64
C ASN B 384 -15.44 -28.10 -21.49
N TYR B 385 -15.75 -27.29 -22.50
CA TYR B 385 -16.98 -26.50 -22.49
C TYR B 385 -17.32 -26.10 -23.92
N GLN B 386 -18.57 -26.30 -24.30
CA GLN B 386 -19.03 -25.93 -25.63
C GLN B 386 -20.51 -25.54 -25.55
N ARG B 387 -20.85 -24.41 -26.17
CA ARG B 387 -22.22 -23.95 -26.28
C ARG B 387 -22.72 -24.23 -27.67
N VAL B 388 -23.92 -24.80 -27.76
CA VAL B 388 -24.54 -25.16 -29.03
C VAL B 388 -25.94 -24.56 -29.07
N THR B 389 -26.31 -24.00 -30.21
CA THR B 389 -27.62 -23.41 -30.40
C THR B 389 -28.52 -24.40 -31.12
N LEU B 390 -29.63 -24.76 -30.49
CA LEU B 390 -30.57 -25.74 -31.02
C LEU B 390 -31.81 -25.05 -31.54
N GLN B 391 -32.20 -25.41 -32.75
CA GLN B 391 -33.40 -24.89 -33.40
C GLN B 391 -34.40 -26.02 -33.60
N GLU B 392 -35.68 -25.70 -33.42
CA GLU B 392 -36.73 -26.67 -33.68
C GLU B 392 -36.68 -27.11 -35.13
N ALA B 393 -36.97 -28.38 -35.37
CA ALA B 393 -36.98 -28.90 -36.72
C ALA B 393 -38.05 -28.18 -37.53
N PRO B 394 -37.70 -27.56 -38.66
CA PRO B 394 -38.71 -26.80 -39.43
C PRO B 394 -39.89 -27.64 -39.87
N GLY B 395 -39.70 -28.95 -40.05
CA GLY B 395 -40.83 -29.81 -40.35
C GLY B 395 -41.83 -29.87 -39.21
N THR B 396 -41.34 -29.81 -37.98
CA THR B 396 -42.19 -29.92 -36.80
C THR B 396 -42.73 -28.59 -36.31
N VAL B 397 -42.27 -27.48 -36.86
CA VAL B 397 -42.75 -26.16 -36.42
C VAL B 397 -44.19 -25.97 -36.88
N PRO B 398 -45.07 -25.43 -36.04
CA PRO B 398 -46.42 -25.13 -36.50
C PRO B 398 -46.38 -24.12 -37.62
N PRO B 399 -47.31 -24.23 -38.57
CA PRO B 399 -47.31 -23.28 -39.70
C PRO B 399 -47.51 -21.86 -39.23
N GLY B 400 -46.83 -20.93 -39.89
CA GLY B 400 -46.91 -19.54 -39.52
C GLY B 400 -46.32 -19.20 -38.16
N ARG B 401 -45.23 -19.86 -37.79
CA ARG B 401 -44.55 -19.58 -36.53
C ARG B 401 -43.05 -19.54 -36.75
N LEU B 402 -42.39 -18.60 -36.09
CA LEU B 402 -40.93 -18.52 -36.15
C LEU B 402 -40.32 -19.66 -35.36
N PRO B 403 -39.36 -20.40 -35.94
CA PRO B 403 -38.65 -21.41 -35.15
C PRO B 403 -37.93 -20.77 -33.98
N ARG B 404 -37.93 -21.48 -32.86
CA ARG B 404 -37.31 -20.98 -31.62
C ARG B 404 -35.95 -21.62 -31.42
N HIS B 405 -35.01 -20.81 -30.96
CA HIS B 405 -33.65 -21.25 -30.67
C HIS B 405 -33.44 -21.25 -29.17
N ARG B 406 -32.90 -22.35 -28.65
CA ARG B 406 -32.58 -22.46 -27.22
C ARG B 406 -31.11 -22.76 -27.05
N GLU B 407 -30.54 -22.22 -25.97
CA GLU B 407 -29.13 -22.41 -25.69
C GLU B 407 -28.91 -23.74 -24.98
N VAL B 408 -28.05 -24.58 -25.56
CA VAL B 408 -27.72 -25.89 -25.00
C VAL B 408 -26.22 -25.92 -24.74
N ILE B 409 -25.85 -26.30 -23.52
CA ILE B 409 -24.45 -26.29 -23.10
C ILE B 409 -23.93 -27.72 -23.08
N LEU B 410 -22.80 -27.94 -23.72
CA LEU B 410 -22.15 -29.24 -23.77
C LEU B 410 -20.94 -29.24 -22.85
N LEU B 411 -20.76 -30.32 -22.09
CA LEU B 411 -19.71 -30.40 -21.11
C LEU B 411 -19.02 -31.76 -21.20
N ALA B 412 -17.79 -31.80 -20.69
CA ALA B 412 -16.99 -33.03 -20.57
C ALA B 412 -16.78 -33.60 -21.98
N ASP B 413 -16.99 -34.88 -22.21
CA ASP B 413 -16.72 -35.50 -23.50
C ASP B 413 -17.88 -35.35 -24.48
N LEU B 414 -18.96 -34.67 -24.07
CA LEU B 414 -20.04 -34.38 -25.01
C LEU B 414 -19.62 -33.38 -26.08
N VAL B 415 -18.52 -32.67 -25.86
CA VAL B 415 -18.14 -31.58 -26.75
C VAL B 415 -17.66 -32.14 -28.09
N ASP B 416 -17.82 -31.33 -29.14
CA ASP B 416 -17.37 -31.66 -30.49
C ASP B 416 -17.98 -32.99 -30.96
N VAL B 417 -19.24 -33.21 -30.63
CA VAL B 417 -19.99 -34.36 -31.11
C VAL B 417 -21.12 -33.93 -32.05
N SER B 418 -21.81 -32.85 -31.71
CA SER B 418 -22.93 -32.37 -32.50
C SER B 418 -22.43 -31.53 -33.67
N LYS B 419 -22.86 -31.89 -34.88
CA LYS B 419 -22.49 -31.18 -36.08
C LYS B 419 -23.68 -30.38 -36.60
N PRO B 420 -23.49 -29.12 -36.97
CA PRO B 420 -24.63 -28.29 -37.40
C PRO B 420 -25.32 -28.88 -38.62
N GLY B 421 -26.64 -28.72 -38.66
CA GLY B 421 -27.44 -29.30 -39.72
C GLY B 421 -27.78 -30.75 -39.52
N GLU B 422 -27.59 -31.29 -38.33
CA GLU B 422 -27.90 -32.69 -38.03
C GLU B 422 -28.95 -32.74 -36.93
N GLU B 423 -29.97 -33.56 -37.15
CA GLU B 423 -31.02 -33.73 -36.15
C GLU B 423 -30.49 -34.51 -34.96
N VAL B 424 -30.72 -34.00 -33.75
CA VAL B 424 -30.16 -34.57 -32.54
C VAL B 424 -31.26 -34.66 -31.48
N GLU B 425 -30.91 -35.30 -30.37
CA GLU B 425 -31.77 -35.38 -29.19
C GLU B 425 -30.96 -34.91 -27.99
N VAL B 426 -31.60 -34.14 -27.11
CA VAL B 426 -30.96 -33.61 -25.91
C VAL B 426 -31.70 -34.16 -24.70
N THR B 427 -30.96 -34.80 -23.79
CA THR B 427 -31.49 -35.34 -22.55
C THR B 427 -30.70 -34.71 -21.41
N GLY B 428 -31.20 -33.59 -20.87
CA GLY B 428 -30.42 -32.92 -19.84
C GLY B 428 -31.24 -31.94 -19.05
N ILE B 429 -30.57 -31.29 -18.10
CA ILE B 429 -31.19 -30.39 -17.15
C ILE B 429 -31.49 -29.07 -17.84
N TYR B 430 -32.66 -28.50 -17.52
CA TYR B 430 -33.07 -27.18 -18.02
C TYR B 430 -33.03 -26.21 -16.83
N LYS B 431 -31.96 -25.43 -16.74
CA LYS B 431 -31.78 -24.48 -15.66
C LYS B 431 -31.68 -23.07 -16.23
N ASN B 432 -32.41 -22.13 -15.62
CA ASN B 432 -32.37 -20.77 -16.11
C ASN B 432 -31.04 -20.11 -15.76
N ASN B 433 -30.67 -19.11 -16.55
CA ASN B 433 -29.38 -18.45 -16.38
C ASN B 433 -29.41 -17.47 -15.21
N TYR B 434 -28.32 -17.43 -14.47
CA TYR B 434 -28.15 -16.45 -13.40
C TYR B 434 -28.05 -15.05 -13.97
N ASP B 435 -28.66 -14.09 -13.28
CA ASP B 435 -28.61 -12.70 -13.72
C ASP B 435 -27.28 -12.06 -13.33
N ASN B 439 -33.16 -7.74 -17.50
CA ASN B 439 -32.14 -6.71 -17.44
C ASN B 439 -32.74 -5.32 -17.66
N ALA B 440 -31.87 -4.35 -17.97
CA ALA B 440 -32.34 -2.99 -18.18
C ALA B 440 -33.12 -2.84 -19.48
N LYS B 441 -32.72 -3.57 -20.52
CA LYS B 441 -33.43 -3.48 -21.79
C LYS B 441 -34.87 -3.95 -21.65
N ASN B 442 -35.08 -5.08 -20.97
CA ASN B 442 -36.44 -5.53 -20.67
C ASN B 442 -37.08 -4.66 -19.59
N GLY B 443 -36.28 -4.18 -18.64
CA GLY B 443 -36.81 -3.43 -17.52
C GLY B 443 -37.32 -4.34 -16.44
N PHE B 444 -38.32 -5.16 -16.77
CA PHE B 444 -38.80 -6.16 -15.84
C PHE B 444 -37.76 -7.26 -15.69
N PRO B 445 -37.69 -7.88 -14.50
CA PRO B 445 -36.70 -8.95 -14.30
C PRO B 445 -36.95 -10.15 -15.20
N VAL B 446 -36.07 -10.36 -16.18
CA VAL B 446 -36.19 -11.45 -17.13
C VAL B 446 -34.84 -12.13 -17.26
N PHE B 447 -34.82 -13.45 -17.16
CA PHE B 447 -33.58 -14.22 -17.18
C PHE B 447 -33.49 -15.06 -18.44
N ALA B 448 -32.26 -15.39 -18.82
CA ALA B 448 -32.03 -16.31 -19.92
C ALA B 448 -32.13 -17.75 -19.43
N THR B 449 -32.18 -18.68 -20.38
CA THR B 449 -32.34 -20.10 -20.07
C THR B 449 -31.37 -20.93 -20.88
N ILE B 450 -30.72 -21.88 -20.22
CA ILE B 450 -29.76 -22.77 -20.84
C ILE B 450 -30.15 -24.21 -20.52
N ILE B 451 -30.11 -25.06 -21.53
CA ILE B 451 -30.40 -26.48 -21.37
C ILE B 451 -29.06 -27.19 -21.25
N GLU B 452 -28.67 -27.52 -20.02
CA GLU B 452 -27.50 -28.37 -19.82
C GLU B 452 -27.79 -29.77 -20.35
N ALA B 453 -26.80 -30.38 -20.99
CA ALA B 453 -26.98 -31.65 -21.66
C ALA B 453 -26.21 -32.75 -20.93
N ASN B 454 -26.85 -33.92 -20.81
CA ASN B 454 -26.21 -35.10 -20.25
C ASN B 454 -25.86 -36.12 -21.32
N SER B 455 -26.84 -36.54 -22.12
CA SER B 455 -26.61 -37.48 -23.20
C SER B 455 -27.13 -36.92 -24.50
N ILE B 456 -26.38 -37.10 -25.57
CA ILE B 456 -26.72 -36.61 -26.90
C ILE B 456 -26.76 -37.80 -27.85
N LYS B 457 -27.87 -37.96 -28.56
CA LYS B 457 -28.02 -39.03 -29.53
C LYS B 457 -28.68 -38.50 -30.78
N ARG B 458 -28.05 -38.78 -31.93
CA ARG B 458 -28.64 -38.39 -33.21
C ARG B 458 -29.90 -39.20 -33.45
N ARG B 459 -30.96 -38.52 -33.89
CA ARG B 459 -32.21 -39.22 -34.16
C ARG B 459 -32.05 -40.21 -35.31
N GLU B 460 -31.40 -39.78 -36.39
CA GLU B 460 -31.19 -40.61 -37.58
C GLU B 460 -32.50 -41.20 -38.10
N ASP B 472 -16.34 -42.53 -41.12
CA ASP B 472 -17.28 -43.11 -40.19
C ASP B 472 -18.25 -44.04 -40.92
N VAL B 473 -19.38 -43.47 -41.37
CA VAL B 473 -20.35 -44.24 -42.13
C VAL B 473 -19.75 -44.75 -43.43
N PHE B 474 -18.65 -44.15 -43.88
CA PHE B 474 -17.93 -44.60 -45.05
C PHE B 474 -16.66 -45.37 -44.71
N SER B 475 -16.42 -45.65 -43.42
CA SER B 475 -15.22 -46.37 -43.00
C SER B 475 -15.47 -47.86 -43.15
N TRP B 476 -14.83 -48.46 -44.16
CA TRP B 476 -14.99 -49.88 -44.42
C TRP B 476 -14.42 -50.72 -43.29
N THR B 477 -15.04 -51.87 -43.07
CA THR B 477 -14.61 -52.81 -42.05
C THR B 477 -13.87 -53.98 -42.71
N GLU B 478 -12.84 -54.47 -42.02
CA GLU B 478 -12.07 -55.61 -42.52
C GLU B 478 -12.97 -56.82 -42.77
N GLU B 479 -14.00 -56.99 -41.95
CA GLU B 479 -14.91 -58.10 -42.14
C GLU B 479 -15.66 -57.98 -43.47
N GLU B 480 -15.84 -56.76 -43.97
CA GLU B 480 -16.56 -56.56 -45.22
C GLU B 480 -15.63 -56.43 -46.43
N GLU B 481 -14.32 -56.42 -46.23
CA GLU B 481 -13.42 -56.40 -47.38
C GLU B 481 -13.56 -57.67 -48.21
N ARG B 482 -13.71 -58.81 -47.56
CA ARG B 482 -13.94 -60.06 -48.29
C ARG B 482 -15.24 -60.00 -49.07
N GLU B 483 -16.29 -59.44 -48.47
CA GLU B 483 -17.55 -59.28 -49.19
C GLU B 483 -17.38 -58.35 -50.38
N PHE B 484 -16.59 -57.29 -50.23
CA PHE B 484 -16.30 -56.40 -51.35
C PHE B 484 -15.62 -57.16 -52.48
N ARG B 485 -14.62 -57.98 -52.15
CA ARG B 485 -13.93 -58.75 -53.17
C ARG B 485 -14.89 -59.72 -53.87
N LYS B 486 -15.76 -60.37 -53.09
CA LYS B 486 -16.71 -61.30 -53.68
C LYS B 486 -17.66 -60.59 -54.64
N ILE B 487 -18.17 -59.43 -54.23
CA ILE B 487 -19.06 -58.68 -55.10
C ILE B 487 -18.35 -58.23 -56.36
N SER B 488 -17.09 -57.78 -56.22
CA SER B 488 -16.32 -57.34 -57.37
C SER B 488 -16.10 -58.48 -58.36
N ARG B 489 -15.82 -59.69 -57.84
CA ARG B 489 -15.58 -60.83 -58.72
C ARG B 489 -16.80 -61.19 -59.56
N ASP B 490 -18.00 -60.82 -59.12
CA ASP B 490 -19.20 -61.11 -59.89
C ASP B 490 -19.20 -60.35 -61.21
N ARG B 491 -19.59 -61.04 -62.29
CA ARG B 491 -19.70 -60.39 -63.58
C ARG B 491 -20.90 -59.44 -63.59
N GLY B 492 -20.77 -58.37 -64.37
CA GLY B 492 -21.78 -57.34 -64.39
C GLY B 492 -21.69 -56.36 -63.24
N ILE B 493 -20.53 -56.24 -62.61
CA ILE B 493 -20.38 -55.34 -61.47
C ILE B 493 -20.59 -53.89 -61.89
N ILE B 494 -20.06 -53.50 -63.06
CA ILE B 494 -20.22 -52.13 -63.51
C ILE B 494 -21.70 -51.81 -63.74
N ASP B 495 -22.41 -52.73 -64.39
CA ASP B 495 -23.84 -52.51 -64.63
C ASP B 495 -24.63 -52.57 -63.33
N LYS B 496 -24.21 -53.42 -62.38
CA LYS B 496 -24.84 -53.41 -61.07
C LYS B 496 -24.70 -52.05 -60.40
N ILE B 497 -23.50 -51.47 -60.47
CA ILE B 497 -23.27 -50.14 -59.91
C ILE B 497 -24.14 -49.11 -60.60
N ILE B 498 -24.18 -49.16 -61.94
CA ILE B 498 -24.94 -48.19 -62.71
C ILE B 498 -26.42 -48.24 -62.34
N SER B 499 -26.97 -49.46 -62.26
CA SER B 499 -28.38 -49.60 -61.89
C SER B 499 -28.62 -49.21 -60.44
N SER B 500 -27.62 -49.41 -59.57
CA SER B 500 -27.81 -49.11 -58.15
C SER B 500 -28.08 -47.64 -57.94
N MET B 501 -27.34 -46.77 -58.63
CA MET B 501 -27.42 -45.34 -58.37
C MET B 501 -28.73 -44.75 -58.90
N ALA B 502 -29.16 -43.67 -58.25
CA ALA B 502 -30.35 -42.91 -58.62
C ALA B 502 -31.59 -43.79 -58.64
N PRO B 503 -32.07 -44.25 -57.49
CA PRO B 503 -33.28 -45.08 -57.48
C PRO B 503 -34.51 -44.35 -58.02
N SER B 504 -34.61 -43.04 -57.81
CA SER B 504 -35.78 -42.28 -58.21
C SER B 504 -35.63 -41.66 -59.60
N ILE B 505 -34.52 -41.89 -60.29
CA ILE B 505 -34.30 -41.37 -61.63
C ILE B 505 -34.30 -42.54 -62.60
N TYR B 506 -35.18 -42.48 -63.59
CA TYR B 506 -35.38 -43.58 -64.53
C TYR B 506 -34.82 -43.19 -65.89
N GLY B 507 -34.12 -44.12 -66.53
CA GLY B 507 -33.59 -43.87 -67.85
C GLY B 507 -32.29 -43.09 -67.82
N HIS B 508 -31.85 -42.70 -69.02
CA HIS B 508 -30.59 -42.00 -69.21
C HIS B 508 -29.44 -42.77 -68.56
N ARG B 509 -29.32 -44.04 -68.94
CA ARG B 509 -28.35 -44.91 -68.29
C ARG B 509 -26.92 -44.43 -68.51
N ASP B 510 -26.66 -43.75 -69.64
CA ASP B 510 -25.34 -43.17 -69.85
C ASP B 510 -25.06 -42.03 -68.87
N ILE B 511 -26.10 -41.30 -68.45
CA ILE B 511 -25.94 -40.29 -67.42
C ILE B 511 -25.42 -40.93 -66.14
N LYS B 512 -26.03 -42.05 -65.74
CA LYS B 512 -25.57 -42.74 -64.54
C LYS B 512 -24.22 -43.38 -64.74
N THR B 513 -23.90 -43.80 -65.97
CA THR B 513 -22.55 -44.28 -66.26
C THR B 513 -21.52 -43.20 -65.96
N ALA B 514 -21.75 -41.99 -66.50
CA ALA B 514 -20.82 -40.89 -66.26
C ALA B 514 -20.76 -40.53 -64.79
N VAL B 515 -21.91 -40.54 -64.10
CA VAL B 515 -21.95 -40.24 -62.67
C VAL B 515 -21.11 -41.24 -61.89
N ALA B 516 -21.26 -42.53 -62.19
CA ALA B 516 -20.48 -43.54 -61.49
C ALA B 516 -18.99 -43.40 -61.78
N CYS B 517 -18.65 -43.11 -63.03
CA CYS B 517 -17.23 -42.94 -63.36
C CYS B 517 -16.63 -41.77 -62.61
N SER B 518 -17.37 -40.67 -62.50
CA SER B 518 -16.87 -39.53 -61.73
C SER B 518 -16.79 -39.86 -60.24
N LEU B 519 -17.76 -40.62 -59.73
CA LEU B 519 -17.75 -40.99 -58.32
C LEU B 519 -16.53 -41.82 -57.97
N PHE B 520 -16.21 -42.82 -58.81
CA PHE B 520 -14.97 -43.56 -58.61
C PHE B 520 -13.77 -42.71 -58.98
N GLY B 521 -13.88 -41.92 -60.04
CA GLY B 521 -12.79 -41.09 -60.48
C GLY B 521 -11.63 -41.88 -61.05
N GLY B 522 -10.71 -41.20 -61.72
CA GLY B 522 -9.51 -41.84 -62.22
C GLY B 522 -8.45 -41.92 -61.14
N VAL B 523 -7.28 -42.40 -61.54
CA VAL B 523 -6.16 -42.43 -60.62
C VAL B 523 -5.48 -41.07 -60.61
N PRO B 524 -5.38 -40.41 -59.46
CA PRO B 524 -4.55 -39.20 -59.37
C PRO B 524 -3.11 -39.55 -59.66
N LYS B 525 -2.42 -38.67 -60.38
CA LYS B 525 -1.07 -38.96 -60.86
C LYS B 525 -0.18 -37.75 -60.69
N ASN B 526 1.11 -38.02 -60.46
CA ASN B 526 2.15 -37.00 -60.41
C ASN B 526 3.37 -37.54 -61.14
N VAL B 527 3.69 -36.97 -62.30
CA VAL B 527 4.85 -37.42 -63.09
C VAL B 527 6.04 -36.65 -62.56
N ASN B 528 6.61 -37.16 -61.46
CA ASN B 528 7.90 -36.76 -60.88
C ASN B 528 8.08 -35.24 -60.81
N GLY B 529 6.98 -34.49 -60.76
CA GLY B 529 7.05 -33.05 -60.72
C GLY B 529 7.06 -32.37 -62.08
N LYS B 530 7.39 -33.10 -63.14
CA LYS B 530 7.37 -32.50 -64.47
C LYS B 530 5.94 -32.24 -64.93
N HIS B 531 5.13 -33.28 -64.95
CA HIS B 531 3.75 -33.19 -65.40
C HIS B 531 2.82 -33.67 -64.29
N SER B 532 1.76 -32.92 -64.05
CA SER B 532 0.71 -33.32 -63.11
C SER B 532 -0.55 -33.55 -63.91
N ILE B 533 -0.87 -34.81 -64.16
CA ILE B 533 -2.08 -35.15 -64.90
C ILE B 533 -3.22 -35.30 -63.91
N ARG B 534 -4.27 -34.49 -64.08
CA ARG B 534 -5.41 -34.53 -63.18
C ARG B 534 -6.02 -35.92 -63.16
N GLY B 535 -6.31 -36.43 -61.97
CA GLY B 535 -6.83 -37.77 -61.82
C GLY B 535 -8.33 -37.80 -61.57
N ASP B 536 -9.05 -36.80 -62.05
CA ASP B 536 -10.48 -36.71 -61.82
C ASP B 536 -11.19 -36.43 -63.14
N ILE B 537 -12.43 -36.93 -63.23
CA ILE B 537 -13.25 -36.77 -64.42
C ILE B 537 -14.44 -35.89 -64.08
N ASN B 538 -14.63 -34.84 -64.86
CA ASN B 538 -15.70 -33.87 -64.65
C ASN B 538 -16.85 -34.16 -65.62
N VAL B 539 -18.07 -33.99 -65.13
CA VAL B 539 -19.27 -34.32 -65.89
C VAL B 539 -20.17 -33.08 -65.95
N LEU B 540 -20.72 -32.83 -67.14
CA LEU B 540 -21.67 -31.74 -67.35
C LEU B 540 -23.01 -32.33 -67.78
N LEU B 541 -24.07 -31.95 -67.07
CA LEU B 541 -25.42 -32.44 -67.32
C LEU B 541 -26.23 -31.32 -67.98
N LEU B 542 -26.20 -31.28 -69.30
CA LEU B 542 -26.93 -30.27 -70.06
C LEU B 542 -28.20 -30.89 -70.61
N GLY B 543 -29.32 -30.21 -70.42
CA GLY B 543 -30.58 -30.73 -70.92
C GLY B 543 -31.73 -29.82 -70.56
N ASP B 544 -32.88 -30.12 -71.15
CA ASP B 544 -34.06 -29.30 -70.98
C ASP B 544 -34.59 -29.41 -69.55
N PRO B 545 -35.30 -28.39 -69.08
CA PRO B 545 -35.73 -28.37 -67.68
C PRO B 545 -36.69 -29.49 -67.34
N GLY B 546 -36.75 -29.83 -66.06
CA GLY B 546 -37.64 -30.86 -65.59
C GLY B 546 -37.16 -32.27 -65.78
N THR B 547 -35.88 -32.46 -66.07
CA THR B 547 -35.31 -33.78 -66.28
C THR B 547 -34.72 -34.34 -64.99
N ALA B 548 -34.92 -33.64 -63.87
CA ALA B 548 -34.46 -34.08 -62.55
C ALA B 548 -32.94 -34.19 -62.50
N LYS B 549 -32.26 -33.31 -63.23
CA LYS B 549 -30.81 -33.21 -63.12
C LYS B 549 -30.40 -32.76 -61.72
N SER B 550 -31.15 -31.83 -61.14
CA SER B 550 -30.90 -31.42 -59.76
C SER B 550 -31.03 -32.59 -58.81
N GLN B 551 -31.99 -33.49 -59.07
CA GLN B 551 -32.13 -34.66 -58.22
C GLN B 551 -30.93 -35.59 -58.36
N ILE B 552 -30.39 -35.72 -59.58
CA ILE B 552 -29.17 -36.50 -59.77
C ILE B 552 -28.03 -35.90 -58.96
N LEU B 553 -27.90 -34.57 -59.00
CA LEU B 553 -26.85 -33.93 -58.22
C LEU B 553 -27.03 -34.15 -56.73
N LYS B 554 -28.27 -34.04 -56.24
CA LYS B 554 -28.51 -34.26 -54.81
C LYS B 554 -28.17 -35.69 -54.42
N TYR B 555 -28.53 -36.67 -55.26
CA TYR B 555 -28.16 -38.05 -54.96
C TYR B 555 -26.66 -38.23 -54.94
N VAL B 556 -25.96 -37.59 -55.88
CA VAL B 556 -24.50 -37.65 -55.87
C VAL B 556 -23.95 -37.08 -54.58
N GLU B 557 -24.56 -36.00 -54.10
CA GLU B 557 -24.15 -35.43 -52.82
C GLU B 557 -24.33 -36.43 -51.69
N LYS B 558 -25.46 -37.13 -51.68
CA LYS B 558 -25.73 -38.09 -50.60
C LYS B 558 -24.79 -39.29 -50.67
N THR B 559 -24.52 -39.80 -51.87
CA THR B 559 -23.88 -41.10 -51.99
C THR B 559 -22.40 -41.08 -51.67
N ALA B 560 -21.76 -39.91 -51.67
CA ALA B 560 -20.32 -39.83 -51.49
C ALA B 560 -19.98 -38.88 -50.34
N HIS B 561 -18.89 -39.19 -49.65
CA HIS B 561 -18.33 -38.29 -48.66
C HIS B 561 -17.41 -37.28 -49.33
N ARG B 562 -17.08 -36.22 -48.60
CA ARG B 562 -16.31 -35.11 -49.14
C ARG B 562 -16.97 -34.54 -50.39
N ALA B 563 -18.28 -34.33 -50.28
CA ALA B 563 -19.07 -33.76 -51.36
C ALA B 563 -19.57 -32.40 -50.94
N VAL B 564 -19.40 -31.41 -51.80
CA VAL B 564 -19.80 -30.03 -51.53
C VAL B 564 -20.81 -29.61 -52.59
N PHE B 565 -21.93 -29.06 -52.16
CA PHE B 565 -22.98 -28.62 -53.07
C PHE B 565 -22.99 -27.09 -53.11
N ALA B 566 -22.88 -26.53 -54.31
CA ALA B 566 -22.94 -25.10 -54.51
C ALA B 566 -23.87 -24.81 -55.68
N THR B 567 -24.56 -23.67 -55.62
CA THR B 567 -25.51 -23.27 -56.63
C THR B 567 -24.99 -22.07 -57.38
N GLY B 568 -25.09 -22.10 -58.72
CA GLY B 568 -24.57 -21.02 -59.53
C GLY B 568 -25.29 -19.70 -59.31
N GLN B 569 -26.62 -19.75 -59.20
CA GLN B 569 -27.43 -18.56 -59.00
C GLN B 569 -28.23 -18.69 -57.72
N GLY B 570 -28.43 -17.57 -57.04
CA GLY B 570 -29.26 -17.54 -55.86
C GLY B 570 -28.48 -17.49 -54.57
N ALA B 571 -29.15 -17.90 -53.50
CA ALA B 571 -28.59 -17.87 -52.15
C ALA B 571 -28.13 -19.27 -51.76
N SER B 572 -26.84 -19.38 -51.43
CA SER B 572 -26.26 -20.62 -50.98
C SER B 572 -25.18 -20.31 -49.95
N ALA B 573 -24.87 -21.30 -49.11
CA ALA B 573 -23.84 -21.09 -48.09
C ALA B 573 -22.48 -20.84 -48.71
N VAL B 574 -22.13 -21.60 -49.75
CA VAL B 574 -20.83 -21.52 -50.39
C VAL B 574 -20.99 -20.90 -51.77
N GLY B 575 -20.17 -19.90 -52.06
CA GLY B 575 -20.26 -19.16 -53.30
C GLY B 575 -19.22 -19.47 -54.36
N LEU B 576 -18.45 -20.54 -54.22
CA LEU B 576 -17.45 -21.03 -55.17
C LEU B 576 -16.20 -20.19 -55.24
N THR B 577 -16.14 -19.05 -54.55
CA THR B 577 -14.98 -18.16 -54.62
C THR B 577 -14.42 -17.95 -53.22
N ALA B 578 -13.16 -18.30 -53.04
CA ALA B 578 -12.49 -18.07 -51.77
C ALA B 578 -12.35 -16.58 -51.51
N SER B 579 -12.62 -16.18 -50.28
CA SER B 579 -12.60 -14.77 -49.95
C SER B 579 -12.21 -14.60 -48.48
N VAL B 580 -11.64 -13.44 -48.16
CA VAL B 580 -11.33 -13.13 -46.74
C VAL B 580 -12.51 -12.29 -46.24
N ARG B 581 -13.43 -12.91 -45.51
CA ARG B 581 -14.65 -12.23 -45.02
C ARG B 581 -14.45 -11.87 -43.55
N LYS B 582 -14.49 -10.59 -43.23
CA LYS B 582 -14.40 -10.17 -41.82
C LYS B 582 -15.79 -10.32 -41.23
N ASP B 583 -15.93 -11.10 -40.15
CA ASP B 583 -17.28 -11.18 -39.55
C ASP B 583 -17.62 -9.76 -39.12
N PRO B 584 -18.81 -9.22 -39.45
CA PRO B 584 -19.13 -7.84 -39.11
C PRO B 584 -19.22 -7.59 -37.61
N ILE B 585 -19.91 -8.47 -36.89
CA ILE B 585 -20.10 -8.18 -35.44
C ILE B 585 -18.83 -8.52 -34.65
N THR B 586 -18.19 -9.65 -34.92
CA THR B 586 -17.04 -10.03 -34.05
C THR B 586 -15.72 -9.51 -34.62
N LYS B 587 -15.73 -8.95 -35.83
CA LYS B 587 -14.52 -8.34 -36.41
C LYS B 587 -13.37 -9.36 -36.40
N GLU B 588 -13.63 -10.61 -36.75
CA GLU B 588 -12.50 -11.56 -36.86
C GLU B 588 -12.37 -11.97 -38.32
N TRP B 589 -11.17 -11.80 -38.89
CA TRP B 589 -11.00 -12.11 -40.31
C TRP B 589 -10.89 -13.62 -40.45
N THR B 590 -11.51 -14.22 -41.46
CA THR B 590 -11.47 -15.65 -41.72
C THR B 590 -11.27 -15.88 -43.21
N LEU B 591 -10.42 -16.86 -43.55
CA LEU B 591 -10.11 -17.18 -44.93
C LEU B 591 -11.02 -18.31 -45.42
N GLU B 592 -12.28 -17.96 -45.64
CA GLU B 592 -13.24 -18.93 -46.15
C GLU B 592 -12.86 -19.30 -47.58
N GLY B 593 -12.38 -20.53 -47.76
CA GLY B 593 -12.18 -21.03 -49.10
C GLY B 593 -13.48 -21.28 -49.81
N GLY B 594 -13.42 -21.25 -51.14
CA GLY B 594 -14.61 -21.46 -51.94
C GLY B 594 -15.09 -22.89 -51.87
N ALA B 595 -16.27 -23.11 -52.46
CA ALA B 595 -16.82 -24.46 -52.52
C ALA B 595 -15.87 -25.42 -53.23
N LEU B 596 -15.09 -24.91 -54.19
CA LEU B 596 -14.10 -25.76 -54.85
C LEU B 596 -13.05 -26.24 -53.86
N VAL B 597 -12.60 -25.36 -52.97
CA VAL B 597 -11.58 -25.72 -52.00
C VAL B 597 -12.15 -26.69 -50.96
N LEU B 598 -13.39 -26.45 -50.51
CA LEU B 598 -13.99 -27.32 -49.51
C LEU B 598 -14.02 -28.76 -49.97
N ALA B 599 -14.30 -28.98 -51.26
CA ALA B 599 -14.16 -30.31 -51.86
C ALA B 599 -12.71 -30.53 -52.29
N ASP B 600 -11.82 -30.52 -51.29
CA ASP B 600 -10.38 -30.60 -51.58
C ASP B 600 -10.02 -31.89 -52.28
N LYS B 601 -10.61 -33.01 -51.84
CA LYS B 601 -10.33 -34.30 -52.43
C LYS B 601 -11.54 -34.98 -53.05
N GLY B 602 -12.74 -34.44 -52.84
CA GLY B 602 -13.94 -35.10 -53.31
C GLY B 602 -14.55 -34.48 -54.54
N VAL B 603 -15.86 -34.25 -54.49
CA VAL B 603 -16.63 -33.78 -55.63
C VAL B 603 -17.34 -32.49 -55.26
N CYS B 604 -17.29 -31.51 -56.16
CA CYS B 604 -18.00 -30.25 -56.00
C CYS B 604 -19.18 -30.25 -56.97
N LEU B 605 -20.38 -30.11 -56.43
CA LEU B 605 -21.60 -30.18 -57.22
C LEU B 605 -22.11 -28.77 -57.48
N ILE B 606 -22.26 -28.42 -58.75
CA ILE B 606 -22.69 -27.09 -59.15
C ILE B 606 -24.03 -27.21 -59.85
N ASP B 607 -24.99 -26.44 -59.41
CA ASP B 607 -26.29 -26.37 -60.05
C ASP B 607 -26.44 -25.01 -60.75
N GLU B 608 -27.23 -25.00 -61.82
CA GLU B 608 -27.41 -23.80 -62.63
C GLU B 608 -26.08 -23.29 -63.16
N PHE B 609 -25.35 -24.16 -63.86
CA PHE B 609 -24.01 -23.80 -64.34
C PHE B 609 -24.03 -22.64 -65.32
N ASP B 610 -25.15 -22.39 -66.00
CA ASP B 610 -25.21 -21.28 -66.94
C ASP B 610 -25.43 -19.96 -66.23
N LYS B 611 -26.33 -19.92 -65.26
CA LYS B 611 -26.65 -18.69 -64.53
C LYS B 611 -25.60 -18.48 -63.44
N MET B 612 -24.38 -18.20 -63.87
CA MET B 612 -23.22 -18.12 -62.99
C MET B 612 -22.41 -16.89 -63.36
N ASN B 613 -22.17 -16.02 -62.38
CA ASN B 613 -21.56 -14.72 -62.64
C ASN B 613 -20.10 -14.86 -63.02
N ASP B 614 -19.51 -13.73 -63.44
CA ASP B 614 -18.17 -13.76 -64.03
C ASP B 614 -17.12 -14.19 -63.02
N GLN B 615 -17.22 -13.71 -61.78
CA GLN B 615 -16.21 -14.06 -60.79
C GLN B 615 -16.20 -15.57 -60.53
N ASP B 616 -17.37 -16.18 -60.45
CA ASP B 616 -17.42 -17.63 -60.28
C ASP B 616 -16.94 -18.35 -61.54
N ARG B 617 -17.17 -17.77 -62.72
CA ARG B 617 -16.60 -18.35 -63.93
C ARG B 617 -15.08 -18.37 -63.88
N THR B 618 -14.48 -17.27 -63.42
CA THR B 618 -13.03 -17.22 -63.30
C THR B 618 -12.53 -18.21 -62.26
N SER B 619 -13.22 -18.31 -61.13
CA SER B 619 -12.85 -19.29 -60.12
C SER B 619 -12.90 -20.71 -60.67
N ILE B 620 -13.97 -21.04 -61.39
CA ILE B 620 -14.10 -22.37 -61.98
C ILE B 620 -12.98 -22.63 -62.97
N HIS B 621 -12.70 -21.65 -63.84
CA HIS B 621 -11.67 -21.85 -64.85
C HIS B 621 -10.31 -22.07 -64.21
N GLU B 622 -9.98 -21.29 -63.18
CA GLU B 622 -8.72 -21.51 -62.48
C GLU B 622 -8.70 -22.88 -61.83
N ALA B 623 -9.82 -23.31 -61.25
CA ALA B 623 -9.87 -24.61 -60.60
C ALA B 623 -9.60 -25.73 -61.58
N MET B 624 -10.20 -25.66 -62.78
CA MET B 624 -9.93 -26.72 -63.75
C MET B 624 -8.50 -26.65 -64.28
N GLU B 625 -8.01 -25.45 -64.61
CA GLU B 625 -6.72 -25.35 -65.27
C GLU B 625 -5.57 -25.70 -64.34
N GLN B 626 -5.59 -25.18 -63.11
CA GLN B 626 -4.43 -25.31 -62.24
C GLN B 626 -4.70 -26.01 -60.92
N GLN B 627 -5.95 -26.39 -60.64
CA GLN B 627 -6.30 -27.10 -59.41
C GLN B 627 -5.95 -26.32 -58.15
N SER B 628 -5.73 -25.01 -58.27
CA SER B 628 -5.26 -24.21 -57.14
C SER B 628 -5.93 -22.84 -57.21
N ILE B 629 -6.82 -22.56 -56.27
CA ILE B 629 -7.38 -21.23 -56.11
C ILE B 629 -6.37 -20.36 -55.40
N SER B 630 -6.02 -19.22 -55.99
CA SER B 630 -5.05 -18.30 -55.45
C SER B 630 -5.74 -17.01 -55.04
N ILE B 631 -5.51 -16.58 -53.81
CA ILE B 631 -6.13 -15.38 -53.26
C ILE B 631 -5.04 -14.41 -52.83
N SER B 632 -5.20 -13.14 -53.19
CA SER B 632 -4.23 -12.10 -52.88
C SER B 632 -4.95 -10.85 -52.35
N LYS B 633 -5.84 -11.04 -51.39
CA LYS B 633 -6.63 -9.96 -50.84
C LYS B 633 -6.37 -9.81 -49.35
N ALA B 634 -6.57 -8.59 -48.85
CA ALA B 634 -6.52 -8.29 -47.42
C ALA B 634 -5.18 -8.65 -46.79
N GLY B 635 -4.10 -8.58 -47.57
CA GLY B 635 -2.78 -8.88 -47.06
C GLY B 635 -2.42 -10.34 -47.06
N ILE B 636 -3.31 -11.22 -47.50
CA ILE B 636 -3.06 -12.66 -47.55
C ILE B 636 -2.70 -13.03 -48.98
N VAL B 637 -1.54 -13.66 -49.15
CA VAL B 637 -1.09 -14.11 -50.46
C VAL B 637 -0.76 -15.59 -50.34
N THR B 638 -1.51 -16.43 -51.07
CA THR B 638 -1.37 -17.87 -50.95
C THR B 638 -2.06 -18.52 -52.13
N THR B 639 -1.96 -19.85 -52.20
CA THR B 639 -2.63 -20.67 -53.20
C THR B 639 -3.34 -21.81 -52.48
N LEU B 640 -4.66 -21.73 -52.38
CA LEU B 640 -5.43 -22.77 -51.74
C LEU B 640 -5.64 -23.93 -52.68
N GLN B 641 -5.23 -25.13 -52.26
CA GLN B 641 -5.33 -26.30 -53.11
C GLN B 641 -6.79 -26.69 -53.31
N ALA B 642 -7.14 -27.04 -54.54
CA ALA B 642 -8.51 -27.44 -54.90
C ALA B 642 -8.41 -28.52 -55.97
N ARG B 643 -8.52 -29.77 -55.56
CA ARG B 643 -8.44 -30.92 -56.46
C ARG B 643 -9.77 -31.67 -56.38
N CYS B 644 -10.75 -31.24 -57.18
CA CYS B 644 -12.08 -31.81 -57.11
C CYS B 644 -12.60 -32.13 -58.50
N SER B 645 -13.39 -33.21 -58.58
CA SER B 645 -14.18 -33.50 -59.76
C SER B 645 -15.50 -32.76 -59.68
N ILE B 646 -15.98 -32.28 -60.81
CA ILE B 646 -17.11 -31.37 -60.86
C ILE B 646 -18.23 -32.01 -61.66
N ILE B 647 -19.43 -32.04 -61.08
CA ILE B 647 -20.64 -32.43 -61.79
C ILE B 647 -21.54 -31.20 -61.86
N ALA B 648 -21.86 -30.77 -63.07
CA ALA B 648 -22.55 -29.50 -63.29
C ALA B 648 -23.85 -29.72 -64.04
N ALA B 649 -24.92 -29.11 -63.56
CA ALA B 649 -26.21 -29.10 -64.25
C ALA B 649 -26.42 -27.74 -64.89
N ALA B 650 -26.70 -27.74 -66.20
CA ALA B 650 -26.84 -26.51 -66.95
C ALA B 650 -28.06 -26.61 -67.86
N ASN B 651 -28.61 -25.46 -68.20
CA ASN B 651 -29.75 -25.36 -69.09
C ASN B 651 -29.31 -24.86 -70.46
N PRO B 652 -29.99 -25.28 -71.52
CA PRO B 652 -29.67 -24.76 -72.86
C PRO B 652 -30.11 -23.31 -73.00
N ASN B 653 -29.67 -22.70 -74.10
CA ASN B 653 -30.04 -21.32 -74.39
C ASN B 653 -31.53 -21.26 -74.72
N GLY B 654 -32.31 -20.62 -73.85
CA GLY B 654 -33.73 -20.53 -74.02
C GLY B 654 -34.52 -21.68 -73.41
N GLY B 655 -33.85 -22.71 -72.90
CA GLY B 655 -34.51 -23.84 -72.30
C GLY B 655 -34.84 -24.98 -73.23
N ARG B 656 -34.64 -24.81 -74.54
CA ARG B 656 -34.87 -25.87 -75.51
C ARG B 656 -33.56 -26.17 -76.22
N TYR B 657 -33.02 -27.36 -75.98
CA TYR B 657 -31.77 -27.76 -76.61
C TYR B 657 -32.04 -28.08 -78.07
N ASN B 658 -31.64 -27.19 -78.97
CA ASN B 658 -31.80 -27.44 -80.39
C ASN B 658 -30.89 -28.57 -80.83
N SER B 659 -31.44 -29.53 -81.58
CA SER B 659 -30.65 -30.65 -82.05
C SER B 659 -29.64 -30.20 -83.10
N THR B 660 -30.08 -29.42 -84.08
CA THR B 660 -29.19 -29.03 -85.18
C THR B 660 -28.03 -28.19 -84.69
N LEU B 661 -28.30 -27.28 -83.73
CA LEU B 661 -27.26 -26.38 -83.27
C LEU B 661 -26.14 -27.15 -82.57
N PRO B 662 -24.90 -26.66 -82.68
CA PRO B 662 -23.80 -27.30 -81.96
C PRO B 662 -23.95 -27.11 -80.45
N LEU B 663 -23.35 -28.03 -79.70
CA LEU B 663 -23.39 -27.94 -78.25
C LEU B 663 -22.78 -26.64 -77.75
N ALA B 664 -21.77 -26.13 -78.44
CA ALA B 664 -21.18 -24.85 -78.04
C ALA B 664 -22.20 -23.73 -78.15
N GLN B 665 -23.02 -23.74 -79.21
CA GLN B 665 -23.98 -22.67 -79.42
C GLN B 665 -25.19 -22.80 -78.51
N ASN B 666 -25.55 -24.02 -78.10
CA ASN B 666 -26.72 -24.23 -77.26
C ASN B 666 -26.52 -23.77 -75.83
N VAL B 667 -25.29 -23.48 -75.41
CA VAL B 667 -25.00 -23.08 -74.05
C VAL B 667 -24.13 -21.83 -74.11
N SER B 668 -24.20 -21.04 -73.03
CA SER B 668 -23.45 -19.79 -72.94
C SER B 668 -22.03 -19.98 -72.46
N LEU B 669 -21.63 -21.21 -72.13
CA LEU B 669 -20.28 -21.46 -71.66
C LEU B 669 -19.25 -21.20 -72.75
N THR B 670 -18.09 -20.71 -72.33
CA THR B 670 -17.00 -20.43 -73.24
C THR B 670 -16.24 -21.70 -73.59
N GLU B 671 -15.25 -21.56 -74.48
CA GLU B 671 -14.51 -22.72 -74.98
C GLU B 671 -13.72 -23.44 -73.90
N PRO B 672 -12.89 -22.78 -73.06
CA PRO B 672 -12.03 -23.54 -72.15
C PRO B 672 -12.79 -24.38 -71.15
N ILE B 673 -13.66 -23.75 -70.35
CA ILE B 673 -14.38 -24.48 -69.31
C ILE B 673 -15.23 -25.58 -69.92
N LEU B 674 -15.70 -25.39 -71.16
CA LEU B 674 -16.36 -26.47 -71.87
C LEU B 674 -15.39 -27.61 -72.15
N SER B 675 -14.16 -27.29 -72.55
CA SER B 675 -13.20 -28.31 -72.91
C SER B 675 -12.72 -29.10 -71.70
N ARG B 676 -12.67 -28.47 -70.52
CA ARG B 676 -12.14 -29.18 -69.35
C ARG B 676 -12.99 -30.39 -68.98
N PHE B 677 -14.26 -30.39 -69.36
CA PHE B 677 -15.14 -31.50 -69.01
C PHE B 677 -14.82 -32.72 -69.86
N ASP B 678 -14.54 -33.85 -69.19
CA ASP B 678 -14.23 -35.08 -69.91
C ASP B 678 -15.48 -35.69 -70.52
N ILE B 679 -16.61 -35.60 -69.81
CA ILE B 679 -17.88 -36.16 -70.27
C ILE B 679 -18.90 -35.04 -70.36
N LEU B 680 -19.64 -35.00 -71.47
CA LEU B 680 -20.72 -34.03 -71.68
C LEU B 680 -21.94 -34.83 -72.10
N CYS B 681 -22.68 -35.32 -71.12
CA CYS B 681 -23.84 -36.17 -71.37
C CYS B 681 -25.10 -35.32 -71.38
N VAL B 682 -25.78 -35.30 -72.53
CA VAL B 682 -26.90 -34.39 -72.77
C VAL B 682 -28.20 -35.16 -72.59
N VAL B 683 -29.05 -34.68 -71.69
CA VAL B 683 -30.40 -35.25 -71.53
C VAL B 683 -31.31 -34.44 -72.45
N ARG B 684 -31.30 -34.81 -73.73
CA ARG B 684 -32.13 -34.15 -74.71
C ARG B 684 -33.58 -34.59 -74.56
N ASP B 685 -34.50 -33.70 -74.88
CA ASP B 685 -35.93 -33.99 -74.75
C ASP B 685 -36.32 -35.03 -75.79
N LEU B 686 -36.48 -36.27 -75.35
CA LEU B 686 -36.92 -37.37 -76.19
C LEU B 686 -38.43 -37.52 -76.05
N VAL B 687 -39.13 -37.51 -77.18
CA VAL B 687 -40.58 -37.63 -77.19
C VAL B 687 -40.98 -38.94 -77.87
N ASP B 688 -41.17 -39.99 -77.07
CA ASP B 688 -41.57 -41.30 -77.56
C ASP B 688 -42.78 -41.77 -76.78
N GLU B 689 -43.74 -42.37 -77.48
CA GLU B 689 -44.97 -42.83 -76.83
C GLU B 689 -44.66 -43.86 -75.76
N GLU B 690 -43.84 -44.86 -76.09
CA GLU B 690 -43.54 -45.92 -75.13
C GLU B 690 -42.66 -45.41 -73.99
N ALA B 691 -41.67 -44.58 -74.31
CA ALA B 691 -40.80 -44.03 -73.28
C ALA B 691 -41.60 -43.15 -72.31
N ASP B 692 -42.46 -42.28 -72.85
CA ASP B 692 -43.30 -41.46 -71.99
C ASP B 692 -44.26 -42.32 -71.17
N GLU B 693 -44.80 -43.37 -71.78
CA GLU B 693 -45.67 -44.29 -71.06
C GLU B 693 -44.97 -44.89 -69.85
N ARG B 694 -43.78 -45.45 -70.07
CA ARG B 694 -43.05 -46.10 -68.99
C ARG B 694 -42.64 -45.09 -67.92
N LEU B 695 -42.18 -43.91 -68.34
CA LEU B 695 -41.76 -42.89 -67.39
C LEU B 695 -42.93 -42.41 -66.55
N ALA B 696 -44.10 -42.20 -67.18
CA ALA B 696 -45.28 -41.78 -66.44
C ALA B 696 -45.73 -42.86 -65.46
N THR B 697 -45.66 -44.12 -65.88
CA THR B 697 -45.99 -45.20 -64.95
C THR B 697 -45.05 -45.19 -63.75
N PHE B 698 -43.75 -44.98 -64.00
CA PHE B 698 -42.78 -44.91 -62.91
C PHE B 698 -43.12 -43.77 -61.96
N VAL B 699 -43.40 -42.59 -62.52
CA VAL B 699 -43.67 -41.42 -61.70
C VAL B 699 -44.93 -41.62 -60.86
N VAL B 700 -45.99 -42.17 -61.47
CA VAL B 700 -47.23 -42.38 -60.76
C VAL B 700 -47.05 -43.41 -59.67
N ASP B 701 -46.25 -44.45 -59.93
CA ASP B 701 -45.95 -45.42 -58.89
C ASP B 701 -45.23 -44.77 -57.73
N SER B 702 -44.27 -43.90 -58.03
CA SER B 702 -43.57 -43.18 -56.97
C SER B 702 -44.54 -42.33 -56.15
N HIS B 703 -45.46 -41.64 -56.83
CA HIS B 703 -46.41 -40.79 -56.13
C HIS B 703 -47.35 -41.63 -55.26
N VAL B 704 -47.73 -42.80 -55.76
CA VAL B 704 -48.65 -43.66 -55.01
C VAL B 704 -47.97 -44.21 -53.77
N ARG B 705 -46.75 -44.71 -53.92
CA ARG B 705 -46.04 -45.27 -52.77
C ARG B 705 -45.77 -44.21 -51.72
N SER B 706 -45.37 -43.00 -52.14
CA SER B 706 -44.96 -41.94 -51.25
C SER B 706 -46.14 -41.21 -50.61
N HIS B 707 -47.35 -41.75 -50.73
CA HIS B 707 -48.49 -41.13 -50.10
C HIS B 707 -48.35 -41.17 -48.59
N PRO B 708 -48.68 -40.08 -47.88
CA PRO B 708 -48.53 -40.09 -46.42
C PRO B 708 -49.43 -41.10 -45.74
N GLU B 709 -50.63 -41.35 -46.26
CA GLU B 709 -51.54 -42.27 -45.63
C GLU B 709 -51.11 -43.72 -45.89
N ASN B 710 -51.91 -44.66 -45.41
CA ASN B 710 -51.61 -46.07 -45.59
C ASN B 710 -51.67 -46.49 -47.05
N ASP B 711 -52.35 -45.73 -47.88
CA ASP B 711 -52.47 -46.06 -49.30
C ASP B 711 -51.22 -45.65 -50.08
N SER B 756 -29.27 -57.45 -58.40
CA SER B 756 -28.33 -56.62 -59.15
C SER B 756 -28.08 -55.25 -58.49
N PRO B 757 -29.15 -54.47 -58.20
CA PRO B 757 -28.91 -53.15 -57.60
C PRO B 757 -28.39 -53.26 -56.17
N ILE B 758 -27.12 -52.93 -55.97
CA ILE B 758 -26.55 -52.95 -54.63
C ILE B 758 -27.19 -51.86 -53.79
N PRO B 759 -27.66 -52.15 -52.58
CA PRO B 759 -28.19 -51.10 -51.72
C PRO B 759 -27.12 -50.06 -51.42
N GLN B 760 -27.56 -48.80 -51.27
CA GLN B 760 -26.63 -47.69 -51.16
C GLN B 760 -25.71 -47.82 -49.94
N GLU B 761 -26.19 -48.49 -48.89
CA GLU B 761 -25.41 -48.63 -47.66
C GLU B 761 -24.10 -49.35 -47.93
N LEU B 762 -24.14 -50.40 -48.75
CA LEU B 762 -22.91 -51.06 -49.17
C LEU B 762 -22.18 -50.24 -50.22
N LEU B 763 -22.92 -49.50 -51.05
CA LEU B 763 -22.30 -48.79 -52.17
C LEU B 763 -21.37 -47.69 -51.69
N MET B 764 -21.74 -46.98 -50.63
CA MET B 764 -20.88 -45.92 -50.11
C MET B 764 -19.55 -46.50 -49.64
N LYS B 765 -19.59 -47.60 -48.90
CA LYS B 765 -18.37 -48.26 -48.44
C LYS B 765 -17.54 -48.73 -49.62
N TYR B 766 -18.21 -49.32 -50.63
CA TYR B 766 -17.50 -49.80 -51.81
C TYR B 766 -16.78 -48.68 -52.52
N ILE B 767 -17.46 -47.55 -52.70
CA ILE B 767 -16.87 -46.42 -53.41
C ILE B 767 -15.68 -45.87 -52.63
N HIS B 768 -15.84 -45.73 -51.31
CA HIS B 768 -14.76 -45.20 -50.50
C HIS B 768 -13.52 -46.09 -50.58
N TYR B 769 -13.72 -47.41 -50.43
CA TYR B 769 -12.58 -48.32 -50.49
C TYR B 769 -11.93 -48.32 -51.86
N ALA B 770 -12.74 -48.32 -52.92
CA ALA B 770 -12.20 -48.36 -54.27
C ALA B 770 -11.38 -47.10 -54.56
N ARG B 771 -11.89 -45.95 -54.15
CA ARG B 771 -11.11 -44.71 -54.31
C ARG B 771 -9.83 -44.76 -53.51
N THR B 772 -9.90 -45.29 -52.28
CA THR B 772 -8.74 -45.25 -51.40
C THR B 772 -7.61 -46.16 -51.89
N LYS B 773 -7.94 -47.38 -52.30
CA LYS B 773 -6.93 -48.42 -52.45
C LYS B 773 -6.58 -48.75 -53.89
N ILE B 774 -7.52 -48.68 -54.82
CA ILE B 774 -7.28 -49.16 -56.18
C ILE B 774 -6.51 -48.11 -56.97
N TYR B 775 -5.35 -48.52 -57.49
CA TYR B 775 -4.51 -47.66 -58.34
C TYR B 775 -4.16 -48.46 -59.60
N PRO B 776 -5.08 -48.58 -60.54
CA PRO B 776 -4.84 -49.43 -61.70
C PRO B 776 -3.82 -48.82 -62.65
N LYS B 777 -3.31 -49.66 -63.55
CA LYS B 777 -2.33 -49.26 -64.53
C LYS B 777 -2.68 -49.92 -65.86
N LEU B 778 -1.91 -49.62 -66.90
CA LEU B 778 -2.14 -50.14 -68.23
C LEU B 778 -1.04 -51.10 -68.64
N HIS B 779 -1.43 -52.19 -69.29
CA HIS B 779 -0.48 -53.14 -69.85
C HIS B 779 0.03 -52.66 -71.21
N GLN B 780 1.00 -53.40 -71.74
CA GLN B 780 1.69 -52.95 -72.94
C GLN B 780 1.04 -53.49 -74.21
N MET B 781 0.37 -54.64 -74.15
CA MET B 781 -0.16 -55.22 -75.39
C MET B 781 -1.35 -54.41 -75.91
N ASP B 782 -2.21 -53.94 -75.02
CA ASP B 782 -3.34 -53.09 -75.41
C ASP B 782 -2.95 -51.63 -75.56
N MET B 783 -1.65 -51.34 -75.58
CA MET B 783 -1.18 -49.99 -75.88
C MET B 783 -1.55 -49.58 -77.31
N ASP B 784 -1.44 -50.50 -78.26
CA ASP B 784 -1.64 -50.15 -79.66
C ASP B 784 -3.08 -49.75 -79.95
N LYS B 785 -4.04 -50.34 -79.23
CA LYS B 785 -5.44 -50.10 -79.55
C LYS B 785 -5.83 -48.65 -79.35
N VAL B 786 -5.38 -48.03 -78.25
CA VAL B 786 -5.79 -46.67 -77.94
C VAL B 786 -5.23 -45.69 -78.98
N SER B 787 -3.99 -45.92 -79.41
CA SER B 787 -3.40 -45.04 -80.42
C SER B 787 -4.17 -45.11 -81.72
N ARG B 788 -4.53 -46.32 -82.15
CA ARG B 788 -5.29 -46.48 -83.39
C ARG B 788 -6.67 -45.84 -83.27
N VAL B 789 -7.34 -46.04 -82.13
CA VAL B 789 -8.67 -45.45 -81.96
C VAL B 789 -8.59 -43.94 -81.96
N TYR B 790 -7.57 -43.39 -81.29
CA TYR B 790 -7.39 -41.94 -81.28
C TYR B 790 -7.16 -41.41 -82.69
N ALA B 791 -6.33 -42.11 -83.47
CA ALA B 791 -6.08 -41.67 -84.84
C ALA B 791 -7.35 -41.73 -85.67
N ASP B 792 -8.14 -42.79 -85.50
CA ASP B 792 -9.40 -42.90 -86.24
C ASP B 792 -10.33 -41.76 -85.88
N LEU B 793 -10.45 -41.44 -84.58
CA LEU B 793 -11.28 -40.34 -84.16
C LEU B 793 -10.78 -39.01 -84.74
N ARG B 794 -9.47 -38.82 -84.74
CA ARG B 794 -8.90 -37.58 -85.26
C ARG B 794 -9.22 -37.43 -86.74
N ARG B 795 -9.01 -38.50 -87.52
CA ARG B 795 -9.26 -38.40 -88.95
C ARG B 795 -10.74 -38.22 -89.25
N GLU B 796 -11.62 -38.93 -88.53
CA GLU B 796 -13.04 -38.75 -88.76
C GLU B 796 -13.51 -37.36 -88.40
N SER B 797 -13.02 -36.81 -87.28
CA SER B 797 -13.39 -35.46 -86.89
C SER B 797 -12.88 -34.43 -87.88
N ILE B 798 -11.64 -34.59 -88.35
CA ILE B 798 -11.10 -33.64 -89.31
C ILE B 798 -11.76 -33.78 -90.67
N SER B 799 -12.34 -34.93 -90.98
CA SER B 799 -13.12 -35.06 -92.20
C SER B 799 -14.49 -34.39 -92.06
N THR B 800 -15.10 -34.53 -90.88
CA THR B 800 -16.44 -33.96 -90.69
C THR B 800 -16.44 -32.44 -90.77
N GLY B 801 -15.33 -31.81 -90.40
CA GLY B 801 -15.26 -30.36 -90.39
C GLY B 801 -15.69 -29.71 -89.09
N SER B 802 -16.11 -30.48 -88.10
CA SER B 802 -16.44 -29.94 -86.78
C SER B 802 -15.15 -29.70 -86.02
N PHE B 803 -15.26 -29.34 -84.75
CA PHE B 803 -14.06 -29.18 -83.92
C PHE B 803 -13.50 -30.57 -83.63
N PRO B 804 -12.25 -30.84 -83.98
CA PRO B 804 -11.72 -32.19 -83.81
C PRO B 804 -11.47 -32.52 -82.35
N ILE B 805 -11.32 -33.83 -82.12
CA ILE B 805 -11.02 -34.33 -80.75
C ILE B 805 -9.56 -34.01 -80.50
N THR B 806 -9.12 -34.07 -79.24
CA THR B 806 -7.73 -33.64 -78.96
C THR B 806 -7.06 -34.71 -78.10
N VAL B 807 -5.76 -34.56 -77.86
CA VAL B 807 -5.08 -35.51 -76.95
C VAL B 807 -5.80 -35.35 -75.63
N ARG B 808 -6.40 -34.18 -75.43
CA ARG B 808 -7.21 -33.96 -74.21
C ARG B 808 -8.32 -35.00 -74.23
N HIS B 809 -8.88 -35.27 -75.41
CA HIS B 809 -9.90 -36.35 -75.51
C HIS B 809 -9.25 -37.71 -75.19
N LEU B 810 -8.02 -37.93 -75.66
CA LEU B 810 -7.36 -39.24 -75.43
C LEU B 810 -7.18 -39.46 -73.94
N GLU B 811 -6.81 -38.41 -73.21
CA GLU B 811 -6.52 -38.59 -71.77
C GLU B 811 -7.84 -38.89 -71.07
N SER B 812 -8.87 -38.11 -71.37
CA SER B 812 -10.17 -38.39 -70.77
C SER B 812 -10.52 -39.88 -70.88
N ILE B 813 -10.22 -40.48 -72.03
CA ILE B 813 -10.43 -41.91 -72.24
C ILE B 813 -9.64 -42.68 -71.18
N LEU B 814 -8.36 -42.32 -71.02
CA LEU B 814 -7.52 -43.03 -70.08
C LEU B 814 -8.02 -42.86 -68.65
N ARG B 815 -8.45 -41.64 -68.30
CA ARG B 815 -8.93 -41.39 -66.94
C ARG B 815 -10.18 -42.19 -66.63
N ILE B 816 -11.15 -42.19 -67.56
CA ILE B 816 -12.37 -42.94 -67.30
C ILE B 816 -12.10 -44.45 -67.37
N ALA B 817 -11.06 -44.86 -68.11
CA ALA B 817 -10.64 -46.26 -68.06
C ALA B 817 -10.07 -46.62 -66.70
N GLU B 818 -9.28 -45.71 -66.12
CA GLU B 818 -8.84 -45.91 -64.74
C GLU B 818 -10.02 -46.05 -63.81
N SER B 819 -11.05 -45.22 -64.02
CA SER B 819 -12.26 -45.34 -63.20
C SER B 819 -12.91 -46.70 -63.37
N PHE B 820 -13.05 -47.16 -64.62
CA PHE B 820 -13.69 -48.44 -64.88
C PHE B 820 -12.92 -49.59 -64.24
N ALA B 821 -11.60 -49.52 -64.28
CA ALA B 821 -10.81 -50.51 -63.54
C ALA B 821 -11.01 -50.37 -62.04
N LYS B 822 -11.20 -49.14 -61.55
CA LYS B 822 -11.38 -48.92 -60.12
C LYS B 822 -12.65 -49.58 -59.61
N MET B 823 -13.75 -49.48 -60.37
CA MET B 823 -14.99 -50.06 -59.88
C MET B 823 -14.96 -51.58 -59.83
N ARG B 824 -14.01 -52.22 -60.51
CA ARG B 824 -13.83 -53.66 -60.42
C ARG B 824 -12.75 -54.05 -59.42
N LEU B 825 -12.12 -53.09 -58.75
CA LEU B 825 -11.00 -53.33 -57.85
C LEU B 825 -9.85 -54.06 -58.55
N SER B 826 -9.78 -53.91 -59.88
CA SER B 826 -8.76 -54.60 -60.66
C SER B 826 -7.52 -53.73 -60.77
N GLU B 827 -6.39 -54.23 -60.26
CA GLU B 827 -5.17 -53.45 -60.24
C GLU B 827 -4.62 -53.18 -61.63
N PHE B 828 -5.15 -53.84 -62.66
CA PHE B 828 -4.80 -53.53 -64.04
C PHE B 828 -6.10 -53.37 -64.84
N VAL B 829 -6.02 -52.54 -65.88
CA VAL B 829 -7.21 -52.20 -66.66
C VAL B 829 -7.46 -53.29 -67.69
N SER B 830 -8.67 -53.84 -67.68
CA SER B 830 -9.06 -54.83 -68.66
C SER B 830 -9.34 -54.17 -70.00
N SER B 831 -9.25 -54.97 -71.07
CA SER B 831 -9.53 -54.46 -72.40
C SER B 831 -10.98 -54.02 -72.54
N TYR B 832 -11.91 -54.80 -71.98
CA TYR B 832 -13.33 -54.49 -72.12
C TYR B 832 -13.68 -53.18 -71.43
N ASP B 833 -13.09 -52.92 -70.25
CA ASP B 833 -13.30 -51.64 -69.58
C ASP B 833 -12.82 -50.49 -70.45
N LEU B 834 -11.67 -50.67 -71.10
CA LEU B 834 -11.15 -49.64 -72.00
C LEU B 834 -12.08 -49.42 -73.18
N ASP B 835 -12.64 -50.50 -73.73
CA ASP B 835 -13.59 -50.35 -74.83
C ASP B 835 -14.84 -49.60 -74.38
N ARG B 836 -15.34 -49.92 -73.18
CA ARG B 836 -16.50 -49.20 -72.66
C ARG B 836 -16.19 -47.72 -72.46
N ALA B 837 -14.98 -47.43 -71.96
CA ALA B 837 -14.57 -46.04 -71.80
C ALA B 837 -14.54 -45.32 -73.14
N ILE B 838 -13.99 -45.96 -74.16
CA ILE B 838 -13.95 -45.37 -75.49
C ILE B 838 -15.36 -45.12 -76.00
N LYS B 839 -16.27 -46.07 -75.75
CA LYS B 839 -17.65 -45.90 -76.19
C LYS B 839 -18.29 -44.69 -75.54
N VAL B 840 -18.09 -44.54 -74.23
CA VAL B 840 -18.66 -43.40 -73.52
C VAL B 840 -18.08 -42.09 -74.06
N VAL B 841 -16.76 -42.06 -74.27
CA VAL B 841 -16.11 -40.84 -74.75
C VAL B 841 -16.62 -40.46 -76.13
N VAL B 842 -16.72 -41.44 -77.04
CA VAL B 842 -17.18 -41.13 -78.39
C VAL B 842 -18.66 -40.76 -78.38
N ASP B 843 -19.46 -41.34 -77.48
CA ASP B 843 -20.84 -40.90 -77.34
C ASP B 843 -20.91 -39.44 -76.92
N SER B 844 -20.08 -39.05 -75.95
CA SER B 844 -20.04 -37.65 -75.54
C SER B 844 -19.60 -36.75 -76.69
N PHE B 845 -18.59 -37.16 -77.42
CA PHE B 845 -18.09 -36.34 -78.53
C PHE B 845 -19.14 -36.18 -79.62
N VAL B 846 -19.83 -37.26 -79.97
CA VAL B 846 -20.84 -37.19 -81.03
C VAL B 846 -22.03 -36.37 -80.58
N ASP B 847 -22.45 -36.52 -79.32
CA ASP B 847 -23.58 -35.74 -78.82
C ASP B 847 -23.30 -34.25 -78.86
N ALA B 848 -22.03 -33.85 -78.80
CA ALA B 848 -21.66 -32.45 -78.84
C ALA B 848 -21.63 -31.88 -80.25
N GLN B 849 -21.72 -32.72 -81.28
CA GLN B 849 -21.72 -32.22 -82.64
C GLN B 849 -23.14 -31.89 -83.09
N LYS B 850 -23.24 -31.25 -84.25
CA LYS B 850 -24.54 -30.99 -84.85
C LYS B 850 -25.17 -32.31 -85.29
N VAL B 851 -26.48 -32.44 -85.06
CA VAL B 851 -27.19 -33.61 -85.56
C VAL B 851 -27.30 -33.62 -87.07
N SER B 852 -26.91 -32.52 -87.73
CA SER B 852 -26.82 -32.53 -89.18
C SER B 852 -25.80 -33.56 -89.64
N VAL B 853 -24.65 -33.60 -89.01
CA VAL B 853 -23.66 -34.66 -89.27
C VAL B 853 -23.98 -35.80 -88.30
N ARG B 854 -24.96 -36.62 -88.70
CA ARG B 854 -25.29 -37.82 -87.96
C ARG B 854 -24.40 -38.99 -88.34
N ARG B 855 -23.63 -38.85 -89.41
CA ARG B 855 -22.82 -39.96 -89.91
C ARG B 855 -21.78 -40.42 -88.89
N GLN B 856 -21.43 -39.57 -87.92
CA GLN B 856 -20.44 -39.98 -86.92
C GLN B 856 -20.85 -41.26 -86.22
N LEU B 857 -22.11 -41.35 -85.80
CA LEU B 857 -22.61 -42.59 -85.20
C LEU B 857 -22.52 -43.76 -86.17
N ARG B 858 -22.56 -43.50 -87.47
CA ARG B 858 -22.44 -44.53 -88.49
C ARG B 858 -21.05 -44.59 -89.11
N ARG B 859 -20.16 -43.66 -88.80
CA ARG B 859 -18.81 -43.65 -89.38
C ARG B 859 -17.91 -44.57 -88.57
N SER B 860 -18.21 -45.87 -88.65
CA SER B 860 -17.40 -46.93 -88.08
C SER B 860 -17.31 -46.86 -86.57
N PHE B 861 -17.99 -45.88 -85.95
CA PHE B 861 -17.98 -45.77 -84.51
C PHE B 861 -18.95 -46.73 -83.84
N ALA B 862 -19.88 -47.31 -84.59
CA ALA B 862 -20.83 -48.26 -84.02
C ALA B 862 -20.15 -49.52 -83.53
N ILE B 863 -18.95 -49.83 -84.01
CA ILE B 863 -18.21 -50.98 -83.53
C ILE B 863 -17.84 -50.83 -82.07
N TYR B 864 -17.89 -49.62 -81.53
CA TYR B 864 -17.56 -49.38 -80.14
C TYR B 864 -18.84 -49.33 -79.29
N ALA C 16 20.03 20.51 -9.97
CA ALA C 16 21.39 20.49 -9.45
C ALA C 16 22.40 20.27 -10.56
N PRO C 17 23.45 21.09 -10.57
CA PRO C 17 24.48 20.95 -11.61
C PRO C 17 25.12 19.57 -11.58
N ASP C 18 25.46 19.06 -12.76
CA ASP C 18 26.07 17.75 -12.92
C ASP C 18 27.41 17.90 -13.61
N ALA C 19 28.39 17.12 -13.16
CA ALA C 19 29.73 17.25 -13.71
C ALA C 19 29.84 16.63 -15.10
N VAL C 20 29.23 15.46 -15.29
CA VAL C 20 29.32 14.81 -16.59
C VAL C 20 28.59 15.63 -17.65
N PHE C 21 27.48 16.28 -17.27
CA PHE C 21 26.79 17.19 -18.18
C PHE C 21 27.70 18.32 -18.63
N GLY C 22 28.41 18.93 -17.68
CA GLY C 22 29.32 20.00 -18.02
C GLY C 22 30.48 19.52 -18.87
N ASP C 23 30.96 18.31 -18.61
CA ASP C 23 32.03 17.76 -19.43
C ASP C 23 31.58 17.56 -20.87
N ARG C 24 30.39 17.01 -21.07
CA ARG C 24 29.88 16.84 -22.43
C ARG C 24 29.64 18.19 -23.08
N VAL C 25 29.19 19.17 -22.32
CA VAL C 25 29.00 20.53 -22.86
C VAL C 25 30.33 21.08 -23.34
N ARG C 26 31.38 20.93 -22.54
CA ARG C 26 32.70 21.42 -22.93
C ARG C 26 33.20 20.70 -24.17
N ARG C 27 33.00 19.39 -24.22
CA ARG C 27 33.44 18.62 -25.39
C ARG C 27 32.72 19.11 -26.66
N PHE C 28 31.42 19.38 -26.55
CA PHE C 28 30.69 19.84 -27.73
C PHE C 28 31.08 21.26 -28.12
N GLN C 29 31.37 22.12 -27.14
CA GLN C 29 31.88 23.44 -27.49
C GLN C 29 33.20 23.34 -28.22
N GLU C 30 34.07 22.42 -27.78
CA GLU C 30 35.32 22.22 -28.50
C GLU C 30 35.08 21.71 -29.91
N PHE C 31 34.11 20.81 -30.07
CA PHE C 31 33.76 20.35 -31.42
C PHE C 31 33.27 21.49 -32.28
N LEU C 32 32.42 22.35 -31.73
CA LEU C 32 31.90 23.49 -32.50
C LEU C 32 33.01 24.44 -32.89
N ASP C 33 33.96 24.70 -31.98
CA ASP C 33 35.08 25.56 -32.31
C ASP C 33 35.99 24.90 -33.35
N THR C 34 36.06 23.57 -33.35
CA THR C 34 36.91 22.88 -34.33
C THR C 34 36.38 23.06 -35.74
N PHE C 35 35.08 22.89 -35.94
CA PHE C 35 34.45 23.02 -37.24
C PHE C 35 33.71 24.35 -37.26
N THR C 36 34.37 25.38 -37.76
CA THR C 36 33.83 26.74 -37.70
C THR C 36 32.66 26.94 -38.64
N SER C 37 32.32 25.96 -39.48
CA SER C 37 31.17 26.11 -40.37
C SER C 37 29.88 26.31 -39.57
N TYR C 38 29.71 25.56 -38.49
CA TYR C 38 28.50 25.71 -37.67
C TYR C 38 28.47 27.07 -36.98
N ARG C 39 29.63 27.55 -36.50
CA ARG C 39 29.68 28.88 -35.91
C ARG C 39 29.31 29.95 -36.94
N ASP C 40 29.83 29.81 -38.16
CA ASP C 40 29.49 30.75 -39.22
C ASP C 40 28.00 30.70 -39.53
N SER C 41 27.42 29.49 -39.56
CA SER C 41 25.99 29.37 -39.83
C SER C 41 25.16 30.03 -38.73
N VAL C 42 25.57 29.86 -37.48
CA VAL C 42 24.86 30.52 -36.38
C VAL C 42 24.95 32.03 -36.53
N ARG C 43 26.13 32.53 -36.88
CA ARG C 43 26.26 33.97 -37.09
C ARG C 43 25.36 34.44 -38.22
N SER C 44 25.25 33.66 -39.28
CA SER C 44 24.37 34.02 -40.39
C SER C 44 22.91 34.07 -39.93
N ILE C 45 22.49 33.09 -39.14
CA ILE C 45 21.13 33.08 -38.61
C ILE C 45 20.88 34.36 -37.82
N GLN C 46 21.80 34.69 -36.92
CA GLN C 46 21.57 35.83 -36.04
C GLN C 46 21.60 37.15 -36.80
N VAL C 47 22.53 37.32 -37.74
CA VAL C 47 22.58 38.56 -38.50
C VAL C 47 21.34 38.69 -39.38
N TYR C 48 20.84 37.58 -39.92
CA TYR C 48 19.63 37.65 -40.74
C TYR C 48 18.43 38.06 -39.90
N ASN C 49 18.28 37.48 -38.71
CA ASN C 49 17.19 37.88 -37.83
C ASN C 49 17.32 39.35 -37.43
N SER C 50 18.53 39.80 -37.09
CA SER C 50 18.72 41.18 -36.70
C SER C 50 18.41 42.13 -37.85
N ASN C 51 18.84 41.77 -39.05
CA ASN C 51 18.58 42.61 -40.22
C ASN C 51 17.08 42.71 -40.49
N ASN C 52 16.37 41.59 -40.41
CA ASN C 52 14.93 41.64 -40.63
C ASN C 52 14.23 42.42 -39.51
N ALA C 53 14.78 42.38 -38.30
CA ALA C 53 14.24 43.24 -37.24
C ALA C 53 14.48 44.71 -37.57
N ALA C 54 15.65 45.05 -38.10
CA ALA C 54 15.97 46.44 -38.42
C ALA C 54 15.19 46.92 -39.64
N ASN C 55 14.96 46.04 -40.61
CA ASN C 55 14.20 46.42 -41.80
C ASN C 55 12.80 46.87 -41.43
N TYR C 56 12.15 46.14 -40.52
CA TYR C 56 10.83 46.48 -40.03
C TYR C 56 10.89 47.27 -38.73
N ASN C 57 12.02 47.91 -38.45
CA ASN C 57 12.22 48.71 -37.25
C ASN C 57 11.99 47.89 -35.98
N ASN C 90 10.53 37.16 -42.73
CA ASN C 90 10.58 35.83 -42.14
C ASN C 90 11.74 35.71 -41.16
N ILE C 91 11.42 35.63 -39.87
CA ILE C 91 12.45 35.35 -38.88
C ILE C 91 12.95 33.93 -39.09
N LEU C 92 14.24 33.77 -39.13
CA LEU C 92 14.76 32.46 -39.51
C LEU C 92 15.03 31.64 -38.26
N PRO C 93 14.59 30.38 -38.22
CA PRO C 93 14.48 29.67 -36.94
C PRO C 93 15.82 29.37 -36.28
N HIS C 94 15.75 29.17 -34.97
CA HIS C 94 16.92 28.86 -34.13
C HIS C 94 17.21 27.36 -34.23
N ARG C 95 17.96 26.99 -35.26
CA ARG C 95 18.30 25.61 -35.48
C ARG C 95 19.65 25.55 -36.18
N ILE C 96 20.28 24.37 -36.16
CA ILE C 96 21.56 24.17 -36.82
C ILE C 96 21.64 22.71 -37.24
N ILE C 97 22.44 22.45 -38.27
CA ILE C 97 22.61 21.11 -38.81
C ILE C 97 24.01 20.63 -38.47
N ILE C 98 24.10 19.42 -37.93
CA ILE C 98 25.36 18.86 -37.48
C ILE C 98 25.69 17.65 -38.35
N SER C 99 26.86 17.68 -38.97
CA SER C 99 27.29 16.58 -39.81
C SER C 99 27.82 15.46 -38.92
N LEU C 100 27.05 14.39 -38.80
CA LEU C 100 27.46 13.29 -37.93
C LEU C 100 28.77 12.68 -38.36
N ASP C 101 29.09 12.75 -39.65
CA ASP C 101 30.40 12.28 -40.11
C ASP C 101 31.52 13.13 -39.54
N ASP C 102 31.34 14.45 -39.54
CA ASP C 102 32.35 15.33 -38.97
C ASP C 102 32.50 15.07 -37.48
N LEU C 103 31.39 14.85 -36.79
CA LEU C 103 31.46 14.56 -35.36
C LEU C 103 32.17 13.24 -35.11
N ARG C 104 31.89 12.23 -35.92
CA ARG C 104 32.55 10.94 -35.76
C ARG C 104 34.05 11.07 -35.99
N GLU C 105 34.45 11.90 -36.95
CA GLU C 105 35.86 12.18 -37.13
C GLU C 105 36.44 12.86 -35.89
N PHE C 106 35.72 13.85 -35.35
CA PHE C 106 36.25 14.64 -34.24
C PHE C 106 36.38 13.80 -32.98
N ASP C 107 35.32 13.10 -32.60
CA ASP C 107 35.29 12.37 -31.34
C ASP C 107 34.38 11.16 -31.51
N ARG C 108 34.97 9.97 -31.59
CA ARG C 108 34.16 8.77 -31.75
C ARG C 108 33.25 8.56 -30.55
N SER C 109 33.73 8.86 -29.36
CA SER C 109 32.92 8.64 -28.16
C SER C 109 31.66 9.49 -28.19
N PHE C 110 31.79 10.77 -28.53
CA PHE C 110 30.63 11.65 -28.53
C PHE C 110 29.65 11.27 -29.63
N TRP C 111 30.16 10.92 -30.80
CA TRP C 111 29.31 10.49 -31.91
C TRP C 111 28.53 9.25 -31.52
N SER C 112 29.21 8.26 -30.95
CA SER C 112 28.53 7.04 -30.52
C SER C 112 27.53 7.35 -29.41
N GLY C 113 27.86 8.28 -28.52
CA GLY C 113 26.93 8.64 -27.46
C GLY C 113 25.65 9.24 -28.00
N ILE C 114 25.77 10.18 -28.94
CA ILE C 114 24.57 10.75 -29.54
C ILE C 114 23.78 9.68 -30.29
N LEU C 115 24.49 8.79 -31.00
CA LEU C 115 23.79 7.80 -31.81
C LEU C 115 23.02 6.80 -30.94
N VAL C 116 23.64 6.28 -29.89
CA VAL C 116 23.05 5.19 -29.13
C VAL C 116 22.52 5.62 -27.76
N GLU C 117 22.93 6.79 -27.27
CA GLU C 117 22.45 7.30 -25.98
C GLU C 117 22.06 8.77 -26.15
N PRO C 118 21.02 9.04 -26.94
CA PRO C 118 20.73 10.43 -27.28
C PRO C 118 20.14 11.22 -26.12
N ALA C 119 19.35 10.58 -25.26
CA ALA C 119 18.72 11.30 -24.16
C ALA C 119 19.75 11.93 -23.22
N TYR C 120 20.96 11.39 -23.17
CA TYR C 120 21.99 11.88 -22.28
C TYR C 120 23.01 12.76 -22.99
N PHE C 121 23.10 12.69 -24.32
CA PHE C 121 24.10 13.43 -25.07
C PHE C 121 23.55 14.63 -25.81
N ILE C 122 22.31 14.56 -26.31
CA ILE C 122 21.76 15.68 -27.07
C ILE C 122 21.60 16.94 -26.22
N PRO C 123 20.98 16.89 -25.04
CA PRO C 123 20.78 18.12 -24.27
C PRO C 123 22.08 18.84 -23.93
N PRO C 124 23.16 18.13 -23.58
CA PRO C 124 24.44 18.84 -23.43
C PRO C 124 24.88 19.56 -24.67
N ALA C 125 24.72 18.95 -25.84
CA ALA C 125 25.14 19.59 -27.08
C ALA C 125 24.26 20.79 -27.39
N GLU C 126 22.96 20.68 -27.12
CA GLU C 126 22.06 21.81 -27.33
C GLU C 126 22.42 22.97 -26.41
N LYS C 127 22.74 22.67 -25.15
CA LYS C 127 23.16 23.73 -24.24
C LYS C 127 24.47 24.36 -24.69
N ALA C 128 25.40 23.54 -25.20
CA ALA C 128 26.64 24.08 -25.73
C ALA C 128 26.37 25.02 -26.90
N LEU C 129 25.47 24.62 -27.80
CA LEU C 129 25.12 25.47 -28.93
C LEU C 129 24.48 26.77 -28.46
N THR C 130 23.60 26.69 -27.47
CA THR C 130 22.95 27.89 -26.94
C THR C 130 23.97 28.85 -26.34
N ASP C 131 24.92 28.31 -25.57
CA ASP C 131 25.96 29.15 -25.00
C ASP C 131 26.83 29.78 -26.07
N LEU C 132 27.16 29.01 -27.12
CA LEU C 132 27.94 29.57 -28.21
C LEU C 132 27.19 30.68 -28.91
N ALA C 133 25.88 30.51 -29.12
CA ALA C 133 25.08 31.56 -29.73
C ALA C 133 25.03 32.80 -28.86
N ASP C 134 24.84 32.62 -27.56
CA ASP C 134 24.80 33.77 -26.66
C ASP C 134 26.13 34.52 -26.64
N SER C 135 27.24 33.79 -26.59
CA SER C 135 28.55 34.44 -26.60
C SER C 135 28.79 35.16 -27.93
N MET C 136 28.43 34.51 -29.04
CA MET C 136 28.62 35.12 -30.35
C MET C 136 27.74 36.36 -30.51
N ASP C 137 26.51 36.30 -30.02
CA ASP C 137 25.56 37.40 -30.18
C ASP C 137 25.97 38.55 -29.26
N ASP C 138 27.01 39.26 -29.68
CA ASP C 138 27.40 40.47 -28.98
C ASP C 138 26.28 41.51 -29.02
N VAL C 139 25.48 41.49 -30.09
CA VAL C 139 24.28 42.31 -30.15
C VAL C 139 23.31 41.85 -29.07
N PRO C 140 22.73 42.75 -28.27
CA PRO C 140 21.76 42.36 -27.22
C PRO C 140 20.53 41.66 -27.78
N HIS C 151 14.43 30.95 -24.97
CA HIS C 151 14.33 30.20 -26.21
C HIS C 151 15.67 29.60 -26.63
N PRO C 152 15.98 28.43 -26.09
CA PRO C 152 17.25 27.78 -26.42
C PRO C 152 17.28 27.29 -27.86
N TRP C 153 18.50 27.23 -28.41
CA TRP C 153 18.69 26.67 -29.73
C TRP C 153 18.54 25.16 -29.70
N LYS C 154 18.27 24.59 -30.87
CA LYS C 154 18.07 23.15 -31.00
C LYS C 154 18.91 22.61 -32.14
N LEU C 155 19.20 21.32 -32.08
CA LEU C 155 20.09 20.67 -33.02
C LEU C 155 19.31 19.90 -34.06
N SER C 156 19.93 19.73 -35.22
CA SER C 156 19.44 18.85 -36.27
C SER C 156 20.61 18.08 -36.84
N PHE C 157 20.36 16.83 -37.22
CA PHE C 157 21.42 15.90 -37.56
C PHE C 157 21.27 15.40 -38.98
N LYS C 158 22.39 15.33 -39.69
CA LYS C 158 22.46 14.71 -41.00
C LYS C 158 23.76 13.92 -41.07
N GLY C 159 23.77 12.91 -41.92
CA GLY C 159 24.94 12.08 -42.10
C GLY C 159 24.55 10.64 -42.16
N SER C 160 25.55 9.76 -42.00
CA SER C 160 25.32 8.32 -42.07
C SER C 160 25.06 7.79 -40.67
N PHE C 161 23.89 7.20 -40.46
CA PHE C 161 23.51 6.64 -39.18
C PHE C 161 23.83 5.15 -39.07
N GLY C 162 24.45 4.58 -40.09
CA GLY C 162 24.85 3.18 -40.00
C GLY C 162 23.65 2.26 -39.88
N ALA C 163 23.69 1.38 -38.89
CA ALA C 163 22.65 0.39 -38.70
C ALA C 163 21.35 1.00 -38.21
N HIS C 164 21.33 2.27 -37.84
CA HIS C 164 20.12 2.91 -37.35
C HIS C 164 19.28 3.54 -38.44
N ALA C 165 19.77 3.59 -39.68
CA ALA C 165 18.95 4.03 -40.80
C ALA C 165 17.92 2.95 -41.10
N LEU C 166 16.65 3.22 -40.80
CA LEU C 166 15.63 2.19 -40.81
C LEU C 166 14.43 2.65 -41.62
N SER C 167 13.44 1.77 -41.67
CA SER C 167 12.13 2.00 -42.26
C SER C 167 11.09 1.50 -41.27
N PRO C 168 9.85 2.00 -41.35
CA PRO C 168 8.85 1.64 -40.33
C PRO C 168 8.60 0.15 -40.20
N ARG C 169 9.15 -0.67 -41.09
CA ARG C 169 9.03 -2.12 -40.93
C ARG C 169 10.15 -2.67 -40.05
N THR C 170 11.35 -2.11 -40.17
CA THR C 170 12.50 -2.58 -39.41
C THR C 170 12.63 -1.89 -38.06
N LEU C 171 11.67 -1.05 -37.69
CA LEU C 171 11.74 -0.27 -36.45
C LEU C 171 11.23 -1.15 -35.31
N THR C 172 12.12 -1.97 -34.79
CA THR C 172 11.80 -2.89 -33.70
C THR C 172 12.23 -2.28 -32.36
N ALA C 173 11.77 -2.92 -31.28
CA ALA C 173 12.02 -2.39 -29.95
C ALA C 173 13.50 -2.32 -29.61
N GLN C 174 14.34 -3.14 -30.22
CA GLN C 174 15.76 -3.09 -29.92
C GLN C 174 16.46 -1.90 -30.55
N HIS C 175 15.71 -0.95 -31.08
CA HIS C 175 16.23 0.35 -31.47
C HIS C 175 15.69 1.48 -30.60
N LEU C 176 14.96 1.15 -29.54
CA LEU C 176 14.32 2.16 -28.72
C LEU C 176 15.36 3.03 -28.01
N ASN C 177 14.97 4.26 -27.71
CA ASN C 177 15.84 5.22 -27.04
C ASN C 177 17.15 5.42 -27.79
N LYS C 178 17.07 5.45 -29.11
CA LYS C 178 18.23 5.68 -29.95
C LYS C 178 17.84 6.65 -31.07
N LEU C 179 18.83 7.36 -31.59
CA LEU C 179 18.61 8.27 -32.70
C LEU C 179 18.48 7.46 -33.98
N VAL C 180 17.33 7.56 -34.63
CA VAL C 180 17.05 6.76 -35.83
C VAL C 180 16.68 7.70 -36.96
N SER C 181 16.84 7.20 -38.18
CA SER C 181 16.55 7.95 -39.40
C SER C 181 15.60 7.12 -40.25
N VAL C 182 14.31 7.25 -39.98
CA VAL C 182 13.29 6.48 -40.65
C VAL C 182 12.90 7.19 -41.94
N GLU C 183 12.63 6.42 -42.99
CA GLU C 183 12.22 6.96 -44.27
C GLU C 183 10.93 6.30 -44.71
N GLY C 184 10.03 7.09 -45.28
CA GLY C 184 8.76 6.56 -45.71
C GLY C 184 7.91 7.62 -46.35
N ILE C 185 6.61 7.34 -46.45
CA ILE C 185 5.65 8.23 -47.07
C ILE C 185 4.69 8.72 -45.99
N VAL C 186 4.50 10.03 -45.93
CA VAL C 186 3.58 10.62 -44.97
C VAL C 186 2.16 10.32 -45.40
N THR C 187 1.35 9.83 -44.47
CA THR C 187 -0.03 9.46 -44.78
C THR C 187 -1.06 10.23 -44.00
N LYS C 188 -0.74 10.67 -42.79
CA LYS C 188 -1.64 11.49 -42.00
C LYS C 188 -0.86 12.64 -41.40
N THR C 189 -1.48 13.81 -41.37
CA THR C 189 -0.90 14.97 -40.71
C THR C 189 -2.00 15.63 -39.89
N SER C 190 -1.91 15.49 -38.57
CA SER C 190 -2.85 16.19 -37.70
C SER C 190 -2.69 17.69 -37.88
N LEU C 191 -3.81 18.39 -37.85
CA LEU C 191 -3.76 19.84 -37.98
C LEU C 191 -3.00 20.45 -36.82
N VAL C 192 -2.27 21.53 -37.11
CA VAL C 192 -1.33 22.10 -36.14
C VAL C 192 -2.12 22.66 -34.96
N ARG C 193 -2.03 22.00 -33.82
CA ARG C 193 -2.69 22.45 -32.60
C ARG C 193 -1.64 23.00 -31.64
N PRO C 194 -1.70 24.27 -31.28
CA PRO C 194 -0.66 24.84 -30.41
C PRO C 194 -0.72 24.25 -29.01
N LYS C 195 0.45 24.19 -28.38
CA LYS C 195 0.62 23.65 -27.04
C LYS C 195 0.97 24.76 -26.09
N LEU C 196 0.36 24.75 -24.90
CA LEU C 196 0.59 25.77 -23.89
C LEU C 196 1.77 25.36 -23.02
N ILE C 197 2.86 26.12 -23.08
CA ILE C 197 4.04 25.84 -22.29
C ILE C 197 4.19 26.76 -21.09
N ARG C 198 3.73 28.00 -21.18
CA ARG C 198 3.78 28.92 -20.05
C ARG C 198 2.55 29.82 -20.11
N SER C 199 1.86 29.94 -18.99
CA SER C 199 0.64 30.73 -18.90
C SER C 199 0.87 31.91 -17.97
N VAL C 200 0.63 33.12 -18.47
CA VAL C 200 0.77 34.33 -17.69
C VAL C 200 -0.60 34.78 -17.20
N HIS C 201 -0.71 35.05 -15.91
CA HIS C 201 -1.96 35.47 -15.29
C HIS C 201 -1.77 36.83 -14.65
N TYR C 202 -2.87 37.56 -14.50
CA TYR C 202 -2.85 38.89 -13.90
C TYR C 202 -3.77 38.90 -12.69
N ALA C 203 -3.29 39.45 -11.59
CA ALA C 203 -4.05 39.55 -10.36
C ALA C 203 -4.59 40.97 -10.24
N ALA C 204 -5.91 41.12 -10.28
CA ALA C 204 -6.51 42.44 -10.27
C ALA C 204 -6.22 43.17 -8.97
N LYS C 205 -6.35 42.48 -7.83
CA LYS C 205 -6.18 43.14 -6.54
C LYS C 205 -4.76 43.66 -6.36
N THR C 206 -3.77 42.80 -6.56
CA THR C 206 -2.39 43.19 -6.36
C THR C 206 -1.77 43.87 -7.57
N GLY C 207 -2.38 43.73 -8.74
CA GLY C 207 -1.85 44.37 -9.93
C GLY C 207 -0.48 43.87 -10.35
N ARG C 208 -0.28 42.55 -10.33
CA ARG C 208 0.99 41.98 -10.76
C ARG C 208 0.72 40.72 -11.58
N PHE C 209 1.68 40.39 -12.44
CA PHE C 209 1.55 39.28 -13.37
C PHE C 209 2.26 38.06 -12.83
N HIS C 210 1.58 36.92 -12.86
CA HIS C 210 2.13 35.65 -12.41
C HIS C 210 2.16 34.67 -13.57
N TYR C 211 3.16 33.78 -13.56
CA TYR C 211 3.33 32.80 -14.61
C TYR C 211 3.59 31.43 -14.02
N ARG C 212 3.29 30.41 -14.79
CA ARG C 212 3.62 29.04 -14.45
C ARG C 212 4.08 28.32 -15.71
N ASP C 213 5.15 27.54 -15.57
CA ASP C 213 5.68 26.77 -16.70
C ASP C 213 5.03 25.41 -16.75
N TYR C 214 4.93 24.86 -17.95
CA TYR C 214 4.29 23.58 -18.19
C TYR C 214 5.20 22.69 -19.00
N THR C 215 5.04 21.38 -18.84
CA THR C 215 5.83 20.42 -19.59
C THR C 215 5.10 19.08 -19.61
N ASP C 216 5.53 18.22 -20.54
CA ASP C 216 4.97 16.89 -20.67
C ASP C 216 6.10 15.93 -21.03
N ALA C 217 5.73 14.66 -21.20
CA ALA C 217 6.75 13.64 -21.52
C ALA C 217 7.39 13.90 -22.87
N THR C 218 6.60 14.28 -23.87
CA THR C 218 7.12 14.41 -25.22
C THR C 218 8.01 15.64 -25.39
N THR C 219 7.97 16.58 -24.46
CA THR C 219 8.81 17.77 -24.58
C THR C 219 10.27 17.44 -24.31
N THR C 220 10.53 16.66 -23.25
CA THR C 220 11.88 16.47 -22.74
C THR C 220 12.39 15.08 -23.14
N LEU C 221 13.61 15.04 -23.66
CA LEU C 221 14.25 13.76 -23.94
C LEU C 221 14.49 12.97 -22.66
N THR C 222 15.01 13.63 -21.64
CA THR C 222 15.16 12.99 -20.34
C THR C 222 13.80 12.87 -19.67
N THR C 223 13.68 11.92 -18.75
CA THR C 223 12.44 11.71 -18.02
C THR C 223 12.46 12.60 -16.78
N ARG C 224 11.95 13.82 -16.93
CA ARG C 224 11.74 14.68 -15.78
C ARG C 224 10.68 14.08 -14.88
N ILE C 225 10.78 14.36 -13.59
CA ILE C 225 9.88 13.76 -12.60
C ILE C 225 8.45 14.20 -12.91
N PRO C 226 7.51 13.26 -13.09
CA PRO C 226 6.15 13.65 -13.47
C PRO C 226 5.47 14.48 -12.40
N THR C 227 5.22 15.74 -12.72
CA THR C 227 4.52 16.63 -11.82
C THR C 227 3.21 17.04 -12.44
N PRO C 228 2.08 16.89 -11.74
CA PRO C 228 0.80 17.30 -12.32
C PRO C 228 0.81 18.77 -12.68
N ALA C 229 0.21 19.09 -13.82
CA ALA C 229 0.20 20.45 -14.36
C ALA C 229 -1.24 20.94 -14.31
N ILE C 230 -1.59 21.62 -13.21
CA ILE C 230 -2.91 22.18 -13.05
C ILE C 230 -2.83 23.68 -13.30
N TYR C 231 -3.95 24.25 -13.67
CA TYR C 231 -3.95 25.62 -14.15
C TYR C 231 -4.19 26.58 -12.98
N PRO C 232 -3.40 27.64 -12.86
CA PRO C 232 -3.48 28.49 -11.66
C PRO C 232 -4.72 29.36 -11.64
N THR C 233 -5.82 28.81 -11.11
CA THR C 233 -7.09 29.55 -11.08
C THR C 233 -7.00 30.79 -10.22
N GLU C 234 -6.28 30.73 -9.10
CA GLU C 234 -6.24 31.85 -8.17
C GLU C 234 -4.85 31.96 -7.55
N ASP C 235 -4.55 33.14 -7.04
CA ASP C 235 -3.25 33.46 -6.50
C ASP C 235 -3.06 32.84 -5.12
N THR C 236 -1.83 32.91 -4.62
CA THR C 236 -1.51 32.36 -3.31
C THR C 236 -2.30 33.06 -2.21
N GLU C 237 -2.42 34.38 -2.30
CA GLU C 237 -3.21 35.12 -1.33
C GLU C 237 -4.71 34.89 -1.51
N GLY C 238 -5.13 34.22 -2.57
CA GLY C 238 -6.52 33.89 -2.79
C GLY C 238 -7.26 34.79 -3.76
N ASN C 239 -6.58 35.77 -4.34
CA ASN C 239 -7.25 36.66 -5.27
C ASN C 239 -7.55 35.95 -6.59
N LYS C 240 -8.57 36.44 -7.28
CA LYS C 240 -8.93 35.89 -8.58
C LYS C 240 -7.85 36.18 -9.61
N LEU C 241 -7.63 35.23 -10.51
CA LEU C 241 -6.61 35.35 -11.54
C LEU C 241 -7.26 35.30 -12.91
N THR C 242 -6.89 36.22 -13.78
CA THR C 242 -7.40 36.27 -15.15
C THR C 242 -6.29 35.89 -16.11
N THR C 243 -6.58 34.95 -17.00
CA THR C 243 -5.59 34.53 -17.99
C THR C 243 -5.23 35.68 -18.92
N GLU C 244 -3.95 35.78 -19.26
CA GLU C 244 -3.45 36.82 -20.14
C GLU C 244 -2.93 36.15 -21.40
N TYR C 245 -3.83 35.92 -22.35
CA TYR C 245 -3.40 35.45 -23.67
C TYR C 245 -2.56 36.54 -24.33
N GLY C 246 -1.78 36.14 -25.33
CA GLY C 246 -0.86 37.05 -25.97
C GLY C 246 0.40 37.31 -25.19
N TYR C 247 0.37 37.15 -23.87
CA TYR C 247 1.58 37.09 -23.06
C TYR C 247 2.00 35.67 -22.76
N SER C 248 1.04 34.75 -22.65
CA SER C 248 1.36 33.35 -22.50
C SER C 248 2.06 32.85 -23.77
N THR C 249 2.94 31.88 -23.60
CA THR C 249 3.69 31.32 -24.71
C THR C 249 3.06 30.01 -25.15
N PHE C 250 2.58 29.97 -26.37
CA PHE C 250 2.07 28.76 -26.98
C PHE C 250 3.04 28.30 -28.06
N ILE C 251 3.24 26.99 -28.15
CA ILE C 251 4.12 26.42 -29.15
C ILE C 251 3.34 25.42 -29.98
N ASP C 252 3.72 25.30 -31.25
CA ASP C 252 2.99 24.45 -32.17
C ASP C 252 3.28 22.97 -31.90
N HIS C 253 2.42 22.12 -32.41
CA HIS C 253 2.56 20.68 -32.21
C HIS C 253 1.76 19.95 -33.27
N GLN C 254 2.41 19.01 -33.96
CA GLN C 254 1.77 18.28 -35.04
C GLN C 254 2.22 16.82 -34.99
N ARG C 255 1.26 15.91 -35.11
CA ARG C 255 1.55 14.47 -35.17
C ARG C 255 1.38 14.01 -36.61
N ILE C 256 2.45 13.48 -37.19
CA ILE C 256 2.41 12.94 -38.54
C ILE C 256 2.74 11.46 -38.48
N THR C 257 2.21 10.71 -39.42
CA THR C 257 2.36 9.26 -39.47
C THR C 257 3.15 8.92 -40.72
N VAL C 258 4.25 8.20 -40.54
CA VAL C 258 5.09 7.80 -41.67
C VAL C 258 4.85 6.32 -41.94
N GLN C 259 4.49 6.01 -43.17
CA GLN C 259 4.27 4.65 -43.64
C GLN C 259 5.42 4.24 -44.55
N GLU C 260 5.69 2.94 -44.60
CA GLU C 260 6.73 2.43 -45.48
C GLU C 260 6.40 2.78 -46.94
N MET C 261 7.42 3.19 -47.68
CA MET C 261 7.20 3.61 -49.05
C MET C 261 6.73 2.43 -49.90
N PRO C 262 5.71 2.63 -50.73
CA PRO C 262 5.28 1.54 -51.62
C PRO C 262 6.35 1.09 -52.59
N GLU C 263 7.33 1.95 -52.89
CA GLU C 263 8.39 1.56 -53.80
C GLU C 263 9.25 0.44 -53.25
N MET C 264 9.34 0.32 -51.91
CA MET C 264 10.06 -0.77 -51.29
C MET C 264 9.26 -1.53 -50.24
N ALA C 265 7.96 -1.29 -50.14
CA ALA C 265 7.15 -2.10 -49.24
C ALA C 265 6.97 -3.50 -49.83
N PRO C 266 6.89 -4.52 -48.98
CA PRO C 266 6.63 -5.88 -49.49
C PRO C 266 5.25 -5.96 -50.12
N ALA C 267 5.20 -6.31 -51.40
CA ALA C 267 3.95 -6.33 -52.13
C ALA C 267 3.01 -7.38 -51.57
N GLY C 268 1.74 -7.01 -51.42
CA GLY C 268 0.72 -7.92 -50.97
C GLY C 268 0.56 -8.05 -49.47
N GLN C 269 1.35 -7.32 -48.68
CA GLN C 269 1.27 -7.39 -47.23
C GLN C 269 0.82 -6.05 -46.67
N LEU C 270 0.16 -6.12 -45.51
CA LEU C 270 -0.29 -4.90 -44.86
C LEU C 270 0.91 -4.05 -44.48
N PRO C 271 0.77 -2.73 -44.49
CA PRO C 271 1.91 -1.86 -44.22
C PRO C 271 2.12 -1.68 -42.72
N ARG C 272 3.24 -1.02 -42.40
CA ARG C 272 3.58 -0.71 -41.03
C ARG C 272 3.77 0.80 -40.89
N SER C 273 3.26 1.36 -39.80
CA SER C 273 3.25 2.80 -39.60
C SER C 273 3.88 3.14 -38.26
N ILE C 274 4.47 4.32 -38.19
CA ILE C 274 5.05 4.84 -36.96
C ILE C 274 4.72 6.32 -36.86
N ASP C 275 4.37 6.77 -35.65
CA ASP C 275 4.00 8.15 -35.44
C ASP C 275 5.22 9.01 -35.17
N VAL C 276 5.16 10.25 -35.63
CA VAL C 276 6.24 11.21 -35.44
C VAL C 276 5.66 12.48 -34.87
N ILE C 277 6.25 12.97 -33.77
CA ILE C 277 5.76 14.20 -33.11
C ILE C 277 6.70 15.33 -33.50
N LEU C 278 6.21 16.24 -34.32
CA LEU C 278 7.05 17.37 -34.78
C LEU C 278 6.59 18.59 -34.00
N ASP C 279 7.53 19.44 -33.56
CA ASP C 279 7.18 20.62 -32.75
C ASP C 279 7.91 21.85 -33.25
N ASP C 280 7.35 23.04 -33.05
CA ASP C 280 8.00 24.32 -33.43
C ASP C 280 8.29 24.44 -34.92
N ASP C 281 9.53 24.75 -35.26
CA ASP C 281 9.91 25.02 -36.67
C ASP C 281 9.65 23.82 -37.58
N LEU C 282 9.59 22.63 -37.02
CA LEU C 282 9.45 21.45 -37.90
C LEU C 282 7.99 21.20 -38.26
N VAL C 283 7.03 21.97 -37.76
CA VAL C 283 5.62 21.65 -38.08
C VAL C 283 5.29 22.05 -39.52
N ASP C 284 4.25 21.47 -40.11
CA ASP C 284 3.81 21.83 -41.45
C ASP C 284 4.95 21.77 -42.46
N LYS C 285 5.98 20.98 -42.18
CA LYS C 285 7.09 20.87 -43.11
C LYS C 285 6.74 20.02 -44.33
N THR C 286 5.78 19.10 -44.18
CA THR C 286 5.40 18.21 -45.26
C THR C 286 3.90 17.98 -45.25
N LYS C 287 3.41 17.41 -46.34
CA LYS C 287 1.99 17.16 -46.55
C LYS C 287 1.79 15.68 -46.89
N PRO C 288 0.59 15.15 -46.68
CA PRO C 288 0.35 13.74 -46.99
C PRO C 288 0.67 13.41 -48.43
N GLY C 289 1.29 12.26 -48.64
CA GLY C 289 1.73 11.85 -49.96
C GLY C 289 3.17 12.20 -50.29
N ASP C 290 3.89 12.84 -49.37
CA ASP C 290 5.30 13.16 -49.58
C ASP C 290 6.16 11.96 -49.22
N ARG C 291 7.45 12.09 -49.49
CA ARG C 291 8.46 11.15 -49.02
C ARG C 291 9.39 11.89 -48.06
N VAL C 292 9.52 11.35 -46.86
CA VAL C 292 10.25 12.06 -45.81
C VAL C 292 11.36 11.18 -45.28
N ASN C 293 12.38 11.84 -44.71
CA ASN C 293 13.47 11.19 -44.00
C ASN C 293 13.48 11.84 -42.62
N VAL C 294 12.67 11.31 -41.71
CA VAL C 294 12.49 11.90 -40.40
C VAL C 294 13.51 11.27 -39.45
N VAL C 295 14.54 12.02 -39.09
CA VAL C 295 15.52 11.58 -38.11
C VAL C 295 15.13 12.13 -36.74
N GLY C 296 15.09 11.26 -35.75
CA GLY C 296 14.70 11.68 -34.42
C GLY C 296 14.91 10.55 -33.43
N VAL C 297 14.73 10.88 -32.16
CA VAL C 297 14.92 9.91 -31.09
C VAL C 297 13.71 9.01 -31.01
N PHE C 298 13.94 7.70 -31.06
CA PHE C 298 12.85 6.72 -31.00
C PHE C 298 12.47 6.51 -29.54
N LYS C 299 11.70 7.46 -29.02
CA LYS C 299 11.28 7.42 -27.63
C LYS C 299 10.18 6.39 -27.43
N SER C 300 10.04 5.92 -26.19
CA SER C 300 8.94 5.06 -25.79
C SER C 300 8.27 5.69 -24.58
N LEU C 301 6.94 5.79 -24.62
CA LEU C 301 6.20 6.56 -23.64
C LEU C 301 5.17 5.70 -22.93
N GLY C 302 4.54 6.30 -21.93
CA GLY C 302 3.46 5.66 -21.21
C GLY C 302 3.96 4.75 -20.12
N ALA C 303 3.01 4.26 -19.32
CA ALA C 303 3.33 3.30 -18.28
C ALA C 303 3.46 1.88 -18.81
N GLY C 304 3.05 1.64 -20.05
CA GLY C 304 3.07 0.31 -20.59
C GLY C 304 2.00 -0.61 -20.05
N GLY C 305 1.00 -0.07 -19.35
CA GLY C 305 0.01 -0.89 -18.70
C GLY C 305 0.46 -1.55 -17.42
N MET C 306 1.75 -1.40 -17.05
CA MET C 306 2.24 -1.99 -15.82
C MET C 306 1.52 -1.42 -14.62
N ASN C 307 1.30 -0.11 -14.61
CA ASN C 307 0.49 0.50 -13.56
C ASN C 307 -0.92 -0.10 -13.61
N GLN C 308 -1.47 -0.39 -12.43
CA GLN C 308 -2.79 -1.01 -12.35
C GLN C 308 -3.84 -0.03 -12.83
N SER C 309 -4.33 -0.25 -14.05
CA SER C 309 -5.34 0.63 -14.62
C SER C 309 -6.73 0.20 -14.17
N ILE C 315 -1.47 -2.83 -24.18
CA ILE C 315 -0.81 -4.02 -23.65
C ILE C 315 0.70 -3.79 -23.62
N GLY C 316 1.22 -3.10 -24.64
CA GLY C 316 2.61 -2.73 -24.71
C GLY C 316 2.82 -1.25 -24.46
N PHE C 317 4.07 -0.83 -24.61
CA PHE C 317 4.42 0.58 -24.46
C PHE C 317 4.18 1.33 -25.76
N LYS C 318 3.64 2.54 -25.64
CA LYS C 318 3.45 3.38 -26.81
C LYS C 318 4.80 3.93 -27.25
N THR C 319 5.09 3.82 -28.54
CA THR C 319 6.37 4.23 -29.10
C THR C 319 6.15 5.25 -30.20
N LEU C 320 7.02 6.26 -30.25
CA LEU C 320 6.95 7.30 -31.27
C LEU C 320 8.32 7.94 -31.41
N ILE C 321 8.49 8.68 -32.49
CA ILE C 321 9.77 9.31 -32.81
C ILE C 321 9.64 10.80 -32.56
N LEU C 322 10.40 11.31 -31.60
CA LEU C 322 10.49 12.74 -31.41
C LEU C 322 11.31 13.35 -32.53
N GLY C 323 10.72 14.31 -33.23
CA GLY C 323 11.34 14.81 -34.44
C GLY C 323 12.46 15.80 -34.21
N ASN C 324 13.61 15.54 -34.79
CA ASN C 324 14.71 16.50 -34.86
C ASN C 324 14.85 17.15 -36.21
N THR C 325 14.62 16.41 -37.29
CA THR C 325 14.77 16.94 -38.64
C THR C 325 13.80 16.23 -39.54
N VAL C 326 13.23 16.97 -40.50
CA VAL C 326 12.34 16.41 -41.51
C VAL C 326 12.92 16.74 -42.87
N TYR C 327 13.14 15.70 -43.67
CA TYR C 327 13.67 15.85 -45.02
C TYR C 327 12.65 15.37 -46.04
N PRO C 328 11.88 16.27 -46.65
CA PRO C 328 11.07 15.86 -47.80
C PRO C 328 11.97 15.36 -48.92
N LEU C 329 11.66 14.18 -49.42
CA LEU C 329 12.51 13.48 -50.39
C LEU C 329 11.82 13.47 -51.74
N HIS C 330 12.58 13.77 -52.79
CA HIS C 330 12.03 13.73 -54.15
C HIS C 330 12.12 12.33 -54.71
N ALA C 331 10.99 11.82 -55.19
CA ALA C 331 10.93 10.57 -55.90
C ALA C 331 10.05 10.77 -57.13
N ARG C 332 10.27 9.93 -58.14
CA ARG C 332 9.53 10.07 -59.39
C ARG C 332 8.03 9.98 -59.14
N SER C 333 7.28 10.88 -59.78
CA SER C 333 5.83 10.92 -59.66
C SER C 333 5.40 11.12 -58.20
N THR C 334 6.01 12.10 -57.55
CA THR C 334 5.61 12.51 -56.21
C THR C 334 5.55 14.03 -56.17
N GLY C 335 4.77 14.55 -55.22
CA GLY C 335 4.54 15.98 -55.15
C GLY C 335 5.74 16.81 -54.75
N VAL C 336 6.76 16.19 -54.18
CA VAL C 336 7.92 16.92 -53.70
C VAL C 336 8.78 17.34 -54.89
N ALA C 337 9.06 18.63 -54.99
CA ALA C 337 9.87 19.15 -56.08
C ALA C 337 11.35 18.83 -55.84
N ALA C 338 12.09 18.71 -56.93
CA ALA C 338 13.50 18.37 -56.90
C ALA C 338 14.32 19.62 -57.17
N ARG C 339 14.63 20.35 -56.11
CA ARG C 339 15.52 21.50 -56.22
C ARG C 339 16.97 21.06 -56.14
N GLN C 340 17.87 21.90 -56.65
CA GLN C 340 19.28 21.59 -56.68
C GLN C 340 20.09 22.82 -56.29
N MET C 341 21.27 22.58 -55.73
CA MET C 341 22.16 23.66 -55.33
C MET C 341 22.95 24.16 -56.52
N LEU C 342 22.95 25.47 -56.71
CA LEU C 342 23.67 26.13 -57.79
C LEU C 342 24.89 26.82 -57.21
N THR C 343 26.06 26.26 -57.45
CA THR C 343 27.30 26.90 -57.05
C THR C 343 27.61 28.06 -57.99
N ASP C 344 28.46 28.98 -57.51
CA ASP C 344 28.89 30.08 -58.36
C ASP C 344 29.56 29.57 -59.63
N PHE C 345 30.30 28.47 -59.51
CA PHE C 345 30.87 27.83 -60.70
C PHE C 345 29.78 27.40 -61.67
N ASP C 346 28.70 26.80 -61.15
CA ASP C 346 27.61 26.36 -62.02
C ASP C 346 26.90 27.52 -62.68
N ILE C 347 26.64 28.60 -61.93
CA ILE C 347 25.98 29.76 -62.51
C ILE C 347 26.86 30.38 -63.58
N ARG C 348 28.17 30.44 -63.32
CA ARG C 348 29.09 30.97 -64.32
C ARG C 348 29.08 30.13 -65.59
N ASN C 349 29.08 28.80 -65.43
CA ASN C 349 29.01 27.93 -66.60
C ASN C 349 27.72 28.14 -67.38
N ILE C 350 26.60 28.26 -66.66
CA ILE C 350 25.32 28.48 -67.33
C ILE C 350 25.34 29.79 -68.11
N ASN C 351 25.84 30.85 -67.48
CA ASN C 351 25.89 32.14 -68.16
C ASN C 351 26.79 32.08 -69.39
N LYS C 352 27.95 31.44 -69.28
CA LYS C 352 28.85 31.35 -70.42
C LYS C 352 28.22 30.54 -71.55
N LEU C 353 27.58 29.42 -71.23
CA LEU C 353 27.00 28.57 -72.25
C LEU C 353 25.79 29.20 -72.90
N SER C 354 25.07 30.07 -72.19
CA SER C 354 23.91 30.74 -72.77
C SER C 354 24.29 31.70 -73.89
N LYS C 355 25.56 32.05 -74.01
CA LYS C 355 25.97 33.05 -75.00
C LYS C 355 25.98 32.47 -76.40
N LYS C 356 26.17 31.16 -76.54
CA LYS C 356 26.27 30.55 -77.86
C LYS C 356 24.97 30.71 -78.63
N LYS C 357 25.09 30.90 -79.95
CA LYS C 357 23.90 31.02 -80.78
C LYS C 357 23.18 29.69 -80.93
N ASP C 358 23.91 28.58 -80.90
CA ASP C 358 23.33 27.25 -81.03
C ASP C 358 22.94 26.65 -79.68
N ILE C 359 22.66 27.48 -78.68
CA ILE C 359 22.33 26.97 -77.35
C ILE C 359 21.07 26.14 -77.39
N PHE C 360 20.06 26.56 -78.17
CA PHE C 360 18.83 25.80 -78.24
C PHE C 360 19.07 24.41 -78.82
N ASP C 361 19.84 24.32 -79.90
CA ASP C 361 20.15 23.02 -80.47
C ASP C 361 20.96 22.17 -79.51
N ILE C 362 21.95 22.77 -78.85
CA ILE C 362 22.80 22.03 -77.94
C ILE C 362 21.98 21.43 -76.80
N LEU C 363 21.10 22.24 -76.21
CA LEU C 363 20.26 21.73 -75.15
C LEU C 363 19.31 20.67 -75.66
N SER C 364 18.66 20.93 -76.81
CA SER C 364 17.65 20.01 -77.32
C SER C 364 18.24 18.64 -77.61
N GLN C 365 19.46 18.61 -78.17
CA GLN C 365 20.11 17.33 -78.41
C GLN C 365 20.30 16.54 -77.13
N SER C 366 20.48 17.22 -76.00
CA SER C 366 20.80 16.56 -74.75
C SER C 366 19.58 15.96 -74.05
N LEU C 367 18.36 16.28 -74.50
CA LEU C 367 17.18 15.75 -73.81
C LEU C 367 17.11 14.23 -73.90
N ALA C 368 17.19 13.70 -75.12
CA ALA C 368 17.11 12.26 -75.33
C ALA C 368 18.23 11.84 -76.28
N PRO C 369 19.47 11.76 -75.79
CA PRO C 369 20.55 11.24 -76.62
C PRO C 369 20.31 9.82 -77.07
N SER C 370 19.63 9.01 -76.25
CA SER C 370 19.34 7.64 -76.62
C SER C 370 18.43 7.57 -77.84
N ILE C 371 17.40 8.41 -77.87
CA ILE C 371 16.43 8.35 -78.96
C ILE C 371 17.00 9.07 -80.18
N TYR C 372 16.93 8.41 -81.33
CA TYR C 372 17.44 8.97 -82.56
C TYR C 372 16.40 9.90 -83.19
N GLY C 373 16.85 11.09 -83.59
CA GLY C 373 15.96 11.99 -84.27
C GLY C 373 14.93 12.61 -83.35
N HIS C 374 13.75 12.91 -83.90
CA HIS C 374 12.67 13.57 -83.18
C HIS C 374 13.16 14.89 -82.57
N ASP C 375 14.01 15.60 -83.31
CA ASP C 375 14.62 16.80 -82.77
C ASP C 375 13.59 17.89 -82.49
N HIS C 376 12.58 18.01 -83.35
CA HIS C 376 11.53 18.99 -83.09
C HIS C 376 10.75 18.64 -81.83
N ILE C 377 10.47 17.35 -81.62
CA ILE C 377 9.80 16.92 -80.40
C ILE C 377 10.66 17.25 -79.18
N LYS C 378 11.97 17.01 -79.27
CA LYS C 378 12.85 17.33 -78.16
C LYS C 378 12.88 18.83 -77.88
N LYS C 379 12.90 19.64 -78.93
CA LYS C 379 12.85 21.09 -78.75
C LYS C 379 11.56 21.49 -78.04
N ALA C 380 10.43 20.90 -78.46
CA ALA C 380 9.16 21.21 -77.83
C ALA C 380 9.17 20.80 -76.36
N ILE C 381 9.74 19.65 -76.05
CA ILE C 381 9.83 19.19 -74.67
C ILE C 381 10.68 20.16 -73.84
N LEU C 382 11.80 20.61 -74.39
CA LEU C 382 12.64 21.55 -73.67
C LEU C 382 11.90 22.85 -73.42
N LEU C 383 11.15 23.33 -74.41
CA LEU C 383 10.37 24.55 -74.21
C LEU C 383 9.30 24.34 -73.16
N MET C 384 8.70 23.14 -73.12
CA MET C 384 7.75 22.83 -72.07
C MET C 384 8.40 22.88 -70.69
N LEU C 385 9.61 22.31 -70.58
CA LEU C 385 10.30 22.34 -69.30
C LEU C 385 10.59 23.77 -68.88
N MET C 386 11.00 24.61 -69.82
CA MET C 386 11.15 26.03 -69.51
C MET C 386 9.80 26.67 -69.23
N GLY C 387 8.78 26.32 -70.00
CA GLY C 387 7.46 26.90 -69.82
C GLY C 387 7.40 28.34 -70.30
N GLY C 388 6.24 28.95 -70.07
CA GLY C 388 6.01 30.34 -70.35
C GLY C 388 5.84 31.13 -69.06
N VAL C 389 5.40 32.36 -69.22
CA VAL C 389 5.06 33.20 -68.07
C VAL C 389 3.55 33.33 -67.99
N GLU C 390 2.97 32.86 -66.89
CA GLU C 390 1.55 33.04 -66.66
C GLU C 390 1.29 34.50 -66.30
N LYS C 391 0.20 35.04 -66.81
CA LYS C 391 -0.14 36.45 -66.64
C LYS C 391 -1.38 36.59 -65.78
N ASN C 392 -1.30 37.42 -64.76
CA ASN C 392 -2.44 37.73 -63.89
C ASN C 392 -2.75 39.21 -64.03
N LEU C 393 -4.02 39.52 -64.30
CA LEU C 393 -4.45 40.88 -64.51
C LEU C 393 -5.27 41.37 -63.31
N GLU C 394 -5.52 42.68 -63.30
CA GLU C 394 -6.20 43.29 -62.16
C GLU C 394 -7.62 42.79 -62.02
N ASN C 395 -8.34 42.65 -63.13
CA ASN C 395 -9.74 42.25 -63.08
C ASN C 395 -9.92 40.83 -62.56
N GLY C 396 -8.85 40.04 -62.51
CA GLY C 396 -8.90 38.69 -62.01
C GLY C 396 -8.71 37.62 -63.07
N SER C 397 -8.65 38.00 -64.34
CA SER C 397 -8.44 37.02 -65.39
C SER C 397 -7.03 36.46 -65.33
N HIS C 398 -6.91 35.16 -65.59
CA HIS C 398 -5.64 34.45 -65.56
C HIS C 398 -5.36 33.89 -66.95
N LEU C 399 -4.20 34.22 -67.50
CA LEU C 399 -3.82 33.78 -68.84
C LEU C 399 -2.77 32.68 -68.72
N ARG C 400 -3.05 31.55 -69.37
CA ARG C 400 -2.20 30.37 -69.24
C ARG C 400 -0.78 30.69 -69.67
N GLY C 401 0.18 30.21 -68.89
CA GLY C 401 1.58 30.36 -69.20
C GLY C 401 2.28 29.02 -69.27
N ASP C 402 1.53 27.97 -69.56
CA ASP C 402 2.04 26.62 -69.68
C ASP C 402 1.64 26.06 -71.04
N ILE C 403 2.53 25.25 -71.62
CA ILE C 403 2.32 24.71 -72.96
C ILE C 403 2.16 23.20 -72.84
N ASN C 404 1.20 22.66 -73.58
CA ASN C 404 0.87 21.25 -73.54
C ASN C 404 1.22 20.60 -74.87
N ILE C 405 1.82 19.42 -74.81
CA ILE C 405 2.31 18.72 -75.98
C ILE C 405 1.63 17.35 -76.05
N LEU C 406 1.13 17.01 -77.23
CA LEU C 406 0.50 15.72 -77.46
C LEU C 406 1.23 15.03 -78.60
N MET C 407 1.59 13.77 -78.39
CA MET C 407 2.26 12.96 -79.39
C MET C 407 1.33 11.85 -79.83
N VAL C 408 1.06 11.77 -81.13
CA VAL C 408 0.25 10.72 -81.71
C VAL C 408 1.08 10.04 -82.79
N GLY C 409 1.17 8.71 -82.74
CA GLY C 409 1.99 8.06 -83.73
C GLY C 409 1.94 6.56 -83.63
N ASP C 410 2.67 5.93 -84.55
CA ASP C 410 2.71 4.48 -84.66
C ASP C 410 3.36 3.88 -83.42
N PRO C 411 3.10 2.60 -83.14
CA PRO C 411 3.76 1.96 -82.00
C PRO C 411 5.26 1.90 -82.18
N SER C 412 5.97 1.85 -81.06
CA SER C 412 7.43 1.79 -81.03
C SER C 412 8.04 3.01 -81.70
N THR C 413 7.43 4.17 -81.48
CA THR C 413 7.94 5.45 -81.97
C THR C 413 8.64 6.23 -80.86
N ALA C 414 8.93 5.57 -79.74
CA ALA C 414 9.63 6.14 -78.59
C ALA C 414 8.86 7.27 -77.93
N LYS C 415 7.53 7.27 -78.03
CA LYS C 415 6.75 8.28 -77.31
C LYS C 415 6.76 8.00 -75.81
N SER C 416 6.54 6.75 -75.43
CA SER C 416 6.59 6.41 -74.00
C SER C 416 7.98 6.64 -73.43
N GLN C 417 9.02 6.43 -74.24
CA GLN C 417 10.37 6.72 -73.78
C GLN C 417 10.54 8.21 -73.49
N LEU C 418 10.03 9.07 -74.37
CA LEU C 418 10.11 10.50 -74.12
C LEU C 418 9.32 10.90 -72.88
N LEU C 419 8.14 10.33 -72.71
CA LEU C 419 7.36 10.58 -71.50
C LEU C 419 8.15 10.17 -70.25
N ARG C 420 8.76 8.98 -70.29
CA ARG C 420 9.52 8.51 -69.14
C ARG C 420 10.68 9.42 -68.85
N PHE C 421 11.37 9.90 -69.88
CA PHE C 421 12.47 10.82 -69.64
C PHE C 421 11.97 12.12 -69.03
N VAL C 422 10.84 12.65 -69.52
CA VAL C 422 10.30 13.88 -68.95
C VAL C 422 9.98 13.67 -67.48
N LEU C 423 9.41 12.52 -67.15
CA LEU C 423 9.18 12.18 -65.75
C LEU C 423 10.48 12.13 -64.97
N ASN C 424 11.55 11.64 -65.60
CA ASN C 424 12.82 11.43 -64.92
C ASN C 424 13.68 12.68 -64.82
N THR C 425 13.37 13.74 -65.55
CA THR C 425 14.24 14.91 -65.59
C THR C 425 13.60 16.19 -65.08
N ALA C 426 12.27 16.28 -65.02
CA ALA C 426 11.63 17.49 -64.55
C ALA C 426 11.75 17.58 -63.03
N SER C 427 11.69 18.81 -62.51
CA SER C 427 11.77 19.01 -61.08
C SER C 427 10.56 18.42 -60.37
N LEU C 428 9.39 18.56 -60.97
CA LEU C 428 8.14 18.07 -60.36
C LEU C 428 7.29 17.49 -61.49
N ALA C 429 7.26 16.16 -61.59
CA ALA C 429 6.51 15.49 -62.64
C ALA C 429 5.69 14.36 -62.04
N ILE C 430 4.52 14.12 -62.62
CA ILE C 430 3.63 13.06 -62.18
C ILE C 430 3.28 12.20 -63.39
N ALA C 431 3.43 10.89 -63.26
CA ALA C 431 3.19 9.97 -64.36
C ALA C 431 1.87 9.24 -64.14
N THR C 432 1.02 9.25 -65.17
CA THR C 432 -0.24 8.53 -65.15
C THR C 432 -0.36 7.70 -66.41
N THR C 433 -1.19 6.69 -66.36
CA THR C 433 -1.50 5.87 -67.51
C THR C 433 -2.86 6.27 -68.07
N GLY C 434 -3.36 5.48 -69.03
CA GLY C 434 -4.60 5.81 -69.67
C GLY C 434 -5.81 5.83 -68.76
N ARG C 435 -6.23 4.66 -68.26
CA ARG C 435 -7.43 4.57 -67.44
C ARG C 435 -7.16 4.22 -65.99
N GLY C 436 -5.91 3.90 -65.63
CA GLY C 436 -5.61 3.65 -64.23
C GLY C 436 -5.88 4.85 -63.35
N SER C 437 -5.60 6.05 -63.86
CA SER C 437 -5.94 7.29 -63.19
C SER C 437 -7.22 7.83 -63.81
N SER C 438 -8.34 7.56 -63.15
CA SER C 438 -9.64 7.96 -63.68
C SER C 438 -9.82 9.47 -63.52
N GLY C 439 -11.01 9.96 -63.88
CA GLY C 439 -11.32 11.35 -63.66
C GLY C 439 -11.29 11.74 -62.20
N VAL C 440 -11.69 10.82 -61.32
CA VAL C 440 -11.48 11.01 -59.90
C VAL C 440 -9.99 10.98 -59.56
N GLY C 441 -9.23 10.11 -60.22
CA GLY C 441 -7.80 10.05 -59.98
C GLY C 441 -7.10 11.32 -60.42
N LEU C 442 -7.44 11.81 -61.60
CA LEU C 442 -6.98 13.11 -62.02
C LEU C 442 -7.75 14.19 -61.26
N THR C 443 -7.36 15.45 -61.48
CA THR C 443 -7.98 16.58 -60.81
C THR C 443 -8.01 16.36 -59.30
N ALA C 444 -9.21 16.20 -58.74
CA ALA C 444 -9.38 15.91 -57.32
C ALA C 444 -10.82 15.53 -57.09
N ALA C 445 -11.09 14.94 -55.93
CA ALA C 445 -12.46 14.63 -55.55
C ALA C 445 -12.53 14.47 -54.04
N VAL C 446 -13.74 14.66 -53.51
CA VAL C 446 -13.97 14.55 -52.08
C VAL C 446 -13.85 13.09 -51.66
N THR C 447 -13.15 12.84 -50.56
CA THR C 447 -12.97 11.48 -50.07
C THR C 447 -14.09 11.05 -49.13
N THR C 448 -14.90 11.99 -48.64
CA THR C 448 -15.98 11.68 -47.70
C THR C 448 -15.43 10.97 -46.47
N ASP C 449 -14.27 11.41 -45.99
CA ASP C 449 -13.67 10.78 -44.82
C ASP C 449 -14.52 10.99 -43.59
N ARG C 450 -14.64 9.94 -42.78
CA ARG C 450 -15.45 10.00 -41.57
C ARG C 450 -14.79 10.81 -40.46
N GLU C 451 -13.53 11.21 -40.63
CA GLU C 451 -12.83 11.99 -39.62
C GLU C 451 -12.32 13.30 -40.20
N GLU C 454 -14.21 15.65 -41.48
CA GLU C 454 -15.31 15.12 -42.27
C GLU C 454 -15.34 15.77 -43.66
N ARG C 455 -15.59 14.94 -44.68
CA ARG C 455 -15.64 15.38 -46.07
C ARG C 455 -14.35 16.09 -46.48
N ARG C 456 -13.22 15.44 -46.19
CA ARG C 456 -11.94 15.97 -46.59
C ARG C 456 -11.82 16.02 -48.11
N LEU C 457 -10.88 16.82 -48.58
CA LEU C 457 -10.57 16.91 -49.99
C LEU C 457 -9.23 16.24 -50.25
N GLU C 458 -9.18 15.38 -51.25
CA GLU C 458 -7.96 14.68 -51.62
C GLU C 458 -7.51 15.16 -52.98
N ALA C 459 -6.27 15.64 -53.06
CA ALA C 459 -5.74 16.15 -54.31
C ALA C 459 -5.34 15.00 -55.22
N GLY C 460 -5.88 14.98 -56.43
CA GLY C 460 -5.53 13.97 -57.40
C GLY C 460 -4.18 14.25 -58.03
N ALA C 461 -3.99 13.73 -59.23
CA ALA C 461 -2.69 13.84 -59.89
C ALA C 461 -2.38 15.28 -60.25
N MET C 462 -3.31 15.97 -60.91
CA MET C 462 -2.97 17.26 -61.50
C MET C 462 -2.81 18.34 -60.44
N VAL C 463 -3.58 18.27 -59.36
CA VAL C 463 -3.40 19.21 -58.26
C VAL C 463 -2.03 19.02 -57.63
N LEU C 464 -1.63 17.76 -57.42
CA LEU C 464 -0.31 17.49 -56.87
C LEU C 464 0.81 17.88 -57.83
N ALA C 465 0.50 18.07 -59.11
CA ALA C 465 1.49 18.47 -60.10
C ALA C 465 1.45 19.97 -60.37
N ASP C 466 1.09 20.77 -59.37
CA ASP C 466 1.08 22.22 -59.54
C ASP C 466 2.50 22.71 -59.80
N ARG C 467 2.62 23.64 -60.75
CA ARG C 467 3.93 24.14 -61.21
C ARG C 467 4.82 23.01 -61.70
N GLY C 468 4.21 21.99 -62.31
CA GLY C 468 4.96 20.85 -62.75
C GLY C 468 4.45 20.27 -64.05
N VAL C 469 4.79 19.02 -64.32
CA VAL C 469 4.41 18.34 -65.55
C VAL C 469 3.59 17.12 -65.19
N VAL C 470 2.62 16.80 -66.03
CA VAL C 470 1.87 15.54 -65.94
C VAL C 470 2.16 14.75 -67.19
N CYS C 471 2.70 13.55 -67.03
CA CYS C 471 3.07 12.70 -68.15
C CYS C 471 2.01 11.62 -68.32
N ILE C 472 0.95 11.97 -69.03
CA ILE C 472 -0.12 11.04 -69.33
C ILE C 472 0.33 10.13 -70.47
N ASP C 473 0.17 8.82 -70.28
CA ASP C 473 0.49 7.86 -71.32
C ASP C 473 -0.77 7.13 -71.74
N GLU C 474 -0.81 6.73 -73.02
CA GLU C 474 -1.98 6.10 -73.61
C GLU C 474 -3.21 6.99 -73.47
N PHE C 475 -3.07 8.21 -73.99
CA PHE C 475 -4.16 9.18 -73.92
C PHE C 475 -5.39 8.70 -74.67
N ASP C 476 -5.19 7.93 -75.74
CA ASP C 476 -6.33 7.45 -76.54
C ASP C 476 -7.19 6.48 -75.76
N LYS C 477 -6.61 5.65 -74.90
CA LYS C 477 -7.39 4.70 -74.13
C LYS C 477 -8.22 5.35 -73.04
N MET C 478 -8.00 6.64 -72.78
CA MET C 478 -8.71 7.33 -71.72
C MET C 478 -10.22 7.31 -71.97
N THR C 479 -10.98 7.17 -70.89
CA THR C 479 -12.43 7.24 -71.00
C THR C 479 -12.86 8.64 -71.45
N ASP C 480 -13.94 8.70 -72.21
CA ASP C 480 -14.50 10.00 -72.59
C ASP C 480 -14.83 10.81 -71.35
N VAL C 481 -15.43 10.18 -70.34
CA VAL C 481 -15.78 10.88 -69.11
C VAL C 481 -14.53 11.39 -68.42
N ASP C 482 -13.46 10.61 -68.44
CA ASP C 482 -12.21 11.05 -67.82
C ASP C 482 -11.66 12.29 -68.52
N ARG C 483 -11.72 12.31 -69.85
CA ARG C 483 -11.20 13.45 -70.61
C ARG C 483 -12.14 14.64 -70.59
N VAL C 484 -13.39 14.47 -70.15
CA VAL C 484 -14.25 15.63 -69.95
C VAL C 484 -13.70 16.51 -68.84
N ALA C 485 -13.29 15.91 -67.73
CA ALA C 485 -12.85 16.67 -66.56
C ALA C 485 -11.51 17.35 -66.77
N ILE C 486 -10.80 17.05 -67.85
CA ILE C 486 -9.47 17.58 -68.06
C ILE C 486 -9.45 18.96 -68.72
N HIS C 487 -10.58 19.40 -69.28
CA HIS C 487 -10.60 20.64 -70.04
C HIS C 487 -10.25 21.84 -69.16
N GLU C 488 -10.90 21.94 -67.99
CA GLU C 488 -10.67 23.10 -67.13
C GLU C 488 -9.22 23.14 -66.66
N VAL C 489 -8.67 22.00 -66.29
CA VAL C 489 -7.28 21.95 -65.86
C VAL C 489 -6.35 22.34 -67.00
N MET C 490 -6.67 21.90 -68.22
CA MET C 490 -5.86 22.26 -69.36
C MET C 490 -5.86 23.76 -69.59
N GLU C 491 -7.02 24.40 -69.54
CA GLU C 491 -7.12 25.80 -69.94
C GLU C 491 -7.13 26.77 -68.76
N GLN C 492 -8.10 26.63 -67.85
CA GLN C 492 -8.22 27.57 -66.74
C GLN C 492 -7.23 27.29 -65.62
N GLN C 493 -6.60 26.11 -65.63
CA GLN C 493 -5.62 25.73 -64.62
C GLN C 493 -6.21 25.74 -63.21
N THR C 494 -7.49 25.40 -63.09
CA THR C 494 -8.13 25.29 -61.79
C THR C 494 -9.01 24.04 -61.79
N VAL C 495 -9.26 23.52 -60.60
CA VAL C 495 -10.17 22.39 -60.40
C VAL C 495 -11.26 22.85 -59.45
N THR C 496 -12.49 22.88 -59.94
CA THR C 496 -13.64 23.30 -59.15
C THR C 496 -14.37 22.08 -58.66
N ILE C 497 -14.58 21.99 -57.35
CA ILE C 497 -15.26 20.83 -56.79
C ILE C 497 -16.77 20.98 -56.89
N ALA C 498 -17.32 21.98 -56.18
CA ALA C 498 -18.75 22.28 -56.20
C ALA C 498 -19.58 21.00 -55.98
N LYS C 499 -19.17 20.22 -54.99
CA LYS C 499 -19.77 18.91 -54.77
C LYS C 499 -20.03 18.70 -53.28
N ALA C 500 -21.17 18.08 -52.98
CA ALA C 500 -21.52 17.65 -51.62
C ALA C 500 -21.50 18.79 -50.62
N GLY C 501 -21.83 20.00 -51.08
CA GLY C 501 -21.75 21.16 -50.22
C GLY C 501 -20.37 21.76 -50.08
N ILE C 502 -19.39 21.23 -50.79
CA ILE C 502 -18.02 21.75 -50.77
C ILE C 502 -17.81 22.54 -52.06
N HIS C 503 -17.62 23.85 -51.93
CA HIS C 503 -17.34 24.72 -53.07
C HIS C 503 -15.91 25.21 -52.96
N THR C 504 -15.02 24.63 -53.77
CA THR C 504 -13.60 24.94 -53.69
C THR C 504 -13.04 25.02 -55.11
N THR C 505 -11.99 25.83 -55.27
CA THR C 505 -11.28 25.97 -56.54
C THR C 505 -9.80 25.72 -56.30
N LEU C 506 -9.39 24.46 -56.39
CA LEU C 506 -7.98 24.14 -56.25
C LEU C 506 -7.18 24.70 -57.42
N ASN C 507 -5.92 25.03 -57.15
CA ASN C 507 -5.00 25.55 -58.16
C ASN C 507 -4.25 24.37 -58.78
N ALA C 508 -4.38 24.21 -60.10
CA ALA C 508 -3.66 23.18 -60.84
C ALA C 508 -3.01 23.83 -62.05
N ARG C 509 -1.81 24.39 -61.86
CA ARG C 509 -1.05 25.01 -62.94
C ARG C 509 -0.05 23.99 -63.45
N CYS C 510 -0.54 23.02 -64.20
CA CYS C 510 0.26 21.90 -64.66
C CYS C 510 0.42 21.93 -66.17
N SER C 511 1.55 21.44 -66.64
CA SER C 511 1.83 21.28 -68.06
C SER C 511 1.61 19.81 -68.40
N VAL C 512 0.76 19.55 -69.39
CA VAL C 512 0.33 18.19 -69.69
C VAL C 512 1.04 17.73 -70.96
N ILE C 513 1.63 16.54 -70.90
CA ILE C 513 2.21 15.89 -72.06
C ILE C 513 1.60 14.50 -72.18
N ALA C 514 1.14 14.15 -73.38
CA ALA C 514 0.44 12.90 -73.57
C ALA C 514 0.89 12.23 -74.85
N ALA C 515 0.83 10.90 -74.84
CA ALA C 515 1.13 10.09 -76.01
C ALA C 515 -0.03 9.15 -76.25
N ALA C 516 -0.42 9.00 -77.52
CA ALA C 516 -1.59 8.21 -77.85
C ALA C 516 -1.49 7.71 -79.28
N ASN C 517 -1.61 6.41 -79.46
CA ASN C 517 -1.59 5.86 -80.80
C ASN C 517 -2.89 6.20 -81.53
N PRO C 518 -2.86 6.29 -82.86
CA PRO C 518 -4.09 6.50 -83.61
C PRO C 518 -5.02 5.30 -83.46
N VAL C 519 -6.31 5.55 -83.73
CA VAL C 519 -7.33 4.52 -83.50
C VAL C 519 -7.07 3.30 -84.37
N PHE C 520 -6.57 3.51 -85.59
CA PHE C 520 -6.31 2.42 -86.50
C PHE C 520 -4.95 1.78 -86.30
N GLY C 521 -4.36 1.92 -85.12
CA GLY C 521 -3.07 1.30 -84.85
C GLY C 521 -1.90 2.00 -85.49
N GLN C 522 -1.95 2.20 -86.80
CA GLN C 522 -0.94 2.94 -87.53
C GLN C 522 -1.61 4.11 -88.25
N TYR C 523 -0.91 5.24 -88.27
CA TYR C 523 -1.47 6.44 -88.88
C TYR C 523 -1.79 6.19 -90.34
N ASP C 524 -2.97 6.59 -90.77
CA ASP C 524 -3.48 6.30 -92.10
C ASP C 524 -3.38 7.56 -92.95
N VAL C 525 -2.48 7.55 -93.93
CA VAL C 525 -2.35 8.69 -94.83
C VAL C 525 -3.58 8.82 -95.71
N ASN C 526 -4.19 7.69 -96.11
CA ASN C 526 -5.36 7.74 -96.96
C ASN C 526 -6.53 8.45 -96.28
N ARG C 527 -6.69 8.22 -94.98
CA ARG C 527 -7.74 8.91 -94.23
C ARG C 527 -7.24 10.27 -93.76
N ASP C 528 -8.18 11.19 -93.56
CA ASP C 528 -7.86 12.50 -93.03
C ASP C 528 -7.47 12.41 -91.55
N PRO C 529 -6.68 13.36 -91.06
CA PRO C 529 -6.25 13.30 -89.66
C PRO C 529 -7.41 13.31 -88.67
N HIS C 530 -8.53 13.92 -89.04
CA HIS C 530 -9.70 13.91 -88.16
C HIS C 530 -10.17 12.49 -87.87
N GLN C 531 -10.09 11.61 -88.87
CA GLN C 531 -10.50 10.22 -88.66
C GLN C 531 -9.52 9.47 -87.79
N ASN C 532 -8.22 9.73 -87.98
CA ASN C 532 -7.21 8.99 -87.24
C ASN C 532 -7.19 9.39 -85.77
N ILE C 533 -7.18 10.70 -85.51
CA ILE C 533 -7.00 11.17 -84.13
C ILE C 533 -8.17 10.76 -83.26
N ALA C 534 -9.39 11.02 -83.73
CA ALA C 534 -10.63 10.73 -83.01
C ALA C 534 -10.69 11.42 -81.65
N LEU C 535 -9.93 12.49 -81.48
CA LEU C 535 -10.09 13.25 -80.24
C LEU C 535 -11.04 14.42 -80.45
N PRO C 536 -11.76 14.84 -79.41
CA PRO C 536 -12.65 15.98 -79.55
C PRO C 536 -11.87 17.23 -79.95
N ASP C 537 -12.52 18.06 -80.76
CA ASP C 537 -11.86 19.24 -81.30
C ASP C 537 -11.37 20.17 -80.19
N SER C 538 -12.15 20.28 -79.11
CA SER C 538 -11.74 21.13 -77.99
C SER C 538 -10.45 20.63 -77.35
N LEU C 539 -10.35 19.31 -77.16
CA LEU C 539 -9.13 18.76 -76.55
C LEU C 539 -7.92 19.01 -77.43
N LEU C 540 -8.06 18.81 -78.74
CA LEU C 540 -6.95 19.09 -79.64
C LEU C 540 -6.60 20.57 -79.61
N SER C 541 -7.61 21.44 -79.51
CA SER C 541 -7.34 22.86 -79.42
C SER C 541 -6.52 23.19 -78.17
N ARG C 542 -6.88 22.57 -77.04
CA ARG C 542 -6.18 22.87 -75.79
C ARG C 542 -4.72 22.46 -75.85
N PHE C 543 -4.40 21.42 -76.61
CA PHE C 543 -3.03 20.98 -76.75
C PHE C 543 -2.30 21.95 -77.67
N ASP C 544 -1.19 22.51 -77.19
CA ASP C 544 -0.48 23.51 -77.97
C ASP C 544 0.12 22.91 -79.24
N LEU C 545 0.86 21.82 -79.09
CA LEU C 545 1.56 21.20 -80.20
C LEU C 545 1.06 19.77 -80.36
N LEU C 546 0.52 19.46 -81.53
CA LEU C 546 -0.01 18.13 -81.82
C LEU C 546 0.91 17.49 -82.84
N PHE C 547 1.83 16.65 -82.36
CA PHE C 547 2.81 16.00 -83.21
C PHE C 547 2.23 14.68 -83.71
N VAL C 548 2.22 14.51 -85.02
CA VAL C 548 1.77 13.27 -85.64
C VAL C 548 2.99 12.58 -86.22
N VAL C 549 3.45 11.53 -85.56
CA VAL C 549 4.67 10.84 -85.95
C VAL C 549 4.29 9.49 -86.55
N THR C 550 5.22 8.91 -87.30
CA THR C 550 4.98 7.66 -88.01
C THR C 550 6.24 6.80 -88.00
N ASP C 551 6.02 5.51 -88.23
CA ASP C 551 7.12 4.56 -88.43
C ASP C 551 7.18 4.27 -89.93
N ASP C 552 7.97 5.06 -90.64
CA ASP C 552 8.08 4.96 -92.09
C ASP C 552 9.26 4.09 -92.47
N ILE C 553 9.02 3.12 -93.35
CA ILE C 553 10.03 2.15 -93.74
C ILE C 553 10.96 2.79 -94.77
N ASN C 554 12.06 3.37 -94.31
CA ASN C 554 13.06 3.99 -95.16
C ASN C 554 14.41 3.37 -94.86
N GLU C 555 15.13 2.97 -95.90
CA GLU C 555 16.35 2.20 -95.72
C GLU C 555 17.39 3.00 -94.93
N ILE C 556 17.66 4.23 -95.35
CA ILE C 556 18.72 5.01 -94.72
C ILE C 556 18.35 5.34 -93.27
N ARG C 557 17.14 5.85 -93.06
CA ARG C 557 16.71 6.20 -91.71
C ARG C 557 16.67 4.98 -90.82
N ASP C 558 16.18 3.84 -91.32
CA ASP C 558 16.07 2.66 -90.50
C ASP C 558 17.44 2.10 -90.14
N ARG C 559 18.37 2.10 -91.10
CA ARG C 559 19.71 1.63 -90.78
C ARG C 559 20.42 2.55 -89.81
N SER C 560 20.16 3.86 -89.90
CA SER C 560 20.69 4.78 -88.89
C SER C 560 20.09 4.48 -87.51
N ILE C 561 18.79 4.17 -87.47
CA ILE C 561 18.15 3.77 -86.22
C ILE C 561 18.83 2.54 -85.66
N SER C 562 19.10 1.54 -86.51
CA SER C 562 19.75 0.32 -86.05
C SER C 562 21.15 0.61 -85.52
N GLU C 563 21.89 1.47 -86.21
CA GLU C 563 23.21 1.88 -85.72
C GLU C 563 23.10 2.49 -84.33
N HIS C 564 22.17 3.42 -84.14
CA HIS C 564 22.03 4.08 -82.85
C HIS C 564 21.62 3.10 -81.77
N VAL C 565 20.69 2.19 -82.06
CA VAL C 565 20.22 1.24 -81.07
C VAL C 565 21.33 0.30 -80.64
N LEU C 566 22.10 -0.22 -81.61
CA LEU C 566 23.19 -1.11 -81.28
C LEU C 566 24.31 -0.39 -80.55
N ARG C 567 24.52 0.90 -80.85
CA ARG C 567 25.48 1.67 -80.08
C ARG C 567 25.01 1.84 -78.64
N THR C 568 23.72 2.11 -78.45
CA THR C 568 23.21 2.28 -77.09
C THR C 568 23.31 1.00 -76.28
N HIS C 569 22.96 -0.14 -76.90
CA HIS C 569 23.00 -1.40 -76.17
C HIS C 569 24.42 -1.85 -75.86
N ARG C 570 25.41 -1.32 -76.56
CA ARG C 570 26.81 -1.61 -76.26
C ARG C 570 27.41 -0.51 -75.39
N TYR C 571 26.87 -0.39 -74.19
CA TYR C 571 27.35 0.58 -73.21
C TYR C 571 27.67 -0.13 -71.91
N LEU C 572 28.84 0.19 -71.34
CA LEU C 572 29.29 -0.41 -70.10
C LEU C 572 29.53 0.71 -69.09
N PRO C 573 28.77 0.77 -67.99
CA PRO C 573 28.96 1.85 -67.04
C PRO C 573 30.37 1.82 -66.47
N PRO C 574 30.93 3.00 -66.18
CA PRO C 574 32.37 3.05 -65.83
C PRO C 574 32.76 2.16 -64.66
N GLY C 575 31.93 2.09 -63.62
CA GLY C 575 32.25 1.25 -62.48
C GLY C 575 31.66 -0.14 -62.59
N TYR C 576 31.88 -0.81 -63.72
CA TYR C 576 31.25 -2.10 -63.97
C TYR C 576 32.18 -2.98 -64.79
N LEU C 577 31.92 -4.28 -64.75
CA LEU C 577 32.61 -5.26 -65.57
C LEU C 577 31.77 -5.57 -66.80
N GLU C 578 32.25 -6.54 -67.59
CA GLU C 578 31.56 -6.89 -68.83
C GLU C 578 30.24 -7.61 -68.56
N GLY C 579 30.32 -8.77 -67.92
CA GLY C 579 29.14 -9.54 -67.59
C GLY C 579 28.46 -9.14 -66.29
N GLU C 580 28.86 -8.03 -65.70
CA GLU C 580 28.32 -7.61 -64.43
C GLU C 580 26.92 -7.01 -64.62
N PRO C 581 25.89 -7.56 -64.00
CA PRO C 581 24.56 -6.98 -64.14
C PRO C 581 24.47 -5.61 -63.48
N VAL C 582 23.70 -4.72 -64.09
CA VAL C 582 23.55 -3.36 -63.59
C VAL C 582 22.61 -3.36 -62.40
N ARG C 583 23.05 -2.75 -61.30
CA ARG C 583 22.30 -2.74 -60.06
C ARG C 583 21.34 -1.56 -60.03
N GLU C 584 20.08 -1.82 -59.72
CA GLU C 584 19.08 -0.76 -59.68
C GLU C 584 19.34 0.18 -58.51
N ARG C 585 19.22 1.47 -58.76
CA ARG C 585 19.37 2.50 -57.75
C ARG C 585 18.04 3.22 -57.57
N LEU C 586 17.54 3.24 -56.33
CA LEU C 586 16.28 3.92 -56.05
C LEU C 586 16.40 5.42 -56.29
N ASN C 587 17.52 6.01 -55.85
CA ASN C 587 17.83 7.42 -56.11
C ASN C 587 16.73 8.34 -55.56
N LEU C 588 16.56 8.29 -54.23
CA LEU C 588 15.61 9.15 -53.53
C LEU C 588 16.30 10.48 -53.24
N SER C 589 16.28 11.36 -54.24
CA SER C 589 16.93 12.65 -54.10
C SER C 589 16.24 13.49 -53.03
N LEU C 590 17.02 14.36 -52.41
CA LEU C 590 16.57 15.15 -51.27
C LEU C 590 16.28 16.58 -51.72
N ALA C 591 15.06 17.05 -51.47
CA ALA C 591 14.65 18.39 -51.88
C ALA C 591 15.33 19.42 -51.00
N VAL C 592 16.21 20.23 -51.60
CA VAL C 592 16.95 21.25 -50.88
C VAL C 592 17.02 22.54 -51.69
N ASP C 619 32.58 15.20 -64.16
CA ASP C 619 32.46 16.40 -63.36
C ASP C 619 32.26 17.63 -64.24
N HIS C 620 32.67 17.51 -65.51
CA HIS C 620 32.57 18.63 -66.42
C HIS C 620 31.13 18.85 -66.85
N VAL C 621 30.89 20.01 -67.47
CA VAL C 621 29.55 20.33 -67.95
C VAL C 621 29.12 19.36 -69.04
N PHE C 622 30.01 19.07 -69.98
CA PHE C 622 29.68 18.22 -71.12
C PHE C 622 29.93 16.76 -70.80
N GLU C 623 29.14 15.89 -71.41
CA GLU C 623 29.26 14.45 -71.23
C GLU C 623 30.04 13.85 -72.40
N LYS C 624 31.06 13.06 -72.07
CA LYS C 624 31.91 12.49 -73.12
C LYS C 624 31.20 11.40 -73.89
N PHE C 625 30.51 10.50 -73.18
CA PHE C 625 29.78 9.44 -73.84
C PHE C 625 28.65 10.02 -74.69
N ASN C 626 28.51 9.51 -75.90
CA ASN C 626 27.48 9.97 -76.82
C ASN C 626 27.00 8.79 -77.66
N PRO C 627 25.74 8.40 -77.52
CA PRO C 627 25.21 7.35 -78.41
C PRO C 627 25.09 7.80 -79.85
N LEU C 628 25.10 9.11 -80.13
CA LEU C 628 24.83 9.63 -81.45
C LEU C 628 26.00 10.49 -81.92
N LEU C 629 26.77 9.97 -82.87
CA LEU C 629 27.83 10.74 -83.51
C LEU C 629 27.57 10.86 -85.01
N ILE C 647 29.23 16.55 -84.89
CA ILE C 647 29.68 16.21 -83.54
C ILE C 647 29.36 17.35 -82.57
N PRO C 648 28.11 17.40 -82.09
CA PRO C 648 27.71 18.44 -81.15
C PRO C 648 28.27 18.17 -79.76
N LYS C 649 28.11 19.18 -78.90
CA LYS C 649 28.51 19.07 -77.51
C LYS C 649 27.26 18.81 -76.66
N LEU C 650 27.19 17.64 -76.05
CA LEU C 650 26.04 17.22 -75.27
C LEU C 650 26.33 17.41 -73.79
N VAL C 651 25.38 18.02 -73.07
CA VAL C 651 25.56 18.33 -71.66
C VAL C 651 25.01 17.19 -70.81
N THR C 652 25.54 17.07 -69.60
CA THR C 652 25.05 16.07 -68.67
C THR C 652 23.64 16.43 -68.19
N ILE C 653 22.84 15.39 -67.97
CA ILE C 653 21.45 15.61 -67.56
C ILE C 653 21.36 16.41 -66.27
N PRO C 654 22.14 16.12 -65.22
CA PRO C 654 22.09 17.01 -64.03
C PRO C 654 22.41 18.45 -64.35
N PHE C 655 23.35 18.70 -65.27
CA PHE C 655 23.61 20.09 -65.65
C PHE C 655 22.41 20.70 -66.36
N LEU C 656 21.72 19.91 -67.18
CA LEU C 656 20.52 20.42 -67.83
C LEU C 656 19.44 20.76 -66.81
N ARG C 657 19.32 19.92 -65.78
CA ARG C 657 18.40 20.21 -64.69
C ARG C 657 18.76 21.50 -63.99
N LYS C 658 20.06 21.71 -63.75
CA LYS C 658 20.51 22.97 -63.14
C LYS C 658 20.19 24.15 -64.04
N TYR C 659 20.39 24.00 -65.34
CA TYR C 659 20.10 25.09 -66.27
C TYR C 659 18.62 25.44 -66.25
N VAL C 660 17.75 24.44 -66.26
CA VAL C 660 16.31 24.69 -66.22
C VAL C 660 15.93 25.37 -64.91
N GLN C 661 16.48 24.88 -63.79
CA GLN C 661 16.17 25.47 -62.50
C GLN C 661 16.61 26.94 -62.44
N TYR C 662 17.77 27.26 -63.02
CA TYR C 662 18.21 28.64 -63.05
C TYR C 662 17.31 29.50 -63.93
N ALA C 663 17.04 29.02 -65.15
CA ALA C 663 16.31 29.83 -66.11
C ALA C 663 14.89 30.10 -65.66
N LYS C 664 14.21 29.10 -65.07
CA LYS C 664 12.84 29.31 -64.65
C LYS C 664 12.72 30.39 -63.60
N GLU C 665 13.65 30.43 -62.64
CA GLU C 665 13.54 31.38 -61.54
C GLU C 665 14.05 32.76 -61.95
N ARG C 666 15.25 32.83 -62.54
CA ARG C 666 15.90 34.12 -62.70
C ARG C 666 15.21 35.00 -63.73
N VAL C 667 14.92 34.44 -64.90
CA VAL C 667 14.52 35.23 -66.06
C VAL C 667 13.00 35.31 -66.13
N ILE C 668 12.49 36.54 -66.28
CA ILE C 668 11.06 36.78 -66.52
C ILE C 668 10.94 37.60 -67.81
N PRO C 669 10.90 36.95 -68.97
CA PRO C 669 10.90 37.71 -70.22
C PRO C 669 9.63 38.50 -70.42
N GLN C 670 9.75 39.54 -71.25
CA GLN C 670 8.61 40.36 -71.65
C GLN C 670 8.64 40.53 -73.17
N LEU C 671 7.45 40.67 -73.75
CA LEU C 671 7.36 40.79 -75.20
C LEU C 671 7.88 42.14 -75.67
N THR C 672 8.20 42.18 -76.96
CA THR C 672 8.64 43.39 -77.64
C THR C 672 7.81 43.58 -78.90
N GLN C 673 7.75 44.82 -79.37
CA GLN C 673 6.98 45.10 -80.57
C GLN C 673 7.50 44.32 -81.77
N GLU C 674 8.82 44.18 -81.86
CA GLU C 674 9.42 43.44 -82.97
C GLU C 674 8.96 41.99 -83.00
N ALA C 675 8.95 41.34 -81.84
CA ALA C 675 8.43 39.97 -81.78
C ALA C 675 6.93 39.93 -81.98
N ILE C 676 6.23 40.96 -81.51
CA ILE C 676 4.77 41.00 -81.64
C ILE C 676 4.36 41.02 -83.09
N ASN C 677 5.06 41.81 -83.92
CA ASN C 677 4.71 41.88 -85.33
C ASN C 677 4.86 40.51 -85.99
N VAL C 678 5.95 39.80 -85.70
CA VAL C 678 6.18 38.50 -86.30
C VAL C 678 5.11 37.51 -85.84
N ILE C 679 4.78 37.54 -84.55
CA ILE C 679 3.77 36.62 -84.04
C ILE C 679 2.43 36.88 -84.69
N VAL C 680 2.04 38.16 -84.81
CA VAL C 680 0.77 38.51 -85.42
C VAL C 680 0.73 38.08 -86.88
N LYS C 681 1.82 38.32 -87.62
CA LYS C 681 1.84 37.92 -89.02
C LYS C 681 1.70 36.42 -89.17
N ASN C 682 2.42 35.65 -88.34
CA ASN C 682 2.33 34.20 -88.41
C ASN C 682 0.91 33.73 -88.07
N TYR C 683 0.30 34.32 -87.05
CA TYR C 683 -1.04 33.92 -86.65
C TYR C 683 -2.05 34.19 -87.75
N THR C 684 -1.98 35.39 -88.35
CA THR C 684 -2.92 35.72 -89.42
C THR C 684 -2.71 34.83 -90.63
N ASP C 685 -1.46 34.55 -90.98
CA ASP C 685 -1.19 33.67 -92.11
C ASP C 685 -1.73 32.27 -91.85
N LEU C 686 -1.54 31.75 -90.63
CA LEU C 686 -2.07 30.44 -90.32
C LEU C 686 -3.59 30.41 -90.38
N ARG C 687 -4.25 31.45 -89.86
CA ARG C 687 -5.70 31.43 -89.77
C ARG C 687 -6.35 31.60 -91.13
N ASN C 688 -5.80 32.46 -91.99
CA ASN C 688 -6.44 32.79 -93.25
C ASN C 688 -5.83 32.08 -94.46
N ASP C 689 -5.04 31.05 -94.23
CA ASP C 689 -4.53 30.20 -95.31
C ASP C 689 -4.92 28.77 -95.02
N ASP C 690 -5.48 28.08 -96.01
CA ASP C 690 -5.94 26.71 -95.86
C ASP C 690 -4.91 25.75 -96.44
N ASN C 691 -4.32 24.94 -95.57
CA ASN C 691 -3.36 23.92 -95.98
C ASN C 691 -3.61 22.62 -95.23
N THR C 692 -4.89 22.31 -95.01
CA THR C 692 -5.36 21.11 -94.27
C THR C 692 -4.46 20.80 -93.07
N LYS C 693 -4.39 21.77 -92.16
CA LYS C 693 -3.57 21.63 -90.97
C LYS C 693 -4.05 20.49 -90.10
N LYS C 694 -3.12 19.88 -89.37
CA LYS C 694 -3.45 18.77 -88.49
C LYS C 694 -4.37 19.20 -87.36
N SER C 695 -4.08 20.35 -86.75
CA SER C 695 -4.90 20.85 -85.67
C SER C 695 -5.77 22.00 -86.13
N PRO C 696 -6.93 22.22 -85.52
CA PRO C 696 -7.69 23.44 -85.80
C PRO C 696 -6.90 24.65 -85.32
N ILE C 697 -7.06 25.75 -86.04
CA ILE C 697 -6.34 26.99 -85.76
C ILE C 697 -7.31 27.97 -85.12
N THR C 698 -7.06 28.32 -83.86
CA THR C 698 -7.88 29.29 -83.14
C THR C 698 -6.99 30.28 -82.40
N ALA C 699 -7.57 31.09 -81.52
CA ALA C 699 -6.77 32.03 -80.75
C ALA C 699 -5.80 31.31 -79.82
N ARG C 700 -6.07 30.05 -79.49
CA ARG C 700 -5.09 29.25 -78.76
C ARG C 700 -3.78 29.15 -79.52
N THR C 701 -3.83 29.17 -80.85
CA THR C 701 -2.60 29.17 -81.63
C THR C 701 -1.81 30.44 -81.41
N LEU C 702 -2.49 31.59 -81.36
CA LEU C 702 -1.80 32.84 -81.03
C LEU C 702 -1.20 32.76 -79.63
N GLU C 703 -1.97 32.25 -78.67
CA GLU C 703 -1.47 32.16 -77.31
C GLU C 703 -0.26 31.26 -77.22
N THR C 704 -0.28 30.13 -77.92
CA THR C 704 0.86 29.22 -77.86
C THR C 704 2.05 29.77 -78.63
N LEU C 705 1.84 30.58 -79.67
CA LEU C 705 2.95 31.29 -80.28
C LEU C 705 3.62 32.21 -79.28
N ILE C 706 2.82 32.97 -78.54
CA ILE C 706 3.39 33.86 -77.53
C ILE C 706 4.14 33.06 -76.49
N ARG C 707 3.55 31.97 -76.01
CA ARG C 707 4.17 31.19 -74.95
C ARG C 707 5.46 30.53 -75.42
N LEU C 708 5.49 30.01 -76.64
CA LEU C 708 6.70 29.39 -77.16
C LEU C 708 7.80 30.43 -77.36
N ALA C 709 7.44 31.63 -77.83
CA ALA C 709 8.44 32.69 -77.93
C ALA C 709 9.01 33.02 -76.56
N THR C 710 8.13 33.10 -75.55
CA THR C 710 8.59 33.39 -74.19
C THR C 710 9.51 32.28 -73.68
N ALA C 711 9.17 31.02 -73.97
CA ALA C 711 10.01 29.91 -73.54
C ALA C 711 11.38 29.97 -74.18
N HIS C 712 11.43 30.25 -75.48
CA HIS C 712 12.73 30.38 -76.12
C HIS C 712 13.52 31.55 -75.54
N ALA C 713 12.85 32.65 -75.24
CA ALA C 713 13.53 33.78 -74.62
C ALA C 713 14.11 33.37 -73.27
N LYS C 714 13.36 32.59 -72.49
CA LYS C 714 13.89 32.10 -71.22
C LYS C 714 15.10 31.21 -71.43
N VAL C 715 15.09 30.41 -72.50
CA VAL C 715 16.25 29.54 -72.77
C VAL C 715 17.49 30.39 -73.03
N ARG C 716 17.34 31.47 -73.80
CA ARG C 716 18.46 32.35 -74.08
C ARG C 716 18.79 33.27 -72.92
N LEU C 717 18.07 33.18 -71.81
CA LEU C 717 18.29 34.03 -70.65
C LEU C 717 18.16 35.50 -71.01
N SER C 718 17.21 35.82 -71.87
CA SER C 718 16.96 37.18 -72.33
C SER C 718 15.84 37.81 -71.51
N LYS C 719 16.05 39.04 -71.07
CA LYS C 719 14.99 39.77 -70.38
C LYS C 719 13.86 40.19 -71.30
N THR C 720 14.05 40.12 -72.61
CA THR C 720 13.02 40.48 -73.57
C THR C 720 12.94 39.43 -74.67
N VAL C 721 11.75 39.29 -75.25
CA VAL C 721 11.54 38.38 -76.36
C VAL C 721 11.94 39.08 -77.65
N ASN C 722 12.79 38.42 -78.44
CA ASN C 722 13.36 39.02 -79.64
C ASN C 722 12.78 38.35 -80.88
N LYS C 723 13.29 38.77 -82.04
CA LYS C 723 12.79 38.25 -83.32
C LYS C 723 13.10 36.77 -83.47
N VAL C 724 14.29 36.35 -83.05
CA VAL C 724 14.71 34.97 -83.27
C VAL C 724 13.81 34.01 -82.52
N ASP C 725 13.37 34.39 -81.32
CA ASP C 725 12.44 33.56 -80.57
C ASP C 725 11.14 33.39 -81.33
N ALA C 726 10.61 34.48 -81.90
CA ALA C 726 9.38 34.39 -82.67
C ALA C 726 9.55 33.49 -83.87
N LYS C 727 10.69 33.62 -84.57
CA LYS C 727 10.92 32.78 -85.74
C LYS C 727 11.00 31.30 -85.36
N VAL C 728 11.70 30.99 -84.27
CA VAL C 728 11.82 29.60 -83.85
C VAL C 728 10.47 29.03 -83.44
N ALA C 729 9.69 29.81 -82.69
CA ALA C 729 8.37 29.35 -82.29
C ALA C 729 7.48 29.10 -83.50
N ALA C 730 7.51 30.01 -84.47
CA ALA C 730 6.71 29.80 -85.68
C ALA C 730 7.18 28.57 -86.44
N ASN C 731 8.49 28.34 -86.48
CA ASN C 731 9.01 27.14 -87.14
C ASN C 731 8.51 25.88 -86.46
N LEU C 732 8.53 25.85 -85.13
CA LEU C 732 8.01 24.70 -84.40
C LEU C 732 6.53 24.49 -84.70
N LEU C 733 5.75 25.55 -84.69
CA LEU C 733 4.32 25.40 -84.93
C LEU C 733 4.04 24.91 -86.34
N ARG C 734 4.76 25.45 -87.33
CA ARG C 734 4.56 25.01 -88.71
C ARG C 734 4.98 23.56 -88.88
N PHE C 735 6.07 23.15 -88.24
CA PHE C 735 6.47 21.75 -88.28
C PHE C 735 5.38 20.87 -87.67
N ALA C 736 4.78 21.34 -86.58
CA ALA C 736 3.72 20.56 -85.94
C ALA C 736 2.50 20.42 -86.84
N LEU C 737 2.10 21.50 -87.50
CA LEU C 737 0.87 21.46 -88.30
C LEU C 737 1.14 21.06 -89.75
N LEU C 738 1.91 21.88 -90.47
CA LEU C 738 2.15 21.60 -91.87
C LEU C 738 3.18 20.50 -92.07
N GLY C 739 4.19 20.45 -91.21
CA GLY C 739 5.33 19.59 -91.42
C GLY C 739 6.50 20.25 -92.08
N GLU C 740 6.41 21.56 -92.37
CA GLU C 740 7.52 22.27 -92.98
C GLU C 740 8.71 22.32 -92.03
N ASP C 741 9.90 22.17 -92.60
CA ASP C 741 11.14 22.16 -91.81
C ASP C 741 12.23 22.84 -92.62
N ILE C 742 12.83 23.88 -92.05
CA ILE C 742 13.93 24.59 -92.68
C ILE C 742 15.14 24.61 -91.76
N LEU D 177 -48.53 49.24 -9.47
CA LEU D 177 -47.53 48.50 -8.70
C LEU D 177 -47.97 47.05 -8.52
N ARG D 178 -47.34 46.37 -7.57
CA ARG D 178 -47.59 44.95 -7.29
C ARG D 178 -47.33 44.08 -8.50
N ILE D 179 -46.50 44.56 -9.44
CA ILE D 179 -46.25 43.82 -10.67
C ILE D 179 -45.39 42.60 -10.40
N ILE D 180 -45.47 41.62 -11.29
CA ILE D 180 -44.61 40.46 -11.21
C ILE D 180 -43.17 40.88 -11.52
N TRP D 181 -42.24 40.41 -10.70
CA TRP D 181 -40.84 40.77 -10.90
C TRP D 181 -40.35 40.27 -12.25
N GLY D 182 -39.75 41.18 -13.01
CA GLY D 182 -39.27 40.84 -14.34
C GLY D 182 -40.26 41.08 -15.46
N THR D 183 -41.50 41.44 -15.15
CA THR D 183 -42.51 41.72 -16.16
C THR D 183 -43.23 43.02 -15.83
N ASN D 184 -43.80 43.63 -16.86
CA ASN D 184 -44.65 44.80 -16.69
C ASN D 184 -46.09 44.43 -16.39
N VAL D 185 -46.36 43.15 -16.17
CA VAL D 185 -47.73 42.69 -15.96
C VAL D 185 -48.16 42.98 -14.52
N SER D 186 -49.27 43.67 -14.37
CA SER D 186 -49.91 43.89 -13.08
C SER D 186 -51.26 43.18 -13.08
N ILE D 187 -51.47 42.31 -12.09
CA ILE D 187 -52.63 41.42 -12.11
C ILE D 187 -53.92 42.23 -12.10
N GLN D 188 -53.98 43.26 -11.25
CA GLN D 188 -55.22 44.03 -11.14
C GLN D 188 -55.54 44.75 -12.45
N GLU D 189 -54.56 45.49 -12.98
CA GLU D 189 -54.80 46.25 -14.21
C GLU D 189 -55.10 45.33 -15.38
N CYS D 190 -54.35 44.23 -15.51
CA CYS D 190 -54.58 43.30 -16.60
C CYS D 190 -55.97 42.68 -16.51
N THR D 191 -56.35 42.23 -15.31
CA THR D 191 -57.67 41.63 -15.13
C THR D 191 -58.77 42.64 -15.46
N THR D 192 -58.64 43.86 -14.96
CA THR D 192 -59.66 44.89 -15.21
C THR D 192 -59.77 45.20 -16.69
N ASN D 193 -58.64 45.39 -17.36
CA ASN D 193 -58.66 45.75 -18.77
C ASN D 193 -59.20 44.62 -19.62
N PHE D 194 -58.81 43.38 -19.30
CA PHE D 194 -59.33 42.24 -20.05
C PHE D 194 -60.83 42.08 -19.83
N ARG D 195 -61.31 42.30 -18.61
CA ARG D 195 -62.74 42.25 -18.36
C ARG D 195 -63.47 43.32 -19.16
N ASN D 196 -62.91 44.53 -19.20
CA ASN D 196 -63.52 45.61 -19.97
C ASN D 196 -63.56 45.28 -21.45
N PHE D 197 -62.48 44.69 -21.97
CA PHE D 197 -62.44 44.27 -23.36
C PHE D 197 -63.48 43.19 -23.65
N LEU D 198 -63.60 42.21 -22.74
CA LEU D 198 -64.56 41.13 -22.94
C LEU D 198 -65.99 41.66 -22.92
N MET D 199 -66.31 42.55 -21.99
CA MET D 199 -67.66 43.08 -21.92
C MET D 199 -67.96 44.01 -23.09
N SER D 200 -67.01 44.86 -23.46
CA SER D 200 -67.27 46.00 -24.34
C SER D 200 -66.56 45.88 -25.68
N PHE D 201 -66.51 44.69 -26.28
CA PHE D 201 -65.91 44.53 -27.58
C PHE D 201 -66.99 44.51 -28.66
N LYS D 202 -66.84 45.39 -29.65
CA LYS D 202 -67.73 45.44 -30.80
C LYS D 202 -66.90 45.17 -32.06
N TYR D 203 -67.39 44.27 -32.91
CA TYR D 203 -66.64 43.94 -34.12
C TYR D 203 -66.54 45.13 -35.06
N LYS D 204 -67.44 46.10 -34.93
CA LYS D 204 -67.30 47.32 -35.72
C LYS D 204 -65.99 48.03 -35.43
N PHE D 205 -65.48 47.91 -34.20
CA PHE D 205 -64.17 48.46 -33.89
C PHE D 205 -63.09 47.81 -34.75
N ARG D 206 -63.12 46.48 -34.85
CA ARG D 206 -62.15 45.78 -35.68
C ARG D 206 -62.30 46.17 -37.15
N LYS D 207 -63.54 46.26 -37.63
CA LYS D 207 -63.76 46.65 -39.02
C LYS D 207 -63.22 48.05 -39.29
N ILE D 208 -63.38 48.96 -38.33
CA ILE D 208 -62.78 50.28 -38.44
C ILE D 208 -61.26 50.16 -38.51
N LEU D 209 -60.69 49.32 -37.64
CA LEU D 209 -59.24 49.12 -37.64
C LEU D 209 -58.75 48.55 -38.96
N ASP D 210 -59.47 47.57 -39.51
CA ASP D 210 -59.05 46.86 -40.71
C ASP D 210 -59.50 47.55 -42.00
N GLU D 211 -59.86 48.83 -41.92
CA GLU D 211 -60.33 49.59 -43.09
C GLU D 211 -61.51 48.90 -43.77
N ARG D 212 -62.46 48.45 -42.96
CA ARG D 212 -63.65 47.75 -43.44
C ARG D 212 -64.91 48.57 -43.22
N GLU D 213 -64.77 49.89 -43.17
CA GLU D 213 -65.94 50.77 -43.01
C GLU D 213 -66.88 50.62 -44.19
N GLU D 214 -66.34 50.49 -45.40
CA GLU D 214 -67.17 50.23 -46.57
C GLU D 214 -67.89 48.90 -46.45
N PHE D 215 -67.32 47.96 -45.69
CA PHE D 215 -67.87 46.62 -45.54
C PHE D 215 -68.54 46.42 -44.19
N ILE D 216 -68.82 47.50 -43.46
CA ILE D 216 -69.39 47.35 -42.12
C ILE D 216 -70.85 46.92 -42.22
N ASN D 217 -71.25 46.06 -41.29
CA ASN D 217 -72.62 45.57 -41.18
C ASN D 217 -73.08 45.60 -39.72
N ASN D 218 -73.59 46.76 -39.31
CA ASN D 218 -74.02 46.96 -37.93
C ASN D 218 -75.19 46.08 -37.55
N THR D 219 -75.79 45.37 -38.51
CA THR D 219 -76.78 44.36 -38.19
C THR D 219 -76.22 43.26 -37.30
N THR D 220 -74.90 43.09 -37.28
CA THR D 220 -74.24 42.15 -36.40
C THR D 220 -72.99 42.71 -35.71
N ASP D 221 -72.59 43.94 -36.02
CA ASP D 221 -71.39 44.50 -35.42
C ASP D 221 -71.66 45.17 -34.09
N GLU D 222 -72.88 45.64 -33.86
CA GLU D 222 -73.20 46.36 -32.64
C GLU D 222 -73.35 45.42 -31.45
N GLU D 223 -73.78 44.18 -31.68
CA GLU D 223 -74.00 43.26 -30.57
C GLU D 223 -72.67 42.89 -29.91
N LEU D 224 -72.75 42.55 -28.63
CA LEU D 224 -71.55 42.19 -27.87
C LEU D 224 -70.95 40.91 -28.42
N TYR D 225 -69.71 40.98 -28.88
CA TYR D 225 -69.11 39.88 -29.62
C TYR D 225 -68.68 38.75 -28.68
N TYR D 226 -67.77 39.05 -27.76
CA TYR D 226 -67.27 38.00 -26.88
C TYR D 226 -68.31 37.58 -25.85
N ILE D 227 -69.25 38.48 -25.52
CA ILE D 227 -70.33 38.09 -24.61
C ILE D 227 -71.21 37.03 -25.26
N LYS D 228 -71.61 37.26 -26.52
CA LYS D 228 -72.39 36.26 -27.24
C LYS D 228 -71.59 34.97 -27.43
N GLN D 229 -70.30 35.11 -27.74
CA GLN D 229 -69.46 33.93 -27.92
C GLN D 229 -69.37 33.12 -26.64
N LEU D 230 -69.22 33.79 -25.50
CA LEU D 230 -69.16 33.10 -24.22
C LEU D 230 -70.51 32.49 -23.86
N ASN D 231 -71.61 33.13 -24.24
CA ASN D 231 -72.91 32.52 -24.04
C ASN D 231 -73.03 31.22 -24.83
N GLU D 232 -72.57 31.22 -26.09
CA GLU D 232 -72.56 30.00 -26.87
C GLU D 232 -71.63 28.96 -26.25
N MET D 233 -70.48 29.40 -25.75
CA MET D 233 -69.51 28.50 -25.15
C MET D 233 -70.06 27.85 -23.89
N ARG D 234 -70.84 28.61 -23.12
CA ARG D 234 -71.52 28.05 -21.95
C ARG D 234 -72.61 27.08 -22.37
N GLU D 235 -73.40 27.43 -23.39
CA GLU D 235 -74.49 26.56 -23.81
C GLU D 235 -73.97 25.22 -24.31
N LEU D 236 -72.97 25.26 -25.19
CA LEU D 236 -72.43 24.02 -25.75
C LEU D 236 -71.70 23.22 -24.68
N GLY D 237 -70.98 23.89 -23.79
CA GLY D 237 -70.15 23.23 -22.82
C GLY D 237 -68.69 23.12 -23.20
N THR D 238 -68.27 23.78 -24.28
CA THR D 238 -66.88 23.76 -24.67
C THR D 238 -66.03 24.49 -23.65
N SER D 239 -64.79 24.01 -23.48
CA SER D 239 -63.90 24.52 -22.43
C SER D 239 -62.79 25.40 -22.98
N ASN D 240 -62.78 25.70 -24.27
CA ASN D 240 -61.69 26.43 -24.91
C ASN D 240 -62.24 27.68 -25.59
N LEU D 241 -61.62 28.81 -25.30
CA LEU D 241 -61.97 30.08 -25.94
C LEU D 241 -60.84 30.49 -26.88
N ASN D 242 -61.14 30.52 -28.17
CA ASN D 242 -60.16 30.92 -29.18
C ASN D 242 -60.19 32.43 -29.31
N LEU D 243 -59.20 33.09 -28.72
CA LEU D 243 -59.12 34.54 -28.67
C LEU D 243 -58.28 35.06 -29.81
N ASP D 244 -58.73 36.13 -30.44
CA ASP D 244 -57.98 36.76 -31.53
C ASP D 244 -57.14 37.91 -30.98
N ALA D 245 -55.89 37.97 -31.41
CA ALA D 245 -54.99 39.02 -30.94
C ALA D 245 -55.42 40.39 -31.44
N ARG D 246 -55.74 40.49 -32.73
CA ARG D 246 -56.15 41.78 -33.27
C ARG D 246 -57.46 42.28 -32.65
N ASN D 247 -58.27 41.38 -32.11
CA ASN D 247 -59.42 41.83 -31.33
C ASN D 247 -58.97 42.62 -30.11
N LEU D 248 -57.95 42.14 -29.42
CA LEU D 248 -57.37 42.91 -28.32
C LEU D 248 -56.73 44.19 -28.83
N LEU D 249 -56.11 44.15 -30.01
CA LEU D 249 -55.47 45.34 -30.54
C LEU D 249 -56.48 46.44 -30.82
N ALA D 250 -57.64 46.08 -31.37
CA ALA D 250 -58.58 47.10 -31.85
C ALA D 250 -59.13 47.94 -30.71
N TYR D 251 -59.62 47.30 -29.65
CA TYR D 251 -60.18 48.03 -28.52
C TYR D 251 -59.08 48.86 -27.86
N LYS D 252 -59.31 50.17 -27.77
CA LYS D 252 -58.24 51.10 -27.41
C LYS D 252 -57.72 50.86 -25.99
N GLN D 253 -58.63 50.67 -25.04
CA GLN D 253 -58.22 50.57 -23.65
C GLN D 253 -57.41 49.31 -23.36
N THR D 254 -57.57 48.26 -24.16
CA THR D 254 -56.83 47.02 -23.97
C THR D 254 -55.71 46.84 -24.99
N GLU D 255 -55.28 47.92 -25.64
CA GLU D 255 -54.20 47.83 -26.61
C GLU D 255 -52.91 47.32 -25.95
N ASP D 256 -52.62 47.80 -24.75
CA ASP D 256 -51.41 47.38 -24.05
C ASP D 256 -51.46 45.91 -23.66
N LEU D 257 -52.66 45.35 -23.48
CA LEU D 257 -52.76 43.92 -23.21
C LEU D 257 -52.21 43.11 -24.37
N TYR D 258 -52.29 43.65 -25.58
CA TYR D 258 -51.71 42.95 -26.74
C TYR D 258 -50.21 42.77 -26.56
N HIS D 259 -49.50 43.85 -26.26
CA HIS D 259 -48.06 43.74 -26.06
C HIS D 259 -47.72 42.93 -24.83
N GLN D 260 -48.52 43.07 -23.76
CA GLN D 260 -48.26 42.30 -22.55
C GLN D 260 -48.39 40.80 -22.82
N LEU D 261 -49.42 40.39 -23.56
CA LEU D 261 -49.59 38.99 -23.91
C LEU D 261 -48.50 38.52 -24.86
N LEU D 262 -48.11 39.37 -25.82
CA LEU D 262 -47.08 38.97 -26.77
C LEU D 262 -45.74 38.75 -26.07
N ASN D 263 -45.40 39.60 -25.10
CA ASN D 263 -44.12 39.50 -24.42
C ASN D 263 -44.11 38.51 -23.27
N TYR D 264 -45.23 38.32 -22.59
CA TYR D 264 -45.31 37.48 -21.40
C TYR D 264 -46.48 36.51 -21.52
N PRO D 265 -46.42 35.58 -22.46
CA PRO D 265 -47.60 34.74 -22.73
C PRO D 265 -48.03 33.89 -21.55
N GLN D 266 -47.11 33.40 -20.72
CA GLN D 266 -47.49 32.45 -19.69
C GLN D 266 -48.36 33.09 -18.62
N GLU D 267 -47.83 34.11 -17.93
CA GLU D 267 -48.57 34.76 -16.86
C GLU D 267 -49.82 35.43 -17.39
N VAL D 268 -49.71 36.11 -18.53
CA VAL D 268 -50.87 36.79 -19.11
C VAL D 268 -51.95 35.79 -19.46
N ILE D 269 -51.58 34.65 -20.03
CA ILE D 269 -52.57 33.65 -20.40
C ILE D 269 -53.24 33.06 -19.17
N SER D 270 -52.48 32.83 -18.10
CA SER D 270 -53.10 32.38 -16.86
C SER D 270 -54.09 33.43 -16.32
N ILE D 271 -53.71 34.70 -16.40
CA ILE D 271 -54.59 35.78 -15.96
C ILE D 271 -55.86 35.81 -16.79
N MET D 272 -55.73 35.64 -18.12
CA MET D 272 -56.92 35.60 -18.96
C MET D 272 -57.79 34.40 -18.62
N ASP D 273 -57.19 33.27 -18.30
CA ASP D 273 -57.98 32.11 -17.91
C ASP D 273 -58.80 32.40 -16.66
N GLN D 274 -58.18 33.03 -15.66
CA GLN D 274 -58.91 33.39 -14.46
C GLN D 274 -60.00 34.40 -14.76
N THR D 275 -59.71 35.37 -15.62
CA THR D 275 -60.70 36.39 -15.96
C THR D 275 -61.89 35.78 -16.70
N ILE D 276 -61.63 34.83 -17.61
CA ILE D 276 -62.72 34.15 -18.29
C ILE D 276 -63.57 33.37 -17.29
N LYS D 277 -62.93 32.69 -16.34
CA LYS D 277 -63.70 31.98 -15.33
C LYS D 277 -64.61 32.94 -14.56
N ASP D 278 -64.05 34.06 -14.11
CA ASP D 278 -64.83 35.02 -13.33
C ASP D 278 -65.97 35.61 -14.16
N CYS D 279 -65.69 36.00 -15.40
CA CYS D 279 -66.70 36.64 -16.23
C CYS D 279 -67.80 35.65 -16.61
N MET D 280 -67.44 34.39 -16.86
CA MET D 280 -68.45 33.38 -17.15
C MET D 280 -69.33 33.12 -15.93
N VAL D 281 -68.73 33.07 -14.74
CA VAL D 281 -69.53 32.94 -13.52
C VAL D 281 -70.49 34.11 -13.39
N SER D 282 -70.00 35.32 -13.64
CA SER D 282 -70.85 36.50 -13.53
C SER D 282 -71.98 36.47 -14.55
N LEU D 283 -71.68 36.04 -15.78
CA LEU D 283 -72.72 35.95 -16.80
C LEU D 283 -73.79 34.94 -16.41
N ILE D 284 -73.38 33.79 -15.90
CA ILE D 284 -74.36 32.78 -15.50
C ILE D 284 -75.20 33.28 -14.34
N VAL D 285 -74.58 33.89 -13.35
CA VAL D 285 -75.29 34.32 -12.15
C VAL D 285 -76.27 35.45 -12.48
N ASP D 286 -75.84 36.40 -13.33
CA ASP D 286 -76.70 37.54 -13.66
C ASP D 286 -77.98 37.08 -14.36
N ASN D 287 -77.84 36.17 -15.33
CA ASN D 287 -79.01 35.65 -16.02
C ASN D 287 -79.84 34.71 -15.16
N ASN D 288 -79.34 34.32 -13.99
CA ASN D 288 -80.10 33.53 -13.01
C ASN D 288 -80.55 32.19 -13.61
N LEU D 289 -79.60 31.48 -14.21
CA LEU D 289 -79.90 30.12 -14.65
C LEU D 289 -80.11 29.21 -13.45
N ASP D 290 -81.06 28.28 -13.59
CA ASP D 290 -81.49 27.49 -12.45
C ASP D 290 -80.50 26.40 -12.08
N TYR D 291 -79.74 25.88 -13.04
CA TYR D 291 -78.88 24.73 -12.76
C TYR D 291 -77.79 25.10 -11.76
N ASP D 292 -77.35 24.09 -11.00
CA ASP D 292 -76.38 24.31 -9.94
C ASP D 292 -75.07 24.85 -10.49
N LEU D 293 -74.52 25.85 -9.79
CA LEU D 293 -73.32 26.51 -10.28
C LEU D 293 -72.07 25.66 -10.08
N ASP D 294 -72.06 24.80 -9.06
CA ASP D 294 -70.86 24.03 -8.76
C ASP D 294 -70.63 22.89 -9.75
N GLU D 295 -71.67 22.45 -10.47
CA GLU D 295 -71.50 21.39 -11.44
C GLU D 295 -70.57 21.81 -12.57
N ILE D 296 -70.71 23.06 -13.04
CA ILE D 296 -69.81 23.58 -14.06
C ILE D 296 -68.62 24.32 -13.48
N GLU D 297 -68.57 24.49 -12.15
CA GLU D 297 -67.48 25.23 -11.53
C GLU D 297 -66.14 24.54 -11.76
N THR D 298 -66.09 23.22 -11.57
CA THR D 298 -64.83 22.48 -11.64
C THR D 298 -64.56 22.13 -13.10
N LYS D 299 -63.94 23.07 -13.81
CA LYS D 299 -63.56 22.88 -15.20
C LYS D 299 -62.54 23.95 -15.56
N PHE D 300 -61.42 23.53 -16.15
CA PHE D 300 -60.35 24.45 -16.49
C PHE D 300 -60.67 25.11 -17.83
N TYR D 301 -60.87 26.43 -17.81
CA TYR D 301 -61.14 27.19 -19.02
C TYR D 301 -59.81 27.74 -19.55
N LYS D 302 -59.44 27.33 -20.74
CA LYS D 302 -58.17 27.70 -21.34
C LYS D 302 -58.41 28.65 -22.51
N VAL D 303 -57.64 29.73 -22.56
CA VAL D 303 -57.68 30.69 -23.66
C VAL D 303 -56.57 30.34 -24.63
N ARG D 304 -56.89 30.31 -25.92
CA ARG D 304 -55.94 29.89 -26.97
C ARG D 304 -55.79 31.03 -27.97
N PRO D 305 -54.93 32.00 -27.70
CA PRO D 305 -54.76 33.12 -28.62
C PRO D 305 -54.10 32.67 -29.91
N TYR D 306 -54.24 33.50 -30.94
CA TYR D 306 -53.65 33.22 -32.24
C TYR D 306 -53.52 34.52 -33.01
N ASN D 307 -52.96 34.40 -34.22
CA ASN D 307 -52.79 35.54 -35.12
C ASN D 307 -51.99 36.66 -34.47
N VAL D 308 -50.98 36.28 -33.70
CA VAL D 308 -50.15 37.25 -32.97
C VAL D 308 -49.06 37.71 -33.92
N GLY D 309 -49.38 38.74 -34.70
CA GLY D 309 -48.40 39.34 -35.59
C GLY D 309 -48.13 38.50 -36.82
N SER D 310 -47.17 38.99 -37.62
CA SER D 310 -46.76 38.29 -38.82
C SER D 310 -45.82 37.14 -38.49
N CYS D 311 -45.52 36.34 -39.51
CA CYS D 311 -44.72 35.13 -39.29
C CYS D 311 -43.33 35.47 -38.77
N LYS D 312 -42.69 36.47 -39.36
CA LYS D 312 -41.33 36.91 -39.07
C LYS D 312 -40.29 35.87 -39.45
N GLY D 313 -40.70 34.69 -39.92
CA GLY D 313 -39.77 33.60 -40.12
C GLY D 313 -39.42 32.96 -38.79
N MET D 314 -38.43 32.08 -38.83
CA MET D 314 -38.02 31.46 -37.57
C MET D 314 -36.52 31.55 -37.35
N ARG D 315 -35.72 31.52 -38.41
CA ARG D 315 -34.27 31.63 -38.25
C ARG D 315 -33.85 33.00 -37.73
N GLU D 316 -34.74 33.98 -37.75
CA GLU D 316 -34.43 35.32 -37.29
C GLU D 316 -34.72 35.53 -35.82
N LEU D 317 -35.15 34.50 -35.11
CA LEU D 317 -35.49 34.64 -33.69
C LEU D 317 -34.21 34.69 -32.87
N ASN D 318 -33.84 35.89 -32.44
CA ASN D 318 -32.70 36.05 -31.57
C ASN D 318 -33.03 35.48 -30.19
N PRO D 319 -32.00 35.11 -29.41
CA PRO D 319 -32.26 34.57 -28.07
C PRO D 319 -32.97 35.52 -27.15
N ASN D 320 -33.02 36.82 -27.46
CA ASN D 320 -33.83 37.74 -26.68
C ASN D 320 -35.32 37.50 -26.86
N ASP D 321 -35.71 36.66 -27.82
CA ASP D 321 -37.10 36.34 -28.09
C ASP D 321 -37.51 35.01 -27.48
N ILE D 322 -36.97 34.67 -26.32
CA ILE D 322 -37.33 33.45 -25.62
C ILE D 322 -38.61 33.67 -24.84
N ASP D 323 -39.49 32.68 -24.85
CA ASP D 323 -40.75 32.71 -24.09
C ASP D 323 -41.63 33.87 -24.53
N LYS D 324 -41.70 34.10 -25.83
CA LYS D 324 -42.57 35.10 -26.42
C LYS D 324 -43.47 34.42 -27.43
N LEU D 325 -44.76 34.76 -27.40
CA LEU D 325 -45.73 34.11 -28.27
C LEU D 325 -45.44 34.48 -29.72
N ILE D 326 -45.31 33.48 -30.58
CA ILE D 326 -44.93 33.68 -31.96
C ILE D 326 -45.85 32.91 -32.89
N ASN D 327 -45.86 33.31 -34.15
CA ASN D 327 -46.71 32.72 -35.18
C ASN D 327 -45.82 31.97 -36.18
N LEU D 328 -46.07 30.67 -36.31
CA LEU D 328 -45.36 29.84 -37.26
C LEU D 328 -46.36 29.09 -38.13
N LYS D 329 -45.94 28.79 -39.37
CA LYS D 329 -46.76 28.02 -40.28
C LYS D 329 -45.86 27.18 -41.16
N GLY D 330 -46.31 25.97 -41.46
CA GLY D 330 -45.53 25.09 -42.31
C GLY D 330 -46.16 23.71 -42.37
N LEU D 331 -45.51 22.85 -43.15
CA LEU D 331 -45.97 21.47 -43.30
C LEU D 331 -45.65 20.66 -42.06
N VAL D 332 -46.45 19.62 -41.83
CA VAL D 332 -46.28 18.73 -40.69
C VAL D 332 -45.67 17.44 -41.24
N LEU D 333 -44.36 17.26 -41.06
CA LEU D 333 -43.68 16.13 -41.66
C LEU D 333 -43.99 14.83 -40.92
N ARG D 334 -43.99 14.86 -39.59
CA ARG D 334 -44.13 13.64 -38.83
C ARG D 334 -44.61 13.97 -37.42
N SER D 335 -45.18 12.97 -36.75
CA SER D 335 -45.69 13.13 -35.39
C SER D 335 -45.29 11.91 -34.57
N THR D 336 -44.81 12.16 -33.36
CA THR D 336 -44.43 11.09 -32.46
C THR D 336 -45.66 10.48 -31.79
N PRO D 337 -45.56 9.24 -31.33
CA PRO D 337 -46.63 8.67 -30.52
C PRO D 337 -46.78 9.45 -29.22
N VAL D 338 -47.99 9.39 -28.65
CA VAL D 338 -48.26 10.13 -27.43
C VAL D 338 -47.34 9.65 -26.31
N ILE D 339 -46.69 10.59 -25.65
CA ILE D 339 -45.72 10.31 -24.61
C ILE D 339 -46.31 10.75 -23.28
N PRO D 340 -46.46 9.85 -22.32
CA PRO D 340 -46.97 10.25 -21.00
C PRO D 340 -46.02 11.21 -20.31
N ASP D 341 -46.58 12.14 -19.55
CA ASP D 341 -45.84 13.18 -18.84
C ASP D 341 -46.26 13.14 -17.38
N MET D 342 -45.34 12.72 -16.51
CA MET D 342 -45.65 12.67 -15.09
C MET D 342 -45.78 14.07 -14.52
N LYS D 343 -46.92 14.37 -13.91
CA LYS D 343 -47.13 15.61 -13.19
C LYS D 343 -47.22 15.41 -11.68
N VAL D 344 -47.87 14.34 -11.24
CA VAL D 344 -48.01 14.01 -9.83
C VAL D 344 -47.45 12.61 -9.63
N ALA D 345 -46.53 12.47 -8.68
CA ALA D 345 -45.88 11.20 -8.39
C ALA D 345 -46.40 10.63 -7.08
N PHE D 346 -46.47 9.30 -7.02
CA PHE D 346 -46.99 8.57 -5.87
C PHE D 346 -45.87 7.71 -5.30
N PHE D 347 -45.35 8.11 -4.14
CA PHE D 347 -44.42 7.27 -3.40
C PHE D 347 -45.16 6.48 -2.35
N LYS D 348 -44.44 5.55 -1.70
CA LYS D 348 -45.04 4.73 -0.66
C LYS D 348 -43.93 4.14 0.20
N CYS D 349 -43.91 4.52 1.48
CA CYS D 349 -43.03 3.84 2.43
C CYS D 349 -43.52 2.40 2.60
N ASN D 350 -42.70 1.45 2.19
CA ASN D 350 -43.15 0.06 2.10
C ASN D 350 -43.57 -0.49 3.45
N VAL D 351 -42.84 -0.13 4.51
CA VAL D 351 -43.17 -0.66 5.83
C VAL D 351 -44.45 -0.03 6.36
N CYS D 352 -44.62 1.27 6.19
CA CYS D 352 -45.77 1.97 6.77
C CYS D 352 -46.95 2.10 5.81
N ASP D 353 -46.76 1.75 4.53
CA ASP D 353 -47.85 1.70 3.55
C ASP D 353 -48.57 3.05 3.44
N HIS D 354 -47.82 4.14 3.53
CA HIS D 354 -48.37 5.48 3.46
C HIS D 354 -48.14 6.04 2.06
N THR D 355 -49.24 6.31 1.34
CA THR D 355 -49.15 6.88 0.01
C THR D 355 -48.69 8.33 0.09
N MET D 356 -47.99 8.77 -0.95
CA MET D 356 -47.37 10.09 -0.99
C MET D 356 -47.90 10.83 -2.21
N ALA D 357 -48.00 12.16 -2.10
CA ALA D 357 -48.46 13.00 -3.19
C ALA D 357 -47.57 14.23 -3.25
N VAL D 358 -46.83 14.37 -4.34
CA VAL D 358 -46.00 15.55 -4.58
C VAL D 358 -46.30 16.05 -5.99
N GLU D 359 -46.52 17.36 -6.12
CA GLU D 359 -46.79 17.96 -7.41
C GLU D 359 -45.49 18.23 -8.16
N ILE D 360 -45.63 18.86 -9.33
CA ILE D 360 -44.49 19.21 -10.18
C ILE D 360 -44.30 20.72 -10.11
N ASP D 361 -43.04 21.13 -9.96
CA ASP D 361 -42.68 22.55 -9.96
C ASP D 361 -41.45 22.72 -10.84
N ARG D 362 -41.65 23.28 -12.03
CA ARG D 362 -40.56 23.46 -13.01
C ARG D 362 -39.90 22.13 -13.34
N GLY D 363 -40.71 21.08 -13.47
CA GLY D 363 -40.21 19.81 -13.95
C GLY D 363 -39.53 18.92 -12.93
N VAL D 364 -39.68 19.20 -11.64
CA VAL D 364 -39.10 18.36 -10.60
C VAL D 364 -40.19 17.99 -9.59
N ILE D 365 -40.17 16.75 -9.16
CA ILE D 365 -41.06 16.23 -8.13
C ILE D 365 -40.16 15.74 -6.99
N GLN D 366 -40.06 16.55 -5.94
CA GLN D 366 -39.07 16.30 -4.90
C GLN D 366 -39.27 14.94 -4.25
N GLU D 367 -38.17 14.24 -3.98
CA GLU D 367 -38.20 12.99 -3.26
C GLU D 367 -38.13 13.27 -1.76
N PRO D 368 -39.15 12.90 -0.98
CA PRO D 368 -39.08 13.11 0.48
C PRO D 368 -38.26 12.01 1.13
N ALA D 369 -37.30 12.40 1.97
CA ALA D 369 -36.49 11.42 2.68
C ALA D 369 -37.29 10.75 3.78
N ARG D 370 -37.78 11.54 4.74
CA ARG D 370 -38.69 11.03 5.75
C ARG D 370 -40.11 10.96 5.19
N CYS D 371 -41.02 10.40 5.98
CA CYS D 371 -42.41 10.34 5.58
C CYS D 371 -43.08 11.70 5.77
N GLU D 372 -44.19 11.88 5.04
CA GLU D 372 -44.97 13.11 5.16
C GLU D 372 -45.55 13.25 6.57
N ARG D 373 -46.08 12.16 7.11
CA ARG D 373 -46.58 12.17 8.48
C ARG D 373 -45.45 11.81 9.44
N ILE D 374 -45.81 11.55 10.69
CA ILE D 374 -44.84 11.28 11.74
C ILE D 374 -44.83 9.81 12.15
N ASP D 375 -45.18 8.90 11.22
CA ASP D 375 -45.21 7.48 11.57
C ASP D 375 -43.81 6.90 11.72
N CYS D 376 -42.90 7.25 10.81
CA CYS D 376 -41.55 6.70 10.84
C CYS D 376 -40.61 7.63 10.08
N ASN D 377 -39.34 7.59 10.45
CA ASN D 377 -38.29 8.39 9.82
C ASN D 377 -37.12 7.50 9.46
N GLU D 378 -36.94 7.23 8.17
CA GLU D 378 -35.88 6.39 7.65
C GLU D 378 -35.17 7.10 6.50
N PRO D 379 -33.90 6.79 6.24
CA PRO D 379 -33.20 7.44 5.13
C PRO D 379 -33.79 7.11 3.77
N ASN D 380 -33.91 5.83 3.44
CA ASN D 380 -34.57 5.38 2.21
C ASN D 380 -35.80 4.59 2.63
N SER D 381 -36.90 5.32 2.87
CA SER D 381 -38.11 4.76 3.42
C SER D 381 -39.16 4.43 2.36
N MET D 382 -39.34 5.29 1.37
CA MET D 382 -40.37 5.13 0.36
C MET D 382 -39.75 4.71 -0.97
N SER D 383 -40.60 4.13 -1.82
CA SER D 383 -40.22 3.74 -3.18
C SER D 383 -41.24 4.29 -4.16
N LEU D 384 -40.75 4.76 -5.30
CA LEU D 384 -41.64 5.31 -6.32
C LEU D 384 -42.39 4.19 -7.04
N ILE D 385 -43.70 4.36 -7.16
CA ILE D 385 -44.53 3.46 -7.96
C ILE D 385 -45.04 4.27 -9.14
N HIS D 386 -44.43 4.04 -10.31
CA HIS D 386 -44.73 4.87 -11.47
C HIS D 386 -46.17 4.74 -11.91
N ASN D 387 -46.72 3.52 -11.88
CA ASN D 387 -48.07 3.30 -12.37
C ASN D 387 -49.09 4.08 -11.55
N ARG D 388 -48.86 4.22 -10.25
CA ARG D 388 -49.80 4.97 -9.42
C ARG D 388 -49.78 6.45 -9.74
N CYS D 389 -48.68 6.95 -10.32
CA CYS D 389 -48.53 8.38 -10.56
C CYS D 389 -49.54 8.86 -11.60
N SER D 390 -49.64 10.18 -11.71
CA SER D 390 -50.54 10.83 -12.66
C SER D 390 -49.73 11.29 -13.87
N PHE D 391 -50.20 10.93 -15.06
CA PHE D 391 -49.50 11.23 -16.30
C PHE D 391 -50.38 12.05 -17.23
N ALA D 392 -49.79 13.08 -17.82
CA ALA D 392 -50.44 13.88 -18.84
C ALA D 392 -49.87 13.53 -20.20
N ASP D 393 -50.62 13.87 -21.24
CA ASP D 393 -50.25 13.51 -22.61
C ASP D 393 -49.44 14.60 -23.28
N LYS D 394 -48.35 14.18 -23.94
CA LYS D 394 -47.48 15.09 -24.68
C LYS D 394 -47.07 14.42 -25.98
N GLN D 395 -47.19 15.14 -27.08
CA GLN D 395 -46.81 14.62 -28.39
C GLN D 395 -45.87 15.60 -29.06
N VAL D 396 -44.82 15.09 -29.69
CA VAL D 396 -43.84 15.90 -30.39
C VAL D 396 -44.15 15.86 -31.88
N ILE D 397 -44.32 17.03 -32.48
CA ILE D 397 -44.64 17.15 -33.90
C ILE D 397 -43.49 17.85 -34.59
N LYS D 398 -43.01 17.28 -35.69
CA LYS D 398 -41.97 17.89 -36.48
C LYS D 398 -42.59 18.70 -37.60
N LEU D 399 -42.34 20.01 -37.60
CA LEU D 399 -42.86 20.91 -38.60
C LEU D 399 -41.71 21.45 -39.45
N GLN D 400 -41.94 21.57 -40.74
CA GLN D 400 -40.97 22.13 -41.67
C GLN D 400 -41.39 23.54 -42.04
N GLU D 401 -40.45 24.48 -41.92
CA GLU D 401 -40.77 25.89 -42.08
C GLU D 401 -41.15 26.22 -43.52
N THR D 402 -42.17 27.04 -43.68
CA THR D 402 -42.53 27.64 -44.97
C THR D 402 -42.78 29.12 -44.77
N PRO D 403 -41.73 29.91 -44.53
CA PRO D 403 -41.92 31.35 -44.34
C PRO D 403 -42.28 32.03 -45.65
N ASP D 404 -42.97 33.16 -45.53
CA ASP D 404 -43.24 33.98 -46.72
C ASP D 404 -41.94 34.49 -47.32
N PHE D 405 -41.01 34.94 -46.48
CA PHE D 405 -39.74 35.50 -46.92
C PHE D 405 -38.61 34.62 -46.42
N VAL D 406 -37.68 34.30 -47.30
CA VAL D 406 -36.55 33.42 -46.97
C VAL D 406 -35.26 34.11 -47.39
N PRO D 407 -34.25 34.16 -46.53
CA PRO D 407 -32.98 34.76 -46.92
C PRO D 407 -32.30 33.95 -48.01
N ASP D 408 -31.44 34.63 -48.76
CA ASP D 408 -30.77 33.99 -49.89
C ASP D 408 -29.93 32.81 -49.44
N GLY D 409 -30.01 31.72 -50.19
CA GLY D 409 -29.18 30.56 -49.93
C GLY D 409 -29.58 29.76 -48.72
N GLN D 410 -30.85 29.83 -48.31
CA GLN D 410 -31.32 29.12 -47.12
C GLN D 410 -32.18 27.93 -47.53
N THR D 411 -31.84 26.77 -47.01
CA THR D 411 -32.68 25.59 -47.18
C THR D 411 -33.83 25.62 -46.17
N PRO D 412 -34.93 24.95 -46.48
CA PRO D 412 -36.03 24.87 -45.51
C PRO D 412 -35.58 24.26 -44.20
N HIS D 413 -36.05 24.83 -43.10
CA HIS D 413 -35.57 24.47 -41.78
C HIS D 413 -36.55 23.44 -41.21
N SER D 414 -36.42 23.14 -39.93
CA SER D 414 -37.33 22.21 -39.27
C SER D 414 -37.32 22.49 -37.79
N ILE D 415 -38.51 22.68 -37.21
CA ILE D 415 -38.66 23.00 -35.80
C ILE D 415 -39.55 21.93 -35.17
N SER D 416 -39.19 21.52 -33.96
CA SER D 416 -39.90 20.46 -33.26
C SER D 416 -41.02 21.09 -32.44
N LEU D 417 -42.26 20.85 -32.84
CA LEU D 417 -43.40 21.32 -32.07
C LEU D 417 -43.72 20.36 -30.94
N CYS D 418 -44.21 20.91 -29.84
CA CYS D 418 -44.65 20.12 -28.69
C CYS D 418 -46.06 20.52 -28.36
N VAL D 419 -46.97 19.55 -28.32
CA VAL D 419 -48.38 19.80 -28.05
C VAL D 419 -48.77 19.13 -26.75
N TYR D 420 -49.90 19.55 -26.19
CA TYR D 420 -50.35 19.03 -24.91
C TYR D 420 -51.87 18.96 -24.88
N ASP D 421 -52.37 18.11 -23.99
CA ASP D 421 -53.79 18.01 -23.62
C ASP D 421 -54.61 17.67 -24.87
N GLU D 422 -55.68 18.41 -25.18
CA GLU D 422 -56.59 18.02 -26.24
C GLU D 422 -55.96 18.10 -27.62
N LEU D 423 -54.86 18.84 -27.77
CA LEU D 423 -54.23 18.99 -29.07
C LEU D 423 -53.50 17.73 -29.54
N VAL D 424 -53.40 16.72 -28.68
CA VAL D 424 -52.74 15.48 -29.07
C VAL D 424 -53.49 14.85 -30.23
N ASP D 425 -52.76 14.40 -31.24
CA ASP D 425 -53.28 13.74 -32.43
C ASP D 425 -54.22 14.63 -33.24
N SER D 426 -54.29 15.92 -32.92
CA SER D 426 -55.12 16.83 -33.71
C SER D 426 -54.57 16.99 -35.11
N CYS D 427 -53.25 17.11 -35.24
CA CYS D 427 -52.60 17.36 -36.52
C CYS D 427 -52.04 16.06 -37.08
N ARG D 428 -52.43 15.73 -38.30
CA ARG D 428 -51.88 14.60 -39.02
C ARG D 428 -50.74 15.06 -39.92
N ALA D 429 -49.95 14.09 -40.40
CA ALA D 429 -48.82 14.42 -41.26
C ALA D 429 -49.30 14.98 -42.59
N GLY D 430 -48.51 15.89 -43.14
CA GLY D 430 -48.82 16.49 -44.43
C GLY D 430 -49.79 17.65 -44.38
N ASP D 431 -50.19 18.09 -43.20
CA ASP D 431 -51.16 19.17 -43.06
C ASP D 431 -50.43 20.50 -43.01
N ARG D 432 -50.70 21.37 -43.99
CA ARG D 432 -50.17 22.73 -43.93
C ARG D 432 -50.94 23.49 -42.86
N ILE D 433 -50.29 23.74 -41.73
CA ILE D 433 -50.97 24.35 -40.60
C ILE D 433 -50.39 25.73 -40.31
N GLU D 434 -50.98 26.42 -39.32
CA GLU D 434 -50.52 27.74 -38.90
C GLU D 434 -50.57 27.73 -37.38
N VAL D 435 -49.41 27.48 -36.75
CA VAL D 435 -49.33 27.15 -35.34
C VAL D 435 -48.83 28.36 -34.57
N THR D 436 -49.47 28.65 -33.44
CA THR D 436 -49.05 29.71 -32.53
C THR D 436 -48.62 29.08 -31.22
N GLY D 437 -47.51 29.55 -30.68
CA GLY D 437 -47.01 28.98 -29.44
C GLY D 437 -45.93 29.83 -28.83
N THR D 438 -45.32 29.28 -27.79
CA THR D 438 -44.31 29.99 -27.01
C THR D 438 -42.93 29.46 -27.36
N PHE D 439 -42.03 30.36 -27.75
CA PHE D 439 -40.66 29.97 -28.03
C PHE D 439 -39.98 29.50 -26.76
N ARG D 440 -39.29 28.37 -26.84
CA ARG D 440 -38.68 27.79 -25.65
C ARG D 440 -37.28 27.29 -25.97
N SER D 441 -36.35 27.50 -25.04
CA SER D 441 -35.00 26.96 -25.12
C SER D 441 -34.73 26.12 -23.90
N ILE D 442 -34.11 24.95 -24.11
CA ILE D 442 -33.89 24.00 -23.04
C ILE D 442 -32.45 23.49 -23.07
N PRO D 443 -31.78 23.38 -21.93
CA PRO D 443 -30.46 22.74 -21.91
C PRO D 443 -30.56 21.28 -22.30
N ILE D 444 -29.51 20.79 -22.96
CA ILE D 444 -29.47 19.42 -23.44
C ILE D 444 -28.33 18.68 -22.75
N ARG D 445 -28.53 17.39 -22.51
CA ARG D 445 -27.57 16.60 -21.76
C ARG D 445 -26.53 15.99 -22.67
N ALA D 446 -25.29 15.93 -22.19
CA ALA D 446 -24.23 15.27 -22.94
C ALA D 446 -24.46 13.76 -22.96
N ASN D 447 -23.96 13.13 -24.02
CA ASN D 447 -24.22 11.71 -24.25
C ASN D 447 -23.51 10.87 -23.19
N SER D 448 -24.30 10.20 -22.35
CA SER D 448 -23.81 9.25 -21.35
C SER D 448 -22.94 9.93 -20.30
N ARG D 449 -22.82 11.25 -20.36
CA ARG D 449 -22.17 12.02 -19.31
C ARG D 449 -23.26 12.49 -18.35
N GLN D 450 -23.29 11.88 -17.16
CA GLN D 450 -24.41 12.08 -16.26
C GLN D 450 -24.49 13.52 -15.77
N ARG D 451 -25.57 14.20 -16.17
CA ARG D 451 -25.96 15.48 -15.59
C ARG D 451 -24.94 16.57 -15.91
N VAL D 452 -24.48 16.58 -17.16
CA VAL D 452 -23.69 17.67 -17.70
C VAL D 452 -24.42 18.22 -18.92
N LEU D 453 -24.68 19.52 -18.92
CA LEU D 453 -25.48 20.16 -19.96
C LEU D 453 -24.60 20.99 -20.85
N LYS D 454 -24.78 20.85 -22.17
CA LYS D 454 -24.09 21.69 -23.12
C LYS D 454 -24.57 23.13 -22.99
N SER D 455 -23.64 24.08 -23.13
CA SER D 455 -23.99 25.48 -22.99
C SER D 455 -24.99 25.91 -24.05
N LEU D 456 -24.80 25.47 -25.29
CA LEU D 456 -25.69 25.82 -26.39
C LEU D 456 -27.06 25.19 -26.15
N TYR D 457 -28.06 26.02 -25.91
CA TYR D 457 -29.41 25.54 -25.65
C TYR D 457 -30.09 25.08 -26.92
N LYS D 458 -31.01 24.14 -26.77
CA LYS D 458 -31.83 23.66 -27.87
C LYS D 458 -33.18 24.37 -27.84
N THR D 459 -33.59 24.91 -28.99
CA THR D 459 -34.80 25.70 -29.09
C THR D 459 -35.94 24.86 -29.65
N TYR D 460 -37.10 24.95 -29.01
CA TYR D 460 -38.32 24.32 -29.51
C TYR D 460 -39.49 25.25 -29.22
N VAL D 461 -40.59 25.01 -29.91
CA VAL D 461 -41.75 25.88 -29.85
C VAL D 461 -42.91 25.13 -29.20
N ASP D 462 -43.52 25.75 -28.20
CA ASP D 462 -44.74 25.21 -27.63
C ASP D 462 -45.91 25.46 -28.56
N VAL D 463 -47.07 24.90 -28.22
CA VAL D 463 -48.25 25.01 -29.06
C VAL D 463 -49.45 25.39 -28.18
N VAL D 464 -50.14 26.46 -28.55
CA VAL D 464 -51.39 26.85 -27.91
C VAL D 464 -52.56 26.80 -28.87
N HIS D 465 -52.37 27.21 -30.12
CA HIS D 465 -53.44 27.22 -31.10
C HIS D 465 -52.95 26.70 -32.43
N VAL D 466 -53.84 26.02 -33.15
CA VAL D 466 -53.55 25.49 -34.47
C VAL D 466 -54.69 25.90 -35.40
N LYS D 467 -54.35 26.47 -36.54
CA LYS D 467 -55.34 26.92 -37.51
C LYS D 467 -55.21 26.07 -38.78
N LYS D 468 -55.89 24.93 -38.79
CA LYS D 468 -55.86 24.06 -39.95
C LYS D 468 -56.59 24.68 -41.13
N VAL D 469 -57.79 25.20 -40.89
CA VAL D 469 -58.62 25.72 -41.96
C VAL D 469 -58.11 27.09 -42.40
N SER D 470 -57.93 27.26 -43.71
CA SER D 470 -57.53 28.52 -44.29
C SER D 470 -58.41 28.82 -45.49
N ASP D 471 -58.68 30.11 -45.69
CA ASP D 471 -59.56 30.52 -46.78
C ASP D 471 -58.85 30.61 -48.12
N LYS D 472 -57.52 30.49 -48.14
CA LYS D 472 -56.79 30.42 -49.39
C LYS D 472 -56.77 29.02 -49.99
N ARG D 473 -57.22 28.01 -49.25
CA ARG D 473 -57.14 26.63 -49.69
C ARG D 473 -58.48 25.95 -49.44
N LEU D 474 -58.73 24.87 -50.19
CA LEU D 474 -59.91 24.07 -49.95
C LEU D 474 -59.84 23.41 -48.58
N ASP D 475 -61.01 23.13 -48.01
CA ASP D 475 -61.06 22.48 -46.71
C ASP D 475 -60.65 21.01 -46.83
N VAL D 476 -60.18 20.46 -45.71
CA VAL D 476 -59.77 19.07 -45.67
C VAL D 476 -60.98 18.18 -45.93
N ASP D 477 -60.77 17.13 -46.72
CA ASP D 477 -61.86 16.23 -47.09
C ASP D 477 -62.47 15.58 -45.85
N THR D 478 -63.80 15.60 -45.78
CA THR D 478 -64.48 15.00 -44.64
C THR D 478 -64.39 13.48 -44.67
N SER D 479 -64.38 12.89 -45.86
CA SER D 479 -64.38 11.44 -45.97
C SER D 479 -63.13 10.83 -45.36
N THR D 480 -61.97 11.42 -45.62
CA THR D 480 -60.71 10.84 -45.13
C THR D 480 -60.62 10.89 -43.62
N ILE D 481 -61.10 11.98 -43.00
CA ILE D 481 -60.98 12.16 -41.56
C ILE D 481 -62.27 11.81 -40.84
N GLU D 482 -63.20 11.11 -41.50
CA GLU D 482 -64.48 10.80 -40.87
C GLU D 482 -64.29 9.92 -39.64
N GLN D 483 -63.41 8.91 -39.73
CA GLN D 483 -63.15 8.06 -38.58
C GLN D 483 -62.50 8.85 -37.45
N GLU D 484 -61.55 9.73 -37.79
CA GLU D 484 -60.85 10.51 -36.77
C GLU D 484 -61.75 11.57 -36.13
N LEU D 485 -62.86 11.93 -36.78
CA LEU D 485 -63.76 12.94 -36.21
C LEU D 485 -64.40 12.44 -34.92
N MET D 486 -64.78 11.15 -34.87
CA MET D 486 -65.34 10.61 -33.64
C MET D 486 -64.33 10.61 -32.51
N GLN D 487 -63.08 10.24 -32.81
CA GLN D 487 -62.04 10.29 -31.79
C GLN D 487 -61.79 11.71 -31.32
N ASN D 488 -61.83 12.68 -32.24
CA ASN D 488 -61.71 14.08 -31.85
C ASN D 488 -62.86 14.51 -30.94
N LYS D 489 -64.07 14.05 -31.26
CA LYS D 489 -65.22 14.33 -30.40
C LYS D 489 -65.00 13.75 -29.01
N VAL D 490 -64.44 12.53 -28.94
CA VAL D 490 -64.10 11.94 -27.65
C VAL D 490 -63.08 12.81 -26.93
N ASP D 491 -62.06 13.27 -27.65
CA ASP D 491 -61.04 14.11 -27.04
C ASP D 491 -61.54 15.52 -26.77
N HIS D 492 -62.52 15.98 -27.56
CA HIS D 492 -62.99 17.37 -27.52
C HIS D 492 -61.82 18.32 -27.71
N ASN D 493 -61.07 18.10 -28.80
CA ASN D 493 -59.88 18.91 -29.07
C ASN D 493 -60.23 20.36 -29.35
N GLU D 494 -61.44 20.62 -29.84
CA GLU D 494 -61.95 21.96 -30.14
C GLU D 494 -61.11 22.66 -31.21
N VAL D 495 -60.36 21.91 -32.00
CA VAL D 495 -59.68 22.45 -33.17
C VAL D 495 -60.69 22.52 -34.31
N GLU D 496 -60.70 23.64 -35.03
CA GLU D 496 -61.57 23.77 -36.18
C GLU D 496 -61.02 22.94 -37.33
N GLU D 497 -61.36 21.65 -37.36
CA GLU D 497 -60.88 20.77 -38.42
C GLU D 497 -61.43 21.20 -39.77
N VAL D 498 -62.72 21.52 -39.82
CA VAL D 498 -63.39 21.88 -41.06
C VAL D 498 -64.09 23.21 -40.85
N ARG D 499 -63.92 24.12 -41.81
CA ARG D 499 -64.56 25.42 -41.73
C ARG D 499 -66.08 25.29 -41.80
N GLN D 500 -66.78 26.06 -40.99
CA GLN D 500 -68.23 26.05 -40.97
C GLN D 500 -68.77 27.02 -42.03
N ILE D 501 -69.98 26.72 -42.51
CA ILE D 501 -70.59 27.48 -43.59
C ILE D 501 -71.70 28.35 -43.03
N THR D 502 -71.62 29.65 -43.30
CA THR D 502 -72.63 30.58 -42.85
C THR D 502 -73.90 30.43 -43.70
N ASP D 503 -75.05 30.76 -43.10
CA ASP D 503 -76.32 30.55 -43.77
C ASP D 503 -76.45 31.42 -45.02
N GLN D 504 -76.17 32.72 -44.90
CA GLN D 504 -76.24 33.59 -46.07
C GLN D 504 -75.21 33.17 -47.11
N ASP D 505 -74.07 32.64 -46.68
CA ASP D 505 -73.11 32.10 -47.64
C ASP D 505 -73.68 30.88 -48.35
N LEU D 506 -74.45 30.05 -47.65
CA LEU D 506 -75.10 28.93 -48.32
C LEU D 506 -76.13 29.43 -49.32
N ALA D 507 -76.86 30.50 -48.99
CA ALA D 507 -77.79 31.07 -49.94
C ALA D 507 -77.06 31.60 -51.18
N LYS D 508 -75.90 32.23 -50.97
CA LYS D 508 -75.10 32.68 -52.10
C LYS D 508 -74.61 31.51 -52.94
N ILE D 509 -74.26 30.40 -52.27
CA ILE D 509 -73.88 29.19 -52.99
C ILE D 509 -75.04 28.73 -53.88
N ARG D 510 -76.25 28.72 -53.31
CA ARG D 510 -77.42 28.28 -54.07
C ARG D 510 -77.67 29.18 -55.26
N GLU D 511 -77.59 30.50 -55.07
CA GLU D 511 -77.86 31.40 -56.18
C GLU D 511 -76.79 31.29 -57.26
N VAL D 512 -75.54 31.08 -56.86
CA VAL D 512 -74.49 30.90 -57.86
C VAL D 512 -74.70 29.61 -58.63
N ALA D 513 -75.13 28.55 -57.95
CA ALA D 513 -75.48 27.31 -58.66
C ALA D 513 -76.65 27.54 -59.60
N ALA D 514 -77.56 28.45 -59.26
CA ALA D 514 -78.68 28.76 -60.13
C ALA D 514 -78.26 29.47 -61.41
N ARG D 515 -77.02 29.94 -61.51
CA ARG D 515 -76.58 30.67 -62.68
C ARG D 515 -76.52 29.75 -63.89
N GLU D 516 -76.79 30.34 -65.07
CA GLU D 516 -76.77 29.56 -66.30
C GLU D 516 -75.36 29.12 -66.67
N ASP D 517 -74.41 30.05 -66.67
CA ASP D 517 -73.03 29.72 -66.98
C ASP D 517 -72.23 29.43 -65.71
N LEU D 518 -72.78 28.54 -64.88
CA LEU D 518 -72.03 28.09 -63.71
C LEU D 518 -70.77 27.37 -64.11
N TYR D 519 -70.85 26.55 -65.16
CA TYR D 519 -69.73 25.70 -65.52
C TYR D 519 -68.55 26.54 -66.02
N SER D 520 -68.82 27.46 -66.96
CA SER D 520 -67.76 28.34 -67.45
C SER D 520 -67.21 29.23 -66.35
N LEU D 521 -68.10 29.78 -65.51
CA LEU D 521 -67.64 30.68 -64.46
C LEU D 521 -66.72 29.98 -63.48
N LEU D 522 -67.12 28.81 -63.00
CA LEU D 522 -66.26 28.06 -62.09
C LEU D 522 -64.97 27.65 -62.77
N ALA D 523 -65.04 27.23 -64.04
CA ALA D 523 -63.81 26.81 -64.73
C ALA D 523 -62.83 27.97 -64.84
N ARG D 524 -63.32 29.15 -65.24
CA ARG D 524 -62.42 30.29 -65.43
C ARG D 524 -62.01 30.93 -64.11
N SER D 525 -62.74 30.70 -63.03
CA SER D 525 -62.27 31.14 -61.72
C SER D 525 -61.16 30.27 -61.18
N ILE D 526 -60.87 29.14 -61.82
CA ILE D 526 -59.73 28.31 -61.49
C ILE D 526 -58.56 28.77 -62.35
N ALA D 527 -57.47 29.18 -61.69
CA ALA D 527 -56.31 29.75 -62.37
C ALA D 527 -56.74 30.92 -63.24
N PRO D 528 -57.19 32.03 -62.66
CA PRO D 528 -57.65 33.16 -63.48
C PRO D 528 -56.60 33.71 -64.42
N SER D 529 -55.34 33.65 -64.04
CA SER D 529 -54.29 34.24 -64.87
C SER D 529 -54.10 33.50 -66.18
N ILE D 530 -54.35 32.19 -66.20
CA ILE D 530 -54.19 31.42 -67.43
C ILE D 530 -55.22 31.87 -68.46
N TYR D 531 -54.83 31.86 -69.73
CA TYR D 531 -55.66 32.38 -70.80
C TYR D 531 -55.97 31.31 -71.83
N GLU D 532 -57.25 31.25 -72.22
CA GLU D 532 -57.75 30.35 -73.30
C GLU D 532 -57.31 28.91 -73.17
N LEU D 533 -57.48 28.30 -72.00
CA LEU D 533 -57.21 26.85 -71.85
C LEU D 533 -58.44 26.30 -71.17
N GLU D 534 -59.62 26.65 -71.68
CA GLU D 534 -60.87 26.29 -70.98
C GLU D 534 -61.04 24.78 -70.83
N ASP D 535 -60.74 23.97 -71.83
CA ASP D 535 -61.00 22.52 -71.65
C ASP D 535 -60.13 22.02 -70.51
N VAL D 536 -58.85 22.41 -70.49
CA VAL D 536 -57.93 21.97 -69.41
C VAL D 536 -58.40 22.54 -68.09
N LYS D 537 -58.81 23.80 -68.07
CA LYS D 537 -59.19 24.37 -66.77
C LYS D 537 -60.38 23.56 -66.26
N LYS D 538 -61.29 23.20 -67.16
CA LYS D 538 -62.47 22.41 -66.77
C LYS D 538 -61.99 21.14 -66.08
N GLY D 539 -61.30 20.27 -66.83
CA GLY D 539 -60.86 19.02 -66.26
C GLY D 539 -60.26 19.19 -64.88
N ILE D 540 -59.49 20.26 -64.69
CA ILE D 540 -58.90 20.52 -63.38
C ILE D 540 -59.98 20.71 -62.33
N LEU D 541 -61.02 21.48 -62.67
CA LEU D 541 -62.11 21.70 -61.72
C LEU D 541 -62.85 20.41 -61.41
N LEU D 542 -63.12 19.61 -62.44
CA LEU D 542 -63.79 18.33 -62.21
C LEU D 542 -62.94 17.43 -61.32
N GLN D 543 -61.62 17.49 -61.45
CA GLN D 543 -60.74 16.80 -60.53
C GLN D 543 -60.88 17.37 -59.12
N LEU D 544 -60.97 18.69 -59.00
CA LEU D 544 -61.07 19.31 -57.69
C LEU D 544 -62.36 18.90 -56.98
N PHE D 545 -63.42 18.63 -57.72
CA PHE D 545 -64.65 18.15 -57.09
C PHE D 545 -64.57 16.67 -56.77
N GLY D 546 -64.41 15.84 -57.78
CA GLY D 546 -64.23 14.41 -57.54
C GLY D 546 -65.52 13.64 -57.58
N GLY D 547 -65.41 12.35 -57.91
CA GLY D 547 -66.57 11.50 -57.99
C GLY D 547 -67.04 11.01 -56.62
N THR D 548 -68.17 10.33 -56.63
CA THR D 548 -68.76 9.84 -55.38
C THR D 548 -67.88 8.75 -54.78
N ASN D 549 -67.58 8.89 -53.48
CA ASN D 549 -66.75 7.91 -52.77
C ASN D 549 -67.66 6.81 -52.25
N LYS D 550 -68.05 5.93 -53.17
CA LYS D 550 -68.94 4.83 -52.83
C LYS D 550 -68.26 3.85 -51.88
N THR D 551 -69.02 3.37 -50.91
CA THR D 551 -68.52 2.47 -49.88
C THR D 551 -69.26 1.15 -49.96
N PHE D 552 -68.66 0.15 -50.60
CA PHE D 552 -69.26 -1.18 -50.69
C PHE D 552 -69.21 -1.82 -49.32
N THR D 553 -70.34 -1.80 -48.61
CA THR D 553 -70.35 -2.28 -47.23
C THR D 553 -70.13 -3.78 -47.13
N LYS D 554 -70.27 -4.52 -48.24
CA LYS D 554 -69.94 -5.94 -48.21
C LYS D 554 -68.44 -6.15 -48.13
N GLY D 555 -67.67 -5.24 -48.73
CA GLY D 555 -66.23 -5.36 -48.78
C GLY D 555 -65.67 -4.67 -50.01
N GLY D 556 -64.57 -3.93 -49.85
CA GLY D 556 -64.03 -3.12 -50.91
C GLY D 556 -64.66 -1.74 -50.96
N ARG D 557 -64.08 -0.90 -51.81
CA ARG D 557 -64.56 0.47 -51.94
C ARG D 557 -64.11 1.04 -53.27
N TYR D 558 -64.79 2.09 -53.71
CA TYR D 558 -64.42 2.84 -54.89
C TYR D 558 -64.26 4.30 -54.49
N ARG D 559 -63.13 4.90 -54.85
CA ARG D 559 -62.87 6.29 -54.54
C ARG D 559 -63.08 7.16 -55.76
N GLY D 560 -63.53 8.39 -55.52
CA GLY D 560 -63.89 9.29 -56.60
C GLY D 560 -62.79 10.21 -57.05
N ASP D 561 -61.54 9.77 -56.93
CA ASP D 561 -60.42 10.57 -57.39
C ASP D 561 -60.29 10.47 -58.91
N ILE D 562 -59.97 11.59 -59.55
CA ILE D 562 -59.73 11.64 -60.98
C ILE D 562 -58.31 12.12 -61.20
N ASN D 563 -57.57 11.41 -62.03
CA ASN D 563 -56.19 11.76 -62.35
C ASN D 563 -56.10 12.32 -63.76
N ILE D 564 -55.29 13.36 -63.91
CA ILE D 564 -55.20 14.12 -65.16
C ILE D 564 -53.75 14.10 -65.62
N LEU D 565 -53.55 13.92 -66.92
CA LEU D 565 -52.24 14.00 -67.55
C LEU D 565 -52.25 15.13 -68.58
N LEU D 566 -51.18 15.91 -68.60
CA LEU D 566 -51.04 17.05 -69.50
C LEU D 566 -49.75 16.89 -70.29
N CYS D 567 -49.84 16.17 -71.40
CA CYS D 567 -48.68 16.00 -72.29
C CYS D 567 -48.78 17.07 -73.35
N GLY D 568 -47.89 18.05 -73.33
CA GLY D 568 -48.10 19.17 -74.25
C GLY D 568 -46.83 19.85 -74.68
N ASP D 569 -46.94 20.73 -75.67
CA ASP D 569 -45.75 21.42 -76.21
C ASP D 569 -45.22 22.35 -75.13
N PRO D 570 -43.97 22.83 -75.23
CA PRO D 570 -43.40 23.64 -74.17
C PRO D 570 -44.09 25.00 -74.09
N SER D 571 -43.96 25.67 -72.95
CA SER D 571 -44.51 27.04 -72.77
C SER D 571 -46.01 27.06 -73.08
N THR D 572 -46.76 26.10 -72.56
CA THR D 572 -48.22 26.14 -72.73
C THR D 572 -48.92 26.39 -71.39
N SER D 573 -48.19 26.74 -70.34
CA SER D 573 -48.77 27.12 -69.02
C SER D 573 -49.16 25.94 -68.14
N LYS D 574 -48.69 24.75 -68.46
CA LYS D 574 -49.05 23.54 -67.72
C LYS D 574 -48.45 23.58 -66.32
N SER D 575 -47.18 23.99 -66.21
CA SER D 575 -46.55 24.08 -64.89
C SER D 575 -47.27 25.11 -64.03
N GLN D 576 -47.71 26.22 -64.62
CA GLN D 576 -48.45 27.22 -63.86
C GLN D 576 -49.76 26.65 -63.33
N ILE D 577 -50.45 25.85 -64.15
CA ILE D 577 -51.69 25.22 -63.71
C ILE D 577 -51.41 24.28 -62.55
N LEU D 578 -50.33 23.49 -62.66
CA LEU D 578 -49.97 22.61 -61.56
C LEU D 578 -49.68 23.39 -60.29
N GLN D 579 -48.99 24.53 -60.43
CA GLN D 579 -48.70 25.36 -59.27
C GLN D 579 -49.98 25.88 -58.63
N TYR D 580 -50.92 26.34 -59.45
CA TYR D 580 -52.18 26.85 -58.91
C TYR D 580 -52.95 25.75 -58.19
N VAL D 581 -53.00 24.56 -58.78
CA VAL D 581 -53.69 23.45 -58.12
C VAL D 581 -53.01 23.12 -56.80
N HIS D 582 -51.68 23.08 -56.79
CA HIS D 582 -50.95 22.77 -55.56
C HIS D 582 -51.23 23.80 -54.48
N LYS D 583 -51.33 25.07 -54.85
CA LYS D 583 -51.70 26.09 -53.88
C LYS D 583 -53.12 25.89 -53.37
N ILE D 584 -54.06 25.60 -54.28
CA ILE D 584 -55.47 25.56 -53.89
C ILE D 584 -55.77 24.33 -53.03
N THR D 585 -55.23 23.18 -53.39
CA THR D 585 -55.59 21.94 -52.73
C THR D 585 -55.15 21.95 -51.27
N PRO D 586 -55.89 21.25 -50.39
CA PRO D 586 -55.53 21.26 -48.96
C PRO D 586 -54.22 20.56 -48.66
N ARG D 587 -54.05 19.33 -49.14
CA ARG D 587 -52.87 18.52 -48.86
C ARG D 587 -52.25 18.08 -50.18
N GLY D 588 -51.39 18.91 -50.73
CA GLY D 588 -50.75 18.61 -52.00
C GLY D 588 -49.24 18.71 -51.89
N VAL D 589 -48.56 17.88 -52.69
CA VAL D 589 -47.12 17.86 -52.73
C VAL D 589 -46.69 18.01 -54.19
N TYR D 590 -45.79 18.95 -54.43
CA TYR D 590 -45.27 19.19 -55.77
C TYR D 590 -43.99 18.38 -55.97
N THR D 591 -43.89 17.68 -57.10
CA THR D 591 -42.73 16.86 -57.41
C THR D 591 -42.38 17.04 -58.88
N SER D 592 -41.10 16.91 -59.19
CA SER D 592 -40.63 17.11 -60.56
C SER D 592 -39.63 16.00 -60.93
N GLY D 593 -40.17 14.90 -61.45
CA GLY D 593 -39.37 13.91 -62.15
C GLY D 593 -38.16 13.37 -61.43
N LYS D 594 -36.97 13.76 -61.91
CA LYS D 594 -35.72 13.21 -61.37
C LYS D 594 -35.50 13.62 -59.92
N GLY D 595 -36.26 14.57 -59.40
CA GLY D 595 -36.16 14.93 -58.01
C GLY D 595 -36.96 13.98 -57.14
N SER D 596 -37.38 12.86 -57.72
CA SER D 596 -38.20 11.87 -57.03
C SER D 596 -37.57 10.49 -57.15
N SER D 597 -37.96 9.61 -56.24
CA SER D 597 -37.51 8.23 -56.26
C SER D 597 -38.62 7.36 -55.69
N ALA D 598 -38.53 6.06 -55.99
CA ALA D 598 -39.56 5.13 -55.53
C ALA D 598 -39.66 5.14 -54.01
N VAL D 599 -38.53 5.02 -53.32
CA VAL D 599 -38.54 5.12 -51.87
C VAL D 599 -38.86 6.55 -51.45
N GLY D 600 -38.54 7.53 -52.30
CA GLY D 600 -38.86 8.91 -51.98
C GLY D 600 -40.35 9.15 -51.83
N LEU D 601 -41.14 8.54 -52.72
CA LEU D 601 -42.59 8.51 -52.55
C LEU D 601 -42.93 7.41 -51.55
N THR D 602 -44.22 7.08 -51.43
CA THR D 602 -44.67 6.03 -50.51
C THR D 602 -44.22 6.33 -49.09
N ALA D 603 -43.32 5.51 -48.56
CA ALA D 603 -42.82 5.70 -47.21
C ALA D 603 -41.41 5.15 -47.11
N TYR D 604 -40.68 5.61 -46.11
CA TYR D 604 -39.29 5.19 -45.91
C TYR D 604 -38.99 5.12 -44.43
N ILE D 605 -37.73 4.83 -44.11
CA ILE D 605 -37.23 4.75 -42.75
C ILE D 605 -36.17 5.80 -42.56
N THR D 606 -36.19 6.49 -41.42
CA THR D 606 -35.19 7.50 -41.13
C THR D 606 -34.93 7.54 -39.63
N ARG D 607 -33.84 8.19 -39.25
CA ARG D 607 -33.41 8.29 -37.86
C ARG D 607 -33.53 9.74 -37.40
N ASP D 608 -34.29 9.97 -36.34
CA ASP D 608 -34.41 11.30 -35.77
C ASP D 608 -33.17 11.66 -34.97
N VAL D 609 -32.87 12.96 -34.92
CA VAL D 609 -31.76 13.42 -34.09
C VAL D 609 -32.11 13.32 -32.61
N ASP D 610 -33.36 13.63 -32.27
CA ASP D 610 -33.72 13.77 -30.86
C ASP D 610 -33.84 12.40 -30.19
N THR D 611 -34.64 11.51 -30.77
CA THR D 611 -34.78 10.17 -30.20
C THR D 611 -33.57 9.29 -30.48
N LYS D 612 -32.86 9.56 -31.58
CA LYS D 612 -31.76 8.70 -32.04
C LYS D 612 -32.22 7.26 -32.24
N GLN D 613 -33.48 7.07 -32.58
CA GLN D 613 -34.04 5.75 -32.84
C GLN D 613 -34.80 5.79 -34.15
N LEU D 614 -34.87 4.65 -34.81
CA LEU D 614 -35.45 4.60 -36.15
C LEU D 614 -36.96 4.84 -36.10
N VAL D 615 -37.44 5.65 -37.05
CA VAL D 615 -38.84 5.98 -37.17
C VAL D 615 -39.26 5.79 -38.63
N LEU D 616 -40.57 5.89 -38.85
CA LEU D 616 -41.15 5.82 -40.19
C LEU D 616 -41.75 7.16 -40.54
N GLU D 617 -41.47 7.64 -41.75
CA GLU D 617 -42.04 8.88 -42.26
C GLU D 617 -42.88 8.59 -43.48
N SER D 618 -43.35 9.66 -44.12
CA SER D 618 -44.26 9.56 -45.25
C SER D 618 -43.64 10.21 -46.48
N GLY D 619 -43.78 9.56 -47.62
CA GLY D 619 -43.35 10.11 -48.89
C GLY D 619 -44.36 11.10 -49.43
N ALA D 620 -44.14 11.52 -50.67
CA ALA D 620 -45.03 12.49 -51.29
C ALA D 620 -46.43 11.94 -51.47
N LEU D 621 -46.54 10.67 -51.88
CA LEU D 621 -47.86 10.11 -52.15
C LEU D 621 -48.69 10.01 -50.87
N VAL D 622 -48.08 9.58 -49.76
CA VAL D 622 -48.84 9.47 -48.53
C VAL D 622 -49.19 10.85 -47.99
N LEU D 623 -48.26 11.81 -48.06
CA LEU D 623 -48.55 13.16 -47.64
C LEU D 623 -49.61 13.81 -48.52
N SER D 624 -49.83 13.29 -49.73
CA SER D 624 -50.85 13.80 -50.63
C SER D 624 -52.19 13.11 -50.44
N ASP D 625 -52.33 12.27 -49.42
CA ASP D 625 -53.58 11.58 -49.18
C ASP D 625 -54.72 12.57 -48.96
N GLY D 626 -55.83 12.36 -49.66
CA GLY D 626 -56.91 13.31 -49.59
C GLY D 626 -56.65 14.62 -50.29
N GLY D 627 -55.73 14.63 -51.25
CA GLY D 627 -55.41 15.84 -51.98
C GLY D 627 -54.94 15.54 -53.39
N VAL D 628 -54.21 16.48 -53.99
CA VAL D 628 -53.69 16.33 -55.35
C VAL D 628 -52.17 16.41 -55.29
N CYS D 629 -51.51 15.40 -55.86
CA CYS D 629 -50.05 15.34 -55.91
C CYS D 629 -49.62 15.79 -57.31
N CYS D 630 -49.23 17.06 -57.42
CA CYS D 630 -48.86 17.64 -58.71
C CYS D 630 -47.49 17.10 -59.11
N ILE D 631 -47.48 16.15 -60.04
CA ILE D 631 -46.25 15.53 -60.51
C ILE D 631 -45.84 16.24 -61.80
N ASP D 632 -44.76 17.00 -61.74
CA ASP D 632 -44.31 17.76 -62.89
C ASP D 632 -43.19 17.03 -63.62
N GLU D 633 -43.05 17.33 -64.91
CA GLU D 633 -42.07 16.69 -65.79
C GLU D 633 -42.18 15.17 -65.69
N PHE D 634 -43.36 14.67 -66.07
CA PHE D 634 -43.65 13.25 -65.91
C PHE D 634 -42.72 12.39 -66.75
N ASP D 635 -42.48 12.78 -68.01
CA ASP D 635 -41.74 11.91 -68.91
C ASP D 635 -40.29 11.75 -68.48
N LYS D 636 -39.70 12.79 -67.90
CA LYS D 636 -38.32 12.68 -67.44
C LYS D 636 -38.16 11.70 -66.29
N MET D 637 -39.25 11.41 -65.58
CA MET D 637 -39.19 10.47 -64.48
C MET D 637 -38.87 9.06 -64.99
N SER D 638 -38.13 8.31 -64.19
CA SER D 638 -37.69 6.99 -64.60
C SER D 638 -38.85 6.02 -64.70
N ASP D 639 -38.69 5.00 -65.54
CA ASP D 639 -39.67 3.92 -65.60
C ASP D 639 -39.75 3.18 -64.27
N SER D 640 -38.63 3.09 -63.56
CA SER D 640 -38.63 2.44 -62.26
C SER D 640 -39.47 3.20 -61.25
N THR D 641 -39.32 4.53 -61.22
CA THR D 641 -40.09 5.32 -60.26
C THR D 641 -41.58 5.28 -60.59
N ARG D 642 -41.92 5.32 -61.88
CA ARG D 642 -43.32 5.35 -62.28
C ARG D 642 -44.04 4.03 -61.98
N SER D 643 -43.31 2.97 -61.66
CA SER D 643 -43.95 1.68 -61.41
C SER D 643 -44.84 1.74 -60.17
N VAL D 644 -44.39 2.38 -59.10
CA VAL D 644 -45.18 2.43 -57.88
C VAL D 644 -46.46 3.24 -58.07
N LEU D 645 -46.53 4.06 -59.11
CA LEU D 645 -47.71 4.88 -59.34
C LEU D 645 -48.95 4.03 -59.58
N HIS D 646 -48.82 2.87 -60.22
CA HIS D 646 -49.97 2.07 -60.61
C HIS D 646 -50.86 1.74 -59.41
N GLU D 647 -50.24 1.34 -58.30
CA GLU D 647 -51.01 0.85 -57.16
C GLU D 647 -51.93 1.94 -56.60
N VAL D 648 -51.37 3.13 -56.33
CA VAL D 648 -52.20 4.23 -55.85
C VAL D 648 -53.07 4.78 -56.95
N MET D 649 -52.71 4.50 -58.20
CA MET D 649 -53.40 5.05 -59.35
C MET D 649 -54.74 4.37 -59.56
N GLU D 650 -54.77 3.04 -59.41
CA GLU D 650 -55.98 2.25 -59.64
C GLU D 650 -56.86 2.09 -58.42
N GLN D 651 -56.35 1.47 -57.35
CA GLN D 651 -57.16 1.20 -56.17
C GLN D 651 -56.88 2.15 -55.01
N GLN D 652 -56.15 3.25 -55.27
CA GLN D 652 -56.03 4.37 -54.34
C GLN D 652 -55.40 3.97 -53.02
N THR D 653 -54.58 2.91 -53.01
CA THR D 653 -53.85 2.53 -51.83
C THR D 653 -52.47 2.04 -52.24
N ILE D 654 -51.54 2.06 -51.29
CA ILE D 654 -50.19 1.56 -51.48
C ILE D 654 -49.90 0.52 -50.42
N SER D 655 -49.45 -0.66 -50.83
CA SER D 655 -49.15 -1.77 -49.93
C SER D 655 -47.68 -2.10 -50.08
N ILE D 656 -46.87 -1.70 -49.12
CA ILE D 656 -45.43 -1.89 -49.16
C ILE D 656 -45.08 -3.12 -48.33
N ALA D 657 -44.06 -3.84 -48.77
CA ALA D 657 -43.51 -4.97 -48.02
C ALA D 657 -42.00 -4.88 -48.14
N LYS D 658 -41.38 -4.15 -47.20
CA LYS D 658 -39.94 -3.92 -47.25
C LYS D 658 -39.29 -4.28 -45.93
N ALA D 659 -38.02 -3.93 -45.77
CA ALA D 659 -37.25 -4.35 -44.61
C ALA D 659 -37.81 -3.69 -43.36
N GLY D 660 -38.56 -4.45 -42.57
CA GLY D 660 -39.07 -3.99 -41.29
C GLY D 660 -40.50 -3.51 -41.32
N ILE D 661 -41.05 -3.18 -42.49
CA ILE D 661 -42.40 -2.65 -42.58
C ILE D 661 -43.20 -3.52 -43.55
N ILE D 662 -44.32 -4.06 -43.07
CA ILE D 662 -45.24 -4.86 -43.87
C ILE D 662 -46.64 -4.38 -43.51
N THR D 663 -47.25 -3.58 -44.37
CA THR D 663 -48.59 -3.07 -44.10
C THR D 663 -49.17 -2.51 -45.39
N THR D 664 -50.42 -2.03 -45.29
CA THR D 664 -51.12 -1.37 -46.38
C THR D 664 -51.37 0.07 -45.98
N LEU D 665 -51.12 0.99 -46.90
CA LEU D 665 -51.30 2.41 -46.65
C LEU D 665 -52.32 2.95 -47.65
N ASN D 666 -53.37 3.58 -47.15
CA ASN D 666 -54.39 4.16 -48.02
C ASN D 666 -53.93 5.53 -48.46
N ALA D 667 -53.59 5.66 -49.74
CA ALA D 667 -53.16 6.94 -50.32
C ALA D 667 -54.23 7.35 -51.33
N ARG D 668 -55.30 7.95 -50.83
CA ARG D 668 -56.38 8.41 -51.72
C ARG D 668 -55.93 9.75 -52.28
N SER D 669 -55.01 9.74 -53.23
CA SER D 669 -54.40 10.92 -53.83
C SER D 669 -54.69 10.92 -55.32
N SER D 670 -55.24 12.03 -55.81
CA SER D 670 -55.51 12.21 -57.23
C SER D 670 -54.28 12.82 -57.89
N ILE D 671 -53.69 12.07 -58.82
CA ILE D 671 -52.43 12.48 -59.43
C ILE D 671 -52.69 13.45 -60.57
N LEU D 672 -52.03 14.59 -60.54
CA LEU D 672 -52.01 15.52 -61.66
C LEU D 672 -50.60 15.53 -62.23
N ALA D 673 -50.48 15.28 -63.54
CA ALA D 673 -49.13 15.15 -64.13
C ALA D 673 -48.95 16.01 -65.37
N SER D 674 -47.78 16.62 -65.52
CA SER D 674 -47.50 17.39 -66.74
C SER D 674 -46.29 16.77 -67.40
N ALA D 675 -46.31 16.64 -68.71
CA ALA D 675 -45.20 15.98 -69.43
C ALA D 675 -44.97 16.73 -70.73
N ASN D 676 -43.80 16.55 -71.32
CA ASN D 676 -43.54 17.15 -72.65
C ASN D 676 -43.56 15.99 -73.63
N PRO D 677 -44.12 16.09 -74.86
CA PRO D 677 -44.23 14.93 -75.71
C PRO D 677 -42.78 14.61 -76.07
N ILE D 678 -42.47 13.36 -76.38
CA ILE D 678 -41.03 13.06 -76.63
C ILE D 678 -40.62 13.92 -77.82
N GLY D 679 -39.39 14.42 -77.80
CA GLY D 679 -38.96 15.36 -78.85
C GLY D 679 -39.13 16.77 -78.33
N SER D 680 -39.81 16.91 -77.20
CA SER D 680 -40.06 18.22 -76.54
C SER D 680 -41.13 19.01 -77.27
N ARG D 681 -41.46 18.62 -78.49
CA ARG D 681 -42.45 19.36 -79.29
C ARG D 681 -43.32 18.28 -79.95
N TYR D 682 -44.62 18.52 -80.07
CA TYR D 682 -45.48 17.44 -80.61
C TYR D 682 -45.07 17.20 -82.06
N ASN D 683 -44.86 15.94 -82.43
CA ASN D 683 -44.56 15.64 -83.86
C ASN D 683 -45.88 15.38 -84.58
N PRO D 684 -46.35 16.21 -85.53
CA PRO D 684 -47.56 15.83 -86.27
C PRO D 684 -47.43 14.51 -86.99
N ASN D 685 -46.21 14.09 -87.31
CA ASN D 685 -46.02 12.90 -88.13
C ASN D 685 -46.35 11.63 -87.35
N LEU D 686 -45.86 11.53 -86.14
CA LEU D 686 -46.09 10.34 -85.34
C LEU D 686 -47.47 10.38 -84.69
N PRO D 687 -48.05 9.20 -84.41
CA PRO D 687 -49.37 9.17 -83.77
C PRO D 687 -49.37 9.76 -82.37
N VAL D 688 -50.57 9.85 -81.77
CA VAL D 688 -50.69 10.39 -80.43
C VAL D 688 -49.94 9.52 -79.43
N THR D 689 -50.08 8.20 -79.54
CA THR D 689 -49.46 7.31 -78.58
C THR D 689 -47.95 7.42 -78.62
N GLU D 690 -47.37 7.48 -79.82
CA GLU D 690 -45.91 7.53 -79.93
C GLU D 690 -45.37 8.86 -79.42
N ASN D 691 -46.09 9.96 -79.66
CA ASN D 691 -45.66 11.25 -79.12
C ASN D 691 -45.75 11.25 -77.60
N ILE D 692 -46.84 10.72 -77.05
CA ILE D 692 -47.02 10.71 -75.60
C ILE D 692 -45.97 9.82 -74.94
N ASP D 693 -45.72 8.65 -75.52
CA ASP D 693 -44.66 7.74 -75.08
C ASP D 693 -44.82 7.35 -73.62
N LEU D 694 -45.92 6.67 -73.34
CA LEU D 694 -46.13 6.06 -72.04
C LEU D 694 -46.65 4.64 -72.23
N PRO D 695 -46.32 3.74 -71.31
CA PRO D 695 -46.79 2.36 -71.45
C PRO D 695 -48.30 2.31 -71.39
N PRO D 696 -48.92 1.40 -72.13
CA PRO D 696 -50.38 1.29 -72.15
C PRO D 696 -50.98 1.10 -70.76
N PRO D 697 -50.35 0.32 -69.86
CA PRO D 697 -50.92 0.22 -68.51
C PRO D 697 -50.99 1.55 -67.80
N LEU D 698 -49.89 2.30 -67.78
CA LEU D 698 -49.90 3.60 -67.11
C LEU D 698 -50.74 4.61 -67.86
N LEU D 699 -50.72 4.55 -69.20
CA LEU D 699 -51.48 5.52 -69.98
C LEU D 699 -52.98 5.33 -69.79
N SER D 700 -53.44 4.08 -69.70
CA SER D 700 -54.87 3.84 -69.60
C SER D 700 -55.43 4.31 -68.27
N ARG D 701 -54.64 4.26 -67.20
CA ARG D 701 -55.13 4.66 -65.89
C ARG D 701 -55.52 6.12 -65.84
N PHE D 702 -54.88 6.98 -66.63
CA PHE D 702 -55.20 8.40 -66.59
C PHE D 702 -56.58 8.69 -67.15
N ASP D 703 -57.45 9.25 -66.32
CA ASP D 703 -58.83 9.49 -66.73
C ASP D 703 -58.89 10.44 -67.92
N LEU D 704 -58.17 11.54 -67.85
CA LEU D 704 -58.13 12.52 -68.93
C LEU D 704 -56.69 12.74 -69.36
N VAL D 705 -56.44 12.68 -70.66
CA VAL D 705 -55.13 12.95 -71.23
C VAL D 705 -55.28 14.15 -72.15
N TYR D 706 -54.66 15.25 -71.78
CA TYR D 706 -54.81 16.51 -72.50
C TYR D 706 -53.64 16.69 -73.46
N LEU D 707 -53.94 16.85 -74.74
CA LEU D 707 -52.92 17.12 -75.75
C LEU D 707 -52.87 18.63 -76.00
N VAL D 708 -52.31 19.36 -75.03
CA VAL D 708 -52.14 20.79 -75.20
C VAL D 708 -51.20 21.04 -76.36
N LEU D 709 -51.67 21.79 -77.34
CA LEU D 709 -50.91 22.03 -78.56
C LEU D 709 -50.71 23.53 -78.75
N ASP D 710 -49.48 23.94 -79.03
CA ASP D 710 -49.16 25.32 -79.31
C ASP D 710 -49.11 25.49 -80.83
N LYS D 711 -50.16 26.06 -81.39
CA LYS D 711 -50.25 26.30 -82.82
C LYS D 711 -50.14 27.79 -83.10
N VAL D 712 -49.50 28.14 -84.20
CA VAL D 712 -49.24 29.53 -84.52
C VAL D 712 -50.49 30.13 -85.15
N ASP D 713 -51.38 30.66 -84.30
CA ASP D 713 -52.61 31.31 -84.74
C ASP D 713 -52.50 32.80 -84.46
N GLU D 714 -52.59 33.61 -85.51
CA GLU D 714 -52.28 35.04 -85.37
C GLU D 714 -53.23 35.72 -84.38
N LYS D 715 -54.53 35.43 -84.47
CA LYS D 715 -55.47 36.08 -83.58
C LYS D 715 -55.28 35.62 -82.14
N ASN D 716 -55.17 34.30 -81.95
CA ASN D 716 -54.97 33.76 -80.60
C ASN D 716 -53.66 34.25 -79.99
N ASP D 717 -52.59 34.24 -80.79
CA ASP D 717 -51.29 34.72 -80.29
C ASP D 717 -51.35 36.20 -79.96
N ARG D 718 -52.04 36.99 -80.78
CA ARG D 718 -52.19 38.41 -80.49
C ARG D 718 -52.92 38.62 -79.18
N GLU D 719 -54.01 37.88 -78.97
CA GLU D 719 -54.77 38.04 -77.74
C GLU D 719 -53.95 37.63 -76.52
N LEU D 720 -53.23 36.52 -76.62
CA LEU D 720 -52.39 36.08 -75.51
C LEU D 720 -51.30 37.10 -75.21
N ALA D 721 -50.66 37.65 -76.25
CA ALA D 721 -49.64 38.66 -76.06
C ALA D 721 -50.21 39.91 -75.41
N LYS D 722 -51.40 40.33 -75.85
CA LYS D 722 -52.02 41.50 -75.24
C LYS D 722 -52.31 41.28 -73.77
N HIS D 723 -52.83 40.09 -73.43
CA HIS D 723 -53.11 39.77 -72.04
C HIS D 723 -51.83 39.80 -71.20
N LEU D 724 -50.78 39.13 -71.69
CA LEU D 724 -49.54 39.05 -70.93
C LEU D 724 -48.90 40.43 -70.77
N THR D 725 -48.92 41.24 -71.82
CA THR D 725 -48.38 42.59 -71.71
C THR D 725 -49.19 43.44 -70.74
N ASN D 726 -50.52 43.34 -70.79
CA ASN D 726 -51.35 44.08 -69.84
C ASN D 726 -51.06 43.65 -68.42
N LEU D 727 -50.62 42.42 -68.23
CA LEU D 727 -50.17 42.00 -66.90
C LEU D 727 -48.99 42.84 -66.40
N TYR D 728 -48.23 43.45 -67.30
CA TYR D 728 -47.02 44.19 -66.95
C TYR D 728 -47.25 45.69 -66.81
N LEU D 729 -48.49 46.15 -66.88
CA LEU D 729 -48.73 47.60 -66.92
C LEU D 729 -48.43 48.25 -65.57
N GLU D 730 -48.80 47.61 -64.47
CA GLU D 730 -48.64 48.19 -63.15
C GLU D 730 -47.98 47.17 -62.21
N ASP D 731 -47.48 47.69 -61.09
CA ASP D 731 -46.59 46.90 -60.23
C ASP D 731 -47.31 45.71 -59.61
N LYS D 732 -48.47 45.95 -58.99
CA LYS D 732 -49.29 44.90 -58.39
C LYS D 732 -50.60 44.84 -59.16
N PRO D 733 -50.58 44.22 -60.35
CA PRO D 733 -51.74 44.32 -61.23
C PRO D 733 -52.89 43.44 -60.77
N GLU D 734 -54.10 43.99 -60.90
CA GLU D 734 -55.30 43.18 -60.91
C GLU D 734 -55.41 42.47 -62.25
N HIS D 735 -55.90 41.23 -62.23
CA HIS D 735 -55.89 40.43 -63.45
C HIS D 735 -56.74 41.08 -64.54
N ILE D 736 -56.28 40.95 -65.78
CA ILE D 736 -56.93 41.56 -66.93
C ILE D 736 -57.73 40.46 -67.61
N SER D 737 -59.00 40.34 -67.22
CA SER D 737 -59.93 39.41 -67.84
C SER D 737 -61.20 40.15 -68.21
N GLN D 738 -61.74 39.84 -69.39
CA GLN D 738 -62.99 40.45 -69.81
C GLN D 738 -64.13 40.05 -68.88
N ASP D 739 -64.18 38.78 -68.49
CA ASP D 739 -65.29 38.22 -67.75
C ASP D 739 -65.01 38.16 -66.25
N ASP D 740 -66.08 38.22 -65.47
CA ASP D 740 -65.95 38.22 -64.01
C ASP D 740 -65.63 36.81 -63.50
N VAL D 741 -64.83 36.75 -62.45
CA VAL D 741 -64.41 35.49 -61.85
C VAL D 741 -64.75 35.50 -60.37
N LEU D 742 -65.00 34.32 -59.82
CA LEU D 742 -65.36 34.21 -58.42
C LEU D 742 -64.18 34.50 -57.52
N PRO D 743 -64.41 35.02 -56.32
CA PRO D 743 -63.34 35.10 -55.34
C PRO D 743 -62.85 33.71 -54.97
N VAL D 744 -61.54 33.61 -54.71
CA VAL D 744 -60.97 32.32 -54.36
C VAL D 744 -61.53 31.79 -53.05
N GLU D 745 -61.85 32.69 -52.11
CA GLU D 745 -62.48 32.27 -50.86
C GLU D 745 -63.84 31.63 -51.13
N PHE D 746 -64.66 32.30 -51.95
CA PHE D 746 -65.98 31.76 -52.26
C PHE D 746 -65.87 30.47 -53.05
N LEU D 747 -64.89 30.38 -53.96
CA LEU D 747 -64.70 29.15 -54.71
C LEU D 747 -64.31 28.00 -53.78
N THR D 748 -63.46 28.26 -52.80
CA THR D 748 -63.11 27.23 -51.83
C THR D 748 -64.34 26.81 -51.02
N MET D 749 -65.16 27.78 -50.61
CA MET D 749 -66.39 27.45 -49.90
C MET D 749 -67.27 26.53 -50.74
N TYR D 750 -67.49 26.91 -52.00
CA TYR D 750 -68.33 26.12 -52.90
C TYR D 750 -67.79 24.71 -53.04
N ILE D 751 -66.49 24.59 -53.33
CA ILE D 751 -65.92 23.27 -53.60
C ILE D 751 -65.99 22.40 -52.36
N SER D 752 -65.62 22.95 -51.20
CA SER D 752 -65.68 22.18 -49.97
C SER D 752 -67.09 21.70 -49.68
N TYR D 753 -68.07 22.61 -49.74
CA TYR D 753 -69.45 22.24 -49.43
C TYR D 753 -69.95 21.17 -50.39
N ALA D 754 -69.70 21.36 -51.70
CA ALA D 754 -70.16 20.40 -52.67
C ALA D 754 -69.54 19.04 -52.45
N LYS D 755 -68.24 19.00 -52.12
CA LYS D 755 -67.58 17.73 -51.88
C LYS D 755 -68.17 17.01 -50.67
N GLU D 756 -68.40 17.74 -49.58
CA GLU D 756 -68.64 17.05 -48.31
C GLU D 756 -70.12 16.77 -48.04
N HIS D 757 -71.02 17.69 -48.40
CA HIS D 757 -72.42 17.28 -48.27
C HIS D 757 -72.88 16.35 -49.40
N ILE D 758 -72.68 16.72 -50.65
CA ILE D 758 -73.42 16.10 -51.74
C ILE D 758 -72.68 14.86 -52.25
N HIS D 759 -73.41 13.75 -52.36
CA HIS D 759 -72.87 12.49 -52.88
C HIS D 759 -73.81 12.01 -53.97
N PRO D 760 -73.58 12.42 -55.22
CA PRO D 760 -74.51 12.08 -56.30
C PRO D 760 -74.56 10.60 -56.57
N ILE D 761 -75.66 10.19 -57.22
CA ILE D 761 -75.87 8.80 -57.64
C ILE D 761 -76.24 8.80 -59.12
N ILE D 762 -76.09 7.65 -59.74
CA ILE D 762 -76.29 7.50 -61.18
C ILE D 762 -77.74 7.15 -61.44
N THR D 763 -78.20 7.43 -62.66
CA THR D 763 -79.57 7.15 -63.09
C THR D 763 -79.57 6.16 -64.24
N GLU D 764 -80.75 5.63 -64.55
CA GLU D 764 -80.87 4.63 -65.61
C GLU D 764 -80.54 5.23 -66.98
N ALA D 765 -81.03 6.44 -67.26
CA ALA D 765 -80.71 7.08 -68.53
C ALA D 765 -79.21 7.36 -68.64
N ALA D 766 -78.61 7.84 -67.55
CA ALA D 766 -77.16 8.02 -67.54
C ALA D 766 -76.44 6.70 -67.72
N LYS D 767 -76.97 5.62 -67.14
CA LYS D 767 -76.37 4.31 -67.32
C LYS D 767 -76.39 3.90 -68.79
N THR D 768 -77.53 4.08 -69.45
CA THR D 768 -77.63 3.71 -70.86
C THR D 768 -76.69 4.56 -71.70
N GLU D 769 -76.60 5.86 -71.40
CA GLU D 769 -75.69 6.73 -72.15
C GLU D 769 -74.24 6.30 -71.94
N LEU D 770 -73.87 5.96 -70.70
CA LEU D 770 -72.51 5.51 -70.44
C LEU D 770 -72.20 4.24 -71.22
N VAL D 771 -73.13 3.28 -71.21
CA VAL D 771 -72.90 2.04 -71.94
C VAL D 771 -72.77 2.30 -73.42
N ARG D 772 -73.65 3.13 -73.98
CA ARG D 772 -73.60 3.43 -75.40
C ARG D 772 -72.30 4.11 -75.78
N ALA D 773 -71.85 5.07 -74.98
CA ALA D 773 -70.61 5.77 -75.27
C ALA D 773 -69.41 4.83 -75.17
N TYR D 774 -69.38 3.98 -74.16
CA TYR D 774 -68.28 3.03 -74.01
C TYR D 774 -68.25 2.07 -75.19
N VAL D 775 -69.41 1.60 -75.64
CA VAL D 775 -69.46 0.67 -76.76
C VAL D 775 -68.99 1.36 -78.04
N GLY D 776 -69.52 2.55 -78.32
CA GLY D 776 -69.13 3.26 -79.52
C GLY D 776 -67.65 3.62 -79.53
N MET D 777 -67.09 3.94 -78.37
CA MET D 777 -65.67 4.29 -78.31
C MET D 777 -64.79 3.10 -78.66
N ARG D 778 -65.16 1.90 -78.21
CA ARG D 778 -64.36 0.70 -78.44
C ARG D 778 -64.69 0.11 -79.80
N LYS D 779 -64.34 0.85 -80.84
CA LYS D 779 -64.60 0.42 -82.20
C LYS D 779 -63.42 0.73 -83.13
N LYS D 789 -51.37 2.16 -83.42
CA LYS D 789 -52.62 2.89 -83.53
C LYS D 789 -52.92 3.67 -82.26
N ARG D 790 -54.01 4.43 -82.29
CA ARG D 790 -54.44 5.20 -81.13
C ARG D 790 -54.83 4.27 -80.00
N ILE D 791 -54.75 4.80 -78.76
CA ILE D 791 -55.01 4.00 -77.58
C ILE D 791 -56.42 3.41 -77.64
N THR D 792 -56.53 2.14 -77.24
CA THR D 792 -57.80 1.44 -77.23
C THR D 792 -58.45 1.63 -75.87
N ALA D 793 -59.72 2.07 -75.88
CA ALA D 793 -60.43 2.30 -74.63
C ALA D 793 -60.63 0.99 -73.88
N THR D 794 -60.46 1.03 -72.57
CA THR D 794 -60.65 -0.12 -71.71
C THR D 794 -61.73 0.22 -70.67
N THR D 795 -61.97 -0.73 -69.76
CA THR D 795 -62.94 -0.49 -68.70
C THR D 795 -62.52 0.67 -67.80
N ARG D 796 -61.22 0.97 -67.75
CA ARG D 796 -60.78 2.17 -67.05
C ARG D 796 -61.38 3.42 -67.68
N GLN D 797 -61.59 3.41 -68.99
CA GLN D 797 -62.27 4.52 -69.63
C GLN D 797 -63.71 4.63 -69.14
N LEU D 798 -64.39 3.49 -68.97
CA LEU D 798 -65.73 3.52 -68.40
C LEU D 798 -65.73 4.08 -66.99
N GLU D 799 -64.78 3.65 -66.17
CA GLU D 799 -64.73 4.18 -64.81
C GLU D 799 -64.41 5.67 -64.80
N SER D 800 -63.57 6.14 -65.71
CA SER D 800 -63.30 7.57 -65.86
C SER D 800 -64.56 8.32 -66.27
N MET D 801 -65.34 7.78 -67.19
CA MET D 801 -66.59 8.42 -67.57
C MET D 801 -67.55 8.48 -66.38
N ILE D 802 -67.62 7.40 -65.61
CA ILE D 802 -68.50 7.38 -64.44
C ILE D 802 -68.08 8.45 -63.44
N ARG D 803 -66.78 8.52 -63.16
CA ARG D 803 -66.29 9.48 -62.18
C ARG D 803 -66.45 10.91 -62.67
N LEU D 804 -66.25 11.14 -63.96
CA LEU D 804 -66.44 12.49 -64.50
C LEU D 804 -67.90 12.89 -64.45
N ALA D 805 -68.82 11.97 -64.77
CA ALA D 805 -70.24 12.30 -64.63
C ALA D 805 -70.60 12.59 -63.19
N GLU D 806 -70.05 11.82 -62.25
CA GLU D 806 -70.29 12.08 -60.84
C GLU D 806 -69.76 13.45 -60.44
N ALA D 807 -68.57 13.80 -60.92
CA ALA D 807 -68.00 15.10 -60.59
C ALA D 807 -68.87 16.23 -61.13
N HIS D 808 -69.32 16.10 -62.38
CA HIS D 808 -70.17 17.14 -62.96
C HIS D 808 -71.48 17.27 -62.19
N ALA D 809 -72.02 16.14 -61.77
CA ALA D 809 -73.25 16.21 -60.97
C ALA D 809 -72.98 17.05 -59.73
N LYS D 810 -71.84 16.80 -59.06
CA LYS D 810 -71.55 17.52 -57.81
C LYS D 810 -71.41 19.01 -58.11
N MET D 811 -70.82 19.36 -59.25
CA MET D 811 -70.56 20.79 -59.54
C MET D 811 -71.86 21.56 -59.58
N LYS D 812 -72.91 20.99 -60.16
CA LYS D 812 -74.18 21.74 -60.34
C LYS D 812 -74.95 21.71 -59.02
N LEU D 813 -74.45 20.98 -58.03
CA LEU D 813 -75.11 20.85 -56.69
C LEU D 813 -76.21 19.79 -56.72
N LYS D 814 -76.31 19.00 -57.80
CA LYS D 814 -77.35 17.95 -57.93
C LYS D 814 -77.05 16.75 -57.04
N ASN D 815 -78.08 16.00 -56.63
CA ASN D 815 -77.83 14.75 -55.86
C ASN D 815 -77.97 13.56 -56.80
N VAL D 816 -78.33 13.81 -58.07
CA VAL D 816 -78.33 12.72 -59.05
C VAL D 816 -77.67 13.23 -60.32
N VAL D 817 -77.17 12.30 -61.12
CA VAL D 817 -76.54 12.63 -62.40
C VAL D 817 -77.51 12.30 -63.52
N GLU D 818 -77.41 13.06 -64.60
CA GLU D 818 -78.34 12.95 -65.72
C GLU D 818 -77.55 12.73 -67.01
N LEU D 819 -78.28 12.33 -68.06
CA LEU D 819 -77.62 11.91 -69.29
C LEU D 819 -76.82 13.04 -69.94
N GLU D 820 -77.28 14.29 -69.79
CA GLU D 820 -76.51 15.40 -70.34
C GLU D 820 -75.15 15.53 -69.69
N ASP D 821 -75.06 15.22 -68.39
CA ASP D 821 -73.76 15.23 -67.72
C ASP D 821 -72.84 14.15 -68.27
N VAL D 822 -73.38 12.95 -68.54
CA VAL D 822 -72.57 11.90 -69.14
C VAL D 822 -72.12 12.30 -70.53
N GLN D 823 -73.00 12.93 -71.30
CA GLN D 823 -72.63 13.41 -72.63
C GLN D 823 -71.54 14.47 -72.54
N GLU D 824 -71.63 15.35 -71.54
CA GLU D 824 -70.59 16.36 -71.33
C GLU D 824 -69.27 15.71 -70.96
N ALA D 825 -69.30 14.67 -70.13
CA ALA D 825 -68.07 13.95 -69.79
C ALA D 825 -67.46 13.31 -71.03
N VAL D 826 -68.29 12.69 -71.86
CA VAL D 826 -67.78 12.09 -73.10
C VAL D 826 -67.19 13.16 -74.01
N ARG D 827 -67.85 14.31 -74.10
CA ARG D 827 -67.33 15.40 -74.92
C ARG D 827 -65.98 15.88 -74.39
N LEU D 828 -65.84 15.97 -73.07
CA LEU D 828 -64.57 16.37 -72.49
C LEU D 828 -63.49 15.36 -72.80
N ILE D 829 -63.81 14.07 -72.71
CA ILE D 829 -62.82 13.04 -73.04
C ILE D 829 -62.42 13.14 -74.50
N ARG D 830 -63.39 13.35 -75.39
CA ARG D 830 -63.09 13.50 -76.81
C ARG D 830 -62.20 14.72 -77.06
N SER D 831 -62.50 15.84 -76.37
CA SER D 831 -61.78 17.07 -76.62
C SER D 831 -60.37 17.06 -76.04
N ALA D 832 -60.18 16.36 -74.92
CA ALA D 832 -58.88 16.35 -74.26
C ALA D 832 -57.81 15.77 -75.18
N ILE D 833 -58.14 14.69 -75.89
CA ILE D 833 -57.19 14.05 -76.79
C ILE D 833 -57.29 14.59 -78.21
N LYS D 834 -58.16 15.58 -78.45
CA LYS D 834 -58.40 16.13 -79.78
C LYS D 834 -58.83 15.02 -80.74
N ASP D 835 -59.93 14.35 -80.37
CA ASP D 835 -60.40 13.22 -81.15
C ASP D 835 -60.94 13.65 -82.51
N TYR D 836 -61.55 14.83 -82.59
CA TYR D 836 -62.07 15.30 -83.88
C TYR D 836 -60.95 15.48 -84.89
N ALA D 837 -59.84 16.07 -84.47
CA ALA D 837 -58.72 16.32 -85.39
C ALA D 837 -57.85 15.08 -85.60
N THR D 838 -57.98 14.06 -84.77
CA THR D 838 -57.21 12.84 -84.96
C THR D 838 -57.75 12.06 -86.15
N ASP D 839 -56.84 11.47 -86.92
CA ASP D 839 -57.28 10.57 -87.98
C ASP D 839 -57.98 9.36 -87.37
N PRO D 840 -59.03 8.84 -88.00
CA PRO D 840 -59.79 7.74 -87.39
C PRO D 840 -58.96 6.49 -87.18
N LYS D 841 -58.35 5.98 -88.24
CA LYS D 841 -57.62 4.72 -88.18
C LYS D 841 -56.11 4.88 -88.11
N THR D 842 -55.58 5.97 -88.64
CA THR D 842 -54.13 6.15 -88.61
C THR D 842 -53.64 6.53 -87.22
N GLY D 843 -54.37 7.39 -86.53
CA GLY D 843 -53.93 7.96 -85.27
C GLY D 843 -53.17 9.25 -85.39
N LYS D 844 -52.85 9.67 -86.61
CA LYS D 844 -52.21 10.96 -86.85
C LYS D 844 -53.23 12.08 -86.68
N ILE D 845 -52.72 13.28 -86.38
CA ILE D 845 -53.57 14.45 -86.15
C ILE D 845 -53.39 15.42 -87.31
N ASP D 846 -54.51 15.86 -87.89
CA ASP D 846 -54.48 16.90 -88.89
C ASP D 846 -54.33 18.27 -88.21
N MET D 847 -53.34 19.04 -88.65
CA MET D 847 -53.05 20.32 -88.00
C MET D 847 -54.02 21.41 -88.42
N ASN D 848 -54.75 21.25 -89.52
CA ASN D 848 -55.70 22.28 -89.93
C ASN D 848 -56.90 22.33 -88.99
N LEU D 849 -57.38 21.18 -88.54
CA LEU D 849 -58.56 21.09 -87.71
C LEU D 849 -58.27 21.08 -86.22
N VAL D 850 -56.98 21.05 -85.84
CA VAL D 850 -56.63 21.02 -84.41
C VAL D 850 -56.70 22.38 -83.77
N GLN D 851 -57.08 23.42 -84.53
CA GLN D 851 -57.14 24.77 -83.97
C GLN D 851 -58.19 24.85 -82.88
N THR D 852 -57.88 25.68 -81.88
CA THR D 852 -58.74 25.88 -80.71
C THR D 852 -59.22 27.32 -80.66
N GLY D 853 -59.87 27.67 -79.57
CA GLY D 853 -60.39 29.01 -79.38
C GLY D 853 -59.32 30.05 -79.16
N SER E 2 24.67 8.24 8.55
CA SER E 2 25.85 8.56 7.76
C SER E 2 26.69 7.31 7.53
N PHE E 3 26.02 6.20 7.24
CA PHE E 3 26.69 4.91 7.05
C PHE E 3 26.29 4.30 5.73
N ASP E 4 27.22 3.54 5.16
CA ASP E 4 26.98 2.79 3.95
C ASP E 4 26.13 1.56 4.25
N ARG E 5 25.41 1.09 3.23
CA ARG E 5 24.58 -0.09 3.41
C ARG E 5 25.47 -1.31 3.68
N PRO E 6 25.09 -2.18 4.62
CA PRO E 6 25.90 -3.35 4.91
C PRO E 6 25.66 -4.48 3.91
N GLU E 7 26.75 -5.08 3.46
CA GLU E 7 26.68 -6.18 2.51
C GLU E 7 26.32 -7.48 3.21
N ILE E 8 25.91 -8.47 2.41
CA ILE E 8 25.61 -9.81 2.89
C ILE E 8 26.33 -10.79 1.97
N TYR E 9 27.40 -11.40 2.46
CA TYR E 9 28.19 -12.33 1.66
C TYR E 9 27.55 -13.70 1.68
N SER E 10 28.26 -14.68 1.12
CA SER E 10 27.87 -16.09 1.18
C SER E 10 29.03 -16.91 0.64
N ALA E 11 29.06 -18.18 1.05
CA ALA E 11 30.11 -19.09 0.60
C ALA E 11 29.75 -20.53 0.91
N PRO E 12 29.96 -21.46 -0.02
CA PRO E 12 29.74 -22.88 0.28
C PRO E 12 30.94 -23.44 1.04
N VAL E 13 30.65 -24.20 2.10
CA VAL E 13 31.67 -24.67 3.03
C VAL E 13 31.70 -26.19 3.12
N LEU E 14 30.55 -26.83 3.26
CA LEU E 14 30.51 -28.27 3.44
C LEU E 14 29.39 -28.84 2.59
N GLN E 15 29.54 -30.11 2.22
CA GLN E 15 28.53 -30.78 1.40
C GLN E 15 27.29 -31.05 2.22
N GLY E 16 26.20 -30.37 1.90
CA GLY E 16 24.94 -30.55 2.59
C GLY E 16 24.21 -31.78 2.08
N GLU E 17 22.88 -31.73 2.18
CA GLU E 17 22.06 -32.81 1.66
C GLU E 17 22.21 -32.91 0.15
N SER E 18 22.10 -34.13 -0.36
CA SER E 18 22.42 -34.39 -1.75
C SER E 18 21.45 -33.63 -2.66
N PRO E 19 21.93 -33.08 -3.77
CA PRO E 19 21.05 -32.33 -4.69
C PRO E 19 20.09 -33.28 -5.38
N ASN E 20 18.79 -33.03 -5.18
CA ASN E 20 17.78 -33.86 -5.81
C ASN E 20 17.73 -33.60 -7.31
N ASP E 21 17.17 -34.57 -8.04
CA ASP E 21 17.05 -34.42 -9.48
C ASP E 21 16.13 -33.26 -9.84
N ASP E 22 15.04 -33.08 -9.09
CA ASP E 22 14.11 -31.99 -9.35
C ASP E 22 14.70 -30.63 -9.01
N ASP E 23 15.85 -30.58 -8.33
CA ASP E 23 16.45 -29.30 -7.96
C ASP E 23 16.79 -28.50 -9.21
N ASN E 24 16.47 -27.21 -9.18
CA ASN E 24 16.64 -26.36 -10.35
C ASN E 24 18.09 -26.30 -10.80
N THR E 25 19.02 -26.26 -9.85
CA THR E 25 20.43 -26.21 -10.22
C THR E 25 20.85 -27.49 -10.96
N GLU E 26 20.34 -28.64 -10.52
CA GLU E 26 20.65 -29.88 -11.23
C GLU E 26 20.04 -29.89 -12.62
N ILE E 27 18.83 -29.36 -12.76
CA ILE E 27 18.23 -29.23 -14.09
C ILE E 27 19.11 -28.38 -14.99
N ILE E 28 19.59 -27.25 -14.46
CA ILE E 28 20.44 -26.37 -15.25
C ILE E 28 21.75 -27.05 -15.61
N LYS E 29 22.31 -27.81 -14.68
CA LYS E 29 23.55 -28.54 -14.97
C LYS E 29 23.34 -29.57 -16.08
N SER E 30 22.23 -30.31 -16.01
CA SER E 30 21.93 -31.29 -17.05
C SER E 30 21.73 -30.62 -18.39
N PHE E 31 21.04 -29.49 -18.41
CA PHE E 31 20.83 -28.75 -19.64
C PHE E 31 22.15 -28.24 -20.22
N LYS E 32 23.02 -27.71 -19.36
CA LYS E 32 24.31 -27.23 -19.84
C LYS E 32 25.14 -28.36 -20.42
N ASN E 33 25.15 -29.52 -19.75
CA ASN E 33 25.87 -30.66 -20.28
C ASN E 33 25.27 -31.13 -21.60
N PHE E 34 23.95 -31.09 -21.73
CA PHE E 34 23.31 -31.48 -22.97
C PHE E 34 23.71 -30.54 -24.10
N ILE E 35 23.78 -29.24 -23.82
CA ILE E 35 24.23 -28.29 -24.84
C ILE E 35 25.68 -28.57 -25.22
N LEU E 36 26.53 -28.83 -24.23
CA LEU E 36 27.96 -28.92 -24.47
C LEU E 36 28.43 -30.28 -24.96
N GLU E 37 27.60 -31.31 -24.88
CA GLU E 37 28.06 -32.66 -25.18
C GLU E 37 27.19 -33.44 -26.17
N PHE E 38 26.16 -32.83 -26.73
CA PHE E 38 25.36 -33.53 -27.72
C PHE E 38 26.17 -33.67 -29.01
N ARG E 39 26.25 -34.90 -29.52
CA ARG E 39 27.07 -35.20 -30.69
C ARG E 39 26.18 -35.82 -31.75
N LEU E 40 26.14 -35.19 -32.93
CA LEU E 40 25.47 -35.75 -34.10
C LEU E 40 26.46 -35.79 -35.23
N ASP E 41 26.58 -36.95 -35.87
CA ASP E 41 27.60 -37.17 -36.90
C ASP E 41 28.98 -36.86 -36.37
N SER E 42 29.19 -37.16 -35.08
CA SER E 42 30.42 -36.84 -34.37
C SER E 42 30.70 -35.34 -34.40
N GLN E 43 29.64 -34.54 -34.35
CA GLN E 43 29.76 -33.08 -34.37
C GLN E 43 28.98 -32.49 -33.21
N PHE E 44 29.58 -31.51 -32.54
CA PHE E 44 28.92 -30.76 -31.48
C PHE E 44 28.01 -29.73 -32.15
N ILE E 45 26.80 -30.16 -32.50
CA ILE E 45 25.90 -29.30 -33.27
C ILE E 45 25.53 -28.07 -32.46
N TYR E 46 25.11 -28.27 -31.21
CA TYR E 46 24.55 -27.16 -30.45
C TYR E 46 25.64 -26.20 -29.98
N ARG E 47 26.80 -26.72 -29.59
CA ARG E 47 27.89 -25.84 -29.19
C ARG E 47 28.31 -24.93 -30.33
N ASP E 48 28.51 -25.50 -31.52
CA ASP E 48 28.92 -24.69 -32.66
C ASP E 48 27.80 -23.74 -33.08
N GLN E 49 26.55 -24.20 -33.02
CA GLN E 49 25.43 -23.33 -33.36
C GLN E 49 25.38 -22.12 -32.43
N LEU E 50 25.57 -22.35 -31.13
CA LEU E 50 25.57 -21.25 -30.18
C LEU E 50 26.75 -20.32 -30.41
N ARG E 51 27.91 -20.88 -30.75
CA ARG E 51 29.07 -20.05 -31.06
C ARG E 51 28.78 -19.14 -32.25
N ASN E 52 28.21 -19.69 -33.32
CA ASN E 52 27.86 -18.88 -34.47
C ASN E 52 26.81 -17.84 -34.10
N ASN E 53 25.79 -18.22 -33.33
CA ASN E 53 24.75 -17.29 -32.92
C ASN E 53 25.34 -16.12 -32.16
N ILE E 54 26.32 -16.38 -31.29
CA ILE E 54 27.03 -15.29 -30.63
C ILE E 54 27.76 -14.44 -31.64
N LEU E 55 28.42 -15.08 -32.62
CA LEU E 55 29.18 -14.33 -33.62
C LEU E 55 28.27 -13.43 -34.46
N VAL E 56 27.09 -13.92 -34.83
CA VAL E 56 26.19 -13.18 -35.69
C VAL E 56 25.31 -12.27 -34.83
N LYS E 57 25.61 -12.22 -33.54
CA LYS E 57 24.87 -11.41 -32.56
C LYS E 57 23.42 -11.82 -32.46
N ASN E 58 23.11 -13.08 -32.75
CA ASN E 58 21.76 -13.62 -32.61
C ASN E 58 21.72 -14.38 -31.29
N TYR E 59 21.16 -13.73 -30.27
CA TYR E 59 21.16 -14.31 -28.92
C TYR E 59 19.95 -15.23 -28.76
N SER E 60 20.03 -16.36 -29.45
CA SER E 60 19.00 -17.38 -29.37
C SER E 60 19.59 -18.72 -29.78
N LEU E 61 18.90 -19.78 -29.41
CA LEU E 61 19.32 -21.13 -29.75
C LEU E 61 18.13 -21.93 -30.27
N THR E 62 18.36 -22.69 -31.34
CA THR E 62 17.34 -23.54 -31.93
C THR E 62 17.66 -24.98 -31.56
N VAL E 63 16.92 -25.54 -30.62
CA VAL E 63 17.16 -26.87 -30.10
C VAL E 63 16.07 -27.79 -30.63
N ASN E 64 16.46 -28.84 -31.36
CA ASN E 64 15.51 -29.81 -31.83
C ASN E 64 14.95 -30.60 -30.66
N MET E 65 13.63 -30.81 -30.66
CA MET E 65 12.98 -31.38 -29.49
C MET E 65 13.30 -32.86 -29.33
N GLU E 66 13.23 -33.64 -30.42
CA GLU E 66 13.48 -35.06 -30.27
C GLU E 66 14.95 -35.38 -30.05
N HIS E 67 15.86 -34.45 -30.36
CA HIS E 67 17.25 -34.65 -29.97
C HIS E 67 17.41 -34.67 -28.46
N LEU E 68 16.46 -34.13 -27.72
CA LEU E 68 16.57 -34.06 -26.28
C LEU E 68 16.17 -35.35 -25.60
N ILE E 69 15.30 -36.15 -26.23
CA ILE E 69 14.81 -37.35 -25.57
C ILE E 69 15.93 -38.36 -25.37
N GLY E 70 16.87 -38.44 -26.31
CA GLY E 70 17.97 -39.37 -26.16
C GLY E 70 18.88 -39.03 -25.00
N TYR E 71 19.21 -37.75 -24.86
CA TYR E 71 20.13 -37.35 -23.80
C TYR E 71 19.53 -37.55 -22.42
N ASN E 72 18.26 -37.18 -22.23
CA ASN E 72 17.61 -37.34 -20.94
C ASN E 72 16.11 -37.40 -21.19
N GLU E 73 15.54 -38.60 -21.14
CA GLU E 73 14.11 -38.75 -21.35
C GLU E 73 13.31 -38.10 -20.23
N ASP E 74 13.83 -38.15 -18.99
CA ASP E 74 13.12 -37.57 -17.86
C ASP E 74 12.98 -36.06 -18.02
N ILE E 75 14.06 -35.39 -18.41
CA ILE E 75 13.98 -33.94 -18.54
C ILE E 75 13.10 -33.55 -19.71
N TYR E 76 13.06 -34.37 -20.76
CA TYR E 76 12.13 -34.11 -21.86
C TYR E 76 10.69 -34.27 -21.40
N LYS E 77 10.42 -35.27 -20.58
CA LYS E 77 9.08 -35.43 -20.02
C LYS E 77 8.71 -34.23 -19.15
N LYS E 78 9.65 -33.75 -18.35
CA LYS E 78 9.40 -32.57 -17.53
C LYS E 78 9.12 -31.35 -18.40
N LEU E 79 9.87 -31.20 -19.49
CA LEU E 79 9.66 -30.08 -20.40
C LEU E 79 8.29 -30.15 -21.05
N SER E 80 7.91 -31.32 -21.55
CA SER E 80 6.61 -31.48 -22.20
C SER E 80 5.45 -31.52 -21.21
N ASP E 81 5.72 -31.63 -19.91
CA ASP E 81 4.67 -31.66 -18.92
C ASP E 81 4.32 -30.27 -18.40
N GLU E 82 5.32 -29.55 -17.88
CA GLU E 82 5.12 -28.20 -17.36
C GLU E 82 6.19 -27.28 -17.94
N PRO E 83 6.06 -26.92 -19.21
CA PRO E 83 7.09 -26.09 -19.85
C PRO E 83 7.26 -24.72 -19.22
N SER E 84 6.19 -24.12 -18.70
CA SER E 84 6.27 -22.76 -18.19
C SER E 84 7.18 -22.62 -16.98
N ASP E 85 7.58 -23.72 -16.37
CA ASP E 85 8.50 -23.70 -15.24
C ASP E 85 9.91 -24.12 -15.60
N ILE E 86 10.06 -25.08 -16.51
CA ILE E 86 11.38 -25.58 -16.85
C ILE E 86 12.04 -24.74 -17.94
N ILE E 87 11.26 -24.16 -18.86
CA ILE E 87 11.86 -23.46 -19.99
C ILE E 87 12.74 -22.30 -19.56
N PRO E 88 12.41 -21.48 -18.54
CA PRO E 88 13.37 -20.45 -18.13
C PRO E 88 14.68 -21.03 -17.65
N LEU E 89 14.65 -22.23 -17.07
CA LEU E 89 15.89 -22.85 -16.61
C LEU E 89 16.80 -23.19 -17.79
N PHE E 90 16.24 -23.70 -18.88
CA PHE E 90 17.10 -24.02 -20.01
C PHE E 90 17.57 -22.75 -20.70
N GLU E 91 16.74 -21.70 -20.69
CA GLU E 91 17.21 -20.39 -21.16
C GLU E 91 18.38 -19.90 -20.32
N THR E 92 18.31 -20.08 -19.01
CA THR E 92 19.40 -19.68 -18.12
C THR E 92 20.66 -20.47 -18.43
N ALA E 93 20.51 -21.78 -18.66
CA ALA E 93 21.67 -22.59 -19.02
C ALA E 93 22.31 -22.12 -20.31
N ILE E 94 21.49 -21.80 -21.31
CA ILE E 94 22.02 -21.27 -22.55
C ILE E 94 22.78 -19.98 -22.29
N THR E 95 22.21 -19.11 -21.44
CA THR E 95 22.88 -17.84 -21.16
C THR E 95 24.23 -18.05 -20.49
N GLN E 96 24.29 -18.98 -19.53
CA GLN E 96 25.55 -19.24 -18.85
C GLN E 96 26.60 -19.78 -19.81
N VAL E 97 26.22 -20.76 -20.63
CA VAL E 97 27.16 -21.31 -21.60
C VAL E 97 27.60 -20.24 -22.59
N ALA E 98 26.68 -19.37 -22.98
CA ALA E 98 27.01 -18.31 -23.92
C ALA E 98 28.01 -17.34 -23.31
N LYS E 99 27.82 -16.99 -22.04
CA LYS E 99 28.79 -16.13 -21.35
C LYS E 99 30.16 -16.79 -21.34
N ARG E 100 30.22 -18.07 -20.99
CA ARG E 100 31.50 -18.77 -20.95
C ARG E 100 32.16 -18.74 -22.32
N ILE E 101 31.40 -19.05 -23.37
CA ILE E 101 31.97 -19.12 -24.71
C ILE E 101 32.44 -17.75 -25.16
N SER E 102 31.66 -16.71 -24.92
CA SER E 102 32.05 -15.37 -25.33
C SER E 102 33.32 -14.93 -24.62
N ILE E 103 33.41 -15.17 -23.31
CA ILE E 103 34.60 -14.76 -22.58
C ILE E 103 35.81 -15.55 -23.04
N LEU E 104 35.64 -16.85 -23.27
CA LEU E 104 36.76 -17.67 -23.73
C LEU E 104 37.24 -17.23 -25.11
N SER E 105 36.32 -16.95 -26.02
CA SER E 105 36.66 -16.58 -27.39
C SER E 105 37.01 -15.10 -27.53
N ARG E 106 36.89 -14.33 -26.45
CA ARG E 106 37.32 -12.93 -26.52
C ARG E 106 38.81 -12.83 -26.82
N ALA E 107 39.60 -13.75 -26.28
CA ALA E 107 41.02 -13.77 -26.59
C ALA E 107 41.22 -13.98 -28.08
N GLN E 108 42.09 -13.15 -28.67
CA GLN E 108 42.39 -13.25 -30.09
C GLN E 108 43.46 -14.30 -30.35
N SER E 131 26.49 -6.47 -21.12
CA SER E 131 26.58 -7.92 -21.01
C SER E 131 25.54 -8.61 -21.89
N LEU E 132 25.72 -9.90 -22.12
CA LEU E 132 24.80 -10.65 -22.97
C LEU E 132 23.42 -10.73 -22.32
N PRO E 133 22.35 -10.51 -23.06
CA PRO E 133 21.01 -10.62 -22.49
C PRO E 133 20.61 -12.08 -22.33
N THR E 134 19.45 -12.28 -21.73
CA THR E 134 18.92 -13.63 -21.57
C THR E 134 18.60 -14.22 -22.94
N PHE E 135 19.20 -15.36 -23.25
CA PHE E 135 18.99 -15.97 -24.55
C PHE E 135 17.58 -16.54 -24.66
N GLN E 136 17.09 -16.62 -25.89
CA GLN E 136 15.79 -17.19 -26.18
C GLN E 136 15.96 -18.59 -26.77
N LEU E 137 15.11 -19.51 -26.34
CA LEU E 137 15.12 -20.87 -26.85
C LEU E 137 14.04 -21.05 -27.90
N ILE E 138 14.41 -21.61 -29.04
CA ILE E 138 13.48 -21.93 -30.11
C ILE E 138 13.46 -23.44 -30.26
N LEU E 139 12.28 -24.03 -30.14
CA LEU E 139 12.12 -25.48 -30.18
C LEU E 139 11.48 -25.88 -31.51
N ASN E 140 12.23 -26.59 -32.34
CA ASN E 140 11.72 -27.17 -33.56
C ASN E 140 11.53 -28.67 -33.34
N SER E 141 10.33 -29.16 -33.60
CA SER E 141 10.00 -30.56 -33.37
C SER E 141 9.41 -31.18 -34.62
N ASN E 142 9.50 -32.51 -34.69
CA ASN E 142 8.91 -33.28 -35.78
C ASN E 142 7.89 -34.29 -35.28
N ALA E 143 7.43 -34.14 -34.04
CA ALA E 143 6.53 -35.10 -33.43
C ALA E 143 5.14 -34.96 -34.04
N ASN E 144 4.18 -35.72 -33.52
CA ASN E 144 2.82 -35.66 -34.01
C ASN E 144 2.21 -34.30 -33.76
N GLN E 145 1.40 -33.83 -34.71
CA GLN E 145 0.77 -32.53 -34.65
C GLN E 145 -0.71 -32.70 -34.33
N ILE E 146 -1.16 -32.07 -33.26
CA ILE E 146 -2.56 -32.16 -32.88
C ILE E 146 -3.39 -31.30 -33.82
N PRO E 147 -4.46 -31.83 -34.40
CA PRO E 147 -5.36 -30.97 -35.19
C PRO E 147 -5.98 -29.90 -34.31
N LEU E 148 -6.22 -28.73 -34.91
CA LEU E 148 -6.69 -27.59 -34.15
C LEU E 148 -8.02 -27.87 -33.48
N ARG E 149 -8.90 -28.62 -34.15
CA ARG E 149 -10.16 -29.01 -33.52
C ARG E 149 -9.94 -30.01 -32.39
N ASP E 150 -8.81 -30.70 -32.38
CA ASP E 150 -8.58 -31.77 -31.41
C ASP E 150 -8.02 -31.28 -30.09
N LEU E 151 -7.78 -29.98 -29.94
CA LEU E 151 -7.28 -29.45 -28.68
C LEU E 151 -8.33 -29.60 -27.59
N ASP E 152 -7.92 -30.15 -26.46
CA ASP E 152 -8.82 -30.45 -25.35
C ASP E 152 -8.43 -29.63 -24.13
N SER E 153 -9.14 -29.88 -23.03
CA SER E 153 -8.78 -29.26 -21.77
C SER E 153 -7.48 -29.81 -21.21
N GLU E 154 -7.08 -31.01 -21.63
CA GLU E 154 -5.86 -31.62 -21.11
C GLU E 154 -4.62 -30.84 -21.52
N HIS E 155 -4.63 -30.28 -22.73
CA HIS E 155 -3.42 -29.68 -23.29
C HIS E 155 -3.07 -28.36 -22.63
N VAL E 156 -3.91 -27.83 -21.74
CA VAL E 156 -3.63 -26.54 -21.13
C VAL E 156 -2.28 -26.59 -20.42
N SER E 157 -1.44 -25.60 -20.71
CA SER E 157 -0.08 -25.52 -20.17
C SER E 157 0.73 -26.77 -20.48
N LYS E 158 0.52 -27.32 -21.67
CA LYS E 158 1.33 -28.43 -22.19
C LYS E 158 1.76 -28.09 -23.60
N ILE E 159 3.03 -28.36 -23.91
CA ILE E 159 3.53 -28.08 -25.24
C ILE E 159 2.78 -28.93 -26.25
N VAL E 160 2.27 -28.28 -27.29
CA VAL E 160 1.55 -28.96 -28.36
C VAL E 160 2.16 -28.53 -29.69
N ARG E 161 1.96 -29.37 -30.70
CA ARG E 161 2.37 -29.06 -32.06
C ARG E 161 1.14 -28.88 -32.93
N LEU E 162 1.05 -27.73 -33.58
CA LEU E 162 -0.12 -27.38 -34.37
C LEU E 162 0.30 -27.05 -35.78
N SER E 163 -0.61 -27.26 -36.72
CA SER E 163 -0.37 -26.90 -38.12
C SER E 163 -1.58 -26.16 -38.65
N GLY E 164 -1.33 -25.21 -39.55
CA GLY E 164 -2.40 -24.41 -40.09
C GLY E 164 -1.84 -23.30 -40.96
N ILE E 165 -2.70 -22.33 -41.26
CA ILE E 165 -2.37 -21.23 -42.16
C ILE E 165 -2.44 -19.93 -41.37
N ILE E 166 -1.44 -19.08 -41.57
CA ILE E 166 -1.36 -17.78 -40.90
C ILE E 166 -2.17 -16.78 -41.71
N ILE E 167 -3.15 -16.15 -41.08
CA ILE E 167 -4.03 -15.22 -41.77
C ILE E 167 -3.75 -13.78 -41.36
N SER E 168 -3.51 -13.51 -40.08
CA SER E 168 -3.34 -12.16 -39.59
C SER E 168 -2.12 -12.09 -38.69
N THR E 169 -1.19 -11.20 -39.03
CA THR E 169 -0.03 -10.91 -38.20
C THR E 169 -0.14 -9.46 -37.73
N SER E 170 -0.09 -9.24 -36.42
CA SER E 170 -0.35 -7.93 -35.87
C SER E 170 0.88 -7.03 -35.97
N VAL E 171 0.74 -5.82 -35.47
CA VAL E 171 1.84 -4.86 -35.40
C VAL E 171 2.75 -5.24 -34.24
N LEU E 172 4.05 -5.01 -34.42
CA LEU E 172 4.99 -5.27 -33.35
C LEU E 172 4.67 -4.40 -32.14
N SER E 173 4.40 -5.04 -31.01
CA SER E 173 4.15 -4.36 -29.76
C SER E 173 5.36 -4.48 -28.86
N SER E 174 5.85 -3.36 -28.35
CA SER E 174 7.05 -3.37 -27.52
C SER E 174 6.68 -3.69 -26.08
N ARG E 175 7.36 -4.68 -25.52
CA ARG E 175 7.19 -5.07 -24.12
C ARG E 175 8.51 -4.85 -23.39
N ALA E 176 8.41 -4.56 -22.10
CA ALA E 176 9.56 -4.25 -21.29
C ALA E 176 10.16 -5.51 -20.70
N THR E 177 11.49 -5.66 -20.84
CA THR E 177 12.22 -6.76 -20.24
C THR E 177 13.08 -6.32 -19.06
N TYR E 178 13.50 -5.06 -19.04
CA TYR E 178 14.27 -4.50 -17.93
C TYR E 178 14.05 -3.01 -17.94
N LEU E 179 13.37 -2.49 -16.93
CA LEU E 179 13.04 -1.08 -16.88
C LEU E 179 13.38 -0.50 -15.51
N SER E 180 14.00 0.68 -15.52
CA SER E 180 14.45 1.33 -14.31
C SER E 180 13.34 2.21 -13.75
N ILE E 181 12.99 1.98 -12.49
CA ILE E 181 11.92 2.71 -11.84
C ILE E 181 12.52 3.58 -10.74
N MET E 182 11.75 4.56 -10.30
CA MET E 182 12.19 5.47 -9.24
C MET E 182 10.98 5.98 -8.48
N CYS E 183 11.02 5.85 -7.15
CA CYS E 183 9.96 6.42 -6.33
C CYS E 183 9.95 7.93 -6.50
N ARG E 184 8.79 8.48 -6.87
CA ARG E 184 8.73 9.88 -7.26
C ARG E 184 9.04 10.80 -6.08
N ASN E 185 8.61 10.44 -4.87
CA ASN E 185 8.90 11.24 -3.69
C ASN E 185 10.20 10.85 -3.02
N CYS E 186 10.47 9.56 -2.90
CA CYS E 186 11.67 9.10 -2.20
C CYS E 186 12.94 9.24 -3.01
N ARG E 187 12.84 9.51 -4.32
CA ARG E 187 14.00 9.57 -5.20
C ARG E 187 14.82 8.28 -5.11
N HIS E 188 14.12 7.16 -5.04
CA HIS E 188 14.71 5.86 -4.72
C HIS E 188 14.74 5.02 -6.00
N THR E 189 15.91 4.92 -6.62
CA THR E 189 16.03 4.17 -7.85
C THR E 189 15.94 2.67 -7.59
N THR E 190 15.36 1.95 -8.55
CA THR E 190 15.24 0.51 -8.48
C THR E 190 15.09 -0.01 -9.91
N SER E 191 15.39 -1.29 -10.10
CA SER E 191 15.36 -1.89 -11.44
C SER E 191 14.74 -3.27 -11.36
N ILE E 192 13.48 -3.37 -11.79
CA ILE E 192 12.77 -4.65 -11.84
C ILE E 192 12.97 -5.27 -13.22
N THR E 193 13.11 -6.58 -13.25
CA THR E 193 13.32 -7.33 -14.49
C THR E 193 12.13 -8.24 -14.73
N ILE E 194 11.62 -8.23 -15.97
CA ILE E 194 10.47 -9.03 -16.36
C ILE E 194 10.86 -10.03 -17.44
N ASN E 195 12.16 -10.19 -17.67
CA ASN E 195 12.64 -11.10 -18.71
C ASN E 195 12.21 -12.55 -18.46
N ASN E 196 11.79 -12.86 -17.24
CA ASN E 196 11.35 -14.21 -16.91
C ASN E 196 10.01 -14.50 -17.56
N PHE E 197 10.04 -15.10 -18.76
CA PHE E 197 8.85 -15.61 -19.43
C PHE E 197 7.80 -14.53 -19.63
N ASN E 198 8.17 -13.50 -20.40
CA ASN E 198 7.26 -12.40 -20.71
C ASN E 198 6.46 -12.71 -21.97
N SER E 199 5.68 -13.80 -21.90
CA SER E 199 4.84 -14.21 -23.02
C SER E 199 3.36 -14.16 -22.70
N ILE E 200 2.98 -13.73 -21.50
CA ILE E 200 1.57 -13.59 -21.15
C ILE E 200 0.97 -12.43 -21.91
N THR E 201 -0.26 -12.63 -22.43
CA THR E 201 -0.93 -11.56 -23.17
C THR E 201 -1.17 -10.34 -22.29
N GLY E 202 -1.63 -10.56 -21.06
CA GLY E 202 -1.88 -9.48 -20.14
C GLY E 202 -0.62 -9.03 -19.42
N ASN E 203 -0.80 -8.06 -18.53
CA ASN E 203 0.32 -7.53 -17.74
C ASN E 203 0.75 -8.58 -16.72
N THR E 204 1.90 -9.20 -16.97
CA THR E 204 2.37 -10.27 -16.10
C THR E 204 2.67 -9.76 -14.69
N VAL E 205 3.49 -8.72 -14.59
CA VAL E 205 3.92 -8.18 -13.30
C VAL E 205 3.77 -6.67 -13.35
N SER E 206 3.24 -6.10 -12.27
CA SER E 206 3.04 -4.66 -12.17
C SER E 206 4.17 -4.03 -11.36
N LEU E 207 4.13 -2.71 -11.23
CA LEU E 207 5.12 -1.98 -10.47
C LEU E 207 4.92 -2.20 -8.97
N PRO E 208 5.96 -1.99 -8.17
CA PRO E 208 5.77 -2.00 -6.72
C PRO E 208 4.78 -0.92 -6.28
N ARG E 209 3.98 -1.25 -5.27
CA ARG E 209 2.91 -0.38 -4.84
C ARG E 209 3.31 0.54 -3.69
N SER E 210 4.34 0.18 -2.94
CA SER E 210 4.94 1.03 -1.93
C SER E 210 6.37 1.34 -2.36
N CYS E 211 7.12 2.05 -1.51
CA CYS E 211 8.52 2.29 -1.83
C CYS E 211 9.33 1.01 -1.82
N LEU E 212 8.78 -0.08 -1.29
CA LEU E 212 9.34 -1.43 -1.30
C LEU E 212 10.58 -1.55 -0.44
N SER E 213 11.05 -0.46 0.18
CA SER E 213 12.13 -0.51 1.14
C SER E 213 11.60 -0.52 2.58
N THR E 214 10.38 -1.02 2.77
CA THR E 214 9.76 -1.06 4.08
C THR E 214 10.38 -2.14 4.97
N ASN E 235 6.53 4.93 4.07
CA ASN E 235 5.23 5.42 3.64
C ASN E 235 5.36 6.28 2.38
N CYS E 236 4.80 5.79 1.27
CA CYS E 236 4.87 6.50 0.00
C CYS E 236 3.53 6.67 -0.68
N GLY E 237 2.47 6.05 -0.17
CA GLY E 237 1.16 6.10 -0.79
C GLY E 237 1.05 5.10 -1.93
N PRO E 238 -0.12 5.05 -2.56
CA PRO E 238 -0.31 4.11 -3.67
C PRO E 238 0.27 4.65 -4.97
N ASP E 239 0.84 3.74 -5.76
CA ASP E 239 1.40 4.03 -7.09
C ASP E 239 2.43 5.14 -7.02
N PRO E 240 3.58 4.90 -6.39
CA PRO E 240 4.58 5.97 -6.25
C PRO E 240 5.65 5.92 -7.31
N TYR E 241 5.66 4.87 -8.12
CA TYR E 241 6.78 4.59 -9.00
C TYR E 241 6.52 5.10 -10.41
N ILE E 242 7.56 5.63 -11.03
CA ILE E 242 7.55 6.02 -12.43
C ILE E 242 8.58 5.16 -13.14
N ILE E 243 8.51 5.16 -14.46
CA ILE E 243 9.42 4.38 -15.29
C ILE E 243 10.39 5.34 -15.97
N ILE E 244 11.68 5.11 -15.78
CA ILE E 244 12.72 5.89 -16.45
C ILE E 244 12.97 5.22 -17.80
N HIS E 245 12.41 5.80 -18.86
CA HIS E 245 12.42 5.13 -20.15
C HIS E 245 13.81 5.15 -20.79
N GLU E 246 14.63 6.15 -20.50
CA GLU E 246 15.94 6.22 -21.14
C GLU E 246 16.89 5.16 -20.63
N SER E 247 16.59 4.50 -19.51
CA SER E 247 17.44 3.47 -18.96
C SER E 247 16.79 2.09 -19.00
N SER E 248 15.71 1.93 -19.76
CA SER E 248 15.02 0.66 -19.82
C SER E 248 15.46 -0.12 -21.06
N LYS E 249 15.07 -1.40 -21.09
CA LYS E 249 15.30 -2.27 -22.23
C LYS E 249 14.00 -2.97 -22.57
N PHE E 250 13.74 -3.16 -23.86
CA PHE E 250 12.47 -3.70 -24.33
C PHE E 250 12.71 -4.84 -25.31
N ILE E 251 11.63 -5.58 -25.60
CA ILE E 251 11.68 -6.70 -26.52
C ILE E 251 10.47 -6.62 -27.44
N ASP E 252 10.60 -7.29 -28.59
CA ASP E 252 9.54 -7.29 -29.60
C ASP E 252 8.48 -8.33 -29.25
N GLN E 253 7.23 -7.99 -29.51
CA GLN E 253 6.13 -8.94 -29.32
C GLN E 253 5.14 -8.77 -30.46
N GLN E 254 4.66 -9.90 -30.99
CA GLN E 254 3.78 -9.89 -32.15
C GLN E 254 2.67 -10.91 -31.95
N PHE E 255 1.49 -10.57 -32.46
CA PHE E 255 0.31 -11.43 -32.35
C PHE E 255 -0.02 -11.99 -33.72
N LEU E 256 0.19 -13.28 -33.92
CA LEU E 256 -0.29 -13.93 -35.12
C LEU E 256 -1.66 -14.54 -34.87
N LYS E 257 -2.31 -14.97 -35.95
CA LYS E 257 -3.57 -15.70 -35.85
C LYS E 257 -3.49 -16.93 -36.75
N LEU E 258 -3.90 -18.07 -36.22
CA LEU E 258 -3.81 -19.34 -36.92
C LEU E 258 -5.21 -19.86 -37.21
N GLN E 259 -5.46 -20.23 -38.46
CA GLN E 259 -6.73 -20.77 -38.88
C GLN E 259 -6.51 -22.16 -39.44
N GLU E 260 -7.44 -23.07 -39.15
CA GLU E 260 -7.36 -24.42 -39.71
C GLU E 260 -7.39 -24.36 -41.22
N ILE E 261 -6.65 -25.28 -41.85
CA ILE E 261 -6.52 -25.26 -43.30
C ILE E 261 -7.90 -25.37 -43.93
N PRO E 262 -8.28 -24.47 -44.84
CA PRO E 262 -9.64 -24.50 -45.38
C PRO E 262 -9.96 -25.75 -46.18
N GLU E 263 -8.95 -26.48 -46.66
CA GLU E 263 -9.22 -27.72 -47.37
C GLU E 263 -9.90 -28.72 -46.44
N LEU E 264 -9.39 -28.88 -45.22
CA LEU E 264 -9.91 -29.86 -44.28
C LEU E 264 -10.85 -29.18 -43.27
N VAL E 265 -12.01 -28.78 -43.77
CA VAL E 265 -13.02 -28.13 -42.95
C VAL E 265 -14.34 -28.87 -43.10
N PRO E 266 -15.07 -29.13 -42.02
CA PRO E 266 -16.41 -29.71 -42.16
C PRO E 266 -17.30 -28.79 -43.00
N VAL E 267 -18.12 -29.41 -43.85
CA VAL E 267 -18.76 -28.67 -44.94
C VAL E 267 -19.70 -27.60 -44.41
N GLY E 268 -20.47 -27.91 -43.37
CA GLY E 268 -21.47 -26.97 -42.90
C GLY E 268 -21.00 -26.01 -41.82
N GLU E 269 -19.73 -26.04 -41.46
CA GLU E 269 -19.22 -25.29 -40.32
C GLU E 269 -18.24 -24.21 -40.78
N MET E 270 -18.26 -23.08 -40.10
CA MET E 270 -17.24 -22.07 -40.30
C MET E 270 -15.89 -22.57 -39.79
N PRO E 271 -14.79 -22.13 -40.38
CA PRO E 271 -13.48 -22.52 -39.86
C PRO E 271 -13.25 -21.94 -38.47
N ARG E 272 -12.42 -22.63 -37.69
CA ARG E 272 -12.10 -22.22 -36.33
C ARG E 272 -10.65 -21.78 -36.27
N ASN E 273 -10.42 -20.59 -35.72
CA ASN E 273 -9.11 -19.97 -35.66
C ASN E 273 -8.58 -19.97 -34.24
N LEU E 274 -7.32 -19.60 -34.10
CA LEU E 274 -6.65 -19.57 -32.80
C LEU E 274 -5.75 -18.37 -32.72
N THR E 275 -5.76 -17.69 -31.58
CA THR E 275 -4.87 -16.56 -31.36
C THR E 275 -3.52 -17.04 -30.84
N MET E 276 -2.45 -16.45 -31.33
CA MET E 276 -1.12 -16.81 -30.88
C MET E 276 -0.33 -15.55 -30.55
N THR E 277 0.66 -15.70 -29.67
CA THR E 277 1.62 -14.64 -29.39
C THR E 277 2.97 -15.04 -29.97
N CYS E 278 3.95 -14.19 -29.73
CA CYS E 278 5.29 -14.37 -30.31
C CYS E 278 6.20 -13.31 -29.69
N ASP E 279 7.46 -13.67 -29.52
CA ASP E 279 8.40 -12.78 -28.85
C ASP E 279 9.76 -12.84 -29.51
N ARG E 280 10.50 -11.74 -29.39
CA ARG E 280 11.95 -11.69 -29.63
C ARG E 280 12.24 -12.20 -31.05
N TYR E 281 13.13 -13.17 -31.22
CA TYR E 281 13.63 -13.52 -32.53
C TYR E 281 12.63 -14.27 -33.39
N LEU E 282 11.50 -14.69 -32.84
CA LEU E 282 10.47 -15.31 -33.65
C LEU E 282 9.57 -14.30 -34.35
N THR E 283 9.71 -13.02 -34.05
CA THR E 283 8.86 -12.00 -34.65
C THR E 283 9.21 -11.78 -36.11
N ASN E 284 8.20 -11.45 -36.91
CA ASN E 284 8.35 -11.21 -38.34
C ASN E 284 9.00 -12.40 -39.03
N LYS E 285 8.61 -13.61 -38.60
CA LYS E 285 9.12 -14.82 -39.19
C LYS E 285 8.19 -15.42 -40.23
N VAL E 286 6.92 -15.05 -40.23
CA VAL E 286 5.94 -15.56 -41.18
C VAL E 286 5.10 -14.41 -41.69
N ILE E 287 4.86 -14.39 -43.00
CA ILE E 287 3.92 -13.46 -43.61
C ILE E 287 2.56 -14.13 -43.56
N PRO E 288 1.46 -13.37 -43.60
CA PRO E 288 0.15 -14.01 -43.67
C PRO E 288 0.01 -14.83 -44.93
N GLY E 289 -0.80 -15.88 -44.86
CA GLY E 289 -0.99 -16.76 -45.98
C GLY E 289 0.04 -17.86 -46.12
N THR E 290 0.77 -18.18 -45.05
CA THR E 290 1.79 -19.19 -45.07
C THR E 290 1.37 -20.36 -44.18
N ARG E 291 1.39 -21.57 -44.74
CA ARG E 291 1.14 -22.76 -43.93
C ARG E 291 2.34 -23.03 -43.04
N VAL E 292 2.10 -23.15 -41.74
CA VAL E 292 3.17 -23.29 -40.77
C VAL E 292 2.83 -24.41 -39.80
N THR E 293 3.87 -24.92 -39.16
CA THR E 293 3.74 -25.85 -38.04
C THR E 293 4.25 -25.15 -36.79
N ILE E 294 3.39 -25.08 -35.78
CA ILE E 294 3.65 -24.31 -34.56
C ILE E 294 4.03 -25.28 -33.46
N VAL E 295 5.11 -24.98 -32.75
CA VAL E 295 5.48 -25.67 -31.53
C VAL E 295 5.39 -24.63 -30.42
N GLY E 296 4.30 -24.67 -29.65
CA GLY E 296 4.09 -23.66 -28.63
C GLY E 296 3.29 -24.20 -27.47
N ILE E 297 3.40 -23.48 -26.35
CA ILE E 297 2.70 -23.83 -25.12
C ILE E 297 1.24 -23.44 -25.27
N TYR E 298 0.36 -24.42 -25.29
CA TYR E 298 -1.07 -24.13 -25.15
C TYR E 298 -1.30 -23.42 -23.84
N SER E 299 -2.07 -22.34 -23.87
CA SER E 299 -2.23 -21.50 -22.70
C SER E 299 -3.66 -20.98 -22.63
N ILE E 300 -3.91 -20.14 -21.64
CA ILE E 300 -5.25 -19.66 -21.32
C ILE E 300 -5.20 -18.17 -21.03
N TYR E 301 -6.17 -17.45 -21.57
CA TYR E 301 -6.32 -16.02 -21.35
C TYR E 301 -7.75 -15.69 -20.96
N ASN E 302 -7.92 -14.74 -20.06
CA ASN E 302 -9.23 -14.38 -19.55
C ASN E 302 -9.78 -13.18 -20.32
N SER E 303 -11.00 -13.33 -20.85
CA SER E 303 -11.65 -12.27 -21.59
C SER E 303 -12.96 -11.86 -20.93
N ALA E 322 -16.34 -16.60 -16.61
CA ALA E 322 -16.66 -18.01 -16.40
C ALA E 322 -15.89 -18.88 -17.38
N ILE E 323 -15.77 -18.39 -18.61
CA ILE E 323 -15.08 -19.10 -19.68
C ILE E 323 -13.90 -18.25 -20.11
N ARG E 324 -12.73 -18.87 -20.19
CA ARG E 324 -11.51 -18.18 -20.57
C ARG E 324 -11.12 -18.55 -22.00
N THR E 325 -10.28 -17.74 -22.59
CA THR E 325 -9.96 -17.99 -23.98
C THR E 325 -8.59 -18.65 -24.10
N PRO E 326 -8.41 -19.52 -25.09
CA PRO E 326 -7.12 -20.16 -25.30
C PRO E 326 -6.24 -19.40 -26.29
N TYR E 327 -4.93 -19.61 -26.13
CA TYR E 327 -3.95 -19.06 -27.06
C TYR E 327 -2.66 -19.86 -26.92
N ILE E 328 -1.78 -19.68 -27.90
CA ILE E 328 -0.55 -20.46 -28.00
C ILE E 328 0.63 -19.53 -27.82
N LYS E 329 1.42 -19.74 -26.77
CA LYS E 329 2.69 -19.06 -26.61
C LYS E 329 3.68 -19.73 -27.55
N ILE E 330 3.96 -19.10 -28.69
CA ILE E 330 4.81 -19.72 -29.69
C ILE E 330 6.21 -19.92 -29.14
N LEU E 331 6.70 -21.16 -29.22
CA LEU E 331 8.08 -21.47 -28.88
C LEU E 331 8.95 -21.71 -30.09
N GLY E 332 8.35 -21.96 -31.25
CA GLY E 332 9.09 -22.18 -32.48
C GLY E 332 8.17 -22.32 -33.67
N ILE E 333 8.55 -21.71 -34.80
CA ILE E 333 7.74 -21.70 -36.00
C ILE E 333 8.50 -22.43 -37.10
N GLN E 334 7.86 -23.42 -37.70
CA GLN E 334 8.44 -24.18 -38.81
C GLN E 334 7.58 -23.95 -40.04
N SER E 335 8.09 -23.16 -40.99
CA SER E 335 7.36 -22.78 -42.17
C SER E 335 7.78 -23.65 -43.34
N ASP E 336 6.82 -24.30 -43.97
CA ASP E 336 7.09 -25.15 -45.12
C ASP E 336 7.29 -24.28 -46.36
N VAL E 337 7.37 -24.91 -47.53
CA VAL E 337 7.53 -24.16 -48.77
C VAL E 337 6.30 -23.30 -49.00
N GLU E 338 6.52 -22.04 -49.33
CA GLU E 338 5.43 -21.11 -49.57
C GLU E 338 5.81 -20.24 -50.76
N THR E 339 5.05 -19.16 -50.95
CA THR E 339 5.22 -18.29 -52.11
C THR E 339 6.61 -17.67 -52.13
N SER E 340 7.24 -17.69 -53.29
CA SER E 340 8.58 -17.16 -53.49
C SER E 340 8.50 -15.77 -54.11
N SER E 341 9.51 -14.96 -53.81
CA SER E 341 9.61 -13.61 -54.35
C SER E 341 11.07 -13.20 -54.40
N ILE E 342 11.33 -12.13 -55.16
CA ILE E 342 12.70 -11.66 -55.34
C ILE E 342 13.31 -11.25 -54.00
N TRP E 343 12.50 -10.63 -53.14
CA TRP E 343 13.01 -10.19 -51.84
C TRP E 343 13.18 -11.37 -50.89
N ASN E 344 12.44 -12.45 -51.10
CA ASN E 344 12.61 -13.67 -50.33
C ASN E 344 13.59 -14.64 -50.97
N SER E 345 14.17 -14.28 -52.11
CA SER E 345 15.06 -15.18 -52.82
C SER E 345 16.35 -15.40 -52.03
N VAL E 346 16.87 -16.62 -52.10
CA VAL E 346 18.09 -16.98 -51.40
C VAL E 346 19.28 -16.44 -52.18
N THR E 347 20.26 -15.89 -51.46
CA THR E 347 21.45 -15.31 -52.09
C THR E 347 22.70 -16.13 -51.88
N MET E 348 22.81 -16.84 -50.75
CA MET E 348 23.99 -17.63 -50.44
C MET E 348 24.01 -18.89 -51.29
N PHE E 349 25.05 -19.06 -52.09
CA PHE E 349 25.24 -20.22 -52.95
C PHE E 349 26.41 -21.04 -52.41
N THR E 350 26.16 -22.30 -52.11
CA THR E 350 27.23 -23.15 -51.61
C THR E 350 28.23 -23.44 -52.72
N GLU E 351 29.48 -23.71 -52.31
CA GLU E 351 30.57 -23.80 -53.27
C GLU E 351 30.30 -24.86 -54.34
N GLU E 352 29.69 -25.97 -53.95
CA GLU E 352 29.32 -27.00 -54.92
C GLU E 352 28.34 -26.46 -55.96
N GLU E 353 27.44 -25.56 -55.57
CA GLU E 353 26.46 -25.05 -56.51
C GLU E 353 27.14 -24.29 -57.65
N GLU E 354 27.99 -23.32 -57.33
CA GLU E 354 28.65 -22.59 -58.41
C GLU E 354 29.68 -23.45 -59.11
N GLU E 355 30.27 -24.43 -58.42
CA GLU E 355 31.18 -25.34 -59.11
C GLU E 355 30.46 -26.13 -60.20
N GLU E 356 29.30 -26.70 -59.87
CA GLU E 356 28.56 -27.47 -60.86
C GLU E 356 27.97 -26.58 -61.94
N PHE E 357 27.60 -25.33 -61.59
CA PHE E 357 27.13 -24.42 -62.62
C PHE E 357 28.24 -24.09 -63.59
N LEU E 358 29.46 -23.87 -63.08
CA LEU E 358 30.60 -23.60 -63.96
C LEU E 358 30.90 -24.81 -64.84
N GLN E 359 30.86 -26.02 -64.27
CA GLN E 359 31.16 -27.19 -65.09
C GLN E 359 30.07 -27.44 -66.13
N LEU E 360 28.84 -27.02 -65.85
CA LEU E 360 27.81 -27.04 -66.88
C LEU E 360 28.05 -25.95 -67.93
N SER E 361 28.68 -24.84 -67.52
CA SER E 361 28.89 -23.74 -68.44
C SER E 361 29.77 -24.12 -69.62
N ARG E 362 30.60 -25.14 -69.46
CA ARG E 362 31.48 -25.61 -70.53
C ARG E 362 30.89 -26.78 -71.30
N ASN E 363 29.68 -27.21 -70.99
CA ASN E 363 29.08 -28.34 -71.69
C ASN E 363 28.80 -27.97 -73.14
N PRO E 364 29.29 -28.72 -74.12
CA PRO E 364 29.04 -28.36 -75.52
C PRO E 364 27.57 -28.39 -75.89
N LYS E 365 26.78 -29.30 -75.31
CA LYS E 365 25.37 -29.44 -75.65
C LYS E 365 24.45 -28.81 -74.62
N LEU E 366 24.89 -27.74 -73.97
CA LEU E 366 24.08 -27.10 -72.93
C LEU E 366 22.76 -26.61 -73.49
N TYR E 367 22.79 -26.05 -74.71
CA TYR E 367 21.57 -25.59 -75.35
C TYR E 367 20.58 -26.74 -75.53
N GLU E 368 21.06 -27.89 -76.01
CA GLU E 368 20.19 -29.05 -76.17
C GLU E 368 19.79 -29.65 -74.83
N ILE E 369 20.70 -29.64 -73.86
CA ILE E 369 20.35 -30.18 -72.54
C ILE E 369 19.20 -29.40 -71.93
N LEU E 370 19.31 -28.07 -71.91
CA LEU E 370 18.24 -27.27 -71.35
C LEU E 370 16.99 -27.32 -72.22
N THR E 371 17.15 -27.44 -73.54
CA THR E 371 15.99 -27.57 -74.41
C THR E 371 15.24 -28.87 -74.11
N ASN E 372 15.96 -29.97 -73.96
CA ASN E 372 15.31 -31.25 -73.69
C ASN E 372 14.83 -31.38 -72.25
N SER E 373 15.36 -30.57 -71.33
CA SER E 373 14.90 -30.62 -69.96
C SER E 373 13.59 -29.86 -69.76
N ILE E 374 13.15 -29.10 -70.76
CA ILE E 374 11.93 -28.32 -70.63
C ILE E 374 10.74 -29.18 -71.03
N ALA E 375 9.79 -29.34 -70.10
CA ALA E 375 8.53 -30.03 -70.34
C ALA E 375 8.73 -31.38 -71.02
N PRO E 376 9.25 -32.38 -70.31
CA PRO E 376 9.48 -33.68 -70.96
C PRO E 376 8.23 -34.29 -71.55
N SER E 377 7.09 -34.12 -70.88
CA SER E 377 5.85 -34.73 -71.35
C SER E 377 5.43 -34.16 -72.69
N ILE E 378 5.67 -32.87 -72.93
CA ILE E 378 5.37 -32.30 -74.23
C ILE E 378 6.29 -32.90 -75.28
N PHE E 379 5.69 -33.39 -76.36
CA PHE E 379 6.41 -33.95 -77.49
C PHE E 379 6.37 -32.96 -78.64
N GLY E 380 7.54 -32.68 -79.22
CA GLY E 380 7.62 -31.69 -80.27
C GLY E 380 7.93 -30.31 -79.73
N ASN E 381 7.65 -29.29 -80.54
CA ASN E 381 7.88 -27.89 -80.17
C ASN E 381 9.33 -27.66 -79.76
N GLU E 382 10.23 -27.94 -80.71
CA GLU E 382 11.66 -27.77 -80.46
C GLU E 382 12.00 -26.29 -80.31
N ASP E 383 11.69 -25.49 -81.33
CA ASP E 383 11.97 -24.07 -81.28
C ASP E 383 11.16 -23.37 -80.20
N ILE E 384 9.94 -23.85 -79.91
CA ILE E 384 9.17 -23.26 -78.82
C ILE E 384 9.89 -23.47 -77.48
N LYS E 385 10.41 -24.68 -77.26
CA LYS E 385 11.15 -24.94 -76.03
C LYS E 385 12.43 -24.12 -75.97
N LYS E 386 13.11 -23.96 -77.11
CA LYS E 386 14.28 -23.10 -77.15
C LYS E 386 13.93 -21.66 -76.79
N ALA E 387 12.80 -21.18 -77.30
CA ALA E 387 12.33 -19.83 -76.96
C ALA E 387 12.01 -19.73 -75.48
N ILE E 388 11.43 -20.78 -74.90
CA ILE E 388 11.15 -20.79 -73.47
C ILE E 388 12.45 -20.67 -72.69
N VAL E 389 13.48 -21.39 -73.11
CA VAL E 389 14.78 -21.30 -72.46
C VAL E 389 15.32 -19.88 -72.56
N CYS E 390 15.20 -19.27 -73.74
CA CYS E 390 15.66 -17.89 -73.91
C CYS E 390 14.91 -16.95 -72.98
N LEU E 391 13.60 -17.16 -72.84
CA LEU E 391 12.80 -16.36 -71.93
C LEU E 391 13.28 -16.50 -70.50
N LEU E 392 13.54 -17.74 -70.07
CA LEU E 392 13.97 -17.98 -68.70
C LEU E 392 15.32 -17.33 -68.43
N MET E 393 16.23 -17.39 -69.40
CA MET E 393 17.53 -16.73 -69.23
C MET E 393 17.36 -15.22 -69.07
N GLY E 394 16.48 -14.62 -69.84
CA GLY E 394 16.32 -13.19 -69.83
C GLY E 394 17.39 -12.49 -70.63
N GLY E 395 17.33 -11.16 -70.64
CA GLY E 395 18.25 -10.36 -71.40
C GLY E 395 18.99 -9.38 -70.51
N SER E 396 20.07 -8.84 -71.06
CA SER E 396 20.87 -7.87 -70.32
C SER E 396 20.14 -6.54 -70.22
N LYS E 397 20.03 -6.02 -69.00
CA LYS E 397 19.37 -4.74 -68.77
C LYS E 397 20.40 -3.62 -68.86
N LYS E 398 20.05 -2.56 -69.58
CA LYS E 398 20.95 -1.44 -69.78
C LYS E 398 20.32 -0.17 -69.23
N ILE E 399 21.09 0.60 -68.48
CA ILE E 399 20.67 1.89 -67.94
C ILE E 399 21.65 2.93 -68.45
N LEU E 400 21.18 3.83 -69.28
CA LEU E 400 22.02 4.81 -69.94
C LEU E 400 22.24 6.03 -69.06
N PRO E 401 23.31 6.79 -69.29
CA PRO E 401 23.59 7.96 -68.44
C PRO E 401 22.52 9.04 -68.53
N ASP E 402 21.71 9.05 -69.59
CA ASP E 402 20.67 10.08 -69.68
C ASP E 402 19.42 9.72 -68.88
N GLY E 403 19.44 8.62 -68.14
CA GLY E 403 18.32 8.22 -67.31
C GLY E 403 17.43 7.16 -67.92
N MET E 404 17.58 6.87 -69.21
CA MET E 404 16.76 5.86 -69.84
C MET E 404 17.16 4.46 -69.38
N ARG E 405 16.18 3.57 -69.33
CA ARG E 405 16.39 2.19 -68.87
C ARG E 405 15.85 1.25 -69.94
N LEU E 406 16.74 0.68 -70.75
CA LEU E 406 16.32 -0.21 -71.82
C LEU E 406 15.83 -1.53 -71.27
N ARG E 407 14.84 -2.10 -71.93
CA ARG E 407 14.24 -3.35 -71.47
C ARG E 407 15.22 -4.51 -71.65
N GLY E 408 15.25 -5.39 -70.65
CA GLY E 408 16.11 -6.55 -70.69
C GLY E 408 15.36 -7.84 -70.43
N ASP E 409 14.15 -7.94 -70.94
CA ASP E 409 13.33 -9.13 -70.76
C ASP E 409 12.70 -9.53 -72.10
N ILE E 410 12.28 -10.79 -72.16
CA ILE E 410 11.73 -11.37 -73.38
C ILE E 410 10.29 -11.78 -73.12
N ASN E 411 9.39 -11.36 -73.99
CA ASN E 411 7.97 -11.71 -73.90
C ASN E 411 7.61 -12.56 -75.10
N VAL E 412 7.10 -13.77 -74.86
CA VAL E 412 6.78 -14.73 -75.90
C VAL E 412 5.29 -15.02 -75.85
N LEU E 413 4.62 -14.87 -76.99
CA LEU E 413 3.20 -15.11 -77.13
C LEU E 413 2.97 -16.42 -77.87
N LEU E 414 2.07 -17.24 -77.36
CA LEU E 414 1.78 -18.56 -77.92
C LEU E 414 0.35 -18.58 -78.44
N LEU E 415 0.17 -18.16 -79.69
CA LEU E 415 -1.11 -18.30 -80.35
C LEU E 415 -1.24 -19.71 -80.92
N GLY E 416 -2.34 -20.38 -80.60
CA GLY E 416 -2.48 -21.75 -81.03
C GLY E 416 -3.89 -22.28 -80.87
N ASP E 417 -4.17 -23.35 -81.59
CA ASP E 417 -5.43 -24.04 -81.44
C ASP E 417 -5.48 -24.73 -80.09
N PRO E 418 -6.69 -24.95 -79.54
CA PRO E 418 -6.78 -25.64 -78.26
C PRO E 418 -6.25 -27.06 -78.35
N GLY E 419 -5.69 -27.53 -77.25
CA GLY E 419 -5.14 -28.86 -77.19
C GLY E 419 -3.72 -29.01 -77.67
N THR E 420 -3.02 -27.90 -77.93
CA THR E 420 -1.62 -27.95 -78.32
C THR E 420 -0.67 -27.79 -77.15
N ALA E 421 -1.14 -28.08 -75.93
CA ALA E 421 -0.29 -28.09 -74.73
C ALA E 421 0.33 -26.73 -74.44
N LYS E 422 -0.35 -25.66 -74.86
CA LYS E 422 0.12 -24.33 -74.49
C LYS E 422 -0.01 -24.12 -72.98
N SER E 423 -1.15 -24.52 -72.41
CA SER E 423 -1.35 -24.37 -70.97
C SER E 423 -0.36 -25.22 -70.19
N GLN E 424 -0.10 -26.44 -70.65
CA GLN E 424 0.86 -27.29 -69.98
C GLN E 424 2.26 -26.67 -70.01
N LEU E 425 2.63 -26.09 -71.16
CA LEU E 425 3.92 -25.43 -71.26
C LEU E 425 4.00 -24.25 -70.30
N LEU E 426 2.93 -23.47 -70.20
CA LEU E 426 2.91 -22.36 -69.25
C LEU E 426 3.05 -22.85 -67.81
N LYS E 427 2.36 -23.95 -67.48
CA LYS E 427 2.48 -24.50 -66.13
C LYS E 427 3.91 -24.93 -65.84
N PHE E 428 4.55 -25.58 -66.80
CA PHE E 428 5.95 -25.98 -66.60
C PHE E 428 6.83 -24.75 -66.42
N VAL E 429 6.61 -23.71 -67.22
CA VAL E 429 7.43 -22.51 -67.10
C VAL E 429 7.22 -21.87 -65.73
N GLU E 430 6.00 -21.95 -65.22
CA GLU E 430 5.73 -21.48 -63.86
C GLU E 430 6.55 -22.28 -62.84
N LYS E 431 6.57 -23.60 -63.01
CA LYS E 431 7.25 -24.44 -62.02
C LYS E 431 8.76 -24.24 -62.05
N VAL E 432 9.36 -24.17 -63.24
CA VAL E 432 10.81 -24.12 -63.33
C VAL E 432 11.34 -22.77 -62.87
N SER E 433 10.70 -21.68 -63.26
CA SER E 433 11.24 -20.36 -63.00
C SER E 433 11.19 -20.04 -61.51
N PRO E 434 12.23 -19.39 -60.97
CA PRO E 434 12.27 -19.13 -59.52
C PRO E 434 11.12 -18.30 -59.01
N ILE E 435 10.68 -17.31 -59.79
CA ILE E 435 9.57 -16.44 -59.42
C ILE E 435 8.57 -16.43 -60.56
N ALA E 436 7.38 -16.95 -60.31
CA ALA E 436 6.40 -17.09 -61.38
C ALA E 436 4.99 -17.02 -60.80
N VAL E 437 4.09 -16.43 -61.57
CA VAL E 437 2.68 -16.37 -61.24
C VAL E 437 1.89 -16.79 -62.48
N TYR E 438 1.09 -17.82 -62.36
CA TYR E 438 0.24 -18.28 -63.44
C TYR E 438 -1.14 -17.68 -63.26
N THR E 439 -1.61 -16.92 -64.26
CA THR E 439 -2.82 -16.15 -64.10
C THR E 439 -3.68 -16.27 -65.35
N SER E 440 -5.00 -16.36 -65.14
CA SER E 440 -5.95 -16.30 -66.24
C SER E 440 -6.07 -14.88 -66.76
N GLY E 441 -6.68 -14.74 -67.93
CA GLY E 441 -6.82 -13.42 -68.53
C GLY E 441 -7.60 -12.46 -67.65
N LYS E 442 -8.75 -12.91 -67.14
CA LYS E 442 -9.53 -12.08 -66.24
C LYS E 442 -8.88 -11.95 -64.87
N GLY E 443 -7.83 -12.72 -64.60
CA GLY E 443 -7.19 -12.75 -63.30
C GLY E 443 -7.38 -14.09 -62.63
N SER E 444 -6.83 -14.19 -61.43
CA SER E 444 -6.96 -15.41 -60.64
C SER E 444 -8.33 -15.45 -59.98
N SER E 445 -8.53 -16.38 -59.05
CA SER E 445 -9.79 -16.45 -58.34
C SER E 445 -10.03 -15.19 -57.52
N ALA E 446 -9.00 -14.70 -56.84
CA ALA E 446 -9.10 -13.47 -56.07
C ALA E 446 -7.95 -12.51 -56.31
N ALA E 447 -6.92 -12.91 -57.02
CA ALA E 447 -5.79 -12.02 -57.32
C ALA E 447 -6.13 -11.16 -58.52
N GLY E 448 -5.14 -10.41 -59.00
CA GLY E 448 -5.35 -9.55 -60.15
C GLY E 448 -4.10 -9.47 -61.00
N LEU E 449 -4.30 -9.11 -62.26
CA LEU E 449 -3.21 -9.00 -63.21
C LEU E 449 -2.47 -7.67 -63.12
N THR E 450 -3.01 -6.69 -62.41
CA THR E 450 -2.39 -5.38 -62.31
C THR E 450 -2.39 -4.94 -60.86
N ALA E 451 -1.47 -4.03 -60.54
CA ALA E 451 -1.31 -3.55 -59.18
C ALA E 451 -2.59 -2.85 -58.71
N SER E 452 -3.30 -3.48 -57.78
CA SER E 452 -4.55 -2.94 -57.25
C SER E 452 -4.24 -2.28 -55.91
N VAL E 453 -4.28 -0.95 -55.88
CA VAL E 453 -3.98 -0.18 -54.69
C VAL E 453 -5.28 0.03 -53.93
N GLN E 454 -5.43 -0.64 -52.79
CA GLN E 454 -6.63 -0.56 -51.99
C GLN E 454 -6.28 -0.11 -50.57
N ARG E 455 -7.28 0.40 -49.86
CA ARG E 455 -7.07 0.90 -48.52
C ARG E 455 -7.19 -0.22 -47.49
N ASP E 456 -6.24 -0.26 -46.57
CA ASP E 456 -6.23 -1.27 -45.53
C ASP E 456 -7.47 -1.11 -44.64
N PRO E 457 -8.27 -2.16 -44.45
CA PRO E 457 -9.46 -2.02 -43.61
C PRO E 457 -9.16 -1.56 -42.19
N MET E 458 -7.97 -1.89 -41.66
CA MET E 458 -7.65 -1.49 -40.29
C MET E 458 -7.61 0.03 -40.16
N THR E 459 -6.92 0.71 -41.07
CA THR E 459 -6.67 2.13 -40.94
C THR E 459 -7.13 2.95 -42.15
N ARG E 460 -7.72 2.31 -43.15
CA ARG E 460 -8.18 2.97 -44.37
C ARG E 460 -7.05 3.67 -45.13
N GLU E 461 -5.82 3.21 -44.94
CA GLU E 461 -4.66 3.81 -45.59
C GLU E 461 -4.25 2.99 -46.80
N PHE E 462 -3.67 3.67 -47.78
CA PHE E 462 -3.41 3.07 -49.08
C PHE E 462 -2.24 2.09 -49.02
N TYR E 463 -2.47 0.88 -49.54
CA TYR E 463 -1.43 -0.10 -49.75
C TYR E 463 -1.78 -0.88 -51.01
N LEU E 464 -0.98 -1.90 -51.32
CA LEU E 464 -1.15 -2.70 -52.52
C LEU E 464 -1.58 -4.11 -52.12
N GLU E 465 -2.80 -4.50 -52.49
CA GLU E 465 -3.28 -5.84 -52.15
C GLU E 465 -2.56 -6.91 -52.95
N GLY E 466 -2.45 -6.73 -54.25
CA GLY E 466 -1.97 -7.79 -55.10
C GLY E 466 -1.43 -7.34 -56.43
N GLY E 467 -1.77 -8.07 -57.49
CA GLY E 467 -1.24 -7.76 -58.81
C GLY E 467 -0.21 -8.78 -59.23
N ALA E 468 -0.54 -9.56 -60.26
CA ALA E 468 0.37 -10.62 -60.69
C ALA E 468 1.70 -10.06 -61.15
N MET E 469 1.68 -8.95 -61.88
CA MET E 469 2.93 -8.40 -62.40
C MET E 469 3.86 -7.93 -61.29
N VAL E 470 3.31 -7.24 -60.28
CA VAL E 470 4.17 -6.76 -59.20
C VAL E 470 4.58 -7.91 -58.28
N LEU E 471 3.68 -8.85 -58.04
CA LEU E 471 4.01 -9.97 -57.16
C LEU E 471 5.12 -10.83 -57.76
N ALA E 472 5.07 -11.06 -59.07
CA ALA E 472 6.13 -11.79 -59.76
C ALA E 472 7.09 -10.80 -60.39
N ASP E 473 7.77 -10.05 -59.52
CA ASP E 473 8.73 -9.04 -59.94
C ASP E 473 10.12 -9.65 -59.97
N GLY E 474 10.87 -9.37 -61.03
CA GLY E 474 12.18 -9.96 -61.22
C GLY E 474 12.18 -11.33 -61.82
N GLY E 475 11.01 -11.93 -62.03
CA GLY E 475 10.92 -13.24 -62.63
C GLY E 475 10.06 -13.22 -63.88
N VAL E 476 9.07 -14.10 -63.95
CA VAL E 476 8.16 -14.17 -65.09
C VAL E 476 6.74 -14.26 -64.57
N VAL E 477 5.80 -13.94 -65.45
CA VAL E 477 4.38 -14.13 -65.20
C VAL E 477 3.80 -14.93 -66.36
N CYS E 478 2.99 -15.93 -66.05
CA CYS E 478 2.40 -16.80 -67.05
C CYS E 478 0.93 -16.43 -67.19
N ILE E 479 0.55 -15.94 -68.37
CA ILE E 479 -0.81 -15.50 -68.64
C ILE E 479 -1.39 -16.39 -69.72
N ASP E 480 -2.52 -17.01 -69.44
CA ASP E 480 -3.26 -17.76 -70.45
C ASP E 480 -4.57 -17.04 -70.71
N GLU E 481 -5.15 -17.32 -71.88
CA GLU E 481 -6.33 -16.61 -72.37
C GLU E 481 -6.06 -15.11 -72.39
N PHE E 482 -4.91 -14.75 -72.96
CA PHE E 482 -4.50 -13.35 -73.06
C PHE E 482 -5.48 -12.51 -73.86
N ASP E 483 -6.32 -13.15 -74.68
CA ASP E 483 -7.26 -12.39 -75.49
C ASP E 483 -8.41 -11.83 -74.67
N LYS E 484 -8.84 -12.55 -73.64
CA LYS E 484 -10.03 -12.21 -72.87
C LYS E 484 -9.75 -11.27 -71.72
N MET E 485 -8.51 -10.85 -71.52
CA MET E 485 -8.20 -10.00 -70.38
C MET E 485 -8.88 -8.65 -70.52
N ARG E 486 -9.29 -8.09 -69.38
CA ARG E 486 -10.07 -6.86 -69.37
C ARG E 486 -9.24 -5.67 -69.83
N ASP E 487 -9.92 -4.66 -70.37
CA ASP E 487 -9.22 -3.48 -70.89
C ASP E 487 -8.52 -2.71 -69.78
N GLU E 488 -9.14 -2.64 -68.60
CA GLU E 488 -8.49 -2.01 -67.45
C GLU E 488 -7.14 -2.65 -67.18
N ASP E 489 -7.07 -3.97 -67.25
CA ASP E 489 -5.78 -4.64 -67.11
C ASP E 489 -4.90 -4.39 -68.33
N ARG E 490 -5.50 -4.32 -69.52
CA ARG E 490 -4.72 -4.22 -70.75
C ARG E 490 -3.94 -2.92 -70.83
N VAL E 491 -4.56 -1.81 -70.42
CA VAL E 491 -3.88 -0.53 -70.53
C VAL E 491 -2.67 -0.47 -69.62
N ALA E 492 -2.74 -1.10 -68.44
CA ALA E 492 -1.57 -1.17 -67.57
C ALA E 492 -0.56 -2.18 -68.07
N ILE E 493 -1.02 -3.26 -68.70
CA ILE E 493 -0.11 -4.24 -69.26
C ILE E 493 0.72 -3.62 -70.37
N HIS E 494 0.14 -2.69 -71.13
CA HIS E 494 0.91 -1.98 -72.16
C HIS E 494 2.16 -1.35 -71.57
N GLU E 495 2.02 -0.68 -70.42
CA GLU E 495 3.19 -0.08 -69.77
C GLU E 495 4.09 -1.15 -69.17
N ALA E 496 3.49 -2.15 -68.49
CA ALA E 496 4.29 -3.10 -67.74
C ALA E 496 5.16 -3.95 -68.66
N MET E 497 4.67 -4.24 -69.86
CA MET E 497 5.44 -5.07 -70.78
C MET E 497 6.69 -4.35 -71.27
N GLU E 498 6.58 -3.07 -71.61
CA GLU E 498 7.67 -2.35 -72.24
C GLU E 498 8.46 -1.50 -71.26
N GLN E 499 7.80 -0.56 -70.58
CA GLN E 499 8.50 0.27 -69.60
C GLN E 499 8.77 -0.47 -68.30
N GLN E 500 8.04 -1.55 -68.05
CA GLN E 500 8.22 -2.38 -66.85
C GLN E 500 8.09 -1.58 -65.56
N THR E 501 7.22 -0.57 -65.57
CA THR E 501 6.97 0.26 -64.40
C THR E 501 5.47 0.57 -64.36
N ILE E 502 4.73 -0.13 -63.51
CA ILE E 502 3.31 0.19 -63.35
C ILE E 502 3.17 1.51 -62.63
N SER E 503 2.37 2.41 -63.18
CA SER E 503 2.18 3.74 -62.64
C SER E 503 0.82 3.84 -61.97
N ILE E 504 0.81 4.17 -60.68
CA ILE E 504 -0.41 4.34 -59.91
C ILE E 504 -0.57 5.82 -59.62
N ALA E 505 -1.72 6.38 -59.96
CA ALA E 505 -1.96 7.81 -59.77
C ALA E 505 -3.35 8.06 -59.20
N LYS E 506 -3.90 7.11 -58.48
CA LYS E 506 -5.18 7.32 -57.82
C LYS E 506 -5.04 8.39 -56.76
N ALA E 507 -6.11 9.15 -56.55
CA ALA E 507 -6.06 10.29 -55.65
C ALA E 507 -5.65 9.86 -54.25
N GLY E 508 -4.70 10.58 -53.67
CA GLY E 508 -4.20 10.32 -52.34
C GLY E 508 -2.88 9.58 -52.30
N ILE E 509 -2.51 8.89 -53.38
CA ILE E 509 -1.23 8.20 -53.44
C ILE E 509 -0.73 8.17 -54.87
N THR E 510 0.48 8.65 -55.10
CA THR E 510 1.05 8.73 -56.43
C THR E 510 2.44 8.13 -56.42
N THR E 511 2.61 7.03 -57.13
CA THR E 511 3.89 6.35 -57.16
C THR E 511 3.97 5.52 -58.43
N VAL E 512 5.19 5.12 -58.77
CA VAL E 512 5.44 4.28 -59.94
C VAL E 512 6.05 2.99 -59.41
N LEU E 513 5.23 1.96 -59.22
CA LEU E 513 5.73 0.68 -58.78
C LEU E 513 6.60 0.04 -59.86
N ASN E 514 7.71 -0.56 -59.44
CA ASN E 514 8.66 -1.16 -60.36
C ASN E 514 8.30 -2.62 -60.56
N SER E 515 8.00 -3.00 -61.81
CA SER E 515 7.62 -4.36 -62.17
C SER E 515 8.46 -4.81 -63.35
N ARG E 516 9.65 -5.35 -63.07
CA ARG E 516 10.53 -5.88 -64.11
C ARG E 516 10.18 -7.34 -64.31
N THR E 517 9.32 -7.62 -65.29
CA THR E 517 8.74 -8.94 -65.45
C THR E 517 8.78 -9.35 -66.91
N SER E 518 8.87 -10.66 -67.15
CA SER E 518 8.77 -11.23 -68.48
C SER E 518 7.42 -11.92 -68.61
N VAL E 519 6.75 -11.71 -69.72
CA VAL E 519 5.39 -12.19 -69.93
C VAL E 519 5.42 -13.32 -70.94
N LEU E 520 4.88 -14.47 -70.56
CA LEU E 520 4.65 -15.59 -71.47
C LEU E 520 3.14 -15.75 -71.58
N ALA E 521 2.60 -15.46 -72.75
CA ALA E 521 1.16 -15.38 -72.93
C ALA E 521 0.68 -16.43 -73.92
N ALA E 522 -0.43 -17.08 -73.59
CA ALA E 522 -1.08 -18.05 -74.46
C ALA E 522 -2.52 -17.63 -74.66
N ALA E 523 -2.98 -17.63 -75.91
CA ALA E 523 -4.34 -17.23 -76.21
C ALA E 523 -4.77 -17.84 -77.53
N ASN E 524 -5.94 -18.47 -77.53
CA ASN E 524 -6.47 -19.03 -78.77
C ASN E 524 -6.86 -17.90 -79.72
N PRO E 525 -6.87 -18.17 -81.02
CA PRO E 525 -7.30 -17.15 -81.99
C PRO E 525 -8.74 -16.73 -81.74
N ILE E 526 -9.16 -15.69 -82.46
CA ILE E 526 -10.55 -15.23 -82.34
C ILE E 526 -11.50 -16.33 -82.77
N TYR E 527 -11.14 -17.09 -83.80
CA TYR E 527 -11.90 -18.26 -84.20
C TYR E 527 -11.72 -19.38 -83.17
N GLY E 528 -12.40 -20.50 -83.40
CA GLY E 528 -12.15 -21.67 -82.60
C GLY E 528 -10.75 -22.23 -82.81
N ARG E 529 -10.23 -22.12 -84.03
CA ARG E 529 -8.89 -22.56 -84.37
C ARG E 529 -8.33 -21.64 -85.44
N TYR E 530 -7.06 -21.82 -85.76
CA TYR E 530 -6.47 -21.15 -86.90
C TYR E 530 -6.88 -21.88 -88.17
N ASP E 531 -7.59 -21.20 -89.06
CA ASP E 531 -8.12 -21.82 -90.27
C ASP E 531 -7.97 -20.87 -91.44
N ASP E 532 -7.91 -21.44 -92.64
CA ASP E 532 -7.75 -20.67 -93.87
C ASP E 532 -9.05 -20.08 -94.39
N LEU E 533 -10.20 -20.47 -93.82
CA LEU E 533 -11.47 -19.92 -94.27
C LEU E 533 -11.55 -18.43 -93.97
N LYS E 534 -10.87 -17.98 -92.92
CA LYS E 534 -10.73 -16.56 -92.60
C LYS E 534 -9.28 -16.15 -92.73
N SER E 535 -9.07 -14.92 -93.18
CA SER E 535 -7.73 -14.42 -93.43
C SER E 535 -6.92 -14.38 -92.14
N PRO E 536 -5.61 -14.65 -92.22
CA PRO E 536 -4.78 -14.62 -91.01
C PRO E 536 -4.74 -13.27 -90.32
N GLY E 537 -4.92 -12.18 -91.06
CA GLY E 537 -4.83 -10.86 -90.46
C GLY E 537 -5.90 -10.64 -89.40
N ASP E 538 -7.14 -10.99 -89.73
CA ASP E 538 -8.23 -10.88 -88.77
C ASP E 538 -8.39 -12.13 -87.91
N ASN E 539 -7.66 -13.20 -88.20
CA ASN E 539 -7.73 -14.41 -87.38
C ASN E 539 -7.17 -14.16 -85.98
N ILE E 540 -6.39 -13.11 -85.80
CA ILE E 540 -5.81 -12.76 -84.51
C ILE E 540 -6.55 -11.51 -84.00
N ASP E 541 -7.14 -11.62 -82.81
CA ASP E 541 -8.00 -10.58 -82.28
C ASP E 541 -7.23 -9.39 -81.74
N PHE E 542 -5.96 -9.56 -81.40
CA PHE E 542 -5.22 -8.53 -80.69
C PHE E 542 -4.94 -7.33 -81.60
N GLN E 543 -4.79 -6.17 -80.98
CA GLN E 543 -4.35 -5.00 -81.71
C GLN E 543 -2.86 -5.12 -82.05
N THR E 544 -2.42 -4.32 -83.02
CA THR E 544 -1.04 -4.41 -83.46
C THR E 544 -0.06 -3.95 -82.38
N THR E 545 -0.51 -3.14 -81.43
CA THR E 545 0.40 -2.66 -80.38
C THR E 545 0.88 -3.82 -79.51
N ILE E 546 -0.09 -4.51 -78.93
CA ILE E 546 0.25 -5.63 -78.01
C ILE E 546 1.14 -6.58 -78.78
N LEU E 547 0.74 -6.94 -80.00
CA LEU E 547 1.57 -7.89 -80.77
C LEU E 547 2.97 -7.31 -80.86
N SER E 548 3.08 -6.00 -81.02
CA SER E 548 4.42 -5.37 -81.18
C SER E 548 5.25 -5.62 -79.95
N ARG E 549 4.65 -5.52 -78.77
CA ARG E 549 5.49 -5.64 -77.56
C ARG E 549 6.14 -7.02 -77.51
N PHE E 550 5.41 -8.08 -77.88
CA PHE E 550 5.95 -9.44 -77.71
C PHE E 550 7.22 -9.66 -78.52
N ASP E 551 8.27 -10.15 -77.87
CA ASP E 551 9.59 -10.36 -78.53
C ASP E 551 9.54 -11.50 -79.56
N MET E 552 8.85 -12.59 -79.24
CA MET E 552 8.72 -13.73 -80.20
C MET E 552 7.27 -14.19 -80.28
N ILE E 553 6.58 -13.85 -81.37
CA ILE E 553 5.21 -14.27 -81.58
C ILE E 553 5.25 -15.66 -82.22
N PHE E 554 4.65 -16.63 -81.55
CA PHE E 554 4.64 -18.00 -82.02
C PHE E 554 3.22 -18.40 -82.38
N ILE E 555 3.04 -18.91 -83.59
CA ILE E 555 1.76 -19.42 -84.05
C ILE E 555 1.84 -20.94 -84.00
N VAL E 556 0.89 -21.55 -83.30
CA VAL E 556 0.82 -23.00 -83.14
C VAL E 556 -0.40 -23.49 -83.89
N LYS E 557 -0.19 -24.45 -84.78
CA LYS E 557 -1.25 -25.01 -85.60
C LYS E 557 -1.19 -26.52 -85.52
N ASP E 558 -2.35 -27.16 -85.47
CA ASP E 558 -2.44 -28.61 -85.34
C ASP E 558 -2.65 -29.22 -86.71
N ASP E 559 -1.62 -29.90 -87.22
CA ASP E 559 -1.76 -30.62 -88.48
C ASP E 559 -2.55 -31.91 -88.24
N HIS E 560 -3.21 -32.38 -89.29
CA HIS E 560 -4.05 -33.56 -89.23
C HIS E 560 -3.36 -34.82 -89.73
N ASN E 561 -2.04 -34.77 -89.92
CA ASN E 561 -1.33 -35.95 -90.39
C ASN E 561 -1.42 -37.07 -89.36
N GLU E 562 -1.81 -38.25 -89.83
CA GLU E 562 -2.09 -39.36 -88.91
C GLU E 562 -0.83 -39.80 -88.17
N GLU E 563 0.31 -39.83 -88.87
CA GLU E 563 1.53 -40.35 -88.26
C GLU E 563 1.97 -39.50 -87.08
N ARG E 564 1.91 -38.17 -87.22
CA ARG E 564 2.30 -37.30 -86.12
C ARG E 564 1.35 -37.45 -84.95
N ASP E 565 0.05 -37.59 -85.22
CA ASP E 565 -0.90 -37.83 -84.15
C ASP E 565 -0.64 -39.17 -83.47
N ILE E 566 -0.28 -40.19 -84.26
CA ILE E 566 0.06 -41.48 -83.70
C ILE E 566 1.26 -41.36 -82.77
N SER E 567 2.28 -40.63 -83.20
CA SER E 567 3.47 -40.47 -82.35
C SER E 567 3.14 -39.67 -81.10
N ILE E 568 2.26 -38.66 -81.21
CA ILE E 568 1.87 -37.87 -80.05
C ILE E 568 1.15 -38.76 -79.04
N ALA E 569 0.21 -39.59 -79.51
CA ALA E 569 -0.47 -40.51 -78.62
C ALA E 569 0.51 -41.49 -77.97
N ASN E 570 1.44 -42.02 -78.76
CA ASN E 570 2.44 -42.93 -78.22
C ASN E 570 3.25 -42.24 -77.13
N HIS E 571 3.69 -41.01 -77.39
CA HIS E 571 4.51 -40.29 -76.41
C HIS E 571 3.74 -40.04 -75.12
N VAL E 572 2.49 -39.60 -75.23
CA VAL E 572 1.74 -39.28 -74.02
C VAL E 572 1.48 -40.54 -73.21
N ILE E 573 1.15 -41.65 -73.86
CA ILE E 573 0.80 -42.84 -73.08
C ILE E 573 2.05 -43.58 -72.63
N ASN E 574 3.19 -43.31 -73.25
CA ASN E 574 4.45 -43.72 -72.65
C ASN E 574 4.73 -42.91 -71.39
N ILE E 575 4.47 -41.60 -71.45
CA ILE E 575 4.60 -40.77 -70.25
C ILE E 575 3.51 -41.13 -69.25
N HIS E 576 2.27 -41.24 -69.72
CA HIS E 576 1.12 -41.45 -68.84
C HIS E 576 0.94 -42.95 -68.64
N THR E 577 1.32 -43.44 -67.46
CA THR E 577 1.11 -44.81 -67.00
C THR E 577 2.02 -45.78 -67.75
N GLY E 578 2.73 -45.27 -68.76
CA GLY E 578 3.76 -46.09 -69.39
C GLY E 578 4.99 -46.24 -68.52
N ASN E 579 5.18 -45.32 -67.57
CA ASN E 579 6.22 -45.36 -66.56
C ASN E 579 7.63 -45.37 -67.14
N ALA E 580 7.77 -45.13 -68.45
CA ALA E 580 9.09 -45.13 -69.07
C ALA E 580 9.96 -43.97 -68.61
N ASN E 581 9.35 -42.84 -68.24
CA ASN E 581 10.14 -41.70 -67.79
C ASN E 581 10.70 -41.91 -66.39
N ALA E 582 9.89 -42.45 -65.49
CA ALA E 582 10.30 -42.66 -64.11
C ALA E 582 10.13 -44.12 -63.69
N ASN E 590 22.53 -40.33 -70.25
CA ASN E 590 22.26 -39.39 -69.17
C ASN E 590 22.62 -37.97 -69.56
N GLY E 591 22.17 -37.00 -68.77
CA GLY E 591 22.47 -35.61 -69.02
C GLY E 591 21.53 -34.92 -69.98
N SER E 592 20.62 -35.66 -70.64
CA SER E 592 19.67 -35.03 -71.53
C SER E 592 18.57 -34.31 -70.76
N GLU E 593 18.36 -34.67 -69.51
CA GLU E 593 17.32 -34.06 -68.68
C GLU E 593 17.92 -33.66 -67.34
N ILE E 594 17.79 -32.39 -66.98
CA ILE E 594 18.20 -31.88 -65.69
C ILE E 594 16.96 -31.71 -64.83
N SER E 595 17.08 -32.04 -63.55
CA SER E 595 15.97 -31.87 -62.62
C SER E 595 15.53 -30.41 -62.57
N ILE E 596 14.28 -30.20 -62.14
CA ILE E 596 13.72 -28.86 -62.13
C ILE E 596 14.49 -27.96 -61.17
N GLU E 597 14.82 -28.47 -59.98
CA GLU E 597 15.52 -27.64 -59.00
C GLU E 597 16.91 -27.25 -59.49
N LYS E 598 17.65 -28.20 -60.06
CA LYS E 598 19.00 -27.90 -60.51
C LYS E 598 19.00 -26.87 -61.62
N MET E 599 18.12 -27.02 -62.61
CA MET E 599 18.05 -26.05 -63.70
C MET E 599 17.52 -24.71 -63.21
N LYS E 600 16.63 -24.71 -62.22
CA LYS E 600 16.14 -23.46 -61.65
C LYS E 600 17.26 -22.69 -60.97
N ARG E 601 18.05 -23.37 -60.15
CA ARG E 601 19.18 -22.72 -59.51
C ARG E 601 20.22 -22.29 -60.54
N TYR E 602 20.36 -23.05 -61.62
CA TYR E 602 21.24 -22.63 -62.72
C TYR E 602 20.73 -21.33 -63.34
N ILE E 603 19.42 -21.23 -63.53
CA ILE E 603 18.83 -20.00 -64.07
C ILE E 603 19.13 -18.82 -63.15
N THR E 604 18.94 -19.03 -61.84
CA THR E 604 19.20 -17.98 -60.87
C THR E 604 20.66 -17.54 -60.93
N TYR E 605 21.58 -18.51 -60.99
CA TYR E 605 23.00 -18.18 -61.04
C TYR E 605 23.36 -17.45 -62.32
N CYS E 606 22.78 -17.87 -63.44
CA CYS E 606 23.05 -17.19 -64.70
C CYS E 606 22.56 -15.75 -64.65
N ARG E 607 21.38 -15.51 -64.08
CA ARG E 607 20.87 -14.16 -63.97
C ARG E 607 21.76 -13.31 -63.06
N LEU E 608 22.26 -13.91 -61.97
CA LEU E 608 23.04 -13.12 -61.02
C LEU E 608 24.43 -12.80 -61.57
N LYS E 609 25.09 -13.76 -62.20
CA LYS E 609 26.52 -13.67 -62.42
C LYS E 609 26.91 -13.34 -63.87
N CYS E 610 25.95 -13.13 -64.76
CA CYS E 610 26.29 -12.88 -66.17
C CYS E 610 25.32 -11.87 -66.76
N ALA E 611 25.86 -10.78 -67.28
CA ALA E 611 25.11 -9.79 -68.07
C ALA E 611 25.91 -9.51 -69.33
N PRO E 612 25.79 -10.37 -70.33
CA PRO E 612 26.66 -10.25 -71.51
C PRO E 612 26.41 -8.97 -72.27
N ARG E 613 27.46 -8.52 -72.95
CA ARG E 613 27.39 -7.36 -73.84
C ARG E 613 27.57 -7.82 -75.27
N LEU E 614 26.85 -7.18 -76.18
CA LEU E 614 26.95 -7.54 -77.59
C LEU E 614 28.33 -7.21 -78.13
N SER E 615 28.85 -8.12 -78.95
CA SER E 615 30.16 -7.93 -79.57
C SER E 615 30.06 -6.95 -80.74
N PRO E 616 31.14 -6.20 -81.01
CA PRO E 616 31.07 -5.23 -82.11
C PRO E 616 30.77 -5.84 -83.46
N GLN E 617 31.25 -7.06 -83.72
CA GLN E 617 30.97 -7.69 -85.00
C GLN E 617 29.50 -8.07 -85.13
N ALA E 618 28.84 -8.35 -84.00
CA ALA E 618 27.45 -8.73 -84.05
C ALA E 618 26.56 -7.57 -84.49
N ALA E 619 26.98 -6.33 -84.25
CA ALA E 619 26.19 -5.17 -84.63
C ALA E 619 26.01 -5.09 -86.13
N GLU E 620 27.06 -5.43 -86.89
CA GLU E 620 26.95 -5.43 -88.34
C GLU E 620 25.87 -6.38 -88.81
N LYS E 621 25.92 -7.63 -88.33
CA LYS E 621 24.95 -8.63 -88.75
C LYS E 621 23.55 -8.26 -88.31
N LEU E 622 23.40 -7.72 -87.11
CA LEU E 622 22.07 -7.34 -86.63
C LEU E 622 21.49 -6.20 -87.47
N SER E 623 22.30 -5.20 -87.79
CA SER E 623 21.83 -4.12 -88.64
C SER E 623 21.44 -4.63 -90.02
N SER E 624 22.27 -5.51 -90.59
CA SER E 624 21.99 -6.04 -91.91
C SER E 624 20.68 -6.83 -91.91
N ASN E 625 20.50 -7.70 -90.91
CA ASN E 625 19.28 -8.51 -90.84
C ASN E 625 18.06 -7.64 -90.62
N PHE E 626 18.17 -6.62 -89.76
CA PHE E 626 17.03 -5.73 -89.54
C PHE E 626 16.66 -5.01 -90.83
N VAL E 627 17.67 -4.53 -91.57
CA VAL E 627 17.40 -3.87 -92.84
C VAL E 627 16.73 -4.82 -93.82
N THR E 628 17.21 -6.06 -93.89
CA THR E 628 16.61 -7.04 -94.80
C THR E 628 15.17 -7.35 -94.43
N ILE E 629 14.90 -7.52 -93.13
CA ILE E 629 13.55 -7.85 -92.68
C ILE E 629 12.61 -6.69 -92.97
N ARG E 630 13.07 -5.46 -92.72
CA ARG E 630 12.24 -4.30 -93.04
C ARG E 630 12.02 -4.16 -94.54
N LYS E 631 13.02 -4.54 -95.34
CA LYS E 631 12.85 -4.48 -96.79
C LYS E 631 11.80 -5.47 -97.26
N GLN E 632 11.87 -6.71 -96.78
CA GLN E 632 10.85 -7.68 -97.17
C GLN E 632 9.48 -7.31 -96.64
N LEU E 633 9.42 -6.69 -95.46
CA LEU E 633 8.14 -6.19 -94.95
C LEU E 633 7.60 -5.09 -95.86
N LEU E 634 8.48 -4.22 -96.35
CA LEU E 634 8.05 -3.21 -97.30
C LEU E 634 7.54 -3.85 -98.59
N ILE E 635 8.17 -4.94 -99.01
CA ILE E 635 7.68 -5.65 -100.19
C ILE E 635 6.26 -6.17 -99.96
N ASN E 636 6.05 -6.81 -98.80
CA ASN E 636 4.73 -7.36 -98.51
C ASN E 636 3.68 -6.28 -98.33
N GLU E 637 4.09 -5.11 -97.82
CA GLU E 637 3.15 -3.99 -97.70
C GLU E 637 2.89 -3.33 -99.04
N LEU E 638 3.83 -3.43 -99.97
CA LEU E 638 3.65 -2.84 -101.29
C LEU E 638 2.74 -3.71 -102.16
N GLU E 639 2.87 -5.04 -102.05
CA GLU E 639 2.06 -5.91 -102.87
C GLU E 639 0.57 -5.84 -102.51
N SER E 640 0.24 -5.57 -101.25
CA SER E 640 -1.14 -5.44 -100.81
C SER E 640 -1.30 -4.18 -99.98
N THR E 641 -2.35 -3.42 -100.27
CA THR E 641 -2.50 -2.09 -99.69
C THR E 641 -2.65 -2.14 -98.17
N GLU E 642 -3.44 -3.10 -97.66
CA GLU E 642 -3.72 -3.16 -96.24
C GLU E 642 -2.46 -3.50 -95.45
N ARG E 643 -2.31 -2.87 -94.29
CA ARG E 643 -1.15 -3.14 -93.45
C ARG E 643 -1.22 -4.55 -92.87
N SER E 644 -0.05 -5.17 -92.73
CA SER E 644 0.03 -6.52 -92.18
C SER E 644 -0.31 -6.51 -90.70
N SER E 645 -0.88 -7.63 -90.23
CA SER E 645 -1.26 -7.73 -88.83
C SER E 645 -0.03 -7.74 -87.92
N ILE E 646 0.95 -8.59 -88.23
CA ILE E 646 2.15 -8.73 -87.42
C ILE E 646 3.11 -7.61 -87.80
N PRO E 647 3.46 -6.71 -86.88
CA PRO E 647 4.36 -5.61 -87.22
C PRO E 647 5.82 -5.92 -86.90
N ILE E 648 6.70 -5.23 -87.61
CA ILE E 648 8.13 -5.25 -87.34
C ILE E 648 8.56 -3.81 -87.09
N THR E 649 9.16 -3.56 -85.92
CA THR E 649 9.54 -2.21 -85.51
C THR E 649 10.89 -2.27 -84.83
N ILE E 650 11.34 -1.10 -84.35
CA ILE E 650 12.58 -1.04 -83.59
C ILE E 650 12.48 -1.92 -82.36
N ARG E 651 11.27 -2.10 -81.84
CA ARG E 651 11.06 -3.03 -80.75
C ARG E 651 11.46 -4.45 -81.14
N GLN E 652 11.26 -4.84 -82.40
CA GLN E 652 11.68 -6.17 -82.83
C GLN E 652 13.19 -6.27 -82.93
N LEU E 653 13.86 -5.19 -83.34
CA LEU E 653 15.32 -5.19 -83.33
C LEU E 653 15.85 -5.36 -81.91
N GLU E 654 15.26 -4.65 -80.95
CA GLU E 654 15.66 -4.84 -79.56
C GLU E 654 15.34 -6.25 -79.09
N ALA E 655 14.23 -6.82 -79.57
CA ALA E 655 13.91 -8.20 -79.22
C ALA E 655 15.00 -9.15 -79.69
N ILE E 656 15.48 -8.96 -80.92
CA ILE E 656 16.59 -9.76 -81.41
C ILE E 656 17.82 -9.56 -80.54
N ILE E 657 18.08 -8.31 -80.14
CA ILE E 657 19.25 -8.04 -79.30
C ILE E 657 19.16 -8.81 -77.99
N ARG E 658 18.00 -8.77 -77.35
CA ARG E 658 17.83 -9.52 -76.11
C ARG E 658 17.88 -11.03 -76.32
N ILE E 659 17.42 -11.54 -77.46
CA ILE E 659 17.58 -12.97 -77.72
C ILE E 659 19.06 -13.33 -77.78
N THR E 660 19.85 -12.49 -78.47
CA THR E 660 21.29 -12.73 -78.54
C THR E 660 21.92 -12.65 -77.16
N GLU E 661 21.52 -11.67 -76.36
CA GLU E 661 22.06 -11.56 -75.00
C GLU E 661 21.69 -12.77 -74.17
N SER E 662 20.47 -13.28 -74.32
CA SER E 662 20.08 -14.49 -73.60
C SER E 662 20.93 -15.67 -74.03
N LEU E 663 21.17 -15.82 -75.32
CA LEU E 663 22.00 -16.92 -75.79
C LEU E 663 23.42 -16.81 -75.24
N ALA E 664 23.95 -15.60 -75.16
CA ALA E 664 25.28 -15.42 -74.59
C ALA E 664 25.29 -15.73 -73.10
N LYS E 665 24.30 -15.23 -72.37
CA LYS E 665 24.21 -15.50 -70.93
C LYS E 665 23.96 -16.96 -70.64
N LEU E 666 23.48 -17.72 -71.63
CA LEU E 666 23.33 -19.16 -71.46
C LEU E 666 24.65 -19.82 -71.11
N GLU E 667 25.73 -19.40 -71.78
CA GLU E 667 27.05 -19.96 -71.58
C GLU E 667 27.90 -19.15 -70.61
N LEU E 668 27.31 -18.17 -69.93
CA LEU E 668 28.04 -17.28 -69.02
C LEU E 668 29.14 -16.52 -69.75
N SER E 669 28.98 -16.34 -71.05
CA SER E 669 29.97 -15.62 -71.85
C SER E 669 29.83 -14.13 -71.62
N PRO E 670 30.89 -13.44 -71.19
CA PRO E 670 30.81 -11.97 -71.07
C PRO E 670 30.54 -11.28 -72.41
N ILE E 671 31.01 -11.84 -73.51
CA ILE E 671 30.84 -11.25 -74.83
C ILE E 671 30.22 -12.28 -75.76
N ALA E 672 29.16 -11.89 -76.47
CA ALA E 672 28.52 -12.78 -77.43
C ALA E 672 29.35 -12.87 -78.71
N GLN E 673 28.94 -13.76 -79.61
CA GLN E 673 29.65 -13.99 -80.85
C GLN E 673 28.64 -14.15 -81.98
N GLU E 674 29.17 -14.34 -83.19
CA GLU E 674 28.33 -14.44 -84.38
C GLU E 674 27.43 -15.68 -84.33
N ARG E 675 27.89 -16.76 -83.70
CA ARG E 675 27.07 -17.96 -83.62
C ARG E 675 25.78 -17.71 -82.85
N HIS E 676 25.87 -16.98 -81.73
CA HIS E 676 24.67 -16.62 -80.98
C HIS E 676 23.73 -15.79 -81.84
N VAL E 677 24.29 -14.85 -82.61
CA VAL E 677 23.46 -14.00 -83.46
C VAL E 677 22.73 -14.82 -84.51
N ASP E 678 23.44 -15.75 -85.15
CA ASP E 678 22.81 -16.57 -86.17
C ASP E 678 21.73 -17.47 -85.58
N GLU E 679 22.00 -18.03 -84.39
CA GLU E 679 20.98 -18.85 -83.74
C GLU E 679 19.75 -18.02 -83.37
N ALA E 680 19.96 -16.80 -82.88
CA ALA E 680 18.84 -15.93 -82.57
C ALA E 680 18.05 -15.58 -83.82
N ILE E 681 18.75 -15.35 -84.93
CA ILE E 681 18.08 -15.06 -86.20
C ILE E 681 17.24 -16.26 -86.62
N ARG E 682 17.79 -17.47 -86.46
CA ARG E 682 17.03 -18.67 -86.80
C ARG E 682 15.78 -18.79 -85.94
N LEU E 683 15.91 -18.55 -84.63
CA LEU E 683 14.76 -18.61 -83.75
C LEU E 683 13.71 -17.57 -84.15
N PHE E 684 14.16 -16.39 -84.55
CA PHE E 684 13.22 -15.36 -84.99
C PHE E 684 12.49 -15.78 -86.25
N GLN E 685 13.22 -16.36 -87.22
CA GLN E 685 12.56 -16.86 -88.42
C GLN E 685 11.53 -17.92 -88.07
N ALA E 686 11.86 -18.80 -87.14
CA ALA E 686 10.91 -19.83 -86.72
C ALA E 686 9.68 -19.19 -86.06
N SER E 687 9.87 -18.12 -85.32
CA SER E 687 8.76 -17.47 -84.61
C SER E 687 8.09 -16.42 -85.49
N THR E 688 8.83 -15.39 -85.88
CA THR E 688 8.29 -14.29 -86.66
C THR E 688 8.71 -14.44 -88.12
N MET E 689 8.00 -13.74 -88.99
CA MET E 689 8.03 -13.88 -90.44
C MET E 689 7.42 -15.20 -90.89
N ASP E 690 7.06 -16.08 -89.97
CA ASP E 690 6.11 -17.14 -90.26
C ASP E 690 4.69 -16.67 -89.98
N ALA E 691 4.51 -15.94 -88.88
CA ALA E 691 3.28 -15.20 -88.68
C ALA E 691 3.08 -14.16 -89.77
N ALA E 692 4.15 -13.44 -90.12
CA ALA E 692 4.07 -12.50 -91.22
C ALA E 692 3.91 -13.20 -92.56
N SER E 693 4.40 -14.44 -92.67
CA SER E 693 4.20 -15.19 -93.90
C SER E 693 2.72 -15.45 -94.15
N GLN E 694 1.98 -15.77 -93.11
CA GLN E 694 0.55 -16.04 -93.21
C GLN E 694 -0.19 -14.71 -93.28
N ASP E 695 -0.60 -14.33 -94.49
CA ASP E 695 -1.23 -13.06 -94.77
C ASP E 695 -2.58 -13.28 -95.44
N PRO E 696 -3.49 -12.29 -95.36
CA PRO E 696 -4.81 -12.37 -96.01
C PRO E 696 -4.74 -12.70 -97.50
N ASP F 104 -53.04 2.03 5.67
CA ASP F 104 -53.93 1.16 4.91
C ASP F 104 -55.00 1.99 4.19
N ASP F 105 -55.72 1.36 3.27
CA ASP F 105 -56.77 2.00 2.51
C ASP F 105 -58.11 1.30 2.79
N VAL F 106 -59.09 2.06 3.25
CA VAL F 106 -60.39 1.51 3.56
C VAL F 106 -61.13 1.12 2.29
N THR F 107 -61.07 1.99 1.27
CA THR F 107 -61.83 1.75 0.04
C THR F 107 -61.38 0.47 -0.65
N GLY F 108 -60.06 0.22 -0.69
CA GLY F 108 -59.59 -0.98 -1.36
C GLY F 108 -60.08 -2.25 -0.69
N GLU F 109 -60.00 -2.31 0.64
CA GLU F 109 -60.48 -3.47 1.37
C GLU F 109 -61.99 -3.63 1.22
N LYS F 110 -62.74 -2.53 1.28
CA LYS F 110 -64.18 -2.59 1.13
C LYS F 110 -64.57 -3.10 -0.25
N VAL F 111 -63.90 -2.62 -1.29
CA VAL F 111 -64.19 -3.09 -2.64
C VAL F 111 -63.79 -4.56 -2.78
N ARG F 112 -62.69 -4.96 -2.13
CA ARG F 112 -62.28 -6.36 -2.20
C ARG F 112 -63.33 -7.27 -1.58
N GLU F 113 -63.83 -6.92 -0.40
CA GLU F 113 -64.84 -7.76 0.24
C GLU F 113 -66.17 -7.70 -0.51
N ALA F 114 -66.50 -6.56 -1.13
CA ALA F 114 -67.69 -6.50 -1.97
C ALA F 114 -67.56 -7.42 -3.17
N PHE F 115 -66.36 -7.47 -3.77
CA PHE F 115 -66.12 -8.40 -4.86
C PHE F 115 -66.27 -9.84 -4.40
N GLU F 116 -65.71 -10.16 -3.23
CA GLU F 116 -65.86 -11.50 -2.67
C GLU F 116 -67.33 -11.86 -2.53
N GLN F 117 -68.12 -10.96 -1.93
CA GLN F 117 -69.53 -11.24 -1.70
C GLN F 117 -70.27 -11.41 -3.02
N PHE F 118 -70.01 -10.51 -3.99
CA PHE F 118 -70.70 -10.59 -5.27
C PHE F 118 -70.39 -11.89 -5.98
N LEU F 119 -69.12 -12.32 -5.95
CA LEU F 119 -68.77 -13.61 -6.52
C LEU F 119 -69.47 -14.74 -5.79
N GLU F 120 -69.52 -14.68 -4.46
CA GLU F 120 -70.07 -15.77 -3.68
C GLU F 120 -71.57 -15.94 -3.92
N ASP F 121 -72.30 -14.83 -4.04
CA ASP F 121 -73.75 -14.88 -4.21
C ASP F 121 -74.19 -14.62 -5.64
N PHE F 122 -73.30 -14.80 -6.62
CA PHE F 122 -73.67 -14.56 -8.01
C PHE F 122 -74.77 -15.52 -8.43
N SER F 123 -75.83 -14.98 -9.02
CA SER F 123 -76.99 -15.77 -9.40
C SER F 123 -77.57 -15.22 -10.69
N VAL F 124 -78.11 -16.13 -11.52
CA VAL F 124 -78.76 -15.72 -12.80
C VAL F 124 -79.53 -16.94 -13.33
N GLN F 125 -80.60 -16.74 -14.10
CA GLN F 125 -81.27 -17.90 -14.72
C GLN F 125 -80.34 -18.46 -15.79
N SER F 126 -80.18 -19.78 -15.88
CA SER F 126 -79.37 -20.35 -16.98
C SER F 126 -80.32 -20.75 -18.12
N THR F 127 -80.43 -19.94 -19.18
CA THR F 127 -81.25 -20.26 -20.38
C THR F 127 -82.65 -20.74 -20.00
N ASP F 128 -83.12 -21.84 -20.61
CA ASP F 128 -84.42 -22.43 -20.23
C ASP F 128 -84.12 -23.72 -19.46
N THR F 129 -82.87 -24.17 -19.52
CA THR F 129 -82.49 -25.45 -18.88
C THR F 129 -81.28 -25.20 -17.97
N GLY F 130 -81.14 -25.96 -16.89
CA GLY F 130 -80.09 -25.67 -15.88
C GLY F 130 -80.68 -24.77 -14.81
N GLU F 131 -81.95 -24.38 -14.96
CA GLU F 131 -82.66 -23.57 -13.92
C GLU F 131 -81.89 -22.30 -13.59
N VAL F 132 -81.75 -21.97 -12.31
CA VAL F 132 -80.91 -20.80 -11.91
C VAL F 132 -79.55 -21.38 -11.53
N GLU F 133 -78.52 -21.11 -12.35
CA GLU F 133 -77.20 -21.73 -12.10
C GLU F 133 -76.21 -20.67 -11.65
N LYS F 134 -75.56 -20.89 -10.50
CA LYS F 134 -74.48 -19.97 -10.04
C LYS F 134 -73.32 -20.28 -10.97
N VAL F 135 -73.35 -19.71 -12.17
CA VAL F 135 -72.38 -20.07 -13.19
C VAL F 135 -70.95 -19.91 -12.67
N TYR F 136 -70.68 -18.83 -11.94
CA TYR F 136 -69.31 -18.59 -11.47
C TYR F 136 -68.90 -19.63 -10.43
N ARG F 137 -69.75 -19.87 -9.44
CA ARG F 137 -69.38 -20.80 -8.37
C ARG F 137 -69.24 -22.22 -8.89
N ALA F 138 -70.09 -22.61 -9.84
CA ALA F 138 -69.98 -23.93 -10.44
C ALA F 138 -68.76 -24.03 -11.37
N GLN F 139 -68.49 -22.98 -12.13
CA GLN F 139 -67.31 -22.98 -12.98
C GLN F 139 -66.03 -23.00 -12.16
N ILE F 140 -66.09 -22.59 -10.89
CA ILE F 140 -64.92 -22.73 -10.02
C ILE F 140 -64.48 -24.19 -9.96
N GLU F 141 -65.40 -25.09 -9.64
CA GLU F 141 -65.04 -26.49 -9.62
C GLU F 141 -64.89 -27.08 -11.02
N PHE F 142 -65.56 -26.51 -12.02
CA PHE F 142 -65.36 -26.95 -13.40
C PHE F 142 -63.90 -26.76 -13.81
N MET F 143 -63.32 -25.60 -13.51
CA MET F 143 -61.90 -25.39 -13.77
C MET F 143 -61.01 -26.09 -12.75
N LYS F 144 -61.53 -26.39 -11.56
CA LYS F 144 -60.79 -27.21 -10.61
C LYS F 144 -60.56 -28.62 -11.16
N ILE F 145 -61.52 -29.13 -11.94
CA ILE F 145 -61.40 -30.49 -12.48
C ILE F 145 -60.08 -30.64 -13.23
N TYR F 146 -59.75 -29.66 -14.07
CA TYR F 146 -58.47 -29.64 -14.76
C TYR F 146 -57.41 -28.85 -14.00
N ASP F 147 -57.75 -28.32 -12.82
CA ASP F 147 -56.82 -27.51 -12.02
C ASP F 147 -56.24 -26.35 -12.82
N LEU F 148 -57.12 -25.66 -13.56
CA LEU F 148 -56.68 -24.56 -14.41
C LEU F 148 -56.22 -23.38 -13.56
N ASN F 149 -55.76 -22.34 -14.24
CA ASN F 149 -55.22 -21.16 -13.57
C ASN F 149 -55.90 -19.86 -14.00
N THR F 150 -56.99 -19.96 -14.77
CA THR F 150 -57.70 -18.78 -15.23
C THR F 150 -59.12 -18.78 -14.66
N ILE F 151 -59.60 -17.60 -14.30
CA ILE F 151 -60.99 -17.40 -13.90
C ILE F 151 -61.59 -16.36 -14.84
N TYR F 152 -62.56 -16.78 -15.64
CA TYR F 152 -63.13 -15.92 -16.67
C TYR F 152 -64.19 -15.04 -16.04
N ILE F 153 -63.88 -13.76 -15.86
CA ILE F 153 -64.82 -12.79 -15.32
C ILE F 153 -65.41 -12.02 -16.48
N ASP F 154 -66.61 -12.41 -16.90
CA ASP F 154 -67.32 -11.65 -17.91
C ASP F 154 -67.70 -10.28 -17.34
N TYR F 155 -67.52 -9.24 -18.15
CA TYR F 155 -67.73 -7.89 -17.65
C TYR F 155 -69.17 -7.65 -17.26
N GLN F 156 -70.13 -8.19 -18.03
CA GLN F 156 -71.54 -7.92 -17.77
C GLN F 156 -71.96 -8.43 -16.40
N HIS F 157 -71.38 -9.54 -15.94
CA HIS F 157 -71.68 -10.02 -14.59
C HIS F 157 -71.31 -8.98 -13.55
N LEU F 158 -70.07 -8.49 -13.60
CA LEU F 158 -69.62 -7.46 -12.68
C LEU F 158 -70.38 -6.15 -12.86
N SER F 159 -70.91 -5.91 -14.05
CA SER F 159 -71.56 -4.65 -14.36
C SER F 159 -73.01 -4.58 -13.88
N MET F 160 -73.71 -5.71 -13.89
CA MET F 160 -75.12 -5.66 -13.50
C MET F 160 -75.29 -5.29 -12.04
N ARG F 161 -74.42 -5.79 -11.17
CA ARG F 161 -74.58 -5.64 -9.73
C ARG F 161 -74.07 -4.28 -9.26
N GLU F 162 -74.66 -3.80 -8.16
CA GLU F 162 -74.30 -2.52 -7.56
C GLU F 162 -74.35 -1.39 -8.60
N ASN F 163 -75.38 -1.44 -9.45
CA ASN F 163 -75.61 -0.49 -10.55
C ASN F 163 -74.34 -0.17 -11.32
N GLY F 164 -73.45 -1.15 -11.44
CA GLY F 164 -72.20 -0.96 -12.15
C GLY F 164 -71.10 -0.27 -11.37
N ALA F 165 -71.34 0.03 -10.09
CA ALA F 165 -70.32 0.73 -9.30
C ALA F 165 -69.08 -0.12 -9.12
N LEU F 166 -69.24 -1.42 -8.88
CA LEU F 166 -68.09 -2.30 -8.74
C LEU F 166 -67.29 -2.36 -10.04
N ALA F 167 -67.99 -2.47 -11.18
CA ALA F 167 -67.29 -2.50 -12.46
C ALA F 167 -66.56 -1.20 -12.73
N MET F 168 -67.18 -0.07 -12.39
CA MET F 168 -66.52 1.22 -12.57
C MET F 168 -65.28 1.33 -11.69
N ALA F 169 -65.38 0.89 -10.43
CA ALA F 169 -64.22 0.93 -9.55
C ALA F 169 -63.09 0.05 -10.06
N ILE F 170 -63.43 -1.16 -10.53
CA ILE F 170 -62.40 -2.07 -11.02
C ILE F 170 -61.74 -1.52 -12.27
N SER F 171 -62.56 -1.06 -13.24
CA SER F 171 -62.00 -0.56 -14.49
C SER F 171 -61.16 0.70 -14.26
N GLU F 172 -61.63 1.62 -13.44
CA GLU F 172 -60.98 2.91 -13.32
C GLU F 172 -59.65 2.83 -12.58
N GLN F 173 -59.53 1.93 -11.61
CA GLN F 173 -58.34 1.83 -10.75
C GLN F 173 -57.91 0.38 -10.59
N TYR F 174 -57.76 -0.32 -11.72
CA TYR F 174 -57.49 -1.76 -11.68
C TYR F 174 -56.17 -2.07 -10.99
N TYR F 175 -55.15 -1.23 -11.21
CA TYR F 175 -53.81 -1.58 -10.75
C TYR F 175 -53.75 -1.68 -9.22
N ARG F 176 -54.42 -0.78 -8.51
CA ARG F 176 -54.41 -0.87 -7.05
C ARG F 176 -55.29 -2.02 -6.56
N PHE F 177 -56.42 -2.29 -7.23
CA PHE F 177 -57.38 -3.26 -6.74
C PHE F 177 -56.94 -4.70 -7.00
N LEU F 178 -56.12 -4.92 -8.03
CA LEU F 178 -55.80 -6.30 -8.43
C LEU F 178 -55.25 -7.17 -7.31
N PRO F 179 -54.30 -6.74 -6.47
CA PRO F 179 -53.89 -7.60 -5.35
C PRO F 179 -55.02 -7.87 -4.36
N PHE F 180 -55.89 -6.88 -4.15
CA PHE F 180 -57.05 -7.10 -3.29
C PHE F 180 -57.96 -8.16 -3.88
N LEU F 181 -58.19 -8.12 -5.19
CA LEU F 181 -58.98 -9.16 -5.83
C LEU F 181 -58.31 -10.52 -5.74
N GLN F 182 -56.97 -10.55 -5.80
CA GLN F 182 -56.25 -11.81 -5.64
C GLN F 182 -56.49 -12.40 -4.25
N LYS F 183 -56.39 -11.56 -3.22
CA LYS F 183 -56.66 -12.03 -1.86
C LYS F 183 -58.11 -12.48 -1.72
N GLY F 184 -59.04 -11.75 -2.34
CA GLY F 184 -60.44 -12.14 -2.30
C GLY F 184 -60.68 -13.49 -2.97
N LEU F 185 -60.03 -13.71 -4.10
CA LEU F 185 -60.17 -15.00 -4.79
C LEU F 185 -59.58 -16.13 -3.95
N ARG F 186 -58.46 -15.86 -3.29
CA ARG F 186 -57.88 -16.87 -2.40
C ARG F 186 -58.85 -17.20 -1.25
N ARG F 187 -59.47 -16.17 -0.67
CA ARG F 187 -60.44 -16.42 0.39
C ARG F 187 -61.65 -17.19 -0.12
N VAL F 188 -62.11 -16.88 -1.34
CA VAL F 188 -63.22 -17.62 -1.94
C VAL F 188 -62.85 -19.09 -2.12
N VAL F 189 -61.64 -19.35 -2.59
CA VAL F 189 -61.17 -20.73 -2.72
C VAL F 189 -61.12 -21.39 -1.36
N ARG F 190 -60.70 -20.66 -0.33
CA ARG F 190 -60.66 -21.20 1.02
C ARG F 190 -62.06 -21.58 1.50
N LYS F 191 -63.05 -20.72 1.26
CA LYS F 191 -64.40 -21.00 1.74
C LYS F 191 -65.05 -22.12 0.94
N TYR F 192 -65.02 -22.02 -0.39
CA TYR F 192 -65.59 -23.03 -1.27
C TYR F 192 -64.49 -23.54 -2.20
N ALA F 193 -64.43 -24.86 -2.35
CA ALA F 193 -63.48 -25.55 -3.21
C ALA F 193 -62.03 -25.22 -2.85
N PRO F 194 -61.55 -25.64 -1.69
CA PRO F 194 -60.13 -25.45 -1.35
C PRO F 194 -59.20 -26.56 -1.82
N GLU F 195 -59.67 -27.48 -2.64
CA GLU F 195 -58.89 -28.67 -2.98
C GLU F 195 -57.82 -28.40 -4.02
N LEU F 196 -57.88 -27.27 -4.72
CA LEU F 196 -56.97 -26.99 -5.82
C LEU F 196 -55.99 -25.86 -5.52
N LEU F 197 -55.96 -25.35 -4.30
CA LEU F 197 -55.11 -24.19 -4.00
C LEU F 197 -53.63 -24.52 -4.17
N ASN F 198 -53.19 -25.66 -3.66
CA ASN F 198 -51.79 -26.03 -3.77
C ASN F 198 -51.45 -26.47 -5.18
N THR F 199 -50.22 -26.14 -5.61
CA THR F 199 -49.78 -26.50 -6.94
C THR F 199 -49.73 -28.01 -7.13
N SER F 200 -49.22 -28.73 -6.13
CA SER F 200 -49.10 -30.19 -6.17
C SER F 200 -48.36 -30.67 -7.42
N THR F 259 -45.94 -23.62 -4.96
CA THR F 259 -46.62 -23.58 -3.67
C THR F 259 -48.14 -23.48 -3.87
N GLU F 260 -48.60 -22.31 -4.31
CA GLU F 260 -49.99 -22.09 -4.65
C GLU F 260 -50.08 -21.56 -6.07
N ARG F 261 -50.99 -22.14 -6.86
CA ARG F 261 -51.13 -21.73 -8.25
C ARG F 261 -51.51 -20.26 -8.35
N VAL F 262 -50.84 -19.55 -9.24
CA VAL F 262 -51.10 -18.13 -9.46
C VAL F 262 -52.29 -18.01 -10.40
N PHE F 263 -53.49 -17.96 -9.82
CA PHE F 263 -54.70 -17.90 -10.63
C PHE F 263 -54.77 -16.59 -11.39
N GLN F 264 -55.20 -16.67 -12.65
CA GLN F 264 -55.27 -15.51 -13.53
C GLN F 264 -56.72 -15.07 -13.68
N ILE F 265 -56.96 -13.79 -13.43
CA ILE F 265 -58.27 -13.18 -13.64
C ILE F 265 -58.21 -12.46 -14.98
N SER F 266 -58.75 -13.08 -16.01
CA SER F 266 -58.71 -12.55 -17.37
C SER F 266 -60.10 -12.02 -17.71
N PHE F 267 -60.27 -10.71 -17.62
CA PHE F 267 -61.54 -10.09 -17.97
C PHE F 267 -61.76 -10.14 -19.48
N PHE F 268 -63.02 -10.01 -19.87
CA PHE F 268 -63.40 -10.02 -21.28
C PHE F 268 -64.80 -9.45 -21.40
N ASN F 269 -65.29 -9.40 -22.64
CA ASN F 269 -66.62 -8.86 -22.96
C ASN F 269 -66.77 -7.43 -22.46
N LEU F 270 -65.72 -6.64 -22.62
CA LEU F 270 -65.77 -5.22 -22.28
C LEU F 270 -66.65 -4.48 -23.28
N PRO F 271 -67.12 -3.27 -22.92
CA PRO F 271 -68.01 -2.56 -23.85
C PRO F 271 -67.37 -2.20 -25.17
N THR F 272 -66.24 -1.49 -25.15
CA THR F 272 -65.64 -0.98 -26.37
C THR F 272 -64.17 -1.37 -26.46
N VAL F 273 -63.67 -1.40 -27.69
CA VAL F 273 -62.28 -1.71 -27.99
C VAL F 273 -61.63 -0.45 -28.56
N HIS F 274 -60.58 0.03 -27.91
CA HIS F 274 -59.89 1.24 -28.30
C HIS F 274 -58.69 0.89 -29.17
N ARG F 275 -58.52 1.65 -30.25
CA ARG F 275 -57.44 1.39 -31.18
C ARG F 275 -56.10 1.85 -30.59
N ILE F 276 -55.01 1.46 -31.25
CA ILE F 276 -53.69 1.91 -30.83
C ILE F 276 -53.59 3.43 -30.92
N ARG F 277 -54.10 4.00 -32.01
CA ARG F 277 -54.11 5.45 -32.15
C ARG F 277 -54.97 6.11 -31.07
N ASP F 278 -55.97 5.40 -30.56
CA ASP F 278 -56.88 5.94 -29.55
C ASP F 278 -56.37 5.76 -28.13
N ILE F 279 -55.17 5.22 -27.95
CA ILE F 279 -54.60 5.12 -26.61
C ILE F 279 -54.36 6.51 -26.07
N ARG F 280 -54.74 6.73 -24.82
CA ARG F 280 -54.63 8.04 -24.19
C ARG F 280 -53.87 7.93 -22.89
N SER F 281 -53.27 9.05 -22.48
CA SER F 281 -52.45 9.07 -21.27
C SER F 281 -53.28 9.15 -20.01
N GLU F 282 -54.55 9.54 -20.09
CA GLU F 282 -55.38 9.62 -18.89
C GLU F 282 -55.84 8.25 -18.44
N LYS F 283 -56.06 7.33 -19.37
CA LYS F 283 -56.67 6.04 -19.08
C LYS F 283 -55.66 4.98 -18.66
N ILE F 284 -54.38 5.35 -18.50
CA ILE F 284 -53.41 4.39 -17.97
C ILE F 284 -53.86 3.94 -16.58
N GLY F 285 -53.54 2.70 -16.24
CA GLY F 285 -54.02 2.12 -15.01
C GLY F 285 -55.44 1.60 -15.07
N SER F 286 -56.11 1.70 -16.21
CA SER F 286 -57.48 1.25 -16.40
C SER F 286 -57.52 0.00 -17.27
N LEU F 287 -58.71 -0.57 -17.38
CA LEU F 287 -58.94 -1.78 -18.13
C LEU F 287 -59.64 -1.46 -19.43
N LEU F 288 -59.15 -2.01 -20.53
CA LEU F 288 -59.74 -1.80 -21.84
C LEU F 288 -59.30 -2.92 -22.77
N SER F 289 -59.77 -2.87 -24.00
CA SER F 289 -59.40 -3.81 -25.04
C SER F 289 -58.80 -3.06 -26.21
N ILE F 290 -57.71 -3.58 -26.76
CA ILE F 290 -57.04 -3.00 -27.92
C ILE F 290 -56.92 -4.05 -29.01
N SER F 291 -57.21 -3.64 -30.24
CA SER F 291 -57.20 -4.54 -31.39
C SER F 291 -56.10 -4.10 -32.34
N GLY F 292 -55.22 -5.04 -32.70
CA GLY F 292 -54.12 -4.74 -33.59
C GLY F 292 -53.65 -6.00 -34.27
N THR F 293 -52.60 -5.85 -35.08
CA THR F 293 -52.03 -6.95 -35.84
C THR F 293 -50.72 -7.38 -35.20
N VAL F 294 -50.58 -8.68 -34.98
CA VAL F 294 -49.37 -9.22 -34.39
C VAL F 294 -48.27 -9.22 -35.46
N THR F 295 -47.17 -8.54 -35.17
CA THR F 295 -46.09 -8.40 -36.14
C THR F 295 -44.78 -8.99 -35.64
N ARG F 296 -44.44 -8.80 -34.36
CA ARG F 296 -43.23 -9.35 -33.80
C ARG F 296 -43.53 -9.91 -32.42
N THR F 297 -43.08 -11.13 -32.17
CA THR F 297 -43.26 -11.79 -30.89
C THR F 297 -41.90 -12.22 -30.36
N SER F 298 -41.79 -12.28 -29.04
CA SER F 298 -40.54 -12.62 -28.37
C SER F 298 -40.57 -14.07 -27.90
N GLU F 299 -39.49 -14.48 -27.25
CA GLU F 299 -39.41 -15.82 -26.69
C GLU F 299 -40.17 -15.88 -25.38
N VAL F 300 -40.40 -17.11 -24.90
CA VAL F 300 -41.05 -17.33 -23.61
C VAL F 300 -39.93 -17.36 -22.57
N ARG F 301 -39.54 -16.17 -22.13
CA ARG F 301 -38.47 -16.01 -21.16
C ARG F 301 -39.05 -15.99 -19.75
N PRO F 302 -38.47 -16.74 -18.80
CA PRO F 302 -38.97 -16.69 -17.43
C PRO F 302 -38.84 -15.31 -16.82
N GLU F 303 -39.87 -14.93 -16.06
CA GLU F 303 -39.91 -13.65 -15.37
C GLU F 303 -39.99 -13.89 -13.87
N LEU F 304 -39.19 -13.14 -13.11
CA LEU F 304 -39.09 -13.35 -11.68
C LEU F 304 -40.30 -12.72 -10.97
N TYR F 305 -41.13 -13.58 -10.38
CA TYR F 305 -42.35 -13.12 -9.67
C TYR F 305 -42.18 -13.32 -8.16
N LYS F 306 -41.82 -14.54 -7.73
CA LYS F 306 -41.53 -14.79 -6.29
C LYS F 306 -40.08 -15.28 -6.20
N ALA F 307 -39.25 -14.69 -5.34
CA ALA F 307 -37.81 -15.05 -5.37
C ALA F 307 -37.31 -15.59 -4.04
N SER F 308 -36.22 -16.38 -4.07
CA SER F 308 -35.58 -16.85 -2.81
C SER F 308 -34.26 -16.12 -2.66
N PHE F 309 -34.04 -15.49 -1.50
CA PHE F 309 -32.83 -14.68 -1.36
C PHE F 309 -31.92 -15.23 -0.26
N THR F 310 -30.62 -15.33 -0.55
CA THR F 310 -29.63 -15.83 0.45
C THR F 310 -28.83 -14.64 0.97
N CYS F 311 -28.91 -14.33 2.26
CA CYS F 311 -28.27 -13.10 2.78
C CYS F 311 -26.75 -13.26 2.87
N ASP F 312 -26.02 -12.36 2.23
CA ASP F 312 -24.56 -12.37 2.34
C ASP F 312 -24.13 -12.51 3.80
N MET F 313 -24.82 -11.80 4.67
CA MET F 313 -24.54 -11.77 6.10
C MET F 313 -25.54 -12.72 6.76
N CYS F 314 -25.16 -13.32 7.88
CA CYS F 314 -26.01 -14.30 8.57
C CYS F 314 -26.61 -15.30 7.57
N ARG F 315 -25.73 -15.95 6.82
CA ARG F 315 -26.13 -16.67 5.61
C ARG F 315 -27.19 -17.73 5.90
N ALA F 316 -28.19 -17.80 5.03
CA ALA F 316 -29.22 -18.84 5.03
C ALA F 316 -29.99 -18.72 3.71
N ILE F 317 -31.07 -19.49 3.60
CA ILE F 317 -31.96 -19.45 2.45
C ILE F 317 -33.34 -19.02 2.93
N VAL F 318 -33.89 -17.96 2.35
CA VAL F 318 -35.21 -17.46 2.67
C VAL F 318 -35.98 -17.26 1.37
N ASP F 319 -37.13 -17.91 1.26
CA ASP F 319 -37.99 -17.81 0.09
C ASP F 319 -39.15 -16.85 0.39
N ASN F 320 -40.11 -16.79 -0.52
CA ASN F 320 -41.34 -16.01 -0.42
C ASN F 320 -41.08 -14.50 -0.44
N VAL F 321 -39.89 -14.09 -0.86
CA VAL F 321 -39.61 -12.66 -1.09
C VAL F 321 -40.09 -12.38 -2.51
N GLU F 322 -41.37 -12.06 -2.63
CA GLU F 322 -41.96 -11.88 -3.95
C GLU F 322 -41.30 -10.70 -4.67
N GLN F 323 -41.09 -10.86 -5.97
CA GLN F 323 -40.48 -9.81 -6.77
C GLN F 323 -41.54 -8.81 -7.20
N SER F 324 -41.20 -7.53 -7.08
CA SER F 324 -42.06 -6.47 -7.54
C SER F 324 -41.68 -6.09 -8.98
N PHE F 325 -42.22 -4.98 -9.47
CA PHE F 325 -41.84 -4.50 -10.80
C PHE F 325 -40.37 -4.13 -10.84
N LYS F 326 -39.87 -3.50 -9.78
CA LYS F 326 -38.45 -3.28 -9.58
C LYS F 326 -37.89 -4.33 -8.64
N TYR F 327 -36.56 -4.47 -8.64
CA TYR F 327 -35.93 -5.44 -7.76
C TYR F 327 -36.26 -5.16 -6.30
N THR F 328 -36.51 -6.24 -5.56
CA THR F 328 -36.81 -6.14 -4.13
C THR F 328 -36.07 -7.24 -3.40
N GLU F 329 -35.50 -6.90 -2.25
CA GLU F 329 -34.76 -7.83 -1.40
C GLU F 329 -35.24 -7.71 0.03
N PRO F 330 -35.16 -8.80 0.81
CA PRO F 330 -35.75 -8.78 2.15
C PRO F 330 -34.90 -8.01 3.15
N THR F 331 -35.53 -7.06 3.84
CA THR F 331 -34.84 -6.30 4.87
C THR F 331 -34.66 -7.10 6.16
N PHE F 332 -35.62 -7.97 6.48
CA PHE F 332 -35.52 -8.86 7.63
C PHE F 332 -34.81 -10.14 7.24
N CYS F 333 -34.05 -10.69 8.17
CA CYS F 333 -33.19 -11.83 7.93
C CYS F 333 -33.62 -13.03 8.78
N PRO F 334 -33.26 -14.25 8.36
CA PRO F 334 -33.55 -15.42 9.20
C PRO F 334 -32.90 -15.32 10.57
N ASN F 335 -31.70 -14.74 10.64
CA ASN F 335 -31.09 -14.38 11.91
C ASN F 335 -31.20 -12.87 12.07
N PRO F 336 -32.05 -12.37 12.96
CA PRO F 336 -32.36 -10.92 12.96
C PRO F 336 -31.17 -10.03 13.26
N SER F 337 -30.12 -10.56 13.88
CA SER F 337 -28.99 -9.71 14.26
C SER F 337 -28.32 -9.10 13.03
N CYS F 338 -28.49 -9.72 11.87
CA CYS F 338 -27.94 -9.17 10.64
C CYS F 338 -28.55 -7.81 10.31
N GLU F 339 -29.83 -7.79 9.93
CA GLU F 339 -30.51 -6.60 9.43
C GLU F 339 -29.66 -5.88 8.38
N ASN F 340 -29.00 -6.66 7.53
CA ASN F 340 -28.14 -6.14 6.47
C ASN F 340 -28.51 -6.83 5.16
N ARG F 341 -28.43 -6.09 4.06
CA ARG F 341 -28.89 -6.54 2.75
C ARG F 341 -27.77 -6.52 1.71
N ALA F 342 -26.59 -7.02 2.07
CA ALA F 342 -25.42 -6.86 1.21
C ALA F 342 -25.57 -7.56 -0.14
N PHE F 343 -25.57 -8.89 -0.14
CA PHE F 343 -25.54 -9.72 -1.35
C PHE F 343 -26.60 -10.80 -1.29
N TRP F 344 -27.86 -10.41 -1.03
CA TRP F 344 -28.95 -11.36 -1.08
C TRP F 344 -28.94 -12.09 -2.41
N THR F 345 -28.67 -13.40 -2.38
CA THR F 345 -28.40 -14.18 -3.57
C THR F 345 -29.59 -15.07 -3.90
N LEU F 346 -30.00 -15.06 -5.17
CA LEU F 346 -31.07 -15.93 -5.63
C LEU F 346 -30.57 -17.35 -5.84
N ASN F 347 -31.51 -18.28 -5.87
CA ASN F 347 -31.20 -19.68 -6.19
C ASN F 347 -32.22 -20.21 -7.20
N VAL F 348 -31.76 -21.15 -8.03
CA VAL F 348 -32.60 -21.64 -9.12
C VAL F 348 -33.73 -22.52 -8.58
N THR F 349 -33.42 -23.41 -7.63
CA THR F 349 -34.38 -24.45 -7.27
C THR F 349 -35.54 -23.94 -6.43
N ARG F 350 -35.37 -22.79 -5.76
CA ARG F 350 -36.37 -22.36 -4.80
C ARG F 350 -37.15 -21.12 -5.23
N SER F 351 -36.59 -20.28 -6.10
CA SER F 351 -37.31 -19.13 -6.59
C SER F 351 -38.48 -19.54 -7.49
N ARG F 352 -39.46 -18.66 -7.59
CA ARG F 352 -40.64 -18.88 -8.42
C ARG F 352 -40.65 -17.89 -9.58
N PHE F 353 -41.05 -18.37 -10.75
CA PHE F 353 -41.04 -17.58 -11.97
C PHE F 353 -42.38 -17.65 -12.68
N LEU F 354 -42.64 -16.63 -13.50
CA LEU F 354 -43.84 -16.55 -14.31
C LEU F 354 -43.45 -16.46 -15.77
N ASP F 355 -44.16 -17.21 -16.62
CA ASP F 355 -43.89 -17.14 -18.05
C ASP F 355 -44.17 -15.74 -18.56
N TRP F 356 -43.32 -15.28 -19.49
CA TRP F 356 -43.33 -13.89 -19.93
C TRP F 356 -43.11 -13.86 -21.44
N GLN F 357 -43.67 -12.84 -22.08
CA GLN F 357 -43.55 -12.69 -23.52
C GLN F 357 -43.94 -11.26 -23.91
N LYS F 358 -43.09 -10.62 -24.71
CA LYS F 358 -43.33 -9.27 -25.18
C LYS F 358 -43.67 -9.33 -26.66
N VAL F 359 -44.91 -9.00 -27.01
CA VAL F 359 -45.40 -9.07 -28.38
C VAL F 359 -45.58 -7.65 -28.91
N ARG F 360 -45.04 -7.40 -30.09
CA ARG F 360 -45.19 -6.11 -30.75
C ARG F 360 -46.37 -6.18 -31.71
N ILE F 361 -47.23 -5.17 -31.66
CA ILE F 361 -48.45 -5.13 -32.45
C ILE F 361 -48.48 -3.85 -33.27
N GLN F 362 -48.97 -3.95 -34.50
CA GLN F 362 -49.16 -2.81 -35.37
C GLN F 362 -50.61 -2.36 -35.33
N GLU F 363 -50.82 -1.11 -35.73
CA GLU F 363 -52.17 -0.61 -35.93
C GLU F 363 -52.77 -1.23 -37.18
N ASN F 364 -54.06 -1.56 -37.12
CA ASN F 364 -54.72 -2.20 -38.24
C ASN F 364 -54.80 -1.25 -39.44
N ALA F 365 -54.82 -1.84 -40.63
CA ALA F 365 -54.81 -1.05 -41.85
C ALA F 365 -56.07 -0.19 -41.97
N ASN F 366 -57.23 -0.75 -41.62
CA ASN F 366 -58.48 -0.02 -41.77
C ASN F 366 -58.55 1.19 -40.86
N GLU F 367 -57.93 1.13 -39.69
CA GLU F 367 -58.00 2.22 -38.72
C GLU F 367 -56.85 3.20 -38.85
N ILE F 368 -55.99 3.06 -39.85
CA ILE F 368 -54.87 3.98 -40.02
C ILE F 368 -55.40 5.35 -40.38
N PRO F 369 -54.96 6.42 -39.73
CA PRO F 369 -55.40 7.77 -40.12
C PRO F 369 -54.89 8.14 -41.50
N THR F 370 -55.59 9.07 -42.13
CA THR F 370 -55.16 9.53 -43.44
C THR F 370 -53.78 10.17 -43.36
N GLY F 371 -52.90 9.76 -44.27
CA GLY F 371 -51.56 10.33 -44.29
C GLY F 371 -50.77 10.12 -43.02
N SER F 372 -50.76 8.89 -42.49
CA SER F 372 -50.00 8.59 -41.29
C SER F 372 -49.49 7.16 -41.35
N MET F 373 -48.38 6.92 -40.64
CA MET F 373 -47.80 5.59 -40.56
C MET F 373 -48.49 4.77 -39.48
N PRO F 374 -48.48 3.43 -39.62
CA PRO F 374 -49.11 2.59 -38.60
C PRO F 374 -48.36 2.65 -37.28
N ARG F 375 -48.98 3.25 -36.27
CA ARG F 375 -48.37 3.31 -34.94
C ARG F 375 -48.33 1.92 -34.32
N THR F 376 -47.25 1.62 -33.62
CA THR F 376 -47.03 0.29 -33.07
C THR F 376 -47.11 0.33 -31.54
N LEU F 377 -47.10 -0.85 -30.95
CA LEU F 377 -47.17 -0.98 -29.49
C LEU F 377 -46.58 -2.32 -29.08
N ASP F 378 -46.03 -2.35 -27.86
CA ASP F 378 -45.46 -3.55 -27.29
C ASP F 378 -46.34 -4.05 -26.15
N VAL F 379 -46.72 -5.31 -26.21
CA VAL F 379 -47.68 -5.91 -25.28
C VAL F 379 -47.01 -7.06 -24.55
N ILE F 380 -47.19 -7.10 -23.23
CA ILE F 380 -46.61 -8.11 -22.37
C ILE F 380 -47.64 -9.22 -22.17
N LEU F 381 -47.20 -10.48 -22.30
CA LEU F 381 -48.05 -11.64 -22.09
C LEU F 381 -47.48 -12.48 -20.96
N ARG F 382 -48.33 -12.84 -20.01
CA ARG F 382 -47.92 -13.59 -18.83
C ARG F 382 -48.87 -14.74 -18.57
N GLY F 383 -48.37 -15.77 -17.91
CA GLY F 383 -49.22 -16.89 -17.54
C GLY F 383 -49.58 -17.75 -18.73
N ASP F 384 -50.75 -18.37 -18.66
CA ASP F 384 -51.20 -19.29 -19.70
C ASP F 384 -51.52 -18.59 -21.02
N SER F 385 -51.56 -17.27 -21.04
CA SER F 385 -51.88 -16.51 -22.24
C SER F 385 -50.66 -16.28 -23.13
N VAL F 386 -49.47 -16.77 -22.73
CA VAL F 386 -48.30 -16.61 -23.57
C VAL F 386 -48.37 -17.56 -24.75
N GLU F 387 -47.62 -17.23 -25.80
CA GLU F 387 -47.49 -18.07 -26.99
C GLU F 387 -48.85 -18.41 -27.60
N ARG F 388 -49.73 -17.42 -27.63
CA ARG F 388 -51.04 -17.58 -28.24
C ARG F 388 -51.18 -16.86 -29.57
N ALA F 389 -50.48 -15.76 -29.75
CA ALA F 389 -50.61 -14.95 -30.96
C ALA F 389 -49.73 -15.48 -32.08
N LYS F 390 -50.16 -15.20 -33.31
CA LYS F 390 -49.50 -15.57 -34.55
C LYS F 390 -49.06 -14.33 -35.29
N PRO F 391 -47.83 -14.28 -35.78
CA PRO F 391 -47.40 -13.12 -36.57
C PRO F 391 -48.30 -12.94 -37.80
N GLY F 392 -48.83 -11.74 -37.95
CA GLY F 392 -49.76 -11.46 -39.02
C GLY F 392 -51.19 -11.84 -38.74
N ASP F 393 -51.52 -12.20 -37.51
CA ASP F 393 -52.88 -12.56 -37.13
C ASP F 393 -53.52 -11.41 -36.36
N ARG F 394 -54.68 -10.96 -36.82
CA ARG F 394 -55.42 -9.93 -36.11
C ARG F 394 -55.87 -10.47 -34.76
N CYS F 395 -55.54 -9.76 -33.68
CA CYS F 395 -55.88 -10.20 -32.34
C CYS F 395 -56.30 -9.02 -31.50
N LYS F 396 -57.12 -9.29 -30.49
CA LYS F 396 -57.53 -8.29 -29.53
C LYS F 396 -56.91 -8.63 -28.18
N PHE F 397 -56.47 -7.59 -27.47
CA PHE F 397 -55.79 -7.74 -26.19
C PHE F 397 -56.57 -6.99 -25.13
N THR F 398 -56.82 -7.65 -24.01
CA THR F 398 -57.52 -7.06 -22.88
C THR F 398 -56.59 -7.02 -21.69
N GLY F 399 -56.57 -5.88 -20.99
CA GLY F 399 -55.69 -5.74 -19.85
C GLY F 399 -55.62 -4.29 -19.40
N VAL F 400 -54.48 -3.94 -18.82
CA VAL F 400 -54.27 -2.62 -18.24
C VAL F 400 -53.10 -1.95 -18.94
N GLU F 401 -53.23 -0.64 -19.16
CA GLU F 401 -52.12 0.14 -19.68
C GLU F 401 -51.11 0.39 -18.58
N ILE F 402 -49.85 0.08 -18.85
CA ILE F 402 -48.77 0.27 -17.90
C ILE F 402 -47.65 1.04 -18.58
N VAL F 403 -46.91 1.81 -17.79
CA VAL F 403 -45.79 2.58 -18.30
C VAL F 403 -44.50 1.83 -17.98
N VAL F 404 -43.54 1.90 -18.89
CA VAL F 404 -42.24 1.27 -18.70
C VAL F 404 -41.16 2.30 -18.90
N PRO F 405 -40.02 2.19 -18.22
CA PRO F 405 -38.98 3.21 -18.33
C PRO F 405 -38.46 3.35 -19.76
N ASP F 406 -38.19 4.58 -20.16
CA ASP F 406 -37.68 4.87 -21.49
C ASP F 406 -36.41 5.70 -21.37
N VAL F 407 -35.31 5.20 -21.95
CA VAL F 407 -34.04 5.90 -21.93
C VAL F 407 -33.74 6.59 -23.24
N THR F 408 -34.69 6.63 -24.17
CA THR F 408 -34.46 7.22 -25.47
C THR F 408 -34.89 8.67 -25.52
N GLN F 409 -35.99 9.01 -24.84
CA GLN F 409 -36.61 10.33 -24.96
C GLN F 409 -35.99 11.34 -23.99
N LEU F 410 -34.67 11.40 -23.96
CA LEU F 410 -33.96 12.36 -23.14
C LEU F 410 -33.64 13.64 -23.89
N GLY F 411 -33.37 13.55 -25.18
CA GLY F 411 -33.09 14.70 -26.02
C GLY F 411 -34.29 15.33 -26.67
N LEU F 412 -35.50 14.82 -26.39
CA LEU F 412 -36.69 15.40 -26.98
C LEU F 412 -36.96 16.78 -26.38
N PRO F 413 -37.65 17.65 -27.13
CA PRO F 413 -38.01 18.96 -26.58
C PRO F 413 -39.01 18.83 -25.44
N GLY F 414 -39.13 19.91 -24.69
CA GLY F 414 -40.03 19.92 -23.54
C GLY F 414 -39.32 19.52 -22.27
N VAL F 415 -39.82 20.04 -21.15
CA VAL F 415 -39.23 19.73 -19.85
C VAL F 415 -39.42 18.25 -19.54
N LYS F 416 -38.65 17.79 -18.54
CA LYS F 416 -38.69 16.38 -18.19
C LYS F 416 -39.02 16.20 -16.72
N PRO F 417 -39.77 15.17 -16.36
CA PRO F 417 -39.99 14.89 -14.94
C PRO F 417 -38.69 14.54 -14.24
N SER F 418 -38.58 14.96 -12.98
CA SER F 418 -37.34 14.80 -12.23
C SER F 418 -37.67 14.75 -10.75
N SER F 419 -36.68 14.33 -9.96
CA SER F 419 -36.81 14.24 -8.51
C SER F 419 -35.57 14.83 -7.85
N THR F 420 -35.72 15.24 -6.60
CA THR F 420 -34.61 15.77 -5.82
C THR F 420 -34.62 15.13 -4.45
N LEU F 421 -33.45 14.66 -4.01
CA LEU F 421 -33.29 14.07 -2.70
C LEU F 421 -31.98 14.50 -2.06
N SER F 442 -25.22 16.18 -2.55
CA SER F 442 -26.28 15.20 -2.69
C SER F 442 -27.32 15.67 -3.69
N LEU F 443 -27.10 15.36 -4.98
CA LEU F 443 -28.08 15.71 -5.99
C LEU F 443 -29.40 14.99 -5.76
N GLY F 444 -29.34 13.67 -5.61
CA GLY F 444 -30.56 12.89 -5.37
C GLY F 444 -31.57 13.01 -6.47
N VAL F 445 -31.13 12.90 -7.73
CA VAL F 445 -31.96 13.20 -8.89
C VAL F 445 -31.99 12.00 -9.82
N ARG F 446 -33.20 11.67 -10.30
CA ARG F 446 -33.41 10.58 -11.25
C ARG F 446 -34.11 11.13 -12.48
N ASP F 447 -33.53 10.89 -13.66
CA ASP F 447 -34.15 11.31 -14.91
C ASP F 447 -35.35 10.40 -15.18
N LEU F 448 -36.54 10.99 -15.21
CA LEU F 448 -37.78 10.22 -15.22
C LEU F 448 -38.44 10.38 -16.59
N THR F 449 -38.37 9.33 -17.40
CA THR F 449 -39.08 9.25 -18.67
C THR F 449 -39.71 7.88 -18.79
N TYR F 450 -40.80 7.81 -19.55
CA TYR F 450 -41.53 6.55 -19.71
C TYR F 450 -42.13 6.48 -21.10
N LYS F 451 -42.45 5.26 -21.52
CA LYS F 451 -43.20 5.00 -22.73
C LYS F 451 -44.32 4.03 -22.40
N ILE F 452 -45.46 4.20 -23.07
CA ILE F 452 -46.67 3.49 -22.69
C ILE F 452 -46.69 2.11 -23.34
N SER F 453 -46.93 1.07 -22.53
CA SER F 453 -47.12 -0.28 -23.03
C SER F 453 -48.42 -0.86 -22.51
N PHE F 454 -48.65 -2.15 -22.74
CA PHE F 454 -49.91 -2.78 -22.39
C PHE F 454 -49.66 -4.18 -21.84
N LEU F 455 -50.12 -4.41 -20.62
CA LEU F 455 -50.10 -5.75 -20.02
C LEU F 455 -51.44 -6.41 -20.27
N ALA F 456 -51.43 -7.57 -20.91
CA ALA F 456 -52.64 -8.20 -21.40
C ALA F 456 -52.91 -9.50 -20.65
N CYS F 457 -54.21 -9.80 -20.48
CA CYS F 457 -54.65 -11.02 -19.85
C CYS F 457 -55.37 -11.96 -20.82
N HIS F 458 -56.32 -11.44 -21.59
CA HIS F 458 -57.08 -12.24 -22.54
C HIS F 458 -56.73 -11.80 -23.96
N VAL F 459 -56.28 -12.75 -24.78
CA VAL F 459 -55.95 -12.52 -26.17
C VAL F 459 -56.65 -13.59 -27.00
N ILE F 460 -57.33 -13.16 -28.07
CA ILE F 460 -57.98 -14.08 -28.99
C ILE F 460 -57.66 -13.66 -30.42
N SER F 461 -57.79 -14.61 -31.34
CA SER F 461 -57.50 -14.36 -32.74
C SER F 461 -58.73 -13.83 -33.45
N ILE F 462 -58.61 -12.64 -34.05
CA ILE F 462 -59.72 -12.04 -34.79
C ILE F 462 -59.58 -12.35 -36.27
N ASP F 500 -57.56 -33.23 -38.18
CA ASP F 500 -58.69 -34.15 -38.23
C ASP F 500 -59.97 -33.43 -38.61
N GLN F 501 -60.74 -34.03 -39.51
CA GLN F 501 -62.01 -33.43 -39.91
C GLN F 501 -63.00 -33.41 -38.76
N GLU F 502 -62.80 -34.28 -37.76
CA GLU F 502 -63.68 -34.30 -36.60
C GLU F 502 -63.55 -33.04 -35.78
N VAL F 503 -62.35 -32.46 -35.75
CA VAL F 503 -62.15 -31.20 -34.98
C VAL F 503 -62.98 -30.12 -35.67
N PHE F 504 -62.79 -29.97 -36.98
CA PHE F 504 -63.55 -28.92 -37.72
C PHE F 504 -65.04 -29.24 -37.63
N LEU F 505 -65.41 -30.52 -37.76
CA LEU F 505 -66.84 -30.89 -37.62
C LEU F 505 -67.30 -30.53 -36.21
N ASN F 506 -66.47 -30.78 -35.19
CA ASN F 506 -66.91 -30.51 -33.80
C ASN F 506 -67.14 -29.01 -33.68
N SER F 507 -66.22 -28.22 -34.21
CA SER F 507 -66.33 -26.74 -34.14
C SER F 507 -67.57 -26.29 -34.91
N LEU F 508 -67.89 -26.97 -36.01
CA LEU F 508 -69.07 -26.62 -36.84
C LEU F 508 -70.34 -26.77 -36.02
N SER F 509 -71.27 -25.81 -36.14
CA SER F 509 -72.59 -25.94 -35.47
C SER F 509 -73.51 -26.79 -36.36
N SER F 510 -74.55 -27.39 -35.80
CA SER F 510 -75.44 -28.30 -36.58
C SER F 510 -76.13 -27.54 -37.72
N ASP F 511 -76.52 -26.29 -37.48
CA ASP F 511 -77.23 -25.49 -38.51
C ASP F 511 -76.35 -25.52 -39.77
N GLU F 512 -75.08 -25.18 -39.59
CA GLU F 512 -74.11 -25.24 -40.71
C GLU F 512 -73.90 -26.71 -41.10
N ILE F 513 -73.86 -27.62 -40.13
CA ILE F 513 -73.52 -29.04 -40.44
C ILE F 513 -74.58 -29.59 -41.41
N ASN F 514 -75.82 -29.17 -41.25
CA ASN F 514 -76.93 -29.68 -42.11
C ASN F 514 -76.93 -28.86 -43.40
N GLU F 515 -76.68 -27.56 -43.29
CA GLU F 515 -76.54 -26.71 -44.49
C GLU F 515 -75.50 -27.44 -45.31
N LEU F 516 -74.41 -27.79 -44.62
CA LEU F 516 -73.30 -28.46 -45.33
C LEU F 516 -73.85 -29.75 -45.93
N LYS F 517 -74.73 -30.45 -45.21
CA LYS F 517 -75.19 -31.77 -45.73
C LYS F 517 -75.95 -31.60 -47.04
N GLU F 518 -76.92 -30.68 -47.14
CA GLU F 518 -77.57 -30.46 -48.46
C GLU F 518 -76.56 -29.82 -49.43
N MET F 519 -75.72 -28.91 -48.92
CA MET F 519 -74.71 -28.28 -49.79
C MET F 519 -73.84 -29.41 -50.35
N VAL F 520 -73.44 -30.34 -49.49
CA VAL F 520 -72.53 -31.44 -49.92
C VAL F 520 -73.25 -32.34 -50.92
N LYS F 521 -74.53 -32.61 -50.70
CA LYS F 521 -75.22 -33.61 -51.56
C LYS F 521 -75.87 -32.94 -52.76
N ASP F 522 -75.30 -31.83 -53.25
CA ASP F 522 -75.84 -31.16 -54.43
C ASP F 522 -75.35 -31.84 -55.69
N GLU F 523 -76.23 -31.90 -56.69
CA GLU F 523 -75.89 -32.54 -57.96
C GLU F 523 -74.79 -31.79 -58.68
N HIS F 524 -74.85 -30.46 -58.68
CA HIS F 524 -73.87 -29.61 -59.34
C HIS F 524 -73.26 -28.69 -58.28
N ILE F 525 -72.22 -29.17 -57.60
CA ILE F 525 -71.54 -28.35 -56.62
C ILE F 525 -70.32 -27.66 -57.22
N TYR F 526 -69.69 -28.25 -58.24
CA TYR F 526 -68.51 -27.65 -58.84
C TYR F 526 -68.84 -26.32 -59.49
N ASP F 527 -69.86 -26.31 -60.35
CA ASP F 527 -70.22 -25.07 -61.05
C ASP F 527 -70.71 -24.02 -60.07
N LYS F 528 -71.49 -24.41 -59.07
CA LYS F 528 -71.99 -23.44 -58.11
C LYS F 528 -70.88 -22.89 -57.23
N LEU F 529 -69.84 -23.69 -56.97
CA LEU F 529 -68.66 -23.16 -56.30
C LEU F 529 -67.90 -22.20 -57.19
N VAL F 530 -67.81 -22.51 -58.49
CA VAL F 530 -67.10 -21.62 -59.41
C VAL F 530 -67.81 -20.27 -59.50
N ARG F 531 -69.13 -20.29 -59.72
CA ARG F 531 -69.87 -19.04 -59.85
C ARG F 531 -69.95 -18.26 -58.55
N SER F 532 -69.62 -18.89 -57.42
CA SER F 532 -69.67 -18.21 -56.13
C SER F 532 -68.37 -17.52 -55.78
N ILE F 533 -67.31 -17.70 -56.58
CA ILE F 533 -66.02 -17.08 -56.33
C ILE F 533 -65.84 -15.90 -57.29
N ALA F 534 -65.18 -14.86 -56.79
CA ALA F 534 -64.98 -13.62 -57.53
C ALA F 534 -66.28 -13.07 -58.11
N PRO F 535 -67.22 -12.66 -57.25
CA PRO F 535 -68.48 -12.11 -57.78
C PRO F 535 -68.29 -10.86 -58.63
N ALA F 536 -67.33 -10.01 -58.27
CA ALA F 536 -67.14 -8.74 -58.97
C ALA F 536 -66.72 -8.95 -60.42
N VAL F 537 -65.83 -9.91 -60.65
CA VAL F 537 -65.30 -10.13 -61.99
C VAL F 537 -66.31 -10.93 -62.81
N PHE F 538 -66.56 -10.47 -64.03
CA PHE F 538 -67.45 -11.16 -64.96
C PHE F 538 -66.68 -11.53 -66.21
N GLY F 539 -66.94 -12.73 -66.73
CA GLY F 539 -66.41 -13.16 -68.00
C GLY F 539 -65.26 -14.15 -67.92
N HIS F 540 -64.69 -14.37 -66.75
CA HIS F 540 -63.58 -15.29 -66.57
C HIS F 540 -64.05 -16.44 -65.69
N GLU F 541 -64.14 -17.63 -66.28
CA GLU F 541 -64.56 -18.83 -65.56
C GLU F 541 -63.39 -19.75 -65.24
N ALA F 542 -62.48 -19.95 -66.19
CA ALA F 542 -61.31 -20.78 -65.95
C ALA F 542 -60.42 -20.16 -64.87
N VAL F 543 -60.28 -18.84 -64.88
CA VAL F 543 -59.51 -18.17 -63.83
C VAL F 543 -60.17 -18.40 -62.48
N LYS F 544 -61.50 -18.35 -62.44
CA LYS F 544 -62.20 -18.61 -61.19
C LYS F 544 -61.96 -20.04 -60.72
N LYS F 545 -61.98 -21.01 -61.65
CA LYS F 545 -61.68 -22.39 -61.29
C LYS F 545 -60.28 -22.52 -60.72
N GLY F 546 -59.30 -21.89 -61.37
CA GLY F 546 -57.94 -21.95 -60.90
C GLY F 546 -57.77 -21.34 -59.51
N ILE F 547 -58.41 -20.19 -59.28
CA ILE F 547 -58.32 -19.56 -57.97
C ILE F 547 -58.97 -20.43 -56.91
N LEU F 548 -60.09 -21.07 -57.25
CA LEU F 548 -60.73 -21.97 -56.30
C LEU F 548 -59.82 -23.15 -55.95
N LEU F 549 -59.20 -23.75 -56.97
CA LEU F 549 -58.29 -24.85 -56.72
C LEU F 549 -57.11 -24.41 -55.85
N GLN F 550 -56.56 -23.24 -56.13
CA GLN F 550 -55.46 -22.72 -55.32
C GLN F 550 -55.90 -22.50 -53.88
N MET F 551 -57.11 -21.98 -53.69
CA MET F 551 -57.62 -21.76 -52.34
C MET F 551 -57.75 -23.08 -51.59
N LEU F 552 -58.27 -24.12 -52.25
CA LEU F 552 -58.40 -25.41 -51.59
C LEU F 552 -57.04 -26.02 -51.30
N GLY F 553 -56.17 -26.07 -52.29
CA GLY F 553 -54.83 -26.61 -52.12
C GLY F 553 -54.70 -28.03 -52.60
N GLY F 554 -53.74 -28.74 -52.01
CA GLY F 554 -53.45 -30.11 -52.38
C GLY F 554 -52.89 -30.87 -51.20
N VAL F 555 -52.68 -32.18 -51.41
CA VAL F 555 -52.17 -33.06 -50.37
C VAL F 555 -50.65 -32.99 -50.36
N HIS F 556 -50.08 -32.61 -49.22
CA HIS F 556 -48.62 -32.56 -49.07
C HIS F 556 -48.11 -33.95 -48.74
N LYS F 557 -47.36 -34.54 -49.66
CA LYS F 557 -46.87 -35.91 -49.54
C LYS F 557 -45.36 -35.90 -49.38
N SER F 558 -44.86 -36.74 -48.47
CA SER F 558 -43.44 -36.86 -48.20
C SER F 558 -42.98 -38.25 -48.61
N THR F 559 -41.84 -38.32 -49.30
CA THR F 559 -41.30 -39.58 -49.76
C THR F 559 -40.35 -40.16 -48.71
N VAL F 560 -40.07 -41.47 -48.86
CA VAL F 560 -39.19 -42.14 -47.92
C VAL F 560 -37.75 -41.69 -48.08
N GLU F 561 -37.35 -41.32 -49.29
CA GLU F 561 -35.97 -40.90 -49.54
C GLU F 561 -35.71 -39.46 -49.12
N GLY F 562 -36.71 -38.74 -48.63
CA GLY F 562 -36.56 -37.40 -48.13
C GLY F 562 -37.23 -36.32 -48.96
N ILE F 563 -37.60 -36.63 -50.20
CA ILE F 563 -38.24 -35.64 -51.06
C ILE F 563 -39.60 -35.26 -50.49
N LYS F 564 -39.88 -33.96 -50.45
CA LYS F 564 -41.17 -33.45 -50.00
C LYS F 564 -41.94 -32.97 -51.22
N LEU F 565 -42.89 -33.79 -51.67
CA LEU F 565 -43.64 -33.46 -52.88
C LEU F 565 -44.49 -32.21 -52.65
N ARG F 566 -44.49 -31.33 -53.65
CA ARG F 566 -45.20 -30.06 -53.53
C ARG F 566 -46.70 -30.30 -53.48
N GLY F 567 -47.37 -29.59 -52.56
CA GLY F 567 -48.78 -29.81 -52.34
C GLY F 567 -49.62 -28.54 -52.36
N ASP F 568 -49.12 -27.49 -53.02
CA ASP F 568 -49.87 -26.27 -53.21
C ASP F 568 -49.76 -25.84 -54.67
N ILE F 569 -50.78 -25.11 -55.12
CA ILE F 569 -50.89 -24.69 -56.51
C ILE F 569 -50.40 -23.25 -56.62
N ASN F 570 -49.46 -23.00 -57.52
CA ASN F 570 -48.95 -21.67 -57.79
C ASN F 570 -49.39 -21.25 -59.18
N ILE F 571 -50.08 -20.11 -59.27
CA ILE F 571 -50.67 -19.65 -60.51
C ILE F 571 -50.10 -18.30 -60.86
N CYS F 572 -49.61 -18.16 -62.09
CA CYS F 572 -49.14 -16.89 -62.63
C CYS F 572 -50.14 -16.42 -63.67
N VAL F 573 -50.81 -15.30 -63.38
CA VAL F 573 -51.86 -14.78 -64.24
C VAL F 573 -51.28 -13.62 -65.03
N VAL F 574 -51.18 -13.78 -66.34
CA VAL F 574 -50.70 -12.74 -67.25
C VAL F 574 -51.87 -12.29 -68.11
N GLY F 575 -51.99 -10.98 -68.31
CA GLY F 575 -53.09 -10.49 -69.11
C GLY F 575 -52.92 -9.03 -69.46
N ASP F 576 -53.73 -8.60 -70.41
CA ASP F 576 -53.71 -7.23 -70.89
C ASP F 576 -54.12 -6.28 -69.77
N PRO F 577 -53.67 -5.03 -69.81
CA PRO F 577 -54.10 -4.07 -68.79
C PRO F 577 -55.62 -3.93 -68.74
N SER F 578 -56.11 -3.68 -67.52
CA SER F 578 -57.54 -3.54 -67.25
C SER F 578 -58.30 -4.83 -67.56
N THR F 579 -57.89 -5.92 -66.90
CA THR F 579 -58.54 -7.21 -67.04
C THR F 579 -58.79 -7.88 -65.69
N SER F 580 -58.98 -7.09 -64.64
CA SER F 580 -59.39 -7.55 -63.31
C SER F 580 -58.37 -8.45 -62.63
N LYS F 581 -57.14 -8.53 -63.15
CA LYS F 581 -56.12 -9.32 -62.47
C LYS F 581 -55.85 -8.79 -61.07
N SER F 582 -55.60 -7.48 -60.97
CA SER F 582 -55.49 -6.85 -59.66
C SER F 582 -56.76 -7.03 -58.86
N GLN F 583 -57.91 -7.04 -59.55
CA GLN F 583 -59.17 -7.30 -58.86
C GLN F 583 -59.22 -8.73 -58.30
N PHE F 584 -58.76 -9.71 -59.06
CA PHE F 584 -58.68 -11.07 -58.51
C PHE F 584 -57.80 -11.12 -57.28
N LEU F 585 -56.61 -10.51 -57.36
CA LEU F 585 -55.69 -10.58 -56.22
C LEU F 585 -56.26 -9.87 -55.00
N LYS F 586 -56.90 -8.71 -55.19
CA LYS F 586 -57.50 -8.01 -54.08
C LYS F 586 -58.68 -8.78 -53.49
N TYR F 587 -59.44 -9.48 -54.35
CA TYR F 587 -60.55 -10.28 -53.85
C TYR F 587 -60.05 -11.45 -53.02
N VAL F 588 -58.98 -12.11 -53.46
CA VAL F 588 -58.47 -13.26 -52.73
C VAL F 588 -58.05 -12.88 -51.32
N VAL F 589 -57.24 -11.83 -51.21
CA VAL F 589 -56.84 -11.36 -49.89
C VAL F 589 -58.04 -10.69 -49.21
N GLY F 590 -58.04 -10.71 -47.89
CA GLY F 590 -59.21 -10.32 -47.13
C GLY F 590 -60.32 -11.35 -47.13
N PHE F 591 -60.19 -12.39 -47.93
CA PHE F 591 -61.11 -13.52 -48.04
C PHE F 591 -60.44 -14.84 -47.71
N ALA F 592 -59.23 -15.08 -48.20
CA ALA F 592 -58.48 -16.27 -47.84
C ALA F 592 -57.80 -16.04 -46.51
N PRO F 593 -58.01 -16.89 -45.51
CA PRO F 593 -57.32 -16.72 -44.23
C PRO F 593 -55.81 -16.83 -44.41
N ARG F 594 -55.08 -16.01 -43.68
CA ARG F 594 -53.62 -15.96 -43.73
C ARG F 594 -53.13 -15.70 -45.16
N SER F 595 -53.49 -14.51 -45.66
CA SER F 595 -53.14 -14.09 -47.00
C SER F 595 -52.54 -12.69 -46.96
N VAL F 596 -51.59 -12.43 -47.86
CA VAL F 596 -50.87 -11.17 -47.92
C VAL F 596 -50.84 -10.69 -49.36
N TYR F 597 -51.20 -9.44 -49.59
CA TYR F 597 -51.17 -8.82 -50.91
C TYR F 597 -49.99 -7.86 -51.00
N THR F 598 -49.18 -8.00 -52.05
CA THR F 598 -48.04 -7.13 -52.26
C THR F 598 -48.00 -6.73 -53.73
N SER F 599 -47.36 -5.59 -53.99
CA SER F 599 -47.11 -5.14 -55.34
C SER F 599 -45.67 -5.43 -55.72
N GLY F 600 -45.41 -5.43 -57.03
CA GLY F 600 -44.11 -5.86 -57.51
C GLY F 600 -42.99 -4.90 -57.13
N LYS F 601 -43.20 -3.60 -57.34
CA LYS F 601 -42.08 -2.68 -57.22
C LYS F 601 -41.86 -2.21 -55.79
N ALA F 602 -42.90 -2.08 -54.99
CA ALA F 602 -42.78 -1.54 -53.64
C ALA F 602 -42.41 -2.59 -52.61
N SER F 603 -41.79 -3.70 -53.03
CA SER F 603 -41.49 -4.79 -52.13
C SER F 603 -40.06 -5.28 -52.36
N SER F 604 -39.48 -5.88 -51.32
CA SER F 604 -38.09 -6.32 -51.34
C SER F 604 -37.98 -7.73 -50.76
N ALA F 605 -36.80 -8.31 -50.88
CA ALA F 605 -36.57 -9.66 -50.36
C ALA F 605 -36.75 -9.71 -48.85
N ALA F 606 -36.27 -8.68 -48.15
CA ALA F 606 -36.52 -8.59 -46.72
C ALA F 606 -38.00 -8.45 -46.42
N GLY F 607 -38.80 -8.03 -47.41
CA GLY F 607 -40.24 -7.98 -47.24
C GLY F 607 -40.90 -9.29 -47.59
N LEU F 608 -40.65 -9.80 -48.79
CA LEU F 608 -41.25 -11.06 -49.22
C LEU F 608 -40.80 -12.21 -48.32
N THR F 609 -39.49 -12.36 -48.15
CA THR F 609 -38.95 -13.36 -47.25
C THR F 609 -38.73 -12.74 -45.88
N ALA F 610 -38.26 -13.55 -44.93
CA ALA F 610 -38.02 -13.05 -43.58
C ALA F 610 -36.85 -12.06 -43.58
N ALA F 611 -36.84 -11.20 -42.56
CA ALA F 611 -35.85 -10.14 -42.47
C ALA F 611 -35.24 -10.14 -41.07
N VAL F 612 -34.15 -9.39 -40.95
CA VAL F 612 -33.42 -9.25 -39.68
C VAL F 612 -33.41 -7.78 -39.30
N VAL F 613 -33.81 -7.48 -38.07
CA VAL F 613 -33.84 -6.12 -37.55
C VAL F 613 -33.59 -6.18 -36.05
N ARG F 614 -33.22 -5.04 -35.47
CA ARG F 614 -32.86 -4.98 -34.06
C ARG F 614 -34.07 -5.30 -33.18
N ASP F 615 -33.80 -5.94 -32.04
CA ASP F 615 -34.84 -6.12 -31.02
C ASP F 615 -35.42 -4.78 -30.61
N GLU F 616 -34.60 -3.93 -30.00
CA GLU F 616 -34.96 -2.57 -29.68
C GLU F 616 -33.85 -1.68 -30.24
N GLU F 617 -34.19 -0.42 -30.51
CA GLU F 617 -33.23 0.49 -31.12
C GLU F 617 -31.98 0.61 -30.26
N GLY F 618 -30.82 0.52 -30.90
CA GLY F 618 -29.58 0.38 -30.18
C GLY F 618 -29.45 -0.93 -29.43
N GLY F 619 -29.82 -2.04 -30.09
CA GLY F 619 -29.80 -3.34 -29.45
C GLY F 619 -29.54 -4.45 -30.44
N ASP F 620 -29.63 -5.68 -29.95
CA ASP F 620 -29.31 -6.84 -30.77
C ASP F 620 -30.42 -7.07 -31.80
N TYR F 621 -30.06 -7.78 -32.86
CA TYR F 621 -30.97 -8.01 -33.98
C TYR F 621 -31.87 -9.22 -33.72
N THR F 622 -32.92 -9.32 -34.53
CA THR F 622 -33.86 -10.43 -34.45
C THR F 622 -34.53 -10.64 -35.79
N ILE F 623 -35.21 -11.79 -35.91
CA ILE F 623 -35.92 -12.11 -37.14
C ILE F 623 -37.16 -11.26 -37.27
N GLU F 624 -37.43 -10.78 -38.48
CA GLU F 624 -38.63 -10.04 -38.81
C GLU F 624 -39.51 -10.89 -39.71
N ALA F 625 -40.80 -10.90 -39.42
CA ALA F 625 -41.74 -11.73 -40.18
C ALA F 625 -41.86 -11.20 -41.61
N GLY F 626 -41.49 -12.03 -42.58
CA GLY F 626 -41.60 -11.65 -43.97
C GLY F 626 -42.98 -11.92 -44.55
N ALA F 627 -43.18 -11.42 -45.77
CA ALA F 627 -44.48 -11.58 -46.42
C ALA F 627 -44.80 -13.05 -46.67
N LEU F 628 -43.81 -13.83 -47.09
CA LEU F 628 -44.06 -15.23 -47.40
C LEU F 628 -44.52 -15.99 -46.16
N MET F 629 -43.85 -15.79 -45.04
CA MET F 629 -44.24 -16.50 -43.82
C MET F 629 -45.60 -16.06 -43.33
N LEU F 630 -45.90 -14.76 -43.44
CA LEU F 630 -47.23 -14.28 -43.09
C LEU F 630 -48.29 -14.89 -43.99
N ALA F 631 -47.90 -15.47 -45.12
CA ALA F 631 -48.81 -16.19 -46.00
C ALA F 631 -48.58 -17.70 -45.95
N ASP F 632 -47.92 -18.20 -44.91
CA ASP F 632 -47.69 -19.64 -44.79
C ASP F 632 -49.01 -20.37 -44.68
N ASN F 633 -49.15 -21.46 -45.42
CA ASN F 633 -50.41 -22.18 -45.55
C ASN F 633 -51.53 -21.21 -45.94
N GLY F 634 -51.21 -20.33 -46.88
CA GLY F 634 -52.15 -19.35 -47.38
C GLY F 634 -51.72 -18.89 -48.75
N ILE F 635 -52.57 -18.09 -49.37
CA ILE F 635 -52.31 -17.58 -50.70
C ILE F 635 -51.64 -16.22 -50.58
N CYS F 636 -50.50 -16.06 -51.23
CA CYS F 636 -49.80 -14.78 -51.31
C CYS F 636 -50.01 -14.21 -52.71
N CYS F 637 -50.52 -13.00 -52.77
CA CYS F 637 -50.85 -12.35 -54.03
C CYS F 637 -49.77 -11.34 -54.38
N ILE F 638 -49.02 -11.64 -55.43
CA ILE F 638 -47.94 -10.76 -55.90
C ILE F 638 -48.47 -10.02 -57.12
N ASP F 639 -48.80 -8.74 -56.94
CA ASP F 639 -49.31 -7.95 -58.05
C ASP F 639 -48.14 -7.30 -58.78
N GLU F 640 -48.24 -7.26 -60.11
CA GLU F 640 -47.19 -6.70 -60.97
C GLU F 640 -45.87 -7.43 -60.75
N PHE F 641 -45.87 -8.72 -61.08
CA PHE F 641 -44.69 -9.54 -60.85
C PHE F 641 -43.52 -9.10 -61.73
N ASP F 642 -43.80 -8.67 -62.96
CA ASP F 642 -42.73 -8.37 -63.91
C ASP F 642 -41.88 -7.18 -63.46
N LYS F 643 -42.51 -6.14 -62.93
CA LYS F 643 -41.77 -4.96 -62.53
C LYS F 643 -40.87 -5.21 -61.34
N MET F 644 -41.13 -6.26 -60.57
CA MET F 644 -40.35 -6.57 -59.38
C MET F 644 -38.94 -7.01 -59.78
N ASP F 645 -37.96 -6.60 -58.97
CA ASP F 645 -36.56 -6.66 -59.38
C ASP F 645 -36.07 -8.09 -59.57
N ILE F 646 -35.06 -8.25 -60.42
CA ILE F 646 -34.57 -9.58 -60.76
C ILE F 646 -33.92 -10.26 -59.57
N SER F 647 -33.23 -9.51 -58.71
CA SER F 647 -32.65 -10.12 -57.51
C SER F 647 -33.74 -10.67 -56.61
N ASP F 648 -34.79 -9.88 -56.39
CA ASP F 648 -35.91 -10.37 -55.60
C ASP F 648 -36.65 -11.49 -56.34
N GLN F 649 -36.62 -11.47 -57.67
CA GLN F 649 -37.16 -12.59 -58.43
C GLN F 649 -36.40 -13.88 -58.13
N VAL F 650 -35.08 -13.77 -58.13
CA VAL F 650 -34.30 -14.99 -57.77
C VAL F 650 -34.74 -15.35 -56.37
N ALA F 651 -34.90 -14.36 -55.51
CA ALA F 651 -35.20 -14.69 -54.10
C ALA F 651 -36.54 -15.41 -53.98
N ILE F 652 -37.59 -14.89 -54.62
CA ILE F 652 -38.94 -15.49 -54.44
C ILE F 652 -38.92 -16.90 -55.03
N HIS F 653 -38.31 -17.04 -56.19
CA HIS F 653 -38.31 -18.36 -56.85
C HIS F 653 -37.49 -19.34 -56.03
N GLU F 654 -36.42 -18.86 -55.42
CA GLU F 654 -35.55 -19.78 -54.66
C GLU F 654 -36.37 -20.37 -53.52
N ALA F 655 -37.15 -19.52 -52.84
CA ALA F 655 -38.02 -20.04 -51.77
C ALA F 655 -39.06 -20.98 -52.37
N MET F 656 -39.65 -20.61 -53.51
CA MET F 656 -40.71 -21.43 -54.13
C MET F 656 -40.18 -22.85 -54.40
N GLU F 657 -38.90 -22.96 -54.78
CA GLU F 657 -38.35 -24.28 -55.10
C GLU F 657 -38.37 -25.20 -53.89
N GLN F 658 -37.95 -24.70 -52.73
CA GLN F 658 -37.77 -25.54 -51.56
C GLN F 658 -38.71 -25.19 -50.41
N GLN F 659 -39.57 -24.19 -50.58
CA GLN F 659 -40.54 -23.75 -49.58
C GLN F 659 -39.90 -23.37 -48.25
N THR F 660 -38.59 -23.18 -48.21
CA THR F 660 -37.88 -22.85 -46.99
C THR F 660 -36.97 -21.66 -47.25
N ILE F 661 -37.07 -20.64 -46.40
CA ILE F 661 -36.25 -19.44 -46.51
C ILE F 661 -35.32 -19.40 -45.29
N SER F 662 -34.02 -19.34 -45.54
CA SER F 662 -33.02 -19.39 -44.49
C SER F 662 -32.29 -18.06 -44.39
N ILE F 663 -32.05 -17.60 -43.17
CA ILE F 663 -31.34 -16.36 -42.89
C ILE F 663 -30.08 -16.70 -42.14
N ALA F 664 -28.94 -16.20 -42.62
CA ALA F 664 -27.64 -16.51 -42.05
C ALA F 664 -26.80 -15.25 -41.89
N LYS F 665 -27.38 -14.21 -41.31
CA LYS F 665 -26.69 -12.95 -41.10
C LYS F 665 -26.93 -12.44 -39.68
N ALA F 666 -25.99 -11.64 -39.20
CA ALA F 666 -26.12 -10.97 -37.90
C ALA F 666 -26.37 -11.96 -36.77
N GLY F 667 -25.65 -13.09 -36.80
CA GLY F 667 -25.70 -14.02 -35.69
C GLY F 667 -26.97 -14.83 -35.57
N ILE F 668 -27.75 -14.97 -36.65
CA ILE F 668 -28.94 -15.81 -36.65
C ILE F 668 -28.85 -16.75 -37.84
N HIS F 669 -29.05 -18.04 -37.60
CA HIS F 669 -29.07 -19.05 -38.66
C HIS F 669 -30.32 -19.91 -38.53
N ALA F 670 -31.46 -19.27 -38.35
CA ALA F 670 -32.72 -20.00 -38.27
C ALA F 670 -33.13 -20.53 -39.64
N THR F 671 -33.78 -21.69 -39.64
CA THR F 671 -34.32 -22.29 -40.85
C THR F 671 -35.83 -22.09 -40.82
N LEU F 672 -36.32 -21.18 -41.65
CA LEU F 672 -37.70 -20.73 -41.59
C LEU F 672 -38.44 -21.30 -42.80
N ASN F 673 -39.49 -22.06 -42.54
CA ASN F 673 -40.26 -22.71 -43.59
C ASN F 673 -41.45 -21.85 -43.98
N ALA F 674 -41.88 -21.96 -45.23
CA ALA F 674 -42.99 -21.17 -45.75
C ALA F 674 -43.71 -21.99 -46.81
N ARG F 675 -44.77 -22.68 -46.41
CA ARG F 675 -45.61 -23.44 -47.35
C ARG F 675 -46.71 -22.51 -47.84
N THR F 676 -46.38 -21.75 -48.88
CA THR F 676 -47.25 -20.70 -49.38
C THR F 676 -47.54 -20.92 -50.85
N SER F 677 -48.81 -20.83 -51.22
CA SER F 677 -49.23 -20.84 -52.61
C SER F 677 -49.17 -19.42 -53.16
N ILE F 678 -48.46 -19.24 -54.26
CA ILE F 678 -48.19 -17.90 -54.80
C ILE F 678 -49.13 -17.65 -55.98
N LEU F 679 -49.86 -16.54 -55.89
CA LEU F 679 -50.71 -16.07 -56.96
C LEU F 679 -50.05 -14.85 -57.58
N ALA F 680 -49.52 -14.99 -58.79
CA ALA F 680 -48.71 -13.97 -59.42
C ALA F 680 -49.48 -13.33 -60.57
N ALA F 681 -49.41 -12.00 -60.65
CA ALA F 681 -49.99 -11.24 -61.75
C ALA F 681 -48.90 -10.43 -62.42
N ALA F 682 -48.95 -10.34 -63.75
CA ALA F 682 -47.94 -9.60 -64.48
C ALA F 682 -48.47 -9.26 -65.86
N ASN F 683 -48.20 -8.04 -66.29
CA ASN F 683 -48.55 -7.63 -67.64
C ASN F 683 -47.54 -8.19 -68.64
N PRO F 684 -47.94 -8.42 -69.88
CA PRO F 684 -46.97 -8.79 -70.91
C PRO F 684 -46.00 -7.65 -71.17
N VAL F 685 -44.80 -8.00 -71.60
CA VAL F 685 -43.80 -6.98 -71.91
C VAL F 685 -44.37 -6.04 -72.97
N GLY F 686 -44.05 -4.75 -72.82
CA GLY F 686 -44.61 -3.73 -73.67
C GLY F 686 -46.00 -3.28 -73.27
N GLY F 687 -46.58 -3.86 -72.23
CA GLY F 687 -47.91 -3.48 -71.80
C GLY F 687 -49.03 -3.96 -72.68
N ARG F 688 -48.74 -4.85 -73.63
CA ARG F 688 -49.74 -5.32 -74.57
C ARG F 688 -49.26 -6.65 -75.14
N TYR F 689 -50.14 -7.65 -75.14
CA TYR F 689 -49.75 -8.96 -75.64
C TYR F 689 -49.51 -8.90 -77.13
N ASN F 690 -48.37 -9.44 -77.56
CA ASN F 690 -48.06 -9.52 -78.98
C ASN F 690 -48.75 -10.73 -79.59
N ARG F 691 -49.52 -10.50 -80.65
CA ARG F 691 -50.23 -11.61 -81.30
C ARG F 691 -49.25 -12.62 -81.88
N LYS F 692 -48.15 -12.15 -82.46
CA LYS F 692 -47.20 -13.04 -83.10
C LYS F 692 -46.47 -13.90 -82.08
N LEU F 693 -45.94 -13.27 -81.03
CA LEU F 693 -45.10 -13.99 -80.09
C LEU F 693 -45.94 -14.88 -79.17
N SER F 694 -45.26 -15.85 -78.55
CA SER F 694 -45.90 -16.78 -77.64
C SER F 694 -45.96 -16.16 -76.24
N LEU F 695 -46.52 -16.91 -75.30
CA LEU F 695 -46.58 -16.45 -73.92
C LEU F 695 -45.19 -16.30 -73.32
N ARG F 696 -44.32 -17.29 -73.53
CA ARG F 696 -42.94 -17.16 -73.06
C ARG F 696 -42.21 -16.04 -73.76
N GLY F 697 -42.57 -15.75 -75.02
CA GLY F 697 -41.98 -14.62 -75.71
C GLY F 697 -42.51 -13.28 -75.28
N ASN F 698 -43.66 -13.25 -74.61
CA ASN F 698 -44.24 -12.02 -74.09
C ASN F 698 -44.02 -11.86 -72.59
N LEU F 699 -43.15 -12.66 -72.00
CA LEU F 699 -42.84 -12.56 -70.58
C LEU F 699 -41.33 -12.47 -70.40
N ASN F 700 -40.92 -11.83 -69.31
CA ASN F 700 -39.50 -11.64 -69.00
C ASN F 700 -38.94 -12.70 -68.07
N MET F 701 -39.76 -13.60 -67.56
CA MET F 701 -39.23 -14.67 -66.73
C MET F 701 -38.67 -15.79 -67.61
N THR F 702 -37.91 -16.68 -66.99
CA THR F 702 -37.24 -17.75 -67.71
C THR F 702 -38.17 -18.94 -67.91
N ALA F 703 -37.81 -19.79 -68.87
CA ALA F 703 -38.54 -21.03 -69.08
C ALA F 703 -38.58 -21.91 -67.83
N PRO F 704 -37.50 -22.06 -67.06
CA PRO F 704 -37.65 -22.76 -65.77
C PRO F 704 -38.68 -22.14 -64.84
N ILE F 705 -38.82 -20.82 -64.85
CA ILE F 705 -39.86 -20.18 -64.04
C ILE F 705 -41.24 -20.62 -64.52
N MET F 706 -41.43 -20.68 -65.84
CA MET F 706 -42.65 -21.26 -66.36
C MET F 706 -42.85 -22.68 -65.88
N SER F 707 -41.77 -23.47 -65.87
CA SER F 707 -41.87 -24.87 -65.48
C SER F 707 -42.30 -25.01 -64.02
N ARG F 708 -41.78 -24.15 -63.15
CA ARG F 708 -42.15 -24.21 -61.74
C ARG F 708 -43.63 -23.86 -61.54
N PHE F 709 -44.12 -22.85 -62.26
CA PHE F 709 -45.51 -22.45 -62.10
C PHE F 709 -46.45 -23.47 -62.73
N ASP F 710 -47.63 -23.60 -62.12
CA ASP F 710 -48.57 -24.64 -62.55
C ASP F 710 -49.45 -24.16 -63.70
N LEU F 711 -50.21 -23.08 -63.47
CA LEU F 711 -51.24 -22.63 -64.40
C LEU F 711 -50.87 -21.26 -64.96
N PHE F 712 -50.98 -21.12 -66.27
CA PHE F 712 -50.83 -19.85 -66.96
C PHE F 712 -52.16 -19.47 -67.60
N PHE F 713 -52.83 -18.48 -67.01
CA PHE F 713 -54.11 -17.99 -67.52
C PHE F 713 -53.82 -16.69 -68.26
N VAL F 714 -53.46 -16.81 -69.53
CA VAL F 714 -53.21 -15.64 -70.36
C VAL F 714 -54.54 -15.00 -70.69
N ILE F 715 -54.77 -13.79 -70.18
CA ILE F 715 -56.01 -13.05 -70.37
C ILE F 715 -55.82 -12.12 -71.55
N LEU F 716 -56.79 -12.09 -72.45
CA LEU F 716 -56.72 -11.30 -73.67
C LEU F 716 -57.93 -10.37 -73.76
N ASP F 717 -57.75 -9.28 -74.50
CA ASP F 717 -58.81 -8.31 -74.73
C ASP F 717 -59.21 -8.34 -76.20
N ASP F 718 -60.51 -8.37 -76.46
CA ASP F 718 -61.03 -8.51 -77.81
C ASP F 718 -62.17 -7.53 -78.02
N CYS F 719 -62.38 -7.14 -79.28
CA CYS F 719 -63.39 -6.15 -79.64
C CYS F 719 -64.68 -6.86 -80.05
N ASN F 720 -65.28 -7.55 -79.09
CA ASN F 720 -66.54 -8.25 -79.28
C ASN F 720 -67.66 -7.40 -78.70
N GLU F 721 -68.63 -7.04 -79.55
CA GLU F 721 -69.66 -6.09 -79.15
C GLU F 721 -70.52 -6.65 -78.02
N LYS F 722 -70.91 -7.92 -78.11
CA LYS F 722 -71.78 -8.50 -77.10
C LYS F 722 -71.11 -8.48 -75.73
N ILE F 723 -69.84 -8.89 -75.67
CA ILE F 723 -69.15 -8.94 -74.39
C ILE F 723 -68.90 -7.53 -73.87
N ASP F 724 -68.62 -6.58 -74.77
CA ASP F 724 -68.43 -5.20 -74.33
C ASP F 724 -69.71 -4.64 -73.72
N THR F 725 -70.85 -4.88 -74.39
CA THR F 725 -72.12 -4.41 -73.86
C THR F 725 -72.43 -5.06 -72.51
N GLU F 726 -72.24 -6.37 -72.41
CA GLU F 726 -72.56 -7.06 -71.18
C GLU F 726 -71.66 -6.61 -70.03
N LEU F 727 -70.37 -6.45 -70.30
CA LEU F 727 -69.45 -6.01 -69.26
C LEU F 727 -69.71 -4.57 -68.85
N ALA F 728 -70.07 -3.71 -69.80
CA ALA F 728 -70.45 -2.34 -69.46
C ALA F 728 -71.69 -2.34 -68.58
N SER F 729 -72.68 -3.16 -68.93
CA SER F 729 -73.88 -3.27 -68.10
C SER F 729 -73.50 -3.74 -66.69
N HIS F 730 -72.65 -4.76 -66.61
CA HIS F 730 -72.25 -5.29 -65.31
C HIS F 730 -71.57 -4.22 -64.46
N ILE F 731 -70.65 -3.47 -65.06
CA ILE F 731 -69.88 -2.51 -64.28
C ILE F 731 -70.75 -1.32 -63.85
N VAL F 732 -71.56 -0.80 -64.76
CA VAL F 732 -72.40 0.33 -64.40
C VAL F 732 -73.47 -0.10 -63.42
N ASP F 733 -73.85 -1.39 -63.42
CA ASP F 733 -74.77 -1.89 -62.41
C ASP F 733 -74.08 -2.05 -61.07
N LEU F 734 -72.83 -2.51 -61.07
CA LEU F 734 -72.08 -2.63 -59.83
C LEU F 734 -71.88 -1.27 -59.19
N HIS F 735 -71.70 -0.23 -60.01
CA HIS F 735 -71.72 1.13 -59.49
C HIS F 735 -73.14 1.58 -59.14
N MET F 736 -74.14 1.02 -59.83
CA MET F 736 -75.53 1.34 -59.53
C MET F 736 -75.96 0.75 -58.20
N LYS F 737 -75.96 -0.57 -58.11
CA LYS F 737 -76.38 -1.28 -56.92
C LYS F 737 -75.13 -1.51 -56.07
N ARG F 738 -74.99 -0.74 -55.00
CA ARG F 738 -73.85 -0.92 -54.09
C ARG F 738 -73.80 -2.36 -53.58
N ASP F 739 -74.96 -2.99 -53.44
CA ASP F 739 -75.06 -4.42 -53.18
C ASP F 739 -76.22 -4.96 -53.98
N GLU F 740 -76.27 -6.29 -54.10
CA GLU F 740 -77.26 -7.02 -54.89
C GLU F 740 -77.12 -6.75 -56.38
N ALA F 741 -76.04 -6.09 -56.81
CA ALA F 741 -75.79 -5.96 -58.25
C ALA F 741 -75.58 -7.31 -58.89
N ILE F 742 -74.83 -8.18 -58.23
CA ILE F 742 -74.78 -9.61 -58.55
C ILE F 742 -74.76 -10.38 -57.25
N GLU F 743 -75.56 -11.45 -57.18
CA GLU F 743 -75.67 -12.23 -55.97
C GLU F 743 -75.07 -13.61 -56.18
N PRO F 744 -73.91 -13.91 -55.62
CA PRO F 744 -73.35 -15.25 -55.76
C PRO F 744 -74.21 -16.25 -55.02
N PRO F 745 -74.26 -17.50 -55.51
CA PRO F 745 -75.08 -18.51 -54.82
C PRO F 745 -74.68 -18.74 -53.36
N PHE F 746 -73.38 -18.69 -53.06
CA PHE F 746 -72.90 -18.98 -51.72
C PHE F 746 -72.26 -17.73 -51.12
N SER F 747 -72.58 -17.47 -49.86
CA SER F 747 -71.99 -16.34 -49.17
C SER F 747 -70.55 -16.65 -48.76
N ALA F 748 -69.88 -15.65 -48.21
CA ALA F 748 -68.49 -15.81 -47.80
C ALA F 748 -68.36 -16.87 -46.71
N GLU F 749 -69.27 -16.86 -45.72
CA GLU F 749 -69.15 -17.79 -44.61
C GLU F 749 -69.28 -19.23 -45.08
N GLN F 750 -70.26 -19.50 -45.93
CA GLN F 750 -70.47 -20.85 -46.43
C GLN F 750 -69.27 -21.31 -47.26
N LEU F 751 -68.73 -20.42 -48.09
CA LEU F 751 -67.57 -20.78 -48.90
C LEU F 751 -66.36 -21.08 -48.01
N ARG F 752 -66.11 -20.15 -47.08
CA ARG F 752 -64.97 -20.31 -46.16
C ARG F 752 -65.10 -21.67 -45.51
N ARG F 753 -66.27 -21.95 -44.94
CA ARG F 753 -66.43 -23.22 -44.20
C ARG F 753 -66.21 -24.39 -45.16
N TYR F 754 -66.81 -24.33 -46.35
CA TYR F 754 -66.68 -25.52 -47.24
C TYR F 754 -65.22 -25.72 -47.50
N ILE F 755 -64.51 -24.63 -47.81
CA ILE F 755 -63.06 -24.75 -48.16
C ILE F 755 -62.34 -25.33 -46.94
N LYS F 756 -62.72 -24.88 -45.75
CA LYS F 756 -62.10 -25.41 -44.53
C LYS F 756 -62.41 -26.91 -44.42
N TYR F 757 -63.66 -27.31 -44.63
CA TYR F 757 -64.01 -28.74 -44.46
C TYR F 757 -63.32 -29.57 -45.53
N ALA F 758 -63.30 -29.05 -46.76
CA ALA F 758 -62.71 -29.84 -47.86
C ALA F 758 -61.23 -30.02 -47.57
N ARG F 759 -60.60 -29.01 -46.99
CA ARG F 759 -59.14 -29.06 -46.73
C ARG F 759 -58.84 -30.22 -45.79
N THR F 760 -59.74 -30.49 -44.83
CA THR F 760 -59.53 -31.59 -43.84
C THR F 760 -59.46 -32.96 -44.52
N PHE F 761 -60.29 -33.21 -45.53
CA PHE F 761 -60.25 -34.50 -46.27
C PHE F 761 -58.93 -34.57 -47.02
N LYS F 762 -58.43 -35.78 -47.27
CA LYS F 762 -57.20 -35.91 -48.09
C LYS F 762 -57.52 -36.89 -49.23
N PRO F 763 -57.88 -36.44 -50.46
CA PRO F 763 -58.26 -37.35 -51.54
C PRO F 763 -57.16 -38.35 -51.85
N ILE F 764 -57.58 -39.55 -52.24
CA ILE F 764 -56.67 -40.66 -52.54
C ILE F 764 -56.87 -41.06 -53.99
N LEU F 765 -55.77 -41.37 -54.66
CA LEU F 765 -55.81 -41.77 -56.06
C LEU F 765 -56.21 -43.24 -56.17
N THR F 766 -57.27 -43.51 -56.94
CA THR F 766 -57.65 -44.88 -57.22
C THR F 766 -56.67 -45.52 -58.20
N LYS F 767 -56.61 -46.84 -58.17
CA LYS F 767 -55.70 -47.56 -59.06
C LYS F 767 -56.11 -47.38 -60.51
N GLU F 768 -57.41 -47.37 -60.79
CA GLU F 768 -57.87 -47.25 -62.18
C GLU F 768 -57.46 -45.92 -62.80
N ALA F 769 -57.56 -44.83 -62.02
CA ALA F 769 -57.28 -43.52 -62.58
C ALA F 769 -55.82 -43.32 -62.93
N ARG F 770 -54.92 -44.13 -62.36
CA ARG F 770 -53.50 -43.98 -62.68
C ARG F 770 -53.24 -44.24 -64.16
N SER F 771 -53.91 -45.25 -64.74
CA SER F 771 -53.78 -45.48 -66.17
C SER F 771 -54.21 -44.25 -66.94
N TYR F 772 -55.41 -43.75 -66.67
CA TYR F 772 -55.93 -42.60 -67.41
C TYR F 772 -54.95 -41.43 -67.32
N LEU F 773 -54.34 -41.23 -66.15
CA LEU F 773 -53.24 -40.26 -66.04
C LEU F 773 -52.12 -40.58 -67.01
N VAL F 774 -51.75 -41.86 -67.12
CA VAL F 774 -50.59 -42.22 -67.95
C VAL F 774 -50.86 -41.89 -69.41
N GLU F 775 -52.00 -42.33 -69.94
CA GLU F 775 -52.30 -42.02 -71.33
C GLU F 775 -52.58 -40.54 -71.54
N LYS F 776 -53.13 -39.84 -70.55
CA LYS F 776 -53.31 -38.40 -70.71
C LYS F 776 -51.97 -37.68 -70.81
N TYR F 777 -50.99 -38.08 -70.00
CA TYR F 777 -49.67 -37.49 -70.11
C TYR F 777 -49.01 -37.87 -71.43
N LYS F 778 -49.27 -39.07 -71.93
CA LYS F 778 -48.78 -39.44 -73.26
C LYS F 778 -49.32 -38.49 -74.32
N GLU F 779 -50.63 -38.23 -74.28
CA GLU F 779 -51.23 -37.32 -75.25
C GLU F 779 -50.69 -35.91 -75.09
N LEU F 780 -50.49 -35.47 -73.85
CA LEU F 780 -49.92 -34.15 -73.61
C LEU F 780 -48.52 -34.04 -74.19
N ARG F 781 -47.70 -35.08 -74.02
CA ARG F 781 -46.36 -35.07 -74.61
C ARG F 781 -46.41 -35.10 -76.13
N LYS F 782 -47.40 -35.78 -76.70
CA LYS F 782 -47.46 -35.88 -78.15
C LYS F 782 -47.94 -34.58 -78.80
N ASP F 783 -48.91 -33.91 -78.18
CA ASP F 783 -49.63 -32.84 -78.87
C ASP F 783 -48.71 -31.65 -79.19
N ASP F 784 -47.84 -31.29 -78.26
CA ASP F 784 -46.99 -30.12 -78.44
C ASP F 784 -45.74 -30.45 -79.24
N ALA F 785 -45.26 -29.46 -79.99
CA ALA F 785 -44.05 -29.57 -80.81
C ALA F 785 -44.13 -30.74 -81.79
N GLN F 786 -45.35 -31.01 -82.29
CA GLN F 786 -45.57 -32.10 -83.22
C GLN F 786 -45.06 -31.75 -84.62
N ARG F 790 -44.89 -25.61 -81.27
CA ARG F 790 -44.54 -24.47 -80.43
C ARG F 790 -45.75 -24.00 -79.64
N SER F 791 -45.64 -24.07 -78.31
CA SER F 791 -46.72 -23.66 -77.43
C SER F 791 -46.14 -22.77 -76.33
N SER F 792 -46.99 -22.37 -75.39
CA SER F 792 -46.57 -21.48 -74.33
C SER F 792 -45.57 -22.13 -73.40
N TYR F 793 -45.84 -23.37 -72.98
CA TYR F 793 -44.93 -24.12 -72.13
C TYR F 793 -44.71 -25.51 -72.70
N ARG F 794 -43.45 -25.95 -72.69
CA ARG F 794 -43.12 -27.28 -73.18
C ARG F 794 -43.62 -28.34 -72.20
N ILE F 795 -43.81 -29.55 -72.73
CA ILE F 795 -44.38 -30.65 -71.96
C ILE F 795 -43.27 -31.36 -71.21
N THR F 796 -43.41 -31.47 -69.90
CA THR F 796 -42.41 -32.11 -69.04
C THR F 796 -43.11 -32.88 -67.94
N VAL F 797 -42.32 -33.61 -67.15
CA VAL F 797 -42.84 -34.41 -66.05
C VAL F 797 -43.48 -33.51 -65.00
N ARG F 798 -42.94 -32.30 -64.87
CA ARG F 798 -43.51 -31.35 -63.89
C ARG F 798 -44.99 -31.31 -64.20
N GLN F 799 -45.32 -31.37 -65.49
CA GLN F 799 -46.74 -31.28 -65.88
C GLN F 799 -47.48 -32.46 -65.26
N LEU F 800 -46.90 -33.66 -65.30
CA LEU F 800 -47.65 -34.83 -64.79
C LEU F 800 -47.86 -34.65 -63.28
N GLU F 801 -46.86 -34.14 -62.59
CA GLU F 801 -47.11 -33.87 -61.15
C GLU F 801 -48.29 -32.91 -61.10
N SER F 802 -48.25 -31.85 -61.90
CA SER F 802 -49.32 -30.82 -61.87
C SER F 802 -50.68 -31.48 -62.10
N MET F 803 -50.73 -32.52 -62.94
CA MET F 803 -52.03 -33.17 -63.25
C MET F 803 -52.63 -33.70 -61.95
N ILE F 804 -51.80 -34.26 -61.06
CA ILE F 804 -52.30 -34.78 -59.76
C ILE F 804 -52.58 -33.56 -58.90
N ARG F 805 -51.68 -32.58 -58.93
CA ARG F 805 -51.87 -31.42 -58.06
C ARG F 805 -53.22 -30.77 -58.29
N LEU F 806 -53.67 -30.71 -59.54
CA LEU F 806 -55.01 -30.21 -59.82
C LEU F 806 -56.09 -31.24 -59.52
N SER F 807 -55.78 -32.53 -59.70
CA SER F 807 -56.77 -33.57 -59.47
C SER F 807 -57.17 -33.63 -58.01
N GLU F 808 -56.20 -33.53 -57.10
CA GLU F 808 -56.52 -33.55 -55.67
C GLU F 808 -57.38 -32.36 -55.29
N ALA F 809 -57.08 -31.19 -55.86
CA ALA F 809 -57.90 -30.01 -55.58
C ALA F 809 -59.33 -30.19 -56.10
N ILE F 810 -59.48 -30.77 -57.29
CA ILE F 810 -60.82 -31.00 -57.83
C ILE F 810 -61.59 -31.96 -56.92
N ALA F 811 -60.94 -33.05 -56.51
CA ALA F 811 -61.60 -34.01 -55.64
C ALA F 811 -62.01 -33.36 -54.32
N ARG F 812 -61.14 -32.52 -53.76
CA ARG F 812 -61.52 -31.78 -52.57
C ARG F 812 -62.71 -30.87 -52.84
N ALA F 813 -62.77 -30.28 -54.04
CA ALA F 813 -63.89 -29.40 -54.38
C ALA F 813 -65.21 -30.17 -54.39
N ASN F 814 -65.22 -31.31 -55.06
CA ASN F 814 -66.47 -32.12 -55.16
C ASN F 814 -66.69 -32.82 -53.81
N CYS F 815 -65.82 -32.55 -52.83
CA CYS F 815 -65.90 -33.19 -51.48
C CYS F 815 -65.83 -34.71 -51.61
N VAL F 816 -65.04 -35.20 -52.56
CA VAL F 816 -64.91 -36.66 -52.79
C VAL F 816 -63.66 -37.14 -52.06
N ASP F 817 -63.55 -38.44 -51.81
CA ASP F 817 -62.33 -38.98 -51.22
C ASP F 817 -61.53 -39.82 -52.20
N GLU F 818 -62.10 -40.21 -53.33
CA GLU F 818 -61.43 -41.05 -54.31
C GLU F 818 -61.34 -40.34 -55.65
N ILE F 819 -60.16 -40.40 -56.27
CA ILE F 819 -59.92 -39.75 -57.55
C ILE F 819 -60.58 -40.57 -58.65
N THR F 820 -61.43 -39.91 -59.44
CA THR F 820 -62.15 -40.51 -60.54
C THR F 820 -61.68 -39.94 -61.87
N PRO F 821 -61.85 -40.67 -62.97
CA PRO F 821 -61.37 -40.15 -64.27
C PRO F 821 -62.01 -38.82 -64.68
N SER F 822 -63.16 -38.48 -64.11
CA SER F 822 -63.72 -37.15 -64.37
C SER F 822 -62.79 -36.06 -63.84
N PHE F 823 -62.17 -36.30 -62.68
CA PHE F 823 -61.26 -35.30 -62.12
C PHE F 823 -60.04 -35.10 -63.01
N ILE F 824 -59.48 -36.20 -63.53
CA ILE F 824 -58.37 -36.10 -64.47
C ILE F 824 -58.82 -35.40 -65.74
N ALA F 825 -60.05 -35.67 -66.18
CA ALA F 825 -60.57 -34.97 -67.36
C ALA F 825 -60.64 -33.47 -67.12
N GLU F 826 -61.12 -33.07 -65.95
CA GLU F 826 -61.20 -31.64 -65.62
C GLU F 826 -59.82 -31.00 -65.55
N ALA F 827 -58.86 -31.68 -64.91
CA ALA F 827 -57.52 -31.14 -64.81
C ALA F 827 -56.86 -31.01 -66.18
N TYR F 828 -57.01 -32.03 -67.03
CA TYR F 828 -56.45 -31.96 -68.36
C TYR F 828 -57.14 -30.88 -69.19
N ASP F 829 -58.44 -30.69 -68.98
CA ASP F 829 -59.14 -29.59 -69.65
C ASP F 829 -58.55 -28.25 -69.24
N LEU F 830 -58.28 -28.08 -67.94
CA LEU F 830 -57.69 -26.82 -67.47
C LEU F 830 -56.31 -26.60 -68.07
N LEU F 831 -55.50 -27.66 -68.13
CA LEU F 831 -54.14 -27.49 -68.66
C LEU F 831 -54.14 -27.30 -70.17
N ARG F 832 -55.08 -27.92 -70.89
CA ARG F 832 -55.15 -27.73 -72.33
C ARG F 832 -55.75 -26.38 -72.70
N GLN F 833 -56.61 -25.83 -71.85
CA GLN F 833 -57.13 -24.48 -72.09
C GLN F 833 -56.11 -23.43 -71.69
N SER F 834 -55.33 -23.67 -70.65
CA SER F 834 -54.31 -22.72 -70.22
C SER F 834 -53.24 -22.53 -71.29
N ILE F 835 -52.82 -23.62 -71.93
CA ILE F 835 -51.85 -23.52 -73.01
C ILE F 835 -52.49 -22.82 -74.19
N ILE F 836 -51.75 -21.91 -74.82
CA ILE F 836 -52.28 -21.04 -75.85
C ILE F 836 -51.49 -21.25 -77.13
N ARG F 837 -52.19 -21.50 -78.23
CA ARG F 837 -51.53 -21.64 -79.52
C ARG F 837 -50.96 -20.30 -79.96
N VAL F 838 -49.79 -20.35 -80.59
CA VAL F 838 -49.09 -19.14 -81.02
C VAL F 838 -49.86 -18.43 -82.11
N SER G 2 4.40 32.35 -1.91
CA SER G 2 4.45 32.82 -3.29
C SER G 2 5.43 32.00 -4.10
N ALA G 3 5.91 30.91 -3.50
CA ALA G 3 6.85 30.04 -4.21
C ALA G 3 6.20 29.39 -5.42
N ALA G 4 4.94 28.97 -5.27
CA ALA G 4 4.25 28.27 -6.36
C ALA G 4 4.05 29.17 -7.58
N LEU G 5 3.69 30.44 -7.35
CA LEU G 5 3.38 31.36 -8.44
C LEU G 5 4.34 32.54 -8.42
N PRO G 6 5.37 32.54 -9.24
CA PRO G 6 6.26 33.71 -9.31
C PRO G 6 5.58 34.91 -9.94
N SER G 7 6.33 35.99 -10.15
CA SER G 7 5.80 37.20 -10.76
C SER G 7 6.73 37.67 -11.85
N ILE G 8 6.23 38.55 -12.72
CA ILE G 8 6.97 39.00 -13.89
C ILE G 8 6.94 40.52 -13.92
N GLN G 9 8.04 41.12 -14.38
CA GLN G 9 8.07 42.56 -14.65
C GLN G 9 7.65 42.75 -16.10
N LEU G 10 6.39 43.14 -16.31
CA LEU G 10 5.89 43.33 -17.66
C LEU G 10 5.76 44.81 -17.98
N PRO G 11 6.12 45.22 -19.19
CA PRO G 11 6.11 46.66 -19.52
C PRO G 11 4.73 47.31 -19.41
N VAL G 12 3.67 46.55 -19.59
CA VAL G 12 2.34 47.13 -19.63
C VAL G 12 1.85 47.42 -18.21
N ASP G 13 1.11 48.51 -18.05
CA ASP G 13 0.42 48.86 -16.81
C ASP G 13 -1.04 49.08 -17.12
N TYR G 14 -1.92 48.54 -16.27
CA TYR G 14 -3.33 48.53 -16.60
C TYR G 14 -4.13 49.67 -15.99
N ASN G 15 -3.70 50.23 -14.87
CA ASN G 15 -4.43 51.37 -14.30
C ASN G 15 -4.23 52.63 -15.13
N ASN G 16 -2.99 52.90 -15.54
CA ASN G 16 -2.74 54.05 -16.41
C ASN G 16 -3.48 53.89 -17.74
N LEU G 17 -3.48 52.67 -18.29
CA LEU G 17 -4.22 52.42 -19.52
C LEU G 17 -5.71 52.59 -19.31
N PHE G 18 -6.23 52.20 -18.16
CA PHE G 18 -7.66 52.38 -17.87
C PHE G 18 -8.01 53.86 -17.82
N ASN G 19 -7.16 54.66 -17.17
CA ASN G 19 -7.39 56.11 -17.14
C ASN G 19 -7.32 56.69 -18.54
N GLU G 20 -6.36 56.23 -19.35
CA GLU G 20 -6.27 56.69 -20.72
C GLU G 20 -7.51 56.32 -21.52
N ILE G 21 -8.03 55.12 -21.30
CA ILE G 21 -9.25 54.68 -21.99
C ILE G 21 -10.42 55.57 -21.61
N THR G 22 -10.57 55.86 -20.31
CA THR G 22 -11.65 56.75 -19.88
C THR G 22 -11.51 58.13 -20.49
N ASP G 23 -10.29 58.67 -20.53
CA ASP G 23 -10.08 59.97 -21.14
C ASP G 23 -10.44 59.95 -22.62
N PHE G 24 -10.02 58.91 -23.34
CA PHE G 24 -10.33 58.82 -24.76
C PHE G 24 -11.83 58.74 -24.99
N LEU G 25 -12.53 57.96 -24.16
CA LEU G 25 -13.97 57.86 -24.29
C LEU G 25 -14.65 59.20 -24.03
N VAL G 26 -14.19 59.93 -23.01
CA VAL G 26 -14.85 61.18 -22.66
C VAL G 26 -14.59 62.26 -23.71
N THR G 27 -13.35 62.36 -24.18
CA THR G 27 -12.95 63.55 -24.93
C THR G 27 -12.48 63.27 -26.36
N PHE G 28 -13.22 62.45 -27.10
CA PHE G 28 -12.94 62.26 -28.52
C PHE G 28 -14.13 62.76 -29.32
N LYS G 29 -13.94 63.85 -30.05
CA LYS G 29 -15.04 64.49 -30.77
C LYS G 29 -14.69 64.95 -32.17
N GLN G 30 -13.45 64.76 -32.63
CA GLN G 30 -13.08 65.24 -33.97
C GLN G 30 -13.77 64.47 -35.08
N ASP G 31 -14.42 63.36 -34.77
CA ASP G 31 -15.14 62.58 -35.77
C ASP G 31 -16.64 62.72 -35.58
N LYS G 59 -23.67 65.67 -30.89
CA LYS G 59 -22.82 66.71 -31.46
C LYS G 59 -21.56 66.88 -30.63
N GLY G 60 -21.53 66.24 -29.47
CA GLY G 60 -20.37 66.31 -28.59
C GLY G 60 -19.36 65.22 -28.91
N PRO G 61 -18.75 64.66 -27.88
CA PRO G 61 -17.82 63.54 -28.10
C PRO G 61 -18.54 62.38 -28.77
N LYS G 62 -17.84 61.71 -29.69
CA LYS G 62 -18.48 60.69 -30.51
C LYS G 62 -18.96 59.52 -29.64
N TYR G 63 -18.08 58.99 -28.80
CA TYR G 63 -18.44 57.81 -28.03
C TYR G 63 -19.39 58.15 -26.89
N MET G 64 -19.31 59.36 -26.34
CA MET G 64 -20.33 59.80 -25.39
C MET G 64 -21.70 59.87 -26.05
N ALA G 65 -21.75 60.37 -27.29
CA ALA G 65 -23.00 60.37 -28.03
C ALA G 65 -23.50 58.96 -28.28
N MET G 66 -22.60 58.04 -28.63
CA MET G 66 -23.01 56.66 -28.84
C MET G 66 -23.55 56.04 -27.56
N LEU G 67 -22.91 56.33 -26.43
CA LEU G 67 -23.39 55.83 -25.15
C LEU G 67 -24.76 56.40 -24.82
N GLN G 68 -24.98 57.69 -25.09
CA GLN G 68 -26.29 58.27 -24.88
C GLN G 68 -27.33 57.59 -25.76
N LYS G 69 -26.97 57.27 -27.00
CA LYS G 69 -27.85 56.53 -27.88
C LYS G 69 -28.19 55.16 -27.29
N VAL G 70 -27.18 54.48 -26.74
CA VAL G 70 -27.39 53.15 -26.19
C VAL G 70 -28.28 53.21 -24.96
N ALA G 71 -28.15 54.27 -24.16
CA ALA G 71 -28.96 54.38 -22.96
C ALA G 71 -30.44 54.43 -23.30
N ASN G 72 -30.80 55.10 -24.39
CA ASN G 72 -32.19 55.20 -24.81
C ASN G 72 -32.71 53.92 -25.44
N ARG G 73 -31.97 52.82 -25.37
CA ARG G 73 -32.33 51.52 -25.92
C ARG G 73 -32.41 51.55 -27.44
N GLU G 74 -31.93 52.62 -28.07
CA GLU G 74 -31.98 52.69 -29.53
C GLU G 74 -30.89 51.83 -30.16
N LEU G 75 -29.75 51.70 -29.49
CA LEU G 75 -28.59 50.99 -30.01
C LEU G 75 -28.15 49.91 -29.04
N ASN G 76 -27.81 48.73 -29.57
CA ASN G 76 -27.35 47.61 -28.77
C ASN G 76 -25.94 47.18 -29.14
N SER G 77 -25.19 48.02 -29.84
CA SER G 77 -23.84 47.68 -30.25
C SER G 77 -22.94 48.88 -30.08
N VAL G 78 -21.75 48.63 -29.54
CA VAL G 78 -20.72 49.67 -29.36
C VAL G 78 -19.48 49.20 -30.10
N ILE G 79 -19.08 49.94 -31.13
CA ILE G 79 -17.92 49.60 -31.93
C ILE G 79 -16.83 50.61 -31.62
N ILE G 80 -15.75 50.14 -31.00
CA ILE G 80 -14.61 50.99 -30.66
C ILE G 80 -13.63 50.88 -31.83
N ASP G 81 -13.48 51.97 -32.57
CA ASP G 81 -12.58 51.97 -33.72
C ASP G 81 -11.15 52.22 -33.24
N LEU G 82 -10.25 51.29 -33.55
CA LEU G 82 -8.84 51.50 -33.20
C LEU G 82 -8.26 52.68 -33.95
N ASP G 83 -8.81 53.01 -35.12
CA ASP G 83 -8.33 54.19 -35.84
C ASP G 83 -8.59 55.45 -35.02
N ASP G 84 -9.76 55.54 -34.38
CA ASP G 84 -10.03 56.67 -33.51
C ASP G 84 -9.06 56.72 -32.34
N ILE G 85 -8.72 55.56 -31.78
CA ILE G 85 -7.77 55.53 -30.67
C ILE G 85 -6.40 56.01 -31.13
N LEU G 86 -5.97 55.57 -32.31
CA LEU G 86 -4.68 56.03 -32.83
C LEU G 86 -4.70 57.54 -33.07
N GLN G 87 -5.79 58.06 -33.63
CA GLN G 87 -5.88 59.50 -33.86
C GLN G 87 -5.84 60.26 -32.55
N TYR G 88 -6.55 59.76 -31.53
CA TYR G 88 -6.54 60.41 -30.23
C TYR G 88 -5.15 60.38 -29.61
N GLN G 89 -4.46 59.25 -29.70
CA GLN G 89 -3.09 59.16 -29.21
C GLN G 89 -2.19 60.16 -29.93
N ASN G 90 -2.31 60.24 -31.25
CA ASN G 90 -1.44 61.11 -32.02
C ASN G 90 -1.70 62.58 -31.68
N GLU G 91 -2.96 62.97 -31.60
CA GLU G 91 -3.29 64.36 -31.28
C GLU G 91 -2.87 64.71 -29.87
N LYS G 92 -2.95 63.78 -28.93
CA LYS G 92 -2.44 64.06 -27.59
C LYS G 92 -0.92 64.08 -27.57
N PHE G 93 -0.28 63.41 -28.52
CA PHE G 93 1.18 63.43 -28.57
C PHE G 93 1.72 64.72 -29.17
N LEU G 94 1.02 65.31 -30.15
CA LEU G 94 1.48 66.59 -30.69
C LEU G 94 1.48 67.69 -29.64
N GLN G 95 0.43 67.77 -28.82
CA GLN G 95 0.37 68.84 -27.84
C GLN G 95 1.44 68.70 -26.77
N GLY G 96 1.94 67.49 -26.53
CA GLY G 96 3.01 67.30 -25.58
C GLY G 96 2.78 66.17 -24.61
N THR G 97 1.52 65.87 -24.31
CA THR G 97 1.21 64.85 -23.32
C THR G 97 1.58 63.46 -23.84
N GLN G 98 2.34 62.71 -23.04
CA GLN G 98 2.74 61.37 -23.44
C GLN G 98 1.57 60.40 -23.26
N ALA G 99 1.32 59.61 -24.30
CA ALA G 99 0.25 58.63 -24.30
C ALA G 99 0.81 57.26 -24.67
N ASP G 100 0.53 56.27 -23.83
CA ASP G 100 0.99 54.92 -24.10
C ASP G 100 0.30 54.35 -25.33
N ASP G 101 0.98 53.43 -26.01
CA ASP G 101 0.44 52.83 -27.23
C ASP G 101 -0.70 51.91 -26.84
N LEU G 102 -1.84 52.52 -26.54
CA LEU G 102 -3.04 51.75 -26.21
C LEU G 102 -3.48 50.91 -27.40
N VAL G 103 -3.32 51.43 -28.61
CA VAL G 103 -3.68 50.65 -29.80
C VAL G 103 -2.78 49.43 -29.93
N SER G 104 -1.48 49.59 -29.70
CA SER G 104 -0.59 48.45 -29.75
C SER G 104 -0.93 47.44 -28.67
N ALA G 105 -1.22 47.91 -27.46
CA ALA G 105 -1.56 47.01 -26.37
C ALA G 105 -2.83 46.24 -26.67
N ILE G 106 -3.83 46.90 -27.27
CA ILE G 106 -5.03 46.19 -27.70
C ILE G 106 -4.68 45.15 -28.76
N GLN G 107 -3.82 45.52 -29.72
CA GLN G 107 -3.40 44.57 -30.74
C GLN G 107 -2.62 43.40 -30.16
N GLN G 108 -2.12 43.50 -28.92
CA GLN G 108 -1.38 42.41 -28.33
C GLN G 108 -2.18 41.56 -27.35
N ASN G 109 -3.11 42.15 -26.59
CA ASN G 109 -3.86 41.42 -25.58
C ASN G 109 -5.33 41.82 -25.61
N ALA G 110 -5.94 41.76 -26.80
CA ALA G 110 -7.25 42.36 -27.01
C ALA G 110 -8.30 41.87 -26.03
N ASN G 111 -8.19 40.63 -25.54
CA ASN G 111 -9.25 40.07 -24.72
C ASN G 111 -9.42 40.82 -23.41
N HIS G 112 -8.31 41.20 -22.78
CA HIS G 112 -8.39 41.94 -21.51
C HIS G 112 -8.96 43.34 -21.74
N PHE G 113 -8.64 43.93 -22.88
CA PHE G 113 -9.10 45.29 -23.14
C PHE G 113 -10.60 45.35 -23.41
N THR G 114 -11.23 44.25 -23.80
CA THR G 114 -12.68 44.25 -23.87
C THR G 114 -13.28 44.46 -22.49
N GLU G 115 -12.75 43.78 -21.48
CA GLU G 115 -13.22 43.99 -20.12
C GLU G 115 -12.90 45.41 -19.65
N LEU G 116 -11.70 45.91 -19.97
CA LEU G 116 -11.36 47.28 -19.62
C LEU G 116 -12.36 48.26 -20.21
N PHE G 117 -12.70 48.09 -21.49
CA PHE G 117 -13.59 49.03 -22.16
C PHE G 117 -15.01 48.91 -21.63
N CYS G 118 -15.48 47.69 -21.33
CA CYS G 118 -16.85 47.60 -20.82
C CYS G 118 -16.94 48.20 -19.42
N ARG G 119 -15.91 48.03 -18.60
CA ARG G 119 -15.90 48.71 -17.30
C ARG G 119 -15.89 50.22 -17.48
N ALA G 120 -15.11 50.72 -18.44
CA ALA G 120 -15.10 52.15 -18.70
C ALA G 120 -16.47 52.65 -19.14
N ILE G 121 -17.16 51.88 -19.98
CA ILE G 121 -18.51 52.24 -20.41
C ILE G 121 -19.44 52.29 -19.22
N ASP G 122 -19.35 51.31 -18.33
CA ASP G 122 -20.18 51.32 -17.13
C ASP G 122 -19.86 52.54 -16.26
N ASN G 123 -18.60 52.99 -16.28
CA ASN G 123 -18.23 54.14 -15.45
C ASN G 123 -18.69 55.46 -16.08
N ASN G 124 -19.04 55.45 -17.35
CA ASN G 124 -19.41 56.68 -18.06
C ASN G 124 -20.78 56.55 -18.72
N MET G 125 -21.61 55.65 -18.25
CA MET G 125 -22.90 55.41 -18.90
C MET G 125 -23.85 56.57 -18.65
N PRO G 126 -24.33 57.26 -19.68
CA PRO G 126 -25.23 58.38 -19.47
C PRO G 126 -26.60 57.93 -18.99
N LEU G 127 -27.29 58.85 -18.34
CA LEU G 127 -28.63 58.56 -17.86
C LEU G 127 -29.59 58.53 -19.05
N PRO G 128 -30.54 57.59 -19.07
CA PRO G 128 -31.50 57.54 -20.18
C PRO G 128 -32.34 58.81 -20.26
N THR G 129 -32.57 59.27 -21.49
CA THR G 129 -33.38 60.47 -21.73
C THR G 129 -34.83 60.16 -22.04
N LYS G 130 -35.18 58.89 -22.23
CA LYS G 130 -36.56 58.47 -22.35
C LYS G 130 -36.76 57.20 -21.54
N GLU G 131 -37.87 57.14 -20.80
CA GLU G 131 -38.09 56.07 -19.84
C GLU G 131 -38.65 54.83 -20.55
N ILE G 132 -38.96 53.81 -19.76
CA ILE G 132 -39.31 52.49 -20.30
C ILE G 132 -40.79 52.46 -20.64
N ASP G 133 -41.10 52.22 -21.91
CA ASP G 133 -42.48 52.12 -22.38
C ASP G 133 -42.86 50.65 -22.54
N TYR G 134 -44.11 50.43 -22.94
CA TYR G 134 -44.60 49.07 -23.15
C TYR G 134 -44.07 48.47 -24.45
N LYS G 135 -43.64 49.31 -25.40
CA LYS G 135 -43.12 48.81 -26.67
C LYS G 135 -41.73 48.21 -26.52
N ASP G 136 -41.02 48.52 -25.45
CA ASP G 136 -39.64 48.08 -25.30
C ASP G 136 -39.60 46.57 -25.05
N ASP G 137 -38.42 45.98 -25.32
CA ASP G 137 -38.29 44.53 -25.26
C ASP G 137 -38.01 44.08 -23.83
N VAL G 138 -38.08 42.76 -23.63
CA VAL G 138 -38.08 42.20 -22.28
C VAL G 138 -36.74 42.42 -21.59
N LEU G 139 -35.62 42.26 -22.32
CA LEU G 139 -34.32 42.38 -21.68
C LEU G 139 -34.14 43.77 -21.10
N ASP G 140 -34.64 44.81 -21.80
CA ASP G 140 -34.51 46.17 -21.31
C ASP G 140 -35.29 46.36 -20.02
N VAL G 141 -36.51 45.85 -19.94
CA VAL G 141 -37.29 46.04 -18.73
C VAL G 141 -36.68 45.25 -17.57
N ILE G 142 -36.13 44.07 -17.85
CA ILE G 142 -35.48 43.30 -16.78
C ILE G 142 -34.25 44.04 -16.27
N LEU G 143 -33.45 44.61 -17.18
CA LEU G 143 -32.28 45.36 -16.74
C LEU G 143 -32.66 46.60 -15.96
N ASN G 144 -33.72 47.29 -16.40
CA ASN G 144 -34.19 48.44 -15.65
C ASN G 144 -34.65 48.04 -14.25
N GLN G 145 -35.36 46.92 -14.15
CA GLN G 145 -35.75 46.42 -12.83
C GLN G 145 -34.54 46.12 -11.97
N ARG G 146 -33.51 45.51 -12.57
CA ARG G 146 -32.31 45.20 -11.81
C ARG G 146 -31.62 46.46 -11.31
N ARG G 147 -31.52 47.49 -12.16
CA ARG G 147 -30.89 48.73 -11.75
C ARG G 147 -31.68 49.41 -10.64
N LEU G 148 -33.01 49.44 -10.77
CA LEU G 148 -33.83 50.03 -9.72
C LEU G 148 -33.68 49.26 -8.42
N ARG G 149 -33.63 47.94 -8.49
CA ARG G 149 -33.47 47.14 -7.28
C ARG G 149 -32.12 47.38 -6.64
N ASN G 150 -31.06 47.51 -7.43
CA ASN G 150 -29.75 47.82 -6.89
C ASN G 150 -29.77 49.17 -6.16
N GLU G 151 -30.38 50.16 -6.78
CA GLU G 151 -30.45 51.48 -6.15
C GLU G 151 -31.27 51.43 -4.87
N ARG G 152 -32.37 50.69 -4.87
CA ARG G 152 -33.18 50.57 -3.67
C ARG G 152 -32.42 49.88 -2.55
N MET G 153 -31.67 48.83 -2.88
CA MET G 153 -30.86 48.16 -1.87
C MET G 153 -29.82 49.09 -1.28
N LEU G 154 -29.11 49.83 -2.14
CA LEU G 154 -28.05 50.71 -1.66
C LEU G 154 -28.63 51.83 -0.79
N SER G 155 -29.76 52.42 -1.23
CA SER G 155 -30.38 53.47 -0.44
C SER G 155 -30.90 52.96 0.88
N ASP G 156 -31.48 51.75 0.89
CA ASP G 156 -31.97 51.17 2.14
C ASP G 156 -30.83 50.94 3.12
N ARG G 157 -29.72 50.39 2.63
CA ARG G 157 -28.58 50.14 3.52
C ARG G 157 -28.00 51.45 4.03
N THR G 158 -27.92 52.46 3.17
CA THR G 158 -27.41 53.76 3.61
C THR G 158 -28.32 54.37 4.67
N ASN G 159 -29.63 54.28 4.47
CA ASN G 159 -30.56 54.81 5.47
C ASN G 159 -30.42 54.07 6.79
N GLU G 160 -30.30 52.75 6.75
CA GLU G 160 -30.14 51.97 7.97
C GLU G 160 -28.88 52.37 8.71
N ILE G 161 -27.76 52.44 8.01
CA ILE G 161 -26.50 52.76 8.68
C ILE G 161 -26.51 54.20 9.18
N ARG G 162 -27.17 55.12 8.48
CA ARG G 162 -27.32 56.48 8.99
C ARG G 162 -28.14 56.48 10.27
N SER G 163 -29.21 55.70 10.32
CA SER G 163 -30.02 55.61 11.53
C SER G 163 -29.26 54.93 12.66
N GLU G 164 -28.24 54.13 12.36
CA GLU G 164 -27.46 53.51 13.43
C GLU G 164 -26.74 54.55 14.29
N ASN G 165 -26.44 55.72 13.71
CA ASN G 165 -25.84 56.84 14.43
C ASN G 165 -24.50 56.45 15.06
N LEU G 166 -23.53 56.19 14.19
CA LEU G 166 -22.20 55.79 14.64
C LEU G 166 -21.36 57.02 14.99
N MET G 177 -20.61 61.54 7.36
CA MET G 177 -20.65 62.11 6.01
C MET G 177 -20.68 61.00 4.97
N ASN G 178 -21.44 61.22 3.90
CA ASN G 178 -21.63 60.18 2.88
C ASN G 178 -20.32 59.74 2.24
N ASP G 179 -19.28 60.57 2.30
CA ASP G 179 -18.00 60.19 1.71
C ASP G 179 -17.46 58.90 2.32
N ALA G 180 -17.54 58.79 3.64
CA ALA G 180 -17.13 57.56 4.31
C ALA G 180 -18.21 56.49 4.18
N LEU G 181 -19.48 56.88 4.24
CA LEU G 181 -20.57 55.91 4.29
C LEU G 181 -20.69 55.12 2.99
N ARG G 182 -20.35 55.72 1.85
CA ARG G 182 -20.57 55.05 0.58
C ARG G 182 -19.72 53.78 0.48
N GLU G 183 -18.46 53.85 0.88
CA GLU G 183 -17.60 52.68 0.82
C GLU G 183 -18.10 51.58 1.76
N VAL G 184 -18.56 51.96 2.95
CA VAL G 184 -19.04 50.98 3.90
C VAL G 184 -20.27 50.27 3.34
N VAL G 185 -21.20 51.05 2.78
CA VAL G 185 -22.42 50.48 2.23
C VAL G 185 -22.09 49.56 1.06
N GLU G 186 -21.17 49.98 0.19
CA GLU G 186 -20.77 49.13 -0.93
C GLU G 186 -20.19 47.83 -0.44
N ASP G 187 -19.38 47.87 0.63
CA ASP G 187 -18.83 46.65 1.18
C ASP G 187 -19.94 45.75 1.71
N GLU G 188 -20.89 46.32 2.45
CA GLU G 188 -21.91 45.53 3.13
C GLU G 188 -23.11 45.19 2.26
N THR G 189 -23.15 45.64 1.00
CA THR G 189 -24.30 45.42 0.14
C THR G 189 -24.05 44.23 -0.78
N GLU G 190 -25.15 43.65 -1.26
CA GLU G 190 -25.13 42.53 -2.20
C GLU G 190 -26.07 42.87 -3.34
N LEU G 191 -25.50 43.27 -4.47
CA LEU G 191 -26.25 43.92 -5.55
C LEU G 191 -26.02 43.17 -6.86
N PHE G 192 -26.63 43.69 -7.93
CA PHE G 192 -26.51 43.06 -9.25
C PHE G 192 -25.26 43.54 -9.95
N PRO G 193 -24.35 42.63 -10.32
CA PRO G 193 -23.05 43.03 -10.87
C PRO G 193 -23.21 43.72 -12.22
N PRO G 194 -22.23 44.54 -12.60
CA PRO G 194 -22.37 45.31 -13.85
C PRO G 194 -22.54 44.46 -15.09
N ASN G 195 -21.92 43.27 -15.14
CA ASN G 195 -22.02 42.45 -16.34
C ASN G 195 -23.44 41.99 -16.59
N LEU G 196 -24.22 41.75 -15.54
CA LEU G 196 -25.61 41.33 -15.67
C LEU G 196 -26.58 42.49 -15.75
N THR G 197 -26.09 43.73 -15.75
CA THR G 197 -26.94 44.91 -15.86
C THR G 197 -26.65 45.72 -17.11
N ARG G 198 -25.84 45.20 -18.03
CA ARG G 198 -25.53 45.89 -19.26
C ARG G 198 -26.14 45.15 -20.44
N ARG G 199 -26.57 45.90 -21.44
CA ARG G 199 -27.23 45.36 -22.61
C ARG G 199 -26.42 45.51 -23.89
N TYR G 200 -25.59 46.53 -23.98
CA TYR G 200 -24.80 46.76 -25.17
C TYR G 200 -23.78 45.65 -25.36
N PHE G 201 -23.49 45.35 -26.61
CA PHE G 201 -22.37 44.49 -26.97
C PHE G 201 -21.23 45.35 -27.50
N LEU G 202 -20.00 44.94 -27.20
CA LEU G 202 -18.82 45.75 -27.49
C LEU G 202 -17.95 45.01 -28.49
N TYR G 203 -17.52 45.72 -29.53
CA TYR G 203 -16.69 45.15 -30.57
C TYR G 203 -15.62 46.15 -30.97
N PHE G 204 -14.50 45.65 -31.46
CA PHE G 204 -13.45 46.49 -31.99
C PHE G 204 -13.56 46.60 -33.50
N LYS G 205 -12.72 47.46 -34.07
CA LYS G 205 -12.57 47.55 -35.51
C LYS G 205 -11.09 47.69 -35.81
N PRO G 206 -10.53 46.87 -36.69
CA PRO G 206 -9.08 46.90 -36.92
C PRO G 206 -8.63 48.25 -37.47
N LEU G 207 -7.42 48.64 -37.09
CA LEU G 207 -6.81 49.82 -37.68
C LEU G 207 -6.68 49.65 -39.18
N SER G 208 -7.08 50.66 -39.93
CA SER G 208 -7.08 50.56 -41.39
C SER G 208 -5.65 50.53 -41.92
N GLN G 209 -5.48 49.85 -43.06
CA GLN G 209 -4.16 49.74 -43.67
C GLN G 209 -3.63 51.09 -44.16
N ASN G 210 -4.53 52.02 -44.49
CA ASN G 210 -4.11 53.30 -45.01
C ASN G 210 -3.53 54.22 -43.95
N CYS G 211 -3.59 53.82 -42.68
CA CYS G 211 -2.99 54.65 -41.63
C CYS G 211 -1.48 54.78 -41.82
N ALA G 212 -0.82 53.69 -42.17
CA ALA G 212 0.61 53.73 -42.43
C ALA G 212 0.88 54.30 -43.82
N ILE G 220 -0.53 45.62 -36.99
CA ILE G 220 -0.51 44.23 -37.43
C ILE G 220 -1.94 43.76 -37.73
N SER G 221 -2.91 44.35 -37.03
CA SER G 221 -4.31 44.01 -37.29
C SER G 221 -4.77 44.49 -38.66
N SER G 222 -4.07 45.46 -39.24
CA SER G 222 -4.43 45.94 -40.57
C SER G 222 -4.17 44.87 -41.63
N LYS G 223 -3.08 44.14 -41.52
CA LYS G 223 -2.70 43.18 -42.54
C LYS G 223 -3.61 41.95 -42.49
N PRO G 224 -4.31 41.62 -43.57
CA PRO G 224 -5.10 40.38 -43.58
C PRO G 224 -4.22 39.16 -43.78
N LEU G 225 -4.48 38.13 -42.97
CA LEU G 225 -3.64 36.95 -42.94
C LEU G 225 -4.41 35.74 -43.44
N SER G 226 -3.72 34.88 -44.19
CA SER G 226 -4.30 33.61 -44.58
C SER G 226 -4.38 32.67 -43.38
N VAL G 227 -5.18 31.62 -43.52
CA VAL G 227 -5.38 30.69 -42.41
C VAL G 227 -4.07 30.01 -42.05
N ARG G 228 -3.25 29.69 -43.05
CA ARG G 228 -1.97 29.03 -42.77
C ARG G 228 -1.04 29.91 -41.97
N GLN G 229 -1.13 31.22 -42.13
CA GLN G 229 -0.25 32.13 -41.41
C GLN G 229 -0.72 32.42 -40.00
N ILE G 230 -1.85 31.87 -39.58
CA ILE G 230 -2.32 32.05 -38.20
C ILE G 230 -1.67 30.95 -37.38
N LYS G 231 -0.43 31.22 -36.97
CA LYS G 231 0.34 30.26 -36.19
C LYS G 231 -0.05 30.38 -34.73
N GLY G 232 0.63 29.64 -33.86
CA GLY G 232 0.40 29.74 -32.44
C GLY G 232 0.95 30.99 -31.80
N ASP G 233 1.80 31.73 -32.53
CA ASP G 233 2.31 33.00 -32.03
C ASP G 233 1.19 34.01 -31.86
N PHE G 234 0.29 34.09 -32.83
CA PHE G 234 -0.76 35.09 -32.84
C PHE G 234 -1.85 34.83 -31.84
N LEU G 235 -1.75 33.87 -30.92
CA LEU G 235 -2.84 33.60 -30.00
C LEU G 235 -3.04 34.77 -29.04
N GLY G 236 -4.30 35.17 -28.87
CA GLY G 236 -4.64 36.25 -27.96
C GLY G 236 -4.67 37.63 -28.57
N GLN G 237 -4.13 37.81 -29.76
CA GLN G 237 -4.04 39.13 -30.38
C GLN G 237 -5.34 39.45 -31.12
N LEU G 238 -5.35 40.58 -31.81
CA LEU G 238 -6.46 40.97 -32.67
C LEU G 238 -5.95 40.87 -34.11
N ILE G 239 -6.50 39.93 -34.86
CA ILE G 239 -6.02 39.61 -36.19
C ILE G 239 -7.16 39.68 -37.18
N THR G 240 -6.80 39.81 -38.46
CA THR G 240 -7.75 39.85 -39.55
C THR G 240 -7.45 38.71 -40.51
N VAL G 241 -8.39 37.78 -40.63
CA VAL G 241 -8.24 36.62 -41.51
C VAL G 241 -9.07 36.85 -42.75
N ARG G 242 -8.47 36.60 -43.91
CA ARG G 242 -9.13 36.81 -45.20
C ARG G 242 -9.33 35.47 -45.88
N GLY G 243 -10.58 35.17 -46.23
CA GLY G 243 -10.86 33.90 -46.88
C GLY G 243 -12.35 33.77 -47.15
N ILE G 244 -12.70 32.64 -47.72
CA ILE G 244 -14.08 32.35 -48.11
C ILE G 244 -14.80 31.68 -46.95
N ILE G 245 -16.10 31.90 -46.86
CA ILE G 245 -16.93 31.29 -45.82
C ILE G 245 -17.67 30.11 -46.44
N THR G 246 -17.54 28.95 -45.82
CA THR G 246 -18.15 27.73 -46.34
C THR G 246 -19.37 27.27 -45.55
N ARG G 247 -19.29 27.25 -44.24
CA ARG G 247 -20.38 26.71 -43.42
C ARG G 247 -20.73 27.71 -42.33
N VAL G 248 -22.01 28.02 -42.20
CA VAL G 248 -22.51 28.90 -41.15
C VAL G 248 -23.65 28.21 -40.44
N SER G 249 -23.57 28.11 -39.12
CA SER G 249 -24.59 27.43 -38.35
C SER G 249 -25.77 28.37 -38.09
N ASP G 250 -26.88 27.79 -37.66
CA ASP G 250 -28.03 28.58 -37.26
C ASP G 250 -27.75 29.30 -35.95
N VAL G 251 -28.49 30.38 -35.73
CA VAL G 251 -28.33 31.17 -34.51
C VAL G 251 -29.01 30.45 -33.37
N LYS G 252 -28.24 30.11 -32.33
CA LYS G 252 -28.77 29.41 -31.18
C LYS G 252 -28.36 30.14 -29.91
N PRO G 253 -29.17 30.05 -28.86
CA PRO G 253 -28.87 30.77 -27.61
C PRO G 253 -27.73 30.09 -26.85
N ALA G 254 -26.69 30.86 -26.57
CA ALA G 254 -25.54 30.39 -25.82
C ALA G 254 -25.57 31.00 -24.42
N VAL G 255 -25.34 30.18 -23.42
CA VAL G 255 -25.46 30.62 -22.03
C VAL G 255 -24.17 31.32 -21.63
N GLU G 256 -24.30 32.58 -21.19
CA GLU G 256 -23.18 33.29 -20.57
C GLU G 256 -23.22 33.12 -19.06
N VAL G 257 -24.32 33.55 -18.45
CA VAL G 257 -24.58 33.33 -17.03
C VAL G 257 -25.98 32.73 -16.91
N ILE G 258 -26.09 31.64 -16.17
CA ILE G 258 -27.37 30.97 -15.97
C ILE G 258 -27.91 31.35 -14.60
N ALA G 259 -29.18 31.74 -14.55
CA ALA G 259 -29.79 32.28 -13.34
C ALA G 259 -30.69 31.23 -12.70
N TYR G 260 -30.44 30.93 -11.43
CA TYR G 260 -31.26 30.01 -10.66
C TYR G 260 -32.05 30.79 -9.61
N THR G 261 -33.26 30.31 -9.32
CA THR G 261 -34.14 30.93 -8.34
C THR G 261 -34.31 29.97 -7.16
N CYS G 262 -34.03 30.46 -5.96
CA CYS G 262 -34.24 29.70 -4.74
C CYS G 262 -35.35 30.39 -3.95
N ASP G 263 -36.57 29.83 -4.02
CA ASP G 263 -37.71 30.50 -3.41
C ASP G 263 -37.70 30.41 -1.89
N GLN G 264 -36.93 29.47 -1.31
CA GLN G 264 -36.89 29.35 0.14
C GLN G 264 -36.27 30.58 0.79
N CYS G 265 -35.19 31.09 0.21
CA CYS G 265 -34.54 32.28 0.74
C CYS G 265 -34.74 33.50 -0.13
N GLY G 266 -35.48 33.37 -1.23
CA GLY G 266 -35.78 34.51 -2.08
C GLY G 266 -34.56 35.17 -2.69
N TYR G 267 -33.53 34.39 -3.01
CA TYR G 267 -32.33 34.91 -3.62
C TYR G 267 -32.19 34.39 -5.04
N GLU G 268 -31.71 35.24 -5.93
CA GLU G 268 -31.35 34.85 -7.28
C GLU G 268 -29.85 34.59 -7.30
N VAL G 269 -29.47 33.37 -7.65
CA VAL G 269 -28.06 32.97 -7.73
C VAL G 269 -27.71 32.76 -9.19
N PHE G 270 -26.58 33.32 -9.60
CA PHE G 270 -26.16 33.31 -10.99
C PHE G 270 -24.83 32.56 -11.10
N GLN G 271 -24.83 31.50 -11.90
CA GLN G 271 -23.63 30.72 -12.15
C GLN G 271 -23.09 31.07 -13.52
N GLU G 272 -21.86 31.56 -13.58
CA GLU G 272 -21.25 31.86 -14.87
C GLU G 272 -20.89 30.58 -15.60
N VAL G 273 -21.07 30.58 -16.91
CA VAL G 273 -20.73 29.46 -17.76
C VAL G 273 -19.72 29.95 -18.78
N ASN G 274 -18.56 29.27 -18.84
CA ASN G 274 -17.47 29.69 -19.71
C ASN G 274 -16.87 28.51 -20.46
N SER G 275 -17.69 27.58 -20.92
CA SER G 275 -17.21 26.42 -21.66
C SER G 275 -18.33 25.92 -22.56
N ARG G 276 -18.08 24.80 -23.23
CA ARG G 276 -19.12 24.17 -24.03
C ARG G 276 -20.16 23.50 -23.15
N THR G 277 -19.77 23.07 -21.94
CA THR G 277 -20.66 22.39 -21.02
C THR G 277 -20.57 23.04 -19.66
N PHE G 278 -21.42 22.57 -18.75
CA PHE G 278 -21.48 23.06 -17.37
C PHE G 278 -22.31 22.08 -16.57
N THR G 279 -22.55 22.43 -15.30
CA THR G 279 -23.31 21.58 -14.40
C THR G 279 -24.24 22.43 -13.54
N PRO G 280 -25.51 22.04 -13.41
CA PRO G 280 -26.42 22.79 -12.54
C PRO G 280 -26.11 22.56 -11.07
N LEU G 281 -26.89 23.22 -10.23
CA LEU G 281 -26.66 23.19 -8.79
C LEU G 281 -27.80 22.46 -8.06
N SER G 282 -27.54 22.13 -6.80
CA SER G 282 -28.48 21.41 -5.95
C SER G 282 -28.77 22.13 -4.65
N GLU G 283 -27.79 22.80 -4.06
CA GLU G 283 -27.95 23.52 -2.81
C GLU G 283 -27.73 25.01 -3.08
N CYS G 284 -28.66 25.83 -2.60
CA CYS G 284 -28.53 27.27 -2.77
C CYS G 284 -27.25 27.75 -2.10
N THR G 285 -26.29 28.21 -2.91
CA THR G 285 -24.97 28.60 -2.44
C THR G 285 -24.95 30.02 -1.89
N SER G 286 -26.08 30.72 -1.94
CA SER G 286 -26.19 32.02 -1.32
C SER G 286 -25.96 31.92 0.20
N GLU G 287 -25.84 33.09 0.84
CA GLU G 287 -25.37 33.13 2.21
C GLU G 287 -26.30 32.40 3.17
N GLU G 288 -27.61 32.60 3.05
CA GLU G 288 -28.51 32.08 4.07
C GLU G 288 -28.62 30.57 4.00
N CYS G 289 -28.86 30.01 2.81
CA CYS G 289 -29.06 28.57 2.70
C CYS G 289 -27.78 27.80 3.03
N SER G 290 -26.63 28.38 2.69
CA SER G 290 -25.36 27.76 3.06
C SER G 290 -25.07 27.95 4.55
N GLN G 291 -25.63 29.00 5.16
CA GLN G 291 -25.34 29.34 6.55
C GLN G 291 -26.39 28.79 7.51
N ASN G 292 -27.66 29.07 7.25
CA ASN G 292 -28.74 28.56 8.09
C ASN G 292 -28.96 27.07 7.83
N GLN G 293 -29.70 26.44 8.74
CA GLN G 293 -30.08 25.04 8.56
C GLN G 293 -31.04 24.87 7.38
N THR G 294 -31.64 25.96 6.91
CA THR G 294 -32.51 25.89 5.74
C THR G 294 -31.69 25.55 4.50
N LYS G 295 -32.15 24.55 3.76
CA LYS G 295 -31.48 24.10 2.54
C LYS G 295 -32.42 24.37 1.36
N GLY G 296 -32.21 25.50 0.69
CA GLY G 296 -33.13 25.95 -0.34
C GLY G 296 -32.90 25.28 -1.67
N GLN G 297 -33.99 24.78 -2.27
CA GLN G 297 -33.94 24.22 -3.60
C GLN G 297 -33.96 25.36 -4.63
N LEU G 298 -33.08 25.28 -5.61
CA LEU G 298 -32.92 26.33 -6.61
C LEU G 298 -33.25 25.79 -8.00
N PHE G 299 -33.97 26.59 -8.77
CA PHE G 299 -34.47 26.20 -10.08
C PHE G 299 -34.01 27.20 -11.13
N MET G 300 -33.74 26.70 -12.32
CA MET G 300 -33.30 27.57 -13.41
C MET G 300 -34.45 28.46 -13.88
N SER G 301 -34.08 29.63 -14.40
CA SER G 301 -35.03 30.58 -14.99
C SER G 301 -34.44 31.06 -16.31
N THR G 302 -35.01 30.59 -17.41
CA THR G 302 -34.47 30.93 -18.73
C THR G 302 -34.60 32.41 -19.01
N ARG G 303 -35.75 33.01 -18.69
CA ARG G 303 -35.95 34.43 -18.96
C ARG G 303 -35.01 35.29 -18.13
N ALA G 304 -34.78 34.91 -16.88
CA ALA G 304 -33.87 35.67 -16.02
C ALA G 304 -32.41 35.42 -16.37
N SER G 305 -32.09 34.27 -16.96
CA SER G 305 -30.71 33.98 -17.30
C SER G 305 -30.25 34.82 -18.49
N LYS G 306 -28.94 34.84 -18.70
CA LYS G 306 -28.35 35.61 -19.78
C LYS G 306 -27.99 34.68 -20.93
N PHE G 307 -28.36 35.10 -22.15
CA PHE G 307 -28.06 34.35 -23.36
C PHE G 307 -27.41 35.29 -24.36
N SER G 308 -26.96 34.72 -25.47
CA SER G 308 -26.37 35.51 -26.54
C SER G 308 -26.52 34.76 -27.84
N ALA G 309 -26.80 35.50 -28.92
CA ALA G 309 -26.88 34.90 -30.23
C ALA G 309 -25.51 34.41 -30.65
N PHE G 310 -25.42 33.13 -31.03
CA PHE G 310 -24.15 32.48 -31.27
C PHE G 310 -24.19 31.73 -32.60
N GLN G 311 -23.06 31.74 -33.30
CA GLN G 311 -22.97 31.09 -34.60
C GLN G 311 -21.56 30.59 -34.81
N GLU G 312 -21.40 29.30 -35.03
CA GLU G 312 -20.09 28.72 -35.28
C GLU G 312 -19.89 28.63 -36.79
N CYS G 313 -19.37 29.72 -37.35
CA CYS G 313 -19.05 29.76 -38.76
C CYS G 313 -17.78 28.95 -39.03
N LYS G 314 -17.32 28.97 -40.27
CA LYS G 314 -16.08 28.28 -40.63
C LYS G 314 -15.53 28.93 -41.88
N ILE G 315 -14.44 29.67 -41.74
CA ILE G 315 -13.82 30.33 -42.87
C ILE G 315 -12.84 29.35 -43.52
N GLN G 316 -12.55 29.57 -44.79
CA GLN G 316 -11.67 28.70 -45.55
C GLN G 316 -10.68 29.52 -46.35
N GLU G 317 -9.53 28.93 -46.61
CA GLU G 317 -8.48 29.60 -47.37
C GLU G 317 -8.89 29.77 -48.82
N LEU G 318 -8.48 30.89 -49.41
CA LEU G 318 -8.75 31.15 -50.81
C LEU G 318 -7.78 30.37 -51.69
N SER G 319 -8.02 30.42 -53.00
CA SER G 319 -7.12 29.75 -53.93
C SER G 319 -5.81 30.50 -54.08
N GLN G 320 -5.82 31.83 -53.91
CA GLN G 320 -4.59 32.60 -54.03
C GLN G 320 -3.66 32.33 -52.86
N GLN G 321 -4.21 32.17 -51.66
CA GLN G 321 -3.40 31.99 -50.46
C GLN G 321 -2.80 30.61 -50.35
N VAL G 322 -3.40 29.60 -50.96
CA VAL G 322 -2.90 28.23 -50.85
C VAL G 322 -1.55 28.14 -51.56
N PRO G 323 -0.52 27.57 -50.93
CA PRO G 323 0.77 27.44 -51.61
C PRO G 323 0.72 26.41 -52.72
N VAL G 324 1.87 26.18 -53.36
CA VAL G 324 1.92 25.25 -54.49
C VAL G 324 1.78 23.83 -53.98
N GLY G 325 0.73 23.15 -54.41
CA GLY G 325 0.56 21.73 -54.15
C GLY G 325 -0.28 21.38 -52.95
N HIS G 326 -0.58 22.34 -52.08
CA HIS G 326 -1.38 22.04 -50.90
C HIS G 326 -2.87 22.21 -51.21
N ILE G 327 -3.70 21.99 -50.20
CA ILE G 327 -5.14 22.18 -50.31
C ILE G 327 -5.58 23.13 -49.21
N PRO G 328 -6.64 23.92 -49.42
CA PRO G 328 -7.02 24.91 -48.41
C PRO G 328 -7.42 24.26 -47.09
N ARG G 329 -7.10 24.95 -46.00
CA ARG G 329 -7.48 24.52 -44.66
C ARG G 329 -8.36 25.59 -44.03
N SER G 330 -9.14 25.18 -43.04
CA SER G 330 -10.20 26.01 -42.49
C SER G 330 -9.92 26.39 -41.04
N LEU G 331 -10.56 27.47 -40.61
CA LEU G 331 -10.46 27.98 -39.25
C LEU G 331 -11.86 28.29 -38.75
N ASN G 332 -12.14 27.91 -37.50
CA ASN G 332 -13.47 28.10 -36.93
C ASN G 332 -13.65 29.51 -36.40
N ILE G 333 -14.84 30.05 -36.59
CA ILE G 333 -15.19 31.39 -36.13
C ILE G 333 -16.40 31.28 -35.22
N HIS G 334 -16.32 31.87 -34.04
CA HIS G 334 -17.44 31.93 -33.11
C HIS G 334 -18.00 33.36 -33.15
N VAL G 335 -19.01 33.56 -33.99
CA VAL G 335 -19.71 34.84 -34.05
C VAL G 335 -20.71 34.90 -32.91
N ASN G 336 -20.65 35.97 -32.13
CA ASN G 336 -21.46 36.08 -30.93
C ASN G 336 -22.04 37.48 -30.84
N GLY G 337 -23.18 37.59 -30.16
CA GLY G 337 -23.79 38.89 -29.95
C GLY G 337 -24.59 39.36 -31.15
N THR G 338 -24.65 40.68 -31.30
CA THR G 338 -25.40 41.29 -32.40
C THR G 338 -24.74 41.09 -33.75
N LEU G 339 -23.52 40.57 -33.78
CA LEU G 339 -22.81 40.36 -35.03
C LEU G 339 -23.30 39.14 -35.80
N VAL G 340 -24.26 38.39 -35.24
CA VAL G 340 -24.75 37.20 -35.92
C VAL G 340 -25.46 37.58 -37.22
N ARG G 341 -25.62 36.59 -38.08
CA ARG G 341 -26.25 36.74 -39.38
C ARG G 341 -25.54 37.77 -40.26
N SER G 342 -24.30 38.11 -39.93
CA SER G 342 -23.49 38.97 -40.78
C SER G 342 -22.58 38.17 -41.69
N LEU G 343 -22.63 36.84 -41.63
CA LEU G 343 -21.82 35.98 -42.47
C LEU G 343 -22.70 34.91 -43.08
N SER G 344 -22.58 34.72 -44.39
CA SER G 344 -23.33 33.72 -45.11
C SER G 344 -22.38 32.87 -45.94
N PRO G 345 -22.74 31.62 -46.23
CA PRO G 345 -21.83 30.77 -47.01
C PRO G 345 -21.55 31.36 -48.38
N GLY G 346 -20.32 31.16 -48.83
CA GLY G 346 -19.90 31.68 -50.12
C GLY G 346 -19.39 33.10 -50.10
N ASP G 347 -19.45 33.77 -48.95
CA ASP G 347 -18.97 35.14 -48.84
C ASP G 347 -17.45 35.18 -48.80
N ILE G 348 -16.87 36.22 -49.38
CA ILE G 348 -15.45 36.46 -49.33
C ILE G 348 -15.23 37.68 -48.43
N VAL G 349 -14.74 37.45 -47.22
CA VAL G 349 -14.71 38.47 -46.19
C VAL G 349 -13.35 38.51 -45.53
N ASP G 350 -13.08 39.62 -44.84
CA ASP G 350 -11.93 39.77 -43.96
C ASP G 350 -12.46 39.91 -42.55
N VAL G 351 -12.65 38.78 -41.87
CA VAL G 351 -13.15 38.81 -40.49
C VAL G 351 -12.00 39.18 -39.57
N THR G 352 -12.22 40.17 -38.72
CA THR G 352 -11.27 40.57 -37.71
C THR G 352 -11.76 40.11 -36.35
N GLY G 353 -10.90 39.44 -35.61
CA GLY G 353 -11.32 38.92 -34.33
C GLY G 353 -10.15 38.61 -33.44
N ILE G 354 -10.46 37.99 -32.29
CA ILE G 354 -9.47 37.66 -31.28
C ILE G 354 -9.19 36.17 -31.37
N PHE G 355 -7.92 35.82 -31.61
CA PHE G 355 -7.52 34.42 -31.77
C PHE G 355 -7.38 33.79 -30.39
N LEU G 356 -8.49 33.26 -29.88
CA LEU G 356 -8.44 32.70 -28.54
C LEU G 356 -8.28 31.19 -28.56
N PRO G 357 -7.64 30.63 -27.54
CA PRO G 357 -7.54 29.17 -27.45
C PRO G 357 -8.72 28.58 -26.70
N ALA G 358 -8.89 27.28 -26.90
CA ALA G 358 -9.92 26.50 -26.22
C ALA G 358 -9.29 25.18 -25.78
N PRO G 359 -9.83 24.56 -24.74
CA PRO G 359 -9.28 23.26 -24.31
C PRO G 359 -9.45 22.21 -25.40
N TYR G 360 -8.50 21.28 -25.44
CA TYR G 360 -8.50 20.24 -26.46
C TYR G 360 -9.78 19.42 -26.40
N THR G 361 -10.33 19.11 -27.57
CA THR G 361 -11.62 18.45 -27.67
C THR G 361 -11.59 17.12 -28.39
N GLY G 362 -10.43 16.66 -28.84
CA GLY G 362 -10.33 15.42 -29.59
C GLY G 362 -10.21 14.22 -28.67
N PHE G 363 -9.59 13.17 -29.19
CA PHE G 363 -9.38 11.95 -28.42
C PHE G 363 -8.25 12.14 -27.42
N LYS G 364 -8.42 11.51 -26.25
CA LYS G 364 -7.47 11.70 -25.16
C LYS G 364 -6.14 11.02 -25.43
N ALA G 365 -6.13 9.93 -26.19
CA ALA G 365 -4.89 9.22 -26.47
C ALA G 365 -3.92 10.07 -27.27
N LEU G 366 -4.43 10.82 -28.25
CA LEU G 366 -3.57 11.70 -29.04
C LEU G 366 -3.07 12.90 -28.25
N LYS G 367 -3.66 13.19 -27.09
CA LYS G 367 -3.23 14.32 -26.28
C LYS G 367 -1.86 14.06 -25.67
N ALA G 368 -0.97 15.04 -25.78
CA ALA G 368 0.36 15.00 -25.17
C ALA G 368 0.64 16.39 -24.63
N GLY G 369 0.27 16.63 -23.39
CA GLY G 369 0.39 17.94 -22.80
C GLY G 369 -0.88 18.75 -22.97
N LEU G 370 -0.83 19.99 -22.49
CA LEU G 370 -1.99 20.88 -22.55
C LEU G 370 -2.16 21.37 -23.99
N LEU G 371 -2.71 20.48 -24.82
CA LEU G 371 -3.05 20.84 -26.18
C LEU G 371 -4.27 21.76 -26.19
N THR G 372 -4.28 22.70 -27.11
CA THR G 372 -5.35 23.69 -27.19
C THR G 372 -5.94 23.70 -28.60
N GLU G 373 -7.26 23.64 -28.68
CA GLU G 373 -7.95 23.94 -29.91
C GLU G 373 -8.20 25.44 -30.00
N THR G 374 -8.11 25.99 -31.20
CA THR G 374 -8.16 27.43 -31.39
C THR G 374 -9.35 27.82 -32.24
N TYR G 375 -9.84 29.04 -31.99
CA TYR G 375 -10.93 29.61 -32.75
C TYR G 375 -10.67 31.11 -32.88
N LEU G 376 -11.61 31.80 -33.51
CA LEU G 376 -11.49 33.24 -33.74
C LEU G 376 -12.81 33.89 -33.37
N GLU G 377 -12.81 34.65 -32.29
CA GLU G 377 -14.01 35.35 -31.83
C GLU G 377 -14.20 36.60 -32.68
N ALA G 378 -15.20 36.59 -33.54
CA ALA G 378 -15.36 37.66 -34.53
C ALA G 378 -15.69 38.98 -33.86
N GLN G 379 -15.07 40.04 -34.36
CA GLN G 379 -15.34 41.41 -33.90
C GLN G 379 -15.90 42.29 -34.99
N PHE G 380 -15.30 42.28 -36.17
CA PHE G 380 -15.71 43.13 -37.28
C PHE G 380 -15.61 42.35 -38.58
N VAL G 381 -16.58 42.55 -39.46
CA VAL G 381 -16.67 41.82 -40.72
C VAL G 381 -16.69 42.83 -41.86
N ARG G 382 -15.79 42.63 -42.82
CA ARG G 382 -15.74 43.47 -44.01
C ARG G 382 -15.92 42.58 -45.23
N GLN G 383 -16.93 42.89 -46.05
CA GLN G 383 -17.25 42.09 -47.22
C GLN G 383 -16.46 42.61 -48.42
N HIS G 384 -15.74 41.71 -49.09
CA HIS G 384 -15.02 42.11 -50.29
C HIS G 384 -15.97 42.49 -51.41
N LYS G 385 -17.07 41.77 -51.55
CA LYS G 385 -18.08 42.03 -52.57
C LYS G 385 -19.40 42.30 -51.87
N LYS G 386 -19.86 43.54 -51.91
CA LYS G 386 -21.07 43.94 -51.21
C LYS G 386 -22.30 43.29 -51.85
N LYS G 387 -23.25 42.90 -51.00
CA LYS G 387 -24.47 42.26 -51.48
C LYS G 387 -25.37 43.26 -52.19
N PHE G 388 -26.08 42.77 -53.22
CA PHE G 388 -27.03 43.62 -53.93
C PHE G 388 -28.18 44.05 -53.03
N ALA G 389 -28.67 43.14 -52.19
CA ALA G 389 -29.79 43.46 -51.31
C ALA G 389 -29.42 44.45 -50.21
N SER G 390 -28.13 44.77 -50.13
CA SER G 390 -27.68 45.78 -49.14
C SER G 390 -27.21 47.02 -49.87
N PHE G 391 -28.11 47.68 -50.58
CA PHE G 391 -27.71 48.95 -51.23
C PHE G 391 -28.51 50.10 -50.65
N SER G 392 -27.81 51.10 -50.11
CA SER G 392 -28.53 52.31 -49.65
C SER G 392 -27.95 53.47 -50.46
N LEU G 393 -28.80 54.37 -50.96
CA LEU G 393 -28.28 55.45 -51.83
C LEU G 393 -27.75 56.58 -50.96
N THR G 394 -26.73 56.28 -50.15
CA THR G 394 -26.12 57.33 -49.30
C THR G 394 -25.44 58.39 -50.17
N SER G 395 -25.38 59.63 -49.72
CA SER G 395 -24.90 60.76 -50.51
C SER G 395 -23.61 60.43 -51.25
N ASP G 396 -22.71 59.67 -50.61
CA ASP G 396 -21.45 59.32 -51.26
C ASP G 396 -21.67 58.32 -52.39
N VAL G 397 -22.46 57.29 -52.15
CA VAL G 397 -22.85 56.38 -53.22
C VAL G 397 -23.62 57.16 -54.29
N GLU G 398 -24.40 58.15 -53.87
CA GLU G 398 -25.09 59.00 -54.82
C GLU G 398 -24.12 59.74 -55.72
N GLU G 399 -23.00 60.22 -55.17
CA GLU G 399 -22.09 61.00 -56.00
C GLU G 399 -21.28 60.12 -56.94
N ARG G 400 -20.81 58.98 -56.43
CA ARG G 400 -20.04 58.06 -57.29
C ARG G 400 -20.97 57.65 -58.43
N VAL G 401 -22.25 57.46 -58.12
CA VAL G 401 -23.25 57.00 -59.13
C VAL G 401 -23.55 58.09 -60.14
N MET G 402 -23.67 59.34 -59.71
CA MET G 402 -24.13 60.36 -60.68
C MET G 402 -22.92 60.69 -61.53
N GLU G 403 -21.73 60.59 -60.94
CA GLU G 403 -20.55 60.74 -61.77
C GLU G 403 -20.51 59.70 -62.89
N LEU G 404 -20.97 58.48 -62.60
CA LEU G 404 -21.10 57.48 -63.66
C LEU G 404 -22.16 57.90 -64.68
N ILE G 405 -23.27 58.47 -64.20
CA ILE G 405 -24.34 58.89 -65.10
C ILE G 405 -23.83 59.99 -66.04
N THR G 406 -23.14 60.98 -65.48
CA THR G 406 -22.64 62.09 -66.28
C THR G 406 -21.59 61.66 -67.30
N SER G 407 -20.99 60.49 -67.12
CA SER G 407 -20.05 59.99 -68.10
C SER G 407 -20.70 59.77 -69.47
N GLY G 408 -22.02 59.61 -69.50
CA GLY G 408 -22.71 59.43 -70.76
C GLY G 408 -22.51 58.05 -71.35
N ASP G 409 -23.52 57.54 -72.03
CA ASP G 409 -23.48 56.20 -72.63
C ASP G 409 -23.10 55.15 -71.59
N VAL G 410 -23.87 55.13 -70.49
CA VAL G 410 -23.57 54.20 -69.40
C VAL G 410 -23.74 52.77 -69.87
N TYR G 411 -24.71 52.50 -70.74
CA TYR G 411 -24.96 51.14 -71.20
C TYR G 411 -23.75 50.57 -71.93
N ASN G 412 -23.26 51.28 -72.94
CA ASN G 412 -22.14 50.78 -73.72
C ASN G 412 -20.84 50.77 -72.93
N ARG G 413 -20.63 51.79 -72.08
CA ARG G 413 -19.42 51.81 -71.27
C ARG G 413 -19.41 50.65 -70.29
N LEU G 414 -20.55 50.36 -69.65
CA LEU G 414 -20.61 49.22 -68.76
C LEU G 414 -20.45 47.90 -69.51
N ALA G 415 -21.00 47.82 -70.72
CA ALA G 415 -20.87 46.60 -71.50
C ALA G 415 -19.41 46.35 -71.88
N LYS G 416 -18.73 47.36 -72.42
CA LYS G 416 -17.32 47.19 -72.75
C LYS G 416 -16.45 47.06 -71.52
N SER G 417 -16.95 47.47 -70.36
CA SER G 417 -16.14 47.44 -69.15
C SER G 417 -15.85 46.02 -68.69
N ILE G 418 -16.84 45.13 -68.79
CA ILE G 418 -16.66 43.78 -68.30
C ILE G 418 -15.68 43.04 -69.20
N ALA G 419 -14.65 42.46 -68.58
CA ALA G 419 -13.61 41.71 -69.29
C ALA G 419 -13.00 42.52 -70.43
N PRO G 420 -12.31 43.62 -70.13
CA PRO G 420 -11.71 44.42 -71.21
C PRO G 420 -10.67 43.69 -72.02
N GLU G 421 -10.04 42.66 -71.45
CA GLU G 421 -9.00 41.93 -72.17
C GLU G 421 -9.56 41.14 -73.35
N ILE G 422 -10.87 41.01 -73.46
CA ILE G 422 -11.49 40.29 -74.56
C ILE G 422 -11.93 41.28 -75.62
N TYR G 423 -11.53 41.04 -76.86
CA TYR G 423 -11.76 41.97 -77.96
C TYR G 423 -12.90 41.49 -78.84
N GLY G 424 -13.69 42.45 -79.32
CA GLY G 424 -14.59 42.23 -80.43
C GLY G 424 -15.86 41.47 -80.11
N ASN G 425 -16.05 41.03 -78.88
CA ASN G 425 -17.26 40.34 -78.46
C ASN G 425 -18.03 41.32 -77.59
N LEU G 426 -18.81 42.19 -78.22
CA LEU G 426 -19.50 43.27 -77.54
C LEU G 426 -20.97 43.00 -77.32
N ASP G 427 -21.64 42.37 -78.29
CA ASP G 427 -23.03 42.01 -78.08
C ASP G 427 -23.18 41.01 -76.95
N VAL G 428 -22.24 40.07 -76.84
CA VAL G 428 -22.28 39.12 -75.73
C VAL G 428 -22.07 39.84 -74.42
N LYS G 429 -21.20 40.85 -74.40
CA LYS G 429 -20.99 41.62 -73.17
C LYS G 429 -22.25 42.38 -72.79
N LYS G 430 -22.95 42.94 -73.77
CA LYS G 430 -24.22 43.59 -73.49
C LYS G 430 -25.22 42.60 -72.92
N ALA G 431 -25.29 41.40 -73.50
CA ALA G 431 -26.20 40.39 -72.99
C ALA G 431 -25.85 39.99 -71.56
N LEU G 432 -24.56 39.87 -71.26
CA LEU G 432 -24.14 39.53 -69.90
C LEU G 432 -24.48 40.65 -68.93
N LEU G 433 -24.33 41.90 -69.36
CA LEU G 433 -24.74 43.02 -68.51
C LEU G 433 -26.23 42.96 -68.22
N LEU G 434 -27.03 42.67 -69.24
CA LEU G 434 -28.46 42.49 -69.03
C LEU G 434 -28.74 41.36 -68.07
N LEU G 435 -27.95 40.28 -68.16
CA LEU G 435 -28.08 39.17 -67.23
C LEU G 435 -27.80 39.61 -65.81
N LEU G 436 -26.78 40.43 -65.62
CA LEU G 436 -26.46 40.94 -64.28
C LEU G 436 -27.59 41.82 -63.75
N VAL G 437 -28.12 42.70 -64.59
CA VAL G 437 -29.16 43.63 -64.13
C VAL G 437 -30.42 42.88 -63.76
N GLY G 438 -30.88 42.00 -64.65
CA GLY G 438 -32.07 41.22 -64.37
C GLY G 438 -33.36 41.99 -64.61
N GLY G 439 -34.40 41.30 -65.06
CA GLY G 439 -35.69 41.91 -65.26
C GLY G 439 -36.41 42.17 -63.94
N VAL G 440 -37.73 42.17 -64.01
CA VAL G 440 -38.58 42.44 -62.85
C VAL G 440 -39.47 41.23 -62.60
N ASP G 441 -39.39 40.70 -61.39
CA ASP G 441 -40.27 39.61 -60.99
C ASP G 441 -41.69 40.13 -60.85
N LYS G 442 -42.65 39.40 -61.41
CA LYS G 442 -44.07 39.76 -61.34
C LYS G 442 -44.81 38.67 -60.59
N ARG G 443 -45.49 39.06 -59.52
CA ARG G 443 -46.36 38.17 -58.76
C ARG G 443 -47.74 38.82 -58.75
N VAL G 444 -48.60 38.40 -59.68
CA VAL G 444 -49.94 38.97 -59.75
C VAL G 444 -50.74 38.53 -58.52
N GLY G 445 -51.86 39.22 -58.30
CA GLY G 445 -52.67 38.93 -57.14
C GLY G 445 -53.21 37.51 -57.13
N ASP G 446 -53.41 36.92 -58.31
CA ASP G 446 -53.92 35.55 -58.36
C ASP G 446 -52.92 34.57 -57.77
N GLY G 447 -51.65 34.73 -58.10
CA GLY G 447 -50.65 33.80 -57.62
C GLY G 447 -49.61 33.44 -58.65
N MET G 448 -49.88 33.75 -59.92
CA MET G 448 -48.88 33.53 -60.96
C MET G 448 -47.62 34.35 -60.66
N LYS G 449 -46.47 33.72 -60.86
CA LYS G 449 -45.18 34.36 -60.68
C LYS G 449 -44.38 34.20 -61.96
N ILE G 450 -43.90 35.29 -62.50
CA ILE G 450 -43.02 35.26 -63.66
C ILE G 450 -41.59 35.32 -63.18
N ARG G 451 -40.69 34.69 -63.94
CA ARG G 451 -39.31 34.52 -63.49
C ARG G 451 -38.64 35.85 -63.23
N GLY G 452 -38.72 36.78 -64.17
CA GLY G 452 -38.10 38.07 -63.98
C GLY G 452 -36.59 38.08 -64.02
N ASP G 453 -35.96 36.97 -64.38
CA ASP G 453 -34.52 36.88 -64.50
C ASP G 453 -34.17 36.30 -65.86
N ILE G 454 -33.00 36.63 -66.35
CA ILE G 454 -32.57 36.20 -67.67
C ILE G 454 -31.70 34.97 -67.55
N ASN G 455 -31.83 34.06 -68.50
CA ASN G 455 -31.01 32.86 -68.59
C ASN G 455 -30.28 32.87 -69.92
N VAL G 456 -28.99 33.18 -69.89
CA VAL G 456 -28.21 33.36 -71.10
C VAL G 456 -27.42 32.10 -71.39
N CYS G 457 -27.29 31.78 -72.67
CA CYS G 457 -26.41 30.70 -73.13
C CYS G 457 -25.39 31.28 -74.08
N LEU G 458 -24.25 30.62 -74.20
CA LEU G 458 -23.13 31.09 -75.01
C LEU G 458 -22.57 29.97 -75.86
N MET G 459 -23.45 29.27 -76.57
CA MET G 459 -23.02 28.23 -77.49
C MET G 459 -22.07 28.80 -78.52
N GLY G 460 -20.97 28.10 -78.78
CA GLY G 460 -20.00 28.59 -79.74
C GLY G 460 -18.83 27.65 -79.88
N ASP G 461 -17.98 27.97 -80.86
CA ASP G 461 -16.82 27.14 -81.18
C ASP G 461 -15.79 27.20 -80.06
N PRO G 462 -14.91 26.20 -79.98
CA PRO G 462 -13.82 26.26 -78.99
C PRO G 462 -12.86 27.40 -79.29
N GLY G 463 -12.35 28.00 -78.23
CA GLY G 463 -11.36 29.05 -78.38
C GLY G 463 -11.90 30.43 -78.66
N VAL G 464 -13.13 30.72 -78.28
CA VAL G 464 -13.69 32.06 -78.45
C VAL G 464 -13.91 32.75 -77.11
N ALA G 465 -13.20 32.30 -76.08
CA ALA G 465 -13.17 32.97 -74.77
C ALA G 465 -14.54 32.98 -74.10
N LYS G 466 -15.24 31.87 -74.15
CA LYS G 466 -16.48 31.74 -73.39
C LYS G 466 -16.19 31.58 -71.91
N SER G 467 -15.25 30.71 -71.56
CA SER G 467 -14.95 30.45 -70.16
C SER G 467 -14.39 31.70 -69.48
N GLN G 468 -13.61 32.49 -70.21
CA GLN G 468 -13.09 33.71 -69.62
C GLN G 468 -14.20 34.74 -69.39
N LEU G 469 -15.18 34.80 -70.29
CA LEU G 469 -16.34 35.64 -70.02
C LEU G 469 -17.08 35.17 -68.77
N LEU G 470 -17.24 33.86 -68.62
CA LEU G 470 -17.91 33.34 -67.44
C LEU G 470 -17.14 33.68 -66.17
N LYS G 471 -15.82 33.55 -66.21
CA LYS G 471 -15.02 33.87 -65.03
C LYS G 471 -15.06 35.37 -64.72
N ALA G 472 -15.04 36.21 -65.75
CA ALA G 472 -15.21 37.63 -65.53
C ALA G 472 -16.53 37.93 -64.84
N ILE G 473 -17.62 37.34 -65.36
CA ILE G 473 -18.93 37.55 -64.74
C ILE G 473 -18.91 37.09 -63.30
N CYS G 474 -18.24 35.97 -63.01
CA CYS G 474 -18.08 35.54 -61.63
C CYS G 474 -17.37 36.60 -60.80
N LYS G 475 -16.40 37.31 -61.40
CA LYS G 475 -15.71 38.36 -60.67
C LYS G 475 -16.62 39.54 -60.37
N ILE G 476 -17.35 40.04 -61.37
CA ILE G 476 -18.26 41.15 -61.12
C ILE G 476 -19.40 40.74 -60.20
N SER G 477 -19.99 39.58 -60.45
CA SER G 477 -21.17 39.20 -59.67
C SER G 477 -20.80 39.00 -58.21
N PRO G 478 -21.63 39.47 -57.27
CA PRO G 478 -21.30 39.26 -55.85
C PRO G 478 -21.45 37.80 -55.43
N ARG G 479 -22.51 37.12 -55.85
CA ARG G 479 -22.72 35.72 -55.55
C ARG G 479 -22.82 34.94 -56.86
N GLY G 480 -22.07 33.86 -56.95
CA GLY G 480 -22.17 32.99 -58.11
C GLY G 480 -21.18 31.84 -58.08
N VAL G 481 -21.66 30.63 -58.38
CA VAL G 481 -20.83 29.44 -58.41
C VAL G 481 -20.39 29.19 -59.84
N TYR G 482 -19.14 28.77 -60.00
CA TYR G 482 -18.63 28.40 -61.33
C TYR G 482 -18.67 26.88 -61.50
N THR G 483 -19.88 26.35 -61.50
CA THR G 483 -20.06 24.92 -61.71
C THR G 483 -19.70 24.56 -63.14
N THR G 484 -18.99 23.45 -63.31
CA THR G 484 -18.46 23.09 -64.62
C THR G 484 -18.42 21.58 -64.76
N GLY G 485 -18.31 21.12 -66.01
CA GLY G 485 -18.05 19.74 -66.29
C GLY G 485 -19.21 18.83 -65.88
N LYS G 486 -18.87 17.58 -65.60
CA LYS G 486 -19.83 16.56 -65.23
C LYS G 486 -19.32 15.82 -64.00
N GLY G 487 -20.19 14.99 -63.43
CA GLY G 487 -19.85 14.22 -62.26
C GLY G 487 -19.84 15.06 -60.99
N SER G 488 -19.04 16.14 -61.00
CA SER G 488 -19.04 17.05 -59.86
C SER G 488 -20.40 17.71 -59.68
N SER G 489 -21.05 18.06 -60.79
CA SER G 489 -22.39 18.64 -60.72
C SER G 489 -23.43 17.68 -60.18
N GLY G 490 -23.16 16.37 -60.25
CA GLY G 490 -24.16 15.40 -59.87
C GLY G 490 -24.57 15.52 -58.41
N VAL G 491 -23.61 15.78 -57.54
CA VAL G 491 -23.91 15.97 -56.12
C VAL G 491 -24.04 17.45 -55.76
N GLY G 492 -23.59 18.34 -56.65
CA GLY G 492 -23.73 19.77 -56.42
C GLY G 492 -25.12 20.31 -56.65
N LEU G 493 -26.07 19.46 -57.02
CA LEU G 493 -27.48 19.90 -57.19
C LEU G 493 -28.39 18.98 -56.37
N THR G 494 -27.84 17.91 -55.77
CA THR G 494 -28.64 16.94 -55.00
C THR G 494 -29.30 17.59 -53.78
N ALA G 495 -28.57 18.43 -53.06
CA ALA G 495 -29.10 19.08 -51.84
C ALA G 495 -29.61 18.08 -50.81
N ALA G 496 -28.80 17.09 -50.41
CA ALA G 496 -29.28 16.02 -49.48
C ALA G 496 -29.26 16.47 -48.01
N VAL G 497 -29.47 15.55 -47.06
CA VAL G 497 -29.61 15.94 -45.63
C VAL G 497 -28.43 15.44 -44.79
N MET G 498 -27.90 16.29 -43.92
CA MET G 498 -26.75 15.89 -43.07
C MET G 498 -26.85 16.56 -41.69
N LYS G 499 -26.20 15.98 -40.67
CA LYS G 499 -26.29 16.52 -39.28
C LYS G 499 -25.18 17.55 -39.02
N ASP G 500 -25.53 18.76 -38.57
CA ASP G 500 -24.56 19.80 -38.26
C ASP G 500 -23.85 19.49 -36.94
N PRO G 501 -22.53 19.54 -36.92
CA PRO G 501 -21.81 19.22 -35.68
C PRO G 501 -22.16 20.12 -34.51
N VAL G 502 -22.38 21.41 -34.77
CA VAL G 502 -22.51 22.38 -33.67
C VAL G 502 -23.81 22.15 -32.91
N THR G 503 -24.95 22.15 -33.61
CA THR G 503 -26.26 22.11 -32.90
C THR G 503 -26.92 20.75 -32.97
N ASP G 504 -26.33 19.81 -33.72
CA ASP G 504 -26.87 18.43 -33.84
C ASP G 504 -28.15 18.49 -34.67
N GLU G 505 -28.37 19.62 -35.34
CA GLU G 505 -29.57 19.76 -36.19
C GLU G 505 -29.36 18.99 -37.49
N MET G 506 -30.39 18.31 -38.01
CA MET G 506 -30.21 17.65 -39.33
C MET G 506 -30.50 18.67 -40.43
N ILE G 507 -29.64 19.67 -40.54
CA ILE G 507 -29.81 20.73 -41.58
C ILE G 507 -29.62 20.11 -42.96
N LEU G 508 -30.42 20.50 -43.94
CA LEU G 508 -30.21 20.01 -45.33
C LEU G 508 -28.95 20.70 -45.83
N GLU G 509 -28.21 20.05 -46.71
CA GLU G 509 -27.06 20.79 -47.28
C GLU G 509 -27.53 21.31 -48.63
N GLY G 510 -27.24 22.57 -48.93
CA GLY G 510 -27.57 23.05 -50.27
C GLY G 510 -26.45 22.76 -51.25
N GLY G 511 -26.84 22.54 -52.50
CA GLY G 511 -25.88 22.31 -53.56
C GLY G 511 -25.32 23.61 -54.09
N ALA G 512 -24.77 23.53 -55.31
CA ALA G 512 -24.24 24.73 -55.95
C ALA G 512 -25.35 25.73 -56.24
N LEU G 513 -26.50 25.26 -56.71
CA LEU G 513 -27.55 26.16 -57.15
C LEU G 513 -28.14 26.94 -55.98
N VAL G 514 -28.38 26.27 -54.85
CA VAL G 514 -28.88 26.98 -53.68
C VAL G 514 -27.87 28.00 -53.20
N LEU G 515 -26.60 27.63 -53.17
CA LEU G 515 -25.56 28.58 -52.78
C LEU G 515 -25.53 29.78 -53.73
N ALA G 516 -25.94 29.59 -54.97
CA ALA G 516 -26.01 30.66 -55.95
C ALA G 516 -27.38 31.34 -55.96
N ASP G 517 -28.12 31.26 -54.87
CA ASP G 517 -29.42 31.93 -54.80
C ASP G 517 -29.26 33.43 -54.97
N ASN G 518 -30.12 34.03 -55.78
CA ASN G 518 -30.04 35.45 -56.12
C ASN G 518 -28.68 35.80 -56.70
N GLY G 519 -28.13 34.89 -57.51
CA GLY G 519 -26.85 35.10 -58.13
C GLY G 519 -26.82 34.64 -59.57
N ILE G 520 -25.65 34.23 -60.05
CA ILE G 520 -25.51 33.73 -61.41
C ILE G 520 -24.80 32.37 -61.35
N CYS G 521 -25.41 31.37 -61.97
CA CYS G 521 -24.95 29.99 -61.80
C CYS G 521 -23.73 29.65 -62.64
N CYS G 522 -23.42 30.44 -63.66
CA CYS G 522 -22.20 30.30 -64.46
C CYS G 522 -21.83 28.84 -64.73
N ILE G 523 -22.74 28.13 -65.37
CA ILE G 523 -22.49 26.73 -65.69
C ILE G 523 -21.61 26.66 -66.93
N ASP G 524 -20.45 26.03 -66.81
CA ASP G 524 -19.52 25.88 -67.91
C ASP G 524 -19.58 24.46 -68.45
N GLU G 525 -19.22 24.31 -69.71
CA GLU G 525 -19.30 23.02 -70.41
C GLU G 525 -20.69 22.42 -70.24
N PHE G 526 -21.69 23.20 -70.66
CA PHE G 526 -23.07 22.81 -70.48
C PHE G 526 -23.41 21.53 -71.24
N ASP G 527 -22.91 21.40 -72.47
CA ASP G 527 -23.28 20.28 -73.31
C ASP G 527 -22.70 18.96 -72.79
N LYS G 528 -21.58 19.02 -72.08
CA LYS G 528 -20.91 17.84 -71.57
C LYS G 528 -21.32 17.49 -70.15
N MET G 529 -22.56 17.79 -69.77
CA MET G 529 -23.00 17.62 -68.40
C MET G 529 -24.23 16.72 -68.36
N ASP G 530 -24.31 15.91 -67.30
CA ASP G 530 -25.23 14.78 -67.25
C ASP G 530 -26.68 15.23 -67.38
N GLU G 531 -27.48 14.40 -68.06
CA GLU G 531 -28.87 14.72 -68.30
C GLU G 531 -29.66 14.81 -66.99
N SER G 532 -29.23 14.06 -65.97
CA SER G 532 -29.93 14.08 -64.70
C SER G 532 -29.98 15.48 -64.11
N ASP G 533 -28.86 16.21 -64.19
CA ASP G 533 -28.85 17.57 -63.68
C ASP G 533 -29.60 18.52 -64.61
N ARG G 534 -29.58 18.26 -65.92
CA ARG G 534 -30.37 19.09 -66.83
C ARG G 534 -31.84 19.03 -66.50
N THR G 535 -32.31 17.87 -66.03
CA THR G 535 -33.69 17.76 -65.60
C THR G 535 -34.01 18.75 -64.47
N ALA G 536 -33.09 18.90 -63.52
CA ALA G 536 -33.30 19.89 -62.46
C ALA G 536 -33.12 21.31 -62.97
N ILE G 537 -32.22 21.51 -63.94
CA ILE G 537 -32.02 22.84 -64.52
C ILE G 537 -33.30 23.33 -65.16
N HIS G 538 -34.06 22.43 -65.78
CA HIS G 538 -35.39 22.79 -66.29
C HIS G 538 -36.20 23.55 -65.25
N GLU G 539 -36.46 22.90 -64.11
CA GLU G 539 -37.30 23.50 -63.09
C GLU G 539 -36.64 24.72 -62.46
N VAL G 540 -35.33 24.71 -62.31
CA VAL G 540 -34.66 25.87 -61.72
C VAL G 540 -34.85 27.09 -62.61
N MET G 541 -34.70 26.92 -63.92
CA MET G 541 -34.89 28.03 -64.83
C MET G 541 -36.32 28.51 -64.82
N GLU G 542 -37.28 27.60 -64.82
CA GLU G 542 -38.67 28.04 -64.96
C GLU G 542 -39.28 28.48 -63.63
N GLN G 543 -39.41 27.56 -62.68
CA GLN G 543 -40.15 27.81 -61.46
C GLN G 543 -39.31 28.45 -60.37
N GLN G 544 -38.00 28.63 -60.59
CA GLN G 544 -37.09 29.24 -59.63
C GLN G 544 -37.04 28.46 -58.31
N THR G 545 -37.50 27.22 -58.30
CA THR G 545 -37.48 26.38 -57.11
C THR G 545 -37.10 24.97 -57.50
N ILE G 546 -36.54 24.23 -56.53
CA ILE G 546 -36.15 22.84 -56.73
C ILE G 546 -37.04 21.99 -55.85
N SER G 547 -37.80 21.10 -56.46
CA SER G 547 -38.66 20.17 -55.73
C SER G 547 -37.92 18.86 -55.57
N ILE G 548 -37.73 18.43 -54.32
CA ILE G 548 -37.04 17.19 -54.00
C ILE G 548 -37.99 16.31 -53.21
N SER G 549 -38.16 15.08 -53.67
CA SER G 549 -38.99 14.10 -52.97
C SER G 549 -38.29 12.76 -52.89
N LYS G 550 -37.01 12.76 -52.52
CA LYS G 550 -36.26 11.53 -52.39
C LYS G 550 -36.30 11.03 -50.96
N ALA G 551 -35.61 9.92 -50.70
CA ALA G 551 -35.68 9.28 -49.39
C ALA G 551 -35.10 10.18 -48.31
N GLY G 552 -35.94 10.53 -47.34
CA GLY G 552 -35.53 11.37 -46.23
C GLY G 552 -35.84 12.84 -46.40
N ILE G 553 -36.09 13.29 -47.62
CA ILE G 553 -36.36 14.69 -47.91
C ILE G 553 -37.68 14.79 -48.65
N ASN G 554 -38.58 15.63 -48.15
CA ASN G 554 -39.85 15.88 -48.82
C ASN G 554 -40.16 17.36 -48.83
N THR G 555 -39.19 18.18 -49.22
CA THR G 555 -39.36 19.62 -49.26
C THR G 555 -39.12 20.14 -50.66
N THR G 556 -39.37 21.44 -50.84
CA THR G 556 -39.15 22.13 -52.11
C THR G 556 -38.21 23.29 -51.87
N LEU G 557 -36.97 23.17 -52.33
CA LEU G 557 -35.98 24.20 -52.09
C LEU G 557 -36.30 25.45 -52.88
N ASN G 558 -35.85 26.59 -52.36
CA ASN G 558 -36.06 27.90 -52.98
C ASN G 558 -34.74 28.36 -53.57
N ALA G 559 -34.63 28.31 -54.90
CA ALA G 559 -33.39 28.66 -55.59
C ALA G 559 -33.70 29.64 -56.71
N ARG G 560 -33.74 30.93 -56.38
CA ARG G 560 -33.95 31.99 -57.36
C ARG G 560 -32.60 32.32 -57.99
N THR G 561 -32.35 31.79 -59.18
CA THR G 561 -31.04 31.89 -59.81
C THR G 561 -31.18 32.29 -61.26
N SER G 562 -30.18 33.00 -61.77
CA SER G 562 -30.03 33.30 -63.18
C SER G 562 -28.89 32.45 -63.72
N ILE G 563 -29.17 31.62 -64.71
CA ILE G 563 -28.19 30.64 -65.18
C ILE G 563 -27.49 31.18 -66.42
N LEU G 564 -26.17 31.16 -66.39
CA LEU G 564 -25.35 31.45 -67.55
C LEU G 564 -24.63 30.17 -67.97
N ALA G 565 -24.80 29.78 -69.22
CA ALA G 565 -24.28 28.51 -69.70
C ALA G 565 -23.38 28.72 -70.90
N ALA G 566 -22.20 28.12 -70.87
CA ALA G 566 -21.28 28.11 -71.98
C ALA G 566 -21.06 26.67 -72.41
N ALA G 567 -21.17 26.42 -73.72
CA ALA G 567 -21.12 25.05 -74.20
C ALA G 567 -20.63 25.04 -75.64
N ASN G 568 -20.21 23.90 -76.06
CA ASN G 568 -19.85 23.70 -77.45
C ASN G 568 -20.98 23.01 -78.19
N PRO G 569 -21.14 23.26 -79.48
CA PRO G 569 -22.19 22.58 -80.24
C PRO G 569 -21.86 21.10 -80.40
N LEU G 570 -22.84 20.37 -80.92
CA LEU G 570 -22.65 18.96 -81.23
C LEU G 570 -21.55 18.80 -82.27
N TYR G 571 -20.76 17.75 -82.13
CA TYR G 571 -19.56 17.52 -82.95
C TYR G 571 -18.54 18.64 -82.79
N GLY G 572 -18.43 19.20 -81.60
CA GLY G 572 -17.44 20.22 -81.35
C GLY G 572 -17.63 21.48 -82.16
N ARG G 573 -16.77 21.71 -83.15
CA ARG G 573 -16.90 22.88 -84.00
C ARG G 573 -18.21 22.84 -84.77
N TYR G 574 -18.84 24.01 -84.91
CA TYR G 574 -20.08 24.11 -85.66
C TYR G 574 -19.88 23.69 -87.10
N ASN G 575 -20.77 22.85 -87.61
CA ASN G 575 -20.79 22.49 -89.02
C ASN G 575 -21.89 23.28 -89.70
N PRO G 576 -21.57 24.22 -90.60
CA PRO G 576 -22.64 24.99 -91.25
C PRO G 576 -23.59 24.14 -92.05
N ARG G 577 -23.13 22.97 -92.52
CA ARG G 577 -24.00 22.12 -93.35
C ARG G 577 -25.20 21.62 -92.56
N LEU G 578 -25.00 21.25 -91.30
CA LEU G 578 -26.11 20.81 -90.47
C LEU G 578 -26.95 22.01 -90.04
N SER G 579 -28.23 21.76 -89.79
CA SER G 579 -29.11 22.82 -89.33
C SER G 579 -28.73 23.25 -87.92
N PRO G 580 -28.98 24.51 -87.57
CA PRO G 580 -28.60 24.99 -86.23
C PRO G 580 -29.23 24.19 -85.11
N LEU G 581 -30.49 23.78 -85.24
CA LEU G 581 -31.12 22.99 -84.19
C LEU G 581 -30.46 21.62 -84.08
N ASP G 582 -30.14 21.00 -85.21
CA ASP G 582 -29.46 19.72 -85.17
C ASP G 582 -28.05 19.85 -84.61
N ASN G 583 -27.48 21.04 -84.64
CA ASN G 583 -26.10 21.26 -84.20
C ASN G 583 -26.04 21.88 -82.81
N ILE G 584 -27.04 22.67 -82.42
CA ILE G 584 -27.10 23.18 -81.05
C ILE G 584 -27.32 22.03 -80.08
N ASN G 585 -28.15 21.06 -80.46
CA ASN G 585 -28.42 19.83 -79.73
C ASN G 585 -29.28 20.03 -78.49
N LEU G 586 -29.75 21.23 -78.23
CA LEU G 586 -30.62 21.42 -77.08
C LEU G 586 -32.05 21.00 -77.42
N PRO G 587 -32.72 20.27 -76.52
CA PRO G 587 -34.13 19.97 -76.74
C PRO G 587 -34.97 21.23 -76.70
N ALA G 588 -36.10 21.20 -77.42
CA ALA G 588 -36.92 22.39 -77.58
C ALA G 588 -37.41 22.92 -76.24
N ALA G 589 -37.59 22.05 -75.25
CA ALA G 589 -38.03 22.51 -73.95
C ALA G 589 -36.92 23.29 -73.24
N LEU G 590 -35.71 22.76 -73.25
CA LEU G 590 -34.60 23.43 -72.59
C LEU G 590 -34.24 24.73 -73.29
N LEU G 591 -34.18 24.70 -74.63
CA LEU G 591 -33.78 25.89 -75.38
C LEU G 591 -34.79 27.02 -75.17
N SER G 592 -36.05 26.68 -74.92
CA SER G 592 -37.05 27.72 -74.70
C SER G 592 -36.74 28.56 -73.48
N ARG G 593 -36.11 27.98 -72.47
CA ARG G 593 -35.85 28.69 -71.23
C ARG G 593 -34.71 29.71 -71.37
N PHE G 594 -33.89 29.58 -72.40
CA PHE G 594 -32.80 30.53 -72.60
C PHE G 594 -33.32 31.78 -73.29
N ASP G 595 -33.25 32.91 -72.59
CA ASP G 595 -33.72 34.16 -73.18
C ASP G 595 -32.87 34.57 -74.38
N ILE G 596 -31.55 34.41 -74.28
CA ILE G 596 -30.64 34.70 -75.38
C ILE G 596 -29.71 33.50 -75.54
N LEU G 597 -29.58 33.02 -76.77
CA LEU G 597 -28.68 31.90 -77.08
C LEU G 597 -27.74 32.36 -78.19
N PHE G 598 -26.56 32.85 -77.80
CA PHE G 598 -25.61 33.34 -78.77
C PHE G 598 -24.99 32.18 -79.55
N LEU G 599 -24.47 32.50 -80.73
CA LEU G 599 -23.82 31.51 -81.56
C LEU G 599 -22.29 31.61 -81.53
N MET G 600 -21.76 32.83 -81.48
CA MET G 600 -20.33 33.06 -81.27
C MET G 600 -19.47 32.19 -82.18
N LEU G 601 -19.94 31.99 -83.41
CA LEU G 601 -19.22 31.15 -84.34
C LEU G 601 -17.88 31.79 -84.73
N ASP G 602 -16.86 30.96 -84.88
CA ASP G 602 -15.53 31.43 -85.27
C ASP G 602 -15.44 31.38 -86.79
N ILE G 603 -15.36 32.54 -87.41
CA ILE G 603 -15.23 32.64 -88.86
C ILE G 603 -14.00 33.48 -89.18
N PRO G 604 -12.92 32.88 -89.67
CA PRO G 604 -11.67 33.64 -89.87
C PRO G 604 -11.82 34.72 -90.93
N SER G 605 -11.05 35.78 -90.74
CA SER G 605 -11.00 36.89 -91.70
C SER G 605 -9.70 37.64 -91.48
N ARG G 606 -9.07 38.04 -92.58
CA ARG G 606 -7.73 38.63 -92.50
C ARG G 606 -7.71 39.89 -91.65
N ASP G 607 -8.84 40.58 -91.54
CA ASP G 607 -8.91 41.82 -90.77
C ASP G 607 -9.19 41.58 -89.29
N ASP G 608 -10.29 40.89 -88.98
CA ASP G 608 -10.63 40.65 -87.58
C ASP G 608 -9.58 39.81 -86.89
N ASP G 609 -8.98 38.86 -87.62
CA ASP G 609 -7.94 38.03 -87.02
C ASP G 609 -6.76 38.88 -86.55
N GLU G 610 -6.30 39.79 -87.40
CA GLU G 610 -5.16 40.62 -86.99
C GLU G 610 -5.57 41.64 -85.94
N LYS G 611 -6.83 42.09 -85.95
CA LYS G 611 -7.30 42.93 -84.85
C LYS G 611 -7.18 42.20 -83.52
N LEU G 612 -7.69 40.97 -83.48
CA LEU G 612 -7.62 40.17 -82.27
C LEU G 612 -6.18 39.89 -81.88
N ALA G 613 -5.33 39.59 -82.86
CA ALA G 613 -3.94 39.30 -82.57
C ALA G 613 -3.24 40.50 -81.94
N GLU G 614 -3.46 41.69 -82.51
CA GLU G 614 -2.87 42.89 -81.94
C GLU G 614 -3.38 43.14 -80.53
N HIS G 615 -4.69 42.94 -80.32
CA HIS G 615 -5.25 43.14 -78.98
C HIS G 615 -4.62 42.20 -77.97
N VAL G 616 -4.51 40.91 -78.32
CA VAL G 616 -3.96 39.93 -77.40
C VAL G 616 -2.48 40.19 -77.14
N THR G 617 -1.73 40.55 -78.18
CA THR G 617 -0.31 40.84 -77.98
C THR G 617 -0.11 42.07 -77.12
N TYR G 618 -0.96 43.08 -77.27
CA TYR G 618 -0.89 44.22 -76.36
C TYR G 618 -1.21 43.81 -74.93
N VAL G 619 -2.22 42.95 -74.76
CA VAL G 619 -2.58 42.49 -73.42
C VAL G 619 -1.41 41.75 -72.78
N HIS G 620 -0.68 40.98 -73.59
CA HIS G 620 0.45 40.24 -73.03
C HIS G 620 1.63 41.15 -72.73
N MET G 621 1.92 42.10 -73.63
CA MET G 621 3.09 42.94 -73.46
C MET G 621 2.89 44.03 -72.42
N HIS G 622 1.65 44.53 -72.27
CA HIS G 622 1.27 45.34 -71.13
C HIS G 622 0.01 44.76 -70.50
N ASN G 623 0.04 44.56 -69.19
CA ASN G 623 -1.10 43.96 -68.52
C ASN G 623 -2.24 44.97 -68.42
N LYS G 624 -2.80 45.36 -69.57
CA LYS G 624 -3.88 46.32 -69.62
C LYS G 624 -4.55 46.23 -70.98
N GLN G 625 -5.81 46.65 -71.03
CA GLN G 625 -6.53 46.66 -72.29
C GLN G 625 -5.89 47.66 -73.24
N PRO G 626 -5.83 47.34 -74.54
CA PRO G 626 -5.14 48.24 -75.48
C PRO G 626 -5.73 49.63 -75.59
N ASP G 627 -7.05 49.77 -75.46
CA ASP G 627 -7.71 51.04 -75.78
C ASP G 627 -7.21 52.18 -74.89
N LEU G 628 -6.51 53.14 -75.49
CA LEU G 628 -5.94 54.24 -74.72
C LEU G 628 -7.04 55.17 -74.20
N ASP G 629 -7.96 55.57 -75.07
CA ASP G 629 -8.97 56.56 -74.68
C ASP G 629 -10.05 55.98 -73.80
N PHE G 630 -10.28 54.67 -73.88
CA PHE G 630 -11.34 54.05 -73.10
C PHE G 630 -10.99 54.02 -71.62
N THR G 631 -12.02 54.11 -70.79
CA THR G 631 -11.87 54.00 -69.33
C THR G 631 -12.65 52.80 -68.81
N PRO G 632 -12.00 51.67 -68.56
CA PRO G 632 -12.70 50.51 -67.97
C PRO G 632 -13.08 50.80 -66.53
N VAL G 633 -14.39 50.77 -66.26
CA VAL G 633 -14.89 51.08 -64.93
C VAL G 633 -14.38 50.03 -63.95
N GLU G 634 -14.00 50.48 -62.75
CA GLU G 634 -13.59 49.55 -61.71
C GLU G 634 -14.78 48.72 -61.26
N PRO G 635 -14.55 47.44 -60.93
CA PRO G 635 -15.67 46.54 -60.62
C PRO G 635 -16.54 47.01 -59.46
N SER G 636 -15.96 47.72 -58.49
CA SER G 636 -16.78 48.21 -57.38
C SER G 636 -17.82 49.21 -57.88
N LYS G 637 -17.42 50.12 -58.76
CA LYS G 637 -18.38 51.06 -59.35
C LYS G 637 -19.40 50.32 -60.21
N MET G 638 -18.96 49.32 -60.95
CA MET G 638 -19.89 48.47 -61.71
C MET G 638 -20.97 47.94 -60.79
N ARG G 639 -20.54 47.24 -59.75
CA ARG G 639 -21.50 46.64 -58.80
C ARG G 639 -22.41 47.75 -58.29
N GLU G 640 -21.83 48.87 -57.87
CA GLU G 640 -22.70 49.91 -57.27
C GLU G 640 -23.76 50.35 -58.27
N TYR G 641 -23.37 50.64 -59.51
CA TYR G 641 -24.40 51.17 -60.44
C TYR G 641 -25.45 50.10 -60.66
N ILE G 642 -24.99 48.86 -60.84
CA ILE G 642 -25.92 47.74 -61.14
C ILE G 642 -26.87 47.60 -59.94
N ALA G 643 -26.35 47.75 -58.73
CA ALA G 643 -27.21 47.64 -57.54
C ALA G 643 -28.26 48.75 -57.52
N TYR G 644 -27.87 49.97 -57.85
CA TYR G 644 -28.84 51.09 -57.89
C TYR G 644 -29.88 50.75 -58.94
N ALA G 645 -29.42 50.22 -60.05
CA ALA G 645 -30.36 49.93 -61.15
C ALA G 645 -31.38 48.90 -60.67
N LYS G 646 -30.92 47.92 -59.89
CA LYS G 646 -31.80 46.82 -59.45
C LYS G 646 -32.94 47.41 -58.61
N THR G 647 -32.67 48.44 -57.81
CA THR G 647 -33.77 48.92 -56.94
C THR G 647 -34.93 49.40 -57.82
N LYS G 648 -34.65 50.04 -58.95
CA LYS G 648 -35.74 50.59 -59.79
C LYS G 648 -36.57 49.44 -60.37
N ARG G 649 -37.88 49.60 -60.44
CA ARG G 649 -38.77 48.53 -60.95
C ARG G 649 -39.65 49.15 -62.05
N PRO G 650 -39.13 49.42 -63.28
CA PRO G 650 -39.89 50.11 -64.32
C PRO G 650 -41.14 49.33 -64.73
N VAL G 651 -42.15 50.07 -65.16
CA VAL G 651 -43.40 49.49 -65.63
C VAL G 651 -43.55 49.80 -67.11
N MET G 652 -44.62 49.32 -67.73
CA MET G 652 -44.81 49.42 -69.16
C MET G 652 -45.82 50.49 -69.54
N SER G 653 -45.72 50.95 -70.78
CA SER G 653 -46.64 51.93 -71.35
C SER G 653 -47.35 51.32 -72.55
N GLU G 654 -48.49 51.91 -72.89
CA GLU G 654 -49.37 51.30 -73.88
C GLU G 654 -48.71 51.20 -75.25
N ALA G 655 -48.00 52.25 -75.67
CA ALA G 655 -47.30 52.19 -76.95
C ALA G 655 -46.24 51.09 -76.93
N VAL G 656 -45.53 50.95 -75.81
CA VAL G 656 -44.47 49.96 -75.72
C VAL G 656 -45.04 48.56 -75.85
N ASN G 657 -46.12 48.26 -75.11
CA ASN G 657 -46.67 46.92 -75.17
C ASN G 657 -47.37 46.66 -76.51
N ASP G 658 -47.91 47.70 -77.15
CA ASP G 658 -48.44 47.52 -78.50
C ASP G 658 -47.32 47.13 -79.47
N TYR G 659 -46.19 47.83 -79.40
CA TYR G 659 -45.06 47.49 -80.24
C TYR G 659 -44.57 46.07 -79.96
N VAL G 660 -44.54 45.71 -78.67
CA VAL G 660 -44.11 44.36 -78.29
C VAL G 660 -45.06 43.31 -78.83
N VAL G 661 -46.37 43.59 -78.79
CA VAL G 661 -47.35 42.64 -79.29
C VAL G 661 -47.18 42.44 -80.80
N GLN G 662 -46.96 43.54 -81.52
CA GLN G 662 -46.70 43.42 -82.96
C GLN G 662 -45.44 42.61 -83.22
N ALA G 663 -44.40 42.86 -82.44
CA ALA G 663 -43.16 42.11 -82.60
C ALA G 663 -43.37 40.62 -82.34
N TYR G 664 -44.13 40.29 -81.30
CA TYR G 664 -44.38 38.89 -81.01
C TYR G 664 -45.17 38.22 -82.11
N ILE G 665 -46.18 38.92 -82.66
CA ILE G 665 -46.97 38.34 -83.75
C ILE G 665 -46.09 38.05 -84.95
N ARG G 666 -45.28 39.03 -85.35
CA ARG G 666 -44.43 38.82 -86.52
C ARG G 666 -43.39 37.74 -86.27
N LEU G 667 -42.85 37.67 -85.05
CA LEU G 667 -41.88 36.62 -84.72
C LEU G 667 -42.52 35.25 -84.78
N ARG G 668 -43.74 35.10 -84.23
CA ARG G 668 -44.42 33.81 -84.29
C ARG G 668 -44.67 33.38 -85.72
N GLN G 669 -45.22 34.29 -86.54
CA GLN G 669 -45.51 33.93 -87.92
C GLN G 669 -44.23 33.58 -88.67
N ASP G 670 -43.17 34.38 -88.47
CA ASP G 670 -41.92 34.12 -89.16
C ASP G 670 -41.32 32.78 -88.75
N SER G 671 -41.35 32.47 -87.44
CA SER G 671 -40.86 31.19 -86.98
C SER G 671 -41.64 30.05 -87.57
N LYS G 672 -42.96 30.20 -87.68
CA LYS G 672 -43.78 29.16 -88.28
C LYS G 672 -43.42 28.96 -89.75
N ARG G 673 -43.13 30.05 -90.46
CA ARG G 673 -42.89 29.95 -91.90
C ARG G 673 -41.69 29.06 -92.20
N GLU G 674 -40.55 29.31 -91.58
CA GLU G 674 -39.32 28.58 -91.88
C GLU G 674 -38.95 27.61 -90.77
N MET G 675 -39.93 27.11 -90.02
CA MET G 675 -39.64 26.17 -88.95
C MET G 675 -39.01 24.88 -89.46
N ASP G 676 -39.11 24.62 -90.77
CA ASP G 676 -38.55 23.43 -91.39
C ASP G 676 -37.40 23.75 -92.35
N SER G 677 -36.82 24.94 -92.23
CA SER G 677 -35.74 25.37 -93.11
C SER G 677 -34.38 25.06 -92.51
N LYS G 678 -33.34 25.30 -93.30
CA LYS G 678 -31.97 25.13 -92.84
C LYS G 678 -31.49 26.30 -91.98
N PHE G 679 -32.25 27.39 -91.92
CA PHE G 679 -31.93 28.52 -91.05
C PHE G 679 -32.93 28.65 -89.90
N SER G 680 -33.62 27.57 -89.56
CA SER G 680 -34.61 27.62 -88.49
C SER G 680 -33.92 27.75 -87.14
N PHE G 681 -34.63 28.40 -86.22
CA PHE G 681 -34.20 28.54 -84.83
C PHE G 681 -35.31 28.06 -83.90
N GLY G 682 -35.89 26.91 -84.22
CA GLY G 682 -37.02 26.41 -83.49
C GLY G 682 -38.28 27.18 -83.85
N GLN G 683 -39.20 27.27 -82.89
CA GLN G 683 -40.46 28.04 -83.08
C GLN G 683 -40.60 28.97 -81.88
N ALA G 684 -40.93 30.23 -82.11
CA ALA G 684 -41.00 31.18 -80.99
C ALA G 684 -42.11 30.70 -80.05
N THR G 685 -41.95 30.93 -78.75
CA THR G 685 -42.94 30.40 -77.78
C THR G 685 -43.47 31.58 -76.97
N PRO G 686 -44.53 31.45 -76.16
CA PRO G 686 -45.00 32.56 -75.35
C PRO G 686 -43.88 33.15 -74.51
N ARG G 687 -42.97 32.29 -74.06
CA ARG G 687 -41.81 32.76 -73.28
C ARG G 687 -40.99 33.73 -74.13
N THR G 688 -40.93 33.56 -75.45
CA THR G 688 -40.04 34.46 -76.23
C THR G 688 -40.45 35.92 -76.03
N LEU G 689 -41.75 36.21 -76.07
CA LEU G 689 -42.20 37.59 -75.77
C LEU G 689 -41.78 37.91 -74.34
N LEU G 690 -42.00 36.98 -73.42
CA LEU G 690 -41.74 37.28 -72.00
C LEU G 690 -40.27 37.64 -71.89
N GLY G 691 -39.41 36.96 -72.63
CA GLY G 691 -37.98 37.31 -72.62
C GLY G 691 -37.82 38.73 -73.11
N ILE G 692 -38.43 39.04 -74.25
CA ILE G 692 -38.40 40.41 -74.76
C ILE G 692 -38.81 41.39 -73.67
N ILE G 693 -39.87 41.06 -72.94
CA ILE G 693 -40.31 41.91 -71.84
C ILE G 693 -39.19 42.08 -70.82
N ARG G 694 -38.55 40.98 -70.44
CA ARG G 694 -37.53 41.02 -69.41
C ARG G 694 -36.33 41.84 -69.86
N LEU G 695 -35.89 41.65 -71.10
CA LEU G 695 -34.75 42.42 -71.60
C LEU G 695 -35.10 43.91 -71.66
N SER G 696 -36.30 44.24 -72.10
CA SER G 696 -36.71 45.64 -72.14
C SER G 696 -36.75 46.25 -70.75
N GLN G 697 -37.28 45.50 -69.77
CA GLN G 697 -37.36 46.01 -68.42
C GLN G 697 -35.98 46.22 -67.82
N ALA G 698 -35.06 45.29 -68.07
CA ALA G 698 -33.71 45.43 -67.54
C ALA G 698 -32.98 46.58 -68.22
N LEU G 699 -33.21 46.77 -69.53
CA LEU G 699 -32.63 47.92 -70.21
C LEU G 699 -33.15 49.23 -69.63
N ALA G 700 -34.45 49.27 -69.31
CA ALA G 700 -35.01 50.44 -68.64
C ALA G 700 -34.37 50.64 -67.27
N LYS G 701 -34.17 49.55 -66.53
CA LYS G 701 -33.45 49.64 -65.26
C LYS G 701 -32.09 50.26 -65.44
N LEU G 702 -31.41 49.93 -66.53
CA LEU G 702 -30.09 50.50 -66.78
C LEU G 702 -30.16 52.01 -66.97
N ARG G 703 -31.26 52.50 -67.56
CA ARG G 703 -31.44 53.97 -67.68
C ARG G 703 -32.11 54.50 -66.42
N LEU G 704 -32.58 53.61 -65.54
CA LEU G 704 -33.28 53.99 -64.28
C LEU G 704 -34.53 54.76 -64.66
N ALA G 705 -35.12 54.46 -65.81
CA ALA G 705 -36.23 55.31 -66.33
C ALA G 705 -37.53 55.09 -65.58
N ASP G 706 -37.59 54.06 -64.76
CA ASP G 706 -38.82 53.71 -64.05
C ASP G 706 -40.02 53.55 -64.98
N MET G 707 -39.79 53.56 -66.30
CA MET G 707 -40.85 53.38 -67.27
C MET G 707 -40.23 53.09 -68.63
N VAL G 708 -40.71 52.06 -69.31
CA VAL G 708 -40.06 51.55 -70.51
C VAL G 708 -40.48 52.38 -71.72
N ASP G 709 -39.53 52.64 -72.62
CA ASP G 709 -39.82 53.34 -73.86
C ASP G 709 -39.63 52.40 -75.05
N ILE G 710 -39.90 52.93 -76.24
CA ILE G 710 -39.79 52.13 -77.45
C ILE G 710 -38.34 51.77 -77.73
N ASP G 711 -37.41 52.66 -77.39
CA ASP G 711 -36.00 52.42 -77.71
C ASP G 711 -35.48 51.19 -76.96
N ASP G 712 -35.92 50.99 -75.72
CA ASP G 712 -35.52 49.81 -74.97
C ASP G 712 -35.95 48.54 -75.69
N VAL G 713 -37.21 48.49 -76.14
CA VAL G 713 -37.70 47.31 -76.83
C VAL G 713 -36.96 47.11 -78.14
N GLU G 714 -36.70 48.19 -78.86
CA GLU G 714 -35.96 48.08 -80.11
C GLU G 714 -34.58 47.49 -79.88
N GLU G 715 -33.89 47.96 -78.84
CA GLU G 715 -32.58 47.39 -78.54
C GLU G 715 -32.67 45.93 -78.13
N ALA G 716 -33.69 45.56 -77.36
CA ALA G 716 -33.84 44.17 -76.95
C ALA G 716 -34.06 43.26 -78.15
N LEU G 717 -34.93 43.68 -79.07
CA LEU G 717 -35.15 42.90 -80.28
C LEU G 717 -33.89 42.84 -81.11
N ARG G 718 -33.13 43.94 -81.16
CA ARG G 718 -31.87 43.94 -81.88
C ARG G 718 -30.91 42.92 -81.29
N LEU G 719 -30.81 42.86 -79.97
CA LEU G 719 -29.94 41.88 -79.32
C LEU G 719 -30.38 40.46 -79.67
N VAL G 720 -31.68 40.19 -79.57
CA VAL G 720 -32.17 38.85 -79.83
C VAL G 720 -31.89 38.45 -81.27
N ARG G 721 -32.02 39.40 -82.20
CA ARG G 721 -31.80 39.09 -83.60
C ARG G 721 -30.32 38.89 -83.90
N VAL G 722 -29.45 39.76 -83.37
CA VAL G 722 -28.02 39.65 -83.63
C VAL G 722 -27.38 38.52 -82.87
N SER G 723 -28.09 37.91 -81.92
CA SER G 723 -27.56 36.72 -81.27
C SER G 723 -27.39 35.56 -82.24
N LYS G 724 -28.01 35.62 -83.42
CA LYS G 724 -27.95 34.54 -84.39
C LYS G 724 -27.34 34.96 -85.72
N GLU G 725 -26.78 36.17 -85.81
CA GLU G 725 -26.26 36.67 -87.08
C GLU G 725 -24.80 36.35 -87.31
N SER G 726 -24.17 35.60 -86.41
CA SER G 726 -22.76 35.25 -86.56
C SER G 726 -22.55 34.01 -87.39
N LEU G 727 -23.61 33.32 -87.81
CA LEU G 727 -23.49 32.11 -88.61
C LEU G 727 -23.54 32.37 -90.11
N TYR G 728 -23.57 33.63 -90.52
CA TYR G 728 -23.64 33.97 -91.94
C TYR G 728 -22.29 34.48 -92.46
N ASP H 10 73.74 -68.33 2.06
CA ASP H 10 72.83 -68.47 0.93
C ASP H 10 71.39 -68.17 1.36
N ILE H 11 71.25 -67.33 2.38
CA ILE H 11 69.96 -66.96 2.91
C ILE H 11 69.92 -65.43 3.01
N PRO H 12 68.77 -64.79 2.86
CA PRO H 12 68.69 -63.33 3.03
C PRO H 12 69.18 -62.92 4.41
N PRO H 13 70.27 -62.16 4.47
CA PRO H 13 70.73 -61.64 5.77
C PRO H 13 69.76 -60.68 6.42
N GLU H 14 68.92 -60.00 5.64
CA GLU H 14 67.92 -59.12 6.21
C GLU H 14 66.96 -59.88 7.12
N ILE H 15 66.83 -61.18 6.93
CA ILE H 15 66.13 -62.01 7.91
C ILE H 15 67.10 -62.45 9.00
N LYS H 16 68.39 -62.59 8.67
CA LYS H 16 69.37 -63.06 9.64
C LYS H 16 69.52 -62.10 10.82
N GLU H 17 69.37 -60.80 10.57
CA GLU H 17 69.47 -59.86 11.69
C GLU H 17 68.35 -60.09 12.70
N GLU H 18 67.12 -60.28 12.24
CA GLU H 18 66.05 -60.61 13.18
C GLU H 18 66.27 -61.98 13.80
N MET H 19 66.85 -62.91 13.04
CA MET H 19 67.18 -64.22 13.60
C MET H 19 68.09 -64.08 14.81
N ILE H 20 69.21 -63.35 14.65
CA ILE H 20 70.15 -63.21 15.74
C ILE H 20 69.57 -62.34 16.85
N GLN H 21 68.73 -61.36 16.50
CA GLN H 21 68.08 -60.55 17.52
C GLN H 21 67.21 -61.41 18.42
N LEU H 22 66.36 -62.24 17.82
CA LEU H 22 65.59 -63.20 18.58
C LEU H 22 66.50 -64.14 19.36
N TYR H 23 67.63 -64.52 18.76
CA TYR H 23 68.55 -65.45 19.40
C TYR H 23 69.06 -64.90 20.73
N HIS H 24 69.60 -63.67 20.70
CA HIS H 24 70.07 -63.09 21.95
C HIS H 24 68.94 -62.54 22.80
N ASP H 25 67.74 -62.40 22.22
CA ASP H 25 66.56 -62.11 23.03
C ASP H 25 66.08 -63.35 23.78
N LEU H 26 66.59 -64.52 23.44
CA LEU H 26 66.19 -65.79 24.04
C LEU H 26 67.42 -66.43 24.65
N PRO H 27 67.79 -66.05 25.88
CA PRO H 27 69.02 -66.57 26.47
C PRO H 27 68.95 -68.02 26.87
N GLY H 28 67.78 -68.63 26.88
CA GLY H 28 67.65 -70.03 27.25
C GLY H 28 67.55 -70.96 26.07
N ILE H 29 67.99 -70.50 24.89
CA ILE H 29 67.86 -71.28 23.66
C ILE H 29 69.19 -71.49 22.95
N GLU H 30 70.21 -70.68 23.21
CA GLU H 30 71.47 -70.79 22.47
C GLU H 30 72.02 -72.21 22.52
N ASN H 31 72.05 -72.80 23.71
CA ASN H 31 72.51 -74.17 23.85
C ASN H 31 71.44 -75.17 23.42
N GLU H 32 70.16 -74.83 23.64
CA GLU H 32 69.10 -75.80 23.43
C GLU H 32 68.85 -76.05 21.95
N TYR H 33 68.79 -75.00 21.14
CA TYR H 33 68.47 -75.14 19.73
C TYR H 33 69.31 -74.17 18.91
N LYS H 34 69.52 -74.53 17.65
CA LYS H 34 70.19 -73.67 16.68
C LYS H 34 69.17 -73.26 15.63
N LEU H 35 68.98 -71.95 15.46
CA LEU H 35 67.99 -71.46 14.51
C LEU H 35 68.44 -71.72 13.09
N ILE H 36 67.55 -72.29 12.27
CA ILE H 36 67.89 -72.60 10.89
C ILE H 36 67.37 -71.49 9.98
N ASP H 37 66.06 -71.26 9.99
CA ASP H 37 65.47 -70.28 9.09
C ASP H 37 64.06 -69.97 9.56
N LYS H 38 63.51 -68.87 9.04
CA LYS H 38 62.11 -68.54 9.24
C LYS H 38 61.31 -69.13 8.10
N ILE H 39 60.36 -70.01 8.43
CA ILE H 39 59.56 -70.70 7.43
C ILE H 39 58.16 -70.11 7.32
N GLY H 40 57.54 -69.79 8.44
CA GLY H 40 56.15 -69.39 8.44
C GLY H 40 55.97 -67.99 8.99
N GLU H 41 55.03 -67.28 8.39
CA GLU H 41 54.60 -65.96 8.84
C GLU H 41 53.09 -65.97 9.03
N GLY H 42 52.63 -65.38 10.13
CA GLY H 42 51.21 -65.32 10.41
C GLY H 42 50.84 -63.97 11.01
N THR H 43 49.53 -63.72 11.06
CA THR H 43 49.05 -62.46 11.61
C THR H 43 49.38 -62.35 13.10
N PHE H 44 49.23 -63.45 13.84
CA PHE H 44 49.45 -63.42 15.27
C PHE H 44 50.84 -63.90 15.68
N SER H 45 51.63 -64.41 14.76
CA SER H 45 52.94 -64.93 15.13
C SER H 45 53.78 -65.14 13.88
N SER H 46 55.05 -65.48 14.10
CA SER H 46 55.98 -65.90 13.06
C SER H 46 56.57 -67.25 13.44
N VAL H 47 56.90 -68.05 12.44
CA VAL H 47 57.36 -69.42 12.64
C VAL H 47 58.79 -69.54 12.13
N TYR H 48 59.64 -70.17 12.93
CA TYR H 48 61.06 -70.30 12.63
C TYR H 48 61.46 -71.77 12.63
N LYS H 49 62.25 -72.14 11.64
CA LYS H 49 62.82 -73.48 11.55
C LYS H 49 64.15 -73.51 12.28
N ALA H 50 64.39 -74.59 13.01
CA ALA H 50 65.61 -74.69 13.81
C ALA H 50 66.00 -76.16 13.95
N LYS H 51 67.27 -76.37 14.26
CA LYS H 51 67.81 -77.70 14.50
C LYS H 51 67.72 -78.04 15.98
N ASP H 52 67.62 -79.33 16.28
CA ASP H 52 67.51 -79.82 17.65
C ASP H 52 68.88 -80.26 18.13
N ILE H 53 69.46 -79.49 19.05
CA ILE H 53 70.78 -79.82 19.56
C ILE H 53 70.74 -81.08 20.42
N THR H 54 69.78 -81.15 21.33
CA THR H 54 69.65 -82.29 22.23
C THR H 54 68.61 -83.26 21.67
N GLY H 55 68.95 -84.55 21.67
CA GLY H 55 68.13 -85.54 20.99
C GLY H 55 66.91 -86.00 21.76
N LYS H 56 66.74 -85.57 23.01
CA LYS H 56 65.59 -86.02 23.79
C LYS H 56 64.28 -85.65 23.12
N ILE H 57 64.20 -84.44 22.57
CA ILE H 57 63.01 -84.04 21.83
C ILE H 57 62.82 -84.92 20.60
N THR H 58 63.91 -85.34 19.97
CA THR H 58 63.79 -86.29 18.87
C THR H 58 63.19 -87.61 19.36
N LYS H 59 63.65 -88.12 20.49
CA LYS H 59 63.04 -89.31 21.06
C LYS H 59 61.61 -89.03 21.49
N LYS H 60 61.35 -87.86 22.08
CA LYS H 60 60.00 -87.52 22.48
C LYS H 60 59.12 -87.32 21.26
N PHE H 61 57.97 -87.99 21.25
CA PHE H 61 57.04 -87.93 20.12
C PHE H 61 57.75 -88.29 18.82
N ALA H 62 58.65 -89.26 18.89
CA ALA H 62 59.36 -89.70 17.69
C ALA H 62 58.39 -90.23 16.64
N SER H 63 57.38 -90.98 17.08
CA SER H 63 56.34 -91.42 16.17
C SER H 63 55.59 -90.24 15.58
N HIS H 64 55.37 -89.20 16.40
CA HIS H 64 54.68 -88.00 15.91
C HIS H 64 55.45 -87.34 14.78
N PHE H 65 56.77 -87.29 14.97
CA PHE H 65 57.60 -86.67 13.91
C PHE H 65 57.43 -87.48 12.63
N TRP H 66 56.92 -86.86 11.57
CA TRP H 66 56.86 -87.59 10.29
C TRP H 66 58.31 -87.94 9.97
N ASN H 67 58.57 -89.14 9.48
CA ASN H 67 59.98 -89.54 9.29
C ASN H 67 60.42 -89.19 7.87
N TYR H 68 59.55 -88.53 7.10
CA TYR H 68 59.98 -88.08 5.75
C TYR H 68 61.15 -87.12 5.96
N GLY H 69 62.25 -87.34 5.23
CA GLY H 69 63.42 -86.44 5.31
C GLY H 69 64.08 -86.49 6.67
N SER H 70 64.84 -85.45 7.01
CA SER H 70 65.50 -85.35 8.34
C SER H 70 64.45 -84.92 9.38
N ASN H 71 64.75 -85.06 10.67
CA ASN H 71 63.77 -84.55 11.65
C ASN H 71 64.16 -83.14 12.11
N TYR H 72 63.31 -82.17 11.82
CA TYR H 72 63.53 -80.80 12.27
C TYR H 72 62.43 -80.43 13.24
N VAL H 73 62.56 -79.25 13.83
CA VAL H 73 61.59 -78.74 14.79
C VAL H 73 61.13 -77.36 14.35
N ALA H 74 59.83 -77.11 14.41
CA ALA H 74 59.26 -75.82 14.08
C ALA H 74 59.08 -75.01 15.36
N LEU H 75 59.58 -73.78 15.36
CA LEU H 75 59.52 -72.92 16.53
C LEU H 75 58.42 -71.88 16.34
N LYS H 76 57.58 -71.75 17.35
CA LYS H 76 56.42 -70.86 17.32
C LYS H 76 56.75 -69.63 18.17
N LYS H 77 57.15 -68.55 17.51
CA LYS H 77 57.42 -67.29 18.19
C LYS H 77 56.16 -66.43 18.10
N ILE H 78 55.35 -66.47 19.15
CA ILE H 78 54.16 -65.63 19.18
C ILE H 78 54.57 -64.17 19.25
N TYR H 79 53.66 -63.30 18.85
CA TYR H 79 53.88 -61.88 19.02
C TYR H 79 53.57 -61.48 20.45
N VAL H 80 54.34 -60.52 20.97
CA VAL H 80 54.21 -60.14 22.38
C VAL H 80 52.83 -59.58 22.67
N THR H 81 52.24 -58.86 21.69
CA THR H 81 50.97 -58.18 21.93
C THR H 81 49.84 -59.13 22.26
N SER H 82 49.96 -60.41 21.91
CA SER H 82 48.86 -61.35 22.13
C SER H 82 48.59 -61.52 23.62
N SER H 83 47.31 -61.69 23.94
CA SER H 83 46.90 -61.77 25.34
C SER H 83 47.53 -62.99 26.01
N PRO H 84 48.04 -62.84 27.23
CA PRO H 84 48.53 -64.02 27.96
C PRO H 84 47.45 -65.05 28.19
N GLN H 85 46.21 -64.60 28.41
CA GLN H 85 45.10 -65.54 28.54
C GLN H 85 44.87 -66.29 27.23
N ARG H 86 44.95 -65.57 26.10
CA ARG H 86 44.82 -66.21 24.81
C ARG H 86 45.91 -67.24 24.57
N ILE H 87 47.15 -66.91 24.95
CA ILE H 87 48.25 -67.84 24.78
C ILE H 87 48.07 -69.04 25.68
N TYR H 88 47.54 -68.82 26.89
CA TYR H 88 47.24 -69.93 27.77
C TYR H 88 46.20 -70.86 27.14
N ASN H 89 45.18 -70.28 26.53
CA ASN H 89 44.19 -71.08 25.81
C ASN H 89 44.86 -71.88 24.70
N GLU H 90 45.73 -71.23 23.93
CA GLU H 90 46.42 -71.90 22.84
C GLU H 90 47.20 -73.11 23.34
N LEU H 91 48.05 -72.89 24.34
CA LEU H 91 48.91 -73.97 24.81
C LEU H 91 48.09 -75.07 25.48
N ASN H 92 47.06 -74.70 26.23
CA ASN H 92 46.22 -75.72 26.86
C ASN H 92 45.52 -76.58 25.82
N LEU H 93 44.97 -75.94 24.79
CA LEU H 93 44.27 -76.69 23.75
C LEU H 93 45.22 -77.61 23.03
N LEU H 94 46.40 -77.11 22.66
CA LEU H 94 47.39 -77.98 22.01
C LEU H 94 47.83 -79.10 22.94
N TYR H 95 47.79 -78.86 24.25
CA TYR H 95 48.16 -79.89 25.21
C TYR H 95 47.11 -81.00 25.28
N ILE H 96 45.83 -80.64 25.22
CA ILE H 96 44.79 -81.61 25.51
C ILE H 96 44.32 -82.34 24.26
N MET H 97 44.99 -82.10 23.14
CA MET H 97 44.83 -82.95 21.95
C MET H 97 46.18 -83.43 21.44
N THR H 98 47.05 -83.82 22.35
CA THR H 98 48.33 -84.39 21.95
C THR H 98 48.14 -85.82 21.45
N GLY H 99 49.04 -86.24 20.57
CA GLY H 99 49.03 -87.61 20.07
C GLY H 99 47.84 -87.98 19.20
N SER H 100 47.47 -87.10 18.26
CA SER H 100 46.36 -87.38 17.36
C SER H 100 46.80 -87.73 15.94
N SER H 101 48.04 -87.41 15.57
CA SER H 101 48.64 -87.68 14.27
C SER H 101 48.03 -86.86 13.15
N ARG H 102 46.99 -86.08 13.42
CA ARG H 102 46.43 -85.17 12.43
C ARG H 102 46.41 -83.76 13.01
N VAL H 103 46.29 -83.67 14.32
CA VAL H 103 46.51 -82.42 15.02
C VAL H 103 47.96 -82.38 15.48
N ALA H 104 48.59 -81.21 15.37
CA ALA H 104 49.99 -81.07 15.72
C ALA H 104 50.11 -81.00 17.24
N PRO H 105 50.81 -81.94 17.88
CA PRO H 105 50.97 -81.87 19.33
C PRO H 105 52.22 -81.08 19.70
N LEU H 106 52.09 -80.25 20.72
CA LEU H 106 53.23 -79.51 21.23
C LEU H 106 54.27 -80.46 21.81
N CYS H 107 55.54 -80.09 21.67
CA CYS H 107 56.63 -80.85 22.28
C CYS H 107 57.27 -80.13 23.44
N ASP H 108 57.40 -78.81 23.37
CA ASP H 108 57.96 -78.03 24.47
C ASP H 108 57.39 -76.63 24.40
N ALA H 109 57.45 -75.93 25.53
CA ALA H 109 56.99 -74.55 25.61
C ALA H 109 57.70 -73.85 26.76
N LYS H 110 58.13 -72.63 26.50
CA LYS H 110 58.79 -71.83 27.52
C LYS H 110 58.69 -70.36 27.13
N ARG H 111 58.94 -69.50 28.11
CA ARG H 111 58.82 -68.07 27.92
C ARG H 111 60.01 -67.36 28.56
N VAL H 112 60.36 -66.21 28.00
CA VAL H 112 61.37 -65.32 28.57
C VAL H 112 60.68 -63.99 28.82
N ARG H 113 60.32 -63.75 30.08
CA ARG H 113 59.55 -62.57 30.49
C ARG H 113 58.26 -62.55 29.67
N ASP H 114 58.01 -61.54 28.85
CA ASP H 114 56.78 -61.48 28.06
C ASP H 114 56.81 -62.43 26.88
N GLN H 115 57.95 -62.56 26.19
CA GLN H 115 58.03 -63.38 25.00
C GLN H 115 57.84 -64.85 25.34
N VAL H 116 57.02 -65.53 24.56
CA VAL H 116 56.71 -66.94 24.76
C VAL H 116 56.97 -67.69 23.46
N ILE H 117 57.64 -68.84 23.55
CA ILE H 117 57.99 -69.65 22.40
C ILE H 117 57.43 -71.05 22.60
N ALA H 118 56.81 -71.59 21.55
CA ALA H 118 56.28 -72.94 21.56
C ALA H 118 57.06 -73.81 20.59
N VAL H 119 57.31 -75.06 20.99
CA VAL H 119 58.07 -76.01 20.19
C VAL H 119 57.10 -76.98 19.54
N LEU H 120 57.12 -77.04 18.21
CA LEU H 120 56.25 -77.91 17.45
C LEU H 120 57.05 -78.72 16.46
N PRO H 121 56.59 -79.93 16.12
CA PRO H 121 57.29 -80.72 15.11
C PRO H 121 57.16 -80.08 13.73
N TYR H 122 58.30 -79.85 13.09
CA TYR H 122 58.29 -79.27 11.75
C TYR H 122 57.60 -80.20 10.78
N TYR H 123 56.70 -79.65 9.97
CA TYR H 123 55.95 -80.41 8.98
C TYR H 123 56.31 -79.93 7.59
N PRO H 124 57.16 -80.64 6.85
CA PRO H 124 57.49 -80.23 5.48
C PRO H 124 56.24 -80.25 4.61
N HIS H 125 55.84 -79.07 4.15
CA HIS H 125 54.64 -78.92 3.35
C HIS H 125 54.96 -78.07 2.14
N GLU H 126 53.96 -77.91 1.28
CA GLU H 126 54.05 -77.09 0.08
C GLU H 126 52.98 -76.02 0.13
N GLU H 127 53.31 -74.85 -0.42
CA GLU H 127 52.40 -73.73 -0.38
C GLU H 127 51.11 -74.04 -1.14
N PHE H 128 49.99 -73.60 -0.60
CA PHE H 128 48.70 -73.84 -1.26
C PHE H 128 48.66 -73.15 -2.63
N ARG H 129 49.26 -71.96 -2.72
CA ARG H 129 49.29 -71.25 -3.99
C ARG H 129 49.91 -72.09 -5.10
N THR H 130 50.83 -72.99 -4.74
CA THR H 130 51.58 -73.73 -5.74
C THR H 130 50.69 -74.71 -6.49
N PHE H 131 49.75 -75.37 -5.79
CA PHE H 131 49.13 -76.55 -6.35
C PHE H 131 47.60 -76.50 -6.43
N TYR H 132 46.95 -75.40 -6.05
CA TYR H 132 45.50 -75.41 -6.13
C TYR H 132 45.03 -75.43 -7.58
N ARG H 133 45.81 -74.84 -8.48
CA ARG H 133 45.43 -74.77 -9.88
C ARG H 133 45.46 -76.15 -10.53
N ASP H 134 46.46 -76.97 -10.20
CA ASP H 134 46.77 -78.20 -10.92
C ASP H 134 46.70 -79.41 -10.02
N LEU H 135 45.63 -79.52 -9.24
CA LEU H 135 45.42 -80.68 -8.39
C LEU H 135 44.37 -81.60 -8.99
N PRO H 136 44.68 -82.85 -9.31
CA PRO H 136 43.65 -83.77 -9.80
C PRO H 136 42.61 -84.05 -8.72
N ILE H 137 41.39 -84.37 -9.18
CA ILE H 137 40.29 -84.63 -8.26
C ILE H 137 40.65 -85.72 -7.26
N LYS H 138 41.58 -86.60 -7.63
CA LYS H 138 42.20 -87.48 -6.65
C LYS H 138 42.84 -86.68 -5.51
N GLY H 139 43.56 -85.61 -5.86
CA GLY H 139 44.18 -84.80 -4.83
C GLY H 139 43.18 -84.15 -3.92
N ILE H 140 42.12 -83.58 -4.49
CA ILE H 140 41.05 -83.02 -3.69
C ILE H 140 40.45 -84.09 -2.79
N LYS H 141 40.21 -85.27 -3.34
CA LYS H 141 39.62 -86.36 -2.56
C LYS H 141 40.46 -86.68 -1.33
N LYS H 142 41.76 -86.93 -1.53
CA LYS H 142 42.62 -87.30 -0.43
C LYS H 142 42.78 -86.16 0.57
N TYR H 143 42.97 -84.95 0.07
CA TYR H 143 43.15 -83.78 0.93
C TYR H 143 41.94 -83.59 1.83
N ILE H 144 40.74 -83.63 1.24
CA ILE H 144 39.53 -83.44 2.01
C ILE H 144 39.30 -84.60 2.96
N TRP H 145 39.66 -85.82 2.56
CA TRP H 145 39.50 -86.95 3.47
C TRP H 145 40.36 -86.77 4.72
N GLU H 146 41.64 -86.40 4.54
CA GLU H 146 42.51 -86.16 5.69
C GLU H 146 41.97 -85.02 6.55
N LEU H 147 41.56 -83.93 5.91
CA LEU H 147 41.11 -82.77 6.67
C LEU H 147 39.85 -83.07 7.47
N LEU H 148 38.91 -83.80 6.87
CA LEU H 148 37.70 -84.17 7.60
C LEU H 148 37.99 -85.15 8.71
N ARG H 149 38.96 -86.06 8.53
CA ARG H 149 39.33 -86.92 9.65
C ARG H 149 39.88 -86.09 10.81
N ALA H 150 40.74 -85.11 10.49
CA ALA H 150 41.30 -84.25 11.52
C ALA H 150 40.20 -83.49 12.25
N LEU H 151 39.28 -82.89 11.50
CA LEU H 151 38.17 -82.18 12.13
C LEU H 151 37.23 -83.11 12.86
N LYS H 152 37.09 -84.36 12.43
CA LYS H 152 36.32 -85.33 13.18
C LYS H 152 36.91 -85.54 14.56
N PHE H 153 38.23 -85.72 14.62
CA PHE H 153 38.89 -85.82 15.91
C PHE H 153 38.67 -84.55 16.73
N VAL H 154 38.84 -83.40 16.10
CA VAL H 154 38.75 -82.13 16.81
C VAL H 154 37.36 -81.97 17.43
N HIS H 155 36.32 -82.20 16.64
CA HIS H 155 34.96 -82.04 17.13
C HIS H 155 34.61 -83.13 18.13
N SER H 156 35.19 -84.31 17.99
CA SER H 156 35.03 -85.34 19.01
C SER H 156 35.56 -84.86 20.34
N LYS H 157 36.72 -84.17 20.32
CA LYS H 157 37.23 -83.58 21.54
C LYS H 157 36.38 -82.42 22.04
N GLY H 158 35.48 -81.90 21.21
CA GLY H 158 34.49 -80.93 21.67
C GLY H 158 34.93 -79.49 21.68
N ILE H 159 35.66 -79.05 20.66
CA ILE H 159 36.06 -77.65 20.53
C ILE H 159 35.65 -77.16 19.15
N ILE H 160 35.96 -75.88 18.90
CA ILE H 160 35.72 -75.25 17.60
C ILE H 160 37.00 -74.54 17.17
N HIS H 161 37.53 -74.90 16.01
CA HIS H 161 38.70 -74.24 15.44
C HIS H 161 38.21 -73.17 14.48
N ARG H 162 38.04 -71.95 14.99
CA ARG H 162 37.31 -70.93 14.25
C ARG H 162 37.98 -70.61 12.91
N ASP H 163 39.29 -70.45 12.90
CA ASP H 163 40.00 -70.10 11.66
C ASP H 163 40.44 -71.37 10.95
N ILE H 164 39.65 -71.79 9.97
CA ILE H 164 39.98 -72.92 9.11
C ILE H 164 40.26 -72.38 7.73
N LYS H 165 41.45 -72.66 7.21
CA LYS H 165 41.85 -72.15 5.90
C LYS H 165 43.03 -72.97 5.41
N PRO H 166 43.26 -73.01 4.10
CA PRO H 166 44.40 -73.78 3.58
C PRO H 166 45.74 -73.32 4.13
N THR H 167 45.87 -72.04 4.48
CA THR H 167 47.11 -71.57 5.08
C THR H 167 47.36 -72.21 6.44
N ASN H 168 46.29 -72.50 7.18
CA ASN H 168 46.41 -73.09 8.50
C ASN H 168 46.42 -74.61 8.48
N PHE H 169 46.29 -75.22 7.31
CA PHE H 169 46.34 -76.68 7.17
C PHE H 169 47.55 -77.04 6.31
N LEU H 170 48.47 -77.81 6.89
CA LEU H 170 49.71 -78.18 6.21
C LEU H 170 49.53 -79.57 5.61
N PHE H 171 49.47 -79.62 4.28
CA PHE H 171 49.33 -80.88 3.56
C PHE H 171 50.59 -81.16 2.76
N ASN H 172 51.05 -82.39 2.79
CA ASN H 172 52.19 -82.83 2.00
C ASN H 172 51.72 -83.75 0.89
N LEU H 173 52.18 -83.47 -0.33
CA LEU H 173 51.71 -84.31 -1.44
C LEU H 173 52.56 -85.59 -1.44
N GLU H 174 53.88 -85.46 -1.30
CA GLU H 174 54.71 -86.67 -1.42
C GLU H 174 54.22 -87.67 -0.38
N LEU H 175 54.02 -87.23 0.85
CA LEU H 175 53.44 -88.15 1.85
C LEU H 175 51.99 -88.43 1.46
N GLY H 176 51.29 -87.42 0.95
CA GLY H 176 49.86 -87.59 0.60
C GLY H 176 48.99 -87.40 1.82
N ARG H 177 49.50 -86.73 2.85
CA ARG H 177 48.78 -86.54 4.10
C ARG H 177 48.98 -85.11 4.58
N GLY H 178 48.07 -84.67 5.43
CA GLY H 178 48.09 -83.31 5.94
C GLY H 178 47.67 -83.25 7.39
N VAL H 179 48.10 -82.18 8.05
CA VAL H 179 47.79 -81.95 9.46
C VAL H 179 47.39 -80.50 9.68
N LEU H 180 46.59 -80.27 10.71
CA LEU H 180 46.17 -78.88 11.04
C LEU H 180 47.25 -78.30 11.94
N VAL H 181 47.49 -76.99 11.88
CA VAL H 181 48.50 -76.46 12.84
C VAL H 181 47.94 -75.31 13.67
N ASP H 182 47.55 -74.19 13.06
CA ASP H 182 47.12 -73.04 13.89
C ASP H 182 45.91 -73.42 14.70
N PHE H 183 45.88 -73.04 15.97
CA PHE H 183 44.66 -73.22 16.78
C PHE H 183 44.50 -71.88 17.47
N GLY H 184 45.07 -70.83 16.86
CA GLY H 184 45.13 -69.52 17.54
C GLY H 184 43.78 -68.99 17.97
N LEU H 185 42.77 -69.09 17.12
CA LEU H 185 41.49 -68.51 17.56
C LEU H 185 40.59 -69.68 17.99
N ALA H 186 41.15 -70.88 18.05
CA ALA H 186 40.30 -72.04 18.34
C ALA H 186 39.60 -71.86 19.68
N GLU H 187 38.33 -72.22 19.72
CA GLU H 187 37.50 -72.05 20.91
C GLU H 187 36.92 -73.39 21.34
N ALA H 188 37.02 -73.68 22.63
CA ALA H 188 36.42 -74.88 23.19
C ALA H 188 34.91 -74.68 23.30
N GLN H 189 34.14 -75.62 22.76
CA GLN H 189 32.69 -75.51 22.81
C GLN H 189 32.21 -75.55 24.26
N MET H 190 31.69 -74.44 24.75
CA MET H 190 31.17 -74.38 26.11
C MET H 190 29.85 -75.13 26.20
N ASP H 191 29.34 -75.27 27.42
CA ASP H 191 28.06 -75.94 27.62
C ASP H 191 26.96 -75.10 27.00
N TYR H 192 26.38 -75.60 25.90
CA TYR H 192 25.35 -74.86 25.20
C TYR H 192 24.13 -74.61 26.09
N LYS H 193 23.74 -75.62 26.87
CA LYS H 193 22.64 -75.48 27.82
C LYS H 193 22.83 -76.48 28.93
N SER H 194 22.22 -76.19 30.08
CA SER H 194 22.35 -77.05 31.25
C SER H 194 21.20 -78.04 31.34
N ASN H 218 11.59 -77.33 19.34
CA ASN H 218 12.57 -78.20 18.69
C ASN H 218 13.71 -77.39 18.09
N HIS H 219 14.00 -77.63 16.80
CA HIS H 219 15.08 -76.91 16.16
C HIS H 219 14.72 -75.45 15.92
N GLU H 220 13.43 -75.14 15.83
CA GLU H 220 13.02 -73.73 15.74
C GLU H 220 13.44 -72.98 17.00
N GLN H 221 13.38 -73.64 18.15
CA GLN H 221 13.88 -73.08 19.40
C GLN H 221 15.27 -73.58 19.75
N PHE H 222 15.95 -74.27 18.82
CA PHE H 222 17.33 -74.67 19.06
C PHE H 222 18.24 -73.44 19.03
N CYS H 223 18.26 -72.72 17.92
CA CYS H 223 18.94 -71.43 17.82
C CYS H 223 18.06 -70.39 17.12
N PRO H 224 17.03 -69.89 17.82
CA PRO H 224 16.54 -68.53 17.53
C PRO H 224 17.35 -67.45 18.23
N CYS H 225 18.53 -67.82 18.73
CA CYS H 225 19.51 -66.94 19.38
C CYS H 225 19.12 -66.53 20.79
N ILE H 226 18.11 -67.18 21.36
CA ILE H 226 17.72 -66.91 22.76
C ILE H 226 18.37 -67.99 23.60
N MET H 227 19.60 -67.70 24.05
CA MET H 227 20.33 -68.61 24.92
C MET H 227 21.02 -67.82 26.03
N ARG H 228 21.35 -68.54 27.11
CA ARG H 228 22.15 -68.01 28.23
C ARG H 228 21.44 -66.80 28.79
N ASN H 229 22.07 -65.62 28.83
CA ASN H 229 21.39 -64.42 29.29
C ASN H 229 20.28 -64.05 28.31
N GLN H 230 19.20 -63.47 28.85
CA GLN H 230 18.00 -63.15 28.09
C GLN H 230 17.42 -64.41 27.44
N TYR H 231 16.99 -65.33 28.28
CA TYR H 231 16.37 -66.57 27.83
C TYR H 231 15.04 -66.75 28.57
N SER H 232 14.03 -67.19 27.83
CA SER H 232 12.68 -67.43 28.38
C SER H 232 12.12 -66.18 29.05
N VAL H 256 6.05 -52.67 22.69
CA VAL H 256 4.59 -52.68 22.56
C VAL H 256 4.20 -53.00 21.11
N ASN H 257 3.09 -53.70 20.94
CA ASN H 257 2.61 -54.05 19.62
C ASN H 257 2.06 -52.82 18.91
N GLY H 258 1.91 -52.92 17.59
CA GLY H 258 1.38 -51.86 16.78
C GLY H 258 2.44 -51.03 16.07
N VAL H 259 3.69 -51.15 16.47
CA VAL H 259 4.81 -50.44 15.84
C VAL H 259 5.73 -51.47 15.23
N ASP H 260 6.09 -51.28 13.96
CA ASP H 260 6.89 -52.23 13.21
C ASP H 260 8.01 -51.49 12.48
N LEU H 261 9.25 -51.79 12.81
CA LEU H 261 10.41 -51.22 12.15
C LEU H 261 10.82 -52.07 10.95
N THR H 262 9.86 -52.37 10.08
CA THR H 262 10.16 -53.25 8.95
C THR H 262 10.96 -52.53 7.87
N LYS H 263 10.69 -51.25 7.66
CA LYS H 263 11.29 -50.47 6.59
C LYS H 263 11.85 -49.17 7.14
N GLY H 264 12.56 -49.26 8.26
CA GLY H 264 13.11 -48.06 8.86
C GLY H 264 14.27 -48.28 9.80
N TYR H 265 15.17 -47.29 9.84
CA TYR H 265 16.28 -47.25 10.79
C TYR H 265 16.10 -46.05 11.70
N PRO H 266 16.14 -46.22 13.03
CA PRO H 266 15.89 -45.09 13.92
C PRO H 266 16.88 -43.97 13.70
N LYS H 267 16.38 -42.73 13.76
CA LYS H 267 17.24 -41.58 13.57
C LYS H 267 18.28 -41.49 14.69
N ASN H 268 17.85 -41.56 15.93
CA ASN H 268 18.73 -41.63 17.09
C ASN H 268 18.68 -43.05 17.61
N GLU H 269 19.84 -43.71 17.62
CA GLU H 269 19.93 -45.13 17.94
C GLU H 269 20.27 -45.30 19.41
N THR H 270 19.43 -46.04 20.14
CA THR H 270 19.56 -46.23 21.58
C THR H 270 19.44 -47.70 21.94
N ARG H 271 20.19 -48.56 21.25
CA ARG H 271 20.11 -49.98 21.48
C ARG H 271 21.49 -50.59 21.23
N ARG H 272 21.68 -51.82 21.73
CA ARG H 272 22.97 -52.47 21.71
C ARG H 272 23.07 -53.49 20.59
N ILE H 273 24.31 -53.81 20.23
CA ILE H 273 24.60 -54.77 19.18
C ILE H 273 24.82 -56.15 19.80
N LYS H 274 24.59 -57.19 19.00
CA LYS H 274 25.04 -58.54 19.35
C LYS H 274 26.48 -58.51 19.84
N ARG H 275 26.76 -59.35 20.83
CA ARG H 275 28.12 -59.54 21.31
C ARG H 275 28.45 -61.01 21.13
N ALA H 276 28.95 -61.35 19.94
CA ALA H 276 29.31 -62.71 19.60
C ALA H 276 30.70 -62.73 18.99
N ASN H 277 31.41 -63.84 19.17
CA ASN H 277 32.75 -63.96 18.62
C ASN H 277 32.71 -63.85 17.11
N ARG H 278 33.67 -63.09 16.56
CA ARG H 278 33.77 -62.87 15.13
C ARG H 278 35.12 -63.34 14.58
N ALA H 279 35.83 -64.15 15.35
CA ALA H 279 37.15 -64.61 14.95
C ALA H 279 37.07 -65.43 13.67
N GLY H 280 38.06 -65.24 12.80
CA GLY H 280 38.08 -65.97 11.54
C GLY H 280 39.14 -65.43 10.60
N THR H 281 38.77 -65.38 9.33
CA THR H 281 39.66 -64.92 8.27
C THR H 281 38.84 -64.04 7.32
N ARG H 282 39.52 -63.27 6.48
CA ARG H 282 38.83 -62.61 5.39
C ARG H 282 38.29 -63.67 4.46
N GLY H 283 36.98 -63.89 4.48
CA GLY H 283 36.41 -65.06 3.86
C GLY H 283 36.50 -66.25 4.80
N PHE H 284 36.08 -67.41 4.30
CA PHE H 284 36.04 -68.63 5.09
C PHE H 284 35.22 -68.43 6.36
N ARG H 285 34.14 -67.68 6.26
CA ARG H 285 33.30 -67.36 7.40
C ARG H 285 31.88 -67.81 7.14
N ALA H 286 31.28 -68.49 8.13
CA ALA H 286 29.99 -69.16 8.07
C ALA H 286 28.86 -68.18 8.29
N PRO H 287 27.68 -68.47 7.71
CA PRO H 287 26.53 -67.59 7.92
C PRO H 287 26.17 -67.44 9.38
N GLU H 288 26.40 -68.47 10.18
CA GLU H 288 26.20 -68.39 11.62
C GLU H 288 26.92 -67.18 12.20
N VAL H 289 28.24 -67.15 12.09
CA VAL H 289 29.00 -66.06 12.67
C VAL H 289 28.85 -64.78 11.84
N LEU H 290 28.61 -64.92 10.53
CA LEU H 290 28.54 -63.74 9.68
C LEU H 290 27.42 -62.81 10.10
N MET H 291 26.25 -63.36 10.41
CA MET H 291 25.14 -62.58 10.91
C MET H 291 25.11 -62.51 12.43
N LYS H 292 26.25 -62.81 13.08
CA LYS H 292 26.38 -62.71 14.52
C LYS H 292 25.34 -63.58 15.22
N CYS H 293 24.98 -64.69 14.56
CA CYS H 293 23.99 -65.60 15.10
C CYS H 293 24.54 -66.28 16.35
N GLY H 294 23.74 -66.29 17.42
CA GLY H 294 24.22 -66.76 18.70
C GLY H 294 24.45 -68.25 18.73
N ALA H 295 25.19 -68.69 19.75
CA ALA H 295 25.56 -70.09 19.93
C ALA H 295 26.21 -70.66 18.67
N GLN H 296 27.37 -70.10 18.32
CA GLN H 296 28.12 -70.60 17.18
C GLN H 296 28.51 -72.06 17.43
N SER H 297 28.24 -72.90 16.44
CA SER H 297 28.44 -74.33 16.57
C SER H 297 29.72 -74.76 15.87
N THR H 298 30.07 -76.02 16.04
CA THR H 298 31.26 -76.59 15.42
C THR H 298 31.13 -76.57 13.90
N LYS H 299 29.90 -76.58 13.40
CA LYS H 299 29.67 -76.75 11.98
C LYS H 299 30.07 -75.54 11.16
N ILE H 300 30.38 -74.41 11.81
CA ILE H 300 31.03 -73.34 11.07
C ILE H 300 32.33 -73.84 10.47
N ASP H 301 32.99 -74.77 11.17
CA ASP H 301 34.23 -75.33 10.65
C ASP H 301 34.00 -76.11 9.37
N ILE H 302 32.96 -76.95 9.33
CA ILE H 302 32.71 -77.72 8.13
C ILE H 302 32.21 -76.81 7.01
N TRP H 303 31.53 -75.72 7.36
CA TRP H 303 31.21 -74.72 6.34
C TRP H 303 32.48 -74.17 5.70
N SER H 304 33.46 -73.80 6.53
CA SER H 304 34.73 -73.32 6.00
C SER H 304 35.41 -74.41 5.17
N VAL H 305 35.27 -75.66 5.59
CA VAL H 305 35.82 -76.77 4.83
C VAL H 305 35.19 -76.81 3.44
N GLY H 306 33.87 -76.68 3.37
CA GLY H 306 33.21 -76.66 2.08
C GLY H 306 33.63 -75.48 1.23
N VAL H 307 33.88 -74.34 1.86
CA VAL H 307 34.37 -73.18 1.13
C VAL H 307 35.72 -73.49 0.50
N ILE H 308 36.61 -74.11 1.28
CA ILE H 308 37.91 -74.51 0.75
C ILE H 308 37.73 -75.50 -0.40
N LEU H 309 36.83 -76.45 -0.22
CA LEU H 309 36.55 -77.44 -1.27
C LEU H 309 36.12 -76.76 -2.56
N LEU H 310 35.19 -75.81 -2.46
CA LEU H 310 34.72 -75.13 -3.65
C LEU H 310 35.82 -74.28 -4.26
N SER H 311 36.72 -73.75 -3.44
CA SER H 311 37.85 -72.99 -3.98
C SER H 311 38.69 -73.85 -4.92
N LEU H 312 38.87 -75.13 -4.56
CA LEU H 312 39.55 -76.04 -5.46
C LEU H 312 38.79 -76.22 -6.76
N LEU H 313 37.46 -76.36 -6.67
CA LEU H 313 36.63 -76.55 -7.84
C LEU H 313 36.29 -75.18 -8.42
N GLY H 314 37.20 -74.67 -9.26
CA GLY H 314 37.03 -73.36 -9.84
C GLY H 314 38.35 -72.62 -9.93
N ARG H 315 39.33 -73.10 -9.17
CA ARG H 315 40.70 -72.57 -9.24
C ARG H 315 40.74 -71.08 -8.90
N ARG H 316 39.95 -70.69 -7.90
CA ARG H 316 39.94 -69.31 -7.41
C ARG H 316 40.38 -69.33 -5.96
N PHE H 317 41.57 -68.78 -5.69
CA PHE H 317 42.09 -68.79 -4.33
C PHE H 317 41.36 -67.76 -3.47
N PRO H 318 41.36 -66.46 -3.82
CA PRO H 318 40.61 -65.53 -2.96
C PRO H 318 39.11 -65.65 -3.24
N MET H 319 38.53 -66.77 -2.80
CA MET H 319 37.19 -67.12 -3.24
C MET H 319 36.16 -66.10 -2.77
N PHE H 320 36.27 -65.62 -1.54
CA PHE H 320 35.32 -64.68 -0.97
C PHE H 320 36.08 -63.49 -0.42
N GLN H 321 36.33 -62.50 -1.29
CA GLN H 321 36.97 -61.26 -0.86
C GLN H 321 35.94 -60.42 -0.13
N SER H 322 35.86 -60.58 1.19
CA SER H 322 34.89 -59.85 2.01
C SER H 322 35.66 -58.84 2.86
N LEU H 323 35.56 -57.57 2.49
CA LEU H 323 36.21 -56.52 3.27
C LEU H 323 35.49 -56.24 4.58
N ASP H 324 34.27 -56.76 4.73
CA ASP H 324 33.51 -56.60 5.97
C ASP H 324 32.44 -57.69 6.00
N ASP H 325 31.57 -57.62 7.01
CA ASP H 325 30.45 -58.53 7.09
C ASP H 325 29.49 -58.32 5.92
N ALA H 326 29.27 -57.06 5.54
CA ALA H 326 28.32 -56.77 4.47
C ALA H 326 28.75 -57.42 3.16
N ASP H 327 30.05 -57.38 2.86
CA ASP H 327 30.53 -58.00 1.63
C ASP H 327 30.25 -59.50 1.62
N SER H 328 30.52 -60.18 2.73
CA SER H 328 30.26 -61.61 2.81
C SER H 328 28.78 -61.91 2.65
N LEU H 329 27.93 -61.14 3.34
CA LEU H 329 26.49 -61.39 3.25
C LEU H 329 25.98 -61.18 1.82
N LEU H 330 26.43 -60.11 1.17
CA LEU H 330 25.96 -59.87 -0.20
C LEU H 330 26.51 -60.92 -1.15
N GLU H 331 27.74 -61.39 -0.95
CA GLU H 331 28.28 -62.45 -1.79
C GLU H 331 27.47 -63.73 -1.63
N LEU H 332 27.10 -64.06 -0.39
CA LEU H 332 26.26 -65.23 -0.16
C LEU H 332 24.90 -65.05 -0.82
N CYS H 333 24.34 -63.84 -0.76
CA CYS H 333 23.09 -63.56 -1.45
C CYS H 333 23.23 -63.79 -2.95
N THR H 334 24.34 -63.36 -3.52
CA THR H 334 24.58 -63.57 -4.95
C THR H 334 24.62 -65.06 -5.28
N ILE H 335 25.38 -65.81 -4.50
CA ILE H 335 25.60 -67.22 -4.83
C ILE H 335 24.30 -68.01 -4.66
N PHE H 336 23.57 -67.76 -3.57
CA PHE H 336 22.42 -68.58 -3.23
C PHE H 336 21.10 -67.92 -3.58
N GLY H 337 20.88 -66.71 -3.07
CA GLY H 337 19.62 -66.02 -3.35
C GLY H 337 19.13 -65.23 -2.14
N TRP H 338 18.45 -64.12 -2.42
CA TRP H 338 17.93 -63.29 -1.33
C TRP H 338 16.96 -64.07 -0.45
N LYS H 339 16.07 -64.83 -1.08
CA LYS H 339 15.04 -65.55 -0.32
C LYS H 339 15.66 -66.58 0.60
N GLU H 340 16.68 -67.30 0.14
CA GLU H 340 17.31 -68.33 0.97
C GLU H 340 17.99 -67.71 2.18
N LEU H 341 18.73 -66.63 1.98
CA LEU H 341 19.39 -65.96 3.11
C LEU H 341 18.38 -65.39 4.07
N ARG H 342 17.29 -64.82 3.56
CA ARG H 342 16.22 -64.34 4.42
C ARG H 342 15.61 -65.49 5.21
N LYS H 343 15.45 -66.65 4.58
CA LYS H 343 14.93 -67.83 5.27
C LYS H 343 15.85 -68.26 6.40
N CYS H 344 17.17 -68.25 6.15
CA CYS H 344 18.12 -68.58 7.20
C CYS H 344 18.04 -67.60 8.36
N ALA H 345 17.98 -66.30 8.04
CA ALA H 345 17.88 -65.30 9.09
C ALA H 345 16.61 -65.49 9.91
N ALA H 346 15.49 -65.77 9.24
CA ALA H 346 14.25 -66.03 9.95
C ALA H 346 14.36 -67.27 10.82
N LEU H 347 15.03 -68.31 10.34
CA LEU H 347 15.30 -69.48 11.16
C LEU H 347 16.05 -69.11 12.42
N HIS H 348 17.01 -68.19 12.32
CA HIS H 348 17.76 -67.74 13.49
C HIS H 348 17.13 -66.53 14.16
N GLY H 349 15.82 -66.36 14.03
CA GLY H 349 15.12 -65.29 14.71
C GLY H 349 15.64 -63.91 14.35
N LEU H 350 15.82 -63.67 13.07
CA LEU H 350 16.48 -62.44 12.62
C LEU H 350 15.78 -61.93 11.37
N GLY H 351 15.34 -60.67 11.42
CA GLY H 351 14.75 -60.04 10.25
C GLY H 351 15.81 -59.57 9.28
N PHE H 352 15.47 -59.62 8.00
CA PHE H 352 16.40 -59.24 6.94
C PHE H 352 15.60 -58.75 5.74
N GLU H 353 16.14 -57.73 5.06
CA GLU H 353 15.47 -57.16 3.91
C GLU H 353 16.50 -56.52 2.99
N ALA H 354 16.25 -56.61 1.69
CA ALA H 354 17.11 -55.98 0.69
C ALA H 354 16.29 -55.77 -0.57
N SER H 355 16.30 -54.54 -1.08
CA SER H 355 15.55 -54.23 -2.29
C SER H 355 16.25 -53.10 -3.03
N GLY H 356 15.96 -53.01 -4.32
CA GLY H 356 16.57 -52.03 -5.19
C GLY H 356 17.87 -52.46 -5.81
N LEU H 357 18.61 -53.35 -5.15
CA LEU H 357 19.87 -53.82 -5.70
C LEU H 357 19.63 -54.68 -6.93
N ILE H 358 20.60 -54.64 -7.85
CA ILE H 358 20.53 -55.39 -9.10
C ILE H 358 21.48 -56.58 -9.00
N TRP H 359 20.98 -57.76 -9.32
CA TRP H 359 21.80 -58.97 -9.34
C TRP H 359 21.74 -59.59 -10.72
N ASP H 360 22.88 -60.06 -11.21
CA ASP H 360 22.90 -60.77 -12.48
C ASP H 360 22.05 -62.04 -12.41
N LYS H 361 22.05 -62.70 -11.24
CA LYS H 361 21.23 -63.89 -11.00
C LYS H 361 20.19 -63.54 -9.95
N PRO H 362 19.04 -62.97 -10.36
CA PRO H 362 18.03 -62.61 -9.36
C PRO H 362 17.40 -63.83 -8.74
N ASN H 363 17.76 -64.11 -7.49
CA ASN H 363 17.45 -65.39 -6.86
C ASN H 363 17.91 -66.55 -7.74
N GLY H 364 19.02 -66.33 -8.45
CA GLY H 364 19.51 -67.28 -9.42
C GLY H 364 20.35 -68.38 -8.80
N TYR H 365 20.96 -69.17 -9.67
CA TYR H 365 21.78 -70.32 -9.29
C TYR H 365 21.01 -71.32 -8.46
N SER H 366 19.68 -71.28 -8.52
CA SER H 366 18.86 -72.26 -7.82
C SER H 366 19.03 -73.66 -8.39
N ASN H 367 19.54 -73.77 -9.62
CA ASN H 367 19.93 -75.08 -10.15
C ASN H 367 20.94 -75.75 -9.22
N GLY H 368 21.85 -74.97 -8.66
CA GLY H 368 22.86 -75.50 -7.76
C GLY H 368 24.20 -74.85 -8.00
N LEU H 369 25.21 -75.26 -7.23
CA LEU H 369 26.55 -74.72 -7.42
C LEU H 369 27.14 -75.15 -8.74
N LYS H 370 26.54 -76.15 -9.40
CA LYS H 370 27.08 -76.64 -10.67
C LYS H 370 27.11 -75.53 -11.71
N GLU H 371 26.03 -74.75 -11.80
CA GLU H 371 25.99 -73.66 -12.77
C GLU H 371 27.04 -72.60 -12.43
N PHE H 372 27.27 -72.36 -11.15
CA PHE H 372 28.22 -71.34 -10.75
C PHE H 372 29.64 -71.73 -11.18
N VAL H 373 30.15 -72.85 -10.68
CA VAL H 373 31.47 -73.29 -11.12
C VAL H 373 31.47 -73.47 -12.63
N TYR H 374 30.30 -73.75 -13.21
CA TYR H 374 30.21 -73.94 -14.65
C TYR H 374 30.58 -72.67 -15.40
N ASP H 375 29.98 -71.54 -15.05
CA ASP H 375 30.32 -70.35 -15.82
C ASP H 375 31.66 -69.76 -15.39
N LEU H 376 32.08 -69.98 -14.14
CA LEU H 376 33.46 -69.70 -13.77
C LEU H 376 34.44 -70.38 -14.72
N LEU H 377 34.25 -71.69 -14.94
CA LEU H 377 35.13 -72.39 -15.87
C LEU H 377 34.84 -72.01 -17.32
N ASN H 378 33.61 -71.59 -17.61
CA ASN H 378 33.24 -71.22 -18.97
C ASN H 378 34.03 -70.02 -19.44
N LYS H 379 34.12 -68.99 -18.61
CA LYS H 379 34.85 -67.80 -19.03
C LYS H 379 36.34 -68.08 -19.17
N GLU H 380 36.89 -68.93 -18.29
CA GLU H 380 38.28 -69.34 -18.45
C GLU H 380 38.48 -70.11 -19.75
N CYS H 381 37.53 -70.98 -20.10
CA CYS H 381 37.59 -71.72 -21.35
C CYS H 381 37.58 -70.78 -22.55
N THR H 382 36.66 -69.81 -22.55
CA THR H 382 36.59 -68.87 -23.66
C THR H 382 37.89 -68.07 -23.77
N ILE H 383 38.42 -67.62 -22.64
CA ILE H 383 39.68 -66.89 -22.66
C ILE H 383 40.83 -67.83 -22.97
N GLY H 384 40.88 -68.98 -22.30
CA GLY H 384 42.00 -69.89 -22.45
C GLY H 384 43.07 -69.67 -21.40
N THR H 385 42.64 -69.35 -20.18
CA THR H 385 43.60 -69.11 -19.10
C THR H 385 44.38 -70.37 -18.75
N PHE H 386 43.70 -71.51 -18.68
CA PHE H 386 44.32 -72.72 -18.18
C PHE H 386 45.30 -73.30 -19.19
N PRO H 387 46.30 -74.04 -18.73
CA PRO H 387 47.21 -74.73 -19.65
C PRO H 387 46.55 -75.93 -20.30
N GLU H 388 47.23 -76.48 -21.30
CA GLU H 388 46.74 -77.66 -21.99
C GLU H 388 46.60 -78.84 -21.04
N TYR H 389 47.51 -78.96 -20.07
CA TYR H 389 47.54 -80.08 -19.16
C TYR H 389 46.75 -79.83 -17.88
N SER H 390 46.07 -78.70 -17.79
CA SER H 390 45.30 -78.39 -16.59
C SER H 390 44.21 -79.43 -16.37
N VAL H 391 44.12 -79.93 -15.13
CA VAL H 391 43.14 -80.96 -14.81
C VAL H 391 41.74 -80.40 -14.65
N ALA H 392 41.57 -79.08 -14.81
CA ALA H 392 40.24 -78.51 -14.71
C ALA H 392 39.39 -78.86 -15.93
N PHE H 393 40.03 -79.21 -17.04
CA PHE H 393 39.28 -79.49 -18.27
C PHE H 393 38.39 -80.72 -18.12
N GLU H 394 38.83 -81.71 -17.36
CA GLU H 394 37.99 -82.86 -17.11
C GLU H 394 36.73 -82.46 -16.33
N THR H 395 36.89 -81.58 -15.35
CA THR H 395 35.73 -81.05 -14.65
C THR H 395 34.84 -80.26 -15.59
N PHE H 396 35.45 -79.49 -16.49
CA PHE H 396 34.69 -78.72 -17.47
C PHE H 396 33.85 -79.65 -18.33
N GLY H 397 34.44 -80.74 -18.80
CA GLY H 397 33.69 -81.72 -19.56
C GLY H 397 32.60 -82.38 -18.73
N PHE H 398 32.87 -82.61 -17.44
CA PHE H 398 31.87 -83.20 -16.57
C PHE H 398 30.64 -82.31 -16.49
N LEU H 399 30.85 -81.02 -16.28
CA LEU H 399 29.71 -80.10 -16.18
C LEU H 399 29.05 -79.93 -17.54
N GLN H 400 29.82 -79.95 -18.63
CA GLN H 400 29.23 -79.91 -19.96
C GLN H 400 28.28 -81.08 -20.17
N GLN H 401 28.70 -82.27 -19.76
CA GLN H 401 27.89 -83.45 -19.97
C GLN H 401 26.67 -83.45 -19.05
N GLU H 402 26.86 -83.13 -17.77
CA GLU H 402 25.77 -83.28 -16.82
C GLU H 402 24.75 -82.15 -16.98
N LEU H 403 25.21 -80.94 -17.29
CA LEU H 403 24.29 -79.83 -17.50
C LEU H 403 23.57 -79.91 -18.83
N HIS H 404 23.94 -80.87 -19.69
CA HIS H 404 23.38 -81.01 -21.04
C HIS H 404 23.60 -79.75 -21.86
N ASP H 405 24.72 -79.06 -21.61
CA ASP H 405 25.01 -77.79 -22.26
C ASP H 405 26.40 -77.80 -22.89
N ASP H 424 44.41 -96.69 -25.93
CA ASP H 424 43.18 -97.40 -26.28
C ASP H 424 41.98 -96.79 -25.59
N ALA H 425 40.81 -96.92 -26.21
CA ALA H 425 39.62 -96.21 -25.74
C ALA H 425 39.05 -96.81 -24.47
N TYR H 426 39.21 -98.12 -24.27
CA TYR H 426 38.59 -98.78 -23.13
C TYR H 426 39.05 -98.16 -21.80
N GLU H 427 40.36 -98.02 -21.64
CA GLU H 427 40.88 -97.38 -20.44
C GLU H 427 40.37 -95.95 -20.33
N LEU H 428 40.23 -95.28 -21.47
CA LEU H 428 39.68 -93.92 -21.47
C LEU H 428 38.26 -93.92 -20.91
N LYS H 429 37.44 -94.88 -21.35
CA LYS H 429 36.06 -94.88 -20.87
C LYS H 429 35.98 -95.24 -19.40
N LYS H 430 36.86 -96.14 -18.93
CA LYS H 430 36.90 -96.44 -17.50
C LYS H 430 37.28 -95.21 -16.70
N TYR H 431 38.31 -94.49 -17.17
CA TYR H 431 38.79 -93.30 -16.48
C TYR H 431 37.71 -92.23 -16.42
N GLN H 432 37.04 -92.00 -17.55
CA GLN H 432 35.99 -90.98 -17.56
C GLN H 432 34.81 -91.40 -16.70
N GLU H 433 34.48 -92.70 -16.65
CA GLU H 433 33.41 -93.15 -15.77
C GLU H 433 33.76 -92.86 -14.31
N GLU H 434 34.98 -93.18 -13.92
CA GLU H 434 35.37 -92.92 -12.54
C GLU H 434 35.37 -91.43 -12.22
N ILE H 435 35.79 -90.59 -13.16
CA ILE H 435 35.77 -89.16 -12.85
C ILE H 435 34.33 -88.63 -12.86
N TRP H 436 33.45 -89.21 -13.68
CA TRP H 436 32.02 -88.87 -13.55
C TRP H 436 31.56 -89.11 -12.13
N SER H 437 31.84 -90.31 -11.61
CA SER H 437 31.39 -90.64 -10.25
C SER H 437 32.02 -89.71 -9.23
N ASP H 438 33.31 -89.41 -9.37
CA ASP H 438 33.99 -88.59 -8.39
C ASP H 438 33.46 -87.16 -8.38
N HIS H 439 33.31 -86.56 -9.57
CA HIS H 439 32.74 -85.21 -9.63
C HIS H 439 31.33 -85.19 -9.11
N TYR H 440 30.53 -86.21 -9.47
CA TYR H 440 29.19 -86.35 -8.93
C TYR H 440 29.19 -86.25 -7.41
N TRP H 441 29.92 -87.17 -6.78
CA TRP H 441 29.91 -87.22 -5.32
C TRP H 441 30.49 -85.96 -4.70
N CYS H 442 31.48 -85.36 -5.33
CA CYS H 442 31.99 -84.08 -4.83
C CYS H 442 30.90 -83.02 -4.83
N PHE H 443 30.10 -82.96 -5.89
CA PHE H 443 29.07 -81.94 -5.96
C PHE H 443 27.88 -82.24 -5.06
N GLN H 444 27.61 -83.50 -4.75
CA GLN H 444 26.57 -83.78 -3.77
C GLN H 444 27.08 -83.80 -2.33
N VAL H 445 28.39 -83.63 -2.10
CA VAL H 445 28.82 -83.39 -0.72
C VAL H 445 28.98 -81.88 -0.51
N LEU H 446 29.25 -81.15 -1.59
CA LEU H 446 29.29 -79.69 -1.49
C LEU H 446 27.96 -79.15 -1.00
N GLU H 447 26.87 -79.52 -1.68
CA GLU H 447 25.56 -79.10 -1.23
C GLU H 447 25.19 -79.72 0.11
N GLN H 448 25.78 -80.87 0.44
CA GLN H 448 25.56 -81.45 1.76
C GLN H 448 26.11 -80.55 2.86
N CYS H 449 27.28 -79.96 2.63
CA CYS H 449 27.85 -79.07 3.63
C CYS H 449 27.27 -77.66 3.52
N PHE H 450 27.13 -77.14 2.30
CA PHE H 450 26.57 -75.81 2.08
C PHE H 450 25.05 -75.85 2.26
N GLU H 451 24.63 -75.79 3.52
CA GLU H 451 23.25 -75.52 3.87
C GLU H 451 23.24 -74.68 5.13
N MET H 452 22.38 -73.67 5.15
CA MET H 452 22.40 -72.70 6.24
C MET H 452 21.96 -73.32 7.56
N ASP H 453 21.15 -74.37 7.51
CA ASP H 453 20.64 -74.96 8.74
C ASP H 453 21.75 -75.72 9.46
N PRO H 454 22.10 -75.34 10.68
CA PRO H 454 23.14 -76.07 11.41
C PRO H 454 22.69 -77.46 11.79
N GLN H 455 21.51 -77.56 12.41
CA GLN H 455 21.01 -78.85 12.83
C GLN H 455 20.88 -79.80 11.64
N LYS H 456 20.45 -79.29 10.50
CA LYS H 456 20.40 -80.11 9.30
C LYS H 456 21.79 -80.37 8.73
N ARG H 457 22.72 -79.44 8.92
CA ARG H 457 24.08 -79.64 8.42
C ARG H 457 24.71 -80.86 9.08
N SER H 458 25.10 -81.84 8.25
CA SER H 458 25.60 -83.10 8.76
C SER H 458 26.97 -82.92 9.40
N SER H 459 27.23 -83.72 10.43
CA SER H 459 28.47 -83.60 11.18
C SER H 459 29.65 -84.15 10.39
N ALA H 460 30.86 -83.93 10.93
CA ALA H 460 32.07 -84.33 10.23
C ALA H 460 32.11 -85.83 10.00
N GLU H 461 31.69 -86.63 10.99
CA GLU H 461 31.57 -88.06 10.80
C GLU H 461 30.58 -88.37 9.68
N ASP H 462 29.48 -87.64 9.64
CA ASP H 462 28.50 -87.83 8.58
C ASP H 462 29.11 -87.49 7.22
N LEU H 463 29.92 -86.43 7.16
CA LEU H 463 30.64 -86.13 5.92
C LEU H 463 31.55 -87.28 5.53
N LEU H 464 32.27 -87.86 6.51
CA LEU H 464 33.18 -88.95 6.19
C LEU H 464 32.43 -90.20 5.76
N LYS H 465 31.19 -90.36 6.21
CA LYS H 465 30.39 -91.51 5.83
C LYS H 465 29.81 -91.41 4.43
N THR H 466 30.25 -90.43 3.63
CA THR H 466 29.70 -90.26 2.30
C THR H 466 30.15 -91.41 1.39
N PRO H 467 29.36 -91.72 0.36
CA PRO H 467 29.82 -92.68 -0.65
C PRO H 467 31.06 -92.21 -1.38
N PHE H 468 31.34 -90.91 -1.38
CA PHE H 468 32.57 -90.42 -1.99
C PHE H 468 33.81 -90.92 -1.24
N PHE H 469 33.69 -91.14 0.06
CA PHE H 469 34.82 -91.55 0.88
C PHE H 469 34.79 -93.07 1.06
N ASN H 470 35.10 -93.76 -0.05
CA ASN H 470 35.22 -95.21 -0.04
C ASN H 470 36.63 -95.67 0.26
N GLU H 471 37.59 -94.75 0.34
CA GLU H 471 38.97 -95.12 0.59
C GLU H 471 39.25 -95.36 2.06
N LEU H 472 38.36 -94.89 2.95
CA LEU H 472 38.44 -95.30 4.34
C LEU H 472 37.96 -96.72 4.54
N ASN H 473 37.16 -97.25 3.61
CA ASN H 473 36.62 -98.60 3.74
C ASN H 473 37.70 -99.68 3.69
N GLU H 474 38.91 -99.34 3.23
CA GLU H 474 39.98 -100.32 3.14
C GLU H 474 40.47 -100.78 4.50
N ASN H 475 40.06 -100.14 5.59
CA ASN H 475 40.44 -100.56 6.92
C ASN H 475 40.01 -101.99 7.20
N GLU I 111 -19.49 -84.47 9.48
CA GLU I 111 -18.84 -84.65 8.19
C GLU I 111 -19.26 -83.55 7.21
N TRP I 112 -20.08 -82.61 7.68
CA TRP I 112 -20.49 -81.50 6.82
C TRP I 112 -19.32 -80.58 6.50
N GLN I 113 -18.37 -80.44 7.42
CA GLN I 113 -17.19 -79.64 7.14
C GLN I 113 -16.42 -80.20 5.94
N THR I 114 -16.26 -81.53 5.90
CA THR I 114 -15.66 -82.15 4.73
C THR I 114 -16.52 -81.92 3.49
N ASN I 115 -17.85 -81.98 3.66
CA ASN I 115 -18.74 -81.61 2.56
C ASN I 115 -18.58 -80.14 2.19
N TRP I 116 -18.30 -79.29 3.18
CA TRP I 116 -18.11 -77.87 2.96
C TRP I 116 -16.64 -77.47 2.91
N LYS I 117 -15.72 -78.43 2.91
CA LYS I 117 -14.33 -78.19 2.53
C LYS I 117 -13.95 -78.89 1.24
N LYS I 118 -14.95 -79.30 0.46
CA LYS I 118 -14.70 -80.12 -0.72
C LYS I 118 -14.41 -79.28 -1.96
N ILE I 119 -15.35 -78.40 -2.34
CA ILE I 119 -15.26 -77.68 -3.60
C ILE I 119 -15.27 -76.17 -3.44
N MET I 120 -15.56 -75.66 -2.24
CA MET I 120 -15.51 -74.21 -2.08
C MET I 120 -14.10 -73.64 -2.17
N LYS I 121 -13.07 -74.47 -1.99
CA LYS I 121 -11.73 -74.04 -2.37
C LYS I 121 -11.60 -73.90 -3.88
N ARG I 122 -12.51 -74.54 -4.60
CA ARG I 122 -12.54 -74.43 -6.08
C ARG I 122 -13.71 -73.51 -6.47
N ASP I 123 -14.68 -73.30 -5.57
CA ASP I 123 -15.80 -72.37 -5.87
C ASP I 123 -15.19 -70.97 -6.00
N SER I 124 -15.57 -70.22 -7.04
CA SER I 124 -14.92 -68.91 -7.28
C SER I 124 -15.91 -67.76 -7.15
N ARG I 125 -17.14 -68.04 -6.74
CA ARG I 125 -18.14 -66.94 -6.74
C ARG I 125 -18.46 -66.59 -5.29
N ILE I 126 -18.10 -65.38 -4.83
CA ILE I 126 -18.49 -64.94 -3.45
C ILE I 126 -19.11 -63.53 -3.52
N TYR I 127 -20.25 -63.31 -2.86
CA TYR I 127 -20.84 -61.95 -2.80
C TYR I 127 -21.49 -61.77 -1.42
N PHE I 128 -21.60 -60.53 -0.94
CA PHE I 128 -22.30 -60.30 0.34
C PHE I 128 -23.26 -59.10 0.19
N ASP I 129 -24.53 -59.29 0.55
CA ASP I 129 -25.51 -58.20 0.41
C ASP I 129 -25.30 -57.15 1.49
N ILE I 130 -25.51 -55.89 1.11
CA ILE I 130 -25.23 -54.75 1.98
C ILE I 130 -26.50 -54.15 2.56
N THR I 131 -27.49 -53.87 1.71
CA THR I 131 -28.66 -53.13 2.15
C THR I 131 -29.61 -54.01 2.94
N ASP I 132 -30.42 -53.37 3.77
CA ASP I 132 -31.47 -54.04 4.53
C ASP I 132 -32.48 -53.00 4.97
N ASP I 133 -33.65 -53.48 5.40
CA ASP I 133 -34.74 -52.62 5.83
C ASP I 133 -34.97 -52.78 7.34
N VAL I 134 -34.19 -52.03 8.13
CA VAL I 134 -34.30 -52.04 9.57
C VAL I 134 -34.12 -50.61 10.09
N GLU I 135 -34.50 -50.40 11.35
CA GLU I 135 -34.29 -49.14 12.03
C GLU I 135 -32.93 -49.21 12.73
N MET I 136 -31.94 -48.55 12.13
CA MET I 136 -30.56 -48.64 12.60
C MET I 136 -30.02 -47.25 12.89
N ASN I 137 -29.29 -47.12 13.99
CA ASN I 137 -28.74 -45.85 14.43
C ASN I 137 -27.31 -45.69 13.90
N THR I 138 -26.78 -44.47 14.06
CA THR I 138 -25.43 -44.17 13.56
C THR I 138 -24.39 -45.03 14.25
N TYR I 139 -24.45 -45.13 15.57
CA TYR I 139 -23.59 -46.07 16.28
C TYR I 139 -23.92 -47.51 15.90
N ASN I 140 -25.21 -47.81 15.75
CA ASN I 140 -25.62 -49.10 15.22
C ASN I 140 -25.12 -49.29 13.79
N LYS I 141 -25.06 -48.19 13.01
CA LYS I 141 -24.47 -48.28 11.67
C LYS I 141 -22.99 -48.64 11.75
N SER I 142 -22.27 -48.07 12.71
CA SER I 142 -20.84 -48.39 12.85
C SER I 142 -20.65 -49.85 13.30
N LYS I 143 -21.48 -50.32 14.23
CA LYS I 143 -21.41 -51.71 14.64
C LYS I 143 -21.75 -52.63 13.47
N MET I 144 -22.75 -52.26 12.67
CA MET I 144 -23.05 -52.99 11.45
C MET I 144 -21.86 -53.02 10.51
N ASP I 145 -21.17 -51.89 10.35
CA ASP I 145 -20.03 -51.84 9.46
C ASP I 145 -18.91 -52.75 9.94
N LYS I 146 -18.63 -52.75 11.25
CA LYS I 146 -17.55 -53.58 11.75
C LYS I 146 -17.90 -55.06 11.67
N ARG I 147 -19.14 -55.43 12.00
CA ARG I 147 -19.52 -56.84 11.84
C ARG I 147 -19.54 -57.23 10.37
N ARG I 148 -19.88 -56.30 9.48
CA ARG I 148 -19.86 -56.57 8.05
C ARG I 148 -18.44 -56.82 7.56
N ASP I 149 -17.49 -56.02 8.02
CA ASP I 149 -16.10 -56.23 7.60
C ASP I 149 -15.55 -57.52 8.17
N LEU I 150 -15.93 -57.87 9.40
CA LEU I 150 -15.53 -59.16 9.95
C LEU I 150 -16.12 -60.31 9.14
N LEU I 151 -17.39 -60.20 8.76
CA LEU I 151 -18.01 -61.24 7.94
C LEU I 151 -17.34 -61.36 6.58
N LYS I 152 -16.97 -60.22 5.99
CA LYS I 152 -16.24 -60.24 4.72
C LYS I 152 -14.90 -60.94 4.88
N ARG I 153 -14.17 -60.61 5.95
CA ARG I 153 -12.90 -61.26 6.21
C ARG I 153 -13.06 -62.75 6.50
N GLY I 154 -14.23 -63.16 6.98
CA GLY I 154 -14.45 -64.57 7.25
C GLY I 154 -14.26 -65.44 6.02
N PHE I 155 -14.74 -64.96 4.87
CA PHE I 155 -14.55 -65.67 3.61
C PHE I 155 -13.46 -65.06 2.75
N LEU I 156 -12.81 -63.98 3.21
CA LEU I 156 -11.72 -63.39 2.46
C LEU I 156 -10.55 -64.36 2.32
N THR I 157 -10.20 -65.06 3.39
CA THR I 157 -9.07 -65.97 3.40
C THR I 157 -9.48 -67.40 3.03
N LEU I 158 -10.78 -67.65 2.86
CA LEU I 158 -11.24 -69.00 2.55
C LEU I 158 -10.62 -69.53 1.26
N GLY I 159 -10.26 -68.65 0.34
CA GLY I 159 -9.75 -69.05 -0.95
C GLY I 159 -10.74 -68.94 -2.09
N ALA I 160 -12.01 -68.74 -1.79
CA ALA I 160 -13.03 -68.51 -2.81
C ALA I 160 -13.03 -67.03 -3.17
N GLN I 161 -12.92 -66.73 -4.46
CA GLN I 161 -12.82 -65.34 -4.90
C GLN I 161 -14.15 -64.62 -4.67
N ILE I 162 -14.06 -63.35 -4.33
CA ILE I 162 -15.23 -62.53 -4.04
C ILE I 162 -15.52 -61.62 -5.22
N THR I 163 -16.80 -61.35 -5.46
CA THR I 163 -17.24 -60.44 -6.50
C THR I 163 -18.13 -59.37 -5.89
N GLN I 164 -18.17 -58.22 -6.56
CA GLN I 164 -18.90 -57.06 -6.06
C GLN I 164 -20.32 -56.97 -6.59
N PHE I 165 -20.72 -57.88 -7.48
CA PHE I 165 -22.02 -57.79 -8.13
C PHE I 165 -22.86 -59.02 -7.83
N PHE I 166 -24.17 -58.81 -7.75
CA PHE I 166 -25.13 -59.90 -7.58
C PHE I 166 -25.41 -60.53 -8.94
N ASP I 167 -25.09 -61.82 -9.08
CA ASP I 167 -25.29 -62.53 -10.33
C ASP I 167 -25.93 -63.88 -10.03
N THR I 168 -26.60 -64.43 -11.04
CA THR I 168 -27.21 -65.75 -10.89
C THR I 168 -26.18 -66.86 -10.76
N THR I 169 -24.90 -66.54 -10.95
CA THR I 169 -23.85 -67.54 -10.76
C THR I 169 -23.35 -67.61 -9.32
N VAL I 170 -23.36 -66.51 -8.57
CA VAL I 170 -22.70 -66.43 -7.29
C VAL I 170 -23.64 -66.97 -6.22
N THR I 171 -23.32 -68.16 -5.70
CA THR I 171 -24.19 -68.78 -4.70
C THR I 171 -24.17 -68.04 -3.38
N ILE I 172 -23.01 -67.54 -2.96
CA ILE I 172 -22.87 -66.92 -1.65
C ILE I 172 -23.49 -65.54 -1.71
N VAL I 173 -24.61 -65.37 -1.02
CA VAL I 173 -25.28 -64.08 -0.80
C VAL I 173 -25.95 -64.14 0.57
N ILE I 174 -25.62 -63.19 1.44
CA ILE I 174 -26.14 -63.17 2.80
C ILE I 174 -26.76 -61.80 3.08
N THR I 175 -27.99 -61.80 3.58
CA THR I 175 -28.68 -60.57 3.98
C THR I 175 -29.31 -60.80 5.35
N ARG I 176 -29.41 -59.71 6.12
CA ARG I 176 -29.86 -59.82 7.51
C ARG I 176 -31.31 -60.24 7.59
N ARG I 177 -32.19 -59.55 6.87
CA ARG I 177 -33.62 -59.81 6.92
C ARG I 177 -34.12 -60.30 5.58
N SER I 178 -35.35 -60.81 5.58
CA SER I 178 -36.00 -61.34 4.38
C SER I 178 -35.19 -62.46 3.75
N VAL I 179 -34.64 -63.33 4.58
CA VAL I 179 -34.01 -64.55 4.09
C VAL I 179 -35.13 -65.53 3.78
N GLU I 180 -35.62 -65.49 2.54
CA GLU I 180 -36.86 -66.13 2.11
C GLU I 180 -37.97 -65.90 3.13
N ASN I 181 -37.91 -64.75 3.80
CA ASN I 181 -38.84 -64.41 4.88
C ASN I 181 -39.91 -63.41 4.45
N ILE I 182 -39.87 -62.93 3.21
CA ILE I 182 -40.94 -62.06 2.72
C ILE I 182 -42.26 -62.81 2.70
N TYR I 183 -42.22 -64.09 2.30
CA TYR I 183 -43.39 -64.96 2.25
C TYR I 183 -44.43 -64.47 1.24
N LEU I 184 -44.03 -63.56 0.36
CA LEU I 184 -44.93 -62.98 -0.63
C LEU I 184 -44.14 -62.70 -1.89
N LEU I 185 -44.86 -62.50 -2.99
CA LEU I 185 -44.21 -62.19 -4.26
C LEU I 185 -43.65 -60.78 -4.24
N LYS I 186 -42.47 -60.61 -4.84
CA LYS I 186 -41.84 -59.31 -4.98
C LYS I 186 -41.34 -59.16 -6.40
N ASP I 187 -41.25 -57.91 -6.85
CA ASP I 187 -40.96 -57.60 -8.25
C ASP I 187 -39.54 -57.12 -8.49
N THR I 188 -38.97 -56.32 -7.59
CA THR I 188 -37.65 -55.73 -7.79
C THR I 188 -36.70 -56.09 -6.66
N ASP I 189 -36.82 -57.32 -6.15
CA ASP I 189 -35.98 -57.81 -5.06
C ASP I 189 -35.11 -58.95 -5.56
N ILE I 190 -33.81 -58.87 -5.27
CA ILE I 190 -32.93 -60.00 -5.49
C ILE I 190 -33.35 -61.17 -4.62
N LEU I 191 -33.85 -60.89 -3.42
CA LEU I 191 -34.36 -61.94 -2.55
C LEU I 191 -35.64 -62.55 -3.08
N SER I 192 -36.36 -61.83 -3.94
CA SER I 192 -37.49 -62.44 -4.64
C SER I 192 -37.02 -63.45 -5.67
N ARG I 193 -35.89 -63.16 -6.34
CA ARG I 193 -35.32 -64.09 -7.30
C ARG I 193 -34.54 -65.22 -6.64
N ALA I 194 -34.22 -65.07 -5.35
CA ALA I 194 -33.40 -66.08 -4.67
C ALA I 194 -34.07 -67.45 -4.67
N LYS I 195 -35.40 -67.49 -4.61
CA LYS I 195 -36.10 -68.77 -4.68
C LYS I 195 -35.95 -69.40 -6.06
N LYS I 196 -36.22 -68.63 -7.11
CA LYS I 196 -36.25 -69.18 -8.45
C LYS I 196 -34.84 -69.56 -8.91
N ASN I 197 -33.83 -68.81 -8.49
CA ASN I 197 -32.47 -69.13 -8.89
C ASN I 197 -31.80 -70.13 -7.95
N TYR I 198 -32.46 -70.49 -6.84
CA TYR I 198 -31.97 -71.46 -5.86
C TYR I 198 -30.71 -70.98 -5.17
N MET I 199 -30.37 -69.71 -5.32
CA MET I 199 -29.03 -69.28 -4.95
C MET I 199 -29.03 -68.96 -3.46
N LYS I 200 -28.12 -69.61 -2.72
CA LYS I 200 -28.33 -69.77 -1.28
C LYS I 200 -28.27 -68.44 -0.56
N VAL I 201 -29.07 -68.31 0.50
CA VAL I 201 -29.16 -67.09 1.30
C VAL I 201 -29.30 -67.48 2.77
N TRP I 202 -28.56 -66.77 3.62
CA TRP I 202 -28.66 -66.89 5.07
C TRP I 202 -28.80 -65.48 5.65
N SER I 203 -28.94 -65.41 6.98
CA SER I 203 -28.86 -64.16 7.70
C SER I 203 -27.49 -64.03 8.37
N TYR I 204 -27.18 -62.82 8.82
CA TYR I 204 -25.91 -62.61 9.52
C TYR I 204 -25.87 -63.41 10.81
N GLU I 205 -26.99 -63.44 11.54
CA GLU I 205 -27.10 -64.37 12.66
C GLU I 205 -27.01 -65.81 12.18
N LYS I 206 -27.68 -66.13 11.06
CA LYS I 206 -27.52 -67.44 10.47
C LYS I 206 -26.11 -67.63 9.91
N ALA I 207 -25.46 -66.55 9.48
CA ALA I 207 -24.07 -66.64 9.07
C ALA I 207 -23.20 -67.07 10.24
N ALA I 208 -23.44 -66.52 11.43
CA ALA I 208 -22.72 -66.98 12.62
C ALA I 208 -23.11 -68.40 12.97
N ARG I 209 -24.37 -68.76 12.76
CA ARG I 209 -24.81 -70.13 13.00
C ARG I 209 -24.03 -71.12 12.15
N PHE I 210 -23.81 -70.79 10.87
CA PHE I 210 -23.03 -71.66 10.01
C PHE I 210 -21.54 -71.57 10.32
N LEU I 211 -21.06 -70.39 10.72
CA LEU I 211 -19.66 -70.25 11.12
C LEU I 211 -19.35 -71.06 12.37
N LYS I 212 -20.36 -71.36 13.19
CA LYS I 212 -20.16 -72.27 14.30
C LYS I 212 -19.56 -73.59 13.81
N ASN I 213 -19.97 -74.04 12.63
CA ASN I 213 -19.31 -75.18 12.01
C ASN I 213 -17.85 -74.87 11.69
N LEU I 214 -17.57 -73.66 11.21
CA LEU I 214 -16.21 -73.28 10.88
C LEU I 214 -15.44 -72.86 12.13
N ASP I 215 -16.05 -72.01 12.96
CA ASP I 215 -15.42 -71.49 14.18
C ASP I 215 -14.11 -70.79 13.87
N VAL I 216 -14.22 -69.71 13.11
CA VAL I 216 -13.06 -68.88 12.79
C VAL I 216 -12.84 -67.88 13.92
N ASP I 217 -11.58 -67.76 14.35
CA ASP I 217 -11.25 -66.89 15.46
C ASP I 217 -11.55 -65.43 15.14
N LEU I 218 -11.97 -64.69 16.17
CA LEU I 218 -12.23 -63.27 15.99
C LEU I 218 -10.98 -62.52 15.58
N ASP I 219 -9.84 -62.88 16.17
CA ASP I 219 -8.55 -62.32 15.81
C ASP I 219 -7.56 -63.45 15.56
N HIS I 220 -6.68 -63.27 14.58
CA HIS I 220 -5.73 -64.30 14.19
C HIS I 220 -4.82 -64.69 15.35
N PRO I 232 -4.07 -53.27 29.94
CA PRO I 232 -3.51 -54.58 30.33
C PRO I 232 -2.35 -54.45 31.31
N THR I 233 -1.15 -54.83 30.87
CA THR I 233 0.06 -54.69 31.67
C THR I 233 0.43 -53.20 31.65
N LEU I 234 -0.24 -52.43 32.50
CA LEU I 234 -0.10 -50.98 32.47
C LEU I 234 1.33 -50.55 32.74
N SER I 235 1.98 -51.18 33.73
CA SER I 235 3.37 -50.88 33.99
C SER I 235 4.24 -51.23 32.78
N ASN I 236 3.97 -52.37 32.15
CA ASN I 236 4.69 -52.72 30.94
C ASN I 236 4.40 -51.72 29.83
N LEU I 237 3.14 -51.27 29.73
CA LEU I 237 2.81 -50.25 28.73
C LEU I 237 3.60 -48.98 28.97
N LEU I 238 3.74 -48.55 30.22
CA LEU I 238 4.46 -47.33 30.53
C LEU I 238 5.94 -47.47 30.20
N HIS I 239 6.58 -48.54 30.70
CA HIS I 239 8.01 -48.67 30.44
C HIS I 239 8.31 -49.10 29.01
N ASN I 240 7.29 -49.46 28.22
CA ASN I 240 7.47 -49.61 26.79
C ASN I 240 7.30 -48.27 26.08
N GLU I 241 6.41 -47.42 26.57
CA GLU I 241 6.34 -46.04 26.08
C GLU I 241 7.57 -45.24 26.43
N LYS I 242 8.37 -45.71 27.40
CA LYS I 242 9.72 -45.18 27.53
C LYS I 242 10.44 -45.24 26.19
N LEU I 243 10.26 -46.33 25.45
CA LEU I 243 10.65 -46.41 24.07
C LEU I 243 9.53 -45.88 23.18
N TYR I 244 9.89 -45.48 21.97
CA TYR I 244 8.97 -44.99 20.94
C TYR I 244 8.33 -43.65 21.30
N GLY I 245 8.56 -43.13 22.51
CA GLY I 245 7.77 -42.05 23.02
C GLY I 245 6.36 -42.50 23.31
N PRO I 246 5.45 -41.56 23.51
CA PRO I 246 4.03 -41.92 23.62
C PRO I 246 3.53 -42.51 22.31
N THR I 247 2.57 -43.42 22.41
CA THR I 247 2.05 -44.10 21.24
C THR I 247 0.99 -43.29 20.50
N ASP I 248 0.64 -42.11 21.00
CA ASP I 248 -0.41 -41.29 20.39
C ASP I 248 0.20 -40.50 19.23
N ARG I 249 0.33 -41.16 18.09
CA ARG I 249 0.89 -40.56 16.89
C ARG I 249 0.00 -40.93 15.69
N ASP I 250 0.36 -40.42 14.53
CA ASP I 250 -0.40 -40.70 13.32
C ASP I 250 -0.14 -42.12 12.85
N PRO I 251 -1.18 -42.96 12.70
CA PRO I 251 -0.96 -44.33 12.21
C PRO I 251 -0.63 -44.33 10.73
N ARG I 252 0.55 -43.86 10.38
CA ARG I 252 0.95 -43.72 8.97
C ARG I 252 2.37 -44.25 8.82
N THR I 253 2.97 -43.99 7.67
CA THR I 253 4.35 -44.37 7.39
C THR I 253 5.34 -43.28 7.73
N LYS I 254 4.94 -42.29 8.53
CA LYS I 254 5.80 -41.18 8.89
C LYS I 254 5.77 -40.99 10.40
N ARG I 255 6.95 -40.99 11.02
CA ARG I 255 7.10 -40.60 12.41
C ARG I 255 8.27 -39.67 12.67
N ASP I 256 9.24 -39.56 11.76
CA ASP I 256 10.40 -38.67 11.86
C ASP I 256 11.33 -39.11 12.98
N ASP I 257 10.92 -40.12 13.74
CA ASP I 257 11.77 -40.72 14.76
C ASP I 257 12.57 -41.89 14.23
N ILE I 258 12.49 -42.14 12.93
CA ILE I 258 13.11 -43.30 12.30
C ILE I 258 13.30 -43.00 10.82
N HIS I 259 14.50 -43.29 10.33
CA HIS I 259 14.84 -43.04 8.92
C HIS I 259 14.22 -44.14 8.09
N TYR I 260 13.07 -43.86 7.49
CA TYR I 260 12.42 -44.84 6.63
C TYR I 260 13.19 -44.99 5.33
N PHE I 261 13.26 -46.22 4.83
CA PHE I 261 14.05 -46.50 3.64
C PHE I 261 13.38 -45.92 2.40
N LYS I 262 14.18 -45.22 1.59
CA LYS I 262 13.70 -44.61 0.36
C LYS I 262 14.41 -45.16 -0.87
N TYR I 263 15.72 -45.24 -0.83
CA TYR I 263 16.56 -45.67 -1.93
C TYR I 263 16.86 -47.16 -1.81
N PRO I 264 17.53 -47.76 -2.79
CA PRO I 264 17.94 -49.16 -2.64
C PRO I 264 18.77 -49.34 -1.38
N HIS I 265 18.46 -50.41 -0.64
CA HIS I 265 19.01 -50.57 0.69
C HIS I 265 19.07 -52.04 1.05
N VAL I 266 19.89 -52.34 2.06
CA VAL I 266 19.93 -53.65 2.70
C VAL I 266 19.69 -53.42 4.18
N TYR I 267 18.79 -54.22 4.75
CA TYR I 267 18.39 -54.04 6.14
C TYR I 267 18.23 -55.39 6.81
N LEU I 268 18.96 -55.59 7.91
CA LEU I 268 18.84 -56.79 8.71
C LEU I 268 18.65 -56.38 10.16
N TYR I 269 17.61 -56.89 10.79
CA TYR I 269 17.14 -56.39 12.07
C TYR I 269 16.74 -57.54 12.97
N ASP I 270 16.82 -57.31 14.28
CA ASP I 270 16.29 -58.25 15.24
C ASP I 270 14.78 -58.36 15.08
N LEU I 271 14.27 -59.59 15.08
CA LEU I 271 12.84 -59.79 14.93
C LEU I 271 12.07 -59.15 16.07
N TRP I 272 12.54 -59.31 17.30
CA TRP I 272 11.90 -58.73 18.46
C TRP I 272 12.37 -57.32 18.76
N GLN I 273 13.27 -56.77 17.94
CA GLN I 273 13.78 -55.41 18.06
C GLN I 273 14.40 -55.15 19.43
N THR I 274 14.80 -56.20 20.14
CA THR I 274 15.45 -56.05 21.43
C THR I 274 16.90 -55.56 21.29
N TRP I 275 17.54 -55.87 20.17
CA TRP I 275 18.92 -55.49 19.93
C TRP I 275 19.00 -54.63 18.68
N ALA I 276 20.07 -53.85 18.57
CA ALA I 276 20.20 -52.93 17.46
C ALA I 276 20.39 -53.70 16.15
N PRO I 277 19.99 -53.11 15.03
CA PRO I 277 20.20 -53.77 13.74
C PRO I 277 21.68 -54.00 13.48
N ILE I 278 21.98 -55.16 12.89
CA ILE I 278 23.37 -55.52 12.65
C ILE I 278 23.92 -54.77 11.44
N ILE I 279 23.30 -54.97 10.28
CA ILE I 279 23.69 -54.26 9.06
C ILE I 279 22.51 -53.43 8.60
N THR I 280 22.77 -52.16 8.29
CA THR I 280 21.75 -51.22 7.84
C THR I 280 22.43 -50.24 6.90
N LEU I 281 22.36 -50.51 5.59
CA LEU I 281 23.07 -49.70 4.62
C LEU I 281 22.15 -49.40 3.44
N GLU I 282 22.11 -48.14 3.04
CA GLU I 282 21.27 -47.66 1.96
C GLU I 282 22.09 -46.76 1.06
N TRP I 283 21.86 -46.85 -0.25
CA TRP I 283 22.65 -46.10 -1.21
C TRP I 283 21.76 -45.24 -2.09
N LYS I 284 22.20 -44.01 -2.33
CA LYS I 284 21.51 -43.15 -3.26
C LYS I 284 21.63 -43.70 -4.68
N PRO I 285 20.62 -43.49 -5.53
CA PRO I 285 20.72 -43.97 -6.92
C PRO I 285 21.87 -43.35 -7.70
N GLN I 286 22.24 -42.10 -7.41
CA GLN I 286 23.22 -41.41 -8.24
C GLN I 286 24.60 -42.03 -8.13
N GLU I 287 25.00 -42.46 -6.93
CA GLU I 287 26.33 -43.05 -6.77
C GLU I 287 26.44 -44.42 -7.41
N LEU I 288 25.33 -45.00 -7.86
CA LEU I 288 25.33 -46.29 -8.54
C LEU I 288 25.55 -46.16 -10.04
N THR I 289 25.99 -44.99 -10.51
CA THR I 289 26.07 -44.75 -11.94
C THR I 289 27.05 -45.70 -12.62
N ASN I 290 28.23 -45.89 -12.02
CA ASN I 290 29.25 -46.76 -12.59
C ASN I 290 29.01 -48.19 -12.12
N LEU I 291 29.06 -49.13 -13.05
CA LEU I 291 28.88 -50.54 -12.73
C LEU I 291 30.15 -51.20 -12.18
N ASP I 292 31.30 -50.55 -12.34
CA ASP I 292 32.56 -51.15 -11.90
C ASP I 292 32.74 -51.08 -10.38
N GLU I 293 32.27 -50.00 -9.76
CA GLU I 293 32.54 -49.80 -8.34
C GLU I 293 31.27 -49.75 -7.51
N LEU I 294 30.36 -50.70 -7.74
CA LEU I 294 29.21 -50.81 -6.86
C LEU I 294 29.66 -51.01 -5.42
N PRO I 295 29.03 -50.33 -4.46
CA PRO I 295 29.37 -50.60 -3.05
C PRO I 295 29.14 -52.04 -2.66
N TYR I 296 28.13 -52.67 -3.22
CA TYR I 296 27.98 -54.11 -3.11
C TYR I 296 28.64 -54.75 -4.33
N PRO I 297 29.73 -55.49 -4.17
CA PRO I 297 30.44 -56.02 -5.33
C PRO I 297 29.58 -56.96 -6.15
N ILE I 298 29.85 -56.96 -7.45
CA ILE I 298 29.13 -57.81 -8.40
C ILE I 298 30.03 -58.97 -8.79
N LEU I 299 29.42 -59.98 -9.39
CA LEU I 299 30.16 -61.17 -9.80
C LEU I 299 30.91 -60.91 -11.10
N LYS I 300 31.71 -59.86 -11.13
CA LYS I 300 32.56 -59.58 -12.29
C LYS I 300 33.74 -60.54 -12.20
N ILE I 301 33.65 -61.63 -12.94
CA ILE I 301 34.51 -62.79 -12.70
C ILE I 301 35.98 -62.45 -12.93
N GLY I 302 36.28 -61.79 -14.03
CA GLY I 302 37.68 -61.67 -14.35
C GLY I 302 38.21 -63.00 -14.87
N SER I 303 39.53 -63.17 -14.79
CA SER I 303 40.18 -64.35 -15.33
C SER I 303 41.40 -64.68 -14.49
N PHE I 304 42.17 -65.66 -14.97
CA PHE I 304 43.45 -66.06 -14.38
C PHE I 304 43.28 -66.45 -12.90
N GLY I 305 42.17 -67.11 -12.59
CA GLY I 305 41.97 -67.62 -11.24
C GLY I 305 41.96 -66.56 -10.17
N ARG I 306 41.43 -65.38 -10.47
CA ARG I 306 41.32 -64.33 -9.49
C ARG I 306 40.03 -64.48 -8.71
N CYS I 307 39.79 -63.57 -7.77
CA CYS I 307 38.56 -63.61 -7.00
C CYS I 307 37.36 -63.47 -7.93
N PRO I 308 36.31 -64.27 -7.76
CA PRO I 308 35.14 -64.13 -8.64
C PRO I 308 34.49 -62.77 -8.56
N PHE I 309 34.61 -62.09 -7.43
CA PHE I 309 33.99 -60.79 -7.24
C PHE I 309 34.93 -59.64 -7.60
N ILE I 310 36.11 -59.94 -8.13
CA ILE I 310 37.01 -58.93 -8.66
C ILE I 310 37.43 -59.39 -10.05
N GLY I 311 37.96 -58.47 -10.84
CA GLY I 311 38.32 -58.81 -12.19
C GLY I 311 39.70 -58.38 -12.62
N ASP I 312 39.87 -58.16 -13.92
CA ASP I 312 41.16 -57.80 -14.48
C ASP I 312 41.31 -56.28 -14.59
N ARG I 313 41.23 -55.63 -13.43
CA ARG I 313 41.47 -54.20 -13.37
C ARG I 313 42.93 -53.91 -13.69
N ASN I 314 43.14 -53.00 -14.64
CA ASN I 314 44.48 -52.74 -15.20
C ASN I 314 45.10 -54.03 -15.72
N TYR I 315 44.28 -54.87 -16.33
CA TYR I 315 44.73 -56.15 -16.84
C TYR I 315 43.85 -56.57 -18.00
N ASP I 316 44.46 -57.17 -19.02
CA ASP I 316 43.75 -57.66 -20.19
C ASP I 316 44.29 -59.03 -20.54
N GLU I 317 43.43 -60.04 -20.47
CA GLU I 317 43.84 -61.42 -20.78
C GLU I 317 44.34 -61.54 -22.21
N SER I 318 43.86 -60.69 -23.10
CA SER I 318 44.28 -60.72 -24.50
C SER I 318 45.53 -59.89 -24.77
N SER I 319 46.02 -59.15 -23.77
CA SER I 319 47.22 -58.36 -23.96
C SER I 319 48.40 -59.27 -24.27
N TYR I 320 48.99 -59.10 -25.45
CA TYR I 320 49.98 -60.06 -25.93
C TYR I 320 51.18 -60.15 -25.02
N LYS I 321 51.59 -59.04 -24.40
CA LYS I 321 52.67 -59.13 -23.43
C LYS I 321 52.27 -59.98 -22.24
N ARG I 322 51.04 -59.77 -21.73
CA ARG I 322 50.55 -60.60 -20.63
C ARG I 322 50.44 -62.06 -21.06
N VAL I 323 49.97 -62.30 -22.29
CA VAL I 323 49.86 -63.66 -22.78
C VAL I 323 51.24 -64.31 -22.82
N VAL I 324 52.24 -63.58 -23.29
CA VAL I 324 53.59 -64.14 -23.37
C VAL I 324 54.15 -64.44 -21.99
N LYS I 325 53.95 -63.51 -21.04
CA LYS I 325 54.43 -63.76 -19.69
C LYS I 325 53.77 -64.98 -19.07
N ARG I 326 52.45 -65.08 -19.22
CA ARG I 326 51.73 -66.23 -18.67
C ARG I 326 52.14 -67.52 -19.37
N TYR I 327 52.37 -67.47 -20.68
CA TYR I 327 52.81 -68.64 -21.41
C TYR I 327 54.18 -69.09 -20.95
N SER I 328 55.09 -68.15 -20.71
CA SER I 328 56.42 -68.51 -20.21
C SER I 328 56.34 -69.12 -18.83
N ARG I 329 55.52 -68.53 -17.95
CA ARG I 329 55.34 -69.11 -16.62
C ARG I 329 54.76 -70.50 -16.70
N ASP I 330 53.81 -70.71 -17.62
CA ASP I 330 53.15 -72.00 -17.75
C ASP I 330 54.11 -73.06 -18.26
N LYS I 331 54.86 -72.74 -19.32
CA LYS I 331 55.83 -73.70 -19.84
C LYS I 331 56.95 -73.95 -18.83
N ALA I 332 57.22 -73.00 -17.95
CA ALA I 332 58.16 -73.24 -16.88
C ALA I 332 57.64 -74.31 -15.92
N ASN I 333 56.33 -74.29 -15.65
CA ASN I 333 55.72 -75.16 -14.66
C ASN I 333 55.06 -76.38 -15.29
N LYS I 334 55.35 -76.68 -16.56
CA LYS I 334 54.77 -77.85 -17.19
C LYS I 334 55.16 -79.13 -16.46
N LYS I 335 56.45 -79.29 -16.18
CA LYS I 335 56.95 -80.53 -15.59
C LYS I 335 56.39 -80.74 -14.19
N TYR I 336 56.26 -79.67 -13.41
CA TYR I 336 55.73 -79.81 -12.05
C TYR I 336 54.28 -80.24 -12.07
N ALA I 337 53.46 -79.66 -12.95
CA ALA I 337 52.06 -80.06 -13.06
C ALA I 337 51.95 -81.50 -13.54
N LEU I 338 52.79 -81.89 -14.51
CA LEU I 338 52.80 -83.27 -14.95
C LEU I 338 53.17 -84.21 -13.82
N GLN I 339 54.15 -83.81 -12.99
CA GLN I 339 54.51 -84.62 -11.84
C GLN I 339 53.34 -84.75 -10.88
N LEU I 340 52.59 -83.66 -10.67
CA LEU I 340 51.43 -83.74 -9.79
C LEU I 340 50.41 -84.73 -10.32
N ARG I 341 50.11 -84.65 -11.62
CA ARG I 341 49.12 -85.56 -12.20
C ARG I 341 49.61 -87.00 -12.12
N ALA I 342 50.89 -87.23 -12.39
CA ALA I 342 51.44 -88.58 -12.30
C ALA I 342 51.36 -89.11 -10.88
N LEU I 343 51.66 -88.26 -9.90
CA LEU I 343 51.52 -88.65 -8.51
C LEU I 343 50.09 -89.00 -8.17
N PHE I 344 49.13 -88.28 -8.74
CA PHE I 344 47.74 -88.44 -8.34
C PHE I 344 46.93 -88.81 -9.58
N GLN I 345 46.69 -90.11 -9.79
CA GLN I 345 45.90 -90.55 -10.95
C GLN I 345 45.12 -91.83 -10.58
N TYR I 346 43.85 -91.64 -10.22
CA TYR I 346 42.76 -92.61 -10.05
C TYR I 346 43.02 -93.74 -9.06
N HIS I 347 44.10 -93.71 -8.27
CA HIS I 347 44.30 -94.75 -7.28
C HIS I 347 43.91 -94.32 -5.86
N ALA I 348 43.43 -93.10 -5.69
CA ALA I 348 43.01 -92.53 -4.41
C ALA I 348 44.13 -92.50 -3.36
N ASP I 349 45.38 -92.76 -3.74
CA ASP I 349 46.46 -92.78 -2.77
C ASP I 349 47.79 -92.69 -3.50
N THR I 350 48.84 -92.37 -2.74
CA THR I 350 50.20 -92.28 -3.27
C THR I 350 50.96 -93.58 -3.10
N LEU I 351 51.14 -94.04 -1.86
CA LEU I 351 51.86 -95.27 -1.62
C LEU I 351 51.14 -96.48 -2.19
N LEU I 352 49.80 -96.45 -2.20
CA LEU I 352 49.06 -97.51 -2.89
C LEU I 352 49.32 -97.46 -4.38
N ASN I 353 49.52 -96.27 -4.93
CA ASN I 353 49.80 -96.11 -6.36
C ASN I 353 51.10 -96.79 -6.77
N THR I 354 52.01 -97.02 -5.83
CA THR I 354 53.29 -97.64 -6.15
C THR I 354 53.07 -99.04 -6.72
N SER I 355 53.76 -99.33 -7.81
CA SER I 355 53.65 -100.62 -8.48
C SER I 355 54.86 -101.50 -8.18
N LYS I 362 49.73 -95.46 -19.41
CA LYS I 362 49.80 -95.45 -17.95
C LYS I 362 50.46 -94.17 -17.45
N ASN I 363 51.33 -93.60 -18.29
CA ASN I 363 52.01 -92.36 -17.91
C ASN I 363 51.03 -91.21 -17.75
N LEU I 364 50.04 -91.12 -18.64
CA LEU I 364 49.12 -90.00 -18.62
C LEU I 364 47.84 -90.39 -19.34
N ILE I 365 46.77 -89.65 -19.05
CA ILE I 365 45.51 -89.75 -19.78
C ILE I 365 45.07 -88.34 -20.13
N PHE I 366 44.83 -88.09 -21.42
CA PHE I 366 44.44 -86.77 -21.91
C PHE I 366 43.04 -86.89 -22.49
N ILE I 367 42.06 -86.29 -21.82
CA ILE I 367 40.71 -86.22 -22.37
C ILE I 367 40.62 -85.01 -23.29
N PRO I 368 40.30 -85.20 -24.56
CA PRO I 368 40.27 -84.07 -25.49
C PRO I 368 39.11 -83.13 -25.21
N HIS I 369 39.29 -81.89 -25.62
CA HIS I 369 38.26 -80.87 -25.45
C HIS I 369 38.36 -79.85 -26.56
N THR I 370 37.24 -79.18 -26.83
CA THR I 370 37.18 -78.07 -27.77
C THR I 370 37.58 -76.76 -27.13
N CYS I 371 37.99 -76.79 -25.88
CA CYS I 371 38.32 -75.57 -25.13
C CYS I 371 39.56 -74.91 -25.69
N ASN I 372 39.57 -73.58 -25.64
CA ASN I 372 40.79 -72.84 -25.89
C ASN I 372 41.64 -72.77 -24.63
N ASP I 373 42.95 -72.82 -24.81
CA ASP I 373 43.87 -72.73 -23.68
C ASP I 373 44.93 -71.68 -23.95
N SER I 374 45.93 -71.60 -23.06
CA SER I 374 47.03 -70.68 -23.28
C SER I 374 47.79 -71.03 -24.55
N THR I 375 48.01 -72.32 -24.80
CA THR I 375 48.80 -72.72 -25.96
C THR I 375 48.08 -72.42 -27.27
N LYS I 376 46.80 -72.81 -27.37
CA LYS I 376 46.08 -72.58 -28.61
C LYS I 376 45.89 -71.09 -28.88
N SER I 377 45.55 -70.32 -27.85
CA SER I 377 45.43 -68.88 -28.02
C SER I 377 46.76 -68.25 -28.39
N PHE I 378 47.85 -68.73 -27.80
CA PHE I 378 49.18 -68.25 -28.15
C PHE I 378 49.51 -68.54 -29.60
N LYS I 379 49.18 -69.75 -30.08
CA LYS I 379 49.39 -70.07 -31.48
C LYS I 379 48.56 -69.18 -32.38
N LYS I 380 47.32 -68.91 -31.98
CA LYS I 380 46.46 -68.02 -32.76
C LYS I 380 47.07 -66.64 -32.86
N TRP I 381 47.56 -66.11 -31.74
CA TRP I 381 48.16 -64.78 -31.75
C TRP I 381 49.42 -64.74 -32.59
N MET I 382 50.26 -65.78 -32.47
CA MET I 382 51.48 -65.83 -33.28
C MET I 382 51.15 -65.89 -34.76
N GLN I 383 50.14 -66.66 -35.13
CA GLN I 383 49.66 -66.66 -36.51
C GLN I 383 49.18 -65.29 -36.92
N GLU I 384 48.46 -64.60 -36.04
CA GLU I 384 47.94 -63.27 -36.36
C GLU I 384 49.07 -62.28 -36.61
N LYS I 385 50.10 -62.31 -35.77
CA LYS I 385 51.25 -61.43 -35.93
C LYS I 385 52.32 -62.04 -36.82
N ALA I 386 52.07 -63.20 -37.41
CA ALA I 386 53.03 -63.80 -38.33
C ALA I 386 53.30 -62.92 -39.54
N LYS I 387 52.41 -61.97 -39.83
CA LYS I 387 52.63 -61.03 -40.92
C LYS I 387 52.57 -59.59 -40.40
N GLY I 509 45.78 -53.93 10.54
CA GLY I 509 47.20 -54.26 10.55
C GLY I 509 47.54 -55.37 11.52
N ASN I 510 47.36 -55.10 12.81
CA ASN I 510 47.64 -56.11 13.83
C ASN I 510 46.70 -57.29 13.71
N GLY I 511 45.43 -57.04 13.45
CA GLY I 511 44.41 -58.05 13.54
C GLY I 511 43.62 -58.03 14.82
N LEU I 512 43.92 -57.10 15.72
CA LEU I 512 43.19 -56.93 16.97
C LEU I 512 42.85 -55.46 17.15
N GLY I 513 41.72 -55.21 17.80
CA GLY I 513 41.26 -53.86 18.02
C GLY I 513 40.52 -53.70 19.33
N PRO I 514 40.57 -52.50 19.89
CA PRO I 514 39.87 -52.26 21.16
C PRO I 514 38.37 -52.43 21.00
N THR I 515 37.75 -52.98 22.04
CA THR I 515 36.30 -53.10 22.06
C THR I 515 35.67 -51.72 22.12
N ARG I 516 34.60 -51.53 21.36
CA ARG I 516 33.94 -50.23 21.26
C ARG I 516 32.47 -50.35 21.63
N ALA I 517 31.92 -49.24 22.11
CA ALA I 517 30.51 -49.19 22.48
C ALA I 517 29.64 -49.15 21.23
N SER I 518 28.35 -49.41 21.43
CA SER I 518 27.38 -49.43 20.34
C SER I 518 26.68 -48.08 20.16
N VAL I 519 26.19 -47.50 21.24
CA VAL I 519 25.39 -46.28 21.16
C VAL I 519 26.32 -45.08 20.97
N MET I 520 26.05 -44.28 19.95
CA MET I 520 26.77 -43.04 19.72
C MET I 520 25.91 -41.89 20.21
N SER I 521 26.53 -40.94 20.91
CA SER I 521 25.80 -39.80 21.43
C SER I 521 25.30 -38.91 20.29
N LYS I 522 24.23 -38.16 20.57
CA LYS I 522 23.69 -37.25 19.57
C LYS I 522 24.71 -36.19 19.19
N ASN I 523 25.53 -35.77 20.15
CA ASN I 523 26.58 -34.80 19.84
C ASN I 523 27.58 -35.38 18.86
N MET I 524 27.86 -36.68 18.95
CA MET I 524 28.69 -37.33 17.95
C MET I 524 28.05 -37.25 16.57
N LYS I 525 26.74 -37.48 16.51
CA LYS I 525 26.03 -37.40 15.24
C LYS I 525 26.11 -36.00 14.65
N SER I 526 25.97 -34.98 15.50
CA SER I 526 26.11 -33.61 15.04
C SER I 526 27.53 -33.32 14.54
N LEU I 527 28.53 -33.79 15.27
CA LEU I 527 29.92 -33.54 14.87
C LEU I 527 30.24 -34.21 13.54
N SER I 528 29.73 -35.42 13.32
CA SER I 528 30.08 -36.17 12.13
C SER I 528 29.64 -35.50 10.84
N ARG I 529 28.73 -34.52 10.91
CA ARG I 529 28.30 -33.84 9.69
C ARG I 529 29.32 -32.82 9.21
N LEU I 530 30.01 -32.17 10.15
CA LEU I 530 30.91 -31.06 9.83
C LEU I 530 32.27 -31.53 9.34
N MET I 531 32.38 -32.77 8.90
CA MET I 531 33.68 -33.38 8.64
C MET I 531 34.20 -32.92 7.29
N VAL I 532 35.48 -32.51 7.23
CA VAL I 532 36.12 -32.10 6.00
C VAL I 532 37.50 -32.75 5.92
N ASP I 533 38.16 -32.54 4.79
CA ASP I 533 39.44 -33.19 4.53
C ASP I 533 40.53 -32.63 5.45
N ARG I 534 41.51 -33.49 5.74
CA ARG I 534 42.57 -33.15 6.68
C ARG I 534 43.71 -32.37 6.05
N LYS I 535 43.76 -32.24 4.73
CA LYS I 535 44.89 -31.54 4.11
C LYS I 535 44.89 -30.05 4.43
N LEU I 536 43.80 -29.53 5.00
CA LEU I 536 43.77 -28.14 5.45
C LEU I 536 44.65 -28.00 6.68
N GLY I 537 45.87 -27.49 6.48
CA GLY I 537 46.82 -27.37 7.57
C GLY I 537 47.53 -28.68 7.86
N VAL I 538 47.68 -28.97 9.15
CA VAL I 538 48.32 -30.20 9.58
C VAL I 538 47.27 -31.25 9.95
N VAL I 655 57.27 -49.05 10.74
CA VAL I 655 56.46 -48.41 9.71
C VAL I 655 55.03 -48.92 9.77
N LYS I 656 54.81 -50.11 9.22
CA LYS I 656 53.49 -50.72 9.24
C LYS I 656 53.15 -51.37 10.58
N ASN I 657 54.10 -51.41 11.51
CA ASN I 657 53.85 -52.04 12.80
C ASN I 657 52.94 -51.17 13.66
N SER I 658 51.70 -50.99 13.21
CA SER I 658 50.69 -50.23 13.95
C SER I 658 49.58 -51.20 14.33
N GLY I 659 49.23 -51.22 15.61
CA GLY I 659 48.22 -52.16 16.03
C GLY I 659 47.77 -51.91 17.46
N TYR I 660 47.06 -52.89 17.99
CA TYR I 660 46.47 -52.82 19.31
C TYR I 660 47.18 -53.81 20.24
N CYS I 661 47.65 -53.32 21.38
CA CYS I 661 48.36 -54.15 22.36
C CYS I 661 47.37 -54.51 23.46
N GLU I 662 46.69 -55.64 23.29
CA GLU I 662 45.68 -56.04 24.26
C GLU I 662 46.30 -56.31 25.63
N ASN I 663 47.58 -56.66 25.67
CA ASN I 663 48.26 -56.81 26.95
C ASN I 663 48.26 -55.49 27.71
N CYS I 664 48.54 -54.40 27.02
CA CYS I 664 48.46 -53.07 27.60
C CYS I 664 47.16 -52.37 27.29
N ARG I 665 46.24 -53.03 26.58
CA ARG I 665 44.94 -52.46 26.23
C ARG I 665 45.11 -51.14 25.48
N VAL I 666 46.18 -51.01 24.72
CA VAL I 666 46.58 -49.76 24.10
C VAL I 666 46.80 -49.97 22.62
N LYS I 667 46.58 -48.91 21.85
CA LYS I 667 46.84 -48.91 20.42
C LYS I 667 48.11 -48.14 20.13
N TYR I 668 49.01 -48.74 19.37
CA TYR I 668 50.31 -48.16 19.07
C TYR I 668 50.43 -47.91 17.58
N GLU I 669 51.05 -46.77 17.22
CA GLU I 669 51.42 -46.55 15.84
C GLU I 669 52.66 -47.33 15.46
N SER I 670 53.59 -47.52 16.39
CA SER I 670 54.81 -48.27 16.15
C SER I 670 54.96 -49.31 17.24
N LEU I 671 55.30 -50.54 16.83
CA LEU I 671 55.47 -51.61 17.81
C LEU I 671 56.78 -51.46 18.57
N GLU I 672 57.85 -51.08 17.87
CA GLU I 672 59.16 -51.03 18.52
C GLU I 672 59.19 -50.02 19.66
N GLN I 673 58.33 -49.01 19.61
CA GLN I 673 58.24 -48.07 20.71
C GLN I 673 57.28 -48.54 21.79
N HIS I 674 56.22 -49.29 21.43
CA HIS I 674 55.31 -49.80 22.44
C HIS I 674 56.00 -50.83 23.32
N ILE I 675 56.83 -51.69 22.73
CA ILE I 675 57.51 -52.71 23.52
C ILE I 675 58.44 -52.06 24.55
N VAL I 676 59.01 -50.90 24.22
CA VAL I 676 59.88 -50.18 25.14
C VAL I 676 59.11 -49.13 25.94
N SER I 677 57.79 -49.10 25.81
CA SER I 677 56.99 -48.17 26.59
C SER I 677 57.03 -48.55 28.08
N GLU I 678 56.87 -47.54 28.93
CA GLU I 678 56.96 -47.77 30.37
C GLU I 678 55.92 -48.77 30.84
N LYS I 679 54.66 -48.59 30.40
CA LYS I 679 53.62 -49.51 30.83
C LYS I 679 53.89 -50.92 30.34
N HIS I 680 54.29 -51.07 29.08
CA HIS I 680 54.55 -52.40 28.55
C HIS I 680 55.76 -53.03 29.22
N LEU I 681 56.80 -52.24 29.48
CA LEU I 681 57.96 -52.78 30.18
C LEU I 681 57.60 -53.24 31.58
N SER I 682 56.79 -52.45 32.29
CA SER I 682 56.34 -52.85 33.62
C SER I 682 55.50 -54.11 33.56
N PHE I 683 54.64 -54.21 32.55
CA PHE I 683 53.83 -55.42 32.38
C PHE I 683 54.70 -56.64 32.13
N ALA I 684 55.73 -56.48 31.30
CA ALA I 684 56.65 -57.59 31.03
C ALA I 684 57.38 -57.99 32.29
N GLU I 685 57.80 -57.02 33.10
CA GLU I 685 58.56 -57.32 34.31
C GLU I 685 57.70 -57.95 35.39
N ASN I 686 56.38 -57.94 35.26
CA ASN I 686 55.50 -58.54 36.26
C ASN I 686 55.21 -59.97 35.85
N ASP I 687 55.65 -60.92 36.69
CA ASP I 687 55.40 -62.33 36.44
C ASP I 687 54.03 -62.78 36.92
N LEU I 688 53.32 -61.94 37.68
CA LEU I 688 52.01 -62.33 38.20
C LEU I 688 51.01 -62.53 37.07
N ASN I 689 51.25 -61.90 35.92
CA ASN I 689 50.33 -62.01 34.80
C ASN I 689 50.51 -63.32 34.04
N PHE I 690 51.61 -64.04 34.27
CA PHE I 690 51.93 -65.24 33.50
C PHE I 690 51.91 -66.50 34.35
N GLU I 691 51.33 -66.43 35.55
CA GLU I 691 51.41 -67.57 36.47
C GLU I 691 50.68 -68.78 35.93
N ALA I 692 49.50 -68.59 35.32
CA ALA I 692 48.77 -69.71 34.76
C ALA I 692 49.55 -70.37 33.64
N ILE I 693 50.23 -69.57 32.82
CA ILE I 693 51.03 -70.12 31.74
C ILE I 693 52.16 -70.98 32.29
N ASP I 694 52.86 -70.49 33.32
CA ASP I 694 53.96 -71.25 33.90
C ASP I 694 53.48 -72.54 34.53
N SER I 695 52.23 -72.57 35.00
CA SER I 695 51.71 -73.78 35.61
C SER I 695 51.69 -74.94 34.62
N LEU I 696 51.26 -74.67 33.39
CA LEU I 696 51.30 -75.71 32.37
C LEU I 696 52.67 -75.84 31.73
N ILE I 697 53.49 -74.79 31.78
CA ILE I 697 54.86 -74.90 31.28
C ILE I 697 55.63 -75.93 32.09
N GLU I 698 55.53 -75.86 33.41
CA GLU I 698 56.26 -76.80 34.26
C GLU I 698 55.70 -78.21 34.13
N ASN I 699 54.39 -78.35 33.88
CA ASN I 699 53.81 -79.67 33.72
C ASN I 699 54.38 -80.43 32.53
N LEU I 700 54.96 -79.71 31.57
CA LEU I 700 55.64 -80.39 30.47
C LEU I 700 56.80 -81.23 30.98
N ARG I 701 57.55 -80.71 31.94
CA ARG I 701 58.63 -81.48 32.53
C ARG I 701 58.37 -81.74 34.01
N LEU J 181 -49.42 -13.39 30.85
CA LEU J 181 -49.76 -14.80 30.76
C LEU J 181 -50.40 -15.29 32.06
N THR J 182 -49.75 -16.26 32.70
CA THR J 182 -50.25 -16.84 33.93
C THR J 182 -49.16 -16.82 35.01
N LEU J 183 -49.60 -16.92 36.26
CA LEU J 183 -48.64 -16.97 37.37
C LEU J 183 -47.76 -18.21 37.28
N GLU J 184 -48.33 -19.35 36.89
CA GLU J 184 -47.55 -20.57 36.76
C GLU J 184 -46.54 -20.47 35.62
N SER J 185 -46.87 -19.72 34.57
CA SER J 185 -45.93 -19.55 33.47
C SER J 185 -44.67 -18.81 33.91
N LEU J 186 -44.80 -17.89 34.88
CA LEU J 186 -43.63 -17.15 35.33
C LEU J 186 -42.67 -18.05 36.10
N SER J 187 -43.18 -18.82 37.05
CA SER J 187 -42.32 -19.70 37.84
C SER J 187 -41.68 -20.77 36.98
N ASN J 188 -42.45 -21.37 36.07
CA ASN J 188 -41.93 -22.44 35.24
C ASN J 188 -40.92 -21.91 34.24
N VAL J 189 -39.81 -22.63 34.08
CA VAL J 189 -38.77 -22.31 33.12
C VAL J 189 -38.33 -23.58 32.43
N LYS J 190 -38.16 -23.51 31.11
CA LYS J 190 -37.65 -24.64 30.34
C LYS J 190 -36.48 -24.27 29.42
N ALA J 191 -36.14 -23.00 29.28
CA ALA J 191 -35.07 -22.60 28.40
C ALA J 191 -33.71 -22.93 29.03
N ASN J 192 -32.65 -22.49 28.35
CA ASN J 192 -31.29 -22.83 28.79
C ASN J 192 -30.97 -22.23 30.15
N SER J 193 -31.36 -20.97 30.38
CA SER J 193 -30.89 -20.23 31.54
C SER J 193 -32.07 -19.71 32.35
N TYR J 194 -31.79 -19.43 33.63
CA TYR J 194 -32.74 -18.76 34.48
C TYR J 194 -33.05 -17.36 33.96
N SER J 195 -32.02 -16.63 33.52
CA SER J 195 -32.20 -15.24 33.11
C SER J 195 -32.90 -15.11 31.77
N GLU J 196 -32.74 -16.11 30.88
CA GLU J 196 -33.34 -15.97 29.56
C GLU J 196 -34.86 -15.96 29.65
N TRP J 197 -35.43 -16.70 30.60
CA TRP J 197 -36.87 -16.63 30.84
C TRP J 197 -37.30 -15.20 31.15
N ILE J 198 -36.53 -14.50 31.98
CA ILE J 198 -36.83 -13.11 32.27
C ILE J 198 -36.68 -12.26 31.02
N THR J 199 -35.72 -12.59 30.16
CA THR J 199 -35.57 -11.84 28.92
C THR J 199 -36.63 -12.18 27.88
N GLN J 200 -37.44 -13.20 28.11
CA GLN J 200 -38.47 -13.56 27.13
C GLN J 200 -39.50 -12.45 27.02
N PRO J 201 -39.84 -11.99 25.80
CA PRO J 201 -40.80 -10.88 25.67
C PRO J 201 -42.15 -11.18 26.29
N ASN J 202 -42.67 -12.40 26.17
CA ASN J 202 -43.97 -12.72 26.75
C ASN J 202 -43.88 -12.82 28.28
N VAL J 203 -42.85 -13.49 28.78
CA VAL J 203 -42.61 -13.52 30.22
C VAL J 203 -42.35 -12.11 30.73
N SER J 204 -41.66 -11.29 29.94
CA SER J 204 -41.44 -9.90 30.31
C SER J 204 -42.76 -9.14 30.41
N ARG J 205 -43.66 -9.37 29.47
CA ARG J 205 -44.97 -8.72 29.51
C ARG J 205 -45.74 -9.12 30.76
N THR J 206 -45.74 -10.42 31.07
CA THR J 206 -46.47 -10.89 32.26
C THR J 206 -45.84 -10.35 33.54
N ILE J 207 -44.51 -10.32 33.60
CA ILE J 207 -43.83 -9.75 34.75
C ILE J 207 -44.18 -8.28 34.89
N ALA J 208 -44.19 -7.55 33.77
CA ALA J 208 -44.51 -6.14 33.80
C ALA J 208 -45.94 -5.90 34.30
N ARG J 209 -46.90 -6.68 33.81
CA ARG J 209 -48.28 -6.48 34.25
C ARG J 209 -48.44 -6.82 35.72
N GLU J 210 -47.81 -7.91 36.18
CA GLU J 210 -47.88 -8.25 37.60
C GLU J 210 -47.22 -7.18 38.45
N LEU J 211 -46.10 -6.62 37.98
CA LEU J 211 -45.41 -5.59 38.72
C LEU J 211 -46.22 -4.30 38.80
N LYS J 212 -46.88 -3.93 37.70
CA LYS J 212 -47.77 -2.78 37.74
C LYS J 212 -48.87 -3.00 38.77
N SER J 213 -49.49 -4.17 38.75
CA SER J 213 -50.56 -4.46 39.71
C SER J 213 -50.04 -4.42 41.14
N PHE J 214 -48.87 -5.01 41.39
CA PHE J 214 -48.31 -5.06 42.74
C PHE J 214 -47.96 -3.66 43.22
N LEU J 215 -47.27 -2.88 42.40
CA LEU J 215 -46.86 -1.55 42.81
C LEU J 215 -48.06 -0.64 43.06
N LEU J 216 -49.05 -0.68 42.17
CA LEU J 216 -50.21 0.18 42.33
C LEU J 216 -51.06 -0.25 43.52
N GLU J 217 -51.25 -1.55 43.71
CA GLU J 217 -52.23 -2.05 44.67
C GLU J 217 -51.61 -2.48 46.00
N TYR J 218 -50.31 -2.33 46.17
CA TYR J 218 -49.70 -2.74 47.43
C TYR J 218 -50.15 -1.82 48.56
N THR J 219 -50.27 -2.39 49.75
CA THR J 219 -50.74 -1.64 50.91
C THR J 219 -50.34 -2.38 52.18
N ASP J 220 -50.31 -1.63 53.28
CA ASP J 220 -50.14 -2.24 54.59
C ASP J 220 -51.49 -2.79 55.07
N GLU J 221 -51.44 -3.54 56.17
CA GLU J 221 -52.64 -4.20 56.67
C GLU J 221 -53.72 -3.22 57.09
N THR J 222 -53.35 -1.99 57.46
CA THR J 222 -54.35 -1.00 57.85
C THR J 222 -55.18 -0.54 56.65
N GLY J 223 -54.52 -0.32 55.50
CA GLY J 223 -55.25 0.03 54.30
C GLY J 223 -54.60 1.11 53.45
N ARG J 224 -53.54 1.72 53.95
CA ARG J 224 -52.86 2.80 53.24
C ARG J 224 -51.83 2.24 52.26
N SER J 225 -51.73 2.88 51.10
CA SER J 225 -50.81 2.45 50.04
C SER J 225 -49.47 3.16 50.23
N VAL J 226 -48.43 2.39 50.55
CA VAL J 226 -47.12 2.98 50.80
C VAL J 226 -46.49 3.52 49.51
N TYR J 227 -46.64 2.77 48.41
CA TYR J 227 -46.02 3.17 47.16
C TYR J 227 -46.67 4.43 46.60
N GLY J 228 -47.98 4.59 46.80
CA GLY J 228 -48.63 5.82 46.38
C GLY J 228 -48.10 7.04 47.11
N ALA J 229 -47.91 6.91 48.43
CA ALA J 229 -47.32 8.01 49.19
C ALA J 229 -45.90 8.30 48.71
N ARG J 230 -45.12 7.24 48.46
CA ARG J 230 -43.75 7.44 47.99
C ARG J 230 -43.72 8.17 46.65
N ILE J 231 -44.57 7.76 45.71
CA ILE J 231 -44.53 8.40 44.39
C ILE J 231 -45.07 9.82 44.47
N ARG J 232 -46.04 10.07 45.35
CA ARG J 232 -46.50 11.45 45.52
C ARG J 232 -45.39 12.33 46.09
N THR J 233 -44.63 11.81 47.05
CA THR J 233 -43.49 12.55 47.58
C THR J 233 -42.44 12.80 46.50
N LEU J 234 -42.19 11.79 45.66
CA LEU J 234 -41.23 11.96 44.57
C LEU J 234 -41.70 13.02 43.59
N GLY J 235 -42.98 13.02 43.25
CA GLY J 235 -43.50 14.03 42.34
C GLY J 235 -43.42 15.43 42.93
N GLU J 236 -43.79 15.58 44.20
CA GLU J 236 -43.79 16.91 44.80
C GLU J 236 -42.38 17.43 44.98
N MET J 237 -41.42 16.55 45.27
CA MET J 237 -40.03 16.96 45.42
C MET J 237 -39.27 16.92 44.10
N ASN J 238 -39.81 16.25 43.09
CA ASN J 238 -39.20 16.12 41.76
C ASN J 238 -37.84 15.42 41.85
N SER J 239 -37.89 14.15 42.24
CA SER J 239 -36.73 13.29 42.26
C SER J 239 -36.75 12.37 41.04
N GLU J 240 -35.83 11.40 41.02
CA GLU J 240 -35.76 10.45 39.91
C GLU J 240 -35.63 9.00 40.36
N SER J 241 -35.67 8.71 41.65
CA SER J 241 -35.43 7.37 42.18
C SER J 241 -36.61 6.91 43.01
N LEU J 242 -37.05 5.68 42.78
CA LEU J 242 -38.13 5.06 43.53
C LEU J 242 -37.58 3.93 44.40
N GLU J 243 -37.96 3.95 45.68
CA GLU J 243 -37.57 2.90 46.62
C GLU J 243 -38.58 1.75 46.55
N VAL J 244 -38.07 0.52 46.48
CA VAL J 244 -38.87 -0.68 46.55
C VAL J 244 -38.27 -1.57 47.64
N ASN J 245 -39.02 -1.77 48.72
CA ASN J 245 -38.55 -2.64 49.78
C ASN J 245 -38.55 -4.09 49.33
N TYR J 246 -37.44 -4.78 49.51
CA TYR J 246 -37.37 -6.17 49.07
C TYR J 246 -38.20 -7.08 49.95
N ARG J 247 -38.41 -6.72 51.21
CA ARG J 247 -39.25 -7.54 52.08
C ARG J 247 -40.69 -7.59 51.57
N HIS J 248 -41.23 -6.43 51.17
CA HIS J 248 -42.58 -6.40 50.63
C HIS J 248 -42.69 -7.29 49.39
N LEU J 249 -41.68 -7.25 48.53
CA LEU J 249 -41.66 -8.13 47.37
C LEU J 249 -41.55 -9.59 47.78
N ALA J 250 -40.82 -9.87 48.85
CA ALA J 250 -40.60 -11.25 49.27
C ALA J 250 -41.90 -11.88 49.78
N GLU J 251 -42.63 -11.17 50.64
CA GLU J 251 -43.91 -11.73 51.09
C GLU J 251 -45.00 -11.59 50.04
N SER J 252 -44.91 -10.60 49.15
CA SER J 252 -45.96 -10.41 48.15
C SER J 252 -45.75 -11.31 46.94
N LYS J 253 -44.63 -11.11 46.23
CA LYS J 253 -44.31 -11.87 45.02
C LYS J 253 -43.05 -12.67 45.29
N ALA J 254 -43.22 -13.88 45.83
CA ALA J 254 -42.07 -14.68 46.23
C ALA J 254 -41.21 -15.06 45.02
N ILE J 255 -41.84 -15.63 43.99
CA ILE J 255 -41.05 -16.12 42.86
C ILE J 255 -40.48 -14.95 42.07
N LEU J 256 -41.19 -13.83 42.00
CA LEU J 256 -40.62 -12.65 41.36
C LEU J 256 -39.49 -12.07 42.18
N ALA J 257 -39.58 -12.17 43.52
CA ALA J 257 -38.47 -11.75 44.35
C ALA J 257 -37.23 -12.61 44.09
N LEU J 258 -37.43 -13.92 43.91
CA LEU J 258 -36.29 -14.77 43.53
C LEU J 258 -35.76 -14.40 42.15
N PHE J 259 -36.64 -14.09 41.21
CA PHE J 259 -36.19 -13.64 39.90
C PHE J 259 -35.30 -12.42 40.01
N LEU J 260 -35.71 -11.45 40.84
CA LEU J 260 -34.89 -10.27 41.06
C LEU J 260 -33.57 -10.63 41.72
N ALA J 261 -33.61 -11.48 42.75
CA ALA J 261 -32.40 -11.77 43.50
C ALA J 261 -31.39 -12.57 42.70
N LYS J 262 -31.84 -13.29 41.68
CA LYS J 262 -30.91 -14.10 40.88
C LYS J 262 -30.50 -13.44 39.58
N CYS J 263 -31.40 -12.68 38.95
CA CYS J 263 -31.08 -11.91 37.75
C CYS J 263 -31.60 -10.50 37.94
N PRO J 264 -30.88 -9.66 38.69
CA PRO J 264 -31.42 -8.34 39.05
C PRO J 264 -31.38 -7.31 37.94
N GLU J 265 -30.35 -7.34 37.09
CA GLU J 265 -30.18 -6.26 36.12
C GLU J 265 -31.30 -6.24 35.09
N GLU J 266 -31.78 -7.42 34.66
CA GLU J 266 -32.91 -7.43 33.73
C GLU J 266 -34.21 -7.13 34.45
N MET J 267 -34.40 -7.67 35.66
CA MET J 267 -35.60 -7.36 36.43
C MET J 267 -35.69 -5.87 36.73
N LEU J 268 -34.56 -5.25 37.07
CA LEU J 268 -34.57 -3.83 37.40
C LEU J 268 -34.96 -2.97 36.21
N LYS J 269 -34.83 -3.49 34.99
CA LYS J 269 -35.24 -2.73 33.82
C LYS J 269 -36.77 -2.55 33.78
N ILE J 270 -37.51 -3.61 34.10
CA ILE J 270 -38.97 -3.51 34.10
C ILE J 270 -39.45 -2.58 35.21
N PHE J 271 -38.76 -2.59 36.36
CA PHE J 271 -39.11 -1.67 37.44
C PHE J 271 -39.10 -0.22 36.97
N ASP J 272 -38.16 0.15 36.10
CA ASP J 272 -38.05 1.54 35.67
C ASP J 272 -39.30 1.97 34.92
N LEU J 273 -39.68 1.20 33.89
CA LEU J 273 -40.87 1.53 33.11
C LEU J 273 -42.13 1.43 33.94
N VAL J 274 -42.21 0.45 34.84
CA VAL J 274 -43.36 0.31 35.71
C VAL J 274 -43.52 1.53 36.61
N ALA J 275 -42.41 2.00 37.18
CA ALA J 275 -42.45 3.19 38.01
C ALA J 275 -42.86 4.41 37.20
N MET J 276 -42.33 4.54 35.99
CA MET J 276 -42.72 5.66 35.13
C MET J 276 -44.21 5.66 34.87
N GLU J 277 -44.77 4.50 34.50
CA GLU J 277 -46.19 4.42 34.18
C GLU J 277 -47.05 4.68 35.41
N ALA J 278 -46.68 4.10 36.55
CA ALA J 278 -47.47 4.31 37.76
C ALA J 278 -47.43 5.77 38.19
N THR J 279 -46.26 6.41 38.10
CA THR J 279 -46.16 7.83 38.44
C THR J 279 -47.00 8.68 37.49
N GLU J 280 -46.97 8.36 36.19
CA GLU J 280 -47.80 9.08 35.24
C GLU J 280 -49.29 8.92 35.60
N LEU J 281 -49.69 7.72 36.01
CA LEU J 281 -51.06 7.51 36.46
C LEU J 281 -51.38 8.37 37.67
N HIS J 282 -50.46 8.47 38.63
CA HIS J 282 -50.72 9.29 39.81
C HIS J 282 -50.37 10.75 39.56
N TYR J 283 -49.16 11.01 39.09
CA TYR J 283 -48.71 12.37 38.80
C TYR J 283 -48.65 12.55 37.30
N PRO J 284 -49.60 13.26 36.68
CA PRO J 284 -49.71 13.23 35.22
C PRO J 284 -48.52 13.86 34.53
N ASP J 285 -48.18 13.30 33.37
CA ASP J 285 -47.17 13.83 32.46
C ASP J 285 -45.86 14.12 33.21
N TYR J 286 -45.29 13.06 33.77
CA TYR J 286 -44.06 13.18 34.53
C TYR J 286 -42.81 13.19 33.66
N ALA J 287 -42.94 12.87 32.37
CA ALA J 287 -41.78 12.81 31.49
C ALA J 287 -41.10 14.17 31.32
N ARG J 288 -41.80 15.26 31.61
CA ARG J 288 -41.21 16.58 31.43
C ARG J 288 -40.15 16.87 32.50
N ILE J 289 -40.29 16.30 33.69
CA ILE J 289 -39.36 16.59 34.77
C ILE J 289 -37.95 16.12 34.42
N HIS J 290 -37.84 14.88 33.96
CA HIS J 290 -36.56 14.30 33.58
C HIS J 290 -36.84 13.08 32.70
N SER J 291 -35.77 12.37 32.32
CA SER J 291 -35.92 11.31 31.33
C SER J 291 -36.39 10.00 31.95
N GLU J 292 -35.59 9.42 32.85
CA GLU J 292 -35.80 8.06 33.29
C GLU J 292 -35.82 7.98 34.82
N ILE J 293 -36.67 7.10 35.33
CA ILE J 293 -36.78 6.82 36.76
C ILE J 293 -35.97 5.57 37.08
N HIS J 294 -35.06 5.69 38.04
CA HIS J 294 -34.31 4.55 38.55
C HIS J 294 -34.98 4.04 39.82
N VAL J 295 -34.57 2.83 40.23
CA VAL J 295 -35.28 2.08 41.25
C VAL J 295 -34.32 1.72 42.37
N ARG J 296 -34.79 1.90 43.62
CA ARG J 296 -34.00 1.63 44.80
C ARG J 296 -34.55 0.39 45.51
N ILE J 297 -33.67 -0.53 45.87
CA ILE J 297 -34.05 -1.77 46.54
C ILE J 297 -33.30 -1.84 47.87
N SER J 298 -34.04 -2.06 48.96
CA SER J 298 -33.47 -2.06 50.29
C SER J 298 -33.85 -3.35 51.03
N ASP J 299 -33.14 -3.59 52.12
CA ASP J 299 -33.38 -4.74 53.02
C ASP J 299 -33.23 -6.06 52.26
N PHE J 300 -32.05 -6.26 51.70
CA PHE J 300 -31.71 -7.55 51.11
C PHE J 300 -31.31 -8.51 52.22
N PRO J 301 -31.99 -9.65 52.38
CA PRO J 301 -31.75 -10.50 53.56
C PRO J 301 -30.36 -11.08 53.66
N THR J 302 -29.62 -11.16 52.56
CA THR J 302 -28.29 -11.78 52.55
C THR J 302 -27.23 -10.69 52.69
N ILE J 303 -26.42 -10.79 53.74
CA ILE J 303 -25.34 -9.84 54.00
C ILE J 303 -24.02 -10.56 53.83
N TYR J 304 -23.21 -10.08 52.89
CA TYR J 304 -21.92 -10.68 52.58
C TYR J 304 -20.82 -9.64 52.80
N SER J 305 -19.82 -10.01 53.59
CA SER J 305 -18.65 -9.16 53.70
C SER J 305 -17.75 -9.37 52.49
N LEU J 306 -16.80 -8.43 52.31
CA LEU J 306 -15.97 -8.42 51.11
C LEU J 306 -15.14 -9.69 50.96
N ARG J 307 -14.89 -10.42 52.04
CA ARG J 307 -14.02 -11.58 51.97
C ARG J 307 -14.69 -12.79 51.32
N GLU J 308 -16.02 -12.90 51.44
CA GLU J 308 -16.72 -14.12 51.08
C GLU J 308 -17.51 -14.01 49.79
N LEU J 309 -17.19 -13.03 48.94
CA LEU J 309 -17.93 -12.89 47.69
C LEU J 309 -17.70 -14.09 46.78
N ARG J 310 -16.47 -14.54 46.67
CA ARG J 310 -16.10 -15.74 45.88
C ARG J 310 -16.59 -15.50 44.44
N GLU J 311 -17.29 -16.46 43.82
CA GLU J 311 -17.68 -16.33 42.43
C GLU J 311 -19.17 -16.59 42.23
N SER J 312 -19.76 -17.43 43.09
CA SER J 312 -21.16 -17.80 42.93
C SER J 312 -22.10 -16.61 43.06
N ASN J 313 -21.62 -15.50 43.60
CA ASN J 313 -22.43 -14.31 43.78
C ASN J 313 -22.41 -13.39 42.55
N LEU J 314 -21.72 -13.79 41.49
CA LEU J 314 -21.69 -12.97 40.29
C LEU J 314 -23.06 -12.91 39.62
N SER J 315 -23.33 -11.79 38.97
CA SER J 315 -24.59 -11.56 38.25
C SER J 315 -25.80 -11.67 39.16
N SER J 316 -25.61 -11.42 40.45
CA SER J 316 -26.68 -11.49 41.43
C SER J 316 -26.62 -10.29 42.35
N LEU J 317 -27.79 -9.91 42.87
CA LEU J 317 -27.84 -8.80 43.81
C LEU J 317 -27.24 -9.22 45.15
N VAL J 318 -26.33 -8.40 45.67
CA VAL J 318 -25.63 -8.71 46.91
C VAL J 318 -25.62 -7.48 47.81
N ARG J 319 -25.68 -7.72 49.11
CA ARG J 319 -25.62 -6.66 50.11
C ARG J 319 -24.33 -6.79 50.89
N VAL J 320 -23.55 -5.70 50.94
CA VAL J 320 -22.25 -5.69 51.58
C VAL J 320 -22.16 -4.52 52.54
N THR J 321 -21.21 -4.61 53.46
CA THR J 321 -20.93 -3.57 54.42
C THR J 321 -19.45 -3.19 54.33
N GLY J 322 -19.13 -1.98 54.76
CA GLY J 322 -17.75 -1.56 54.74
C GLY J 322 -17.62 -0.10 55.13
N VAL J 323 -16.41 0.42 54.91
CA VAL J 323 -16.09 1.82 55.20
C VAL J 323 -15.52 2.44 53.93
N VAL J 324 -16.01 3.62 53.59
CA VAL J 324 -15.58 4.29 52.36
C VAL J 324 -14.16 4.79 52.52
N THR J 325 -13.33 4.52 51.51
CA THR J 325 -11.93 4.93 51.52
C THR J 325 -11.65 6.12 50.62
N ARG J 326 -12.08 6.07 49.36
CA ARG J 326 -11.80 7.15 48.42
C ARG J 326 -12.95 7.32 47.44
N ARG J 327 -13.26 8.56 47.13
CA ARG J 327 -14.26 8.92 46.13
C ARG J 327 -13.55 9.49 44.91
N THR J 328 -13.91 8.99 43.73
CA THR J 328 -13.24 9.40 42.50
C THR J 328 -13.89 10.61 41.85
N GLY J 329 -14.88 11.23 42.50
CA GLY J 329 -15.52 12.41 41.94
C GLY J 329 -16.59 12.07 40.94
N VAL J 330 -17.16 13.12 40.35
CA VAL J 330 -18.28 13.01 39.43
C VAL J 330 -17.78 13.17 38.01
N PHE J 331 -18.08 12.17 37.16
CA PHE J 331 -17.74 12.24 35.75
C PHE J 331 -19.02 11.97 34.95
N PRO J 332 -19.37 12.85 34.02
CA PRO J 332 -20.59 12.63 33.22
C PRO J 332 -20.41 11.46 32.26
N GLN J 333 -21.24 10.43 32.43
CA GLN J 333 -21.16 9.21 31.65
C GLN J 333 -22.17 9.23 30.52
N LEU J 334 -21.76 8.75 29.35
CA LEU J 334 -22.64 8.76 28.19
C LEU J 334 -23.88 7.91 28.42
N LYS J 335 -25.05 8.48 28.13
CA LYS J 335 -26.31 7.75 28.21
C LYS J 335 -26.99 7.65 26.85
N TYR J 336 -27.26 8.78 26.19
CA TYR J 336 -27.92 8.82 24.90
C TYR J 336 -26.92 9.38 23.89
N VAL J 337 -26.12 8.49 23.31
CA VAL J 337 -24.99 8.89 22.48
C VAL J 337 -25.48 9.17 21.06
N LYS J 338 -24.93 10.21 20.44
CA LYS J 338 -25.27 10.60 19.07
C LYS J 338 -23.97 10.68 18.26
N PHE J 339 -23.72 9.65 17.45
CA PHE J 339 -22.60 9.69 16.53
C PHE J 339 -22.96 10.47 15.26
N ASN J 340 -21.98 10.51 14.35
CA ASN J 340 -22.17 11.11 13.04
C ASN J 340 -21.11 10.57 12.09
N CYS J 341 -21.45 10.59 10.81
CA CYS J 341 -20.57 10.11 9.75
C CYS J 341 -20.02 11.29 8.95
N LEU J 342 -18.74 11.18 8.55
CA LEU J 342 -18.14 12.24 7.74
C LEU J 342 -18.86 12.41 6.42
N LYS J 343 -19.31 11.31 5.82
CA LYS J 343 -20.11 11.41 4.61
C LYS J 343 -21.53 11.89 4.92
N CYS J 344 -22.02 11.59 6.13
CA CYS J 344 -23.36 12.03 6.52
C CYS J 344 -23.44 13.56 6.55
N GLY J 345 -22.52 14.19 7.27
CA GLY J 345 -22.61 15.61 7.52
C GLY J 345 -23.61 16.01 8.59
N SER J 346 -24.23 15.04 9.25
CA SER J 346 -25.22 15.30 10.28
C SER J 346 -25.12 14.24 11.36
N ILE J 347 -25.60 14.58 12.55
CA ILE J 347 -25.54 13.65 13.68
C ILE J 347 -26.52 12.52 13.44
N LEU J 348 -26.07 11.29 13.71
CA LEU J 348 -26.93 10.13 13.57
C LEU J 348 -27.95 10.10 14.71
N GLY J 349 -28.95 9.25 14.55
CA GLY J 349 -29.96 9.07 15.55
C GLY J 349 -29.36 8.61 16.86
N PRO J 350 -29.86 9.15 17.98
CA PRO J 350 -29.31 8.80 19.28
C PRO J 350 -29.42 7.30 19.56
N PHE J 351 -28.36 6.75 20.17
CA PHE J 351 -28.32 5.35 20.54
C PHE J 351 -28.10 5.25 22.04
N PHE J 352 -28.85 4.35 22.69
CA PHE J 352 -28.60 4.08 24.09
C PHE J 352 -27.26 3.38 24.27
N GLN J 353 -26.59 3.66 25.38
CA GLN J 353 -25.30 3.03 25.69
C GLN J 353 -25.37 2.54 27.14
N ASP J 354 -25.55 1.24 27.31
CA ASP J 354 -25.51 0.66 28.65
C ASP J 354 -24.07 0.57 29.14
N SER J 355 -23.92 0.37 30.45
CA SER J 355 -22.61 0.46 31.09
C SER J 355 -21.74 -0.76 30.85
N ASN J 356 -22.08 -1.64 29.90
CA ASN J 356 -21.19 -2.74 29.56
C ASN J 356 -20.02 -2.25 28.71
N GLU J 357 -20.30 -1.74 27.53
CA GLU J 357 -19.28 -1.21 26.64
C GLU J 357 -19.96 -0.42 25.53
N GLU J 358 -19.41 0.74 25.21
CA GLU J 358 -20.03 1.61 24.22
C GLU J 358 -19.97 0.98 22.83
N ILE J 359 -20.91 1.39 21.98
CA ILE J 359 -21.07 0.82 20.66
C ILE J 359 -20.18 1.63 19.72
N ARG J 360 -18.96 1.16 19.50
CA ARG J 360 -18.04 1.76 18.54
C ARG J 360 -18.44 1.29 17.15
N ILE J 361 -19.26 2.08 16.47
CA ILE J 361 -19.79 1.69 15.17
C ILE J 361 -18.68 1.80 14.13
N SER J 362 -18.47 0.73 13.36
CA SER J 362 -17.51 0.73 12.27
C SER J 362 -18.16 0.73 10.89
N PHE J 363 -19.42 0.37 10.78
CA PHE J 363 -20.16 0.35 9.53
C PHE J 363 -21.30 1.34 9.62
N CYS J 364 -21.22 2.41 8.82
CA CYS J 364 -22.26 3.44 8.85
C CYS J 364 -23.60 2.86 8.41
N THR J 365 -24.64 3.17 9.18
CA THR J 365 -25.98 2.67 8.83
C THR J 365 -26.45 3.26 7.52
N ASN J 366 -26.16 4.53 7.26
CA ASN J 366 -26.60 5.22 6.05
C ASN J 366 -25.56 5.15 4.95
N CYS J 367 -24.31 5.51 5.26
CA CYS J 367 -23.28 5.67 4.25
C CYS J 367 -22.44 4.42 4.02
N LYS J 368 -22.48 3.45 4.93
CA LYS J 368 -21.61 2.27 4.88
C LYS J 368 -20.14 2.67 4.86
N SER J 369 -19.83 3.84 5.43
CA SER J 369 -18.48 4.37 5.45
C SER J 369 -17.81 4.11 6.79
N LYS J 370 -16.50 3.90 6.74
CA LYS J 370 -15.72 3.56 7.92
C LYS J 370 -15.25 4.78 8.70
N GLY J 371 -15.96 5.90 8.58
CA GLY J 371 -15.61 7.09 9.32
C GLY J 371 -16.68 7.66 10.25
N PRO J 372 -17.36 6.82 11.05
CA PRO J 372 -18.38 7.35 11.96
C PRO J 372 -17.90 7.62 13.38
N PHE J 373 -16.60 7.55 13.65
CA PHE J 373 -16.09 7.74 15.00
C PHE J 373 -16.04 9.23 15.39
N ARG J 374 -17.13 9.75 15.93
CA ARG J 374 -17.16 11.12 16.45
C ARG J 374 -18.36 11.32 17.36
N VAL J 375 -18.11 11.82 18.56
CA VAL J 375 -19.15 12.01 19.58
C VAL J 375 -19.31 13.51 19.79
N ASN J 376 -20.48 14.04 19.41
CA ASN J 376 -20.75 15.46 19.58
C ASN J 376 -21.28 15.72 20.99
N GLY J 377 -20.67 16.68 21.68
CA GLY J 377 -20.91 16.88 23.10
C GLY J 377 -22.34 17.16 23.52
N GLU J 378 -22.86 18.34 23.16
CA GLU J 378 -24.14 18.79 23.72
C GLU J 378 -25.31 17.96 23.23
N LYS J 379 -25.14 17.20 22.14
CA LYS J 379 -26.22 16.37 21.64
C LYS J 379 -26.41 15.11 22.48
N THR J 380 -25.34 14.59 23.05
CA THR J 380 -25.41 13.40 23.88
C THR J 380 -25.92 13.75 25.27
N VAL J 381 -26.72 12.85 25.84
CA VAL J 381 -27.20 12.98 27.21
C VAL J 381 -26.22 12.25 28.13
N TYR J 382 -25.84 12.91 29.22
CA TYR J 382 -24.83 12.40 30.14
C TYR J 382 -25.44 12.11 31.50
N ARG J 383 -24.83 11.17 32.21
CA ARG J 383 -25.25 10.79 33.55
C ARG J 383 -24.06 10.77 34.50
N ASN J 384 -24.31 11.08 35.76
CA ASN J 384 -23.25 11.15 36.75
C ASN J 384 -22.68 9.77 37.02
N TYR J 385 -21.36 9.69 37.17
CA TYR J 385 -20.65 8.43 37.39
C TYR J 385 -19.57 8.68 38.43
N GLN J 386 -19.68 8.00 39.57
CA GLN J 386 -18.71 8.12 40.64
C GLN J 386 -18.34 6.74 41.16
N ARG J 387 -17.05 6.51 41.36
CA ARG J 387 -16.56 5.26 41.93
C ARG J 387 -16.21 5.47 43.39
N VAL J 388 -16.68 4.55 44.24
CA VAL J 388 -16.36 4.57 45.66
C VAL J 388 -15.69 3.25 45.98
N THR J 389 -14.50 3.31 46.58
CA THR J 389 -13.76 2.12 46.96
C THR J 389 -14.16 1.74 48.38
N LEU J 390 -14.77 0.58 48.53
CA LEU J 390 -15.25 0.10 49.82
C LEU J 390 -14.26 -0.89 50.39
N GLN J 391 -13.87 -0.67 51.65
CA GLN J 391 -13.00 -1.56 52.39
C GLN J 391 -13.77 -2.12 53.57
N GLU J 392 -13.56 -3.40 53.86
CA GLU J 392 -14.29 -4.05 54.94
C GLU J 392 -14.02 -3.34 56.27
N ALA J 393 -15.06 -3.23 57.08
CA ALA J 393 -14.92 -2.58 58.37
C ALA J 393 -13.91 -3.33 59.22
N PRO J 394 -12.96 -2.63 59.85
CA PRO J 394 -11.92 -3.34 60.61
C PRO J 394 -12.45 -4.12 61.80
N GLY J 395 -13.64 -3.80 62.30
CA GLY J 395 -14.17 -4.51 63.44
C GLY J 395 -14.44 -5.99 63.15
N THR J 396 -15.01 -6.28 61.98
CA THR J 396 -15.37 -7.64 61.62
C THR J 396 -14.23 -8.41 60.98
N VAL J 397 -13.08 -7.78 60.76
CA VAL J 397 -11.97 -8.49 60.11
C VAL J 397 -11.33 -9.44 61.11
N PRO J 398 -11.19 -10.72 60.78
CA PRO J 398 -10.47 -11.62 61.69
C PRO J 398 -9.03 -11.19 61.83
N PRO J 399 -8.41 -11.47 62.98
CA PRO J 399 -7.04 -11.01 63.20
C PRO J 399 -6.07 -11.66 62.22
N GLY J 400 -5.06 -10.88 61.83
CA GLY J 400 -3.98 -11.37 60.99
C GLY J 400 -4.25 -11.29 59.50
N ARG J 401 -5.45 -10.88 59.08
CA ARG J 401 -5.81 -10.86 57.68
C ARG J 401 -5.81 -9.42 57.16
N LEU J 402 -5.38 -9.25 55.92
CA LEU J 402 -5.38 -7.93 55.30
C LEU J 402 -6.78 -7.58 54.83
N PRO J 403 -7.35 -6.46 55.27
CA PRO J 403 -8.66 -6.05 54.77
C PRO J 403 -8.65 -5.86 53.26
N ARG J 404 -9.74 -6.26 52.62
CA ARG J 404 -9.86 -6.26 51.17
C ARG J 404 -10.70 -5.08 50.72
N HIS J 405 -10.43 -4.61 49.51
CA HIS J 405 -11.12 -3.48 48.91
C HIS J 405 -11.91 -3.95 47.69
N ARG J 406 -13.16 -3.51 47.59
CA ARG J 406 -13.99 -3.75 46.42
C ARG J 406 -14.46 -2.42 45.87
N GLU J 407 -14.48 -2.31 44.54
CA GLU J 407 -14.80 -1.05 43.87
C GLU J 407 -16.30 -0.98 43.63
N VAL J 408 -16.95 -0.03 44.29
CA VAL J 408 -18.38 0.18 44.18
C VAL J 408 -18.62 1.31 43.19
N ILE J 409 -19.49 1.07 42.21
CA ILE J 409 -19.79 2.04 41.16
C ILE J 409 -21.12 2.70 41.47
N LEU J 410 -21.13 4.02 41.49
CA LEU J 410 -22.32 4.81 41.77
C LEU J 410 -22.71 5.58 40.52
N LEU J 411 -24.02 5.62 40.24
CA LEU J 411 -24.52 6.19 38.99
C LEU J 411 -25.71 7.09 39.28
N ALA J 412 -25.94 8.02 38.36
CA ALA J 412 -27.11 8.91 38.37
C ALA J 412 -27.06 9.75 39.65
N ASP J 413 -28.14 9.81 40.42
CA ASP J 413 -28.18 10.66 41.61
C ASP J 413 -27.52 10.02 42.82
N LEU J 414 -26.99 8.80 42.68
CA LEU J 414 -26.29 8.15 43.77
C LEU J 414 -24.96 8.82 44.10
N VAL J 415 -24.47 9.72 43.23
CA VAL J 415 -23.14 10.28 43.41
C VAL J 415 -23.13 11.22 44.62
N ASP J 416 -21.97 11.25 45.30
CA ASP J 416 -21.74 12.17 46.42
C ASP J 416 -22.84 12.07 47.47
N VAL J 417 -23.26 10.85 47.78
CA VAL J 417 -24.14 10.59 48.90
C VAL J 417 -23.40 10.05 50.10
N SER J 418 -22.10 9.84 49.99
CA SER J 418 -21.28 9.32 51.07
C SER J 418 -20.00 10.13 51.17
N LYS J 419 -19.39 10.09 52.35
CA LYS J 419 -18.12 10.74 52.61
C LYS J 419 -17.13 9.72 53.14
N PRO J 420 -15.86 9.80 52.75
CA PRO J 420 -14.88 8.79 53.19
C PRO J 420 -14.78 8.72 54.70
N GLY J 421 -14.57 7.51 55.20
CA GLY J 421 -14.52 7.25 56.63
C GLY J 421 -15.85 6.96 57.27
N GLU J 422 -16.90 6.72 56.48
CA GLU J 422 -18.24 6.51 56.99
C GLU J 422 -18.71 5.12 56.59
N GLU J 423 -19.19 4.35 57.56
CA GLU J 423 -19.72 3.02 57.28
C GLU J 423 -20.93 3.12 56.37
N VAL J 424 -21.05 2.19 55.43
CA VAL J 424 -22.17 2.18 54.49
C VAL J 424 -22.76 0.77 54.44
N GLU J 425 -23.98 0.71 53.90
CA GLU J 425 -24.75 -0.54 53.77
C GLU J 425 -25.37 -0.50 52.37
N VAL J 426 -24.66 -1.03 51.39
CA VAL J 426 -25.00 -0.84 49.98
C VAL J 426 -25.32 -2.18 49.35
N THR J 427 -26.32 -2.18 48.46
CA THR J 427 -26.73 -3.35 47.70
C THR J 427 -26.59 -3.07 46.21
N GLY J 428 -26.26 -4.10 45.44
CA GLY J 428 -26.16 -3.93 44.01
C GLY J 428 -25.67 -5.19 43.34
N ILE J 429 -25.54 -5.10 42.02
CA ILE J 429 -25.12 -6.24 41.21
C ILE J 429 -23.62 -6.45 41.39
N TYR J 430 -23.23 -7.70 41.67
CA TYR J 430 -21.83 -8.07 41.65
C TYR J 430 -21.45 -8.37 40.21
N LYS J 431 -21.05 -7.33 39.48
CA LYS J 431 -20.74 -7.43 38.07
C LYS J 431 -19.28 -7.79 37.85
N ASN J 432 -19.03 -8.48 36.74
CA ASN J 432 -17.67 -8.85 36.35
C ASN J 432 -17.12 -7.74 35.44
N ASN J 433 -16.04 -7.10 35.90
CA ASN J 433 -15.49 -5.97 35.18
C ASN J 433 -14.89 -6.41 33.83
N TYR J 434 -14.85 -5.47 32.90
CA TYR J 434 -14.25 -5.72 31.60
C TYR J 434 -12.75 -5.97 31.73
N ASP J 435 -12.19 -6.64 30.73
CA ASP J 435 -10.76 -6.86 30.68
C ASP J 435 -10.12 -5.92 29.65
N ASN J 439 -5.47 -7.06 31.21
CA ASN J 439 -4.03 -7.11 31.46
C ASN J 439 -3.55 -8.55 31.57
N ALA J 440 -2.34 -8.81 31.07
CA ALA J 440 -1.69 -10.10 31.20
C ALA J 440 -0.71 -10.12 32.36
N LYS J 441 -0.95 -9.32 33.40
CA LYS J 441 -0.04 -9.25 34.54
C LYS J 441 0.04 -10.58 35.27
N ASN J 442 -1.10 -11.24 35.48
CA ASN J 442 -1.15 -12.50 36.20
C ASN J 442 -0.86 -13.70 35.31
N GLY J 443 -0.75 -13.51 33.99
CA GLY J 443 -0.52 -14.61 33.08
C GLY J 443 -1.79 -15.36 32.74
N PHE J 444 -2.44 -15.93 33.76
CA PHE J 444 -3.67 -16.68 33.55
C PHE J 444 -4.80 -15.73 33.18
N PRO J 445 -5.86 -16.25 32.55
CA PRO J 445 -7.02 -15.40 32.24
C PRO J 445 -7.81 -15.05 33.49
N VAL J 446 -7.73 -13.79 33.92
CA VAL J 446 -8.36 -13.33 35.14
C VAL J 446 -9.05 -11.99 34.87
N PHE J 447 -10.29 -11.86 35.34
CA PHE J 447 -11.06 -10.62 35.21
C PHE J 447 -11.22 -9.96 36.57
N ALA J 448 -11.22 -8.63 36.56
CA ALA J 448 -11.51 -7.85 37.74
C ALA J 448 -13.01 -7.87 38.03
N THR J 449 -13.37 -7.53 39.27
CA THR J 449 -14.75 -7.49 39.70
C THR J 449 -15.08 -6.12 40.27
N ILE J 450 -16.26 -5.62 39.91
CA ILE J 450 -16.75 -4.34 40.38
C ILE J 450 -18.22 -4.49 40.75
N ILE J 451 -18.60 -3.95 41.90
CA ILE J 451 -19.97 -4.07 42.41
C ILE J 451 -20.70 -2.79 42.00
N GLU J 452 -21.57 -2.89 41.00
CA GLU J 452 -22.46 -1.79 40.69
C GLU J 452 -23.47 -1.63 41.81
N ALA J 453 -23.81 -0.39 42.13
CA ALA J 453 -24.63 -0.08 43.29
C ALA J 453 -26.06 0.23 42.87
N ASN J 454 -27.00 -0.04 43.79
CA ASN J 454 -28.40 0.26 43.59
C ASN J 454 -29.02 1.08 44.71
N SER J 455 -28.55 0.93 45.94
CA SER J 455 -29.11 1.66 47.07
C SER J 455 -28.11 1.63 48.22
N ILE J 456 -27.68 2.80 48.68
CA ILE J 456 -26.69 2.89 49.74
C ILE J 456 -27.29 3.71 50.89
N LYS J 457 -27.25 3.14 52.09
CA LYS J 457 -27.77 3.80 53.28
C LYS J 457 -26.69 3.84 54.35
N ARG J 458 -26.42 5.04 54.86
CA ARG J 458 -25.50 5.19 55.97
C ARG J 458 -26.02 4.47 57.19
N ARG J 459 -25.17 3.67 57.83
CA ARG J 459 -25.59 2.95 59.02
C ARG J 459 -25.92 3.92 60.15
N GLU J 460 -25.10 4.95 60.33
CA GLU J 460 -25.32 5.99 61.35
C GLU J 460 -25.48 5.40 62.75
N ASP J 472 -28.69 15.55 57.94
CA ASP J 472 -28.17 16.82 58.42
C ASP J 472 -28.47 17.02 59.90
N VAL J 473 -27.50 16.65 60.75
CA VAL J 473 -27.69 16.77 62.19
C VAL J 473 -27.73 18.22 62.64
N PHE J 474 -27.26 19.14 61.82
CA PHE J 474 -27.27 20.57 62.16
C PHE J 474 -28.43 21.32 61.50
N SER J 475 -29.39 20.61 60.92
CA SER J 475 -30.54 21.25 60.30
C SER J 475 -31.43 21.88 61.38
N TRP J 476 -32.37 22.71 60.93
CA TRP J 476 -33.22 23.47 61.83
C TRP J 476 -34.68 23.44 61.40
N THR J 477 -35.57 23.60 62.38
CA THR J 477 -37.01 23.67 62.17
C THR J 477 -37.62 24.51 63.28
N GLU J 478 -38.73 25.20 62.99
CA GLU J 478 -39.26 26.21 63.89
C GLU J 478 -39.48 25.67 65.31
N GLU J 479 -39.97 24.43 65.42
CA GLU J 479 -40.26 23.85 66.73
C GLU J 479 -39.03 23.76 67.60
N GLU J 480 -37.88 23.38 67.02
CA GLU J 480 -36.69 23.29 67.84
C GLU J 480 -36.08 24.65 68.17
N GLU J 481 -36.34 25.71 67.39
CA GLU J 481 -35.99 27.04 67.89
C GLU J 481 -36.87 27.42 69.08
N ARG J 482 -38.15 27.06 69.04
CA ARG J 482 -38.99 27.27 70.22
C ARG J 482 -38.42 26.52 71.41
N GLU J 483 -38.00 25.27 71.20
CA GLU J 483 -37.37 24.50 72.26
C GLU J 483 -36.10 25.16 72.76
N PHE J 484 -35.28 25.69 71.84
CA PHE J 484 -34.04 26.34 72.25
C PHE J 484 -34.33 27.50 73.17
N ARG J 485 -35.31 28.33 72.81
CA ARG J 485 -35.69 29.43 73.68
C ARG J 485 -36.17 28.91 75.03
N LYS J 486 -36.95 27.83 75.02
CA LYS J 486 -37.51 27.32 76.28
C LYS J 486 -36.41 26.86 77.22
N ILE J 487 -35.49 26.00 76.75
CA ILE J 487 -34.40 25.58 77.63
C ILE J 487 -33.49 26.75 77.99
N SER J 488 -33.31 27.71 77.07
CA SER J 488 -32.50 28.88 77.41
C SER J 488 -33.12 29.68 78.55
N ARG J 489 -34.45 29.64 78.68
CA ARG J 489 -35.12 30.35 79.76
C ARG J 489 -34.86 29.75 81.13
N ASP J 490 -34.25 28.57 81.21
CA ASP J 490 -34.02 27.91 82.49
C ASP J 490 -32.95 28.63 83.30
N ARG J 491 -32.98 28.42 84.61
CA ARG J 491 -31.92 28.88 85.49
C ARG J 491 -30.85 27.80 85.61
N GLY J 492 -29.64 28.23 85.92
CA GLY J 492 -28.52 27.29 85.99
C GLY J 492 -28.21 26.59 84.69
N ILE J 493 -28.59 27.20 83.56
CA ILE J 493 -28.36 26.56 82.27
C ILE J 493 -26.87 26.45 81.98
N ILE J 494 -26.07 27.41 82.45
CA ILE J 494 -24.63 27.34 82.26
C ILE J 494 -24.07 26.10 82.94
N ASP J 495 -24.48 25.85 84.17
CA ASP J 495 -24.02 24.67 84.89
C ASP J 495 -24.55 23.38 84.25
N LYS J 496 -25.78 23.43 83.74
CA LYS J 496 -26.33 22.27 83.04
C LYS J 496 -25.48 21.93 81.82
N ILE J 497 -25.11 22.94 81.04
CA ILE J 497 -24.29 22.71 79.85
C ILE J 497 -22.91 22.20 80.25
N ILE J 498 -22.31 22.80 81.28
CA ILE J 498 -20.99 22.35 81.72
C ILE J 498 -21.04 20.89 82.14
N SER J 499 -22.06 20.51 82.91
CA SER J 499 -22.22 19.11 83.26
C SER J 499 -22.47 18.25 82.03
N SER J 500 -23.04 18.84 80.98
CA SER J 500 -23.25 18.09 79.75
C SER J 500 -21.94 17.90 78.98
N MET J 501 -20.98 18.81 79.15
CA MET J 501 -19.74 18.72 78.40
C MET J 501 -18.93 17.52 78.88
N ALA J 502 -18.49 16.69 77.93
CA ALA J 502 -17.74 15.48 78.22
C ALA J 502 -18.43 14.61 79.27
N PRO J 503 -19.61 14.08 78.97
CA PRO J 503 -20.32 13.25 79.96
C PRO J 503 -19.57 11.99 80.34
N SER J 504 -18.68 11.50 79.48
CA SER J 504 -17.95 10.27 79.75
C SER J 504 -16.86 10.46 80.80
N ILE J 505 -16.59 11.69 81.21
CA ILE J 505 -15.46 11.96 82.09
C ILE J 505 -16.01 12.46 83.43
N TYR J 506 -15.22 12.28 84.48
CA TYR J 506 -15.59 12.69 85.83
C TYR J 506 -14.52 13.59 86.40
N GLY J 507 -14.91 14.78 86.82
CA GLY J 507 -14.01 15.72 87.47
C GLY J 507 -13.52 16.78 86.50
N HIS J 508 -12.71 17.68 87.05
CA HIS J 508 -12.11 18.79 86.31
C HIS J 508 -13.19 19.65 85.65
N ARG J 509 -14.03 20.24 86.50
CA ARG J 509 -15.09 21.11 85.99
C ARG J 509 -14.52 22.35 85.32
N ASP J 510 -13.32 22.78 85.74
CA ASP J 510 -12.67 23.92 85.08
C ASP J 510 -12.40 23.60 83.61
N ILE J 511 -11.95 22.39 83.32
CA ILE J 511 -11.68 21.99 81.94
C ILE J 511 -12.98 22.00 81.13
N LYS J 512 -14.07 21.49 81.72
CA LYS J 512 -15.35 21.49 81.03
C LYS J 512 -15.82 22.91 80.75
N THR J 513 -15.68 23.80 81.73
CA THR J 513 -16.04 25.19 81.51
C THR J 513 -15.21 25.81 80.39
N ALA J 514 -13.91 25.55 80.39
CA ALA J 514 -13.03 26.11 79.37
C ALA J 514 -13.40 25.62 77.99
N VAL J 515 -13.65 24.31 77.86
CA VAL J 515 -13.95 23.76 76.54
C VAL J 515 -15.31 24.25 76.05
N ALA J 516 -16.28 24.40 76.98
CA ALA J 516 -17.56 24.96 76.58
C ALA J 516 -17.40 26.40 76.10
N CYS J 517 -16.57 27.18 76.80
CA CYS J 517 -16.28 28.54 76.36
C CYS J 517 -15.67 28.55 74.97
N SER J 518 -14.72 27.65 74.72
CA SER J 518 -14.09 27.60 73.41
C SER J 518 -15.10 27.23 72.33
N LEU J 519 -15.99 26.27 72.61
CA LEU J 519 -17.00 25.89 71.63
C LEU J 519 -17.91 27.06 71.31
N PHE J 520 -18.49 27.69 72.32
CA PHE J 520 -19.38 28.81 72.07
C PHE J 520 -18.64 29.98 71.45
N GLY J 521 -17.45 30.29 71.97
CA GLY J 521 -16.60 31.30 71.37
C GLY J 521 -17.10 32.72 71.53
N GLY J 522 -16.19 33.68 71.39
CA GLY J 522 -16.55 35.07 71.44
C GLY J 522 -17.21 35.54 70.16
N VAL J 523 -17.62 36.80 70.15
CA VAL J 523 -18.26 37.38 68.98
C VAL J 523 -17.20 37.81 67.98
N PRO J 524 -17.25 37.31 66.74
CA PRO J 524 -16.36 37.84 65.71
C PRO J 524 -16.67 39.30 65.46
N LYS J 525 -15.62 40.09 65.21
CA LYS J 525 -15.79 41.51 64.96
C LYS J 525 -14.75 42.00 63.96
N ASN J 526 -15.12 43.04 63.23
CA ASN J 526 -14.22 43.67 62.27
C ASN J 526 -14.70 45.11 62.07
N VAL J 527 -13.94 46.07 62.60
CA VAL J 527 -14.36 47.48 62.57
C VAL J 527 -13.89 48.04 61.24
N ASN J 528 -14.70 47.80 60.21
CA ASN J 528 -14.53 48.36 58.85
C ASN J 528 -13.09 48.24 58.35
N GLY J 529 -12.36 47.26 58.86
CA GLY J 529 -10.96 47.10 58.55
C GLY J 529 -10.02 47.93 59.40
N LYS J 530 -10.54 48.92 60.12
CA LYS J 530 -9.70 49.75 60.98
C LYS J 530 -9.07 48.90 62.09
N HIS J 531 -9.89 48.15 62.80
CA HIS J 531 -9.43 47.27 63.88
C HIS J 531 -10.03 45.89 63.68
N SER J 532 -9.20 44.87 63.80
CA SER J 532 -9.64 43.49 63.70
C SER J 532 -9.35 42.78 65.02
N ILE J 533 -10.35 42.08 65.54
CA ILE J 533 -10.25 41.39 66.82
C ILE J 533 -10.65 39.94 66.63
N ARG J 534 -9.84 39.03 67.18
CA ARG J 534 -10.15 37.61 67.10
C ARG J 534 -11.48 37.32 67.78
N GLY J 535 -12.32 36.52 67.14
CA GLY J 535 -13.61 36.18 67.69
C GLY J 535 -13.64 34.79 68.30
N ASP J 536 -12.47 34.23 68.60
CA ASP J 536 -12.36 32.87 69.09
C ASP J 536 -11.65 32.86 70.44
N ILE J 537 -11.89 31.79 71.19
CA ILE J 537 -11.27 31.61 72.51
C ILE J 537 -10.44 30.34 72.46
N ASN J 538 -9.14 30.48 72.73
CA ASN J 538 -8.20 29.37 72.63
C ASN J 538 -7.94 28.80 74.03
N VAL J 539 -8.00 27.48 74.14
CA VAL J 539 -7.88 26.79 75.42
C VAL J 539 -6.71 25.82 75.35
N LEU J 540 -5.85 25.87 76.36
CA LEU J 540 -4.69 24.98 76.45
C LEU J 540 -4.88 24.07 77.66
N LEU J 541 -4.65 22.78 77.48
CA LEU J 541 -4.77 21.79 78.53
C LEU J 541 -3.39 21.23 78.84
N LEU J 542 -2.68 21.87 79.75
CA LEU J 542 -1.36 21.42 80.17
C LEU J 542 -1.51 20.55 81.41
N GLY J 543 -1.58 19.23 81.20
CA GLY J 543 -1.88 18.32 82.27
C GLY J 543 -0.94 17.14 82.32
N ASP J 544 -0.85 16.54 83.50
CA ASP J 544 -0.01 15.37 83.70
C ASP J 544 -0.59 14.17 82.95
N PRO J 545 0.25 13.22 82.56
CA PRO J 545 -0.23 12.09 81.75
C PRO J 545 -1.31 11.30 82.45
N GLY J 546 -2.20 10.72 81.65
CA GLY J 546 -3.30 9.95 82.18
C GLY J 546 -4.34 10.79 82.92
N THR J 547 -4.67 11.96 82.39
CA THR J 547 -5.72 12.79 82.95
C THR J 547 -6.85 13.05 81.95
N ALA J 548 -6.88 12.28 80.86
CA ALA J 548 -7.97 12.29 79.89
C ALA J 548 -8.05 13.59 79.10
N LYS J 549 -6.91 14.26 78.89
CA LYS J 549 -6.90 15.36 77.94
C LYS J 549 -7.19 14.87 76.53
N SER J 550 -6.61 13.72 76.19
CA SER J 550 -6.83 13.14 74.84
C SER J 550 -8.31 12.80 74.67
N GLN J 551 -8.90 12.14 75.65
CA GLN J 551 -10.30 11.77 75.55
C GLN J 551 -11.21 12.99 75.50
N ILE J 552 -10.85 14.05 76.25
CA ILE J 552 -11.61 15.29 76.17
C ILE J 552 -11.56 15.85 74.75
N LEU J 553 -10.37 15.84 74.13
CA LEU J 553 -10.26 16.33 72.77
C LEU J 553 -11.07 15.46 71.80
N LYS J 554 -11.07 14.15 72.00
CA LYS J 554 -11.89 13.28 71.16
C LYS J 554 -13.36 13.62 71.30
N TYR J 555 -13.81 13.88 72.54
CA TYR J 555 -15.19 14.30 72.75
C TYR J 555 -15.47 15.60 72.01
N VAL J 556 -14.54 16.56 72.07
CA VAL J 556 -14.74 17.82 71.35
C VAL J 556 -14.89 17.56 69.87
N GLU J 557 -14.02 16.72 69.31
CA GLU J 557 -14.16 16.33 67.91
C GLU J 557 -15.56 15.80 67.63
N LYS J 558 -16.07 14.95 68.52
CA LYS J 558 -17.40 14.40 68.32
C LYS J 558 -18.46 15.50 68.35
N THR J 559 -18.33 16.46 69.26
CA THR J 559 -19.42 17.38 69.58
C THR J 559 -19.26 18.76 68.95
N ALA J 560 -18.24 19.00 68.15
CA ALA J 560 -18.03 20.32 67.58
C ALA J 560 -18.43 20.36 66.11
N HIS J 561 -18.56 21.57 65.60
CA HIS J 561 -18.88 21.81 64.20
C HIS J 561 -17.64 22.36 63.50
N ARG J 562 -17.34 21.81 62.33
CA ARG J 562 -16.12 22.16 61.58
C ARG J 562 -14.88 21.89 62.43
N ALA J 563 -14.82 20.69 63.01
CA ALA J 563 -13.76 20.30 63.92
C ALA J 563 -12.78 19.38 63.22
N VAL J 564 -11.49 19.70 63.33
CA VAL J 564 -10.42 18.87 62.78
C VAL J 564 -9.51 18.45 63.93
N PHE J 565 -8.97 17.25 63.85
CA PHE J 565 -8.08 16.72 64.88
C PHE J 565 -6.69 16.59 64.30
N ALA J 566 -5.72 17.23 64.96
CA ALA J 566 -4.33 17.18 64.53
C ALA J 566 -3.47 16.74 65.69
N THR J 567 -2.29 16.20 65.36
CA THR J 567 -1.34 15.74 66.36
C THR J 567 -0.06 16.56 66.24
N GLY J 568 0.60 16.75 67.38
CA GLY J 568 1.86 17.47 67.37
C GLY J 568 2.94 16.75 66.58
N GLN J 569 2.92 15.42 66.59
CA GLN J 569 3.89 14.63 65.86
C GLN J 569 3.25 13.31 65.46
N GLY J 570 3.86 12.65 64.48
CA GLY J 570 3.42 11.34 64.06
C GLY J 570 2.73 11.29 62.72
N ALA J 571 1.73 10.42 62.59
CA ALA J 571 0.99 10.25 61.35
C ALA J 571 -0.41 10.84 61.48
N SER J 572 -0.77 11.68 60.52
CA SER J 572 -2.08 12.32 60.52
C SER J 572 -2.41 12.78 59.11
N ALA J 573 -3.70 12.84 58.81
CA ALA J 573 -4.15 13.33 57.52
C ALA J 573 -4.09 14.85 57.42
N VAL J 574 -3.82 15.54 58.52
CA VAL J 574 -3.67 16.99 58.54
C VAL J 574 -2.32 17.32 59.17
N GLY J 575 -1.56 18.17 58.50
CA GLY J 575 -0.20 18.48 58.91
C GLY J 575 0.04 19.85 59.51
N LEU J 576 -1.01 20.62 59.78
CA LEU J 576 -0.89 21.93 60.44
C LEU J 576 -0.09 22.94 59.62
N THR J 577 0.31 22.57 58.41
CA THR J 577 1.12 23.45 57.57
C THR J 577 0.65 23.37 56.14
N ALA J 578 0.56 24.53 55.49
CA ALA J 578 0.20 24.56 54.08
C ALA J 578 1.30 23.93 53.23
N SER J 579 0.90 23.12 52.26
CA SER J 579 1.84 22.36 51.45
C SER J 579 1.31 22.26 50.02
N VAL J 580 2.23 22.01 49.10
CA VAL J 580 1.92 21.79 47.69
C VAL J 580 2.55 20.46 47.32
N ARG J 581 1.76 19.39 47.34
CA ARG J 581 2.25 18.05 47.09
C ARG J 581 1.56 17.46 45.86
N LYS J 582 2.30 16.62 45.13
CA LYS J 582 1.80 15.99 43.92
C LYS J 582 1.57 14.51 44.17
N ASP J 583 0.36 14.04 43.89
CA ASP J 583 0.04 12.62 44.05
C ASP J 583 0.72 11.82 42.94
N PRO J 584 1.60 10.87 43.26
CA PRO J 584 2.33 10.16 42.20
C PRO J 584 1.44 9.40 41.23
N ILE J 585 0.30 8.89 41.70
CA ILE J 585 -0.58 8.13 40.80
C ILE J 585 -1.23 9.04 39.78
N THR J 586 -1.67 10.23 40.19
CA THR J 586 -2.37 11.14 39.30
C THR J 586 -1.50 12.28 38.78
N LYS J 587 -0.39 12.58 39.46
CA LYS J 587 0.66 13.47 38.93
C LYS J 587 0.13 14.87 38.65
N GLU J 588 -0.38 15.52 39.70
CA GLU J 588 -0.80 16.91 39.60
C GLU J 588 -0.64 17.56 40.97
N TRP J 589 -0.49 18.88 40.95
CA TRP J 589 -0.31 19.63 42.18
C TRP J 589 -1.63 19.85 42.90
N THR J 590 -1.60 19.79 44.22
CA THR J 590 -2.75 20.11 45.05
C THR J 590 -2.32 21.05 46.16
N LEU J 591 -3.11 22.08 46.40
CA LEU J 591 -2.87 23.04 47.48
C LEU J 591 -3.69 22.59 48.67
N GLU J 592 -3.04 21.96 49.64
CA GLU J 592 -3.69 21.51 50.87
C GLU J 592 -3.22 22.39 52.01
N GLY J 593 -4.17 23.04 52.67
CA GLY J 593 -3.83 23.78 53.87
C GLY J 593 -3.67 22.85 55.05
N GLY J 594 -3.14 23.40 56.13
CA GLY J 594 -2.99 22.65 57.35
C GLY J 594 -4.33 22.42 58.02
N ALA J 595 -4.27 21.76 59.18
CA ALA J 595 -5.47 21.61 59.99
C ALA J 595 -6.03 22.97 60.38
N LEU J 596 -5.17 23.97 60.55
CA LEU J 596 -5.63 25.31 60.85
C LEU J 596 -6.49 25.88 59.73
N VAL J 597 -6.04 25.70 58.48
CA VAL J 597 -6.80 26.21 57.35
C VAL J 597 -8.09 25.42 57.18
N LEU J 598 -8.05 24.10 57.36
CA LEU J 598 -9.24 23.29 57.20
C LEU J 598 -10.32 23.69 58.20
N ALA J 599 -9.93 24.00 59.43
CA ALA J 599 -10.86 24.45 60.45
C ALA J 599 -11.01 25.97 60.39
N ASP J 600 -11.45 26.44 59.22
CA ASP J 600 -11.54 27.88 59.01
C ASP J 600 -12.59 28.51 59.92
N LYS J 601 -13.71 27.83 60.13
CA LYS J 601 -14.79 28.35 60.96
C LYS J 601 -15.20 27.31 62.00
N GLY J 602 -14.21 26.71 62.63
CA GLY J 602 -14.46 25.71 63.64
C GLY J 602 -13.32 25.67 64.64
N VAL J 603 -13.10 24.48 65.18
CA VAL J 603 -12.04 24.27 66.15
C VAL J 603 -11.00 23.34 65.56
N CYS J 604 -9.77 23.46 66.06
CA CYS J 604 -8.67 22.59 65.67
C CYS J 604 -8.07 22.02 66.94
N LEU J 605 -8.22 20.70 67.13
CA LEU J 605 -7.73 20.03 68.32
C LEU J 605 -6.31 19.56 68.07
N ILE J 606 -5.36 20.11 68.82
CA ILE J 606 -3.94 19.82 68.64
C ILE J 606 -3.46 19.06 69.85
N ASP J 607 -3.36 17.75 69.73
CA ASP J 607 -2.80 16.93 70.80
C ASP J 607 -1.28 16.88 70.67
N GLU J 608 -0.63 16.53 71.78
CA GLU J 608 0.83 16.53 71.86
C GLU J 608 1.40 17.87 71.44
N PHE J 609 0.83 18.93 72.01
CA PHE J 609 1.17 20.29 71.59
C PHE J 609 2.64 20.59 71.86
N ASP J 610 3.18 20.10 72.97
CA ASP J 610 4.60 20.31 73.24
C ASP J 610 5.49 19.64 72.20
N LYS J 611 5.05 18.52 71.62
CA LYS J 611 5.88 17.76 70.70
C LYS J 611 5.61 18.16 69.24
N MET J 612 5.73 19.45 68.97
CA MET J 612 5.57 19.95 67.61
C MET J 612 6.92 20.15 66.94
N ASN J 613 6.93 19.98 65.62
CA ASN J 613 8.09 20.33 64.84
C ASN J 613 8.23 21.85 64.76
N ASP J 614 9.39 22.29 64.29
CA ASP J 614 9.62 23.74 64.17
C ASP J 614 8.66 24.36 63.15
N GLN J 615 8.45 23.68 62.02
CA GLN J 615 7.52 24.20 61.02
C GLN J 615 6.10 24.25 61.57
N ASP J 616 5.69 23.21 62.28
CA ASP J 616 4.37 23.19 62.89
C ASP J 616 4.22 24.31 63.92
N ARG J 617 5.28 24.54 64.71
CA ARG J 617 5.22 25.62 65.70
C ARG J 617 5.10 26.98 65.02
N THR J 618 5.86 27.20 63.95
CA THR J 618 5.78 28.47 63.24
C THR J 618 4.40 28.67 62.63
N SER J 619 3.83 27.62 62.04
CA SER J 619 2.50 27.74 61.47
C SER J 619 1.46 27.99 62.54
N ILE J 620 1.59 27.35 63.70
CA ILE J 620 0.68 27.60 64.82
C ILE J 620 0.75 29.06 65.24
N HIS J 621 1.97 29.59 65.35
CA HIS J 621 2.14 30.98 65.74
C HIS J 621 1.49 31.91 64.72
N GLU J 622 1.71 31.64 63.43
CA GLU J 622 1.12 32.49 62.40
C GLU J 622 -0.40 32.46 62.44
N ALA J 623 -0.98 31.26 62.57
CA ALA J 623 -2.42 31.15 62.60
C ALA J 623 -3.01 31.84 63.83
N MET J 624 -2.34 31.71 64.98
CA MET J 624 -2.89 32.32 66.19
C MET J 624 -2.72 33.83 66.19
N GLU J 625 -1.71 34.35 65.48
CA GLU J 625 -1.50 35.78 65.53
C GLU J 625 -2.26 36.53 64.44
N GLN J 626 -2.12 36.12 63.18
CA GLN J 626 -2.73 36.84 62.09
C GLN J 626 -3.97 36.17 61.50
N GLN J 627 -4.30 34.95 61.94
CA GLN J 627 -5.48 34.23 61.48
C GLN J 627 -5.48 34.02 59.97
N SER J 628 -4.29 33.92 59.37
CA SER J 628 -4.20 33.74 57.92
C SER J 628 -2.85 33.12 57.60
N ILE J 629 -2.87 31.85 57.19
CA ILE J 629 -1.65 31.18 56.77
C ILE J 629 -1.32 31.60 55.35
N SER J 630 -0.06 31.95 55.12
CA SER J 630 0.41 32.36 53.80
C SER J 630 1.31 31.29 53.21
N ILE J 631 1.21 31.11 51.90
CA ILE J 631 1.93 30.07 51.17
C ILE J 631 2.66 30.73 50.00
N SER J 632 3.92 30.37 49.81
CA SER J 632 4.73 30.95 48.75
C SER J 632 5.59 29.88 48.08
N LYS J 633 5.01 28.73 47.77
CA LYS J 633 5.74 27.63 47.17
C LYS J 633 5.19 27.30 45.78
N ALA J 634 6.09 26.82 44.92
CA ALA J 634 5.73 26.31 43.60
C ALA J 634 4.98 27.32 42.76
N GLY J 635 5.27 28.61 42.95
CA GLY J 635 4.63 29.66 42.20
C GLY J 635 3.31 30.15 42.77
N ILE J 636 2.79 29.50 43.81
CA ILE J 636 1.54 29.92 44.42
C ILE J 636 1.87 30.91 45.54
N VAL J 637 1.54 32.17 45.32
CA VAL J 637 1.77 33.23 46.30
C VAL J 637 0.41 33.74 46.74
N THR J 638 -0.09 33.24 47.86
CA THR J 638 -1.37 33.67 48.38
C THR J 638 -1.39 33.44 49.89
N THR J 639 -2.36 34.06 50.55
CA THR J 639 -2.54 33.96 51.99
C THR J 639 -3.90 33.33 52.27
N LEU J 640 -3.91 32.04 52.58
CA LEU J 640 -5.15 31.39 52.96
C LEU J 640 -5.64 31.93 54.30
N GLN J 641 -6.95 31.83 54.52
CA GLN J 641 -7.57 32.31 55.73
C GLN J 641 -7.77 31.16 56.70
N ALA J 642 -7.43 31.37 57.96
CA ALA J 642 -7.65 30.38 59.00
C ALA J 642 -8.01 31.10 60.30
N ARG J 643 -9.30 31.25 60.56
CA ARG J 643 -9.79 31.93 61.75
C ARG J 643 -10.38 30.86 62.66
N CYS J 644 -9.51 30.21 63.44
CA CYS J 644 -9.86 29.02 64.18
C CYS J 644 -9.56 29.19 65.66
N SER J 645 -10.40 28.58 66.48
CA SER J 645 -10.17 28.49 67.92
C SER J 645 -9.40 27.22 68.19
N ILE J 646 -8.29 27.34 68.92
CA ILE J 646 -7.39 26.22 69.15
C ILE J 646 -7.64 25.65 70.54
N ILE J 647 -7.96 24.37 70.61
CA ILE J 647 -7.99 23.63 71.87
C ILE J 647 -6.82 22.67 71.84
N ALA J 648 -5.84 22.91 72.69
CA ALA J 648 -4.58 22.18 72.66
C ALA J 648 -4.34 21.44 73.96
N ALA J 649 -3.71 20.27 73.85
CA ALA J 649 -3.31 19.46 74.99
C ALA J 649 -1.80 19.28 74.95
N ALA J 650 -1.14 19.61 76.05
CA ALA J 650 0.32 19.52 76.12
C ALA J 650 0.72 18.92 77.46
N ASN J 651 1.91 18.37 77.50
CA ASN J 651 2.42 17.68 78.66
C ASN J 651 3.53 18.51 79.30
N PRO J 652 3.50 18.74 80.61
CA PRO J 652 4.59 19.46 81.27
C PRO J 652 5.93 18.76 81.05
N ASN J 653 7.00 19.53 81.13
CA ASN J 653 8.34 18.97 80.98
C ASN J 653 8.58 17.90 82.05
N GLY J 654 9.17 16.79 81.63
CA GLY J 654 9.41 15.69 82.53
C GLY J 654 8.22 14.81 82.82
N GLY J 655 7.12 14.97 82.07
CA GLY J 655 5.95 14.14 82.29
C GLY J 655 5.23 14.40 83.58
N ARG J 656 5.41 15.58 84.17
CA ARG J 656 4.78 15.93 85.43
C ARG J 656 4.94 17.43 85.66
N TYR J 657 3.88 18.07 86.14
CA TYR J 657 3.94 19.50 86.42
C TYR J 657 4.63 19.73 87.76
N ASN J 658 5.66 20.57 87.74
CA ASN J 658 6.32 21.01 88.95
C ASN J 658 5.66 22.31 89.39
N SER J 659 5.06 22.29 90.59
CA SER J 659 4.28 23.44 91.03
C SER J 659 5.17 24.62 91.41
N THR J 660 6.37 24.35 91.95
CA THR J 660 7.22 25.45 92.40
C THR J 660 7.76 26.28 91.25
N LEU J 661 7.82 25.71 90.05
CA LEU J 661 8.22 26.48 88.89
C LEU J 661 7.03 27.26 88.33
N PRO J 662 7.29 28.37 87.64
CA PRO J 662 6.20 29.06 86.94
C PRO J 662 5.76 28.30 85.71
N LEU J 663 4.83 28.89 84.94
CA LEU J 663 4.40 28.24 83.71
C LEU J 663 5.52 28.18 82.68
N ALA J 664 6.46 29.12 82.73
CA ALA J 664 7.52 29.17 81.73
C ALA J 664 8.38 27.91 81.78
N GLN J 665 8.80 27.50 82.97
CA GLN J 665 9.69 26.35 83.10
C GLN J 665 8.94 25.03 82.95
N ASN J 666 7.62 25.01 83.15
CA ASN J 666 6.88 23.76 83.10
C ASN J 666 6.64 23.27 81.68
N VAL J 667 6.51 24.18 80.72
CA VAL J 667 6.19 23.82 79.35
C VAL J 667 7.23 24.44 78.42
N SER J 668 7.65 23.68 77.41
CA SER J 668 8.67 24.12 76.48
C SER J 668 8.21 25.22 75.55
N LEU J 669 6.90 25.48 75.47
CA LEU J 669 6.40 26.56 74.62
C LEU J 669 6.91 27.90 75.11
N THR J 670 7.29 28.76 74.16
CA THR J 670 7.76 30.08 74.52
C THR J 670 6.58 31.01 74.79
N GLU J 671 6.88 32.14 75.43
CA GLU J 671 5.83 33.06 75.86
C GLU J 671 4.95 33.59 74.73
N PRO J 672 5.47 33.99 73.57
CA PRO J 672 4.56 34.44 72.50
C PRO J 672 3.55 33.38 72.08
N ILE J 673 3.89 32.10 72.19
CA ILE J 673 2.93 31.05 71.85
C ILE J 673 1.81 31.00 72.88
N LEU J 674 2.15 31.10 74.17
CA LEU J 674 1.16 30.98 75.21
C LEU J 674 0.29 32.22 75.31
N SER J 675 0.86 33.39 75.04
CA SER J 675 0.15 34.65 75.29
C SER J 675 -1.13 34.74 74.47
N ARG J 676 -1.14 34.14 73.28
CA ARG J 676 -2.34 34.22 72.45
C ARG J 676 -3.46 33.36 73.00
N PHE J 677 -3.15 32.42 73.88
CA PHE J 677 -4.19 31.64 74.53
C PHE J 677 -4.97 32.51 75.51
N ASP J 678 -6.16 32.03 75.87
CA ASP J 678 -7.02 32.73 76.82
C ASP J 678 -7.20 31.96 78.11
N ILE J 679 -7.51 30.67 78.05
CA ILE J 679 -7.73 29.85 79.22
C ILE J 679 -6.61 28.82 79.28
N LEU J 680 -5.63 29.06 80.13
CA LEU J 680 -4.50 28.15 80.32
C LEU J 680 -4.74 27.38 81.62
N CYS J 681 -5.54 26.33 81.55
CA CYS J 681 -5.88 25.52 82.71
C CYS J 681 -4.87 24.40 82.84
N VAL J 682 -4.11 24.42 83.93
CA VAL J 682 -3.12 23.39 84.21
C VAL J 682 -3.81 22.25 84.95
N VAL J 683 -3.77 21.06 84.37
CA VAL J 683 -4.42 19.89 84.98
C VAL J 683 -3.36 19.22 85.83
N ARG J 684 -3.19 19.72 87.06
CA ARG J 684 -2.26 19.12 88.00
C ARG J 684 -2.91 17.92 88.68
N ASP J 685 -2.13 16.86 88.85
CA ASP J 685 -2.63 15.69 89.57
C ASP J 685 -2.72 15.99 91.05
N LEU J 686 -3.85 15.64 91.67
CA LEU J 686 -4.10 15.93 93.07
C LEU J 686 -4.20 14.62 93.83
N VAL J 687 -3.47 14.52 94.94
CA VAL J 687 -3.42 13.31 95.75
C VAL J 687 -4.41 13.49 96.89
N ASP J 688 -5.65 13.10 96.66
CA ASP J 688 -6.68 13.02 97.70
C ASP J 688 -7.27 11.63 97.68
N GLU J 689 -7.35 11.01 98.85
CA GLU J 689 -7.86 9.64 98.92
C GLU J 689 -9.34 9.58 98.52
N GLU J 690 -10.14 10.55 98.95
CA GLU J 690 -11.57 10.52 98.63
C GLU J 690 -11.84 10.83 97.16
N ALA J 691 -11.12 11.80 96.61
CA ALA J 691 -11.26 12.09 95.18
C ALA J 691 -10.85 10.90 94.35
N ASP J 692 -9.75 10.25 94.71
CA ASP J 692 -9.34 9.03 94.02
C ASP J 692 -10.38 7.93 94.19
N GLU J 693 -11.01 7.85 95.35
CA GLU J 693 -12.04 6.85 95.58
C GLU J 693 -13.22 7.05 94.63
N ARG J 694 -13.67 8.30 94.51
CA ARG J 694 -14.82 8.61 93.62
C ARG J 694 -14.43 8.39 92.17
N LEU J 695 -13.19 8.71 91.80
CA LEU J 695 -12.72 8.47 90.44
C LEU J 695 -12.65 6.97 90.13
N ALA J 696 -12.14 6.19 91.08
CA ALA J 696 -12.05 4.75 90.88
C ALA J 696 -13.43 4.12 90.79
N THR J 697 -14.38 4.58 91.59
CA THR J 697 -15.75 4.07 91.48
C THR J 697 -16.32 4.34 90.10
N PHE J 698 -16.14 5.57 89.60
CA PHE J 698 -16.62 5.89 88.26
C PHE J 698 -15.97 4.98 87.21
N VAL J 699 -14.64 4.84 87.28
CA VAL J 699 -13.91 4.06 86.30
C VAL J 699 -14.35 2.60 86.33
N VAL J 700 -14.50 2.04 87.53
CA VAL J 700 -14.88 0.63 87.67
C VAL J 700 -16.30 0.40 87.17
N ASP J 701 -17.22 1.31 87.51
CA ASP J 701 -18.59 1.16 87.02
C ASP J 701 -18.61 1.19 85.50
N SER J 702 -17.89 2.14 84.90
CA SER J 702 -17.85 2.22 83.44
C SER J 702 -17.23 0.97 82.83
N HIS J 703 -16.16 0.46 83.45
CA HIS J 703 -15.46 -0.69 82.89
C HIS J 703 -16.30 -1.95 82.98
N VAL J 704 -17.03 -2.12 84.08
CA VAL J 704 -17.90 -3.28 84.23
C VAL J 704 -19.09 -3.18 83.27
N ARG J 705 -19.64 -1.99 83.10
CA ARG J 705 -20.78 -1.82 82.21
C ARG J 705 -20.44 -2.15 80.76
N SER J 706 -19.16 -2.21 80.41
CA SER J 706 -18.74 -2.44 79.05
C SER J 706 -18.44 -3.90 78.74
N HIS J 707 -18.63 -4.81 79.69
CA HIS J 707 -18.21 -6.19 79.49
C HIS J 707 -19.20 -6.93 78.61
N PRO J 708 -18.75 -7.57 77.53
CA PRO J 708 -19.70 -8.22 76.60
C PRO J 708 -20.51 -9.35 77.22
N GLU J 709 -19.95 -10.11 78.15
CA GLU J 709 -20.67 -11.24 78.73
C GLU J 709 -21.50 -10.86 79.95
N ASN J 710 -20.97 -9.97 80.80
CA ASN J 710 -21.72 -9.55 81.98
C ASN J 710 -23.02 -8.86 81.60
N ASP J 711 -22.97 -8.01 80.58
CA ASP J 711 -24.18 -7.35 80.09
C ASP J 711 -24.27 -7.44 78.57
N SER J 756 -30.37 16.75 84.77
CA SER J 756 -29.82 18.10 84.65
C SER J 756 -28.94 18.29 83.40
N PRO J 757 -28.03 17.36 83.10
CA PRO J 757 -27.30 17.45 81.84
C PRO J 757 -28.24 17.36 80.64
N ILE J 758 -27.91 18.10 79.59
CA ILE J 758 -28.70 18.16 78.37
C ILE J 758 -28.34 16.99 77.48
N PRO J 759 -29.30 16.38 76.77
CA PRO J 759 -28.95 15.32 75.82
C PRO J 759 -28.04 15.82 74.72
N GLN J 760 -27.21 14.91 74.19
CA GLN J 760 -26.12 15.30 73.31
C GLN J 760 -26.63 15.92 72.02
N GLU J 761 -27.70 15.38 71.44
CA GLU J 761 -28.24 15.94 70.21
C GLU J 761 -28.75 17.37 70.42
N LEU J 762 -29.47 17.58 71.52
CA LEU J 762 -29.91 18.93 71.86
C LEU J 762 -28.73 19.85 72.06
N LEU J 763 -27.67 19.35 72.71
CA LEU J 763 -26.47 20.16 72.90
C LEU J 763 -25.85 20.55 71.57
N MET J 764 -25.75 19.58 70.65
CA MET J 764 -25.28 19.85 69.30
C MET J 764 -26.03 21.00 68.66
N LYS J 765 -27.34 20.82 68.53
CA LYS J 765 -28.14 21.79 67.81
C LYS J 765 -28.17 23.15 68.51
N TYR J 766 -28.26 23.16 69.84
CA TYR J 766 -28.31 24.42 70.57
C TYR J 766 -26.99 25.17 70.45
N ILE J 767 -25.86 24.46 70.52
CA ILE J 767 -24.56 25.10 70.34
C ILE J 767 -24.47 25.70 68.95
N HIS J 768 -24.88 24.94 67.93
CA HIS J 768 -24.82 25.45 66.56
C HIS J 768 -25.68 26.70 66.41
N TYR J 769 -26.90 26.66 66.92
CA TYR J 769 -27.79 27.81 66.78
C TYR J 769 -27.28 29.01 67.56
N ALA J 770 -26.69 28.76 68.73
CA ALA J 770 -26.12 29.85 69.51
C ALA J 770 -24.99 30.53 68.75
N ARG J 771 -24.10 29.73 68.15
CA ARG J 771 -23.01 30.31 67.38
C ARG J 771 -23.50 31.02 66.13
N THR J 772 -24.60 30.54 65.55
CA THR J 772 -25.04 31.07 64.26
C THR J 772 -25.87 32.34 64.42
N LYS J 773 -26.93 32.29 65.24
CA LYS J 773 -27.94 33.33 65.27
C LYS J 773 -27.90 34.20 66.53
N ILE J 774 -26.78 34.22 67.24
CA ILE J 774 -26.64 35.04 68.45
C ILE J 774 -25.33 35.80 68.36
N TYR J 775 -25.41 37.13 68.44
CA TYR J 775 -24.24 38.01 68.47
C TYR J 775 -24.41 38.95 69.65
N PRO J 776 -24.07 38.51 70.86
CA PRO J 776 -24.34 39.33 72.05
C PRO J 776 -23.55 40.62 72.06
N LYS J 777 -24.11 41.62 72.75
CA LYS J 777 -23.53 42.94 72.88
C LYS J 777 -23.35 43.27 74.36
N LEU J 778 -22.28 43.96 74.69
CA LEU J 778 -22.00 44.31 76.07
C LEU J 778 -22.89 45.47 76.52
N HIS J 779 -23.17 45.52 77.81
CA HIS J 779 -24.02 46.55 78.40
C HIS J 779 -23.16 47.72 78.83
N GLN J 780 -23.58 48.93 78.44
CA GLN J 780 -22.75 50.12 78.64
C GLN J 780 -22.61 50.47 80.12
N MET J 781 -23.67 50.28 80.91
CA MET J 781 -23.68 50.80 82.28
C MET J 781 -22.57 50.21 83.14
N ASP J 782 -22.15 48.98 82.85
CA ASP J 782 -21.07 48.33 83.58
C ASP J 782 -19.71 48.58 82.95
N MET J 783 -19.54 49.70 82.23
CA MET J 783 -18.29 49.95 81.53
C MET J 783 -17.12 50.08 82.49
N ASP J 784 -17.31 50.85 83.57
CA ASP J 784 -16.20 51.15 84.46
C ASP J 784 -15.86 50.03 85.42
N LYS J 785 -16.79 49.09 85.63
CA LYS J 785 -16.52 47.97 86.53
C LYS J 785 -15.36 47.12 86.03
N VAL J 786 -15.37 46.76 84.75
CA VAL J 786 -14.27 45.98 84.20
C VAL J 786 -12.99 46.80 84.19
N SER J 787 -13.09 48.11 83.94
CA SER J 787 -11.88 48.94 83.94
C SER J 787 -11.22 48.95 85.31
N ARG J 788 -12.01 49.09 86.37
CA ARG J 788 -11.42 49.08 87.71
C ARG J 788 -10.95 47.68 88.09
N VAL J 789 -11.61 46.63 87.58
CA VAL J 789 -11.12 45.28 87.77
C VAL J 789 -9.73 45.13 87.13
N TYR J 790 -9.57 45.67 85.93
CA TYR J 790 -8.27 45.61 85.26
C TYR J 790 -7.22 46.39 86.02
N ALA J 791 -7.59 47.57 86.52
CA ALA J 791 -6.65 48.36 87.33
C ALA J 791 -6.20 47.55 88.54
N ASP J 792 -7.15 46.90 89.22
CA ASP J 792 -6.79 46.00 90.31
C ASP J 792 -5.79 44.95 89.84
N LEU J 793 -6.23 44.10 88.90
CA LEU J 793 -5.38 43.04 88.34
C LEU J 793 -3.95 43.53 88.11
N ARG J 794 -3.80 44.68 87.46
CA ARG J 794 -2.48 45.23 87.22
C ARG J 794 -1.76 45.53 88.53
N ARG J 795 -2.46 46.15 89.48
CA ARG J 795 -1.81 46.56 90.72
C ARG J 795 -1.32 45.36 91.51
N GLU J 796 -2.21 44.38 91.74
CA GLU J 796 -1.80 43.18 92.45
C GLU J 796 -0.75 42.39 91.68
N SER J 797 -0.79 42.40 90.35
CA SER J 797 0.22 41.70 89.58
C SER J 797 1.60 42.32 89.79
N ILE J 798 1.70 43.64 89.69
CA ILE J 798 2.99 44.27 89.92
C ILE J 798 3.41 44.11 91.38
N SER J 799 2.44 44.00 92.29
CA SER J 799 2.77 43.73 93.68
C SER J 799 3.43 42.36 93.84
N THR J 800 2.90 41.36 93.14
CA THR J 800 3.49 40.02 93.22
C THR J 800 4.83 39.96 92.49
N GLY J 801 4.94 40.62 91.35
CA GLY J 801 6.09 40.45 90.50
C GLY J 801 6.02 39.27 89.56
N SER J 802 4.87 38.60 89.47
CA SER J 802 4.69 37.49 88.55
C SER J 802 4.51 38.04 87.13
N PHE J 803 4.18 37.16 86.19
CA PHE J 803 4.00 37.60 84.82
C PHE J 803 2.83 38.57 84.73
N PRO J 804 3.05 39.79 84.24
CA PRO J 804 2.01 40.82 84.34
C PRO J 804 0.79 40.50 83.48
N ILE J 805 -0.36 40.96 83.97
CA ILE J 805 -1.59 40.84 83.15
C ILE J 805 -1.42 41.90 82.08
N THR J 806 -2.05 41.73 80.92
CA THR J 806 -1.85 42.69 79.81
C THR J 806 -3.22 43.13 79.34
N VAL J 807 -3.29 44.16 78.51
CA VAL J 807 -4.62 44.54 77.96
C VAL J 807 -5.11 43.35 77.15
N ARG J 808 -4.18 42.48 76.74
CA ARG J 808 -4.59 41.24 76.04
C ARG J 808 -5.49 40.46 77.00
N HIS J 809 -5.12 40.44 78.27
CA HIS J 809 -5.96 39.74 79.28
C HIS J 809 -7.32 40.42 79.33
N LEU J 810 -7.40 41.74 79.29
CA LEU J 810 -8.75 42.34 79.43
C LEU J 810 -9.63 41.83 78.30
N GLU J 811 -9.09 41.81 77.08
CA GLU J 811 -9.87 41.35 75.91
C GLU J 811 -10.37 39.94 76.19
N SER J 812 -9.52 39.08 76.75
CA SER J 812 -9.93 37.71 77.03
C SER J 812 -11.17 37.65 77.92
N ILE J 813 -11.21 38.49 78.97
CA ILE J 813 -12.43 38.57 79.79
C ILE J 813 -13.62 38.96 78.93
N LEU J 814 -13.44 39.96 78.07
CA LEU J 814 -14.55 40.39 77.22
C LEU J 814 -15.06 39.23 76.36
N ARG J 815 -14.14 38.51 75.73
CA ARG J 815 -14.54 37.44 74.83
C ARG J 815 -15.23 36.31 75.56
N ILE J 816 -14.70 35.91 76.72
CA ILE J 816 -15.38 34.88 77.51
C ILE J 816 -16.74 35.38 77.98
N ALA J 817 -16.86 36.69 78.22
CA ALA J 817 -18.14 37.24 78.63
C ALA J 817 -19.19 37.07 77.54
N GLU J 818 -18.86 37.47 76.31
CA GLU J 818 -19.87 37.28 75.28
C GLU J 818 -20.06 35.81 74.93
N SER J 819 -19.07 34.95 75.20
CA SER J 819 -19.31 33.51 75.06
C SER J 819 -20.36 33.04 76.06
N PHE J 820 -20.23 33.46 77.31
CA PHE J 820 -21.21 33.12 78.33
C PHE J 820 -22.58 33.67 77.95
N ALA J 821 -22.62 34.85 77.33
CA ALA J 821 -23.88 35.37 76.82
C ALA J 821 -24.44 34.48 75.73
N LYS J 822 -23.58 34.00 74.83
CA LYS J 822 -24.00 33.03 73.81
C LYS J 822 -24.57 31.77 74.44
N MET J 823 -24.11 31.41 75.64
CA MET J 823 -24.61 30.22 76.31
C MET J 823 -26.10 30.34 76.59
N ARG J 824 -26.56 31.50 77.04
CA ARG J 824 -27.95 31.73 77.38
C ARG J 824 -28.74 32.43 76.28
N LEU J 825 -28.12 32.66 75.12
CA LEU J 825 -28.71 33.41 74.01
C LEU J 825 -29.04 34.86 74.40
N SER J 826 -28.51 35.33 75.52
CA SER J 826 -28.81 36.67 76.00
C SER J 826 -28.21 37.70 75.04
N GLU J 827 -29.07 38.58 74.51
CA GLU J 827 -28.59 39.60 73.59
C GLU J 827 -27.61 40.55 74.28
N PHE J 828 -27.87 40.90 75.52
CA PHE J 828 -26.97 41.74 76.30
C PHE J 828 -26.10 40.88 77.20
N VAL J 829 -24.85 41.30 77.37
CA VAL J 829 -23.91 40.59 78.22
C VAL J 829 -24.28 40.86 79.67
N SER J 830 -24.78 39.84 80.36
CA SER J 830 -25.17 40.01 81.76
C SER J 830 -23.95 40.23 82.63
N SER J 831 -24.12 41.07 83.66
CA SER J 831 -23.02 41.32 84.59
C SER J 831 -22.62 40.06 85.33
N TYR J 832 -23.58 39.17 85.60
CA TYR J 832 -23.25 37.90 86.25
C TYR J 832 -22.38 37.03 85.35
N ASP J 833 -22.71 36.96 84.06
CA ASP J 833 -21.86 36.22 83.13
C ASP J 833 -20.48 36.85 83.03
N LEU J 834 -20.42 38.18 83.05
CA LEU J 834 -19.13 38.87 83.02
C LEU J 834 -18.29 38.55 84.24
N ASP J 835 -18.91 38.51 85.42
CA ASP J 835 -18.16 38.12 86.61
C ASP J 835 -17.74 36.66 86.56
N ARG J 836 -18.56 35.80 85.95
CA ARG J 836 -18.15 34.42 85.75
C ARG J 836 -16.92 34.34 84.86
N ALA J 837 -16.89 35.15 83.79
CA ALA J 837 -15.73 35.18 82.92
C ALA J 837 -14.50 35.70 83.66
N ILE J 838 -14.68 36.72 84.49
CA ILE J 838 -13.58 37.23 85.30
C ILE J 838 -13.05 36.13 86.22
N LYS J 839 -13.96 35.36 86.80
CA LYS J 839 -13.55 34.25 87.65
C LYS J 839 -12.72 33.24 86.87
N VAL J 840 -13.16 32.92 85.66
CA VAL J 840 -12.42 31.97 84.82
C VAL J 840 -11.01 32.50 84.54
N VAL J 841 -10.92 33.77 84.16
CA VAL J 841 -9.63 34.34 83.79
C VAL J 841 -8.69 34.39 85.00
N VAL J 842 -9.20 34.83 86.14
CA VAL J 842 -8.33 34.96 87.31
C VAL J 842 -7.92 33.59 87.81
N ASP J 843 -8.82 32.60 87.75
CA ASP J 843 -8.45 31.25 88.14
C ASP J 843 -7.35 30.72 87.25
N SER J 844 -7.47 30.92 85.94
CA SER J 844 -6.42 30.49 85.03
C SER J 844 -5.10 31.18 85.32
N PHE J 845 -5.14 32.49 85.59
CA PHE J 845 -3.92 33.24 85.82
C PHE J 845 -3.23 32.79 87.10
N VAL J 846 -3.98 32.77 88.21
CA VAL J 846 -3.37 32.42 89.49
C VAL J 846 -2.94 30.96 89.50
N ASP J 847 -3.63 30.10 88.76
CA ASP J 847 -3.24 28.70 88.70
C ASP J 847 -1.87 28.55 88.03
N ALA J 848 -1.61 29.35 86.99
CA ALA J 848 -0.35 29.23 86.26
C ALA J 848 0.83 29.76 87.05
N GLN J 849 0.59 30.62 88.04
CA GLN J 849 1.68 31.20 88.81
C GLN J 849 2.36 30.13 89.66
N LYS J 850 3.50 30.51 90.24
CA LYS J 850 4.21 29.63 91.15
C LYS J 850 3.39 29.39 92.41
N VAL J 851 3.60 28.22 93.03
CA VAL J 851 3.07 28.01 94.37
C VAL J 851 3.90 28.73 95.42
N SER J 852 5.06 29.27 95.03
CA SER J 852 5.79 30.15 95.93
C SER J 852 5.05 31.48 96.08
N VAL J 853 4.50 32.00 95.00
CA VAL J 853 3.68 33.23 95.06
C VAL J 853 2.24 32.78 95.25
N ARG J 854 1.89 32.52 96.50
CA ARG J 854 0.51 32.29 96.89
C ARG J 854 -0.12 33.52 97.53
N ARG J 855 0.62 34.63 97.58
CA ARG J 855 0.04 35.88 98.07
C ARG J 855 -1.11 36.33 97.17
N GLN J 856 -0.93 36.21 95.86
CA GLN J 856 -1.97 36.67 94.93
C GLN J 856 -3.21 35.80 95.00
N LEU J 857 -3.07 34.56 95.48
CA LEU J 857 -4.22 33.67 95.54
C LEU J 857 -5.31 34.25 96.43
N ARG J 858 -4.93 34.83 97.56
CA ARG J 858 -5.88 35.46 98.47
C ARG J 858 -5.82 36.98 98.43
N ARG J 859 -4.94 37.57 97.63
CA ARG J 859 -4.80 39.03 97.58
C ARG J 859 -5.95 39.62 96.77
N SER J 860 -7.10 39.72 97.43
CA SER J 860 -8.32 40.37 96.94
C SER J 860 -8.94 39.64 95.76
N PHE J 861 -8.33 38.58 95.26
CA PHE J 861 -8.88 37.88 94.10
C PHE J 861 -10.01 36.93 94.48
N ALA J 862 -10.23 36.70 95.77
CA ALA J 862 -11.41 35.97 96.21
C ALA J 862 -12.69 36.75 95.97
N ILE J 863 -12.59 38.04 95.68
CA ILE J 863 -13.77 38.84 95.36
C ILE J 863 -14.47 38.27 94.14
N TYR J 864 -13.71 37.92 93.11
CA TYR J 864 -14.27 37.41 91.87
C TYR J 864 -14.22 35.89 91.82
N ALA K 16 13.26 29.20 -10.85
CA ALA K 16 12.07 30.01 -11.04
C ALA K 16 12.29 31.43 -10.56
N PRO K 17 12.90 32.26 -11.40
CA PRO K 17 13.12 33.66 -11.02
C PRO K 17 11.81 34.38 -10.76
N ASP K 18 11.84 35.28 -9.79
CA ASP K 18 10.65 36.02 -9.38
C ASP K 18 10.95 37.52 -9.44
N ALA K 19 9.92 38.29 -9.80
CA ALA K 19 10.11 39.73 -9.95
C ALA K 19 10.22 40.42 -8.59
N VAL K 20 9.37 40.04 -7.64
CA VAL K 20 9.41 40.67 -6.32
C VAL K 20 10.74 40.39 -5.65
N PHE K 21 11.23 39.16 -5.74
CA PHE K 21 12.52 38.82 -5.15
C PHE K 21 13.63 39.66 -5.77
N GLY K 22 13.65 39.77 -7.10
CA GLY K 22 14.67 40.56 -7.74
C GLY K 22 14.61 42.03 -7.36
N ASP K 23 13.39 42.55 -7.21
CA ASP K 23 13.25 43.96 -6.85
C ASP K 23 13.71 44.21 -5.42
N ARG K 24 13.35 43.34 -4.48
CA ARG K 24 13.89 43.45 -3.14
C ARG K 24 15.41 43.37 -3.15
N VAL K 25 15.96 42.47 -3.97
CA VAL K 25 17.41 42.31 -4.04
C VAL K 25 18.06 43.61 -4.50
N ARG K 26 17.54 44.20 -5.57
CA ARG K 26 18.16 45.43 -6.07
C ARG K 26 17.94 46.59 -5.11
N ARG K 27 16.80 46.62 -4.41
CA ARG K 27 16.58 47.66 -3.42
C ARG K 27 17.60 47.56 -2.28
N PHE K 28 17.85 46.35 -1.80
CA PHE K 28 18.86 46.20 -0.75
C PHE K 28 20.25 46.49 -1.27
N GLN K 29 20.53 46.19 -2.54
CA GLN K 29 21.83 46.56 -3.08
C GLN K 29 21.99 48.08 -3.14
N GLU K 30 20.92 48.80 -3.48
CA GLU K 30 20.95 50.25 -3.42
C GLU K 30 21.18 50.73 -1.99
N PHE K 31 20.53 50.08 -1.01
CA PHE K 31 20.72 50.46 0.38
C PHE K 31 22.17 50.27 0.80
N LEU K 32 22.77 49.14 0.43
CA LEU K 32 24.15 48.88 0.79
C LEU K 32 25.09 49.87 0.11
N ASP K 33 24.78 50.25 -1.13
CA ASP K 33 25.58 51.25 -1.81
C ASP K 33 25.45 52.62 -1.14
N THR K 34 24.29 52.92 -0.58
CA THR K 34 24.10 54.20 0.08
C THR K 34 24.96 54.31 1.33
N PHE K 35 24.91 53.31 2.20
CA PHE K 35 25.66 53.30 3.45
C PHE K 35 26.93 52.49 3.22
N THR K 36 28.00 53.19 2.86
CA THR K 36 29.23 52.53 2.45
C THR K 36 29.94 51.82 3.58
N SER K 37 29.53 52.04 4.84
CA SER K 37 30.22 51.41 5.96
C SER K 37 30.16 49.89 5.88
N TYR K 38 28.99 49.35 5.52
CA TYR K 38 28.88 47.91 5.40
C TYR K 38 29.74 47.38 4.26
N ARG K 39 29.82 48.12 3.17
CA ARG K 39 30.70 47.75 2.06
C ARG K 39 32.15 47.71 2.52
N ASP K 40 32.58 48.71 3.29
CA ASP K 40 33.95 48.74 3.78
C ASP K 40 34.21 47.57 4.72
N SER K 41 33.24 47.25 5.58
CA SER K 41 33.41 46.12 6.49
C SER K 41 33.53 44.81 5.72
N VAL K 42 32.73 44.64 4.67
CA VAL K 42 32.83 43.43 3.86
C VAL K 42 34.20 43.35 3.20
N ARG K 43 34.68 44.48 2.67
CA ARG K 43 36.01 44.51 2.07
C ARG K 43 37.08 44.14 3.09
N SER K 44 36.97 44.67 4.31
CA SER K 44 37.93 44.36 5.35
C SER K 44 37.92 42.88 5.68
N ILE K 45 36.73 42.28 5.79
CA ILE K 45 36.64 40.86 6.07
C ILE K 45 37.32 40.06 4.97
N GLN K 46 37.06 40.43 3.71
CA GLN K 46 37.63 39.69 2.59
C GLN K 46 39.14 39.80 2.58
N VAL K 47 39.68 41.01 2.74
CA VAL K 47 41.13 41.17 2.68
C VAL K 47 41.78 40.50 3.87
N TYR K 48 41.12 40.49 5.04
CA TYR K 48 41.67 39.78 6.18
C TYR K 48 41.76 38.30 5.92
N ASN K 49 40.69 37.71 5.37
CA ASN K 49 40.74 36.27 5.07
C ASN K 49 41.80 35.97 4.03
N SER K 50 41.92 36.81 3.01
CA SER K 50 42.94 36.59 1.99
C SER K 50 44.34 36.68 2.59
N ASN K 51 44.57 37.66 3.47
CA ASN K 51 45.88 37.79 4.12
C ASN K 51 46.16 36.59 5.01
N ASN K 52 45.16 36.10 5.73
CA ASN K 52 45.34 34.92 6.56
C ASN K 52 45.74 33.73 5.69
N ALA K 53 45.09 33.57 4.54
CA ALA K 53 45.49 32.50 3.61
C ALA K 53 46.88 32.76 3.04
N ALA K 54 47.31 34.02 2.99
CA ALA K 54 48.60 34.35 2.41
C ALA K 54 49.75 33.94 3.32
N ASN K 55 49.59 34.16 4.63
CA ASN K 55 50.66 33.81 5.57
C ASN K 55 50.99 32.33 5.52
N TYR K 56 50.01 31.49 5.20
CA TYR K 56 50.21 30.05 5.06
C TYR K 56 50.34 29.65 3.59
N ASN K 57 51.01 30.50 2.80
CA ASN K 57 51.29 30.24 1.39
C ASN K 57 50.01 30.13 0.57
N ASN K 90 43.06 33.63 11.99
CA ASN K 90 41.76 32.97 12.09
C ASN K 90 40.85 33.42 10.96
N ILE K 91 39.75 32.69 10.76
CA ILE K 91 38.83 32.96 9.66
C ILE K 91 37.63 33.73 10.21
N LEU K 92 37.40 34.92 9.67
CA LEU K 92 36.24 35.69 10.08
C LEU K 92 34.99 35.18 9.38
N PRO K 93 33.88 35.07 10.09
CA PRO K 93 32.66 34.54 9.47
C PRO K 93 32.10 35.49 8.43
N HIS K 94 31.35 34.92 7.49
CA HIS K 94 30.72 35.71 6.42
C HIS K 94 29.40 36.27 6.94
N ARG K 95 29.52 37.22 7.87
CA ARG K 95 28.37 37.85 8.49
C ARG K 95 28.62 39.34 8.59
N ILE K 96 27.54 40.11 8.64
CA ILE K 96 27.64 41.56 8.77
C ILE K 96 26.47 42.04 9.63
N ILE K 97 26.74 43.08 10.42
CA ILE K 97 25.75 43.65 11.32
C ILE K 97 25.10 44.83 10.63
N ILE K 98 23.77 44.85 10.60
CA ILE K 98 23.01 45.94 9.98
C ILE K 98 22.32 46.74 11.07
N SER K 99 22.47 48.06 11.00
CA SER K 99 21.76 48.96 11.88
C SER K 99 20.37 49.18 11.31
N LEU K 100 19.36 48.58 11.95
CA LEU K 100 18.00 48.69 11.45
C LEU K 100 17.53 50.14 11.41
N ASP K 101 18.10 51.01 12.23
CA ASP K 101 17.72 52.41 12.21
C ASP K 101 18.06 53.06 10.88
N ASP K 102 19.26 52.78 10.36
CA ASP K 102 19.63 53.32 9.06
C ASP K 102 18.74 52.79 7.95
N LEU K 103 18.35 51.51 8.05
CA LEU K 103 17.42 50.98 7.06
C LEU K 103 16.07 51.66 7.15
N ARG K 104 15.59 51.92 8.36
CA ARG K 104 14.32 52.64 8.51
C ARG K 104 14.40 54.02 7.90
N GLU K 105 15.52 54.73 8.13
CA GLU K 105 15.69 56.04 7.54
C GLU K 105 15.72 55.95 6.02
N PHE K 106 16.46 54.97 5.48
CA PHE K 106 16.66 54.90 4.04
C PHE K 106 15.40 54.44 3.32
N ASP K 107 14.73 53.42 3.86
CA ASP K 107 13.57 52.84 3.18
C ASP K 107 12.60 52.32 4.25
N ARG K 108 11.55 53.11 4.51
CA ARG K 108 10.58 52.72 5.52
C ARG K 108 9.87 51.42 5.14
N SER K 109 9.50 51.28 3.87
CA SER K 109 8.74 50.11 3.44
C SER K 109 9.55 48.83 3.65
N PHE K 110 10.81 48.84 3.24
CA PHE K 110 11.62 47.64 3.34
C PHE K 110 11.93 47.32 4.79
N TRP K 111 12.11 48.35 5.62
CA TRP K 111 12.32 48.17 7.05
C TRP K 111 11.11 47.50 7.69
N SER K 112 9.92 48.03 7.42
CA SER K 112 8.72 47.43 8.00
C SER K 112 8.51 46.02 7.46
N GLY K 113 8.94 45.76 6.23
CA GLY K 113 8.86 44.42 5.69
C GLY K 113 9.77 43.45 6.42
N ILE K 114 11.00 43.87 6.72
CA ILE K 114 11.89 43.01 7.49
C ILE K 114 11.33 42.73 8.88
N LEU K 115 10.84 43.77 9.55
CA LEU K 115 10.36 43.56 10.92
C LEU K 115 9.09 42.72 10.95
N VAL K 116 8.17 42.96 10.01
CA VAL K 116 6.86 42.31 10.10
C VAL K 116 6.89 40.94 9.44
N GLU K 117 7.49 40.83 8.26
CA GLU K 117 7.52 39.59 7.49
C GLU K 117 8.96 39.31 7.02
N PRO K 118 9.83 38.91 7.94
CA PRO K 118 11.24 38.70 7.57
C PRO K 118 11.44 37.56 6.59
N ALA K 119 10.47 36.66 6.45
CA ALA K 119 10.65 35.52 5.56
C ALA K 119 10.83 35.97 4.12
N TYR K 120 10.09 37.00 3.70
CA TYR K 120 10.17 37.49 2.34
C TYR K 120 11.20 38.58 2.15
N PHE K 121 11.88 39.00 3.21
CA PHE K 121 12.79 40.14 3.11
C PHE K 121 14.24 39.81 3.44
N ILE K 122 14.47 38.94 4.42
CA ILE K 122 15.86 38.58 4.76
C ILE K 122 16.56 37.84 3.63
N PRO K 123 15.97 36.83 2.99
CA PRO K 123 16.67 36.14 1.90
C PRO K 123 17.05 37.07 0.75
N PRO K 124 16.18 38.00 0.33
CA PRO K 124 16.63 38.95 -0.69
C PRO K 124 17.83 39.76 -0.25
N ALA K 125 17.85 40.20 1.01
CA ALA K 125 18.97 40.97 1.51
C ALA K 125 20.24 40.15 1.53
N GLU K 126 20.13 38.87 1.94
CA GLU K 126 21.30 38.01 1.95
C GLU K 126 21.82 37.77 0.55
N LYS K 127 20.92 37.60 -0.42
CA LYS K 127 21.36 37.43 -1.80
C LYS K 127 22.06 38.68 -2.31
N ALA K 128 21.51 39.86 -1.99
CA ALA K 128 22.16 41.10 -2.42
C ALA K 128 23.54 41.24 -1.79
N LEU K 129 23.66 40.92 -0.50
CA LEU K 129 24.96 40.99 0.16
C LEU K 129 25.94 39.98 -0.43
N THR K 130 25.46 38.79 -0.76
CA THR K 130 26.32 37.80 -1.39
C THR K 130 26.80 38.29 -2.75
N ASP K 131 25.91 38.91 -3.52
CA ASP K 131 26.31 39.46 -4.81
C ASP K 131 27.35 40.55 -4.63
N LEU K 132 27.15 41.42 -3.63
CA LEU K 132 28.14 42.47 -3.38
C LEU K 132 29.50 41.88 -3.02
N ALA K 133 29.51 40.85 -2.17
CA ALA K 133 30.77 40.23 -1.79
C ALA K 133 31.45 39.57 -2.98
N ASP K 134 30.68 38.86 -3.81
CA ASP K 134 31.27 38.23 -4.98
C ASP K 134 31.82 39.27 -5.95
N SER K 135 31.08 40.35 -6.17
CA SER K 135 31.54 41.40 -7.07
C SER K 135 32.82 42.04 -6.56
N MET K 136 32.89 42.32 -5.26
CA MET K 136 34.10 42.89 -4.69
C MET K 136 35.26 41.91 -4.76
N ASP K 137 35.00 40.64 -4.46
CA ASP K 137 36.04 39.61 -4.49
C ASP K 137 36.36 39.26 -5.93
N ASP K 138 37.17 40.13 -6.55
CA ASP K 138 37.63 39.85 -7.91
C ASP K 138 38.63 38.71 -7.95
N VAL K 139 39.22 38.35 -6.81
CA VAL K 139 40.18 37.26 -6.73
C VAL K 139 39.44 35.95 -6.99
N PRO K 140 39.87 35.14 -7.96
CA PRO K 140 39.23 33.86 -8.25
C PRO K 140 39.67 32.75 -7.32
N HIS K 151 29.24 29.03 -0.34
CA HIS K 151 29.01 29.57 0.99
C HIS K 151 28.48 30.99 0.94
N PRO K 152 27.16 31.14 1.01
CA PRO K 152 26.55 32.47 0.96
C PRO K 152 26.84 33.25 2.22
N TRP K 153 26.74 34.57 2.09
CA TRP K 153 26.87 35.45 3.24
C TRP K 153 25.55 35.51 4.00
N LYS K 154 25.65 35.75 5.30
CA LYS K 154 24.49 35.78 6.18
C LYS K 154 24.43 37.13 6.88
N LEU K 155 23.22 37.50 7.27
CA LEU K 155 22.91 38.87 7.63
C LEU K 155 22.51 38.96 9.09
N SER K 156 22.93 40.04 9.75
CA SER K 156 22.70 40.22 11.18
C SER K 156 22.26 41.65 11.47
N PHE K 157 21.55 41.82 12.57
CA PHE K 157 20.81 43.06 12.82
C PHE K 157 21.13 43.65 14.20
N LYS K 158 21.29 44.97 14.23
CA LYS K 158 21.37 45.72 15.47
C LYS K 158 20.51 46.98 15.33
N GLY K 159 19.96 47.44 16.45
CA GLY K 159 19.16 48.65 16.45
C GLY K 159 17.88 48.44 17.21
N SER K 160 16.97 49.40 17.08
CA SER K 160 15.72 49.40 17.83
C SER K 160 14.66 48.55 17.15
N PHE K 161 13.94 47.76 17.94
CA PHE K 161 12.94 46.85 17.43
C PHE K 161 11.52 47.26 17.79
N GLY K 162 11.34 48.43 18.39
CA GLY K 162 10.00 48.91 18.69
C GLY K 162 9.27 47.98 19.62
N ALA K 163 8.08 47.53 19.20
CA ALA K 163 7.25 46.66 20.01
C ALA K 163 7.63 45.19 19.88
N HIS K 164 8.65 44.86 19.10
CA HIS K 164 9.09 43.48 18.98
C HIS K 164 10.22 43.13 19.92
N ALA K 165 10.76 44.10 20.66
CA ALA K 165 11.75 43.82 21.68
C ALA K 165 11.04 43.29 22.91
N LEU K 166 11.13 41.98 23.14
CA LEU K 166 10.33 41.32 24.15
C LEU K 166 11.20 40.46 25.05
N SER K 167 10.55 39.90 26.06
CA SER K 167 11.11 38.91 26.96
C SER K 167 10.39 37.59 26.75
N PRO K 168 10.95 36.47 27.23
CA PRO K 168 10.27 35.18 27.01
C PRO K 168 8.88 35.12 27.61
N ARG K 169 8.56 35.98 28.56
CA ARG K 169 7.22 36.01 29.12
C ARG K 169 6.21 36.64 28.17
N THR K 170 6.64 37.60 27.34
CA THR K 170 5.74 38.36 26.49
C THR K 170 5.80 37.92 25.03
N LEU K 171 6.37 36.75 24.74
CA LEU K 171 6.37 36.22 23.37
C LEU K 171 5.05 35.52 23.09
N THR K 172 3.99 36.32 23.04
CA THR K 172 2.69 35.79 22.65
C THR K 172 2.71 35.39 21.18
N ALA K 173 1.74 34.55 20.81
CA ALA K 173 1.70 34.03 19.45
C ALA K 173 1.52 35.12 18.41
N GLN K 174 1.04 36.30 18.81
CA GLN K 174 0.83 37.38 17.86
C GLN K 174 2.14 37.87 17.25
N HIS K 175 3.27 37.53 17.85
CA HIS K 175 4.56 37.96 17.33
C HIS K 175 5.21 36.92 16.43
N LEU K 176 4.51 35.84 16.11
CA LEU K 176 5.07 34.81 15.27
C LEU K 176 5.38 35.34 13.88
N ASN K 177 6.38 34.75 13.25
CA ASN K 177 6.82 35.15 11.90
C ASN K 177 7.26 36.61 11.87
N LYS K 178 7.83 37.11 12.96
CA LYS K 178 8.28 38.49 13.04
C LYS K 178 9.64 38.56 13.70
N LEU K 179 10.50 39.41 13.17
CA LEU K 179 11.86 39.54 13.70
C LEU K 179 11.83 40.11 15.11
N VAL K 180 12.10 39.27 16.11
CA VAL K 180 12.01 39.66 17.50
C VAL K 180 13.40 39.72 18.10
N SER K 181 13.53 40.50 19.17
CA SER K 181 14.78 40.64 19.91
C SER K 181 14.48 40.30 21.37
N VAL K 182 14.81 39.09 21.78
CA VAL K 182 14.49 38.59 23.11
C VAL K 182 15.72 38.75 24.00
N GLU K 183 15.47 39.03 25.27
CA GLU K 183 16.53 39.17 26.26
C GLU K 183 16.22 38.26 27.45
N GLY K 184 17.23 37.57 27.94
CA GLY K 184 17.02 36.67 29.04
C GLY K 184 18.31 36.03 29.48
N ILE K 185 18.18 34.94 30.22
CA ILE K 185 19.32 34.20 30.77
C ILE K 185 19.35 32.82 30.12
N VAL K 186 20.54 32.37 29.76
CA VAL K 186 20.69 31.05 29.13
C VAL K 186 20.69 29.99 30.21
N THR K 187 19.73 29.08 30.15
CA THR K 187 19.64 27.99 31.13
C THR K 187 20.30 26.72 30.61
N LYS K 188 19.84 26.20 29.48
CA LYS K 188 20.38 24.98 28.89
C LYS K 188 21.02 25.31 27.55
N THR K 189 22.17 24.68 27.29
CA THR K 189 22.80 24.74 25.97
C THR K 189 23.07 23.32 25.52
N SER K 190 22.54 22.95 24.36
CA SER K 190 22.80 21.64 23.81
C SER K 190 24.24 21.56 23.32
N LEU K 191 24.71 20.34 23.11
CA LEU K 191 26.04 20.14 22.57
C LEU K 191 26.10 20.61 21.13
N VAL K 192 27.25 21.15 20.74
CA VAL K 192 27.44 21.65 19.38
C VAL K 192 27.59 20.43 18.47
N ARG K 193 26.51 20.07 17.78
CA ARG K 193 26.59 18.92 16.90
C ARG K 193 26.68 19.35 15.45
N PRO K 194 27.41 18.61 14.62
CA PRO K 194 27.40 18.89 13.19
C PRO K 194 26.10 18.43 12.56
N LYS K 195 25.71 19.12 11.51
CA LYS K 195 24.51 18.80 10.75
C LYS K 195 24.91 18.51 9.31
N LEU K 196 24.42 17.40 8.77
CA LEU K 196 24.74 17.00 7.41
C LEU K 196 23.89 17.79 6.43
N ILE K 197 24.52 18.49 5.50
CA ILE K 197 23.77 19.28 4.53
C ILE K 197 24.10 18.82 3.11
N ARG K 198 25.31 18.31 2.92
CA ARG K 198 25.70 17.74 1.64
C ARG K 198 26.54 16.51 1.90
N SER K 199 26.26 15.43 1.19
CA SER K 199 26.93 14.14 1.39
C SER K 199 27.59 13.71 0.09
N VAL K 200 28.91 13.70 0.07
CA VAL K 200 29.64 13.29 -1.12
C VAL K 200 29.92 11.80 -1.06
N HIS K 201 29.50 11.08 -2.09
CA HIS K 201 29.70 9.64 -2.19
C HIS K 201 30.67 9.34 -3.32
N TYR K 202 31.08 8.07 -3.40
CA TYR K 202 32.02 7.64 -4.43
C TYR K 202 31.59 6.28 -4.94
N ALA K 203 31.48 6.16 -6.26
CA ALA K 203 31.16 4.90 -6.90
C ALA K 203 32.47 4.21 -7.26
N ALA K 204 32.70 3.03 -6.69
CA ALA K 204 33.98 2.35 -6.89
C ALA K 204 34.18 1.95 -8.34
N LYS K 205 33.13 1.51 -9.00
CA LYS K 205 33.26 1.04 -10.37
C LYS K 205 33.49 2.20 -11.34
N THR K 206 32.53 3.11 -11.43
CA THR K 206 32.64 4.20 -12.40
C THR K 206 33.81 5.11 -12.08
N GLY K 207 34.03 5.38 -10.80
CA GLY K 207 35.05 6.33 -10.41
C GLY K 207 34.60 7.77 -10.37
N ARG K 208 33.30 8.01 -10.30
CA ARG K 208 32.74 9.36 -10.28
C ARG K 208 32.15 9.64 -8.90
N PHE K 209 32.37 10.85 -8.41
CA PHE K 209 31.88 11.28 -7.10
C PHE K 209 30.46 11.80 -7.25
N HIS K 210 29.53 11.24 -6.49
CA HIS K 210 28.15 11.70 -6.47
C HIS K 210 27.90 12.47 -5.18
N TYR K 211 26.98 13.41 -5.25
CA TYR K 211 26.65 14.24 -4.10
C TYR K 211 25.15 14.44 -4.02
N ARG K 212 24.68 14.74 -2.81
CA ARG K 212 23.29 15.11 -2.58
C ARG K 212 23.27 16.23 -1.56
N ASP K 213 22.27 17.10 -1.68
CA ASP K 213 22.11 18.24 -0.77
C ASP K 213 20.85 18.06 0.04
N TYR K 214 20.96 18.23 1.36
CA TYR K 214 19.84 18.07 2.26
C TYR K 214 19.39 19.43 2.78
N THR K 215 18.22 19.43 3.39
CA THR K 215 17.65 20.65 3.95
C THR K 215 16.60 20.27 4.98
N ASP K 216 16.19 21.25 5.77
CA ASP K 216 15.13 21.04 6.75
C ASP K 216 14.47 22.41 6.98
N ALA K 217 13.32 22.37 7.65
CA ALA K 217 12.53 23.59 7.83
C ALA K 217 13.30 24.69 8.54
N THR K 218 14.20 24.33 9.47
CA THR K 218 14.90 25.34 10.23
C THR K 218 15.90 26.11 9.37
N THR K 219 16.66 25.40 8.54
CA THR K 219 17.79 26.04 7.85
C THR K 219 17.34 27.06 6.82
N THR K 220 16.06 27.13 6.47
CA THR K 220 15.55 28.14 5.56
C THR K 220 14.30 28.77 6.15
N LEU K 221 14.11 30.06 5.88
CA LEU K 221 13.00 30.78 6.50
C LEU K 221 11.67 30.40 5.83
N THR K 222 11.61 30.46 4.51
CA THR K 222 10.38 30.12 3.81
C THR K 222 10.18 28.61 3.78
N THR K 223 8.92 28.19 3.91
CA THR K 223 8.60 26.77 3.91
C THR K 223 8.87 26.18 2.54
N ARG K 224 9.77 25.21 2.48
CA ARG K 224 10.06 24.52 1.24
C ARG K 224 9.24 23.24 1.15
N ILE K 225 9.13 22.71 -0.06
CA ILE K 225 8.37 21.48 -0.28
C ILE K 225 9.09 20.31 0.38
N PRO K 226 8.45 19.55 1.26
CA PRO K 226 9.16 18.54 2.04
C PRO K 226 9.66 17.38 1.20
N THR K 227 10.98 17.27 1.05
CA THR K 227 11.60 16.15 0.37
C THR K 227 12.25 15.26 1.40
N PRO K 228 11.79 14.02 1.57
CA PRO K 228 12.37 13.15 2.60
C PRO K 228 13.87 12.95 2.38
N ALA K 229 14.60 12.88 3.49
CA ALA K 229 16.05 12.75 3.45
C ALA K 229 16.40 11.27 3.37
N ILE K 230 16.77 10.83 2.16
CA ILE K 230 17.18 9.45 1.92
C ILE K 230 18.67 9.46 1.61
N TYR K 231 19.43 8.68 2.38
CA TYR K 231 20.87 8.61 2.17
C TYR K 231 21.17 7.75 0.95
N PRO K 232 21.89 8.25 -0.03
CA PRO K 232 22.18 7.45 -1.22
C PRO K 232 23.12 6.30 -0.92
N THR K 233 22.59 5.08 -0.93
CA THR K 233 23.42 3.90 -0.69
C THR K 233 23.95 3.30 -1.99
N GLU K 234 23.21 3.44 -3.08
CA GLU K 234 23.60 2.85 -4.35
C GLU K 234 23.54 3.89 -5.45
N ASP K 235 24.34 3.66 -6.49
CA ASP K 235 24.34 4.52 -7.66
C ASP K 235 23.02 4.38 -8.41
N THR K 236 22.79 5.28 -9.36
CA THR K 236 21.61 5.18 -10.20
C THR K 236 21.59 3.89 -11.00
N GLU K 237 22.76 3.33 -11.28
CA GLU K 237 22.89 2.08 -12.01
C GLU K 237 23.07 0.87 -11.10
N GLY K 238 22.88 1.04 -9.79
CA GLY K 238 23.01 -0.04 -8.85
C GLY K 238 24.40 -0.27 -8.30
N ASN K 239 25.38 0.56 -8.68
CA ASN K 239 26.72 0.42 -8.13
C ASN K 239 26.73 0.83 -6.66
N LYS K 240 27.57 0.17 -5.88
CA LYS K 240 27.70 0.49 -4.48
C LYS K 240 28.44 1.81 -4.31
N LEU K 241 28.03 2.60 -3.31
CA LEU K 241 28.63 3.90 -3.03
C LEU K 241 29.32 3.86 -1.67
N THR K 242 30.52 4.44 -1.61
CA THR K 242 31.26 4.57 -0.36
C THR K 242 31.22 6.03 0.07
N THR K 243 30.57 6.29 1.20
CA THR K 243 30.46 7.65 1.69
C THR K 243 31.84 8.24 1.92
N GLU K 244 32.01 9.49 1.51
CA GLU K 244 33.27 10.19 1.62
C GLU K 244 33.17 11.24 2.71
N TYR K 245 33.43 10.84 3.95
CA TYR K 245 33.65 11.83 4.99
C TYR K 245 34.89 12.63 4.66
N GLY K 246 34.93 13.87 5.12
CA GLY K 246 36.02 14.75 4.78
C GLY K 246 35.85 15.47 3.47
N TYR K 247 34.88 15.06 2.65
CA TYR K 247 34.46 15.83 1.49
C TYR K 247 33.03 16.30 1.61
N SER K 248 32.18 15.56 2.31
CA SER K 248 30.84 16.03 2.61
C SER K 248 30.89 17.21 3.57
N THR K 249 29.86 18.04 3.53
CA THR K 249 29.82 19.28 4.30
C THR K 249 28.96 19.10 5.53
N PHE K 250 29.46 19.54 6.67
CA PHE K 250 28.73 19.50 7.94
C PHE K 250 28.68 20.89 8.53
N ILE K 251 27.53 21.23 9.13
CA ILE K 251 27.30 22.53 9.73
C ILE K 251 27.02 22.35 11.20
N ASP K 252 27.69 23.14 12.04
CA ASP K 252 27.47 23.07 13.48
C ASP K 252 26.06 23.56 13.82
N HIS K 253 25.41 22.83 14.72
CA HIS K 253 24.05 23.15 15.13
C HIS K 253 23.97 23.05 16.65
N GLN K 254 23.39 24.06 17.27
CA GLN K 254 23.24 24.09 18.72
C GLN K 254 21.93 24.74 19.08
N ARG K 255 21.22 24.15 20.04
CA ARG K 255 20.00 24.71 20.58
C ARG K 255 20.25 25.20 21.99
N ILE K 256 19.87 26.44 22.27
CA ILE K 256 19.96 27.00 23.61
C ILE K 256 18.58 27.43 24.05
N THR K 257 18.34 27.36 25.35
CA THR K 257 17.09 27.80 25.95
C THR K 257 17.34 29.09 26.71
N VAL K 258 16.51 30.10 26.43
CA VAL K 258 16.61 31.40 27.08
C VAL K 258 15.41 31.55 28.01
N GLN K 259 15.70 31.84 29.28
CA GLN K 259 14.67 32.00 30.29
C GLN K 259 14.60 33.46 30.70
N GLU K 260 13.43 33.86 31.19
CA GLU K 260 13.23 35.23 31.62
C GLU K 260 14.27 35.65 32.64
N MET K 261 14.78 36.86 32.49
CA MET K 261 15.87 37.34 33.34
C MET K 261 15.42 37.44 34.79
N PRO K 262 16.18 36.90 35.74
CA PRO K 262 15.76 36.95 37.14
C PRO K 262 15.61 38.38 37.67
N GLU K 263 16.41 39.31 37.18
CA GLU K 263 16.31 40.69 37.64
C GLU K 263 14.95 41.28 37.28
N MET K 264 14.45 40.99 36.08
CA MET K 264 13.19 41.55 35.61
C MET K 264 12.00 40.61 35.80
N ALA K 265 12.23 39.34 36.13
CA ALA K 265 11.14 38.42 36.29
C ALA K 265 10.31 38.77 37.52
N PRO K 266 8.99 38.56 37.47
CA PRO K 266 8.19 38.69 38.68
C PRO K 266 8.61 37.65 39.71
N ALA K 267 8.55 38.05 40.98
CA ALA K 267 9.02 37.21 42.06
C ALA K 267 7.90 36.29 42.53
N GLY K 268 8.26 35.02 42.77
CA GLY K 268 7.32 34.05 43.27
C GLY K 268 6.49 33.34 42.22
N GLN K 269 6.77 33.56 40.94
CA GLN K 269 6.03 32.92 39.87
C GLN K 269 6.98 32.11 39.00
N LEU K 270 6.43 31.07 38.36
CA LEU K 270 7.25 30.20 37.54
C LEU K 270 7.78 30.97 36.34
N PRO K 271 8.98 30.64 35.87
CA PRO K 271 9.57 31.36 34.74
C PRO K 271 9.04 30.83 33.41
N ARG K 272 9.26 31.63 32.37
CA ARG K 272 8.89 31.27 31.01
C ARG K 272 10.13 31.26 30.14
N SER K 273 10.21 30.30 29.23
CA SER K 273 11.42 30.10 28.44
C SER K 273 11.06 29.90 26.98
N ILE K 274 12.02 30.25 26.11
CA ILE K 274 11.91 30.05 24.68
C ILE K 274 13.17 29.32 24.21
N ASP K 275 13.04 28.59 23.12
CA ASP K 275 14.15 27.82 22.57
C ASP K 275 14.72 28.54 21.35
N VAL K 276 16.04 28.62 21.29
CA VAL K 276 16.74 29.31 20.22
C VAL K 276 17.57 28.29 19.45
N ILE K 277 17.46 28.32 18.13
CA ILE K 277 18.23 27.44 17.27
C ILE K 277 19.36 28.26 16.66
N LEU K 278 20.59 27.94 17.03
CA LEU K 278 21.75 28.59 16.47
C LEU K 278 22.37 27.70 15.40
N ASP K 279 23.14 28.31 14.51
CA ASP K 279 23.70 27.57 13.39
C ASP K 279 25.01 28.20 12.95
N ASP K 280 25.92 27.35 12.46
CA ASP K 280 27.16 27.77 11.80
C ASP K 280 27.98 28.61 12.77
N ASP K 281 28.28 29.87 12.46
CA ASP K 281 29.18 30.66 13.28
C ASP K 281 28.58 31.11 14.61
N LEU K 282 27.26 30.97 14.79
CA LEU K 282 26.63 31.40 16.02
C LEU K 282 26.74 30.38 17.14
N VAL K 283 27.23 29.18 16.87
CA VAL K 283 27.27 28.15 17.89
C VAL K 283 28.32 28.51 18.93
N ASP K 284 28.07 28.09 20.17
CA ASP K 284 29.02 28.19 21.27
C ASP K 284 29.50 29.63 21.48
N LYS K 285 28.61 30.58 21.26
CA LYS K 285 28.90 31.97 21.56
C LYS K 285 28.43 32.37 22.96
N THR K 286 27.79 31.46 23.69
CA THR K 286 27.27 31.76 25.02
C THR K 286 27.63 30.63 25.96
N LYS K 287 27.66 30.96 27.23
CA LYS K 287 27.85 30.06 28.35
C LYS K 287 26.57 30.00 29.17
N PRO K 288 26.19 28.84 29.69
CA PRO K 288 24.97 28.77 30.51
C PRO K 288 25.07 29.73 31.68
N GLY K 289 23.96 30.43 31.95
CA GLY K 289 23.94 31.45 32.97
C GLY K 289 24.27 32.85 32.48
N ASP K 290 24.64 33.01 31.21
CA ASP K 290 24.87 34.34 30.68
C ASP K 290 23.56 35.08 30.51
N ARG K 291 23.66 36.39 30.37
CA ARG K 291 22.55 37.23 29.96
C ARG K 291 22.76 37.62 28.51
N VAL K 292 21.82 37.26 27.64
CA VAL K 292 22.00 37.42 26.21
C VAL K 292 20.81 38.17 25.62
N ASN K 293 21.05 38.75 24.44
CA ASN K 293 20.03 39.42 23.65
C ASN K 293 20.05 38.75 22.28
N VAL K 294 19.29 37.68 22.15
CA VAL K 294 19.20 36.94 20.90
C VAL K 294 18.13 37.56 20.03
N VAL K 295 18.46 37.84 18.78
CA VAL K 295 17.52 38.39 17.81
C VAL K 295 17.39 37.42 16.66
N GLY K 296 16.15 37.15 16.26
CA GLY K 296 15.92 36.25 15.14
C GLY K 296 14.43 36.06 14.94
N VAL K 297 14.11 35.35 13.86
CA VAL K 297 12.72 35.12 13.48
C VAL K 297 12.04 34.21 14.50
N PHE K 298 10.82 34.57 14.87
CA PHE K 298 10.04 33.76 15.80
C PHE K 298 9.19 32.76 15.01
N LYS K 299 9.88 31.81 14.41
CA LYS K 299 9.25 30.84 13.53
C LYS K 299 8.46 29.81 14.33
N SER K 300 7.43 29.26 13.70
CA SER K 300 6.68 28.14 14.23
C SER K 300 6.88 26.94 13.31
N LEU K 301 7.16 25.78 13.88
CA LEU K 301 7.51 24.60 13.10
C LEU K 301 6.57 23.45 13.39
N GLY K 302 6.48 22.54 12.42
CA GLY K 302 5.71 21.33 12.57
C GLY K 302 4.24 21.52 12.26
N ALA K 303 3.57 20.40 12.00
CA ALA K 303 2.13 20.44 11.78
C ALA K 303 1.39 20.85 13.05
N GLY K 304 2.01 20.65 14.21
CA GLY K 304 1.41 21.03 15.47
C GLY K 304 0.16 20.25 15.77
N GLY K 305 0.20 18.93 15.51
CA GLY K 305 -0.92 18.08 15.79
C GLY K 305 -2.13 18.30 14.92
N MET K 306 -2.13 19.34 14.07
CA MET K 306 -3.28 19.55 13.18
C MET K 306 -3.45 18.36 12.26
N ASN K 307 -2.36 17.90 11.66
CA ASN K 307 -2.35 16.58 11.08
C ASN K 307 -2.59 15.54 12.17
N GLN K 308 -3.42 14.55 11.86
CA GLN K 308 -3.80 13.57 12.88
C GLN K 308 -2.58 12.85 13.42
N SER K 309 -2.52 12.72 14.74
CA SER K 309 -1.39 12.12 15.43
C SER K 309 -1.15 10.69 14.98
N ILE K 315 -0.07 20.78 22.93
CA ILE K 315 -1.14 20.52 21.98
C ILE K 315 -1.13 21.57 20.88
N GLY K 316 -0.21 22.53 21.01
CA GLY K 316 -0.05 23.60 20.05
C GLY K 316 1.02 23.32 19.02
N PHE K 317 1.64 24.39 18.54
CA PHE K 317 2.68 24.30 17.54
C PHE K 317 4.05 24.51 18.18
N LYS K 318 5.05 23.76 17.70
CA LYS K 318 6.42 23.96 18.16
C LYS K 318 6.90 25.33 17.74
N THR K 319 7.16 26.20 18.72
CA THR K 319 7.57 27.57 18.46
C THR K 319 8.98 27.79 18.98
N LEU K 320 9.83 28.37 18.15
CA LEU K 320 11.20 28.63 18.53
C LEU K 320 11.71 29.85 17.78
N ILE K 321 12.76 30.45 18.31
CA ILE K 321 13.36 31.65 17.73
C ILE K 321 14.59 31.20 16.95
N LEU K 322 14.46 31.15 15.63
CA LEU K 322 15.62 30.93 14.79
C LEU K 322 16.64 32.04 15.02
N GLY K 323 17.90 31.66 15.22
CA GLY K 323 18.90 32.62 15.64
C GLY K 323 19.58 33.36 14.52
N ASN K 324 19.48 34.69 14.53
CA ASN K 324 20.22 35.53 13.60
C ASN K 324 21.43 36.19 14.24
N THR K 325 21.33 36.60 15.50
CA THR K 325 22.44 37.24 16.18
C THR K 325 22.28 37.05 17.67
N VAL K 326 23.39 36.84 18.36
CA VAL K 326 23.38 36.67 19.80
C VAL K 326 24.36 37.65 20.41
N TYR K 327 23.92 38.37 21.44
CA TYR K 327 24.71 39.41 22.10
C TYR K 327 24.89 39.07 23.56
N PRO K 328 26.07 38.69 24.02
CA PRO K 328 26.29 38.53 25.45
C PRO K 328 26.12 39.86 26.19
N LEU K 329 25.07 39.97 26.99
CA LEU K 329 24.77 41.21 27.69
C LEU K 329 25.45 41.22 29.05
N HIS K 330 26.33 42.19 29.27
CA HIS K 330 26.97 42.35 30.56
C HIS K 330 25.97 42.88 31.57
N ALA K 331 26.05 42.37 32.79
CA ALA K 331 25.15 42.81 33.85
C ALA K 331 25.91 42.76 35.17
N ARG K 332 25.32 43.39 36.17
CA ARG K 332 25.88 43.35 37.51
C ARG K 332 25.93 41.92 38.03
N SER K 333 27.12 41.49 38.44
CA SER K 333 27.32 40.19 39.06
C SER K 333 26.84 39.05 38.15
N THR K 334 27.43 38.97 36.97
CA THR K 334 27.18 37.86 36.04
C THR K 334 28.52 37.36 35.52
N GLY K 335 28.45 36.37 34.62
CA GLY K 335 29.67 35.77 34.12
C GLY K 335 30.33 36.53 32.99
N VAL K 336 29.58 37.36 32.28
CA VAL K 336 30.10 38.04 31.10
C VAL K 336 30.84 39.29 31.53
N ALA K 337 32.01 39.52 30.93
CA ALA K 337 32.77 40.72 31.19
C ALA K 337 32.19 41.89 30.40
N ALA K 338 32.73 43.08 30.64
CA ALA K 338 32.29 44.30 29.97
C ALA K 338 33.49 44.94 29.30
N ARG K 339 33.54 44.88 27.98
CA ARG K 339 34.65 45.46 27.21
C ARG K 339 34.23 46.80 26.66
N GLN K 340 35.05 47.82 26.91
CA GLN K 340 34.78 49.19 26.47
C GLN K 340 35.61 49.49 25.24
N MET K 341 34.97 50.01 24.21
CA MET K 341 35.67 50.32 22.97
C MET K 341 36.62 51.49 23.18
N LEU K 342 37.88 51.30 22.80
CA LEU K 342 38.92 52.30 23.03
C LEU K 342 39.18 53.04 21.72
N THR K 343 38.60 54.22 21.58
CA THR K 343 38.87 55.07 20.43
C THR K 343 40.29 55.62 20.52
N ASP K 344 40.81 56.05 19.37
CA ASP K 344 42.12 56.67 19.36
C ASP K 344 42.13 57.94 20.21
N PHE K 345 41.01 58.65 20.24
CA PHE K 345 40.87 59.78 21.14
C PHE K 345 41.01 59.33 22.59
N ASP K 346 40.35 58.22 22.95
CA ASP K 346 40.45 57.68 24.29
C ASP K 346 41.87 57.25 24.62
N ILE K 347 42.55 56.60 23.66
CA ILE K 347 43.91 56.14 23.90
C ILE K 347 44.84 57.33 24.11
N ARG K 348 44.68 58.37 23.29
CA ARG K 348 45.51 59.55 23.45
C ARG K 348 45.28 60.21 24.81
N ASN K 349 44.00 60.32 25.21
CA ASN K 349 43.71 60.89 26.53
C ASN K 349 44.30 60.04 27.64
N ILE K 350 44.22 58.72 27.50
CA ILE K 350 44.74 57.82 28.53
C ILE K 350 46.24 58.01 28.68
N ASN K 351 46.95 58.03 27.55
CA ASN K 351 48.40 58.22 27.61
C ASN K 351 48.75 59.58 28.21
N LYS K 352 48.06 60.63 27.75
CA LYS K 352 48.35 61.96 28.25
C LYS K 352 48.15 62.04 29.76
N LEU K 353 47.05 61.47 30.25
CA LEU K 353 46.82 61.44 31.70
C LEU K 353 47.87 60.59 32.40
N SER K 354 48.34 59.53 31.75
CA SER K 354 49.40 58.71 32.33
C SER K 354 50.68 59.51 32.49
N LYS K 355 50.91 60.49 31.61
CA LYS K 355 52.10 61.31 31.75
C LYS K 355 52.06 62.22 32.97
N LYS K 356 50.90 62.34 33.63
CA LYS K 356 50.80 63.17 34.82
C LYS K 356 51.62 62.56 35.96
N LYS K 357 52.02 63.42 36.90
CA LYS K 357 52.88 62.96 38.00
C LYS K 357 52.07 62.16 39.02
N ASP K 358 51.09 62.78 39.64
CA ASP K 358 50.27 62.09 40.64
C ASP K 358 49.10 61.37 39.97
N ILE K 359 49.41 60.57 38.95
CA ILE K 359 48.38 59.82 38.25
C ILE K 359 47.76 58.79 39.17
N PHE K 360 48.57 58.16 40.01
CA PHE K 360 48.05 57.19 40.97
C PHE K 360 47.09 57.87 41.94
N ASP K 361 47.45 59.05 42.44
CA ASP K 361 46.57 59.75 43.37
C ASP K 361 45.28 60.18 42.68
N ILE K 362 45.39 60.68 41.45
CA ILE K 362 44.20 61.12 40.72
C ILE K 362 43.25 59.96 40.51
N LEU K 363 43.77 58.82 40.07
CA LEU K 363 42.90 57.67 39.83
C LEU K 363 42.31 57.14 41.13
N SER K 364 43.12 57.02 42.18
CA SER K 364 42.63 56.46 43.44
C SER K 364 41.54 57.33 44.03
N GLN K 365 41.72 58.66 44.01
CA GLN K 365 40.69 59.54 44.53
C GLN K 365 39.43 59.51 43.69
N SER K 366 39.49 58.95 42.48
CA SER K 366 38.34 58.95 41.60
C SER K 366 37.40 57.78 41.84
N LEU K 367 37.76 56.83 42.70
CA LEU K 367 36.95 55.62 42.84
C LEU K 367 35.64 55.92 43.55
N ALA K 368 35.71 56.33 44.81
CA ALA K 368 34.51 56.57 45.62
C ALA K 368 34.55 57.99 46.15
N PRO K 369 34.30 58.99 45.30
CA PRO K 369 34.25 60.37 45.78
C PRO K 369 33.21 60.58 46.86
N SER K 370 32.08 59.86 46.77
CA SER K 370 31.05 59.99 47.79
C SER K 370 31.47 59.39 49.12
N ILE K 371 32.60 58.69 49.17
CA ILE K 371 33.11 58.11 50.39
C ILE K 371 34.31 58.93 50.86
N TYR K 372 34.19 59.54 52.04
CA TYR K 372 35.23 60.37 52.59
C TYR K 372 36.31 59.51 53.23
N GLY K 373 37.56 59.89 53.02
CA GLY K 373 38.63 59.14 53.64
C GLY K 373 38.85 57.80 52.97
N HIS K 374 39.49 56.90 53.72
CA HIS K 374 39.86 55.59 53.22
C HIS K 374 40.68 55.70 51.94
N ASP K 375 41.60 56.67 51.92
CA ASP K 375 42.42 56.87 50.73
C ASP K 375 43.28 55.65 50.44
N HIS K 376 43.88 55.06 51.49
CA HIS K 376 44.73 53.91 51.28
C HIS K 376 43.94 52.70 50.81
N ILE K 377 42.74 52.52 51.35
CA ILE K 377 41.87 51.45 50.86
C ILE K 377 41.55 51.67 49.39
N LYS K 378 41.31 52.91 48.99
CA LYS K 378 41.02 53.20 47.59
C LYS K 378 42.22 52.91 46.71
N LYS K 379 43.42 53.25 47.16
CA LYS K 379 44.61 52.93 46.39
C LYS K 379 44.77 51.41 46.24
N ALA K 380 44.51 50.68 47.32
CA ALA K 380 44.60 49.23 47.27
C ALA K 380 43.58 48.65 46.30
N ILE K 381 42.36 49.19 46.30
CA ILE K 381 41.33 48.71 45.37
C ILE K 381 41.73 49.00 43.94
N LEU K 382 42.29 50.17 43.69
CA LEU K 382 42.75 50.49 42.34
C LEU K 382 43.81 49.51 41.89
N LEU K 383 44.77 49.22 42.76
CA LEU K 383 45.82 48.26 42.41
C LEU K 383 45.23 46.88 42.17
N MET K 384 44.24 46.48 42.97
CA MET K 384 43.60 45.18 42.79
C MET K 384 42.91 45.10 41.44
N LEU K 385 42.23 46.17 41.05
CA LEU K 385 41.60 46.18 39.73
C LEU K 385 42.66 46.08 38.64
N MET K 386 43.78 46.79 38.80
CA MET K 386 44.85 46.67 37.81
C MET K 386 45.45 45.27 37.82
N GLY K 387 45.82 44.78 38.99
CA GLY K 387 46.34 43.44 39.13
C GLY K 387 47.81 43.35 38.73
N GLY K 388 48.44 42.26 39.18
CA GLY K 388 49.82 41.97 38.86
C GLY K 388 49.92 40.95 37.73
N VAL K 389 51.14 40.75 37.26
CA VAL K 389 51.39 39.81 36.19
C VAL K 389 51.44 38.39 36.73
N GLU K 390 51.08 37.44 35.88
CA GLU K 390 51.03 36.03 36.22
C GLU K 390 52.25 35.34 35.65
N LYS K 391 52.91 34.52 36.46
CA LYS K 391 54.10 33.80 36.06
C LYS K 391 53.78 32.31 35.97
N ASN K 392 54.02 31.73 34.80
CA ASN K 392 53.89 30.29 34.58
C ASN K 392 55.26 29.79 34.15
N LEU K 393 55.99 29.18 35.09
CA LEU K 393 57.34 28.74 34.79
C LEU K 393 57.31 27.61 33.77
N GLU K 394 58.46 27.42 33.10
CA GLU K 394 58.53 26.46 32.02
C GLU K 394 58.22 25.04 32.50
N ASN K 395 58.77 24.67 33.66
CA ASN K 395 58.55 23.32 34.17
C ASN K 395 57.06 23.07 34.43
N GLY K 396 56.32 24.10 34.82
CA GLY K 396 54.89 23.97 34.96
C GLY K 396 54.30 24.71 36.14
N SER K 397 55.15 25.16 37.06
CA SER K 397 54.66 25.76 38.29
C SER K 397 53.94 27.07 38.02
N HIS K 398 53.16 27.51 39.02
CA HIS K 398 52.27 28.64 38.89
C HIS K 398 52.51 29.60 40.04
N LEU K 399 52.50 30.90 39.75
CA LEU K 399 52.65 31.94 40.75
C LEU K 399 51.48 32.90 40.67
N ARG K 400 50.84 33.14 41.80
CA ARG K 400 49.65 33.98 41.83
C ARG K 400 50.01 35.41 41.47
N GLY K 401 49.16 36.03 40.66
CA GLY K 401 49.39 37.40 40.24
C GLY K 401 48.23 38.33 40.52
N ASP K 402 47.50 38.06 41.59
CA ASP K 402 46.34 38.86 41.94
C ASP K 402 46.50 39.37 43.37
N ILE K 403 45.84 40.48 43.66
CA ILE K 403 45.91 41.12 44.97
C ILE K 403 44.57 40.94 45.65
N ASN K 404 44.57 40.28 46.80
CA ASN K 404 43.39 40.14 47.61
C ASN K 404 43.38 41.19 48.72
N ILE K 405 42.19 41.66 49.08
CA ILE K 405 42.03 42.72 50.05
C ILE K 405 40.96 42.28 51.06
N LEU K 406 41.25 42.44 52.34
CA LEU K 406 40.32 42.14 53.41
C LEU K 406 40.10 43.39 54.23
N MET K 407 38.84 43.75 54.45
CA MET K 407 38.47 44.93 55.23
C MET K 407 37.76 44.47 56.49
N VAL K 408 38.41 44.69 57.63
CA VAL K 408 37.83 44.39 58.93
C VAL K 408 37.65 45.71 59.66
N GLY K 409 36.42 46.00 60.08
CA GLY K 409 36.19 47.29 60.68
C GLY K 409 34.86 47.39 61.40
N ASP K 410 34.66 48.52 62.06
CA ASP K 410 33.43 48.70 62.88
C ASP K 410 32.22 48.93 61.97
N PRO K 411 30.99 48.82 62.49
CA PRO K 411 29.82 49.08 61.67
C PRO K 411 29.77 50.51 61.09
N SER K 412 29.26 50.66 59.89
CA SER K 412 29.14 51.98 59.21
C SER K 412 30.48 52.64 58.92
N THR K 413 31.50 51.89 58.57
CA THR K 413 32.79 52.51 58.15
C THR K 413 32.89 52.46 56.63
N ALA K 414 31.79 52.12 55.93
CA ALA K 414 31.73 52.16 54.45
C ALA K 414 32.35 50.94 53.77
N LYS K 415 32.55 49.87 54.51
CA LYS K 415 33.22 48.69 53.93
C LYS K 415 32.34 48.15 52.80
N SER K 416 31.02 48.11 52.98
CA SER K 416 30.16 47.49 51.95
C SER K 416 30.06 48.39 50.72
N GLN K 417 29.88 49.69 50.90
CA GLN K 417 29.74 50.61 49.77
C GLN K 417 30.96 50.54 48.87
N LEU K 418 32.15 50.41 49.43
CA LEU K 418 33.35 50.21 48.61
C LEU K 418 33.25 48.91 47.83
N LEU K 419 32.80 47.84 48.48
CA LEU K 419 32.61 46.58 47.77
C LEU K 419 31.60 46.72 46.64
N ARG K 420 30.50 47.42 46.89
CA ARG K 420 29.49 47.61 45.85
C ARG K 420 30.02 48.43 44.70
N PHE K 421 30.85 49.44 45.00
CA PHE K 421 31.50 50.17 43.93
C PHE K 421 32.38 49.26 43.09
N VAL K 422 33.17 48.42 43.74
CA VAL K 422 34.03 47.50 43.00
C VAL K 422 33.18 46.58 42.14
N LEU K 423 32.04 46.14 42.67
CA LEU K 423 31.13 45.29 41.91
C LEU K 423 30.61 46.00 40.68
N ASN K 424 30.28 47.28 40.81
CA ASN K 424 29.72 48.03 39.69
C ASN K 424 30.76 48.52 38.69
N THR K 425 32.03 48.57 39.08
CA THR K 425 33.05 49.17 38.22
C THR K 425 34.07 48.20 37.66
N ALA K 426 34.18 47.00 38.21
CA ALA K 426 35.14 46.04 37.68
C ALA K 426 34.64 45.47 36.37
N SER K 427 35.59 45.05 35.52
CA SER K 427 35.21 44.48 34.23
C SER K 427 34.36 43.22 34.42
N LEU K 428 34.73 42.39 35.39
CA LEU K 428 33.99 41.17 35.69
C LEU K 428 34.02 40.97 37.20
N ALA K 429 32.87 41.17 37.84
CA ALA K 429 32.79 41.04 39.29
C ALA K 429 31.53 40.25 39.65
N ILE K 430 31.63 39.48 40.73
CA ILE K 430 30.52 38.70 41.26
C ILE K 430 30.42 38.97 42.74
N ALA K 431 29.22 39.28 43.22
CA ALA K 431 29.00 39.64 44.61
C ALA K 431 28.32 38.49 45.35
N THR K 432 28.88 38.13 46.50
CA THR K 432 28.34 37.08 47.35
C THR K 432 28.30 37.56 48.78
N THR K 433 27.40 36.99 49.57
CA THR K 433 27.37 37.19 51.01
C THR K 433 27.80 35.91 51.71
N GLY K 434 28.07 36.03 53.01
CA GLY K 434 28.73 34.95 53.71
C GLY K 434 27.93 33.68 53.90
N ARG K 435 26.91 33.72 54.75
CA ARG K 435 26.16 32.52 55.06
C ARG K 435 25.20 32.12 53.94
N GLY K 436 24.71 33.08 53.16
CA GLY K 436 23.80 32.75 52.09
C GLY K 436 24.44 31.86 51.02
N SER K 437 25.69 32.16 50.67
CA SER K 437 26.42 31.39 49.68
C SER K 437 27.40 30.47 50.40
N SER K 438 27.21 29.16 50.24
CA SER K 438 28.03 28.17 50.91
C SER K 438 29.28 27.86 50.08
N GLY K 439 30.07 26.89 50.54
CA GLY K 439 31.20 26.42 49.76
C GLY K 439 30.79 25.76 48.45
N VAL K 440 29.54 25.31 48.36
CA VAL K 440 28.99 24.88 47.07
C VAL K 440 28.78 26.08 46.16
N GLY K 441 28.29 27.20 46.71
CA GLY K 441 28.14 28.40 45.90
C GLY K 441 29.46 28.89 45.36
N LEU K 442 30.47 28.96 46.22
CA LEU K 442 31.83 29.18 45.75
C LEU K 442 32.36 27.91 45.11
N THR K 443 33.58 27.98 44.59
CA THR K 443 34.22 26.85 43.94
C THR K 443 33.31 26.25 42.86
N ALA K 444 32.89 25.00 43.05
CA ALA K 444 32.06 24.33 42.06
C ALA K 444 31.32 23.18 42.72
N ALA K 445 30.33 22.66 42.01
CA ALA K 445 29.49 21.59 42.54
C ALA K 445 29.17 20.59 41.44
N VAL K 446 28.85 19.37 41.86
CA VAL K 446 28.48 18.29 40.95
C VAL K 446 26.96 18.19 40.94
N THR K 447 26.38 18.12 39.73
CA THR K 447 24.93 18.13 39.61
C THR K 447 24.29 16.81 40.04
N THR K 448 24.96 15.68 39.77
CA THR K 448 24.52 14.33 40.06
C THR K 448 23.38 13.89 39.13
N ASP K 449 22.86 14.79 38.31
CA ASP K 449 21.84 14.42 37.33
C ASP K 449 22.45 13.61 36.20
N GLU K 454 25.14 13.38 32.76
CA GLU K 454 25.24 12.62 34.00
C GLU K 454 26.45 13.05 34.81
N ARG K 455 26.19 13.56 36.03
CA ARG K 455 27.22 14.12 36.90
C ARG K 455 28.01 15.22 36.19
N ARG K 456 27.29 16.27 35.82
CA ARG K 456 27.90 17.43 35.19
C ARG K 456 28.31 18.46 36.23
N LEU K 457 29.32 19.25 35.89
CA LEU K 457 29.88 20.23 36.81
C LEU K 457 29.14 21.56 36.66
N GLU K 458 28.73 22.12 37.78
CA GLU K 458 28.10 23.44 37.83
C GLU K 458 29.11 24.43 38.37
N ALA K 459 29.55 25.37 37.52
CA ALA K 459 30.55 26.33 37.93
C ALA K 459 29.98 27.27 38.98
N GLY K 460 30.70 27.42 40.09
CA GLY K 460 30.27 28.26 41.19
C GLY K 460 30.71 29.69 41.01
N ALA K 461 30.69 30.43 42.13
CA ALA K 461 31.05 31.84 42.09
C ALA K 461 32.49 32.04 41.65
N MET K 462 33.42 31.35 42.29
CA MET K 462 34.84 31.60 42.04
C MET K 462 35.25 31.15 40.65
N VAL K 463 34.65 30.08 40.14
CA VAL K 463 34.97 29.63 38.78
C VAL K 463 34.44 30.62 37.75
N LEU K 464 33.23 31.11 37.95
CA LEU K 464 32.66 32.06 37.00
C LEU K 464 33.46 33.35 36.94
N ALA K 465 34.08 33.74 38.05
CA ALA K 465 34.80 34.99 38.15
C ALA K 465 36.25 34.87 37.72
N ASP K 466 36.57 33.90 36.87
CA ASP K 466 37.93 33.78 36.38
C ASP K 466 38.37 35.07 35.70
N ARG K 467 39.60 35.49 35.98
CA ARG K 467 40.13 36.77 35.50
C ARG K 467 39.26 37.93 35.96
N GLY K 468 38.66 37.81 37.13
CA GLY K 468 37.77 38.85 37.62
C GLY K 468 37.95 39.18 39.09
N VAL K 469 36.86 39.54 39.76
CA VAL K 469 36.90 39.91 41.16
C VAL K 469 35.69 39.30 41.86
N VAL K 470 35.91 38.74 43.05
CA VAL K 470 34.85 38.20 43.87
C VAL K 470 34.73 39.08 45.11
N CYS K 471 33.55 39.66 45.30
CA CYS K 471 33.30 40.58 46.40
C CYS K 471 32.44 39.87 47.43
N ILE K 472 33.06 39.37 48.49
CA ILE K 472 32.36 38.64 49.53
C ILE K 472 32.01 39.61 50.65
N ASP K 473 30.74 39.60 51.06
CA ASP K 473 30.28 40.42 52.16
C ASP K 473 30.01 39.52 53.37
N GLU K 474 30.09 40.12 54.55
CA GLU K 474 29.90 39.40 55.81
C GLU K 474 30.83 38.19 55.88
N PHE K 475 32.10 38.43 55.54
CA PHE K 475 33.11 37.37 55.55
C PHE K 475 33.22 36.72 56.93
N ASP K 476 33.01 37.50 57.99
CA ASP K 476 33.08 36.94 59.33
C ASP K 476 32.01 35.88 59.55
N LYS K 477 30.81 36.13 59.03
CA LYS K 477 29.69 35.23 59.30
C LYS K 477 29.83 33.91 58.57
N MET K 478 30.55 33.89 57.45
CA MET K 478 30.56 32.72 56.59
C MET K 478 31.17 31.52 57.31
N THR K 479 30.64 30.34 57.03
CA THR K 479 30.95 29.14 57.79
C THR K 479 32.42 28.75 57.64
N ASP K 480 32.95 28.11 58.70
CA ASP K 480 34.35 27.70 58.69
C ASP K 480 34.64 26.72 57.55
N VAL K 481 33.70 25.82 57.27
CA VAL K 481 33.87 24.89 56.15
C VAL K 481 33.99 25.65 54.85
N ASP K 482 33.24 26.75 54.71
CA ASP K 482 33.31 27.55 53.50
C ASP K 482 34.70 28.14 53.32
N ARG K 483 35.30 28.65 54.40
CA ARG K 483 36.65 29.21 54.30
C ARG K 483 37.68 28.12 54.04
N VAL K 484 37.46 26.94 54.61
CA VAL K 484 38.31 25.79 54.28
C VAL K 484 38.27 25.54 52.78
N ALA K 485 37.09 25.62 52.19
CA ALA K 485 36.97 25.48 50.74
C ALA K 485 37.71 26.59 50.02
N ILE K 486 37.56 27.83 50.50
CA ILE K 486 38.09 28.99 49.78
C ILE K 486 39.61 29.09 49.86
N HIS K 487 40.25 28.37 50.78
CA HIS K 487 41.70 28.42 50.90
C HIS K 487 42.40 28.21 49.56
N GLU K 488 42.20 27.04 48.96
CA GLU K 488 42.93 26.68 47.75
C GLU K 488 42.62 27.65 46.61
N VAL K 489 41.36 28.06 46.47
CA VAL K 489 41.01 28.99 45.41
C VAL K 489 41.74 30.31 45.59
N MET K 490 41.80 30.81 46.83
CA MET K 490 42.49 32.07 47.06
C MET K 490 43.99 31.97 46.82
N GLU K 491 44.59 30.81 47.10
CA GLU K 491 46.04 30.73 46.95
C GLU K 491 46.49 30.07 45.65
N GLN K 492 46.06 28.83 45.40
CA GLN K 492 46.54 28.12 44.22
C GLN K 492 45.79 28.48 42.95
N GLN K 493 44.65 29.16 43.06
CA GLN K 493 43.86 29.59 41.91
C GLN K 493 43.42 28.42 41.04
N THR K 494 43.09 27.30 41.69
CA THR K 494 42.47 26.18 41.01
C THR K 494 41.38 25.62 41.91
N VAL K 495 40.38 24.99 41.31
CA VAL K 495 39.35 24.27 42.04
C VAL K 495 39.41 22.82 41.60
N THR K 496 39.71 21.93 42.54
CA THR K 496 39.78 20.51 42.27
C THR K 496 38.53 19.82 42.79
N ILE K 497 37.96 18.94 41.98
CA ILE K 497 36.73 18.27 42.41
C ILE K 497 37.06 16.90 42.98
N ALA K 498 37.59 16.01 42.14
CA ALA K 498 37.97 14.65 42.52
C ALA K 498 36.93 14.03 43.46
N LYS K 499 35.66 14.13 43.05
CA LYS K 499 34.55 13.68 43.87
C LYS K 499 33.55 12.93 43.02
N ALA K 500 33.03 11.83 43.57
CA ALA K 500 31.99 11.01 42.93
C ALA K 500 32.42 10.53 41.55
N GLY K 501 33.69 10.17 41.42
CA GLY K 501 34.21 9.72 40.15
C GLY K 501 34.45 10.82 39.14
N ILE K 502 34.39 12.08 39.56
CA ILE K 502 34.64 13.22 38.69
C ILE K 502 35.93 13.88 39.15
N HIS K 503 37.02 13.62 38.45
CA HIS K 503 38.33 14.14 38.81
C HIS K 503 38.74 15.18 37.77
N THR K 504 38.40 16.44 38.02
CA THR K 504 38.81 17.55 37.17
C THR K 504 39.32 18.68 38.05
N THR K 505 40.15 19.53 37.46
CA THR K 505 40.67 20.71 38.14
C THR K 505 40.20 21.96 37.39
N LEU K 506 39.11 22.55 37.87
CA LEU K 506 38.63 23.78 37.29
C LEU K 506 39.60 24.92 37.58
N ASN K 507 39.61 25.91 36.71
CA ASN K 507 40.57 26.99 36.76
C ASN K 507 39.83 28.26 37.18
N ALA K 508 40.22 28.83 38.31
CA ALA K 508 39.58 30.02 38.86
C ALA K 508 40.66 31.00 39.33
N ARG K 509 41.11 31.86 38.41
CA ARG K 509 42.18 32.82 38.71
C ARG K 509 41.53 34.17 39.00
N CYS K 510 40.97 34.30 40.19
CA CYS K 510 40.24 35.49 40.57
C CYS K 510 40.84 36.13 41.81
N SER K 511 40.61 37.43 41.94
CA SER K 511 41.06 38.21 43.08
C SER K 511 39.87 38.50 43.97
N VAL K 512 40.05 38.29 45.27
CA VAL K 512 38.95 38.34 46.25
C VAL K 512 39.09 39.60 47.09
N ILE K 513 37.99 40.31 47.26
CA ILE K 513 37.89 41.41 48.20
C ILE K 513 36.74 41.12 49.15
N ALA K 514 36.98 41.28 50.45
CA ALA K 514 35.94 40.88 51.40
C ALA K 514 35.75 41.93 52.48
N ALA K 515 34.67 41.81 53.25
CA ALA K 515 34.37 42.76 54.34
C ALA K 515 33.99 41.96 55.57
N ALA K 516 34.55 42.28 56.74
CA ALA K 516 34.09 41.58 57.95
C ALA K 516 34.01 42.51 59.15
N ASN K 517 33.01 42.32 60.00
CA ASN K 517 32.93 43.10 61.26
C ASN K 517 33.95 42.48 62.22
N PRO K 518 34.49 43.19 63.22
CA PRO K 518 35.40 42.59 64.17
C PRO K 518 34.57 41.67 65.06
N VAL K 519 35.20 40.73 65.75
CA VAL K 519 34.39 39.70 66.49
C VAL K 519 33.54 40.34 67.56
N PHE K 520 34.06 41.31 68.28
CA PHE K 520 33.30 41.90 69.41
C PHE K 520 32.39 43.01 68.92
N GLY K 521 31.85 42.90 67.69
CA GLY K 521 30.92 43.87 67.17
C GLY K 521 31.65 45.14 66.76
N GLN K 522 32.59 45.59 67.58
CA GLN K 522 33.44 46.72 67.24
C GLN K 522 34.88 46.36 67.59
N TYR K 523 35.81 46.96 66.86
CA TYR K 523 37.23 46.67 67.05
C TYR K 523 37.71 47.36 68.32
N ASP K 524 37.73 46.62 69.43
CA ASP K 524 38.19 47.14 70.71
C ASP K 524 39.71 47.00 70.74
N VAL K 525 40.42 48.13 70.73
CA VAL K 525 41.88 48.11 70.65
C VAL K 525 42.53 47.65 71.94
N ASN K 526 41.77 47.48 73.02
CA ASN K 526 42.36 46.99 74.26
C ASN K 526 42.90 45.57 74.11
N ARG K 527 42.18 44.74 73.38
CA ARG K 527 42.59 43.37 73.15
C ARG K 527 43.51 43.28 71.93
N ASP K 528 44.19 42.15 71.81
CA ASP K 528 45.11 41.93 70.71
C ASP K 528 44.36 41.81 69.39
N PRO K 529 45.03 42.06 68.26
CA PRO K 529 44.36 41.89 66.97
C PRO K 529 43.84 40.49 66.73
N HIS K 530 44.49 39.47 67.30
CA HIS K 530 44.06 38.10 67.05
C HIS K 530 42.66 37.85 67.58
N GLN K 531 42.35 38.34 68.77
CA GLN K 531 41.03 38.09 69.35
C GLN K 531 39.94 38.88 68.64
N ASN K 532 40.26 40.06 68.09
CA ASN K 532 39.28 40.82 67.35
C ASN K 532 39.02 40.21 65.97
N ILE K 533 40.08 39.81 65.28
CA ILE K 533 39.93 39.29 63.92
C ILE K 533 39.18 37.96 63.94
N ALA K 534 39.59 37.04 64.81
CA ALA K 534 38.93 35.74 64.97
C ALA K 534 38.88 34.96 63.66
N LEU K 535 40.02 34.89 62.98
CA LEU K 535 40.15 34.14 61.75
C LEU K 535 41.41 33.29 61.79
N PRO K 536 41.44 32.18 61.06
CA PRO K 536 42.65 31.36 61.01
C PRO K 536 43.82 32.15 60.44
N ASP K 537 45.02 31.84 60.94
CA ASP K 537 46.21 32.55 60.51
C ASP K 537 46.49 32.34 59.04
N SER K 538 46.27 31.12 58.54
CA SER K 538 46.51 30.84 57.13
C SER K 538 45.63 31.69 56.24
N LEU K 539 44.35 31.84 56.59
CA LEU K 539 43.44 32.63 55.79
C LEU K 539 43.92 34.09 55.72
N LEU K 540 44.31 34.66 56.86
CA LEU K 540 44.86 36.00 56.83
C LEU K 540 46.14 36.07 56.02
N SER K 541 46.89 34.98 55.98
CA SER K 541 48.08 34.94 55.13
C SER K 541 47.70 35.01 53.65
N ARG K 542 46.56 34.43 53.28
CA ARG K 542 46.14 34.48 51.88
C ARG K 542 45.93 35.92 51.42
N PHE K 543 45.30 36.75 52.25
CA PHE K 543 44.96 38.11 51.85
C PHE K 543 46.22 38.96 51.73
N ASP K 544 46.37 39.61 50.57
CA ASP K 544 47.55 40.41 50.32
C ASP K 544 47.61 41.63 51.24
N LEU K 545 46.51 42.35 51.36
CA LEU K 545 46.44 43.56 52.18
C LEU K 545 45.29 43.43 53.15
N LEU K 546 45.58 43.58 54.44
CA LEU K 546 44.57 43.52 55.49
C LEU K 546 44.45 44.89 56.12
N PHE K 547 43.25 45.46 56.08
CA PHE K 547 42.99 46.79 56.60
C PHE K 547 42.03 46.70 57.79
N VAL K 548 42.37 47.41 58.86
CA VAL K 548 41.49 47.53 60.02
C VAL K 548 41.09 49.00 60.12
N VAL K 549 39.78 49.26 60.08
CA VAL K 549 39.24 50.62 60.14
C VAL K 549 38.38 50.73 61.39
N THR K 550 38.63 51.76 62.17
CA THR K 550 37.92 51.99 63.43
C THR K 550 37.14 53.29 63.34
N ASP K 551 35.89 53.26 63.78
CA ASP K 551 35.04 54.45 63.83
C ASP K 551 35.31 55.18 65.14
N ASP K 552 36.27 56.10 65.11
CA ASP K 552 36.68 56.83 66.30
C ASP K 552 36.10 58.25 66.27
N ILE K 553 35.70 58.73 67.45
CA ILE K 553 35.04 60.02 67.57
C ILE K 553 36.09 61.12 67.52
N ASN K 554 35.94 62.04 66.58
CA ASN K 554 36.80 63.22 66.47
C ASN K 554 36.00 64.35 65.85
N GLU K 555 35.98 65.50 66.53
CA GLU K 555 35.08 66.59 66.13
C GLU K 555 35.40 67.09 64.73
N ILE K 556 36.68 67.28 64.41
CA ILE K 556 37.05 67.75 63.08
C ILE K 556 36.66 66.72 62.03
N ARG K 557 36.98 65.46 62.29
CA ARG K 557 36.66 64.40 61.33
C ARG K 557 35.15 64.20 61.22
N ASP K 558 34.45 64.24 62.36
CA ASP K 558 32.99 64.12 62.33
C ASP K 558 32.38 65.24 61.50
N ARG K 559 32.87 66.47 61.71
CA ARG K 559 32.36 67.59 60.95
C ARG K 559 32.58 67.39 59.46
N SER K 560 33.84 67.11 59.08
CA SER K 560 34.16 66.97 57.66
C SER K 560 33.31 65.87 57.01
N ILE K 561 33.14 64.75 57.71
CA ILE K 561 32.27 63.69 57.22
C ILE K 561 30.86 64.23 57.03
N SER K 562 30.39 65.05 57.98
CA SER K 562 29.04 65.58 57.88
C SER K 562 28.87 66.45 56.64
N GLU K 563 29.80 67.38 56.39
CA GLU K 563 29.66 68.20 55.19
C GLU K 563 29.75 67.35 53.93
N HIS K 564 30.64 66.36 53.91
CA HIS K 564 30.77 65.54 52.72
C HIS K 564 29.48 64.78 52.43
N VAL K 565 28.91 64.14 53.44
CA VAL K 565 27.69 63.37 53.24
C VAL K 565 26.55 64.30 52.84
N LEU K 566 26.45 65.45 53.49
CA LEU K 566 25.38 66.39 53.15
C LEU K 566 25.51 66.87 51.72
N ARG K 567 26.74 67.18 51.28
CA ARG K 567 26.95 67.57 49.90
C ARG K 567 26.54 66.47 48.93
N THR K 568 26.82 65.22 49.30
CA THR K 568 26.39 64.11 48.44
C THR K 568 24.87 64.03 48.36
N HIS K 569 24.17 64.20 49.50
CA HIS K 569 22.71 64.08 49.48
C HIS K 569 22.05 65.17 48.65
N ARG K 570 22.57 66.38 48.66
CA ARG K 570 21.96 67.46 47.86
C ARG K 570 22.62 67.51 46.47
N TYR K 571 22.57 66.39 45.78
CA TYR K 571 23.10 66.27 44.43
C TYR K 571 21.94 66.21 43.43
N LEU K 572 22.02 67.01 42.39
CA LEU K 572 20.98 67.07 41.39
C LEU K 572 21.44 66.43 40.09
N PRO K 573 20.63 65.57 39.48
CA PRO K 573 20.95 65.06 38.15
C PRO K 573 20.97 66.19 37.15
N PRO K 574 21.61 65.99 35.99
CA PRO K 574 21.69 67.08 35.01
C PRO K 574 20.34 67.63 34.58
N GLY K 575 19.32 66.79 34.43
CA GLY K 575 18.07 67.26 33.86
C GLY K 575 16.84 67.01 34.68
N TYR K 576 17.01 66.67 35.96
CA TYR K 576 15.88 66.36 36.82
C TYR K 576 15.40 67.61 37.56
N LEU K 577 14.11 67.60 37.89
CA LEU K 577 13.55 68.68 38.70
C LEU K 577 14.05 68.59 40.14
N GLU K 578 13.83 69.67 40.88
CA GLU K 578 14.26 69.70 42.27
C GLU K 578 13.54 68.65 43.10
N GLY K 579 12.23 68.51 42.90
CA GLY K 579 11.45 67.54 43.63
C GLY K 579 11.13 66.27 42.88
N GLU K 580 11.64 66.10 41.67
CA GLU K 580 11.30 64.93 40.87
C GLU K 580 11.96 63.69 41.46
N PRO K 581 11.26 62.56 41.51
CA PRO K 581 11.87 61.32 42.00
C PRO K 581 12.76 60.70 40.93
N VAL K 582 13.96 60.29 41.33
CA VAL K 582 14.93 59.73 40.40
C VAL K 582 14.58 58.27 40.15
N ARG K 583 14.54 57.88 38.87
CA ARG K 583 14.19 56.53 38.47
C ARG K 583 15.45 55.71 38.20
N GLU K 584 15.45 54.47 38.69
CA GLU K 584 16.57 53.57 38.49
C GLU K 584 16.49 52.92 37.10
N ARG K 585 17.64 52.47 36.62
CA ARG K 585 17.73 51.73 35.37
C ARG K 585 18.64 50.52 35.56
N LEU K 586 18.32 49.45 34.83
CA LEU K 586 19.04 48.19 35.01
C LEU K 586 20.47 48.26 34.49
N ASN K 587 20.71 49.05 33.44
CA ASN K 587 22.04 49.24 32.87
C ASN K 587 22.64 47.92 32.38
N LEU K 588 22.00 47.34 31.37
CA LEU K 588 22.49 46.13 30.72
C LEU K 588 23.43 46.55 29.59
N SER K 589 24.68 46.75 29.94
CA SER K 589 25.67 47.19 28.96
C SER K 589 25.94 46.08 27.95
N LEU K 590 26.24 46.48 26.72
CA LEU K 590 26.53 45.53 25.65
C LEU K 590 28.02 45.22 25.63
N ALA K 591 28.35 43.94 25.78
CA ALA K 591 29.74 43.52 25.78
C ALA K 591 30.29 43.47 24.36
N VAL K 592 31.52 43.94 24.20
CA VAL K 592 32.20 43.91 22.91
C VAL K 592 33.54 43.22 23.04
N ASP K 619 31.15 63.23 29.40
CA ASP K 619 31.78 62.72 28.18
C ASP K 619 33.26 63.03 28.18
N HIS K 620 33.63 64.07 28.90
CA HIS K 620 35.02 64.51 28.95
C HIS K 620 35.85 63.54 29.80
N VAL K 621 37.15 63.82 29.89
CA VAL K 621 38.03 62.98 30.68
C VAL K 621 37.68 63.05 32.15
N PHE K 622 37.42 64.26 32.65
CA PHE K 622 37.20 64.49 34.06
C PHE K 622 35.71 64.67 34.36
N GLU K 623 35.38 64.76 35.64
CA GLU K 623 34.01 64.83 36.10
C GLU K 623 33.67 66.24 36.57
N LYS K 624 32.49 66.72 36.17
CA LYS K 624 32.10 68.10 36.46
C LYS K 624 31.93 68.33 37.95
N PHE K 625 31.30 67.40 38.66
CA PHE K 625 30.99 67.56 40.07
C PHE K 625 31.97 66.75 40.92
N ASN K 626 32.68 67.44 41.81
CA ASN K 626 33.53 66.78 42.78
C ASN K 626 32.93 66.96 44.17
N PRO K 627 32.40 65.90 44.79
CA PRO K 627 31.78 66.07 46.12
C PRO K 627 32.74 66.57 47.17
N LEU K 628 34.04 66.35 47.02
CA LEU K 628 35.03 66.81 47.99
C LEU K 628 35.57 68.15 47.50
N LEU K 629 35.11 69.24 48.11
CA LEU K 629 35.55 70.57 47.73
C LEU K 629 36.13 71.33 48.94
N ILE K 647 43.79 72.22 42.22
CA ILE K 647 42.71 71.29 42.54
C ILE K 647 42.93 69.95 41.82
N PRO K 648 42.96 68.85 42.58
CA PRO K 648 43.18 67.53 41.97
C PRO K 648 41.97 67.11 41.15
N LYS K 649 42.20 66.87 39.86
CA LYS K 649 41.12 66.49 38.97
C LYS K 649 40.64 65.06 39.25
N LEU K 650 39.34 64.84 39.06
CA LEU K 650 38.73 63.53 39.24
C LEU K 650 38.21 63.05 37.90
N VAL K 651 38.62 61.85 37.50
CA VAL K 651 38.31 61.34 36.17
C VAL K 651 36.92 60.74 36.17
N THR K 652 36.30 60.71 34.99
CA THR K 652 34.96 60.14 34.86
C THR K 652 35.04 58.63 34.97
N ILE K 653 34.10 58.04 35.72
CA ILE K 653 34.20 56.62 36.06
C ILE K 653 34.21 55.70 34.84
N PRO K 654 33.40 55.92 33.78
CA PRO K 654 33.61 55.09 32.58
C PRO K 654 34.97 55.29 31.97
N PHE K 655 35.53 56.50 32.04
CA PHE K 655 36.91 56.67 31.60
C PHE K 655 37.88 55.90 32.47
N LEU K 656 37.59 55.79 33.76
CA LEU K 656 38.43 54.97 34.63
C LEU K 656 38.35 53.50 34.21
N ARG K 657 37.16 53.03 33.86
CA ARG K 657 37.05 51.66 33.34
C ARG K 657 37.85 51.49 32.06
N LYS K 658 37.79 52.47 31.17
CA LYS K 658 38.59 52.42 29.94
C LYS K 658 40.08 52.37 30.26
N TYR K 659 40.52 53.19 31.21
CA TYR K 659 41.93 53.20 31.61
C TYR K 659 42.35 51.85 32.15
N VAL K 660 41.53 51.26 33.02
CA VAL K 660 41.86 49.97 33.59
C VAL K 660 41.96 48.91 32.50
N GLN K 661 41.01 48.91 31.57
CA GLN K 661 41.04 47.94 30.48
C GLN K 661 42.31 48.10 29.65
N TYR K 662 42.63 49.33 29.28
CA TYR K 662 43.82 49.57 28.46
C TYR K 662 45.08 49.14 29.18
N ALA K 663 45.21 49.49 30.46
CA ALA K 663 46.39 49.12 31.21
C ALA K 663 46.52 47.61 31.36
N LYS K 664 45.41 46.93 31.65
CA LYS K 664 45.45 45.49 31.81
C LYS K 664 45.84 44.79 30.52
N GLU K 665 45.30 45.25 29.39
CA GLU K 665 45.58 44.58 28.12
C GLU K 665 46.99 44.88 27.63
N ARG K 666 47.31 46.17 27.47
CA ARG K 666 48.45 46.55 26.65
C ARG K 666 49.79 46.34 27.35
N VAL K 667 49.87 46.62 28.66
CA VAL K 667 51.15 46.75 29.33
C VAL K 667 51.38 45.53 30.22
N ILE K 668 52.55 44.91 30.08
CA ILE K 668 52.98 43.80 30.92
C ILE K 668 54.34 44.18 31.52
N PRO K 669 54.40 44.72 32.76
CA PRO K 669 55.65 45.18 33.33
C PRO K 669 56.62 44.04 33.65
N GLN K 670 57.90 44.35 33.82
CA GLN K 670 58.89 43.33 34.23
C GLN K 670 59.69 43.91 35.39
N LEU K 671 60.16 43.06 36.31
CA LEU K 671 60.88 43.56 37.49
C LEU K 671 62.26 44.06 37.05
N THR K 672 62.87 44.99 37.81
CA THR K 672 64.23 45.51 37.46
C THR K 672 65.09 45.52 38.72
N GLN K 673 66.41 45.59 38.60
CA GLN K 673 67.29 45.44 39.79
C GLN K 673 67.03 46.51 40.85
N GLU K 674 66.78 47.76 40.46
CA GLU K 674 66.63 48.77 41.54
C GLU K 674 65.46 48.34 42.42
N ALA K 675 64.37 47.90 41.80
CA ALA K 675 63.18 47.47 42.58
C ALA K 675 63.55 46.26 43.43
N ILE K 676 64.09 45.22 42.80
CA ILE K 676 64.43 44.01 43.53
C ILE K 676 65.08 44.35 44.86
N ASN K 677 66.04 45.28 44.84
CA ASN K 677 66.74 45.64 46.07
C ASN K 677 65.79 46.28 47.07
N VAL K 678 64.93 47.19 46.61
CA VAL K 678 64.02 47.85 47.53
C VAL K 678 63.06 46.85 48.15
N ILE K 679 62.50 45.96 47.34
CA ILE K 679 61.56 44.97 47.85
C ILE K 679 62.26 44.01 48.81
N VAL K 680 63.50 43.62 48.49
CA VAL K 680 64.22 42.70 49.35
C VAL K 680 64.46 43.33 50.72
N LYS K 681 64.93 44.57 50.73
CA LYS K 681 65.21 45.23 52.00
C LYS K 681 63.92 45.42 52.80
N ASN K 682 62.83 45.81 52.13
CA ASN K 682 61.57 46.01 52.83
C ASN K 682 61.03 44.70 53.40
N TYR K 683 61.12 43.61 52.64
CA TYR K 683 60.68 42.33 53.16
C TYR K 683 61.53 41.91 54.35
N THR K 684 62.85 42.12 54.26
CA THR K 684 63.73 41.70 55.35
C THR K 684 63.44 42.47 56.62
N ASP K 685 63.31 43.80 56.53
CA ASP K 685 63.13 44.55 57.77
C ASP K 685 61.69 44.50 58.25
N LEU K 686 60.75 44.10 57.39
CA LEU K 686 59.42 43.76 57.88
C LEU K 686 59.43 42.45 58.64
N ARG K 687 60.19 41.46 58.16
CA ARG K 687 60.18 40.15 58.78
C ARG K 687 60.94 40.14 60.09
N ASN K 688 62.09 40.81 60.14
CA ASN K 688 62.99 40.68 61.29
C ASN K 688 62.72 41.68 62.39
N ASP K 689 61.78 42.60 62.23
CA ASP K 689 61.47 43.60 63.24
C ASP K 689 60.08 43.34 63.80
N ASP K 690 59.96 43.40 65.12
CA ASP K 690 58.68 43.18 65.79
C ASP K 690 58.06 44.52 66.14
N ASN K 691 56.83 44.74 65.65
CA ASN K 691 56.09 45.94 65.97
C ASN K 691 54.62 45.63 66.27
N THR K 692 54.30 44.38 66.61
CA THR K 692 52.93 43.94 66.84
C THR K 692 52.07 44.24 65.62
N LYS K 693 52.42 43.58 64.53
CA LYS K 693 51.71 43.80 63.27
C LYS K 693 50.31 43.20 63.32
N LYS K 694 49.40 43.82 62.58
CA LYS K 694 48.03 43.30 62.52
C LYS K 694 47.96 41.97 61.80
N SER K 695 49.01 41.58 61.09
CA SER K 695 49.09 40.30 60.40
C SER K 695 50.50 39.74 60.54
N PRO K 696 50.64 38.41 60.56
CA PRO K 696 51.97 37.82 60.54
C PRO K 696 52.59 37.93 59.14
N ILE K 697 53.90 37.74 59.10
CA ILE K 697 54.67 37.97 57.88
C ILE K 697 55.18 36.63 57.36
N THR K 698 54.90 36.35 56.09
CA THR K 698 55.35 35.14 55.40
C THR K 698 56.00 35.53 54.08
N ALA K 699 56.34 34.52 53.28
CA ALA K 699 56.76 34.79 51.91
C ALA K 699 55.63 35.36 51.08
N ARG K 700 54.39 35.15 51.50
CA ARG K 700 53.26 35.76 50.82
C ARG K 700 53.36 37.28 50.85
N THR K 701 53.95 37.84 51.91
CA THR K 701 54.15 39.29 51.95
C THR K 701 55.17 39.72 50.90
N LEU K 702 56.22 38.92 50.68
CA LEU K 702 57.15 39.22 49.61
C LEU K 702 56.46 39.19 48.26
N GLU K 703 55.64 38.16 48.03
CA GLU K 703 54.86 38.11 46.81
C GLU K 703 53.93 39.30 46.68
N THR K 704 53.34 39.74 47.79
CA THR K 704 52.48 40.91 47.78
C THR K 704 53.23 42.17 47.41
N LEU K 705 54.45 42.33 47.94
CA LEU K 705 55.25 43.49 47.57
C LEU K 705 55.53 43.49 46.07
N ILE K 706 55.91 42.33 45.54
CA ILE K 706 56.18 42.26 44.10
C ILE K 706 54.91 42.56 43.30
N ARG K 707 53.77 42.00 43.72
CA ARG K 707 52.53 42.18 42.98
C ARG K 707 52.06 43.63 43.01
N LEU K 708 52.15 44.28 44.17
CA LEU K 708 51.76 45.68 44.25
C LEU K 708 52.70 46.55 43.43
N ALA K 709 54.00 46.25 43.43
CA ALA K 709 54.92 47.00 42.58
C ALA K 709 54.55 46.85 41.12
N THR K 710 54.22 45.62 40.70
CA THR K 710 53.84 45.39 39.32
C THR K 710 52.55 46.12 38.96
N ALA K 711 51.58 46.11 39.87
CA ALA K 711 50.33 46.81 39.62
C ALA K 711 50.56 48.31 39.51
N HIS K 712 51.41 48.87 40.36
CA HIS K 712 51.71 50.30 40.29
C HIS K 712 52.41 50.63 38.99
N ALA K 713 53.33 49.78 38.55
CA ALA K 713 53.96 49.98 37.24
C ALA K 713 52.93 49.94 36.13
N LYS K 714 51.93 49.06 36.26
CA LYS K 714 50.84 49.02 35.29
C LYS K 714 50.09 50.34 35.27
N VAL K 715 49.83 50.92 36.45
CA VAL K 715 49.08 52.16 36.52
C VAL K 715 49.78 53.26 35.74
N ARG K 716 51.11 53.32 35.82
CA ARG K 716 51.87 54.31 35.09
C ARG K 716 52.09 53.92 33.64
N LEU K 717 51.55 52.78 33.20
CA LEU K 717 51.74 52.30 31.83
C LEU K 717 53.23 52.17 31.50
N SER K 718 53.97 51.56 32.41
CA SER K 718 55.40 51.39 32.27
C SER K 718 55.73 49.93 32.01
N LYS K 719 56.59 49.68 31.02
CA LYS K 719 57.01 48.32 30.72
C LYS K 719 57.96 47.75 31.77
N THR K 720 58.47 48.58 32.67
CA THR K 720 59.39 48.14 33.71
C THR K 720 58.99 48.75 35.04
N VAL K 721 59.39 48.09 36.12
CA VAL K 721 59.12 48.57 37.48
C VAL K 721 60.34 49.32 37.98
N ASN K 722 60.12 50.54 38.46
CA ASN K 722 61.21 51.39 38.93
C ASN K 722 61.24 51.41 40.45
N LYS K 723 62.14 52.23 40.99
CA LYS K 723 62.26 52.33 42.44
C LYS K 723 61.02 52.96 43.07
N VAL K 724 60.39 53.92 42.36
CA VAL K 724 59.24 54.61 42.92
C VAL K 724 58.09 53.64 43.15
N ASP K 725 57.88 52.70 42.24
CA ASP K 725 56.81 51.73 42.41
C ASP K 725 57.06 50.83 43.63
N ALA K 726 58.30 50.38 43.80
CA ALA K 726 58.62 49.56 44.97
C ALA K 726 58.43 50.35 46.25
N LYS K 727 58.83 51.62 46.26
CA LYS K 727 58.60 52.46 47.42
C LYS K 727 57.13 52.60 47.74
N VAL K 728 56.31 52.82 46.71
CA VAL K 728 54.87 52.95 46.91
C VAL K 728 54.29 51.68 47.48
N ALA K 729 54.69 50.53 46.93
CA ALA K 729 54.18 49.26 47.43
C ALA K 729 54.58 49.04 48.88
N ALA K 730 55.83 49.33 49.23
CA ALA K 730 56.29 49.14 50.60
C ALA K 730 55.53 50.06 51.55
N ASN K 731 55.32 51.31 51.16
CA ASN K 731 54.59 52.24 52.02
C ASN K 731 53.15 51.79 52.22
N LEU K 732 52.50 51.32 51.14
CA LEU K 732 51.13 50.86 51.27
C LEU K 732 51.03 49.64 52.17
N LEU K 733 51.95 48.68 52.01
CA LEU K 733 51.94 47.51 52.88
C LEU K 733 52.23 47.90 54.33
N ARG K 734 53.12 48.86 54.54
CA ARG K 734 53.40 49.31 55.89
C ARG K 734 52.19 49.96 56.53
N PHE K 735 51.46 50.76 55.76
CA PHE K 735 50.21 51.32 56.28
C PHE K 735 49.22 50.21 56.61
N ALA K 736 49.19 49.17 55.79
CA ALA K 736 48.27 48.06 56.04
C ALA K 736 48.61 47.34 57.34
N LEU K 737 49.88 46.96 57.50
CA LEU K 737 50.27 46.13 58.64
C LEU K 737 50.48 46.97 59.90
N LEU K 738 51.43 47.90 59.85
CA LEU K 738 51.76 48.67 61.04
C LEU K 738 50.64 49.61 61.46
N GLY K 739 49.73 49.94 60.55
CA GLY K 739 48.70 50.92 60.84
C GLY K 739 49.18 52.35 60.81
N GLU K 740 50.39 52.60 60.34
CA GLU K 740 50.98 53.92 60.36
C GLU K 740 51.69 54.19 59.03
N ASP K 741 51.89 55.47 58.75
CA ASP K 741 52.66 55.87 57.58
C ASP K 741 53.59 57.02 57.96
N ILE K 742 54.21 57.65 56.97
CA ILE K 742 55.13 58.75 57.22
C ILE K 742 54.35 59.99 57.66
N LEU L 177 43.31 -38.03 9.37
CA LEU L 177 42.28 -37.81 8.35
C LEU L 177 41.05 -37.16 8.94
N ARG L 178 40.35 -36.37 8.11
CA ARG L 178 39.02 -35.86 8.44
C ARG L 178 39.04 -35.01 9.71
N ILE L 179 39.69 -33.85 9.60
CA ILE L 179 39.59 -32.84 10.64
C ILE L 179 38.27 -32.10 10.49
N ILE L 180 37.69 -31.69 11.62
CA ILE L 180 36.41 -30.98 11.57
C ILE L 180 36.61 -29.56 11.08
N TRP L 181 35.58 -29.00 10.46
CA TRP L 181 35.67 -27.65 9.92
C TRP L 181 35.75 -26.63 11.05
N GLY L 182 36.58 -25.62 10.86
CA GLY L 182 36.74 -24.57 11.85
C GLY L 182 37.53 -24.98 13.08
N THR L 183 38.12 -26.17 13.06
CA THR L 183 38.84 -26.69 14.22
C THR L 183 40.08 -27.41 13.73
N ASN L 184 40.92 -27.81 14.68
CA ASN L 184 42.08 -28.64 14.39
C ASN L 184 41.90 -30.06 14.93
N VAL L 185 40.67 -30.48 15.16
CA VAL L 185 40.37 -31.73 15.84
C VAL L 185 39.97 -32.79 14.83
N SER L 186 40.59 -33.96 14.94
CA SER L 186 40.19 -35.14 14.21
C SER L 186 39.63 -36.15 15.19
N ILE L 187 38.41 -36.64 14.93
CA ILE L 187 37.70 -37.45 15.91
C ILE L 187 38.50 -38.72 16.22
N GLN L 188 38.91 -39.43 15.16
CA GLN L 188 39.58 -40.72 15.37
C GLN L 188 40.87 -40.54 16.15
N GLU L 189 41.71 -39.59 15.74
CA GLU L 189 43.00 -39.41 16.40
C GLU L 189 42.83 -38.97 17.84
N CYS L 190 41.89 -38.05 18.10
CA CYS L 190 41.70 -37.58 19.46
C CYS L 190 41.16 -38.69 20.35
N THR L 191 40.22 -39.50 19.86
CA THR L 191 39.75 -40.63 20.65
C THR L 191 40.89 -41.61 20.92
N THR L 192 41.71 -41.89 19.92
CA THR L 192 42.84 -42.78 20.11
C THR L 192 43.76 -42.25 21.20
N ASN L 193 44.10 -40.97 21.14
CA ASN L 193 45.01 -40.39 22.12
C ASN L 193 44.41 -40.40 23.52
N PHE L 194 43.12 -40.10 23.64
CA PHE L 194 42.50 -40.10 24.95
C PHE L 194 42.46 -41.50 25.54
N ARG L 195 42.15 -42.51 24.72
CA ARG L 195 42.19 -43.88 25.21
C ARG L 195 43.60 -44.25 25.65
N ASN L 196 44.60 -43.84 24.88
CA ASN L 196 45.99 -44.12 25.24
C ASN L 196 46.33 -43.51 26.59
N PHE L 197 45.93 -42.25 26.78
CA PHE L 197 46.19 -41.57 28.04
C PHE L 197 45.48 -42.27 29.19
N LEU L 198 44.23 -42.69 28.98
CA LEU L 198 43.49 -43.37 30.03
C LEU L 198 44.17 -44.68 30.42
N MET L 199 44.62 -45.44 29.43
CA MET L 199 45.19 -46.76 29.72
C MET L 199 46.49 -46.64 30.49
N SER L 200 47.33 -45.67 30.16
CA SER L 200 48.72 -45.66 30.59
C SER L 200 49.07 -44.37 31.29
N PHE L 201 48.25 -43.96 32.25
CA PHE L 201 48.59 -42.81 33.09
C PHE L 201 48.99 -43.26 34.47
N LYS L 202 50.12 -42.75 34.94
CA LYS L 202 50.61 -42.99 36.29
C LYS L 202 50.99 -41.66 36.92
N TYR L 203 50.65 -41.49 38.20
CA TYR L 203 50.83 -40.21 38.85
C TYR L 203 52.29 -39.79 38.91
N LYS L 204 53.21 -40.74 38.77
CA LYS L 204 54.62 -40.40 38.71
C LYS L 204 54.93 -39.45 37.56
N PHE L 205 54.16 -39.54 36.47
CA PHE L 205 54.35 -38.59 35.38
C PHE L 205 54.04 -37.17 35.83
N ARG L 206 52.94 -36.99 36.55
CA ARG L 206 52.63 -35.66 37.08
C ARG L 206 53.69 -35.21 38.07
N LYS L 207 54.22 -36.15 38.87
CA LYS L 207 55.31 -35.80 39.77
C LYS L 207 56.52 -35.30 39.00
N ILE L 208 56.82 -35.95 37.87
CA ILE L 208 57.94 -35.51 37.04
C ILE L 208 57.68 -34.12 36.50
N LEU L 209 56.47 -33.87 35.99
CA LEU L 209 56.15 -32.54 35.51
C LEU L 209 56.12 -31.51 36.62
N ASP L 210 55.83 -31.95 37.85
CA ASP L 210 55.89 -31.06 39.00
C ASP L 210 57.29 -30.90 39.55
N GLU L 211 58.28 -31.58 38.97
CA GLU L 211 59.64 -31.61 39.50
C GLU L 211 59.64 -32.01 40.97
N ARG L 212 58.78 -32.97 41.31
CA ARG L 212 58.65 -33.49 42.66
C ARG L 212 59.01 -34.97 42.72
N GLU L 213 60.03 -35.35 41.95
CA GLU L 213 60.44 -36.75 41.88
C GLU L 213 60.98 -37.26 43.21
N GLU L 214 61.45 -36.38 44.08
CA GLU L 214 61.90 -36.81 45.41
C GLU L 214 60.73 -37.26 46.28
N PHE L 215 59.51 -36.90 45.91
CA PHE L 215 58.31 -37.33 46.62
C PHE L 215 57.62 -38.51 45.94
N ILE L 216 58.28 -39.13 44.96
CA ILE L 216 57.65 -40.22 44.22
C ILE L 216 57.35 -41.36 45.19
N ASN L 217 56.11 -41.83 45.16
CA ASN L 217 55.67 -42.95 45.97
C ASN L 217 55.81 -44.24 45.18
N ASN L 218 56.12 -45.32 45.88
CA ASN L 218 56.18 -46.62 45.20
C ASN L 218 54.79 -47.19 44.99
N THR L 219 53.84 -46.88 45.87
CA THR L 219 52.50 -47.48 45.77
C THR L 219 51.60 -46.73 44.79
N THR L 220 51.30 -45.46 45.10
CA THR L 220 50.31 -44.72 44.32
C THR L 220 50.79 -44.45 42.90
N ASP L 221 52.07 -44.09 42.74
CA ASP L 221 52.58 -43.78 41.41
C ASP L 221 52.54 -45.01 40.51
N GLU L 222 52.82 -46.19 41.07
CA GLU L 222 52.79 -47.41 40.26
C GLU L 222 51.39 -47.68 39.73
N GLU L 223 50.37 -47.50 40.57
CA GLU L 223 49.02 -47.86 40.19
C GLU L 223 48.49 -46.92 39.10
N LEU L 224 47.65 -47.46 38.24
CA LEU L 224 47.08 -46.70 37.14
C LEU L 224 45.93 -45.85 37.63
N TYR L 225 46.08 -44.52 37.56
CA TYR L 225 45.13 -43.61 38.17
C TYR L 225 43.74 -43.75 37.57
N TYR L 226 43.60 -43.43 36.29
CA TYR L 226 42.27 -43.29 35.72
C TYR L 226 41.59 -44.63 35.52
N ILE L 227 42.34 -45.70 35.31
CA ILE L 227 41.73 -47.02 35.23
C ILE L 227 41.06 -47.37 36.56
N LYS L 228 41.77 -47.13 37.67
CA LYS L 228 41.18 -47.34 38.98
C LYS L 228 39.98 -46.45 39.20
N GLN L 229 40.09 -45.18 38.81
CA GLN L 229 38.98 -44.25 38.98
C GLN L 229 37.76 -44.72 38.22
N LEU L 230 37.96 -45.21 37.00
CA LEU L 230 36.86 -45.75 36.21
C LEU L 230 36.27 -46.98 36.87
N ASN L 231 37.12 -47.79 37.51
CA ASN L 231 36.61 -48.93 38.27
C ASN L 231 35.64 -48.47 39.35
N GLU L 232 36.14 -47.67 40.31
CA GLU L 232 35.24 -47.23 41.38
C GLU L 232 34.06 -46.44 40.83
N MET L 233 34.23 -45.82 39.66
CA MET L 233 33.08 -45.24 38.96
C MET L 233 32.06 -46.31 38.63
N ARG L 234 32.52 -47.47 38.17
CA ARG L 234 31.60 -48.55 37.81
C ARG L 234 30.88 -49.09 39.04
N GLU L 235 31.61 -49.40 40.12
CA GLU L 235 30.93 -49.94 41.29
C GLU L 235 30.01 -48.91 41.93
N LEU L 236 30.49 -47.69 42.15
CA LEU L 236 29.66 -46.68 42.78
C LEU L 236 28.47 -46.30 41.91
N GLY L 237 28.69 -46.20 40.60
CA GLY L 237 27.62 -45.88 39.68
C GLY L 237 27.51 -44.42 39.28
N THR L 238 28.50 -43.59 39.61
CA THR L 238 28.46 -42.20 39.20
C THR L 238 28.60 -42.08 37.69
N SER L 239 28.23 -40.91 37.17
CA SER L 239 28.23 -40.67 35.74
C SER L 239 29.15 -39.53 35.32
N ASN L 240 29.90 -38.93 36.23
CA ASN L 240 30.74 -37.79 35.94
C ASN L 240 32.18 -38.08 36.35
N LEU L 241 33.12 -37.82 35.45
CA LEU L 241 34.53 -38.00 35.71
C LEU L 241 35.22 -36.65 35.67
N ASN L 242 36.02 -36.36 36.70
CA ASN L 242 36.74 -35.10 36.81
C ASN L 242 38.17 -35.31 36.34
N LEU L 243 38.56 -34.59 35.30
CA LEU L 243 39.86 -34.74 34.67
C LEU L 243 40.73 -33.54 34.97
N ASP L 244 41.97 -33.78 35.36
CA ASP L 244 42.94 -32.71 35.55
C ASP L 244 43.72 -32.52 34.26
N ALA L 245 43.61 -31.33 33.67
CA ALA L 245 44.26 -31.08 32.38
C ALA L 245 45.78 -31.16 32.49
N ARG L 246 46.34 -30.82 33.65
CA ARG L 246 47.79 -30.93 33.79
C ARG L 246 48.25 -32.37 33.71
N ASN L 247 47.37 -33.32 34.05
CA ASN L 247 47.69 -34.72 33.80
C ASN L 247 47.82 -34.99 32.31
N LEU L 248 46.96 -34.36 31.51
CA LEU L 248 47.09 -34.47 30.06
C LEU L 248 48.41 -33.87 29.60
N LEU L 249 48.80 -32.76 30.20
CA LEU L 249 50.11 -32.19 29.89
C LEU L 249 51.25 -33.13 30.28
N ALA L 250 51.05 -33.91 31.35
CA ALA L 250 52.09 -34.83 31.79
C ALA L 250 52.37 -35.91 30.75
N TYR L 251 51.32 -36.43 30.13
CA TYR L 251 51.46 -37.51 29.16
C TYR L 251 51.96 -36.93 27.84
N LYS L 252 53.08 -37.45 27.35
CA LYS L 252 53.65 -36.93 26.11
C LYS L 252 52.71 -37.13 24.93
N GLN L 253 52.06 -38.29 24.86
CA GLN L 253 51.23 -38.62 23.70
C GLN L 253 50.02 -37.70 23.58
N THR L 254 49.63 -37.03 24.66
CA THR L 254 48.43 -36.20 24.66
C THR L 254 48.75 -34.75 25.02
N GLU L 255 49.98 -34.32 24.76
CA GLU L 255 50.29 -32.90 24.95
C GLU L 255 49.50 -32.03 23.98
N ASP L 256 49.34 -32.49 22.74
CA ASP L 256 48.53 -31.74 21.78
C ASP L 256 47.05 -31.76 22.16
N LEU L 257 46.58 -32.86 22.74
CA LEU L 257 45.19 -32.92 23.16
C LEU L 257 44.88 -31.87 24.21
N TYR L 258 45.88 -31.47 24.99
CA TYR L 258 45.67 -30.41 25.97
C TYR L 258 45.27 -29.11 25.28
N HIS L 259 46.07 -28.67 24.32
CA HIS L 259 45.75 -27.44 23.59
C HIS L 259 44.46 -27.59 22.82
N GLN L 260 44.21 -28.78 22.26
CA GLN L 260 42.93 -29.01 21.58
C GLN L 260 41.77 -28.86 22.53
N LEU L 261 41.95 -29.25 23.80
CA LEU L 261 40.89 -29.13 24.79
C LEU L 261 40.65 -27.68 25.16
N LEU L 262 41.72 -26.91 25.36
CA LEU L 262 41.55 -25.49 25.65
C LEU L 262 40.85 -24.77 24.49
N ASN L 263 41.33 -24.97 23.27
CA ASN L 263 40.83 -24.16 22.16
C ASN L 263 39.44 -24.58 21.73
N TYR L 264 39.07 -25.85 21.90
CA TYR L 264 37.80 -26.38 21.42
C TYR L 264 37.10 -27.12 22.55
N PRO L 265 36.44 -26.40 23.45
CA PRO L 265 35.79 -27.04 24.58
C PRO L 265 34.75 -28.09 24.20
N GLN L 266 33.72 -27.69 23.46
CA GLN L 266 32.55 -28.54 23.32
C GLN L 266 32.86 -29.82 22.55
N GLU L 267 33.54 -29.69 21.42
CA GLU L 267 33.86 -30.85 20.60
C GLU L 267 34.72 -31.85 21.38
N VAL L 268 35.81 -31.37 21.98
CA VAL L 268 36.73 -32.26 22.67
C VAL L 268 36.07 -32.87 23.90
N ILE L 269 35.22 -32.11 24.57
CA ILE L 269 34.52 -32.65 25.73
C ILE L 269 33.58 -33.77 25.32
N SER L 270 32.85 -33.58 24.21
CA SER L 270 31.99 -34.65 23.72
C SER L 270 32.81 -35.88 23.32
N ILE L 271 33.97 -35.65 22.68
CA ILE L 271 34.87 -36.74 22.34
C ILE L 271 35.25 -37.50 23.60
N MET L 272 35.61 -36.78 24.65
CA MET L 272 36.00 -37.41 25.90
C MET L 272 34.86 -38.21 26.51
N ASP L 273 33.63 -37.68 26.45
CA ASP L 273 32.50 -38.40 27.01
C ASP L 273 32.28 -39.72 26.28
N GLN L 274 32.32 -39.68 24.94
CA GLN L 274 32.15 -40.90 24.18
C GLN L 274 33.26 -41.89 24.49
N THR L 275 34.49 -41.40 24.61
CA THR L 275 35.60 -42.29 24.93
C THR L 275 35.44 -42.89 26.32
N ILE L 276 34.93 -42.13 27.27
CA ILE L 276 34.70 -42.67 28.61
C ILE L 276 33.69 -43.80 28.58
N LYS L 277 32.58 -43.59 27.85
CA LYS L 277 31.59 -44.66 27.73
C LYS L 277 32.22 -45.88 27.08
N ASP L 278 33.00 -45.67 26.03
CA ASP L 278 33.64 -46.76 25.32
C ASP L 278 34.57 -47.53 26.25
N CYS L 279 35.36 -46.80 27.03
CA CYS L 279 36.31 -47.45 27.93
C CYS L 279 35.60 -48.21 29.02
N MET L 280 34.51 -47.66 29.55
CA MET L 280 33.75 -48.37 30.57
C MET L 280 33.25 -49.70 30.03
N VAL L 281 32.58 -49.67 28.90
CA VAL L 281 31.99 -50.90 28.38
C VAL L 281 33.09 -51.89 27.97
N SER L 282 34.19 -51.38 27.41
CA SER L 282 35.29 -52.25 27.04
C SER L 282 35.91 -52.92 28.26
N LEU L 283 36.08 -52.16 29.35
CA LEU L 283 36.68 -52.73 30.54
C LEU L 283 35.76 -53.80 31.14
N ILE L 284 34.44 -53.57 31.11
CA ILE L 284 33.53 -54.61 31.58
C ILE L 284 33.66 -55.85 30.71
N VAL L 285 33.70 -55.67 29.39
CA VAL L 285 33.69 -56.81 28.47
C VAL L 285 34.98 -57.63 28.62
N ASP L 286 36.12 -56.94 28.66
CA ASP L 286 37.41 -57.64 28.63
C ASP L 286 37.58 -58.54 29.83
N ASN L 287 37.21 -58.07 31.01
CA ASN L 287 37.30 -58.88 32.21
C ASN L 287 36.15 -59.86 32.35
N ASN L 288 35.16 -59.79 31.46
CA ASN L 288 33.99 -60.66 31.49
C ASN L 288 33.28 -60.57 32.85
N LEU L 289 33.19 -59.34 33.36
CA LEU L 289 32.58 -59.14 34.67
C LEU L 289 31.10 -59.50 34.64
N ASP L 290 30.62 -60.06 35.75
CA ASP L 290 29.22 -60.43 35.85
C ASP L 290 28.28 -59.23 35.80
N TYR L 291 28.82 -58.02 36.01
CA TYR L 291 27.98 -56.83 36.03
C TYR L 291 27.38 -56.59 34.65
N ASP L 292 26.08 -56.36 34.61
CA ASP L 292 25.37 -56.23 33.34
C ASP L 292 25.73 -54.92 32.65
N LEU L 293 25.76 -54.96 31.32
CA LEU L 293 26.04 -53.79 30.51
C LEU L 293 24.78 -53.02 30.14
N ASP L 294 23.61 -53.44 30.64
CA ASP L 294 22.37 -52.72 30.36
C ASP L 294 22.46 -51.28 30.84
N GLU L 295 22.85 -51.09 32.10
CA GLU L 295 22.93 -49.75 32.67
C GLU L 295 24.02 -48.93 31.99
N ILE L 296 25.16 -49.55 31.70
CA ILE L 296 26.33 -48.81 31.26
C ILE L 296 26.08 -48.12 29.93
N GLU L 297 25.58 -48.88 28.95
CA GLU L 297 25.39 -48.30 27.62
C GLU L 297 24.24 -47.31 27.61
N THR L 298 23.25 -47.48 28.49
CA THR L 298 22.15 -46.53 28.55
C THR L 298 22.57 -45.24 29.25
N LYS L 299 23.52 -45.31 30.17
CA LYS L 299 23.93 -44.13 30.91
C LYS L 299 24.69 -43.16 30.01
N PHE L 300 24.73 -41.90 30.43
CA PHE L 300 25.50 -40.86 29.76
C PHE L 300 26.60 -40.39 30.71
N TYR L 301 27.83 -40.48 30.26
CA TYR L 301 28.98 -40.10 31.06
C TYR L 301 29.45 -38.71 30.66
N LYS L 302 29.92 -37.96 31.64
CA LYS L 302 30.39 -36.60 31.41
C LYS L 302 31.82 -36.46 31.94
N VAL L 303 32.62 -35.68 31.23
CA VAL L 303 33.98 -35.37 31.64
C VAL L 303 34.02 -33.91 32.06
N ARG L 304 34.52 -33.66 33.26
CA ARG L 304 34.60 -32.30 33.80
C ARG L 304 36.06 -31.95 34.01
N PRO L 305 36.68 -31.21 33.10
CA PRO L 305 38.08 -30.84 33.28
C PRO L 305 38.23 -29.72 34.30
N TYR L 306 39.46 -29.56 34.79
CA TYR L 306 39.79 -28.46 35.68
C TYR L 306 41.30 -28.28 35.67
N ASN L 307 41.77 -27.32 36.47
CA ASN L 307 43.19 -26.98 36.52
C ASN L 307 43.72 -26.66 35.13
N VAL L 308 42.91 -25.94 34.35
CA VAL L 308 43.23 -25.65 32.95
C VAL L 308 43.99 -24.31 32.93
N GLY L 309 45.28 -24.39 33.16
CA GLY L 309 46.12 -23.20 33.03
C GLY L 309 45.90 -22.18 34.14
N SER L 310 46.22 -20.92 33.81
CA SER L 310 46.18 -19.83 34.76
C SER L 310 44.82 -19.14 34.73
N CYS L 311 44.75 -17.97 35.37
CA CYS L 311 43.49 -17.24 35.50
C CYS L 311 43.40 -16.09 34.51
N LYS L 312 44.40 -15.21 34.50
CA LYS L 312 44.49 -14.10 33.55
C LYS L 312 43.42 -13.04 33.78
N GLY L 313 42.52 -13.27 34.74
CA GLY L 313 41.48 -12.31 34.99
C GLY L 313 40.48 -12.23 33.86
N MET L 314 39.63 -11.20 33.94
CA MET L 314 38.64 -10.94 32.91
C MET L 314 38.91 -9.66 32.12
N ARG L 315 39.66 -8.73 32.68
CA ARG L 315 40.06 -7.57 31.90
C ARG L 315 40.99 -7.95 30.75
N GLU L 316 41.63 -9.12 30.83
CA GLU L 316 42.64 -9.51 29.87
C GLU L 316 42.14 -10.51 28.84
N LEU L 317 40.85 -10.82 28.82
CA LEU L 317 40.31 -11.77 27.86
C LEU L 317 39.79 -11.02 26.65
N ASN L 318 40.53 -11.09 25.55
CA ASN L 318 40.16 -10.45 24.29
C ASN L 318 39.04 -11.23 23.63
N PRO L 319 38.33 -10.62 22.67
CA PRO L 319 37.25 -11.34 21.98
C PRO L 319 37.70 -12.57 21.23
N ASN L 320 38.99 -12.72 20.93
CA ASN L 320 39.44 -13.93 20.27
C ASN L 320 39.36 -15.15 21.18
N ASP L 321 39.16 -14.96 22.48
CA ASP L 321 39.07 -16.06 23.43
C ASP L 321 37.65 -16.52 23.68
N ILE L 322 36.73 -16.28 22.74
CA ILE L 322 35.37 -16.79 22.88
C ILE L 322 35.38 -18.30 22.66
N ASP L 323 34.64 -19.01 23.50
CA ASP L 323 34.56 -20.47 23.44
C ASP L 323 35.93 -21.11 23.65
N LYS L 324 36.51 -20.84 24.81
CA LYS L 324 37.74 -21.49 25.24
C LYS L 324 37.62 -21.75 26.73
N LEU L 325 38.38 -22.72 27.22
CA LEU L 325 38.39 -22.97 28.65
C LEU L 325 39.17 -21.87 29.36
N ILE L 326 38.55 -21.34 30.42
CA ILE L 326 39.17 -20.33 31.26
C ILE L 326 39.00 -20.75 32.70
N ASN L 327 39.92 -20.30 33.54
CA ASN L 327 39.92 -20.61 34.96
C ASN L 327 39.69 -19.33 35.74
N LEU L 328 38.65 -19.31 36.55
CA LEU L 328 38.27 -18.12 37.31
C LEU L 328 38.13 -18.49 38.77
N LYS L 329 38.58 -17.59 39.65
CA LYS L 329 38.41 -17.73 41.07
C LYS L 329 37.84 -16.45 41.64
N GLY L 330 36.95 -16.59 42.62
CA GLY L 330 36.34 -15.42 43.21
C GLY L 330 35.34 -15.80 44.27
N LEU L 331 34.56 -14.82 44.69
CA LEU L 331 33.56 -14.99 45.73
C LEU L 331 32.18 -15.01 45.09
N VAL L 332 31.37 -15.98 45.49
CA VAL L 332 29.99 -16.09 45.00
C VAL L 332 29.15 -15.08 45.77
N LEU L 333 28.72 -14.01 45.10
CA LEU L 333 27.91 -13.00 45.76
C LEU L 333 26.45 -13.41 45.83
N ARG L 334 25.83 -13.64 44.68
CA ARG L 334 24.40 -13.91 44.63
C ARG L 334 24.13 -15.09 43.71
N SER L 335 23.08 -15.84 44.03
CA SER L 335 22.70 -17.02 43.26
C SER L 335 21.20 -16.94 42.97
N THR L 336 20.86 -16.90 41.69
CA THR L 336 19.46 -16.77 41.30
C THR L 336 18.71 -18.08 41.55
N PRO L 337 17.38 -18.02 41.64
CA PRO L 337 16.59 -19.25 41.72
C PRO L 337 16.77 -20.16 40.52
N VAL L 338 16.21 -21.36 40.58
CA VAL L 338 16.30 -22.29 39.47
C VAL L 338 15.43 -21.80 38.32
N ILE L 339 16.02 -21.66 37.14
CA ILE L 339 15.32 -21.18 35.96
C ILE L 339 15.13 -22.37 35.02
N PRO L 340 13.88 -22.80 34.77
CA PRO L 340 13.67 -23.89 33.82
C PRO L 340 14.13 -23.50 32.43
N ASP L 341 14.74 -24.45 31.72
CA ASP L 341 15.22 -24.25 30.37
C ASP L 341 14.57 -25.30 29.48
N MET L 342 13.88 -24.85 28.43
CA MET L 342 13.15 -25.77 27.57
C MET L 342 14.11 -26.67 26.81
N LYS L 343 13.78 -27.96 26.78
CA LYS L 343 14.53 -28.94 26.02
C LYS L 343 13.73 -29.57 24.90
N VAL L 344 12.46 -29.89 25.16
CA VAL L 344 11.58 -30.47 24.15
C VAL L 344 10.26 -29.73 24.19
N ALA L 345 9.88 -29.12 23.07
CA ALA L 345 8.56 -28.52 22.94
C ALA L 345 7.51 -29.60 22.70
N PHE L 346 6.26 -29.25 22.94
CA PHE L 346 5.16 -30.22 22.89
C PHE L 346 3.99 -29.66 22.12
N PHE L 347 4.24 -29.17 20.91
CA PHE L 347 3.17 -28.66 20.07
C PHE L 347 2.12 -29.73 19.83
N LYS L 348 0.85 -29.33 19.91
CA LYS L 348 -0.28 -30.22 19.74
C LYS L 348 -1.13 -29.75 18.58
N CYS L 349 -1.42 -30.65 17.65
CA CYS L 349 -2.36 -30.34 16.57
C CYS L 349 -3.78 -30.36 17.11
N ASN L 350 -4.49 -29.24 16.97
CA ASN L 350 -5.87 -29.19 17.45
C ASN L 350 -6.78 -30.15 16.71
N VAL L 351 -6.56 -30.29 15.40
CA VAL L 351 -7.53 -30.99 14.56
C VAL L 351 -7.41 -32.50 14.72
N CYS L 352 -6.27 -33.08 14.35
CA CYS L 352 -6.10 -34.52 14.36
C CYS L 352 -5.29 -35.01 15.54
N ASP L 353 -5.01 -34.15 16.51
CA ASP L 353 -4.27 -34.50 17.72
C ASP L 353 -2.91 -35.09 17.38
N HIS L 354 -2.24 -34.48 16.39
CA HIS L 354 -0.89 -34.87 16.01
C HIS L 354 0.08 -34.14 16.94
N THR L 355 0.38 -34.78 18.06
CA THR L 355 1.25 -34.20 19.09
C THR L 355 2.70 -34.57 18.77
N MET L 356 3.40 -33.68 18.08
CA MET L 356 4.80 -33.88 17.78
C MET L 356 5.66 -33.20 18.83
N ALA L 357 6.76 -33.85 19.21
CA ALA L 357 7.71 -33.31 20.17
C ALA L 357 8.93 -32.82 19.41
N VAL L 358 9.27 -31.55 19.60
CA VAL L 358 10.39 -30.93 18.90
C VAL L 358 11.51 -30.71 19.90
N GLU L 359 12.64 -31.39 19.69
CA GLU L 359 13.82 -31.13 20.49
C GLU L 359 14.44 -29.80 20.08
N ILE L 360 15.10 -29.15 21.04
CA ILE L 360 15.78 -27.90 20.77
C ILE L 360 17.21 -28.19 20.31
N ASP L 361 17.62 -27.55 19.22
CA ASP L 361 18.97 -27.69 18.70
C ASP L 361 19.60 -26.32 18.54
N ARG L 362 20.76 -26.13 19.17
CA ARG L 362 21.46 -24.84 19.16
C ARG L 362 20.54 -23.70 19.61
N GLY L 363 19.72 -23.99 20.62
CA GLY L 363 18.82 -22.98 21.16
C GLY L 363 17.80 -22.46 20.16
N VAL L 364 17.25 -23.35 19.33
CA VAL L 364 16.27 -22.97 18.31
C VAL L 364 15.19 -24.03 18.26
N ILE L 365 13.94 -23.58 18.20
CA ILE L 365 12.79 -24.46 18.03
C ILE L 365 12.11 -24.08 16.72
N GLN L 366 11.83 -25.08 15.89
CA GLN L 366 11.21 -24.86 14.59
C GLN L 366 9.76 -25.34 14.64
N GLU L 367 8.84 -24.42 14.41
CA GLU L 367 7.41 -24.73 14.47
C GLU L 367 6.98 -25.43 13.19
N PRO L 368 6.16 -26.47 13.26
CA PRO L 368 5.55 -27.02 12.05
C PRO L 368 4.58 -26.01 11.45
N ALA L 369 4.85 -25.60 10.20
CA ALA L 369 4.05 -24.56 9.57
C ALA L 369 2.59 -24.99 9.47
N ARG L 370 2.35 -26.23 9.05
CA ARG L 370 1.03 -26.83 9.05
C ARG L 370 1.07 -28.10 9.88
N CYS L 371 -0.04 -28.84 9.88
CA CYS L 371 -0.04 -30.13 10.57
C CYS L 371 0.89 -31.08 9.86
N GLU L 372 1.80 -31.69 10.63
CA GLU L 372 2.81 -32.56 10.04
C GLU L 372 2.19 -33.82 9.44
N ARG L 373 1.00 -34.20 9.87
CA ARG L 373 0.29 -35.30 9.22
C ARG L 373 -0.08 -34.89 7.79
N ILE L 374 -0.13 -35.88 6.90
CA ILE L 374 -0.50 -35.59 5.52
C ILE L 374 -2.01 -35.51 5.37
N ASP L 375 -2.74 -36.44 6.01
CA ASP L 375 -4.19 -36.45 5.93
C ASP L 375 -4.79 -35.16 6.51
N CYS L 376 -4.29 -34.73 7.66
CA CYS L 376 -4.74 -33.51 8.31
C CYS L 376 -3.72 -32.41 8.09
N ASN L 377 -4.17 -31.27 7.59
CA ASN L 377 -3.29 -30.13 7.33
C ASN L 377 -4.01 -28.87 7.77
N GLU L 378 -3.66 -28.36 8.94
CA GLU L 378 -4.23 -27.14 9.49
C GLU L 378 -3.15 -26.35 10.22
N PRO L 379 -2.69 -25.23 9.64
CA PRO L 379 -1.63 -24.45 10.31
C PRO L 379 -2.02 -23.91 11.67
N ASN L 380 -3.29 -23.55 11.86
CA ASN L 380 -3.76 -23.01 13.13
C ASN L 380 -4.03 -24.09 14.17
N SER L 381 -3.91 -25.37 13.81
CA SER L 381 -4.14 -26.44 14.77
C SER L 381 -3.04 -26.52 15.82
N MET L 382 -1.90 -25.85 15.60
CA MET L 382 -0.82 -25.87 16.56
C MET L 382 -1.03 -24.85 17.68
N SER L 383 -0.89 -25.30 18.91
CA SER L 383 -0.94 -24.45 20.09
C SER L 383 -0.04 -25.08 21.14
N LEU L 384 1.11 -24.46 21.39
CA LEU L 384 2.12 -25.07 22.24
C LEU L 384 1.59 -25.24 23.66
N ILE L 385 1.77 -26.44 24.21
CA ILE L 385 1.40 -26.74 25.59
C ILE L 385 2.63 -26.48 26.46
N HIS L 386 2.58 -25.39 27.22
CA HIS L 386 3.72 -25.02 28.06
C HIS L 386 4.00 -26.08 29.11
N ASN L 387 2.94 -26.62 29.71
CA ASN L 387 3.09 -27.40 30.92
C ASN L 387 3.65 -28.79 30.66
N ARG L 388 3.43 -29.33 29.47
CA ARG L 388 3.83 -30.69 29.15
C ARG L 388 5.17 -30.76 28.45
N CYS L 389 5.87 -29.63 28.31
CA CYS L 389 7.24 -29.65 27.81
C CYS L 389 8.18 -30.18 28.89
N SER L 390 9.32 -30.69 28.45
CA SER L 390 10.34 -31.20 29.36
C SER L 390 11.44 -30.15 29.49
N PHE L 391 11.73 -29.74 30.72
CA PHE L 391 12.66 -28.66 30.99
C PHE L 391 13.91 -29.19 31.66
N ALA L 392 14.91 -28.31 31.78
CA ALA L 392 16.15 -28.64 32.44
C ALA L 392 16.55 -27.49 33.36
N ASP L 393 17.32 -27.81 34.39
CA ASP L 393 17.74 -26.81 35.35
C ASP L 393 18.70 -25.81 34.73
N LYS L 394 18.61 -24.56 35.18
CA LYS L 394 19.60 -23.55 34.85
C LYS L 394 19.64 -22.55 35.99
N GLN L 395 20.85 -22.29 36.49
CA GLN L 395 21.05 -21.33 37.56
C GLN L 395 22.16 -20.38 37.18
N VAL L 396 21.92 -19.08 37.36
CA VAL L 396 22.90 -18.05 37.08
C VAL L 396 23.52 -17.61 38.40
N ILE L 397 24.85 -17.65 38.48
CA ILE L 397 25.58 -17.32 39.69
C ILE L 397 26.42 -16.08 39.41
N LYS L 398 26.28 -15.08 40.28
CA LYS L 398 27.06 -13.87 40.18
C LYS L 398 28.37 -14.02 40.94
N LEU L 399 29.48 -14.04 40.21
CA LEU L 399 30.79 -14.25 40.80
C LEU L 399 31.61 -12.97 40.67
N GLN L 400 32.11 -12.48 41.79
CA GLN L 400 33.02 -11.34 41.80
C GLN L 400 34.45 -11.87 41.85
N GLU L 401 35.22 -11.57 40.82
CA GLU L 401 36.55 -12.16 40.71
C GLU L 401 37.50 -11.58 41.73
N THR L 402 38.46 -12.41 42.14
CA THR L 402 39.60 -11.99 42.96
C THR L 402 40.85 -12.47 42.25
N PRO L 403 41.20 -11.87 41.12
CA PRO L 403 42.31 -12.39 40.32
C PRO L 403 43.63 -12.30 41.05
N ASP L 404 44.53 -13.22 40.71
CA ASP L 404 45.85 -13.23 41.34
C ASP L 404 46.63 -11.97 41.00
N PHE L 405 46.34 -11.36 39.85
CA PHE L 405 46.98 -10.13 39.43
C PHE L 405 45.90 -9.09 39.12
N VAL L 406 46.16 -7.85 39.52
CA VAL L 406 45.21 -6.76 39.27
C VAL L 406 45.94 -5.59 38.60
N PRO L 407 45.43 -5.08 37.48
CA PRO L 407 46.07 -3.92 36.85
C PRO L 407 45.85 -2.66 37.69
N ASP L 408 46.60 -1.62 37.33
CA ASP L 408 46.54 -0.38 38.09
C ASP L 408 45.15 0.24 38.03
N GLY L 409 44.62 0.57 39.20
CA GLY L 409 43.36 1.28 39.29
C GLY L 409 42.19 0.53 38.71
N GLN L 410 42.09 -0.76 38.98
CA GLN L 410 41.00 -1.60 38.48
C GLN L 410 40.14 -2.05 39.65
N THR L 411 38.91 -1.55 39.70
CA THR L 411 37.97 -2.00 40.71
C THR L 411 37.53 -3.43 40.40
N PRO L 412 37.13 -4.18 41.42
CA PRO L 412 36.72 -5.57 41.18
C PRO L 412 35.56 -5.66 40.21
N HIS L 413 35.60 -6.69 39.36
CA HIS L 413 34.61 -6.90 38.32
C HIS L 413 33.76 -8.12 38.66
N SER L 414 32.49 -8.06 38.30
CA SER L 414 31.56 -9.15 38.53
C SER L 414 31.22 -9.84 37.21
N ILE L 415 31.32 -11.16 37.19
CA ILE L 415 31.02 -11.95 36.01
C ILE L 415 29.88 -12.90 36.35
N SER L 416 29.13 -13.31 35.35
CA SER L 416 27.91 -14.09 35.53
C SER L 416 28.14 -15.52 35.05
N LEU L 417 28.42 -16.42 36.00
CA LEU L 417 28.48 -17.83 35.67
C LEU L 417 27.09 -18.37 35.38
N CYS L 418 27.04 -19.44 34.58
CA CYS L 418 25.78 -20.09 34.24
C CYS L 418 26.00 -21.58 34.37
N VAL L 419 25.54 -22.17 35.47
CA VAL L 419 25.68 -23.59 35.71
C VAL L 419 24.48 -24.31 35.11
N TYR L 420 24.61 -25.63 34.94
CA TYR L 420 23.55 -26.44 34.37
C TYR L 420 23.45 -27.78 35.09
N ASP L 421 22.25 -28.35 35.06
CA ASP L 421 21.99 -29.74 35.46
C ASP L 421 22.43 -29.93 36.91
N GLU L 422 23.35 -30.85 37.21
CA GLU L 422 23.58 -31.24 38.59
C GLU L 422 24.28 -30.15 39.39
N LEU L 423 25.04 -29.27 38.73
CA LEU L 423 25.76 -28.22 39.44
C LEU L 423 24.83 -27.16 40.01
N VAL L 424 23.54 -27.16 39.63
CA VAL L 424 22.61 -26.19 40.16
C VAL L 424 22.47 -26.37 41.66
N ASP L 425 22.36 -25.26 42.39
CA ASP L 425 22.20 -25.22 43.83
C ASP L 425 23.39 -25.79 44.59
N SER L 426 24.56 -25.79 43.97
CA SER L 426 25.76 -26.31 44.63
C SER L 426 26.59 -25.21 45.29
N CYS L 427 26.69 -24.06 44.66
CA CYS L 427 27.53 -22.97 45.15
C CYS L 427 26.67 -21.95 45.88
N ARG L 428 26.95 -21.75 47.16
CA ARG L 428 26.20 -20.85 48.01
C ARG L 428 26.88 -19.49 48.08
N ALA L 429 26.11 -18.48 48.45
CA ALA L 429 26.66 -17.14 48.60
C ALA L 429 27.74 -17.14 49.68
N GLY L 430 28.84 -16.46 49.38
CA GLY L 430 29.96 -16.39 50.31
C GLY L 430 30.99 -17.47 50.14
N ASP L 431 30.77 -18.45 49.29
CA ASP L 431 31.77 -19.46 49.01
C ASP L 431 32.86 -18.88 48.12
N ARG L 432 34.11 -19.12 48.50
CA ARG L 432 35.25 -18.73 47.67
C ARG L 432 35.62 -19.92 46.80
N ILE L 433 35.26 -19.85 45.51
CA ILE L 433 35.39 -20.99 44.62
C ILE L 433 36.40 -20.67 43.54
N GLU L 434 36.85 -21.72 42.85
CA GLU L 434 37.60 -21.61 41.62
C GLU L 434 36.87 -22.40 40.56
N VAL L 435 36.49 -21.71 39.48
CA VAL L 435 35.59 -22.28 38.48
C VAL L 435 36.29 -22.29 37.13
N THR L 436 36.09 -23.38 36.39
CA THR L 436 36.54 -23.49 35.02
C THR L 436 35.32 -23.70 34.12
N GLY L 437 35.41 -23.17 32.91
CA GLY L 437 34.30 -23.29 32.00
C GLY L 437 34.58 -22.60 30.69
N THR L 438 33.53 -22.48 29.87
CA THR L 438 33.64 -21.97 28.52
C THR L 438 33.28 -20.50 28.51
N PHE L 439 34.18 -19.66 28.00
CA PHE L 439 33.95 -18.24 27.92
C PHE L 439 33.08 -17.95 26.70
N ARG L 440 31.82 -17.59 26.94
CA ARG L 440 30.84 -17.42 25.89
C ARG L 440 30.50 -15.95 25.67
N SER L 441 29.85 -15.69 24.56
CA SER L 441 29.31 -14.37 24.25
C SER L 441 27.99 -14.53 23.52
N ILE L 442 27.00 -13.75 23.92
CA ILE L 442 25.65 -13.87 23.38
C ILE L 442 25.11 -12.48 23.05
N PRO L 443 24.47 -12.30 21.91
CA PRO L 443 23.83 -11.01 21.63
C PRO L 443 22.74 -10.70 22.63
N ILE L 444 22.60 -9.42 22.97
CA ILE L 444 21.57 -8.95 23.88
C ILE L 444 20.57 -8.13 23.09
N ARG L 445 19.29 -8.45 23.26
CA ARG L 445 18.25 -7.79 22.49
C ARG L 445 17.98 -6.40 23.02
N ALA L 446 18.00 -5.41 22.13
CA ALA L 446 17.59 -4.05 22.47
C ALA L 446 16.07 -4.04 22.52
N ASN L 447 15.51 -4.13 23.72
CA ASN L 447 14.08 -4.31 23.89
C ASN L 447 13.27 -3.12 23.43
N SER L 448 13.91 -2.04 22.94
CA SER L 448 13.16 -0.92 22.40
C SER L 448 12.32 -1.36 21.21
N ARG L 449 12.92 -2.10 20.28
CA ARG L 449 12.21 -2.70 19.16
C ARG L 449 12.50 -4.19 19.17
N GLN L 450 11.44 -4.99 19.18
CA GLN L 450 11.59 -6.43 19.36
C GLN L 450 12.35 -7.05 18.18
N ARG L 451 13.07 -8.13 18.49
CA ARG L 451 13.89 -8.84 17.50
C ARG L 451 14.91 -7.92 16.83
N VAL L 452 15.52 -7.05 17.62
CA VAL L 452 16.64 -6.22 17.17
C VAL L 452 17.73 -6.33 18.22
N LEU L 453 18.92 -6.76 17.81
CA LEU L 453 19.99 -7.12 18.73
C LEU L 453 21.10 -6.08 18.72
N LYS L 454 21.63 -5.78 19.90
CA LYS L 454 22.74 -4.85 20.02
C LYS L 454 24.02 -5.48 19.47
N SER L 455 24.89 -4.64 18.90
CA SER L 455 26.11 -5.14 18.31
C SER L 455 27.17 -5.47 19.34
N LEU L 456 27.05 -4.96 20.57
CA LEU L 456 27.94 -5.35 21.64
C LEU L 456 27.40 -6.60 22.30
N TYR L 457 28.24 -7.64 22.38
CA TYR L 457 27.80 -8.91 22.94
C TYR L 457 28.07 -8.95 24.44
N LYS L 458 27.08 -9.41 25.18
CA LYS L 458 27.29 -9.71 26.59
C LYS L 458 28.15 -10.96 26.74
N THR L 459 29.05 -10.94 27.70
CA THR L 459 29.94 -12.06 27.96
C THR L 459 29.55 -12.74 29.26
N TYR L 460 29.49 -14.07 29.23
CA TYR L 460 29.25 -14.87 30.41
C TYR L 460 30.08 -16.13 30.31
N VAL L 461 30.01 -16.97 31.34
CA VAL L 461 30.81 -18.18 31.41
C VAL L 461 29.90 -19.36 31.71
N ASP L 462 29.86 -20.33 30.80
CA ASP L 462 29.30 -21.64 31.13
C ASP L 462 30.26 -22.36 32.07
N VAL L 463 29.69 -23.10 33.02
CA VAL L 463 30.48 -23.73 34.07
C VAL L 463 30.50 -25.22 33.83
N VAL L 464 31.70 -25.80 33.88
CA VAL L 464 31.87 -27.24 33.76
C VAL L 464 32.34 -27.88 35.06
N HIS L 465 33.13 -27.20 35.87
CA HIS L 465 33.66 -27.77 37.10
C HIS L 465 33.85 -26.68 38.14
N VAL L 466 33.55 -27.01 39.39
CA VAL L 466 33.64 -26.08 40.51
C VAL L 466 34.48 -26.73 41.60
N LYS L 467 35.51 -26.03 42.06
CA LYS L 467 36.42 -26.54 43.08
C LYS L 467 36.33 -25.65 44.32
N LYS L 468 35.44 -26.02 45.24
CA LYS L 468 35.29 -25.23 46.46
C LYS L 468 36.41 -25.48 47.46
N VAL L 469 36.86 -26.73 47.57
CA VAL L 469 37.82 -27.09 48.61
C VAL L 469 39.22 -26.74 48.14
N SER L 470 40.06 -26.29 49.07
CA SER L 470 41.46 -26.00 48.80
C SER L 470 42.27 -26.37 50.03
N ASP L 471 43.51 -26.79 49.78
CA ASP L 471 44.37 -27.21 50.88
C ASP L 471 45.03 -26.03 51.59
N LYS L 472 44.91 -24.82 51.06
CA LYS L 472 45.44 -23.64 51.71
C LYS L 472 44.46 -23.01 52.69
N ARG L 473 43.20 -23.47 52.71
CA ARG L 473 42.19 -22.93 53.59
C ARG L 473 41.45 -24.08 54.26
N LEU L 474 40.80 -23.77 55.38
CA LEU L 474 40.01 -24.77 56.07
C LEU L 474 38.85 -25.21 55.21
N ASP L 475 38.44 -26.47 55.39
CA ASP L 475 37.29 -26.97 54.67
C ASP L 475 36.01 -26.41 55.28
N VAL L 476 34.94 -26.44 54.48
CA VAL L 476 33.65 -25.94 54.95
C VAL L 476 33.17 -26.79 56.11
N ASP L 477 32.57 -26.15 57.11
CA ASP L 477 32.10 -26.85 58.29
C ASP L 477 30.93 -27.75 57.93
N THR L 478 31.05 -29.04 58.29
CA THR L 478 29.99 -29.98 57.97
C THR L 478 28.77 -29.78 58.84
N SER L 479 28.96 -29.28 60.07
CA SER L 479 27.82 -29.06 60.95
C SER L 479 26.84 -28.05 60.36
N THR L 480 27.36 -27.01 59.73
CA THR L 480 26.48 -26.03 59.10
C THR L 480 25.89 -26.55 57.80
N ILE L 481 26.48 -27.58 57.22
CA ILE L 481 26.00 -28.17 55.98
C ILE L 481 25.46 -29.58 56.20
N GLU L 482 25.23 -29.96 57.46
CA GLU L 482 24.70 -31.28 57.76
C GLU L 482 23.33 -31.49 57.14
N GLN L 483 22.55 -30.42 57.00
CA GLN L 483 21.15 -30.55 56.60
C GLN L 483 20.99 -30.86 55.11
N GLU L 484 21.93 -30.42 54.27
CA GLU L 484 21.73 -30.47 52.83
C GLU L 484 22.44 -31.63 52.15
N LEU L 485 23.48 -32.19 52.77
CA LEU L 485 24.33 -33.16 52.08
C LEU L 485 23.59 -34.45 51.78
N MET L 486 22.73 -34.89 52.70
CA MET L 486 22.00 -36.14 52.49
C MET L 486 21.09 -36.06 51.28
N GLN L 487 20.42 -34.92 51.08
CA GLN L 487 19.60 -34.73 49.89
C GLN L 487 20.45 -34.48 48.65
N ASN L 488 21.60 -33.81 48.80
CA ASN L 488 22.47 -33.55 47.67
C ASN L 488 23.04 -34.85 47.10
N LYS L 489 23.27 -35.85 47.95
CA LYS L 489 23.73 -37.14 47.45
C LYS L 489 22.70 -37.75 46.50
N VAL L 490 21.42 -37.61 46.81
CA VAL L 490 20.37 -38.05 45.90
C VAL L 490 20.33 -37.16 44.66
N ASP L 491 20.56 -35.86 44.84
CA ASP L 491 20.49 -34.92 43.72
C ASP L 491 21.54 -35.20 42.65
N HIS L 492 22.55 -36.01 42.96
CA HIS L 492 23.61 -36.36 42.01
C HIS L 492 24.42 -35.15 41.56
N ASN L 493 24.52 -34.12 42.42
CA ASN L 493 25.34 -32.96 42.09
C ASN L 493 26.81 -33.35 41.98
N GLU L 494 27.29 -34.16 42.92
CA GLU L 494 28.64 -34.73 42.89
C GLU L 494 29.72 -33.64 42.76
N VAL L 495 29.76 -32.79 43.77
CA VAL L 495 30.83 -31.80 43.91
C VAL L 495 31.63 -32.15 45.15
N GLU L 496 32.88 -31.73 45.16
CA GLU L 496 33.77 -32.01 46.29
C GLU L 496 33.45 -31.02 47.40
N GLU L 497 32.47 -31.38 48.23
CA GLU L 497 32.13 -30.54 49.37
C GLU L 497 33.22 -30.59 50.44
N VAL L 498 33.75 -31.79 50.70
CA VAL L 498 34.75 -31.99 51.74
C VAL L 498 35.96 -32.68 51.13
N ARG L 499 37.15 -32.39 51.66
CA ARG L 499 38.35 -33.04 51.18
C ARG L 499 38.50 -34.42 51.82
N GLN L 500 38.92 -35.39 51.02
CA GLN L 500 39.08 -36.76 51.49
C GLN L 500 40.44 -36.91 52.16
N ILE L 501 40.44 -37.41 53.39
CA ILE L 501 41.65 -37.55 54.18
C ILE L 501 42.12 -39.00 54.09
N THR L 502 43.35 -39.19 53.65
CA THR L 502 43.88 -40.53 53.47
C THR L 502 44.13 -41.19 54.82
N ASP L 503 44.21 -42.52 54.81
CA ASP L 503 44.49 -43.26 56.03
C ASP L 503 45.85 -42.87 56.60
N GLN L 504 46.85 -42.70 55.73
CA GLN L 504 48.14 -42.21 56.18
C GLN L 504 48.02 -40.81 56.78
N ASP L 505 47.20 -39.96 56.17
CA ASP L 505 46.97 -38.63 56.72
C ASP L 505 46.30 -38.70 58.08
N LEU L 506 45.32 -39.60 58.25
CA LEU L 506 44.68 -39.75 59.55
C LEU L 506 45.67 -40.23 60.60
N ALA L 507 46.53 -41.18 60.24
CA ALA L 507 47.55 -41.64 61.17
C ALA L 507 48.51 -40.52 61.53
N LYS L 508 48.91 -39.71 60.55
CA LYS L 508 49.78 -38.57 60.82
C LYS L 508 49.10 -37.58 61.75
N ILE L 509 47.81 -37.33 61.52
CA ILE L 509 47.06 -36.41 62.38
C ILE L 509 47.03 -36.93 63.81
N ARG L 510 46.77 -38.23 63.99
CA ARG L 510 46.76 -38.80 65.32
C ARG L 510 48.14 -38.71 65.97
N GLU L 511 49.19 -38.96 65.19
CA GLU L 511 50.55 -38.85 65.72
C GLU L 511 50.83 -37.44 66.20
N VAL L 512 50.43 -36.43 65.43
CA VAL L 512 50.62 -35.05 65.84
C VAL L 512 49.80 -34.75 67.09
N ALA L 513 48.58 -35.28 67.15
CA ALA L 513 47.76 -35.08 68.35
C ALA L 513 48.40 -35.72 69.56
N ALA L 514 49.24 -36.74 69.36
CA ALA L 514 49.96 -37.36 70.46
C ALA L 514 51.17 -36.56 70.92
N ARG L 515 51.58 -35.55 70.18
CA ARG L 515 52.76 -34.79 70.54
C ARG L 515 52.54 -34.02 71.83
N GLU L 516 53.63 -33.80 72.57
CA GLU L 516 53.53 -33.16 73.88
C GLU L 516 53.32 -31.66 73.78
N ASP L 517 53.92 -31.02 72.78
CA ASP L 517 53.81 -29.58 72.58
C ASP L 517 52.80 -29.23 71.49
N LEU L 518 51.70 -29.98 71.43
CA LEU L 518 50.71 -29.78 70.39
C LEU L 518 50.15 -28.36 70.41
N TYR L 519 49.81 -27.86 71.59
CA TYR L 519 49.12 -26.58 71.68
C TYR L 519 50.04 -25.44 71.24
N SER L 520 51.27 -25.41 71.76
CA SER L 520 52.21 -24.38 71.35
C SER L 520 52.56 -24.50 69.87
N LEU L 521 52.71 -25.73 69.37
CA LEU L 521 53.04 -25.93 67.97
C LEU L 521 51.95 -25.38 67.07
N LEU L 522 50.69 -25.74 67.35
CA LEU L 522 49.60 -25.23 66.52
C LEU L 522 49.45 -23.72 66.68
N ALA L 523 49.75 -23.19 67.86
CA ALA L 523 49.69 -21.75 68.04
C ALA L 523 50.70 -21.05 67.15
N ARG L 524 51.95 -21.51 67.15
CA ARG L 524 52.97 -20.85 66.35
C ARG L 524 52.85 -21.20 64.87
N SER L 525 52.09 -22.23 64.52
CA SER L 525 51.89 -22.55 63.11
C SER L 525 50.97 -21.52 62.45
N ILE L 526 49.99 -21.02 63.17
CA ILE L 526 49.16 -19.94 62.66
C ILE L 526 49.96 -18.64 62.70
N ALA L 527 49.93 -17.90 61.59
CA ALA L 527 50.67 -16.65 61.47
C ALA L 527 52.15 -16.87 61.82
N PRO L 528 52.86 -17.72 61.05
CA PRO L 528 54.23 -18.07 61.44
C PRO L 528 55.16 -16.88 61.51
N SER L 529 54.96 -15.89 60.64
CA SER L 529 55.90 -14.77 60.60
C SER L 529 55.69 -13.81 61.75
N ILE L 530 54.52 -13.84 62.39
CA ILE L 530 54.28 -12.99 63.55
C ILE L 530 55.09 -13.51 64.73
N TYR L 531 55.85 -12.64 65.36
CA TYR L 531 56.78 -13.03 66.42
C TYR L 531 56.23 -12.62 67.78
N GLU L 532 56.24 -13.56 68.73
CA GLU L 532 56.05 -13.27 70.15
C GLU L 532 54.68 -12.68 70.44
N LEU L 533 53.65 -13.23 69.80
CA LEU L 533 52.27 -12.98 70.20
C LEU L 533 51.69 -14.33 70.55
N GLU L 534 51.94 -14.76 71.78
CA GLU L 534 51.73 -16.15 72.15
C GLU L 534 50.28 -16.39 72.56
N ASP L 535 49.80 -15.60 73.53
CA ASP L 535 48.41 -15.71 73.95
C ASP L 535 47.46 -15.34 72.82
N VAL L 536 47.80 -14.32 72.04
CA VAL L 536 46.95 -13.92 70.92
C VAL L 536 46.81 -15.05 69.93
N LYS L 537 47.93 -15.67 69.57
CA LYS L 537 47.89 -16.77 68.61
C LYS L 537 47.12 -17.96 69.17
N LYS L 538 47.27 -18.22 70.47
CA LYS L 538 46.55 -19.33 71.07
C LYS L 538 45.04 -19.09 71.04
N GLY L 539 44.62 -17.87 71.35
CA GLY L 539 43.21 -17.55 71.29
C GLY L 539 42.66 -17.65 69.88
N ILE L 540 43.46 -17.19 68.90
CA ILE L 540 43.04 -17.30 67.51
C ILE L 540 42.88 -18.76 67.11
N LEU L 541 43.83 -19.60 67.54
CA LEU L 541 43.73 -21.04 67.28
C LEU L 541 42.46 -21.61 67.88
N LEU L 542 42.16 -21.26 69.12
CA LEU L 542 40.96 -21.79 69.77
C LEU L 542 39.70 -21.34 69.05
N GLN L 543 39.67 -20.09 68.59
CA GLN L 543 38.52 -19.63 67.82
C GLN L 543 38.40 -20.40 66.51
N LEU L 544 39.51 -20.65 65.84
CA LEU L 544 39.47 -21.40 64.58
C LEU L 544 38.93 -22.80 64.81
N PHE L 545 39.36 -23.46 65.89
CA PHE L 545 38.80 -24.76 66.21
C PHE L 545 37.32 -24.66 66.53
N GLY L 546 36.93 -23.64 67.28
CA GLY L 546 35.54 -23.45 67.66
C GLY L 546 35.12 -24.34 68.80
N GLY L 547 33.94 -24.06 69.34
CA GLY L 547 33.36 -24.85 70.40
C GLY L 547 32.38 -25.89 69.87
N THR L 548 31.84 -26.66 70.80
CA THR L 548 30.86 -27.68 70.44
C THR L 548 29.56 -27.03 70.00
N ASN L 549 28.96 -27.59 68.95
CA ASN L 549 27.71 -27.07 68.40
C ASN L 549 26.55 -27.88 68.98
N LYS L 550 26.12 -27.48 70.16
CA LYS L 550 25.07 -28.20 70.87
C LYS L 550 23.72 -28.01 70.18
N THR L 551 22.85 -28.99 70.35
CA THR L 551 21.51 -28.97 69.78
C THR L 551 20.52 -29.42 70.84
N PHE L 552 19.36 -28.77 70.89
CA PHE L 552 18.35 -29.09 71.89
C PHE L 552 17.20 -29.86 71.27
N THR L 553 16.81 -30.96 71.94
CA THR L 553 15.67 -31.74 71.47
C THR L 553 14.38 -30.92 71.52
N LYS L 554 14.21 -30.11 72.56
CA LYS L 554 13.05 -29.25 72.64
C LYS L 554 13.07 -28.19 71.53
N GLY L 555 14.24 -27.67 71.22
CA GLY L 555 14.40 -26.64 70.22
C GLY L 555 15.48 -25.67 70.63
N GLY L 556 16.13 -25.08 69.63
CA GLY L 556 17.24 -24.19 69.86
C GLY L 556 18.58 -24.91 69.84
N ARG L 557 19.63 -24.10 69.81
CA ARG L 557 20.99 -24.63 69.73
C ARG L 557 21.95 -23.61 70.28
N TYR L 558 22.98 -24.09 70.97
CA TYR L 558 24.06 -23.24 71.47
C TYR L 558 25.30 -23.52 70.63
N ARG L 559 25.80 -22.49 69.97
CA ARG L 559 26.92 -22.63 69.04
C ARG L 559 28.22 -22.21 69.71
N GLY L 560 29.30 -22.89 69.34
CA GLY L 560 30.59 -22.66 69.95
C GLY L 560 31.44 -21.64 69.23
N ASP L 561 30.82 -20.59 68.72
CA ASP L 561 31.58 -19.54 68.05
C ASP L 561 32.21 -18.61 69.07
N ILE L 562 33.53 -18.43 68.97
CA ILE L 562 34.30 -17.63 69.92
C ILE L 562 34.54 -16.27 69.29
N ASN L 563 34.10 -15.21 69.97
CA ASN L 563 34.30 -13.85 69.51
C ASN L 563 35.46 -13.22 70.27
N ILE L 564 36.43 -12.72 69.52
CA ILE L 564 37.68 -12.22 70.09
C ILE L 564 37.83 -10.76 69.73
N LEU L 565 38.17 -9.93 70.71
CA LEU L 565 38.47 -8.53 70.50
C LEU L 565 39.96 -8.31 70.74
N LEU L 566 40.59 -7.56 69.84
CA LEU L 566 41.97 -7.15 70.00
C LEU L 566 42.00 -5.65 70.21
N CYS L 567 42.66 -5.22 71.27
CA CYS L 567 42.78 -3.80 71.57
C CYS L 567 44.17 -3.54 72.13
N GLY L 568 44.83 -2.50 71.63
CA GLY L 568 46.12 -2.15 72.17
C GLY L 568 46.84 -1.16 71.27
N ASP L 569 48.12 -0.97 71.60
CA ASP L 569 48.91 0.07 70.97
C ASP L 569 49.04 -0.22 69.46
N PRO L 570 49.26 0.82 68.66
CA PRO L 570 49.42 0.61 67.22
C PRO L 570 50.71 -0.12 66.91
N SER L 571 50.76 -0.69 65.71
CA SER L 571 51.92 -1.41 65.22
C SER L 571 52.27 -2.60 66.12
N THR L 572 51.23 -3.28 66.61
CA THR L 572 51.40 -4.52 67.35
C THR L 572 50.98 -5.73 66.52
N SER L 573 50.92 -5.58 65.20
CA SER L 573 50.61 -6.67 64.28
C SER L 573 49.23 -7.26 64.52
N LYS L 574 48.26 -6.42 64.87
CA LYS L 574 46.88 -6.91 64.93
C LYS L 574 46.30 -7.12 63.55
N SER L 575 46.56 -6.18 62.63
CA SER L 575 46.01 -6.30 61.28
C SER L 575 46.59 -7.52 60.56
N GLN L 576 47.86 -7.83 60.80
CA GLN L 576 48.45 -9.01 60.18
C GLN L 576 47.79 -10.29 60.66
N ILE L 577 47.53 -10.38 61.97
CA ILE L 577 46.81 -11.55 62.48
C ILE L 577 45.42 -11.62 61.87
N LEU L 578 44.76 -10.47 61.74
CA LEU L 578 43.45 -10.43 61.12
C LEU L 578 43.50 -10.95 59.70
N GLN L 579 44.52 -10.56 58.94
CA GLN L 579 44.66 -11.02 57.57
C GLN L 579 44.96 -12.52 57.51
N TYR L 580 45.79 -13.01 58.43
CA TYR L 580 46.08 -14.44 58.47
C TYR L 580 44.80 -15.23 58.69
N VAL L 581 43.98 -14.81 59.66
CA VAL L 581 42.73 -15.51 59.91
C VAL L 581 41.82 -15.42 58.69
N HIS L 582 41.73 -14.23 58.09
CA HIS L 582 40.87 -14.06 56.92
C HIS L 582 41.31 -14.96 55.77
N LYS L 583 42.61 -15.24 55.67
CA LYS L 583 43.09 -16.15 54.63
C LYS L 583 42.75 -17.60 54.98
N ILE L 584 42.94 -17.99 56.23
CA ILE L 584 42.85 -19.41 56.58
C ILE L 584 41.42 -19.91 56.50
N THR L 585 40.46 -19.13 57.01
CA THR L 585 39.09 -19.63 57.12
C THR L 585 38.48 -19.90 55.75
N PRO L 586 37.54 -20.84 55.67
CA PRO L 586 36.87 -21.11 54.39
C PRO L 586 36.05 -19.93 53.91
N ARG L 587 35.22 -19.39 54.80
CA ARG L 587 34.32 -18.30 54.49
C ARG L 587 34.59 -17.16 55.46
N GLY L 588 34.81 -15.97 54.94
CA GLY L 588 35.07 -14.82 55.78
C GLY L 588 35.12 -13.55 54.96
N VAL L 589 34.81 -12.44 55.61
CA VAL L 589 34.85 -11.12 54.99
C VAL L 589 35.67 -10.21 55.90
N TYR L 590 36.56 -9.43 55.31
CA TYR L 590 37.40 -8.50 56.04
C TYR L 590 36.87 -7.10 55.83
N THR L 591 36.30 -6.51 56.89
CA THR L 591 35.78 -5.16 56.86
C THR L 591 36.62 -4.28 57.77
N SER L 592 36.53 -2.97 57.57
CA SER L 592 37.39 -2.03 58.29
C SER L 592 36.59 -0.78 58.67
N GLY L 593 36.12 -0.74 59.92
CA GLY L 593 35.65 0.49 60.54
C GLY L 593 34.60 1.28 59.78
N LYS L 594 34.98 2.49 59.34
CA LYS L 594 34.04 3.37 58.66
C LYS L 594 33.54 2.80 57.34
N GLY L 595 34.28 1.86 56.76
CA GLY L 595 33.83 1.26 55.51
C GLY L 595 32.54 0.50 55.67
N SER L 596 32.36 -0.17 56.80
CA SER L 596 31.18 -0.99 57.00
C SER L 596 29.98 -0.13 57.38
N SER L 597 28.79 -0.69 57.17
CA SER L 597 27.54 -0.02 57.51
C SER L 597 26.54 -1.07 57.94
N ALA L 598 25.53 -0.62 58.69
CA ALA L 598 24.56 -1.55 59.26
C ALA L 598 23.81 -2.30 58.16
N VAL L 599 23.36 -1.64 57.11
CA VAL L 599 22.64 -2.46 56.09
C VAL L 599 23.68 -3.23 55.29
N GLY L 600 24.92 -2.76 55.25
CA GLY L 600 25.98 -3.44 54.50
C GLY L 600 26.25 -4.77 55.12
N LEU L 601 26.32 -4.83 56.44
CA LEU L 601 26.38 -6.13 57.13
C LEU L 601 24.91 -6.53 57.14
N THR L 602 24.54 -7.72 57.59
CA THR L 602 23.12 -8.13 57.49
C THR L 602 22.70 -8.20 56.02
N ALA L 603 21.59 -7.58 55.61
CA ALA L 603 21.13 -7.77 54.22
C ALA L 603 20.69 -6.47 53.57
N TYR L 604 20.58 -6.46 52.25
CA TYR L 604 20.08 -5.25 51.54
C TYR L 604 19.28 -5.65 50.31
N ILE L 605 18.44 -4.75 49.79
CA ILE L 605 17.71 -5.04 48.53
C ILE L 605 18.41 -4.24 47.43
N THR L 606 18.75 -4.89 46.33
CA THR L 606 19.46 -4.26 45.23
C THR L 606 18.74 -4.55 43.92
N ARG L 607 19.02 -3.71 42.93
CA ARG L 607 18.41 -3.83 41.60
C ARG L 607 19.43 -4.46 40.66
N ASP L 608 19.26 -5.75 40.38
CA ASP L 608 20.09 -6.43 39.41
C ASP L 608 19.79 -5.87 38.02
N VAL L 609 20.73 -5.10 37.46
CA VAL L 609 20.48 -4.40 36.22
C VAL L 609 20.27 -5.36 35.05
N ASP L 610 20.83 -6.58 35.15
CA ASP L 610 20.65 -7.54 34.07
C ASP L 610 19.18 -7.91 33.90
N THR L 611 18.52 -8.28 34.99
CA THR L 611 17.09 -8.56 34.95
C THR L 611 16.23 -7.34 35.24
N LYS L 612 16.86 -6.22 35.62
CA LYS L 612 16.14 -4.98 35.95
C LYS L 612 15.06 -5.24 36.99
N GLN L 613 15.38 -6.06 37.98
CA GLN L 613 14.45 -6.51 38.99
C GLN L 613 15.08 -6.36 40.35
N LEU L 614 14.28 -5.98 41.35
CA LEU L 614 14.77 -5.84 42.71
C LEU L 614 15.09 -7.22 43.26
N VAL L 615 16.37 -7.50 43.46
CA VAL L 615 16.83 -8.83 43.87
C VAL L 615 17.44 -8.73 45.26
N LEU L 616 17.13 -9.70 46.09
CA LEU L 616 17.62 -9.75 47.46
C LEU L 616 19.07 -10.23 47.50
N GLU L 617 19.89 -9.55 48.29
CA GLU L 617 21.31 -9.85 48.37
C GLU L 617 21.76 -9.78 49.82
N SER L 618 22.74 -10.62 50.18
CA SER L 618 23.21 -10.72 51.55
C SER L 618 24.41 -9.81 51.80
N GLY L 619 24.70 -9.58 53.08
CA GLY L 619 25.78 -8.71 53.48
C GLY L 619 26.94 -9.48 54.11
N ALA L 620 27.88 -8.72 54.67
CA ALA L 620 29.16 -9.30 55.09
C ALA L 620 28.97 -10.33 56.19
N LEU L 621 28.10 -10.07 57.16
CA LEU L 621 27.90 -11.03 58.24
C LEU L 621 27.32 -12.33 57.72
N VAL L 622 26.25 -12.25 56.92
CA VAL L 622 25.64 -13.45 56.38
C VAL L 622 26.60 -14.13 55.40
N LEU L 623 27.38 -13.34 54.66
CA LEU L 623 28.40 -13.93 53.80
C LEU L 623 29.42 -14.71 54.61
N SER L 624 29.80 -14.19 55.77
CA SER L 624 30.79 -14.85 56.62
C SER L 624 30.19 -15.93 57.49
N ASP L 625 29.00 -16.42 57.15
CA ASP L 625 28.38 -17.50 57.91
C ASP L 625 29.27 -18.73 57.90
N GLY L 626 29.37 -19.39 59.06
CA GLY L 626 30.21 -20.56 59.15
C GLY L 626 31.69 -20.28 59.15
N GLY L 627 32.10 -19.02 59.31
CA GLY L 627 33.51 -18.68 59.30
C GLY L 627 33.82 -17.55 60.26
N VAL L 628 34.99 -16.95 60.10
CA VAL L 628 35.43 -15.87 60.99
C VAL L 628 35.32 -14.54 60.24
N CYS L 629 34.50 -13.64 60.75
CA CYS L 629 34.35 -12.32 60.19
C CYS L 629 35.38 -11.39 60.81
N CYS L 630 36.32 -10.91 60.00
CA CYS L 630 37.39 -10.05 60.47
C CYS L 630 36.93 -8.59 60.39
N ILE L 631 36.93 -7.90 61.52
CA ILE L 631 36.58 -6.49 61.58
C ILE L 631 37.78 -5.71 62.09
N ASP L 632 38.33 -4.84 61.26
CA ASP L 632 39.44 -4.00 61.65
C ASP L 632 38.95 -2.59 61.95
N GLU L 633 39.75 -1.85 62.71
CA GLU L 633 39.38 -0.50 63.16
C GLU L 633 38.01 -0.53 63.82
N PHE L 634 37.83 -1.44 64.76
CA PHE L 634 36.53 -1.65 65.38
C PHE L 634 36.05 -0.38 66.08
N ASP L 635 36.95 0.32 66.77
CA ASP L 635 36.56 1.50 67.53
C ASP L 635 35.99 2.58 66.61
N LYS L 636 36.57 2.74 65.42
CA LYS L 636 36.13 3.78 64.52
C LYS L 636 34.70 3.59 64.04
N MET L 637 34.13 2.40 64.18
CA MET L 637 32.75 2.20 63.80
C MET L 637 31.81 3.00 64.68
N SER L 638 30.80 3.60 64.06
CA SER L 638 29.78 4.28 64.83
C SER L 638 28.98 3.28 65.63
N ASP L 639 28.55 3.69 66.82
CA ASP L 639 27.74 2.79 67.65
C ASP L 639 26.43 2.42 66.97
N SER L 640 25.96 3.24 66.03
CA SER L 640 24.76 2.90 65.29
C SER L 640 24.97 1.64 64.45
N THR L 641 26.10 1.57 63.74
CA THR L 641 26.40 0.39 62.94
C THR L 641 26.67 -0.82 63.83
N ARG L 642 27.30 -0.60 64.97
CA ARG L 642 27.67 -1.67 65.87
C ARG L 642 26.46 -2.40 66.47
N SER L 643 25.27 -1.79 66.39
CA SER L 643 24.10 -2.34 67.06
C SER L 643 23.74 -3.72 66.54
N VAL L 644 23.86 -3.94 65.22
CA VAL L 644 23.49 -5.23 64.66
C VAL L 644 24.39 -6.35 65.17
N LEU L 645 25.59 -6.02 65.65
CA LEU L 645 26.47 -7.05 66.18
C LEU L 645 25.94 -7.65 67.48
N HIS L 646 25.03 -6.94 68.17
CA HIS L 646 24.57 -7.40 69.47
C HIS L 646 23.87 -8.75 69.37
N GLU L 647 22.98 -8.92 68.40
CA GLU L 647 22.28 -10.19 68.25
C GLU L 647 23.16 -11.26 67.61
N VAL L 648 24.05 -10.85 66.70
CA VAL L 648 24.87 -11.82 65.99
C VAL L 648 25.90 -12.45 66.91
N MET L 649 26.49 -11.66 67.80
CA MET L 649 27.56 -12.19 68.63
C MET L 649 27.06 -13.13 69.72
N GLU L 650 25.75 -13.16 69.97
CA GLU L 650 25.21 -14.00 71.02
C GLU L 650 24.30 -15.11 70.50
N GLN L 651 23.28 -14.77 69.74
CA GLN L 651 22.33 -15.75 69.23
C GLN L 651 22.79 -16.42 67.95
N GLN L 652 23.90 -15.95 67.37
CA GLN L 652 24.41 -16.45 66.09
C GLN L 652 23.38 -16.34 64.98
N THR L 653 22.36 -15.51 65.16
CA THR L 653 21.36 -15.27 64.13
C THR L 653 21.11 -13.77 64.04
N ILE L 654 20.66 -13.33 62.88
CA ILE L 654 20.23 -11.96 62.68
C ILE L 654 18.79 -11.98 62.20
N SER L 655 17.92 -11.25 62.89
CA SER L 655 16.50 -11.18 62.56
C SER L 655 16.24 -9.81 61.96
N ILE L 656 15.95 -9.79 60.66
CA ILE L 656 15.73 -8.55 59.93
C ILE L 656 14.25 -8.45 59.59
N ALA L 657 13.66 -7.29 59.89
CA ALA L 657 12.25 -7.02 59.61
C ALA L 657 12.11 -5.68 58.91
N LYS L 658 12.92 -5.46 57.88
CA LYS L 658 12.85 -4.23 57.11
C LYS L 658 11.72 -4.33 56.09
N ALA L 659 11.65 -3.37 55.17
CA ALA L 659 10.54 -3.32 54.23
C ALA L 659 10.65 -4.46 53.22
N GLY L 660 9.61 -5.29 53.17
CA GLY L 660 9.52 -6.37 52.22
C GLY L 660 9.99 -7.72 52.72
N ILE L 661 10.83 -7.74 53.76
CA ILE L 661 11.33 -8.99 54.33
C ILE L 661 11.09 -8.97 55.83
N ILE L 662 10.48 -10.02 56.34
CA ILE L 662 10.24 -10.19 57.78
C ILE L 662 10.61 -11.64 58.09
N THR L 663 11.83 -11.85 58.58
CA THR L 663 12.33 -13.20 58.81
C THR L 663 13.55 -13.11 59.71
N THR L 664 14.08 -14.28 60.05
CA THR L 664 15.32 -14.39 60.79
C THR L 664 16.35 -15.13 59.93
N LEU L 665 17.59 -14.68 59.99
CA LEU L 665 18.68 -15.27 59.23
C LEU L 665 19.73 -15.84 60.16
N ASN L 666 20.27 -16.98 59.78
CA ASN L 666 21.33 -17.62 60.55
C ASN L 666 22.68 -17.05 60.14
N ALA L 667 23.42 -16.52 61.10
CA ALA L 667 24.76 -15.99 60.86
C ALA L 667 25.68 -16.61 61.92
N ARG L 668 26.16 -17.82 61.67
CA ARG L 668 27.08 -18.51 62.60
C ARG L 668 28.50 -18.04 62.29
N SER L 669 28.80 -16.79 62.59
CA SER L 669 30.09 -16.17 62.32
C SER L 669 30.73 -15.74 63.63
N SER L 670 31.99 -16.15 63.82
CA SER L 670 32.75 -15.75 65.00
C SER L 670 33.51 -14.49 64.69
N ILE L 671 33.18 -13.40 65.38
CA ILE L 671 33.76 -12.10 65.11
C ILE L 671 35.19 -12.07 65.62
N LEU L 672 36.09 -11.49 64.84
CA LEU L 672 37.44 -11.19 65.27
C LEU L 672 37.65 -9.70 65.01
N ALA L 673 37.50 -8.89 66.06
CA ALA L 673 37.50 -7.44 65.94
C ALA L 673 38.79 -6.88 66.51
N SER L 674 39.44 -6.00 65.77
CA SER L 674 40.63 -5.31 66.21
C SER L 674 40.34 -3.83 66.38
N ALA L 675 40.84 -3.25 67.46
CA ALA L 675 40.57 -1.85 67.77
C ALA L 675 41.76 -1.25 68.49
N ASN L 676 41.73 0.06 68.63
CA ASN L 676 42.71 0.76 69.42
C ASN L 676 42.04 1.41 70.62
N PRO L 677 42.76 1.59 71.73
CA PRO L 677 42.19 2.36 72.84
C PRO L 677 42.02 3.81 72.46
N ILE L 678 41.17 4.51 73.21
CA ILE L 678 40.95 5.92 72.95
C ILE L 678 42.28 6.66 73.05
N GLY L 679 42.47 7.62 72.16
CA GLY L 679 43.77 8.26 72.04
C GLY L 679 44.78 7.47 71.25
N SER L 680 44.36 6.39 70.59
CA SER L 680 45.19 5.61 69.69
C SER L 680 46.35 4.95 70.41
N ARG L 681 46.39 5.04 71.74
CA ARG L 681 47.46 4.46 72.52
C ARG L 681 46.96 4.22 73.92
N TYR L 682 47.54 3.23 74.59
CA TYR L 682 47.10 2.91 75.94
C TYR L 682 47.52 3.98 76.93
N ASN L 683 46.62 4.29 77.86
CA ASN L 683 46.91 5.25 78.91
C ASN L 683 46.85 4.55 80.25
N PRO L 684 47.98 4.26 80.89
CA PRO L 684 47.94 3.53 82.16
C PRO L 684 47.14 4.24 83.25
N ASN L 685 47.06 5.57 83.19
CA ASN L 685 46.30 6.30 84.20
C ASN L 685 44.84 5.90 84.17
N LEU L 686 44.27 5.78 82.98
CA LEU L 686 42.87 5.41 82.86
C LEU L 686 42.68 3.93 83.20
N PRO L 687 41.48 3.56 83.65
CA PRO L 687 41.20 2.14 83.89
C PRO L 687 41.08 1.39 82.58
N VAL L 688 41.06 0.05 82.70
CA VAL L 688 41.01 -0.81 81.53
C VAL L 688 39.73 -0.56 80.74
N THR L 689 38.60 -0.52 81.43
CA THR L 689 37.32 -0.34 80.76
C THR L 689 37.22 1.04 80.10
N GLU L 690 37.87 2.05 80.68
CA GLU L 690 37.89 3.36 80.04
C GLU L 690 38.78 3.36 78.81
N ASN L 691 39.93 2.69 78.88
CA ASN L 691 40.80 2.61 77.71
C ASN L 691 40.13 1.87 76.56
N ILE L 692 39.44 0.77 76.85
CA ILE L 692 38.73 0.06 75.79
C ILE L 692 37.59 0.90 75.25
N ASP L 693 36.81 1.52 76.15
CA ASP L 693 35.77 2.48 75.78
C ASP L 693 34.73 1.85 74.84
N LEU L 694 34.05 0.84 75.36
CA LEU L 694 32.92 0.23 74.66
C LEU L 694 31.78 0.02 75.64
N PRO L 695 30.55 0.01 75.16
CA PRO L 695 29.41 -0.27 76.04
C PRO L 695 29.56 -1.63 76.69
N PRO L 696 29.19 -1.76 77.96
CA PRO L 696 29.32 -3.05 78.65
C PRO L 696 28.55 -4.17 77.98
N PRO L 697 27.34 -3.94 77.45
CA PRO L 697 26.64 -5.05 76.78
C PRO L 697 27.41 -5.61 75.60
N LEU L 698 28.15 -4.77 74.89
CA LEU L 698 29.01 -5.25 73.81
C LEU L 698 30.18 -6.05 74.35
N LEU L 699 30.97 -5.45 75.25
CA LEU L 699 32.17 -6.08 75.76
C LEU L 699 31.84 -7.36 76.52
N SER L 700 30.61 -7.48 77.01
CA SER L 700 30.19 -8.72 77.66
C SER L 700 30.09 -9.86 76.65
N ARG L 701 29.74 -9.53 75.40
CA ARG L 701 29.56 -10.59 74.40
C ARG L 701 30.90 -11.17 73.95
N PHE L 702 31.96 -10.38 74.01
CA PHE L 702 33.27 -10.87 73.59
C PHE L 702 33.79 -11.90 74.58
N ASP L 703 34.15 -13.08 74.06
CA ASP L 703 34.62 -14.14 74.94
C ASP L 703 36.04 -13.89 75.41
N LEU L 704 36.88 -13.30 74.55
CA LEU L 704 38.26 -12.99 74.89
C LEU L 704 38.58 -11.56 74.49
N VAL L 705 39.18 -10.82 75.40
CA VAL L 705 39.59 -9.44 75.13
C VAL L 705 41.09 -9.36 75.39
N TYR L 706 41.83 -8.92 74.39
CA TYR L 706 43.29 -8.90 74.44
C TYR L 706 43.76 -7.47 74.59
N LEU L 707 44.57 -7.22 75.62
CA LEU L 707 45.26 -5.95 75.77
C LEU L 707 46.69 -6.11 75.29
N VAL L 708 46.85 -6.12 73.96
CA VAL L 708 48.17 -6.15 73.38
C VAL L 708 48.88 -4.83 73.68
N LEU L 709 50.02 -4.91 74.34
CA LEU L 709 50.70 -3.72 74.82
C LEU L 709 52.08 -3.62 74.18
N ASP L 710 52.42 -2.41 73.75
CA ASP L 710 53.74 -2.12 73.20
C ASP L 710 54.55 -1.41 74.28
N LYS L 711 55.54 -2.12 74.83
CA LYS L 711 56.39 -1.57 75.87
C LYS L 711 57.84 -1.72 75.46
N VAL L 712 58.65 -0.69 75.74
CA VAL L 712 60.02 -0.64 75.26
C VAL L 712 60.84 -1.59 76.13
N ASP L 713 61.04 -2.81 75.65
CA ASP L 713 61.89 -3.80 76.30
C ASP L 713 63.07 -4.09 75.38
N GLU L 714 64.28 -3.88 75.89
CA GLU L 714 65.47 -3.95 75.03
C GLU L 714 65.64 -5.33 74.43
N LYS L 715 65.46 -6.38 75.23
CA LYS L 715 65.58 -7.74 74.71
C LYS L 715 64.50 -8.02 73.67
N ASN L 716 63.24 -7.68 74.00
CA ASN L 716 62.15 -7.91 73.06
C ASN L 716 62.34 -7.09 71.78
N ASP L 717 62.73 -5.82 71.92
CA ASP L 717 62.94 -4.98 70.75
C ASP L 717 64.06 -5.53 69.88
N ARG L 718 65.14 -5.99 70.51
CA ARG L 718 66.24 -6.57 69.75
C ARG L 718 65.78 -7.82 68.99
N GLU L 719 65.01 -8.68 69.65
CA GLU L 719 64.54 -9.90 69.00
C GLU L 719 63.64 -9.55 67.80
N LEU L 720 62.71 -8.62 68.00
CA LEU L 720 61.80 -8.26 66.91
C LEU L 720 62.56 -7.64 65.75
N ALA L 721 63.50 -6.75 66.05
CA ALA L 721 64.29 -6.11 65.00
C ALA L 721 65.11 -7.14 64.23
N LYS L 722 65.71 -8.09 64.94
CA LYS L 722 66.45 -9.15 64.26
C LYS L 722 65.53 -9.96 63.36
N HIS L 723 64.33 -10.28 63.84
CA HIS L 723 63.39 -11.05 63.05
C HIS L 723 63.04 -10.33 61.75
N LEU L 724 62.70 -9.04 61.86
CA LEU L 724 62.30 -8.30 60.66
C LEU L 724 63.47 -8.11 59.70
N THR L 725 64.62 -7.69 60.22
CA THR L 725 65.79 -7.47 59.37
C THR L 725 66.19 -8.76 58.67
N ASN L 726 66.05 -9.90 59.35
CA ASN L 726 66.32 -11.16 58.69
C ASN L 726 65.26 -11.49 57.65
N LEU L 727 64.01 -11.10 57.89
CA LEU L 727 63.00 -11.19 56.83
C LEU L 727 63.36 -10.35 55.62
N TYR L 728 64.24 -9.36 55.80
CA TYR L 728 64.70 -8.55 54.67
C TYR L 728 66.05 -9.01 54.13
N LEU L 729 66.31 -10.32 54.14
CA LEU L 729 67.59 -10.84 53.68
C LEU L 729 67.53 -11.47 52.29
N GLU L 730 66.35 -11.84 51.81
CA GLU L 730 66.16 -12.35 50.46
C GLU L 730 65.00 -11.59 49.80
N ASP L 731 64.77 -11.87 48.53
CA ASP L 731 63.65 -11.25 47.84
C ASP L 731 62.32 -11.80 48.34
N LYS L 732 62.23 -13.12 48.44
CA LYS L 732 61.04 -13.80 48.98
C LYS L 732 61.50 -14.84 49.99
N PRO L 733 61.93 -14.38 51.17
CA PRO L 733 62.64 -15.26 52.10
C PRO L 733 61.69 -16.19 52.84
N GLU L 734 62.28 -16.97 53.74
CA GLU L 734 61.55 -17.89 54.62
C GLU L 734 61.46 -17.30 56.02
N HIS L 735 60.49 -17.80 56.78
CA HIS L 735 60.20 -17.27 58.11
C HIS L 735 61.44 -17.33 58.99
N ILE L 736 61.63 -16.29 59.81
CA ILE L 736 62.74 -16.27 60.75
C ILE L 736 62.38 -16.93 62.07
N SER L 737 61.16 -17.44 62.20
CA SER L 737 60.75 -18.18 63.38
C SER L 737 61.66 -19.39 63.58
N GLN L 738 62.44 -19.39 64.66
CA GLN L 738 63.41 -20.46 64.86
C GLN L 738 62.74 -21.81 65.04
N ASP L 739 61.64 -21.85 65.77
CA ASP L 739 60.94 -23.10 66.00
C ASP L 739 60.27 -23.60 64.73
N ASP L 740 60.21 -24.91 64.58
CA ASP L 740 59.55 -25.51 63.44
C ASP L 740 58.04 -25.29 63.53
N VAL L 741 57.40 -25.26 62.36
CA VAL L 741 55.96 -25.05 62.27
C VAL L 741 55.36 -26.08 61.32
N LEU L 742 54.08 -26.34 61.51
CA LEU L 742 53.37 -27.21 60.59
C LEU L 742 53.08 -26.46 59.30
N PRO L 743 53.39 -27.04 58.13
CA PRO L 743 52.99 -26.39 56.88
C PRO L 743 51.48 -26.21 56.82
N VAL L 744 51.07 -25.10 56.20
CA VAL L 744 49.68 -24.66 56.32
C VAL L 744 48.71 -25.66 55.74
N GLU L 745 49.13 -26.47 54.77
CA GLU L 745 48.23 -27.46 54.20
C GLU L 745 47.83 -28.49 55.25
N PHE L 746 48.83 -29.09 55.92
CA PHE L 746 48.52 -30.07 56.96
C PHE L 746 47.83 -29.43 58.15
N LEU L 747 48.20 -28.19 58.48
CA LEU L 747 47.54 -27.51 59.59
C LEU L 747 46.06 -27.31 59.31
N THR L 748 45.72 -26.87 58.10
CA THR L 748 44.32 -26.73 57.72
C THR L 748 43.61 -28.07 57.74
N MET L 749 44.25 -29.11 57.22
CA MET L 749 43.64 -30.44 57.25
C MET L 749 43.37 -30.87 58.68
N TYR L 750 44.33 -30.66 59.57
CA TYR L 750 44.19 -31.06 60.97
C TYR L 750 43.05 -30.32 61.63
N ILE L 751 43.01 -29.00 61.47
CA ILE L 751 41.96 -28.20 62.12
C ILE L 751 40.59 -28.61 61.58
N SER L 752 40.48 -28.77 60.27
CA SER L 752 39.20 -29.19 59.70
C SER L 752 38.77 -30.54 60.27
N TYR L 753 39.66 -31.54 60.20
CA TYR L 753 39.31 -32.89 60.65
C TYR L 753 38.90 -32.89 62.11
N ALA L 754 39.63 -32.15 62.95
CA ALA L 754 39.21 -32.01 64.34
C ALA L 754 37.85 -31.37 64.45
N LYS L 755 37.50 -30.47 63.51
CA LYS L 755 36.17 -29.88 63.54
C LYS L 755 35.10 -30.90 63.20
N GLU L 756 35.30 -31.71 62.17
CA GLU L 756 34.22 -32.62 61.79
C GLU L 756 34.07 -33.78 62.77
N HIS L 757 35.19 -34.38 63.19
CA HIS L 757 35.12 -35.70 63.82
C HIS L 757 35.43 -35.66 65.31
N ILE L 758 35.32 -34.50 65.96
CA ILE L 758 35.46 -34.38 67.41
C ILE L 758 34.28 -33.56 67.92
N HIS L 759 33.65 -34.05 68.99
CA HIS L 759 32.50 -33.38 69.59
C HIS L 759 32.58 -33.54 71.11
N PRO L 760 33.34 -32.67 71.77
CA PRO L 760 33.61 -32.87 73.20
C PRO L 760 32.35 -32.77 74.06
N ILE L 761 32.38 -33.48 75.19
CA ILE L 761 31.34 -33.43 76.20
C ILE L 761 31.99 -33.10 77.53
N ILE L 762 31.40 -32.16 78.28
CA ILE L 762 31.97 -31.77 79.55
C ILE L 762 31.78 -32.89 80.57
N THR L 763 32.79 -33.10 81.40
CA THR L 763 32.73 -34.05 82.50
C THR L 763 32.36 -33.33 83.80
N GLU L 764 32.02 -34.12 84.81
CA GLU L 764 31.54 -33.54 86.07
C GLU L 764 32.64 -32.78 86.78
N ALA L 765 33.87 -33.30 86.78
CA ALA L 765 34.97 -32.59 87.42
C ALA L 765 35.22 -31.25 86.74
N ALA L 766 35.14 -31.23 85.41
CA ALA L 766 35.22 -29.97 84.69
C ALA L 766 34.09 -29.03 85.09
N LYS L 767 32.89 -29.58 85.33
CA LYS L 767 31.77 -28.76 85.76
C LYS L 767 32.06 -28.11 87.12
N THR L 768 32.57 -28.89 88.06
CA THR L 768 32.88 -28.34 89.38
C THR L 768 33.96 -27.26 89.28
N GLU L 769 35.00 -27.51 88.49
CA GLU L 769 36.05 -26.51 88.34
C GLU L 769 35.50 -25.25 87.66
N LEU L 770 34.62 -25.41 86.69
CA LEU L 770 34.02 -24.25 86.03
C LEU L 770 33.21 -23.42 87.00
N VAL L 771 32.41 -24.08 87.83
CA VAL L 771 31.61 -23.34 88.81
C VAL L 771 32.51 -22.60 89.79
N ARG L 772 33.55 -23.28 90.29
CA ARG L 772 34.46 -22.65 91.22
C ARG L 772 35.16 -21.45 90.60
N ALA L 773 35.64 -21.60 89.37
CA ALA L 773 36.32 -20.50 88.68
C ALA L 773 35.38 -19.33 88.46
N TYR L 774 34.14 -19.62 88.03
CA TYR L 774 33.18 -18.54 87.79
C TYR L 774 32.88 -17.78 89.07
N VAL L 775 32.72 -18.49 90.18
CA VAL L 775 32.51 -17.80 91.46
C VAL L 775 33.75 -16.98 91.81
N GLY L 776 34.94 -17.52 91.52
CA GLY L 776 36.16 -16.78 91.83
C GLY L 776 36.27 -15.47 91.08
N MET L 777 35.95 -15.48 89.78
CA MET L 777 35.98 -14.24 89.03
C MET L 777 34.85 -13.30 89.45
N ARG L 778 33.69 -13.84 89.76
CA ARG L 778 32.53 -13.03 90.13
C ARG L 778 32.55 -12.72 91.63
N LYS L 779 33.58 -12.00 92.04
CA LYS L 779 33.74 -11.61 93.43
C LYS L 779 34.45 -10.27 93.54
N LYS L 789 35.64 1.39 87.01
CA LYS L 789 35.98 0.17 87.73
C LYS L 789 36.42 -0.92 86.75
N ARG L 790 37.13 -1.92 87.28
CA ARG L 790 37.62 -3.03 86.48
C ARG L 790 36.46 -3.74 85.77
N ILE L 791 36.82 -4.55 84.77
CA ILE L 791 35.82 -5.31 84.03
C ILE L 791 35.10 -6.29 84.96
N THR L 792 33.78 -6.33 84.85
CA THR L 792 32.98 -7.16 85.72
C THR L 792 32.77 -8.55 85.10
N ALA L 793 32.60 -9.53 85.98
CA ALA L 793 32.30 -10.88 85.51
C ALA L 793 30.87 -10.94 84.99
N THR L 794 30.57 -12.02 84.27
CA THR L 794 29.32 -12.13 83.55
C THR L 794 29.02 -13.59 83.28
N THR L 795 27.72 -13.92 83.17
CA THR L 795 27.34 -15.27 82.76
C THR L 795 27.87 -15.59 81.37
N ARG L 796 27.98 -14.57 80.50
CA ARG L 796 28.62 -14.78 79.21
C ARG L 796 30.06 -15.24 79.40
N GLN L 797 30.72 -14.78 80.45
CA GLN L 797 32.06 -15.28 80.75
C GLN L 797 32.02 -16.76 81.11
N LEU L 798 30.96 -17.19 81.79
CA LEU L 798 30.83 -18.60 82.11
C LEU L 798 30.67 -19.43 80.85
N GLU L 799 29.75 -19.03 79.97
CA GLU L 799 29.62 -19.72 78.70
C GLU L 799 30.89 -19.62 77.86
N SER L 800 31.67 -18.55 78.03
CA SER L 800 32.95 -18.40 77.36
C SER L 800 33.98 -19.41 77.86
N MET L 801 34.07 -19.63 79.17
CA MET L 801 34.94 -20.71 79.65
C MET L 801 34.47 -22.05 79.13
N ILE L 802 33.15 -22.26 79.08
CA ILE L 802 32.63 -23.52 78.55
C ILE L 802 33.12 -23.72 77.12
N ARG L 803 32.94 -22.70 76.28
CA ARG L 803 33.34 -22.80 74.88
C ARG L 803 34.85 -22.96 74.73
N LEU L 804 35.62 -22.24 75.53
CA LEU L 804 37.08 -22.30 75.39
C LEU L 804 37.61 -23.66 75.83
N ALA L 805 37.08 -24.22 76.92
CA ALA L 805 37.48 -25.56 77.32
C ALA L 805 37.07 -26.60 76.28
N GLU L 806 35.87 -26.45 75.72
CA GLU L 806 35.45 -27.37 74.66
C GLU L 806 36.40 -27.28 73.47
N ALA L 807 36.79 -26.07 73.09
CA ALA L 807 37.70 -25.89 71.96
C ALA L 807 39.07 -26.49 72.25
N HIS L 808 39.59 -26.26 73.46
CA HIS L 808 40.89 -26.82 73.81
C HIS L 808 40.86 -28.35 73.78
N ALA L 809 39.77 -28.94 74.28
CA ALA L 809 39.62 -30.38 74.18
C ALA L 809 39.53 -30.84 72.72
N LYS L 810 38.77 -30.11 71.90
CA LYS L 810 38.60 -30.49 70.51
C LYS L 810 39.91 -30.42 69.75
N MET L 811 40.80 -29.52 70.14
CA MET L 811 42.14 -29.49 69.55
C MET L 811 42.89 -30.78 69.83
N LYS L 812 42.84 -31.25 71.08
CA LYS L 812 43.54 -32.45 71.48
C LYS L 812 42.87 -33.72 71.00
N LEU L 813 41.82 -33.61 70.18
CA LEU L 813 41.05 -34.73 69.66
C LEU L 813 40.36 -35.55 70.74
N LYS L 814 40.37 -35.07 71.98
CA LYS L 814 39.67 -35.76 73.05
C LYS L 814 38.16 -35.64 72.84
N ASN L 815 37.44 -36.70 73.17
CA ASN L 815 36.00 -36.71 73.02
C ASN L 815 35.28 -36.13 74.23
N VAL L 816 36.00 -35.78 75.29
CA VAL L 816 35.41 -35.25 76.51
C VAL L 816 36.26 -34.10 77.02
N VAL L 817 35.68 -33.31 77.92
CA VAL L 817 36.34 -32.16 78.51
C VAL L 817 36.82 -32.53 79.90
N GLU L 818 38.05 -32.14 80.22
CA GLU L 818 38.67 -32.48 81.50
C GLU L 818 38.94 -31.21 82.29
N LEU L 819 39.63 -31.38 83.42
CA LEU L 819 39.92 -30.26 84.30
C LEU L 819 41.01 -29.36 83.73
N GLU L 820 42.04 -29.96 83.12
CA GLU L 820 43.15 -29.17 82.60
C GLU L 820 42.70 -28.26 81.46
N ASP L 821 41.70 -28.69 80.69
CA ASP L 821 41.16 -27.83 79.64
C ASP L 821 40.55 -26.57 80.24
N VAL L 822 39.76 -26.73 81.30
CA VAL L 822 39.15 -25.57 81.95
C VAL L 822 40.23 -24.70 82.58
N GLN L 823 41.26 -25.31 83.15
CA GLN L 823 42.35 -24.52 83.72
C GLN L 823 43.04 -23.69 82.66
N GLU L 824 43.29 -24.28 81.49
CA GLU L 824 43.91 -23.53 80.40
C GLU L 824 43.00 -22.41 79.91
N ALA L 825 41.70 -22.68 79.81
CA ALA L 825 40.77 -21.64 79.38
C ALA L 825 40.75 -20.47 80.36
N VAL L 826 40.74 -20.77 81.65
CA VAL L 826 40.76 -19.71 82.65
C VAL L 826 42.06 -18.94 82.59
N ARG L 827 43.18 -19.65 82.37
CA ARG L 827 44.46 -18.95 82.23
C ARG L 827 44.42 -18.00 81.05
N LEU L 828 43.87 -18.45 79.92
CA LEU L 828 43.80 -17.59 78.75
C LEU L 828 42.94 -16.37 79.01
N ILE L 829 41.78 -16.56 79.65
CA ILE L 829 40.91 -15.41 79.92
C ILE L 829 41.59 -14.42 80.86
N ARG L 830 42.25 -14.93 81.90
CA ARG L 830 42.93 -14.03 82.83
C ARG L 830 44.10 -13.31 82.17
N SER L 831 44.85 -14.00 81.31
CA SER L 831 46.05 -13.41 80.73
C SER L 831 45.71 -12.42 79.61
N ALA L 832 44.67 -12.71 78.83
CA ALA L 832 44.32 -11.84 77.72
C ALA L 832 43.96 -10.44 78.21
N ILE L 833 43.18 -10.35 79.29
CA ILE L 833 42.83 -9.06 79.86
C ILE L 833 43.93 -8.51 80.75
N LYS L 834 45.08 -9.17 80.83
CA LYS L 834 46.20 -8.76 81.68
C LYS L 834 45.77 -8.65 83.14
N ASP L 835 45.00 -9.63 83.60
CA ASP L 835 44.52 -9.62 84.98
C ASP L 835 45.65 -9.79 85.99
N TYR L 836 46.78 -10.34 85.57
CA TYR L 836 47.90 -10.56 86.48
C TYR L 836 48.68 -9.30 86.80
N ALA L 837 48.26 -8.15 86.27
CA ALA L 837 48.98 -6.90 86.50
C ALA L 837 48.05 -5.73 86.79
N THR L 838 46.77 -5.97 87.05
CA THR L 838 45.81 -4.90 87.28
C THR L 838 45.43 -4.84 88.76
N ASP L 839 45.35 -3.62 89.29
CA ASP L 839 44.90 -3.43 90.65
C ASP L 839 43.40 -3.71 90.73
N PRO L 840 42.94 -4.42 91.77
CA PRO L 840 41.51 -4.77 91.83
C PRO L 840 40.60 -3.57 91.94
N LYS L 841 40.86 -2.67 92.90
CA LYS L 841 39.94 -1.56 93.14
C LYS L 841 39.93 -0.58 91.98
N THR L 842 41.10 -0.25 91.43
CA THR L 842 41.21 0.64 90.28
C THR L 842 41.96 -0.07 89.18
N GLY L 843 41.39 -0.06 87.97
CA GLY L 843 41.92 -0.84 86.87
C GLY L 843 43.15 -0.24 86.20
N LYS L 844 44.12 0.19 86.99
CA LYS L 844 45.35 0.76 86.44
C LYS L 844 46.37 -0.37 86.27
N ILE L 845 46.83 -0.56 85.03
CA ILE L 845 47.79 -1.62 84.74
C ILE L 845 49.17 -1.20 85.25
N ASP L 846 49.75 -2.01 86.11
CA ASP L 846 51.09 -1.76 86.62
C ASP L 846 52.07 -1.97 85.47
N MET L 847 52.54 -0.87 84.89
CA MET L 847 53.36 -0.97 83.68
C MET L 847 54.66 -1.72 83.94
N ASN L 848 55.30 -1.47 85.08
CA ASN L 848 56.51 -2.19 85.40
C ASN L 848 56.23 -3.68 85.59
N LEU L 849 55.08 -4.02 86.19
CA LEU L 849 54.78 -5.40 86.50
C LEU L 849 54.35 -6.19 85.25
N VAL L 850 53.60 -5.54 84.36
CA VAL L 850 53.03 -6.24 83.21
C VAL L 850 54.07 -6.63 82.17
N GLN L 851 55.30 -6.12 82.30
CA GLN L 851 56.31 -6.32 81.28
C GLN L 851 56.59 -7.80 81.06
N THR L 852 56.59 -8.21 79.78
CA THR L 852 56.89 -9.57 79.37
C THR L 852 57.71 -9.52 78.10
N GLY L 853 58.68 -10.43 77.99
CA GLY L 853 59.54 -10.49 76.83
C GLY L 853 58.80 -10.84 75.56
N SER M 2 -8.11 26.14 -21.08
CA SER M 2 -7.31 27.34 -20.85
C SER M 2 -8.18 28.56 -20.58
N PHE M 3 -8.96 28.51 -19.51
CA PHE M 3 -9.81 29.62 -19.11
C PHE M 3 -9.76 29.81 -17.60
N ASP M 4 -10.36 30.91 -17.16
CA ASP M 4 -10.46 31.23 -15.74
C ASP M 4 -11.62 30.46 -15.12
N ARG M 5 -11.67 30.55 -13.78
CA ARG M 5 -12.70 29.80 -13.03
C ARG M 5 -14.05 30.50 -13.14
N PRO M 6 -15.16 29.79 -13.42
CA PRO M 6 -16.48 30.44 -13.37
C PRO M 6 -16.78 30.96 -11.99
N GLU M 7 -17.57 32.03 -11.94
CA GLU M 7 -17.92 32.68 -10.69
C GLU M 7 -19.41 32.49 -10.40
N ILE M 8 -19.76 32.52 -9.12
CA ILE M 8 -21.13 32.33 -8.67
C ILE M 8 -21.59 33.60 -7.99
N TYR M 9 -22.77 34.09 -8.38
CA TYR M 9 -23.35 35.33 -7.92
C TYR M 9 -24.50 35.03 -6.96
N SER M 10 -25.07 36.10 -6.40
CA SER M 10 -26.25 35.98 -5.56
C SER M 10 -26.81 37.37 -5.30
N ALA M 11 -28.13 37.46 -5.21
CA ALA M 11 -28.79 38.74 -4.99
C ALA M 11 -30.16 38.57 -4.37
N PRO M 12 -30.53 39.37 -3.38
CA PRO M 12 -31.84 39.29 -2.71
C PRO M 12 -32.97 40.03 -3.44
N VAL M 13 -33.54 39.37 -4.45
CA VAL M 13 -34.56 40.01 -5.27
C VAL M 13 -35.84 40.24 -4.47
N LEU M 14 -36.30 39.21 -3.77
CA LEU M 14 -37.59 39.27 -3.08
C LEU M 14 -37.37 39.10 -1.58
N GLN M 15 -38.16 39.84 -0.80
CA GLN M 15 -38.18 39.63 0.64
C GLN M 15 -38.54 38.19 0.95
N GLY M 16 -37.75 37.55 1.80
CA GLY M 16 -37.87 36.13 2.02
C GLY M 16 -39.16 35.77 2.74
N GLU M 17 -39.26 34.48 3.04
CA GLU M 17 -40.38 33.96 3.80
C GLU M 17 -40.40 34.60 5.19
N SER M 18 -41.49 34.35 5.91
CA SER M 18 -41.64 34.97 7.22
C SER M 18 -40.53 34.52 8.16
N PRO M 19 -39.71 35.43 8.66
CA PRO M 19 -38.57 35.02 9.48
C PRO M 19 -38.99 34.63 10.89
N ASN M 20 -38.09 33.90 11.55
CA ASN M 20 -38.27 33.49 12.92
C ASN M 20 -36.99 33.73 13.71
N ASP M 21 -37.13 33.81 15.03
CA ASP M 21 -36.06 34.33 15.88
C ASP M 21 -34.80 33.47 15.82
N ASP M 22 -34.94 32.17 15.61
CA ASP M 22 -33.77 31.29 15.64
C ASP M 22 -32.94 31.35 14.37
N ASP M 23 -33.34 32.15 13.38
CA ASP M 23 -32.47 32.38 12.23
C ASP M 23 -31.18 33.04 12.69
N ASN M 24 -30.06 32.56 12.15
CA ASN M 24 -28.76 33.10 12.56
C ASN M 24 -28.67 34.58 12.25
N THR M 25 -29.20 35.01 11.11
CA THR M 25 -29.21 36.44 10.80
C THR M 25 -30.11 37.22 11.76
N GLU M 26 -31.24 36.63 12.16
CA GLU M 26 -32.10 37.31 13.13
C GLU M 26 -31.38 37.50 14.47
N ILE M 27 -30.68 36.47 14.93
CA ILE M 27 -29.94 36.58 16.19
C ILE M 27 -28.78 37.57 16.04
N ILE M 28 -28.14 37.59 14.87
CA ILE M 28 -27.10 38.57 14.61
C ILE M 28 -27.66 39.98 14.68
N LYS M 29 -28.84 40.20 14.09
CA LYS M 29 -29.49 41.50 14.18
C LYS M 29 -29.77 41.87 15.62
N SER M 30 -30.30 40.92 16.40
CA SER M 30 -30.61 41.20 17.80
C SER M 30 -29.36 41.59 18.58
N PHE M 31 -28.27 40.85 18.36
CA PHE M 31 -27.01 41.14 19.04
C PHE M 31 -26.44 42.49 18.60
N LYS M 32 -26.51 42.79 17.31
CA LYS M 32 -26.03 44.09 16.84
C LYS M 32 -26.85 45.22 17.45
N ASN M 33 -28.16 45.04 17.56
CA ASN M 33 -29.00 46.02 18.24
C ASN M 33 -28.59 46.18 19.69
N PHE M 34 -28.32 45.08 20.37
CA PHE M 34 -27.89 45.15 21.77
C PHE M 34 -26.59 45.92 21.89
N ILE M 35 -25.64 45.68 20.99
CA ILE M 35 -24.35 46.36 21.07
C ILE M 35 -24.52 47.86 20.80
N LEU M 36 -25.28 48.21 19.77
CA LEU M 36 -25.33 49.59 19.32
C LEU M 36 -26.39 50.44 20.00
N GLU M 37 -27.26 49.84 20.82
CA GLU M 37 -28.39 50.56 21.35
C GLU M 37 -28.56 50.46 22.86
N PHE M 38 -27.87 49.55 23.53
CA PHE M 38 -28.07 49.35 24.96
C PHE M 38 -27.76 50.63 25.73
N ARG M 39 -28.67 51.02 26.62
CA ARG M 39 -28.52 52.23 27.41
C ARG M 39 -28.66 51.85 28.88
N LEU M 40 -27.63 52.17 29.67
CA LEU M 40 -27.66 52.01 31.11
C LEU M 40 -27.11 53.27 31.76
N ASP M 41 -27.79 53.77 32.78
CA ASP M 41 -27.47 55.05 33.41
C ASP M 41 -27.46 56.17 32.37
N SER M 42 -28.35 56.06 31.38
CA SER M 42 -28.41 56.98 30.25
C SER M 42 -27.06 57.07 29.54
N GLN M 43 -26.38 55.94 29.41
CA GLN M 43 -25.10 55.86 28.76
C GLN M 43 -25.09 54.74 27.74
N PHE M 44 -24.46 54.98 26.58
CA PHE M 44 -24.18 53.91 25.62
C PHE M 44 -22.82 53.32 25.96
N ILE M 45 -22.82 52.51 27.03
CA ILE M 45 -21.57 52.00 27.59
C ILE M 45 -20.85 51.11 26.58
N TYR M 46 -21.60 50.25 25.88
CA TYR M 46 -20.96 49.25 25.04
C TYR M 46 -20.40 49.86 23.76
N ARG M 47 -21.10 50.83 23.18
CA ARG M 47 -20.55 51.49 21.99
C ARG M 47 -19.26 52.23 22.32
N ASP M 48 -19.25 52.97 23.44
CA ASP M 48 -18.04 53.67 23.85
C ASP M 48 -16.91 52.68 24.15
N GLN M 49 -17.23 51.58 24.83
CA GLN M 49 -16.22 50.58 25.13
C GLN M 49 -15.64 49.99 23.86
N LEU M 50 -16.49 49.66 22.89
CA LEU M 50 -16.00 49.11 21.63
C LEU M 50 -15.13 50.11 20.90
N ARG M 51 -15.54 51.38 20.87
CA ARG M 51 -14.71 52.38 20.21
C ARG M 51 -13.35 52.50 20.88
N ASN M 52 -13.33 52.52 22.21
CA ASN M 52 -12.05 52.59 22.92
C ASN M 52 -11.19 51.37 22.64
N ASN M 53 -11.80 50.19 22.62
CA ASN M 53 -11.04 48.96 22.36
C ASN M 53 -10.43 48.99 20.97
N ILE M 54 -11.20 49.44 19.98
CA ILE M 54 -10.66 49.55 18.63
C ILE M 54 -9.54 50.60 18.58
N LEU M 55 -9.68 51.66 19.37
CA LEU M 55 -8.63 52.67 19.42
C LEU M 55 -7.32 52.09 19.95
N VAL M 56 -7.41 51.24 20.98
CA VAL M 56 -6.23 50.61 21.57
C VAL M 56 -5.96 49.24 20.99
N LYS M 57 -6.64 48.87 19.91
CA LYS M 57 -6.45 47.59 19.22
C LYS M 57 -6.69 46.41 20.16
N ASN M 58 -7.73 46.52 20.99
CA ASN M 58 -8.04 45.43 21.92
C ASN M 58 -8.74 44.28 21.22
N TYR M 59 -9.61 44.57 20.24
CA TYR M 59 -10.26 43.56 19.42
C TYR M 59 -11.00 42.52 20.27
N SER M 60 -11.64 42.98 21.34
CA SER M 60 -12.50 42.14 22.15
C SER M 60 -13.45 43.03 22.92
N LEU M 61 -14.55 42.44 23.37
CA LEU M 61 -15.60 43.19 24.06
C LEU M 61 -16.00 42.45 25.32
N THR M 62 -16.08 43.18 26.43
CA THR M 62 -16.55 42.64 27.70
C THR M 62 -18.03 42.97 27.87
N VAL M 63 -18.83 41.96 28.19
CA VAL M 63 -20.27 42.09 28.26
C VAL M 63 -20.75 41.53 29.58
N ASN M 64 -21.55 42.30 30.31
CA ASN M 64 -22.23 41.79 31.49
C ASN M 64 -23.48 41.04 31.05
N MET M 65 -23.64 39.82 31.56
CA MET M 65 -24.77 39.00 31.12
C MET M 65 -26.09 39.54 31.65
N GLU M 66 -26.11 40.04 32.90
CA GLU M 66 -27.34 40.56 33.47
C GLU M 66 -27.93 41.70 32.64
N HIS M 67 -27.07 42.50 32.01
CA HIS M 67 -27.56 43.47 31.05
C HIS M 67 -28.23 42.78 29.87
N LEU M 68 -27.75 41.60 29.50
CA LEU M 68 -28.38 40.86 28.41
C LEU M 68 -29.74 40.31 28.82
N ILE M 69 -29.90 39.91 30.08
CA ILE M 69 -31.24 39.58 30.57
C ILE M 69 -32.14 40.80 30.48
N GLY M 70 -31.66 41.93 30.98
CA GLY M 70 -32.49 43.12 31.02
C GLY M 70 -32.95 43.57 29.65
N TYR M 71 -32.02 43.59 28.69
CA TYR M 71 -32.36 44.05 27.34
C TYR M 71 -33.31 43.08 26.65
N ASN M 72 -32.97 41.79 26.63
CA ASN M 72 -33.69 40.84 25.79
C ASN M 72 -33.53 39.46 26.40
N GLU M 73 -34.59 38.96 27.04
CA GLU M 73 -34.46 37.76 27.86
C GLU M 73 -34.35 36.49 27.02
N ASP M 74 -35.08 36.42 25.91
CA ASP M 74 -35.10 35.19 25.13
C ASP M 74 -33.72 34.88 24.54
N ILE M 75 -33.02 35.90 24.05
CA ILE M 75 -31.70 35.64 23.49
C ILE M 75 -30.72 35.22 24.58
N TYR M 76 -30.87 35.78 25.79
CA TYR M 76 -30.04 35.33 26.90
C TYR M 76 -30.33 33.89 27.26
N LYS M 77 -31.60 33.50 27.25
CA LYS M 77 -31.95 32.10 27.52
C LYS M 77 -31.34 31.18 26.48
N LYS M 78 -31.41 31.57 25.20
CA LYS M 78 -30.83 30.76 24.15
C LYS M 78 -29.31 30.65 24.31
N LEU M 79 -28.67 31.77 24.67
CA LEU M 79 -27.22 31.76 24.89
C LEU M 79 -26.85 30.83 26.03
N SER M 80 -27.57 30.91 27.15
CA SER M 80 -27.24 30.09 28.31
C SER M 80 -27.50 28.62 28.03
N ASP M 81 -28.58 28.30 27.33
CA ASP M 81 -28.95 26.91 27.13
C ASP M 81 -27.94 26.17 26.28
N GLU M 82 -27.44 26.80 25.21
CA GLU M 82 -26.47 26.17 24.31
C GLU M 82 -25.59 27.25 23.71
N PRO M 83 -24.58 27.70 24.47
CA PRO M 83 -23.72 28.78 23.96
C PRO M 83 -22.82 28.36 22.83
N SER M 84 -22.61 27.05 22.63
CA SER M 84 -21.65 26.57 21.66
C SER M 84 -21.97 27.03 20.24
N ASP M 85 -23.23 27.41 19.98
CA ASP M 85 -23.62 27.93 18.67
C ASP M 85 -23.94 29.41 18.71
N ILE M 86 -24.44 29.91 19.83
CA ILE M 86 -24.80 31.33 19.92
C ILE M 86 -23.55 32.20 19.93
N ILE M 87 -22.52 31.78 20.67
CA ILE M 87 -21.37 32.66 20.90
C ILE M 87 -20.69 33.08 19.61
N PRO M 88 -20.42 32.19 18.64
CA PRO M 88 -19.83 32.66 17.37
C PRO M 88 -20.68 33.71 16.68
N LEU M 89 -22.00 33.62 16.77
CA LEU M 89 -22.85 34.62 16.15
C LEU M 89 -22.62 35.99 16.79
N PHE M 90 -22.52 36.03 18.11
CA PHE M 90 -22.34 37.31 18.80
C PHE M 90 -20.95 37.86 18.51
N GLU M 91 -19.96 36.96 18.39
CA GLU M 91 -18.62 37.38 18.00
C GLU M 91 -18.62 38.02 16.61
N THR M 92 -19.30 37.39 15.66
CA THR M 92 -19.36 37.97 14.31
C THR M 92 -20.14 39.28 14.30
N ALA M 93 -21.18 39.39 15.13
CA ALA M 93 -21.90 40.65 15.24
C ALA M 93 -20.98 41.76 15.73
N ILE M 94 -20.21 41.47 16.79
CA ILE M 94 -19.25 42.44 17.27
C ILE M 94 -18.23 42.77 16.19
N THR M 95 -17.83 41.76 15.41
CA THR M 95 -16.86 41.99 14.35
C THR M 95 -17.39 42.96 13.32
N GLN M 96 -18.64 42.76 12.88
CA GLN M 96 -19.22 43.66 11.89
C GLN M 96 -19.35 45.07 12.44
N VAL M 97 -19.85 45.18 13.67
CA VAL M 97 -20.05 46.51 14.25
C VAL M 97 -18.72 47.23 14.42
N ALA M 98 -17.69 46.50 14.87
CA ALA M 98 -16.37 47.09 15.04
C ALA M 98 -15.77 47.50 13.71
N LYS M 99 -15.96 46.70 12.67
CA LYS M 99 -15.47 47.06 11.35
C LYS M 99 -16.11 48.36 10.89
N ARG M 100 -17.43 48.45 11.05
CA ARG M 100 -18.14 49.68 10.70
C ARG M 100 -17.58 50.87 11.48
N ILE M 101 -17.43 50.70 12.80
CA ILE M 101 -16.97 51.82 13.63
C ILE M 101 -15.57 52.26 13.22
N SER M 102 -14.70 51.30 12.91
CA SER M 102 -13.34 51.63 12.52
C SER M 102 -13.31 52.40 11.21
N ILE M 103 -13.99 51.88 10.18
CA ILE M 103 -13.93 52.51 8.87
C ILE M 103 -14.78 53.77 8.78
N LEU M 104 -15.59 54.06 9.80
CA LEU M 104 -16.13 55.41 9.94
C LEU M 104 -15.19 56.34 10.70
N SER M 105 -14.62 55.87 11.81
CA SER M 105 -13.81 56.73 12.66
C SER M 105 -12.47 57.09 12.06
N ARG M 106 -11.99 56.33 11.07
CA ARG M 106 -10.73 56.68 10.44
C ARG M 106 -10.83 58.05 9.76
N ALA M 107 -11.92 58.30 9.07
CA ALA M 107 -12.17 59.62 8.50
C ALA M 107 -12.84 60.51 9.54
N GLN M 108 -12.34 61.74 9.68
CA GLN M 108 -12.86 62.67 10.67
C GLN M 108 -13.93 63.58 10.06
N SER M 131 -6.02 44.50 8.58
CA SER M 131 -7.34 43.88 8.71
C SER M 131 -7.76 43.80 10.16
N LEU M 132 -8.99 43.34 10.38
CA LEU M 132 -9.55 43.21 11.72
C LEU M 132 -9.82 41.75 12.03
N PRO M 133 -9.37 41.25 13.17
CA PRO M 133 -9.58 39.84 13.49
C PRO M 133 -10.99 39.58 13.99
N THR M 134 -11.32 38.31 14.14
CA THR M 134 -12.57 37.92 14.75
C THR M 134 -12.57 38.35 16.21
N PHE M 135 -13.51 39.21 16.58
CA PHE M 135 -13.54 39.73 17.94
C PHE M 135 -13.95 38.64 18.92
N GLN M 136 -13.49 38.80 20.16
CA GLN M 136 -13.70 37.81 21.20
C GLN M 136 -14.72 38.32 22.21
N LEU M 137 -15.57 37.41 22.69
CA LEU M 137 -16.56 37.74 23.70
C LEU M 137 -16.02 37.40 25.08
N ILE M 138 -16.13 38.34 26.00
CA ILE M 138 -15.79 38.14 27.41
C ILE M 138 -17.06 38.40 28.22
N LEU M 139 -17.48 37.40 28.97
CA LEU M 139 -18.72 37.46 29.73
C LEU M 139 -18.43 37.60 31.22
N ASN M 140 -19.19 38.47 31.88
CA ASN M 140 -19.15 38.62 33.32
C ASN M 140 -20.55 38.44 33.88
N SER M 141 -20.64 37.70 34.98
CA SER M 141 -21.92 37.43 35.63
C SER M 141 -21.77 37.57 37.13
N ASN M 142 -22.83 38.01 37.78
CA ASN M 142 -22.87 38.13 39.23
C ASN M 142 -23.97 37.26 39.81
N ALA M 143 -24.33 36.18 39.11
CA ALA M 143 -25.35 35.26 39.57
C ALA M 143 -24.76 34.36 40.65
N ASN M 144 -25.53 33.35 41.05
CA ASN M 144 -25.04 32.39 42.03
C ASN M 144 -23.87 31.60 41.46
N GLN M 145 -22.96 31.22 42.35
CA GLN M 145 -21.80 30.42 41.99
C GLN M 145 -22.08 28.96 42.33
N ILE M 146 -22.15 28.12 41.31
CA ILE M 146 -22.31 26.69 41.56
C ILE M 146 -21.04 26.18 42.23
N PRO M 147 -21.14 25.50 43.38
CA PRO M 147 -19.93 24.96 44.02
C PRO M 147 -19.24 23.95 43.11
N LEU M 148 -17.90 23.94 43.18
CA LEU M 148 -17.14 23.06 42.30
C LEU M 148 -17.49 21.61 42.52
N ARG M 149 -17.87 21.23 43.73
CA ARG M 149 -18.31 19.87 43.98
C ARG M 149 -19.72 19.61 43.47
N ASP M 150 -20.49 20.67 43.23
CA ASP M 150 -21.87 20.52 42.77
C ASP M 150 -21.98 20.42 41.26
N LEU M 151 -20.88 20.50 40.52
CA LEU M 151 -20.95 20.38 39.07
C LEU M 151 -21.58 19.04 38.69
N ASP M 152 -22.52 19.10 37.76
CA ASP M 152 -23.37 17.96 37.43
C ASP M 152 -23.40 17.77 35.92
N SER M 153 -23.75 16.55 35.52
CA SER M 153 -23.87 16.25 34.09
C SER M 153 -24.93 17.10 33.42
N GLU M 154 -25.91 17.60 34.19
CA GLU M 154 -26.91 18.49 33.62
C GLU M 154 -26.32 19.82 33.17
N HIS M 155 -25.13 20.17 33.67
CA HIS M 155 -24.49 21.42 33.32
C HIS M 155 -23.62 21.33 32.07
N VAL M 156 -23.56 20.16 31.43
CA VAL M 156 -22.68 19.99 30.28
C VAL M 156 -23.11 20.92 29.16
N SER M 157 -22.13 21.61 28.57
CA SER M 157 -22.36 22.53 27.46
C SER M 157 -23.28 23.68 27.82
N LYS M 158 -23.29 24.07 29.10
CA LYS M 158 -24.05 25.20 29.56
C LYS M 158 -23.13 26.17 30.29
N ILE M 159 -23.42 27.46 30.19
CA ILE M 159 -22.60 28.44 30.87
C ILE M 159 -22.81 28.30 32.38
N VAL M 160 -21.72 28.16 33.12
CA VAL M 160 -21.76 27.88 34.55
C VAL M 160 -20.97 28.94 35.27
N ARG M 161 -21.52 29.44 36.38
CA ARG M 161 -20.85 30.40 37.24
C ARG M 161 -20.30 29.66 38.45
N LEU M 162 -19.01 29.81 38.72
CA LEU M 162 -18.38 29.12 39.83
C LEU M 162 -17.12 29.85 40.24
N SER M 163 -16.62 29.50 41.43
CA SER M 163 -15.48 30.16 42.03
C SER M 163 -14.49 29.13 42.55
N GLY M 164 -13.26 29.58 42.74
CA GLY M 164 -12.21 28.70 43.22
C GLY M 164 -10.91 29.45 43.36
N ILE M 165 -9.82 28.70 43.33
CA ILE M 165 -8.48 29.26 43.42
C ILE M 165 -7.64 28.72 42.28
N ILE M 166 -6.87 29.59 41.65
CA ILE M 166 -5.97 29.20 40.57
C ILE M 166 -4.67 28.72 41.20
N ILE M 167 -4.30 27.47 40.91
CA ILE M 167 -3.09 26.88 41.50
C ILE M 167 -2.02 26.60 40.47
N SER M 168 -2.30 26.71 39.18
CA SER M 168 -1.29 26.45 38.17
C SER M 168 -1.72 27.07 36.85
N THR M 169 -0.80 27.76 36.20
CA THR M 169 -1.01 28.36 34.89
C THR M 169 0.02 27.81 33.93
N SER M 170 -0.43 27.01 32.96
CA SER M 170 0.49 26.39 32.04
C SER M 170 1.07 27.43 31.09
N VAL M 171 2.06 27.01 30.33
CA VAL M 171 2.74 27.90 29.39
C VAL M 171 1.82 28.19 28.21
N LEU M 172 1.97 29.36 27.62
CA LEU M 172 1.21 29.71 26.43
C LEU M 172 1.52 28.74 25.31
N SER M 173 0.48 28.23 24.65
CA SER M 173 0.62 27.36 23.50
C SER M 173 -0.07 28.03 22.32
N SER M 174 0.64 28.16 21.20
CA SER M 174 0.10 28.84 20.04
C SER M 174 -0.79 27.90 19.23
N ARG M 175 -1.97 28.39 18.89
CA ARG M 175 -2.92 27.62 18.10
C ARG M 175 -3.13 28.30 16.76
N ALA M 176 -3.87 27.63 15.88
CA ALA M 176 -4.08 28.11 14.52
C ALA M 176 -5.48 28.70 14.39
N THR M 177 -5.56 29.93 13.89
CA THR M 177 -6.83 30.54 13.55
C THR M 177 -7.02 30.75 12.06
N TYR M 178 -5.94 30.82 11.30
CA TYR M 178 -6.00 30.90 9.85
C TYR M 178 -4.66 30.48 9.30
N LEU M 179 -4.63 29.44 8.48
CA LEU M 179 -3.37 28.90 8.00
C LEU M 179 -3.49 28.54 6.53
N SER M 180 -2.39 28.74 5.80
CA SER M 180 -2.35 28.49 4.37
C SER M 180 -1.65 27.16 4.12
N ILE M 181 -2.24 26.33 3.27
CA ILE M 181 -1.74 24.99 3.00
C ILE M 181 -1.45 24.86 1.51
N MET M 182 -0.77 23.78 1.16
CA MET M 182 -0.33 23.52 -0.20
C MET M 182 -0.36 22.03 -0.47
N CYS M 183 -0.77 21.65 -1.68
CA CYS M 183 -0.58 20.29 -2.13
C CYS M 183 0.87 20.04 -2.50
N ARG M 184 1.42 18.92 -2.06
CA ARG M 184 2.77 18.56 -2.48
C ARG M 184 2.82 18.22 -3.95
N ASN M 185 1.71 17.76 -4.52
CA ASN M 185 1.62 17.40 -5.92
C ASN M 185 0.99 18.50 -6.77
N CYS M 186 -0.21 18.95 -6.40
CA CYS M 186 -0.92 19.93 -7.22
C CYS M 186 -0.35 21.33 -7.08
N ARG M 187 0.42 21.61 -6.02
CA ARG M 187 0.84 22.96 -5.70
C ARG M 187 -0.36 23.89 -5.62
N HIS M 188 -1.43 23.38 -5.05
CA HIS M 188 -2.72 24.06 -4.99
C HIS M 188 -2.83 24.74 -3.62
N THR M 189 -2.80 26.07 -3.62
CA THR M 189 -2.91 26.82 -2.38
C THR M 189 -4.34 26.78 -1.85
N THR M 190 -4.47 26.94 -0.54
CA THR M 190 -5.77 26.89 0.12
C THR M 190 -5.63 27.68 1.43
N SER M 191 -6.76 27.95 2.08
CA SER M 191 -6.73 28.74 3.31
C SER M 191 -7.87 28.25 4.21
N ILE M 192 -7.51 27.49 5.23
CA ILE M 192 -8.48 26.98 6.21
C ILE M 192 -8.62 28.00 7.34
N THR M 193 -9.84 28.16 7.84
CA THR M 193 -10.13 29.03 8.97
C THR M 193 -10.74 28.20 10.08
N ILE M 194 -10.25 28.40 11.31
CA ILE M 194 -10.68 27.58 12.44
C ILE M 194 -11.26 28.51 13.50
N ASN M 195 -11.89 29.60 13.05
CA ASN M 195 -12.41 30.58 14.00
C ASN M 195 -13.46 30.00 14.93
N ASN M 196 -14.21 29.00 14.47
CA ASN M 196 -15.29 28.42 15.25
C ASN M 196 -14.72 27.58 16.38
N PHE M 197 -14.56 28.19 17.55
CA PHE M 197 -14.11 27.50 18.77
C PHE M 197 -12.82 26.72 18.53
N ASN M 198 -11.76 27.48 18.24
CA ASN M 198 -10.42 26.91 18.28
C ASN M 198 -9.95 26.88 19.74
N SER M 199 -10.77 26.29 20.61
CA SER M 199 -10.51 26.31 22.04
C SER M 199 -10.70 24.95 22.71
N ILE M 200 -11.23 23.94 22.02
CA ILE M 200 -11.26 22.60 22.60
C ILE M 200 -9.82 22.12 22.78
N THR M 201 -9.62 21.26 23.78
CA THR M 201 -8.30 20.70 24.01
C THR M 201 -7.78 19.99 22.76
N GLY M 202 -8.62 19.16 22.14
CA GLY M 202 -8.25 18.50 20.92
C GLY M 202 -8.40 19.38 19.70
N ASN M 203 -7.59 19.09 18.69
CA ASN M 203 -7.64 19.84 17.43
C ASN M 203 -8.71 19.22 16.54
N THR M 204 -9.76 19.98 16.26
CA THR M 204 -10.97 19.45 15.64
C THR M 204 -10.93 19.56 14.11
N VAL M 205 -10.95 20.78 13.59
CA VAL M 205 -11.03 20.97 12.14
C VAL M 205 -9.66 20.67 11.55
N SER M 206 -9.48 19.43 11.09
CA SER M 206 -8.18 18.91 10.72
C SER M 206 -7.88 19.16 9.24
N LEU M 207 -6.67 18.84 8.84
CA LEU M 207 -6.27 19.02 7.45
C LEU M 207 -6.98 18.01 6.55
N PRO M 208 -7.37 18.41 5.34
CA PRO M 208 -7.98 17.44 4.42
C PRO M 208 -6.97 16.40 3.97
N ARG M 209 -7.47 15.21 3.66
CA ARG M 209 -6.66 14.12 3.15
C ARG M 209 -6.69 14.01 1.63
N SER M 210 -7.38 14.92 0.95
CA SER M 210 -7.44 14.92 -0.50
C SER M 210 -7.55 16.34 -1.00
N CYS M 211 -7.16 16.55 -2.25
CA CYS M 211 -7.29 17.86 -2.87
C CYS M 211 -8.74 18.32 -2.83
N LEU M 212 -8.92 19.63 -2.93
CA LEU M 212 -10.25 20.22 -2.75
C LEU M 212 -11.24 19.65 -3.75
N SER M 213 -12.41 19.25 -3.25
CA SER M 213 -13.50 18.67 -4.04
C SER M 213 -13.11 17.33 -4.65
N THR M 214 -11.90 16.85 -4.36
CA THR M 214 -11.40 15.57 -4.85
C THR M 214 -11.55 15.40 -6.36
N ASN M 235 -5.36 10.25 -8.38
CA ASN M 235 -5.95 11.20 -7.47
C ASN M 235 -4.87 12.03 -6.78
N CYS M 236 -5.29 12.88 -5.85
CA CYS M 236 -4.36 13.77 -5.17
C CYS M 236 -3.34 12.99 -4.34
N GLY M 237 -3.80 11.95 -3.65
CA GLY M 237 -2.95 11.20 -2.76
C GLY M 237 -3.19 11.60 -1.32
N PRO M 238 -3.30 10.62 -0.42
CA PRO M 238 -3.64 10.92 0.97
C PRO M 238 -2.60 11.80 1.64
N ASP M 239 -3.09 12.67 2.52
CA ASP M 239 -2.25 13.59 3.29
C ASP M 239 -1.23 14.35 2.44
N PRO M 240 -1.69 15.12 1.45
CA PRO M 240 -0.76 15.88 0.60
C PRO M 240 -0.56 17.33 1.03
N TYR M 241 -1.07 17.73 2.19
CA TYR M 241 -1.13 19.12 2.58
C TYR M 241 -0.01 19.45 3.56
N ILE M 242 0.69 20.55 3.30
CA ILE M 242 1.73 21.06 4.18
C ILE M 242 1.37 22.48 4.56
N ILE M 243 1.60 22.83 5.81
CA ILE M 243 1.23 24.16 6.31
C ILE M 243 2.31 25.16 5.95
N ILE M 244 1.92 26.23 5.26
CA ILE M 244 2.84 27.33 4.96
C ILE M 244 2.88 28.21 6.20
N HIS M 245 3.98 28.12 6.95
CA HIS M 245 4.03 28.76 8.26
C HIS M 245 4.21 30.26 8.18
N GLU M 246 4.94 30.75 7.18
CA GLU M 246 5.17 32.19 7.09
C GLU M 246 3.93 32.96 6.68
N SER M 247 2.86 32.27 6.27
CA SER M 247 1.63 32.93 5.89
C SER M 247 0.49 32.69 6.86
N SER M 248 0.60 31.70 7.73
CA SER M 248 -0.47 31.42 8.67
C SER M 248 -0.55 32.49 9.73
N LYS M 249 -1.68 32.52 10.45
CA LYS M 249 -1.89 33.43 11.56
C LYS M 249 -2.30 32.63 12.77
N PHE M 250 -1.72 32.96 13.93
CA PHE M 250 -1.87 32.14 15.11
C PHE M 250 -2.41 32.95 16.28
N ILE M 251 -3.02 32.24 17.22
CA ILE M 251 -3.44 32.78 18.49
C ILE M 251 -2.94 31.84 19.58
N ASP M 252 -2.89 32.34 20.81
CA ASP M 252 -2.30 31.61 21.92
C ASP M 252 -3.36 31.03 22.84
N GLN M 253 -3.02 29.91 23.47
CA GLN M 253 -3.88 29.23 24.41
C GLN M 253 -3.11 28.92 25.68
N GLN M 254 -3.76 29.09 26.82
CA GLN M 254 -3.15 28.85 28.12
C GLN M 254 -4.08 27.99 28.95
N PHE M 255 -3.52 26.98 29.60
CA PHE M 255 -4.28 26.05 30.42
C PHE M 255 -4.14 26.44 31.89
N LEU M 256 -5.27 26.62 32.55
CA LEU M 256 -5.31 26.86 33.99
C LEU M 256 -5.94 25.67 34.70
N LYS M 257 -5.59 25.50 35.96
CA LYS M 257 -6.19 24.46 36.79
C LYS M 257 -6.78 25.09 38.03
N LEU M 258 -8.06 24.86 38.26
CA LEU M 258 -8.78 25.44 39.38
C LEU M 258 -8.98 24.39 40.45
N GLN M 259 -8.88 24.81 41.71
CA GLN M 259 -9.10 23.94 42.85
C GLN M 259 -10.08 24.61 43.79
N GLU M 260 -10.92 23.79 44.44
CA GLU M 260 -11.83 24.29 45.45
C GLU M 260 -11.07 25.04 46.53
N ILE M 261 -11.73 26.00 47.15
CA ILE M 261 -11.09 26.76 48.22
C ILE M 261 -10.64 25.77 49.30
N PRO M 262 -9.37 25.80 49.72
CA PRO M 262 -8.86 24.72 50.57
C PRO M 262 -9.59 24.57 51.89
N GLU M 263 -10.15 25.64 52.45
CA GLU M 263 -10.87 25.50 53.71
C GLU M 263 -12.25 24.88 53.53
N LEU M 264 -12.87 25.07 52.37
CA LEU M 264 -14.23 24.59 52.13
C LEU M 264 -14.19 23.22 51.45
N VAL M 265 -13.54 22.26 52.10
CA VAL M 265 -13.38 20.93 51.54
C VAL M 265 -13.72 19.90 52.61
N PRO M 266 -14.17 18.71 52.23
CA PRO M 266 -14.27 17.62 53.21
C PRO M 266 -12.96 17.44 53.98
N VAL M 267 -13.08 16.93 55.20
CA VAL M 267 -12.00 17.04 56.19
C VAL M 267 -10.77 16.26 55.73
N GLY M 268 -10.95 15.00 55.35
CA GLY M 268 -9.80 14.18 55.02
C GLY M 268 -9.75 13.80 53.56
N GLU M 269 -10.23 14.69 52.70
CA GLU M 269 -10.37 14.42 51.27
C GLU M 269 -9.57 15.43 50.47
N MET M 270 -8.89 14.94 49.45
CA MET M 270 -8.10 15.81 48.60
C MET M 270 -9.02 16.78 47.87
N PRO M 271 -8.71 18.07 47.85
CA PRO M 271 -9.60 19.04 47.19
C PRO M 271 -9.75 18.72 45.71
N ARG M 272 -10.98 18.87 45.21
CA ARG M 272 -11.26 18.53 43.83
C ARG M 272 -10.81 19.67 42.91
N ASN M 273 -9.96 19.34 41.95
CA ASN M 273 -9.42 20.30 41.01
C ASN M 273 -9.93 19.99 39.61
N LEU M 274 -10.09 21.02 38.80
CA LEU M 274 -10.73 20.90 37.50
C LEU M 274 -9.90 21.63 36.46
N THR M 275 -9.57 20.96 35.37
CA THR M 275 -8.73 21.55 34.34
C THR M 275 -9.51 22.53 33.50
N MET M 276 -8.88 23.66 33.18
CA MET M 276 -9.58 24.75 32.52
C MET M 276 -8.72 25.30 31.39
N THR M 277 -9.37 25.92 30.41
CA THR M 277 -8.67 26.42 29.24
C THR M 277 -9.21 27.79 28.86
N CYS M 278 -8.30 28.66 28.43
CA CYS M 278 -8.61 30.01 27.98
C CYS M 278 -7.78 30.33 26.74
N ASP M 279 -8.12 31.41 26.07
CA ASP M 279 -7.42 31.76 24.84
C ASP M 279 -7.57 33.25 24.57
N ARG M 280 -6.75 33.73 23.64
CA ARG M 280 -6.76 35.11 23.14
C ARG M 280 -6.53 36.05 24.32
N TYR M 281 -7.36 37.05 24.54
CA TYR M 281 -7.04 38.11 25.50
C TYR M 281 -7.25 37.70 26.95
N LEU M 282 -7.84 36.53 27.19
CA LEU M 282 -7.98 36.03 28.55
C LEU M 282 -6.74 35.31 29.04
N THR M 283 -5.77 35.03 28.16
CA THR M 283 -4.51 34.46 28.59
C THR M 283 -3.70 35.49 29.37
N ASN M 284 -2.88 34.98 30.30
CA ASN M 284 -2.01 35.82 31.12
C ASN M 284 -2.81 36.87 31.89
N LYS M 285 -3.98 36.47 32.38
CA LYS M 285 -4.81 37.37 33.17
C LYS M 285 -4.78 37.05 34.65
N VAL M 286 -4.36 35.84 35.04
CA VAL M 286 -4.29 35.45 36.43
C VAL M 286 -2.91 34.88 36.73
N ILE M 287 -2.61 34.79 38.02
CA ILE M 287 -1.39 34.14 38.49
C ILE M 287 -1.81 33.10 39.51
N PRO M 288 -1.01 32.05 39.71
CA PRO M 288 -1.39 31.01 40.67
C PRO M 288 -1.58 31.58 42.06
N GLY M 289 -2.54 31.01 42.79
CA GLY M 289 -2.88 31.47 44.11
C GLY M 289 -3.99 32.50 44.16
N THR M 290 -4.37 33.07 43.03
CA THR M 290 -5.43 34.06 43.01
C THR M 290 -6.78 33.38 43.20
N ARG M 291 -7.69 34.07 43.90
CA ARG M 291 -9.04 33.61 44.10
C ARG M 291 -9.94 34.27 43.05
N VAL M 292 -10.54 33.46 42.18
CA VAL M 292 -11.25 33.98 41.03
C VAL M 292 -12.66 33.40 40.96
N THR M 293 -13.50 34.10 40.22
CA THR M 293 -14.83 33.62 39.84
C THR M 293 -14.84 33.46 38.32
N ILE M 294 -15.40 32.35 37.86
CA ILE M 294 -15.26 31.91 36.47
C ILE M 294 -16.63 31.89 35.80
N VAL M 295 -16.70 32.47 34.61
CA VAL M 295 -17.82 32.28 33.71
C VAL M 295 -17.31 31.52 32.49
N GLY M 296 -17.84 30.33 32.27
CA GLY M 296 -17.37 29.54 31.14
C GLY M 296 -18.28 28.36 30.89
N ILE M 297 -17.97 27.64 29.81
CA ILE M 297 -18.79 26.53 29.35
C ILE M 297 -18.25 25.24 29.94
N TYR M 298 -19.03 24.62 30.82
CA TYR M 298 -18.71 23.28 31.27
C TYR M 298 -18.73 22.34 30.07
N SER M 299 -17.69 21.54 29.94
CA SER M 299 -17.49 20.76 28.72
C SER M 299 -17.02 19.36 29.08
N ILE M 300 -16.77 18.56 28.04
CA ILE M 300 -16.39 17.16 28.18
C ILE M 300 -15.25 16.86 27.21
N TYR M 301 -14.21 16.20 27.71
CA TYR M 301 -13.07 15.81 26.90
C TYR M 301 -12.80 14.32 27.08
N ASN M 302 -12.65 13.61 25.96
CA ASN M 302 -12.28 12.20 26.00
C ASN M 302 -10.76 12.08 26.09
N SER M 303 -10.30 11.28 27.04
CA SER M 303 -8.86 11.14 27.32
C SER M 303 -8.05 10.83 26.06
N ALA M 322 -15.60 4.48 28.46
CA ALA M 322 -16.95 4.98 28.66
C ALA M 322 -16.93 6.32 29.40
N ILE M 323 -15.97 6.48 30.30
CA ILE M 323 -15.88 7.67 31.14
C ILE M 323 -15.30 8.82 30.34
N ARG M 324 -15.54 10.04 30.80
CA ARG M 324 -15.07 11.26 30.15
C ARG M 324 -14.50 12.22 31.17
N THR M 325 -13.64 13.12 30.70
CA THR M 325 -12.96 14.08 31.57
C THR M 325 -13.61 15.44 31.46
N PRO M 326 -14.16 15.98 32.54
CA PRO M 326 -14.78 17.31 32.47
C PRO M 326 -13.75 18.43 32.52
N TYR M 327 -14.06 19.51 31.82
CA TYR M 327 -13.21 20.70 31.79
C TYR M 327 -14.07 21.88 31.38
N ILE M 328 -13.56 23.09 31.61
CA ILE M 328 -14.31 24.32 31.37
C ILE M 328 -13.55 25.19 30.38
N LYS M 329 -14.21 25.51 29.27
CA LYS M 329 -13.76 26.62 28.44
C LYS M 329 -14.00 27.92 29.18
N ILE M 330 -13.04 28.83 29.13
CA ILE M 330 -13.14 30.12 29.80
C ILE M 330 -13.80 31.12 28.87
N LEU M 331 -14.83 31.79 29.37
CA LEU M 331 -15.43 32.93 28.70
C LEU M 331 -15.12 34.25 29.39
N GLY M 332 -14.99 34.25 30.71
CA GLY M 332 -14.64 35.45 31.43
C GLY M 332 -14.08 35.15 32.81
N ILE M 333 -13.06 35.89 33.21
CA ILE M 333 -12.39 35.69 34.48
C ILE M 333 -12.68 36.90 35.37
N GLN M 334 -13.52 36.70 36.38
CA GLN M 334 -13.80 37.75 37.36
C GLN M 334 -12.76 37.64 38.48
N SER M 335 -11.59 38.20 38.22
CA SER M 335 -10.51 38.14 39.17
C SER M 335 -10.80 39.04 40.35
N ASP M 336 -10.85 38.46 41.54
CA ASP M 336 -11.14 39.22 42.75
C ASP M 336 -9.95 40.11 43.10
N VAL M 337 -10.11 40.87 44.18
CA VAL M 337 -8.99 41.64 44.71
C VAL M 337 -8.01 40.67 45.37
N GLU M 338 -6.75 40.75 44.95
CA GLU M 338 -5.72 39.82 45.40
C GLU M 338 -4.56 40.61 46.00
N THR M 339 -3.46 39.91 46.28
CA THR M 339 -2.29 40.54 46.87
C THR M 339 -1.76 41.63 45.95
N SER M 340 -1.46 42.79 46.52
CA SER M 340 -0.88 43.89 45.77
C SER M 340 0.63 43.75 45.74
N SER M 341 1.19 43.49 44.56
CA SER M 341 2.61 43.29 44.37
C SER M 341 3.21 44.55 43.77
N ILE M 342 4.51 44.47 43.46
CA ILE M 342 5.19 45.59 42.81
C ILE M 342 4.59 45.85 41.43
N TRP M 343 4.32 44.79 40.67
CA TRP M 343 3.68 44.95 39.37
C TRP M 343 2.18 45.22 39.52
N ASN M 344 1.53 44.57 40.48
CA ASN M 344 0.08 44.68 40.66
C ASN M 344 -0.21 45.97 41.41
N SER M 345 -0.23 47.07 40.65
CA SER M 345 -0.56 48.38 41.20
C SER M 345 -1.12 49.24 40.08
N VAL M 346 -1.99 50.18 40.46
CA VAL M 346 -2.64 51.02 39.46
C VAL M 346 -1.65 51.97 38.81
N THR M 347 -0.84 52.66 39.61
CA THR M 347 0.18 53.60 39.14
C THR M 347 -0.43 54.75 38.36
N MET M 348 -1.75 54.78 38.23
CA MET M 348 -2.44 55.78 37.42
C MET M 348 -3.59 56.35 38.23
N PHE M 349 -3.54 57.65 38.49
CA PHE M 349 -4.52 58.32 39.33
C PHE M 349 -5.46 59.15 38.48
N THR M 350 -6.76 58.99 38.70
CA THR M 350 -7.74 59.82 38.04
C THR M 350 -7.61 61.26 38.52
N GLU M 351 -8.15 62.18 37.73
CA GLU M 351 -7.94 63.60 38.00
C GLU M 351 -8.51 63.99 39.37
N GLU M 352 -9.79 63.66 39.60
CA GLU M 352 -10.45 64.07 40.84
C GLU M 352 -9.67 63.60 42.06
N GLU M 353 -9.12 62.38 42.00
CA GLU M 353 -8.26 61.91 43.07
C GLU M 353 -7.03 62.81 43.23
N GLU M 354 -6.45 63.25 42.11
CA GLU M 354 -5.27 64.09 42.18
C GLU M 354 -5.59 65.43 42.83
N GLU M 355 -6.71 66.07 42.45
CA GLU M 355 -7.04 67.33 43.09
C GLU M 355 -7.38 67.14 44.55
N GLU M 356 -8.03 66.03 44.91
CA GLU M 356 -8.33 65.78 46.31
C GLU M 356 -7.05 65.63 47.12
N PHE M 357 -6.07 64.89 46.59
CA PHE M 357 -4.78 64.79 47.26
C PHE M 357 -4.09 66.14 47.36
N LEU M 358 -4.20 66.96 46.30
CA LEU M 358 -3.61 68.29 46.35
C LEU M 358 -4.23 69.12 47.46
N GLN M 359 -5.55 69.04 47.62
CA GLN M 359 -6.21 69.74 48.71
C GLN M 359 -5.75 69.21 50.06
N LEU M 360 -5.62 67.89 50.19
CA LEU M 360 -5.20 67.32 51.47
C LEU M 360 -3.80 67.76 51.84
N SER M 361 -2.89 67.82 50.86
CA SER M 361 -1.50 68.16 51.15
C SER M 361 -1.38 69.57 51.74
N ARG M 362 -2.35 70.44 51.46
CA ARG M 362 -2.27 71.81 51.94
C ARG M 362 -2.87 72.00 53.33
N ASN M 363 -3.54 70.99 53.87
CA ASN M 363 -4.10 71.09 55.21
C ASN M 363 -2.98 71.27 56.23
N PRO M 364 -3.11 72.20 57.17
CA PRO M 364 -2.00 72.46 58.10
C PRO M 364 -1.80 71.37 59.13
N LYS M 365 -2.85 70.65 59.52
CA LYS M 365 -2.75 69.62 60.54
C LYS M 365 -2.69 68.22 59.97
N LEU M 366 -2.45 68.09 58.66
CA LEU M 366 -2.40 66.77 58.04
C LEU M 366 -1.38 65.87 58.71
N TYR M 367 -0.31 66.44 59.25
CA TYR M 367 0.63 65.65 60.04
C TYR M 367 -0.07 65.05 61.25
N GLU M 368 -0.87 65.85 61.95
CA GLU M 368 -1.62 65.34 63.09
C GLU M 368 -2.74 64.40 62.64
N ILE M 369 -3.36 64.69 61.50
CA ILE M 369 -4.43 63.82 61.01
C ILE M 369 -3.88 62.43 60.71
N LEU M 370 -2.74 62.37 60.01
CA LEU M 370 -2.12 61.08 59.74
C LEU M 370 -1.60 60.43 61.01
N THR M 371 -1.11 61.22 61.97
CA THR M 371 -0.82 60.66 63.28
C THR M 371 -2.08 60.08 63.92
N ASN M 372 -3.19 60.82 63.84
CA ASN M 372 -4.45 60.30 64.36
C ASN M 372 -4.99 59.17 63.50
N SER M 373 -4.70 59.19 62.20
CA SER M 373 -5.23 58.16 61.31
C SER M 373 -4.51 56.83 61.48
N ILE M 374 -3.24 56.86 61.85
CA ILE M 374 -2.47 55.64 62.05
C ILE M 374 -2.85 55.02 63.39
N ALA M 375 -3.41 53.82 63.35
CA ALA M 375 -3.83 53.08 64.53
C ALA M 375 -4.64 53.96 65.50
N PRO M 376 -5.75 54.54 65.04
CA PRO M 376 -6.57 55.35 65.96
C PRO M 376 -7.17 54.55 67.10
N SER M 377 -7.41 53.25 66.90
CA SER M 377 -7.89 52.41 67.99
C SER M 377 -6.79 52.20 69.03
N ILE M 378 -5.53 52.30 68.62
CA ILE M 378 -4.42 52.16 69.55
C ILE M 378 -4.22 53.47 70.31
N PHE M 379 -4.20 53.39 71.63
CA PHE M 379 -4.08 54.55 72.50
C PHE M 379 -2.62 54.80 72.84
N GLY M 380 -2.22 56.06 72.84
CA GLY M 380 -0.84 56.41 73.14
C GLY M 380 0.07 56.13 71.95
N ASN M 381 1.37 56.07 72.25
CA ASN M 381 2.40 55.82 71.25
C ASN M 381 2.31 56.85 70.13
N GLU M 382 2.40 58.11 70.52
CA GLU M 382 2.23 59.21 69.56
C GLU M 382 3.45 59.36 68.66
N ASP M 383 4.63 59.51 69.26
CA ASP M 383 5.84 59.63 68.45
C ASP M 383 6.09 58.36 67.66
N ILE M 384 5.68 57.20 68.17
CA ILE M 384 5.75 55.97 67.40
C ILE M 384 4.90 56.08 66.14
N LYS M 385 3.69 56.61 66.28
CA LYS M 385 2.83 56.78 65.11
C LYS M 385 3.43 57.78 64.12
N LYS M 386 4.04 58.85 64.64
CA LYS M 386 4.70 59.81 63.74
C LYS M 386 5.84 59.17 62.99
N ALA M 387 6.64 58.36 63.68
CA ALA M 387 7.73 57.64 63.01
C ALA M 387 7.19 56.65 61.99
N ILE M 388 6.06 56.02 62.29
CA ILE M 388 5.43 55.12 61.33
C ILE M 388 5.03 55.89 60.07
N VAL M 389 4.47 57.09 60.27
CA VAL M 389 4.09 57.92 59.12
C VAL M 389 5.33 58.27 58.29
N CYS M 390 6.41 58.65 58.97
CA CYS M 390 7.65 58.97 58.25
C CYS M 390 8.18 57.77 57.49
N LEU M 391 8.08 56.58 58.09
CA LEU M 391 8.46 55.35 57.41
C LEU M 391 7.61 55.12 56.17
N LEU M 392 6.30 55.32 56.30
CA LEU M 392 5.39 55.08 55.17
C LEU M 392 5.69 56.04 54.02
N MET M 393 5.96 57.31 54.33
CA MET M 393 6.41 58.23 53.30
C MET M 393 7.74 57.79 52.69
N GLY M 394 8.72 57.53 53.54
CA GLY M 394 10.06 57.22 53.07
C GLY M 394 10.80 58.46 52.60
N GLY M 395 12.12 58.36 52.66
CA GLY M 395 12.96 59.50 52.32
C GLY M 395 13.10 59.72 50.83
N SER M 396 14.29 60.07 50.38
CA SER M 396 14.58 60.30 48.97
C SER M 396 15.61 59.29 48.50
N LYS M 397 15.31 58.60 47.40
CA LYS M 397 16.21 57.63 46.81
C LYS M 397 17.11 58.34 45.81
N LYS M 398 18.42 58.21 45.99
CA LYS M 398 19.38 58.97 45.20
C LYS M 398 20.47 58.06 44.63
N ILE M 399 21.00 58.46 43.48
CA ILE M 399 22.02 57.71 42.76
C ILE M 399 23.14 58.66 42.41
N LEU M 400 24.29 58.49 43.04
CA LEU M 400 25.43 59.34 42.76
C LEU M 400 26.00 59.00 41.37
N PRO M 401 26.71 59.93 40.75
CA PRO M 401 27.24 59.66 39.40
C PRO M 401 28.15 58.45 39.34
N ASP M 402 28.97 58.24 40.37
CA ASP M 402 29.94 57.14 40.35
C ASP M 402 29.30 55.78 40.55
N GLY M 403 27.97 55.69 40.56
CA GLY M 403 27.27 54.45 40.78
C GLY M 403 26.84 54.22 42.21
N MET M 404 27.39 54.97 43.16
CA MET M 404 26.98 54.85 44.55
C MET M 404 25.50 55.16 44.70
N ARG M 405 24.82 54.34 45.50
CA ARG M 405 23.39 54.48 45.74
C ARG M 405 23.20 54.78 47.22
N LEU M 406 22.38 55.79 47.51
CA LEU M 406 22.11 56.18 48.88
C LEU M 406 20.73 55.68 49.30
N ARG M 407 20.62 55.30 50.57
CA ARG M 407 19.37 54.71 51.06
C ARG M 407 18.23 55.70 50.95
N GLY M 408 17.11 55.23 50.39
CA GLY M 408 15.93 56.06 50.25
C GLY M 408 14.76 55.50 51.02
N ASP M 409 15.05 54.68 52.02
CA ASP M 409 14.03 54.06 52.85
C ASP M 409 14.40 54.23 54.31
N ILE M 410 13.38 54.19 55.16
CA ILE M 410 13.55 54.37 56.60
C ILE M 410 13.05 53.13 57.30
N ASN M 411 13.93 52.46 58.03
CA ASN M 411 13.60 51.23 58.73
C ASN M 411 13.58 51.49 60.24
N VAL M 412 12.51 51.05 60.89
CA VAL M 412 12.22 51.40 62.27
C VAL M 412 12.09 50.12 63.10
N LEU M 413 12.66 50.14 64.29
CA LEU M 413 12.61 49.00 65.21
C LEU M 413 11.77 49.34 66.42
N LEU M 414 10.86 48.45 66.78
CA LEU M 414 10.10 48.54 68.02
C LEU M 414 10.61 47.47 68.95
N LEU M 415 10.90 47.85 70.20
CA LEU M 415 11.55 46.96 71.16
C LEU M 415 10.98 47.26 72.54
N GLY M 416 10.18 46.34 73.08
CA GLY M 416 9.58 46.59 74.37
C GLY M 416 8.92 45.36 74.94
N ASP M 417 8.32 45.55 76.13
CA ASP M 417 7.66 44.47 76.82
C ASP M 417 6.43 44.01 76.05
N PRO M 418 6.02 42.76 76.23
CA PRO M 418 4.86 42.25 75.50
C PRO M 418 3.58 42.97 75.89
N GLY M 419 2.62 42.98 74.98
CA GLY M 419 1.36 43.66 75.21
C GLY M 419 1.35 45.13 74.89
N THR M 420 2.42 45.65 74.30
CA THR M 420 2.50 47.07 73.96
C THR M 420 1.96 47.34 72.55
N ALA M 421 1.08 46.48 72.05
CA ALA M 421 0.40 46.64 70.76
C ALA M 421 1.36 46.69 69.58
N LYS M 422 2.59 46.21 69.75
CA LYS M 422 3.55 46.24 68.65
C LYS M 422 3.06 45.41 67.47
N SER M 423 2.55 44.21 67.75
CA SER M 423 2.03 43.36 66.69
C SER M 423 0.84 44.02 66.00
N GLN M 424 -0.07 44.61 66.78
CA GLN M 424 -1.23 45.27 66.20
C GLN M 424 -0.80 46.46 65.35
N LEU M 425 0.19 47.21 65.82
CA LEU M 425 0.69 48.35 65.05
C LEU M 425 1.30 47.88 63.73
N LEU M 426 2.06 46.77 63.75
CA LEU M 426 2.61 46.23 62.51
C LEU M 426 1.50 45.80 61.56
N LYS M 427 0.45 45.16 62.10
CA LYS M 427 -0.68 44.77 61.26
C LYS M 427 -1.32 45.98 60.61
N PHE M 428 -1.49 47.05 61.38
CA PHE M 428 -2.03 48.28 60.80
C PHE M 428 -1.13 48.80 59.68
N VAL M 429 0.18 48.76 59.91
CA VAL M 429 1.12 49.25 58.91
C VAL M 429 0.99 48.47 57.62
N GLU M 430 0.87 47.14 57.70
CA GLU M 430 0.68 46.39 56.46
C GLU M 430 -0.68 46.67 55.83
N LYS M 431 -1.71 46.92 56.65
CA LYS M 431 -3.03 47.18 56.09
C LYS M 431 -3.10 48.52 55.37
N VAL M 432 -2.29 49.49 55.80
CA VAL M 432 -2.34 50.81 55.18
C VAL M 432 -1.34 50.96 54.04
N SER M 433 -0.20 50.28 54.13
CA SER M 433 0.86 50.49 53.16
C SER M 433 0.49 49.89 51.80
N PRO M 434 1.07 50.42 50.71
CA PRO M 434 0.74 49.86 49.39
C PRO M 434 1.17 48.41 49.22
N ILE M 435 2.42 48.09 49.53
CA ILE M 435 2.94 46.74 49.40
C ILE M 435 3.58 46.36 50.73
N ALA M 436 3.12 45.26 51.32
CA ALA M 436 3.67 44.81 52.59
C ALA M 436 3.30 43.36 52.84
N VAL M 437 4.10 42.72 53.71
CA VAL M 437 3.83 41.38 54.21
C VAL M 437 4.16 41.35 55.68
N TYR M 438 3.29 40.71 56.47
CA TYR M 438 3.51 40.55 57.90
C TYR M 438 4.18 39.20 58.13
N THR M 439 5.45 39.22 58.49
CA THR M 439 6.27 38.02 58.58
C THR M 439 6.78 37.83 59.99
N SER M 440 6.68 36.60 60.49
CA SER M 440 7.26 36.26 61.78
C SER M 440 8.77 36.15 61.67
N GLY M 441 9.42 36.02 62.83
CA GLY M 441 10.87 35.93 62.84
C GLY M 441 11.39 34.70 62.12
N LYS M 442 10.78 33.54 62.40
CA LYS M 442 11.13 32.33 61.68
C LYS M 442 10.60 32.34 60.26
N GLY M 443 9.80 33.33 59.90
CA GLY M 443 9.11 33.38 58.64
C GLY M 443 7.65 33.04 58.79
N SER M 444 6.96 33.03 57.66
CA SER M 444 5.55 32.68 57.64
C SER M 444 5.41 31.16 57.74
N SER M 445 4.20 30.65 57.51
CA SER M 445 3.98 29.22 57.60
C SER M 445 4.84 28.46 56.60
N ALA M 446 4.91 28.96 55.37
CA ALA M 446 5.77 28.35 54.37
C ALA M 446 6.61 29.41 53.66
N ALA M 447 6.11 30.64 53.60
CA ALA M 447 6.84 31.70 52.94
C ALA M 447 8.12 32.03 53.68
N GLY M 448 9.22 32.15 52.94
CA GLY M 448 10.48 32.50 53.56
C GLY M 448 10.55 33.97 53.91
N LEU M 449 11.39 34.29 54.89
CA LEU M 449 11.54 35.67 55.30
C LEU M 449 12.39 36.46 54.32
N THR M 450 13.30 35.79 53.62
CA THR M 450 14.16 36.42 52.63
C THR M 450 14.18 35.58 51.36
N ALA M 451 14.74 36.16 50.30
CA ALA M 451 14.67 35.54 48.97
C ALA M 451 15.35 34.17 48.97
N SER M 452 14.69 33.21 48.33
CA SER M 452 15.20 31.84 48.22
C SER M 452 15.13 31.39 46.78
N VAL M 453 16.24 30.85 46.27
CA VAL M 453 16.32 30.33 44.92
C VAL M 453 16.15 28.82 44.97
N GLN M 454 15.17 28.31 44.25
CA GLN M 454 14.93 26.87 44.18
C GLN M 454 14.69 26.46 42.74
N ARG M 455 14.23 25.24 42.54
CA ARG M 455 13.93 24.73 41.20
C ARG M 455 12.43 24.53 41.04
N ASP M 456 11.93 24.90 39.86
CA ASP M 456 10.53 24.67 39.56
C ASP M 456 10.26 23.19 39.37
N PRO M 457 8.99 22.78 39.47
CA PRO M 457 8.70 21.33 39.34
C PRO M 457 9.01 20.76 37.97
N MET M 458 8.51 21.39 36.90
CA MET M 458 8.44 20.72 35.61
C MET M 458 9.77 20.65 34.85
N THR M 459 10.78 21.46 35.22
CA THR M 459 12.08 21.33 34.58
C THR M 459 13.26 21.48 35.52
N ARG M 460 13.04 21.63 36.82
CA ARG M 460 14.12 21.71 37.81
C ARG M 460 15.10 22.84 37.47
N GLU M 461 14.57 23.95 36.96
CA GLU M 461 15.40 25.10 36.64
C GLU M 461 15.22 26.20 37.68
N PHE M 462 16.21 27.10 37.73
CA PHE M 462 16.33 28.06 38.82
C PHE M 462 15.26 29.13 38.71
N TYR M 463 14.58 29.39 39.83
CA TYR M 463 13.63 30.47 39.93
C TYR M 463 13.47 30.85 41.40
N LEU M 464 12.86 32.00 41.64
CA LEU M 464 12.71 32.52 43.00
C LEU M 464 11.35 32.08 43.54
N GLU M 465 11.36 31.17 44.53
CA GLU M 465 10.10 30.74 45.12
C GLU M 465 9.40 31.89 45.83
N GLY M 466 10.17 32.72 46.53
CA GLY M 466 9.57 33.83 47.23
C GLY M 466 10.48 34.49 48.23
N GLY M 467 9.96 34.80 49.40
CA GLY M 467 10.68 35.58 50.38
C GLY M 467 10.03 36.91 50.62
N ALA M 468 9.90 37.31 51.88
CA ALA M 468 9.21 38.55 52.19
C ALA M 468 9.92 39.75 51.59
N MET M 469 11.25 39.75 51.62
CA MET M 469 11.99 40.94 51.23
C MET M 469 11.95 41.19 49.73
N VAL M 470 11.59 40.21 48.93
CA VAL M 470 11.52 40.38 47.48
C VAL M 470 10.08 40.38 46.98
N LEU M 471 9.21 39.54 47.55
CA LEU M 471 7.81 39.55 47.15
C LEU M 471 7.19 40.90 47.43
N ALA M 472 7.48 41.47 48.59
CA ALA M 472 7.12 42.85 48.90
C ALA M 472 8.34 43.69 48.61
N ASP M 473 8.36 44.35 47.45
CA ASP M 473 9.46 45.22 47.06
C ASP M 473 8.90 46.59 46.70
N GLY M 474 9.63 47.63 47.10
CA GLY M 474 9.16 48.99 46.94
C GLY M 474 8.20 49.45 48.00
N GLY M 475 7.75 48.55 48.88
CA GLY M 475 6.87 48.93 49.96
C GLY M 475 7.56 48.78 51.30
N VAL M 476 6.86 48.21 52.27
CA VAL M 476 7.45 47.94 53.57
C VAL M 476 7.33 46.45 53.85
N VAL M 477 8.09 45.98 54.84
CA VAL M 477 7.95 44.64 55.35
C VAL M 477 7.93 44.71 56.87
N CYS M 478 6.97 44.04 57.48
CA CYS M 478 6.80 44.03 58.92
C CYS M 478 7.28 42.70 59.45
N ILE M 479 8.33 42.73 60.25
CA ILE M 479 8.95 41.52 60.80
C ILE M 479 8.70 41.51 62.30
N ASP M 480 7.87 40.58 62.75
CA ASP M 480 7.67 40.37 64.17
C ASP M 480 8.60 39.27 64.67
N GLU M 481 8.84 39.28 65.98
CA GLU M 481 9.76 38.32 66.62
C GLU M 481 11.13 38.36 65.96
N PHE M 482 11.67 39.57 65.85
CA PHE M 482 12.96 39.76 65.18
C PHE M 482 14.06 38.93 65.82
N ASP M 483 14.02 38.77 67.14
CA ASP M 483 15.11 38.07 67.83
C ASP M 483 15.10 36.58 67.55
N LYS M 484 14.03 36.05 66.98
CA LYS M 484 13.93 34.62 66.69
C LYS M 484 14.25 34.28 65.25
N MET M 485 14.84 35.20 64.51
CA MET M 485 15.11 34.99 63.09
C MET M 485 16.43 34.26 62.88
N ARG M 486 16.42 33.32 61.95
CA ARG M 486 17.55 32.42 61.73
C ARG M 486 18.78 33.17 61.21
N ASP M 487 19.96 32.61 61.50
CA ASP M 487 21.21 33.27 61.13
C ASP M 487 21.34 33.41 59.62
N GLU M 488 20.99 32.36 58.87
CA GLU M 488 21.10 32.43 57.42
C GLU M 488 20.17 33.50 56.84
N ASP M 489 19.04 33.75 57.50
CA ASP M 489 18.21 34.89 57.12
C ASP M 489 18.81 36.20 57.58
N ARG M 490 19.41 36.24 58.77
CA ARG M 490 19.95 37.48 59.30
C ARG M 490 21.05 38.03 58.41
N VAL M 491 21.92 37.15 57.90
CA VAL M 491 23.03 37.63 57.08
C VAL M 491 22.52 38.27 55.80
N ALA M 492 21.42 37.75 55.25
CA ALA M 492 20.83 38.38 54.07
C ALA M 492 20.13 39.67 54.43
N ILE M 493 19.43 39.70 55.58
CA ILE M 493 18.72 40.89 56.01
C ILE M 493 19.69 42.05 56.26
N HIS M 494 20.92 41.74 56.65
CA HIS M 494 21.91 42.80 56.82
C HIS M 494 22.05 43.61 55.53
N GLU M 495 22.29 42.93 54.43
CA GLU M 495 22.54 43.66 53.16
C GLU M 495 21.24 44.27 52.68
N ALA M 496 20.13 43.59 52.86
CA ALA M 496 18.87 44.11 52.31
C ALA M 496 18.53 45.45 52.94
N MET M 497 18.67 45.56 54.25
CA MET M 497 18.26 46.81 54.92
C MET M 497 19.12 47.98 54.47
N GLU M 498 20.43 47.78 54.32
CA GLU M 498 21.33 48.93 54.05
C GLU M 498 21.73 49.05 52.57
N GLN M 499 22.11 47.97 51.89
CA GLN M 499 22.51 48.17 50.47
C GLN M 499 21.27 48.05 49.61
N GLN M 500 20.13 47.75 50.22
CA GLN M 500 18.84 47.68 49.49
C GLN M 500 18.91 46.67 48.35
N THR M 501 19.51 45.51 48.58
CA THR M 501 19.70 44.48 47.52
C THR M 501 20.02 43.13 48.15
N ILE M 502 19.66 42.03 47.50
CA ILE M 502 19.95 40.68 47.96
C ILE M 502 20.83 40.01 46.91
N SER M 503 22.02 39.58 47.33
CA SER M 503 22.98 38.97 46.42
C SER M 503 22.89 37.46 46.53
N ILE M 504 22.77 36.79 45.38
CA ILE M 504 22.59 35.35 45.33
C ILE M 504 23.66 34.77 44.41
N ALA M 505 24.37 33.76 44.88
CA ALA M 505 25.40 33.10 44.10
C ALA M 505 25.35 31.59 44.31
N LYS M 506 24.15 31.03 44.21
CA LYS M 506 24.02 29.58 44.26
C LYS M 506 24.76 28.94 43.09
N ALA M 507 24.89 27.62 43.14
CA ALA M 507 25.61 26.89 42.11
C ALA M 507 24.89 26.98 40.77
N GLY M 508 25.44 27.76 39.84
CA GLY M 508 24.91 27.89 38.52
C GLY M 508 24.15 29.17 38.26
N ILE M 509 23.56 29.78 39.28
CA ILE M 509 22.82 31.02 39.15
C ILE M 509 23.54 32.11 39.93
N THR M 510 23.74 33.26 39.29
CA THR M 510 24.44 34.37 39.90
C THR M 510 23.71 35.65 39.55
N THR M 511 23.15 36.32 40.55
CA THR M 511 22.37 37.52 40.31
C THR M 511 22.33 38.34 41.60
N VAL M 512 21.98 39.61 41.45
CA VAL M 512 21.77 40.51 42.58
C VAL M 512 20.35 41.02 42.47
N LEU M 513 19.43 40.39 43.18
CA LEU M 513 18.04 40.83 43.17
C LEU M 513 17.91 42.21 43.80
N ASN M 514 16.73 42.79 43.65
CA ASN M 514 16.44 44.09 44.21
C ASN M 514 15.45 43.95 45.35
N SER M 515 15.82 44.47 46.53
CA SER M 515 14.92 44.54 47.68
C SER M 515 14.98 45.98 48.19
N ARG M 516 14.20 46.86 47.57
CA ARG M 516 14.17 48.28 47.93
C ARG M 516 12.97 48.50 48.84
N THR M 517 13.11 48.03 50.07
CA THR M 517 12.02 48.05 51.04
C THR M 517 12.53 48.64 52.35
N SER M 518 11.59 49.16 53.13
CA SER M 518 11.86 49.63 54.48
C SER M 518 11.20 48.68 55.47
N VAL M 519 11.98 48.15 56.40
CA VAL M 519 11.53 47.12 57.32
C VAL M 519 11.14 47.76 58.65
N LEU M 520 9.99 47.37 59.16
CA LEU M 520 9.53 47.76 60.49
C LEU M 520 9.51 46.51 61.36
N ALA M 521 10.31 46.50 62.42
CA ALA M 521 10.54 45.30 63.21
C ALA M 521 10.08 45.50 64.64
N ALA M 522 9.41 44.50 65.19
CA ALA M 522 8.98 44.49 66.58
C ALA M 522 9.48 43.21 67.23
N ALA M 523 10.08 43.34 68.41
CA ALA M 523 10.67 42.20 69.08
C ALA M 523 10.68 42.43 70.59
N ASN M 524 10.50 41.35 71.34
CA ASN M 524 10.69 41.41 72.78
C ASN M 524 12.17 41.50 73.09
N PRO M 525 12.52 41.98 74.29
CA PRO M 525 13.94 42.01 74.67
C PRO M 525 14.51 40.62 74.90
N ILE M 526 15.78 40.54 75.33
CA ILE M 526 16.46 39.26 75.47
C ILE M 526 15.69 38.37 76.45
N TYR M 527 15.16 38.95 77.51
CA TYR M 527 14.33 38.23 78.46
C TYR M 527 12.86 38.44 78.12
N GLY M 528 11.98 37.79 78.88
CA GLY M 528 10.56 38.07 78.76
C GLY M 528 10.24 39.50 79.14
N ARG M 529 10.79 39.96 80.25
CA ARG M 529 10.74 41.36 80.66
C ARG M 529 12.17 41.86 80.79
N TYR M 530 12.45 43.07 80.31
CA TYR M 530 13.80 43.60 80.37
C TYR M 530 13.98 44.32 81.71
N ASP M 531 15.01 43.91 82.44
CA ASP M 531 15.27 44.42 83.78
C ASP M 531 16.41 45.41 83.73
N ASP M 532 16.13 46.67 84.10
CA ASP M 532 17.20 47.65 84.26
C ASP M 532 18.06 47.36 85.48
N LEU M 533 17.65 46.41 86.32
CA LEU M 533 18.48 45.99 87.45
C LEU M 533 19.81 45.41 86.97
N LYS M 534 19.77 44.60 85.91
CA LYS M 534 21.00 44.18 85.25
C LYS M 534 21.63 45.37 84.54
N SER M 535 22.76 45.14 83.90
CA SER M 535 23.35 46.19 83.08
C SER M 535 22.41 46.47 81.92
N PRO M 536 21.96 47.72 81.74
CA PRO M 536 20.97 47.99 80.68
C PRO M 536 21.47 47.66 79.28
N GLY M 537 22.77 47.45 79.09
CA GLY M 537 23.23 46.89 77.84
C GLY M 537 22.88 45.42 77.67
N ASP M 538 22.61 44.72 78.78
CA ASP M 538 22.33 43.29 78.71
C ASP M 538 20.93 43.02 78.21
N ASN M 539 19.96 43.90 78.50
CA ASN M 539 18.60 43.67 78.04
C ASN M 539 18.44 43.95 76.55
N ILE M 540 19.46 44.48 75.89
CA ILE M 540 19.44 44.65 74.45
C ILE M 540 20.10 43.43 73.81
N ASP M 541 19.28 42.55 73.24
CA ASP M 541 19.78 41.30 72.69
C ASP M 541 20.48 41.47 71.35
N PHE M 542 20.11 42.51 70.58
CA PHE M 542 20.65 42.67 69.25
C PHE M 542 22.07 43.22 69.29
N GLN M 543 22.83 42.90 68.25
CA GLN M 543 24.22 43.33 68.19
C GLN M 543 24.31 44.75 67.64
N THR M 544 25.52 45.31 67.71
CA THR M 544 25.70 46.72 67.36
C THR M 544 25.37 46.98 65.90
N THR M 545 25.67 46.02 65.01
CA THR M 545 25.47 46.27 63.59
C THR M 545 23.99 46.28 63.23
N ILE M 546 23.21 45.36 63.79
CA ILE M 546 21.77 45.31 63.49
C ILE M 546 21.11 46.61 63.93
N LEU M 547 21.42 47.05 65.15
CA LEU M 547 20.87 48.33 65.62
C LEU M 547 21.40 49.49 64.81
N SER M 548 22.60 49.36 64.24
CA SER M 548 23.08 50.41 63.36
C SER M 548 22.29 50.49 62.07
N ARG M 549 21.78 49.35 61.58
CA ARG M 549 20.92 49.39 60.39
C ARG M 549 19.67 50.21 60.64
N PHE M 550 19.04 50.05 61.80
CA PHE M 550 17.74 50.66 62.04
C PHE M 550 17.86 52.17 62.21
N ASP M 551 16.84 52.88 61.76
CA ASP M 551 16.83 54.34 61.85
C ASP M 551 16.38 54.82 63.24
N MET M 552 15.82 53.93 64.05
CA MET M 552 15.43 54.27 65.42
C MET M 552 15.09 53.00 66.14
N ILE M 553 15.30 53.01 67.46
CA ILE M 553 14.91 51.91 68.33
C ILE M 553 13.98 52.48 69.40
N PHE M 554 12.71 52.09 69.34
CA PHE M 554 11.70 52.61 70.25
C PHE M 554 11.61 51.69 71.46
N ILE M 555 12.25 52.07 72.55
CA ILE M 555 12.13 51.33 73.80
C ILE M 555 10.83 51.77 74.45
N VAL M 556 9.83 50.88 74.44
CA VAL M 556 8.52 51.15 75.02
C VAL M 556 8.39 50.33 76.29
N LYS M 557 8.01 50.98 77.38
CA LYS M 557 7.83 50.32 78.66
C LYS M 557 6.36 50.36 79.05
N ASP M 558 5.86 49.24 79.57
CA ASP M 558 4.48 49.16 80.05
C ASP M 558 4.45 49.64 81.49
N ASP M 559 4.40 50.96 81.65
CA ASP M 559 4.36 51.55 82.97
C ASP M 559 3.10 51.12 83.72
N HIS M 560 3.06 51.44 85.01
CA HIS M 560 2.03 50.95 85.91
C HIS M 560 1.16 52.08 86.47
N ASN M 561 0.74 53.01 85.61
CA ASN M 561 -0.16 54.07 86.05
C ASN M 561 -1.59 53.55 86.07
N GLU M 562 -2.25 53.68 87.22
CA GLU M 562 -3.65 53.27 87.33
C GLU M 562 -4.53 54.09 86.39
N GLU M 563 -4.33 55.41 86.37
CA GLU M 563 -5.13 56.26 85.49
C GLU M 563 -4.85 55.95 84.03
N ARG M 564 -3.60 55.70 83.67
CA ARG M 564 -3.29 55.37 82.29
C ARG M 564 -3.81 53.98 81.93
N ASP M 565 -3.74 53.03 82.88
CA ASP M 565 -4.30 51.71 82.63
C ASP M 565 -5.81 51.77 82.46
N ILE M 566 -6.48 52.58 83.30
CA ILE M 566 -7.92 52.77 83.12
C ILE M 566 -8.20 53.45 81.79
N SER M 567 -7.33 54.38 81.38
CA SER M 567 -7.50 55.03 80.08
C SER M 567 -7.44 54.01 78.96
N ILE M 568 -6.46 53.12 79.00
CA ILE M 568 -6.33 52.08 77.98
C ILE M 568 -7.54 51.17 77.99
N ALA M 569 -7.99 50.77 79.19
CA ALA M 569 -9.13 49.88 79.30
C ALA M 569 -10.39 50.52 78.72
N ASN M 570 -10.63 51.79 79.05
CA ASN M 570 -11.80 52.48 78.53
C ASN M 570 -11.72 52.63 77.02
N HIS M 571 -10.52 52.96 76.51
CA HIS M 571 -10.33 53.03 75.07
C HIS M 571 -10.68 51.71 74.41
N VAL M 572 -10.22 50.60 74.99
CA VAL M 572 -10.46 49.28 74.41
C VAL M 572 -11.94 48.95 74.43
N ILE M 573 -12.61 49.22 75.55
CA ILE M 573 -14.04 48.92 75.64
C ILE M 573 -14.82 49.75 74.64
N ASN M 574 -14.48 51.03 74.50
CA ASN M 574 -15.16 51.87 73.52
C ASN M 574 -14.95 51.34 72.11
N ILE M 575 -13.72 50.93 71.80
CA ILE M 575 -13.45 50.37 70.47
C ILE M 575 -14.16 49.03 70.30
N HIS M 576 -14.04 48.14 71.28
CA HIS M 576 -14.64 46.82 71.18
C HIS M 576 -16.13 46.95 71.41
N THR M 577 -16.85 47.29 70.34
CA THR M 577 -18.31 47.33 70.28
C THR M 577 -18.92 48.27 71.31
N GLY M 578 -18.12 49.08 72.00
CA GLY M 578 -18.69 50.12 72.84
C GLY M 578 -19.38 51.19 72.02
N ASN M 579 -18.91 51.43 70.80
CA ASN M 579 -19.49 52.41 69.88
C ASN M 579 -19.56 53.80 70.50
N ALA M 580 -18.53 54.14 71.28
CA ALA M 580 -18.35 55.49 71.79
C ALA M 580 -17.43 56.33 70.91
N ASN M 581 -16.97 55.78 69.79
CA ASN M 581 -16.06 56.48 68.91
C ASN M 581 -16.84 57.21 67.82
N ALA M 582 -16.13 57.73 66.82
CA ALA M 582 -16.71 58.48 65.71
C ALA M 582 -17.57 59.65 66.19
N ASN M 590 -15.98 64.69 62.11
CA ASN M 590 -15.36 64.29 60.85
C ASN M 590 -14.23 65.24 60.46
N GLY M 591 -13.45 64.84 59.46
CA GLY M 591 -12.37 65.65 58.97
C GLY M 591 -11.05 65.49 59.69
N SER M 592 -11.01 64.70 60.76
CA SER M 592 -9.78 64.48 61.51
C SER M 592 -9.18 63.10 61.27
N GLU M 593 -9.83 62.25 60.47
CA GLU M 593 -9.35 60.91 60.21
C GLU M 593 -9.44 60.63 58.72
N ILE M 594 -8.37 60.07 58.15
CA ILE M 594 -8.30 59.72 56.74
C ILE M 594 -8.46 58.21 56.62
N SER M 595 -9.36 57.78 55.74
CA SER M 595 -9.64 56.37 55.59
C SER M 595 -8.40 55.62 55.12
N ILE M 596 -8.40 54.31 55.37
CA ILE M 596 -7.24 53.48 55.04
C ILE M 596 -6.98 53.49 53.54
N GLU M 597 -8.04 53.33 52.75
CA GLU M 597 -7.87 53.33 51.29
C GLU M 597 -7.37 54.68 50.80
N LYS M 598 -7.99 55.75 51.29
CA LYS M 598 -7.60 57.09 50.88
C LYS M 598 -6.18 57.40 51.32
N MET M 599 -5.82 56.98 52.53
CA MET M 599 -4.46 57.21 53.01
C MET M 599 -3.45 56.43 52.19
N LYS M 600 -3.79 55.20 51.80
CA LYS M 600 -2.88 54.40 50.99
C LYS M 600 -2.67 55.04 49.62
N ARG M 601 -3.75 55.52 49.00
CA ARG M 601 -3.59 56.18 47.71
C ARG M 601 -2.81 57.48 47.86
N TYR M 602 -2.98 58.19 48.97
CA TYR M 602 -2.18 59.37 49.24
C TYR M 602 -0.72 59.01 49.40
N ILE M 603 -0.44 57.87 50.06
CA ILE M 603 0.93 57.40 50.21
C ILE M 603 1.55 57.16 48.85
N THR M 604 0.81 56.46 47.98
CA THR M 604 1.32 56.18 46.63
C THR M 604 1.58 57.47 45.88
N TYR M 605 0.66 58.43 45.97
CA TYR M 605 0.84 59.72 45.30
C TYR M 605 2.09 60.43 45.82
N CYS M 606 2.27 60.45 47.14
CA CYS M 606 3.43 61.13 47.71
C CYS M 606 4.72 60.49 47.26
N ARG M 607 4.76 59.15 47.25
CA ARG M 607 6.00 58.47 46.86
C ARG M 607 6.29 58.66 45.37
N LEU M 608 5.27 58.68 44.53
CA LEU M 608 5.53 58.62 43.11
C LEU M 608 5.62 60.00 42.45
N LYS M 609 5.02 61.02 43.05
CA LYS M 609 5.04 62.35 42.45
C LYS M 609 6.29 63.14 42.82
N CYS M 610 6.60 63.24 44.11
CA CYS M 610 7.63 64.16 44.57
C CYS M 610 8.65 63.43 45.42
N ALA M 611 9.86 63.99 45.45
CA ALA M 611 10.94 63.48 46.29
C ALA M 611 11.84 64.67 46.64
N PRO M 612 11.69 65.23 47.82
CA PRO M 612 12.32 66.52 48.12
C PRO M 612 13.83 66.41 48.25
N ARG M 613 14.45 67.58 48.41
CA ARG M 613 15.87 67.71 48.61
C ARG M 613 16.11 68.66 49.77
N LEU M 614 17.23 68.47 50.47
CA LEU M 614 17.56 69.30 51.62
C LEU M 614 17.90 70.72 51.19
N SER M 615 17.44 71.69 51.98
CA SER M 615 17.81 73.08 51.78
C SER M 615 19.22 73.33 52.30
N PRO M 616 19.97 74.23 51.65
CA PRO M 616 21.37 74.43 52.05
C PRO M 616 21.56 74.85 53.49
N GLN M 617 20.62 75.61 54.04
CA GLN M 617 20.74 76.00 55.44
C GLN M 617 20.38 74.87 56.38
N ALA M 618 19.69 73.84 55.90
CA ALA M 618 19.41 72.68 56.74
C ALA M 618 20.67 71.85 56.96
N ALA M 619 21.60 71.87 56.01
CA ALA M 619 22.81 71.06 56.13
C ALA M 619 23.64 71.47 57.34
N GLU M 620 23.77 72.78 57.57
CA GLU M 620 24.53 73.25 58.72
C GLU M 620 23.91 72.78 60.02
N LYS M 621 22.59 72.89 60.13
CA LYS M 621 21.91 72.42 61.34
C LYS M 621 22.11 70.93 61.54
N LEU M 622 21.97 70.15 60.46
CA LEU M 622 22.15 68.71 60.56
C LEU M 622 23.55 68.36 61.02
N SER M 623 24.56 69.00 60.43
CA SER M 623 25.94 68.72 60.81
C SER M 623 26.19 69.09 62.27
N SER M 624 25.69 70.24 62.70
CA SER M 624 25.89 70.66 64.09
C SER M 624 25.28 69.66 65.05
N ASN M 625 24.03 69.25 64.79
CA ASN M 625 23.37 68.30 65.68
C ASN M 625 24.06 66.95 65.67
N PHE M 626 24.51 66.50 64.50
CA PHE M 626 25.20 65.22 64.42
C PHE M 626 26.50 65.23 65.23
N VAL M 627 27.29 66.30 65.08
CA VAL M 627 28.54 66.39 65.83
C VAL M 627 28.27 66.46 67.32
N THR M 628 27.25 67.24 67.72
CA THR M 628 26.92 67.35 69.14
C THR M 628 26.48 66.01 69.70
N ILE M 629 25.67 65.26 68.95
CA ILE M 629 25.20 63.97 69.41
C ILE M 629 26.35 62.98 69.56
N ARG M 630 27.26 62.97 68.58
CA ARG M 630 28.42 62.09 68.68
C ARG M 630 29.29 62.47 69.86
N LYS M 631 29.48 63.77 70.11
CA LYS M 631 30.29 64.17 71.25
C LYS M 631 29.64 63.83 72.57
N GLN M 632 28.31 63.96 72.66
CA GLN M 632 27.63 63.55 73.88
C GLN M 632 27.76 62.04 74.10
N LEU M 633 27.63 61.26 73.02
CA LEU M 633 27.81 59.82 73.14
C LEU M 633 29.24 59.48 73.51
N LEU M 634 30.21 60.26 73.04
CA LEU M 634 31.60 60.05 73.47
C LEU M 634 31.76 60.37 74.94
N ILE M 635 31.07 61.41 75.43
CA ILE M 635 31.10 61.71 76.85
C ILE M 635 30.56 60.54 77.65
N ASN M 636 29.44 59.97 77.21
CA ASN M 636 28.89 58.81 77.89
C ASN M 636 29.84 57.61 77.81
N GLU M 637 30.47 57.41 76.65
CA GLU M 637 31.36 56.27 76.45
C GLU M 637 32.63 56.39 77.28
N LEU M 638 33.08 57.62 77.53
CA LEU M 638 34.16 57.81 78.49
C LEU M 638 33.66 57.58 79.92
N GLU M 639 32.45 58.03 80.21
CA GLU M 639 31.87 57.84 81.53
C GLU M 639 31.65 56.37 81.84
N SER M 640 31.14 55.61 80.87
CA SER M 640 30.81 54.21 81.06
C SER M 640 31.88 53.33 80.41
N THR M 641 32.37 52.35 81.16
CA THR M 641 33.36 51.43 80.61
C THR M 641 32.79 50.67 79.41
N GLU M 642 31.55 50.20 79.53
CA GLU M 642 30.89 49.54 78.41
C GLU M 642 30.59 50.53 77.30
N ARG M 643 30.83 50.11 76.06
CA ARG M 643 30.43 50.91 74.91
C ARG M 643 28.91 50.92 74.81
N SER M 644 28.37 52.01 74.27
CA SER M 644 26.93 52.16 74.16
C SER M 644 26.33 51.04 73.32
N SER M 645 25.32 50.36 73.89
CA SER M 645 24.70 49.26 73.18
C SER M 645 23.97 49.74 71.94
N ILE M 646 23.50 50.99 71.94
CA ILE M 646 22.87 51.60 70.78
C ILE M 646 23.86 52.59 70.19
N PRO M 647 24.44 52.32 69.02
CA PRO M 647 25.50 53.17 68.50
C PRO M 647 24.96 54.31 67.63
N ILE M 648 25.74 55.38 67.59
CA ILE M 648 25.43 56.54 66.75
C ILE M 648 26.55 56.67 65.73
N THR M 649 26.21 56.42 64.46
CA THR M 649 27.20 56.41 63.39
C THR M 649 26.65 57.23 62.23
N ILE M 650 27.36 57.20 61.10
CA ILE M 650 26.94 57.95 59.92
C ILE M 650 25.57 57.49 59.44
N ARG M 651 25.22 56.24 59.71
CA ARG M 651 23.87 55.78 59.41
C ARG M 651 22.82 56.56 60.17
N GLN M 652 23.15 57.05 61.36
CA GLN M 652 22.19 57.88 62.09
C GLN M 652 22.00 59.22 61.40
N LEU M 653 23.08 59.80 60.87
CA LEU M 653 22.94 61.00 60.07
C LEU M 653 22.10 60.74 58.84
N GLU M 654 22.31 59.60 58.18
CA GLU M 654 21.47 59.24 57.05
C GLU M 654 20.02 59.10 57.47
N ALA M 655 19.78 58.51 58.65
CA ALA M 655 18.43 58.36 59.15
C ALA M 655 17.76 59.71 59.35
N ILE M 656 18.47 60.65 59.95
CA ILE M 656 17.88 61.96 60.20
C ILE M 656 17.59 62.68 58.88
N ILE M 657 18.52 62.61 57.93
CA ILE M 657 18.29 63.22 56.62
C ILE M 657 17.08 62.59 55.96
N ARG M 658 16.95 61.27 56.05
CA ARG M 658 15.84 60.59 55.40
C ARG M 658 14.52 60.94 56.08
N ILE M 659 14.53 61.12 57.40
CA ILE M 659 13.30 61.53 58.09
C ILE M 659 12.89 62.93 57.65
N THR M 660 13.86 63.84 57.55
CA THR M 660 13.55 65.20 57.10
C THR M 660 12.96 65.18 55.70
N GLU M 661 13.59 64.42 54.80
CA GLU M 661 13.05 64.31 53.45
C GLU M 661 11.67 63.65 53.45
N SER M 662 11.44 62.71 54.37
CA SER M 662 10.13 62.08 54.47
C SER M 662 9.07 63.08 54.86
N LEU M 663 9.37 63.93 55.85
CA LEU M 663 8.41 64.96 56.25
C LEU M 663 8.15 65.93 55.12
N ALA M 664 9.20 66.35 54.42
CA ALA M 664 9.02 67.29 53.31
C ALA M 664 8.18 66.66 52.21
N LYS M 665 8.41 65.38 51.90
CA LYS M 665 7.59 64.68 50.92
C LYS M 665 6.15 64.58 51.38
N LEU M 666 5.94 64.38 52.69
CA LEU M 666 4.60 64.39 53.23
C LEU M 666 3.91 65.72 52.99
N GLU M 667 4.63 66.82 53.19
CA GLU M 667 4.06 68.13 52.91
C GLU M 667 4.08 68.47 51.44
N LEU M 668 4.59 67.58 50.59
CA LEU M 668 4.68 67.82 49.14
C LEU M 668 5.47 69.08 48.83
N SER M 669 6.49 69.37 49.64
CA SER M 669 7.37 70.51 49.39
C SER M 669 8.61 70.02 48.68
N PRO M 670 8.90 70.49 47.46
CA PRO M 670 10.12 70.03 46.77
C PRO M 670 11.40 70.35 47.50
N ILE M 671 11.38 71.32 48.42
CA ILE M 671 12.56 71.69 49.19
C ILE M 671 12.27 71.43 50.66
N ALA M 672 13.16 70.69 51.31
CA ALA M 672 13.02 70.43 52.75
C ALA M 672 13.16 71.72 53.54
N GLN M 673 12.42 71.80 54.65
CA GLN M 673 12.36 73.01 55.44
C GLN M 673 13.10 72.85 56.76
N GLU M 674 13.43 73.99 57.36
CA GLU M 674 14.07 74.00 58.67
C GLU M 674 13.15 73.41 59.73
N ARG M 675 11.86 73.73 59.66
CA ARG M 675 10.89 73.13 60.58
C ARG M 675 10.88 71.62 60.44
N HIS M 676 11.04 71.13 59.21
CA HIS M 676 11.15 69.68 59.00
C HIS M 676 12.35 69.12 59.73
N VAL M 677 13.48 69.82 59.66
CA VAL M 677 14.68 69.34 60.34
C VAL M 677 14.46 69.32 61.85
N ASP M 678 13.83 70.36 62.38
CA ASP M 678 13.57 70.41 63.82
C ASP M 678 12.66 69.27 64.25
N GLU M 679 11.61 68.99 63.47
CA GLU M 679 10.72 67.88 63.79
C GLU M 679 11.45 66.55 63.72
N ALA M 680 12.30 66.38 62.70
CA ALA M 680 13.05 65.14 62.56
C ALA M 680 13.99 64.94 63.75
N ILE M 681 14.67 65.99 64.18
CA ILE M 681 15.56 65.88 65.32
C ILE M 681 14.77 65.59 66.58
N ARG M 682 13.58 66.18 66.70
CA ARG M 682 12.73 65.89 67.85
C ARG M 682 12.34 64.42 67.89
N LEU M 683 11.96 63.85 66.75
CA LEU M 683 11.68 62.42 66.69
C LEU M 683 12.92 61.60 67.02
N PHE M 684 14.07 62.00 66.47
CA PHE M 684 15.30 61.24 66.71
C PHE M 684 15.63 61.21 68.19
N GLN M 685 15.50 62.35 68.88
CA GLN M 685 15.72 62.38 70.31
C GLN M 685 14.68 61.53 71.05
N ALA M 686 13.42 61.59 70.60
CA ALA M 686 12.38 60.83 71.27
C ALA M 686 12.49 59.34 70.97
N SER M 687 13.07 58.97 69.83
CA SER M 687 13.16 57.57 69.42
C SER M 687 14.50 56.96 69.81
N THR M 688 15.59 57.54 69.33
CA THR M 688 16.93 57.12 69.69
C THR M 688 17.50 58.13 70.69
N MET M 689 18.66 57.78 71.27
CA MET M 689 19.37 58.63 72.22
C MET M 689 18.64 58.70 73.55
N ASP M 690 17.43 58.15 73.62
CA ASP M 690 16.80 57.84 74.90
C ASP M 690 16.92 56.36 75.23
N ALA M 691 16.87 55.50 74.21
CA ALA M 691 17.32 54.13 74.39
C ALA M 691 18.79 54.08 74.72
N ALA M 692 19.59 54.89 74.02
CA ALA M 692 21.01 55.00 74.36
C ALA M 692 21.20 55.59 75.76
N SER M 693 20.40 56.60 76.12
CA SER M 693 20.49 57.17 77.45
C SER M 693 19.99 56.19 78.51
N GLN M 694 19.01 55.36 78.17
CA GLN M 694 18.54 54.34 79.11
C GLN M 694 19.66 53.36 79.43
N ASP M 695 20.44 52.97 78.42
CA ASP M 695 21.61 52.14 78.63
C ASP M 695 22.76 52.99 79.16
N PRO M 696 23.76 52.35 79.81
CA PRO M 696 24.89 53.11 80.35
C PRO M 696 25.71 53.82 79.26
N ASP N 104 -7.33 -40.61 19.27
CA ASP N 104 -7.18 -40.59 20.73
C ASP N 104 -6.04 -41.50 21.19
N ASP N 105 -5.69 -41.39 22.46
CA ASP N 105 -4.60 -42.16 23.04
C ASP N 105 -5.16 -43.38 23.76
N VAL N 106 -4.57 -44.55 23.47
CA VAL N 106 -5.01 -45.77 24.14
C VAL N 106 -4.60 -45.76 25.61
N THR N 107 -3.40 -45.24 25.91
CA THR N 107 -2.93 -45.23 27.29
C THR N 107 -3.79 -44.32 28.16
N GLY N 108 -4.20 -43.17 27.63
CA GLY N 108 -5.10 -42.31 28.38
C GLY N 108 -6.43 -42.99 28.67
N GLU N 109 -6.97 -43.71 27.68
CA GLU N 109 -8.21 -44.45 27.92
C GLU N 109 -8.01 -45.51 28.99
N LYS N 110 -6.89 -46.22 28.94
CA LYS N 110 -6.60 -47.25 29.94
C LYS N 110 -6.53 -46.66 31.34
N VAL N 111 -5.82 -45.55 31.50
CA VAL N 111 -5.66 -44.97 32.83
C VAL N 111 -6.99 -44.40 33.31
N ARG N 112 -7.77 -43.80 32.41
CA ARG N 112 -9.08 -43.27 32.80
C ARG N 112 -10.00 -44.39 33.27
N GLU N 113 -10.04 -45.49 32.52
CA GLU N 113 -10.95 -46.57 32.88
C GLU N 113 -10.51 -47.24 34.18
N ALA N 114 -9.19 -47.36 34.40
CA ALA N 114 -8.71 -47.88 35.68
C ALA N 114 -9.08 -46.94 36.83
N PHE N 115 -8.97 -45.63 36.59
CA PHE N 115 -9.31 -44.65 37.62
C PHE N 115 -10.76 -44.81 38.05
N GLU N 116 -11.67 -44.78 37.06
CA GLU N 116 -13.08 -44.90 37.38
C GLU N 116 -13.43 -46.29 37.87
N GLN N 117 -12.61 -47.30 37.55
CA GLN N 117 -12.81 -48.63 38.08
C GLN N 117 -12.56 -48.68 39.57
N PHE N 118 -11.42 -48.12 40.02
CA PHE N 118 -11.14 -48.23 41.44
C PHE N 118 -11.80 -47.14 42.27
N LEU N 119 -12.39 -46.12 41.64
CA LEU N 119 -13.27 -45.24 42.39
C LEU N 119 -14.49 -45.99 42.92
N GLU N 120 -14.85 -47.11 42.30
CA GLU N 120 -15.96 -47.92 42.75
C GLU N 120 -15.54 -49.17 43.48
N ASP N 121 -14.55 -49.89 42.96
CA ASP N 121 -14.17 -51.18 43.52
C ASP N 121 -13.36 -51.07 44.80
N PHE N 122 -12.77 -49.90 45.08
CA PHE N 122 -11.91 -49.78 46.25
C PHE N 122 -12.72 -49.79 47.53
N SER N 123 -12.15 -50.42 48.57
CA SER N 123 -12.84 -50.54 49.86
C SER N 123 -11.79 -50.83 50.92
N VAL N 124 -11.60 -49.87 51.84
CA VAL N 124 -10.62 -50.03 52.90
C VAL N 124 -11.32 -50.56 54.14
N GLN N 125 -10.63 -51.45 54.86
CA GLN N 125 -11.22 -52.10 56.03
C GLN N 125 -11.47 -51.10 57.15
N SER N 126 -12.49 -51.39 57.96
CA SER N 126 -12.76 -50.67 59.20
C SER N 126 -12.28 -51.43 60.43
N THR N 127 -11.46 -52.46 60.24
CA THR N 127 -10.89 -53.30 61.31
C THR N 127 -12.07 -53.95 62.04
N ASP N 128 -12.01 -54.05 63.38
CA ASP N 128 -13.07 -54.72 64.12
C ASP N 128 -14.39 -53.97 64.02
N THR N 129 -14.37 -52.65 64.21
CA THR N 129 -15.57 -51.85 64.30
C THR N 129 -15.96 -51.35 62.90
N GLY N 130 -16.95 -52.00 62.30
CA GLY N 130 -17.47 -51.56 61.02
C GLY N 130 -17.21 -52.47 59.84
N GLU N 131 -16.52 -53.58 60.03
CA GLU N 131 -16.23 -54.56 58.96
C GLU N 131 -15.44 -53.86 57.87
N VAL N 132 -15.91 -53.81 56.63
CA VAL N 132 -15.21 -53.14 55.53
C VAL N 132 -16.25 -52.34 54.74
N GLU N 133 -15.85 -51.14 54.32
CA GLU N 133 -16.76 -50.24 53.62
C GLU N 133 -16.03 -49.59 52.45
N LYS N 134 -16.80 -49.18 51.45
CA LYS N 134 -16.26 -48.52 50.27
C LYS N 134 -15.94 -47.08 50.65
N VAL N 135 -14.66 -46.79 50.88
CA VAL N 135 -14.27 -45.46 51.35
C VAL N 135 -14.58 -44.40 50.30
N TYR N 136 -14.32 -44.70 49.02
CA TYR N 136 -14.62 -43.73 47.97
C TYR N 136 -16.12 -43.54 47.83
N ARG N 137 -16.90 -44.62 47.90
CA ARG N 137 -18.35 -44.48 47.85
C ARG N 137 -18.86 -43.77 49.09
N ALA N 138 -18.24 -44.01 50.24
CA ALA N 138 -18.61 -43.28 51.45
C ALA N 138 -18.36 -41.79 51.29
N GLN N 139 -17.22 -41.43 50.71
CA GLN N 139 -16.93 -40.02 50.44
C GLN N 139 -17.89 -39.44 49.40
N ILE N 140 -18.33 -40.25 48.44
CA ILE N 140 -19.30 -39.77 47.47
C ILE N 140 -20.64 -39.49 48.14
N GLU N 141 -21.04 -40.37 49.05
CA GLU N 141 -22.26 -40.12 49.82
C GLU N 141 -22.12 -38.88 50.68
N PHE N 142 -20.95 -38.69 51.29
CA PHE N 142 -20.68 -37.47 52.04
C PHE N 142 -20.79 -36.24 51.15
N MET N 143 -20.26 -36.35 49.93
CA MET N 143 -20.34 -35.26 48.97
C MET N 143 -21.78 -34.93 48.63
N LYS N 144 -22.60 -35.94 48.40
CA LYS N 144 -24.01 -35.70 48.11
C LYS N 144 -24.69 -35.06 49.32
N ILE N 145 -24.34 -35.50 50.52
CA ILE N 145 -24.97 -34.99 51.74
C ILE N 145 -24.65 -33.50 51.93
N TYR N 146 -23.39 -33.13 51.76
CA TYR N 146 -22.95 -31.76 52.00
C TYR N 146 -22.85 -30.92 50.74
N ASP N 147 -23.07 -31.51 49.56
CA ASP N 147 -23.11 -30.75 48.30
C ASP N 147 -21.84 -29.93 48.09
N LEU N 148 -20.70 -30.50 48.43
CA LEU N 148 -19.42 -29.81 48.28
C LEU N 148 -18.95 -29.92 46.84
N ASN N 149 -17.70 -29.54 46.57
CA ASN N 149 -17.17 -29.53 45.22
C ASN N 149 -15.79 -30.15 45.07
N THR N 150 -15.19 -30.69 46.14
CA THR N 150 -13.84 -31.21 46.07
C THR N 150 -13.73 -32.53 46.83
N ILE N 151 -13.05 -33.51 46.23
CA ILE N 151 -12.91 -34.85 46.79
C ILE N 151 -11.46 -35.06 47.18
N TYR N 152 -11.23 -35.49 48.42
CA TYR N 152 -9.89 -35.74 48.92
C TYR N 152 -9.56 -37.23 48.75
N ILE N 153 -8.45 -37.52 48.07
CA ILE N 153 -8.01 -38.89 47.82
C ILE N 153 -6.64 -39.08 48.44
N ASP N 154 -6.52 -40.06 49.33
CA ASP N 154 -5.24 -40.36 49.93
C ASP N 154 -4.34 -41.04 48.92
N TYR N 155 -3.08 -40.60 48.86
CA TYR N 155 -2.12 -41.23 47.96
C TYR N 155 -1.66 -42.59 48.48
N GLN N 156 -1.74 -42.81 49.80
CA GLN N 156 -1.33 -44.09 50.35
C GLN N 156 -2.21 -45.23 49.84
N HIS N 157 -3.52 -45.00 49.74
CA HIS N 157 -4.41 -46.02 49.23
C HIS N 157 -4.10 -46.36 47.77
N LEU N 158 -3.86 -45.33 46.96
CA LEU N 158 -3.51 -45.56 45.56
C LEU N 158 -2.19 -46.30 45.45
N SER N 159 -1.24 -45.99 46.33
CA SER N 159 0.02 -46.73 46.36
C SER N 159 -0.22 -48.20 46.71
N MET N 160 -1.09 -48.45 47.68
CA MET N 160 -1.41 -49.81 48.07
C MET N 160 -2.02 -50.59 46.92
N ARG N 161 -2.93 -49.96 46.19
CA ARG N 161 -3.66 -50.68 45.15
C ARG N 161 -2.79 -50.92 43.93
N GLU N 162 -2.80 -52.15 43.42
CA GLU N 162 -2.12 -52.54 42.19
C GLU N 162 -0.64 -52.16 42.23
N ASN N 163 0.02 -52.57 43.32
CA ASN N 163 1.46 -52.39 43.52
C ASN N 163 1.93 -50.98 43.19
N GLY N 164 1.02 -50.00 43.29
CA GLY N 164 1.38 -48.61 43.10
C GLY N 164 1.85 -48.23 41.72
N ALA N 165 1.69 -49.10 40.71
CA ALA N 165 2.06 -48.70 39.35
C ALA N 165 1.21 -47.54 38.87
N LEU N 166 -0.10 -47.61 39.11
CA LEU N 166 -0.98 -46.50 38.74
C LEU N 166 -0.66 -45.25 39.55
N ALA N 167 -0.30 -45.43 40.83
CA ALA N 167 0.09 -44.28 41.65
C ALA N 167 1.31 -43.59 41.08
N MET N 168 2.32 -44.37 40.67
CA MET N 168 3.51 -43.79 40.05
C MET N 168 3.15 -43.11 38.73
N ALA N 169 2.28 -43.73 37.94
CA ALA N 169 1.89 -43.15 36.65
C ALA N 169 1.17 -41.82 36.84
N ILE N 170 0.30 -41.73 37.84
CA ILE N 170 -0.44 -40.50 38.05
C ILE N 170 0.42 -39.44 38.75
N SER N 171 1.41 -39.86 39.53
CA SER N 171 2.28 -38.88 40.17
C SER N 171 3.27 -38.29 39.17
N GLU N 172 3.77 -39.11 38.24
CA GLU N 172 4.78 -38.63 37.32
C GLU N 172 4.21 -37.75 36.22
N GLN N 173 2.99 -38.02 35.77
CA GLN N 173 2.37 -37.33 34.65
C GLN N 173 0.97 -36.88 35.01
N TYR N 174 0.86 -36.22 36.17
CA TYR N 174 -0.45 -35.79 36.67
C TYR N 174 -1.16 -34.90 35.67
N TYR N 175 -0.44 -33.94 35.08
CA TYR N 175 -1.08 -32.99 34.19
C TYR N 175 -1.66 -33.67 32.96
N ARG N 176 -0.94 -34.65 32.40
CA ARG N 176 -1.41 -35.31 31.19
C ARG N 176 -2.69 -36.10 31.47
N PHE N 177 -2.77 -36.76 32.62
CA PHE N 177 -3.92 -37.61 32.92
C PHE N 177 -5.04 -36.86 33.63
N LEU N 178 -4.85 -35.59 33.97
CA LEU N 178 -5.87 -34.85 34.70
C LEU N 178 -7.23 -34.83 34.01
N PRO N 179 -7.35 -34.50 32.71
CA PRO N 179 -8.68 -34.57 32.08
C PRO N 179 -9.27 -35.96 32.11
N PHE N 180 -8.44 -36.99 31.97
CA PHE N 180 -8.93 -38.36 32.09
C PHE N 180 -9.44 -38.62 33.50
N LEU N 181 -8.76 -38.09 34.51
CA LEU N 181 -9.26 -38.21 35.87
C LEU N 181 -10.62 -37.54 36.03
N GLN N 182 -10.77 -36.34 35.48
CA GLN N 182 -12.06 -35.65 35.57
C GLN N 182 -13.16 -36.45 34.90
N LYS N 183 -12.89 -36.99 33.71
CA LYS N 183 -13.90 -37.76 33.00
C LYS N 183 -14.27 -39.03 33.77
N GLY N 184 -13.27 -39.72 34.32
CA GLY N 184 -13.56 -40.92 35.10
C GLY N 184 -14.39 -40.61 36.33
N LEU N 185 -14.07 -39.52 37.03
CA LEU N 185 -14.87 -39.14 38.18
C LEU N 185 -16.29 -38.76 37.78
N ARG N 186 -16.44 -38.08 36.64
CA ARG N 186 -17.79 -37.74 36.17
C ARG N 186 -18.60 -38.99 35.89
N ARG N 187 -17.98 -40.00 35.25
CA ARG N 187 -18.71 -41.23 34.98
C ARG N 187 -19.05 -41.98 36.26
N VAL N 188 -18.14 -41.97 37.24
CA VAL N 188 -18.44 -42.60 38.53
C VAL N 188 -19.60 -41.90 39.20
N VAL N 189 -19.60 -40.57 39.19
CA VAL N 189 -20.71 -39.80 39.77
C VAL N 189 -22.01 -40.13 39.06
N ARG N 190 -21.95 -40.26 37.73
CA ARG N 190 -23.14 -40.67 36.97
C ARG N 190 -23.63 -42.03 37.43
N LYS N 191 -22.71 -42.96 37.72
CA LYS N 191 -23.12 -44.29 38.14
C LYS N 191 -23.85 -44.26 39.48
N TYR N 192 -23.24 -43.65 40.50
CA TYR N 192 -23.81 -43.57 41.83
C TYR N 192 -24.02 -42.12 42.24
N ALA N 193 -25.24 -41.79 42.66
CA ALA N 193 -25.63 -40.44 43.06
C ALA N 193 -25.29 -39.39 42.01
N PRO N 194 -25.87 -39.49 40.81
CA PRO N 194 -25.63 -38.47 39.78
C PRO N 194 -26.42 -37.18 39.96
N GLU N 195 -27.13 -37.04 41.09
CA GLU N 195 -27.91 -35.83 41.34
C GLU N 195 -27.00 -34.62 41.47
N LEU N 196 -25.87 -34.78 42.14
CA LEU N 196 -24.95 -33.68 42.39
C LEU N 196 -24.11 -33.33 41.17
N LEU N 197 -24.35 -33.98 40.03
CA LEU N 197 -23.56 -33.68 38.84
C LEU N 197 -23.71 -32.23 38.41
N ASN N 198 -24.94 -31.71 38.43
CA ASN N 198 -25.21 -30.37 37.95
C ASN N 198 -25.21 -29.37 39.08
N THR N 199 -25.01 -28.09 38.72
CA THR N 199 -24.96 -27.02 39.71
C THR N 199 -26.32 -26.82 40.37
N SER N 200 -27.37 -26.70 39.57
CA SER N 200 -28.72 -26.42 40.06
C SER N 200 -28.75 -25.16 40.94
N THR N 259 -24.35 -23.94 35.21
CA THR N 259 -25.12 -25.05 34.68
C THR N 259 -24.56 -26.38 35.16
N GLU N 260 -23.25 -26.57 34.99
CA GLU N 260 -22.58 -27.78 35.43
C GLU N 260 -21.59 -27.44 36.54
N ARG N 261 -21.58 -28.27 37.58
CA ARG N 261 -20.72 -28.06 38.74
C ARG N 261 -19.37 -28.72 38.51
N VAL N 262 -18.30 -27.95 38.69
CA VAL N 262 -16.95 -28.47 38.51
C VAL N 262 -16.56 -29.29 39.72
N PHE N 263 -16.10 -30.51 39.48
CA PHE N 263 -15.62 -31.39 40.54
C PHE N 263 -14.11 -31.27 40.64
N GLN N 264 -13.62 -31.02 41.85
CA GLN N 264 -12.19 -30.86 42.10
C GLN N 264 -11.66 -32.11 42.80
N ILE N 265 -10.52 -32.59 42.33
CA ILE N 265 -9.86 -33.76 42.90
C ILE N 265 -8.60 -33.28 43.61
N SER N 266 -8.49 -33.58 44.90
CA SER N 266 -7.33 -33.21 45.70
C SER N 266 -6.70 -34.45 46.28
N PHE N 267 -5.40 -34.61 46.06
CA PHE N 267 -4.63 -35.69 46.65
C PHE N 267 -3.93 -35.18 47.91
N PHE N 268 -3.99 -35.97 48.97
CA PHE N 268 -3.36 -35.60 50.24
C PHE N 268 -2.52 -36.76 50.75
N ASN N 269 -1.66 -36.43 51.73
CA ASN N 269 -0.74 -37.38 52.35
C ASN N 269 0.19 -38.01 51.32
N LEU N 270 0.97 -37.14 50.67
CA LEU N 270 2.05 -37.61 49.81
C LEU N 270 3.17 -38.19 50.68
N PRO N 271 3.91 -39.18 50.17
CA PRO N 271 4.98 -39.78 50.98
C PRO N 271 6.06 -38.81 51.40
N THR N 272 6.38 -37.83 50.55
CA THR N 272 7.52 -36.95 50.78
C THR N 272 7.07 -35.50 50.76
N VAL N 273 7.93 -34.63 51.30
CA VAL N 273 7.71 -33.20 51.32
C VAL N 273 8.94 -32.52 50.72
N HIS N 274 8.72 -31.69 49.71
CA HIS N 274 9.80 -30.95 49.05
C HIS N 274 9.85 -29.54 49.60
N ARG N 275 11.04 -29.08 49.96
CA ARG N 275 11.19 -27.68 50.32
C ARG N 275 11.30 -26.83 49.05
N ILE N 276 11.17 -25.52 49.24
CA ILE N 276 11.14 -24.60 48.10
C ILE N 276 12.45 -24.69 47.33
N ARG N 277 13.57 -24.85 48.04
CA ARG N 277 14.85 -24.98 47.37
C ARG N 277 15.02 -26.31 46.64
N ASP N 278 14.13 -27.27 46.86
CA ASP N 278 14.23 -28.57 46.22
C ASP N 278 13.53 -28.61 44.87
N ILE N 279 12.97 -27.49 44.40
CA ILE N 279 12.26 -27.49 43.13
C ILE N 279 13.24 -27.80 42.00
N ARG N 280 12.85 -28.71 41.11
CA ARG N 280 13.69 -29.12 40.00
C ARG N 280 12.85 -29.16 38.73
N SER N 281 13.54 -28.98 37.59
CA SER N 281 12.83 -28.97 36.32
C SER N 281 12.26 -30.34 35.97
N GLU N 282 12.95 -31.42 36.36
CA GLU N 282 12.47 -32.75 36.04
C GLU N 282 11.19 -33.12 36.78
N LYS N 283 10.80 -32.33 37.77
CA LYS N 283 9.54 -32.53 38.48
C LYS N 283 8.41 -31.68 37.91
N ILE N 284 8.65 -30.94 36.83
CA ILE N 284 7.64 -30.05 36.28
C ILE N 284 6.46 -30.86 35.75
N GLY N 285 5.25 -30.46 36.14
CA GLY N 285 4.06 -31.16 35.75
C GLY N 285 3.71 -32.35 36.62
N SER N 286 4.54 -32.68 37.60
CA SER N 286 4.30 -33.82 38.46
C SER N 286 3.59 -33.39 39.74
N LEU N 287 3.18 -34.36 40.54
CA LEU N 287 2.51 -34.11 41.79
C LEU N 287 3.50 -34.21 42.93
N LEU N 288 3.40 -33.27 43.88
CA LEU N 288 4.31 -33.22 45.02
C LEU N 288 3.70 -32.29 46.06
N SER N 289 4.43 -32.07 47.15
CA SER N 289 4.01 -31.21 48.22
C SER N 289 5.15 -30.28 48.63
N ILE N 290 4.79 -29.07 49.05
CA ILE N 290 5.76 -28.08 49.51
C ILE N 290 5.28 -27.51 50.84
N SER N 291 6.23 -26.96 51.59
CA SER N 291 5.95 -26.38 52.91
C SER N 291 6.64 -25.03 53.00
N GLY N 292 5.85 -23.98 53.14
CA GLY N 292 6.40 -22.64 53.20
C GLY N 292 5.56 -21.75 54.10
N THR N 293 6.02 -20.51 54.26
CA THR N 293 5.34 -19.52 55.07
C THR N 293 4.70 -18.48 54.16
N VAL N 294 3.43 -18.18 54.42
CA VAL N 294 2.65 -17.31 53.56
C VAL N 294 3.06 -15.87 53.80
N THR N 295 3.45 -15.17 52.72
CA THR N 295 3.91 -13.79 52.81
C THR N 295 2.91 -12.80 52.24
N ARG N 296 2.46 -13.00 51.00
CA ARG N 296 1.50 -12.09 50.37
C ARG N 296 0.33 -12.90 49.85
N THR N 297 -0.88 -12.43 50.12
CA THR N 297 -2.11 -13.02 49.60
C THR N 297 -2.86 -11.98 48.79
N SER N 298 -3.32 -12.37 47.61
CA SER N 298 -4.04 -11.46 46.74
C SER N 298 -5.54 -11.70 46.83
N GLU N 299 -6.30 -10.86 46.14
CA GLU N 299 -7.75 -10.95 46.15
C GLU N 299 -8.22 -12.21 45.42
N VAL N 300 -9.38 -12.71 45.83
CA VAL N 300 -10.01 -13.83 45.14
C VAL N 300 -10.62 -13.28 43.85
N ARG N 301 -10.08 -13.70 42.72
CA ARG N 301 -10.55 -13.15 41.46
C ARG N 301 -11.07 -14.25 40.56
N PRO N 302 -12.06 -13.95 39.71
CA PRO N 302 -12.55 -14.95 38.77
C PRO N 302 -11.53 -15.24 37.68
N GLU N 303 -11.62 -16.47 37.15
CA GLU N 303 -10.82 -16.89 36.01
C GLU N 303 -11.71 -17.67 35.06
N LEU N 304 -11.36 -17.63 33.79
CA LEU N 304 -12.22 -18.16 32.73
C LEU N 304 -12.07 -19.68 32.66
N TYR N 305 -12.92 -20.39 33.40
CA TYR N 305 -12.93 -21.84 33.30
C TYR N 305 -13.37 -22.28 31.90
N LYS N 306 -14.50 -21.77 31.43
CA LYS N 306 -14.97 -21.98 30.08
C LYS N 306 -15.50 -20.65 29.56
N ALA N 307 -15.17 -20.33 28.31
CA ALA N 307 -15.39 -18.99 27.79
C ALA N 307 -16.32 -19.03 26.58
N SER N 308 -17.28 -18.11 26.57
CA SER N 308 -18.22 -17.95 25.46
C SER N 308 -17.95 -16.62 24.78
N PHE N 309 -18.32 -16.55 23.50
CA PHE N 309 -18.00 -15.37 22.69
C PHE N 309 -19.12 -15.10 21.70
N THR N 310 -19.12 -13.87 21.17
CA THR N 310 -20.07 -13.44 20.14
C THR N 310 -19.36 -13.41 18.79
N CYS N 311 -20.01 -13.95 17.77
CA CYS N 311 -19.39 -14.10 16.46
C CYS N 311 -19.24 -12.77 15.75
N ASP N 312 -18.30 -12.70 14.82
CA ASP N 312 -18.13 -11.50 14.01
C ASP N 312 -19.11 -11.47 12.85
N MET N 313 -18.94 -12.38 11.88
CA MET N 313 -19.91 -12.49 10.80
C MET N 313 -20.95 -13.55 11.20
N CYS N 314 -22.21 -13.26 10.88
CA CYS N 314 -23.39 -13.77 11.60
C CYS N 314 -23.26 -13.53 13.10
N ARG N 315 -23.32 -12.25 13.47
CA ARG N 315 -23.26 -11.85 14.88
C ARG N 315 -24.23 -12.69 15.71
N ALA N 316 -23.67 -13.47 16.61
CA ALA N 316 -24.40 -14.38 17.48
C ALA N 316 -23.40 -14.91 18.50
N ILE N 317 -23.92 -15.52 19.57
CA ILE N 317 -23.12 -15.92 20.71
C ILE N 317 -22.98 -17.44 20.71
N VAL N 318 -21.74 -17.92 20.71
CA VAL N 318 -21.47 -19.33 20.96
C VAL N 318 -21.49 -19.57 22.46
N ASP N 319 -21.98 -20.73 22.88
CA ASP N 319 -22.34 -20.96 24.27
C ASP N 319 -21.48 -22.05 24.89
N ASN N 320 -20.84 -21.72 26.02
CA ASN N 320 -20.16 -22.68 26.89
C ASN N 320 -19.06 -23.45 26.15
N VAL N 321 -18.05 -22.70 25.74
CA VAL N 321 -16.86 -23.26 25.12
C VAL N 321 -15.72 -23.25 26.15
N GLU N 322 -15.00 -24.36 26.24
CA GLU N 322 -13.92 -24.49 27.21
C GLU N 322 -12.85 -23.43 26.96
N GLN N 323 -12.37 -22.84 28.05
CA GLN N 323 -11.25 -21.90 28.00
C GLN N 323 -10.03 -22.57 28.62
N SER N 324 -8.95 -22.65 27.86
CA SER N 324 -7.72 -23.29 28.30
C SER N 324 -6.93 -22.34 29.19
N PHE N 325 -5.66 -22.69 29.44
CA PHE N 325 -4.77 -21.82 30.21
C PHE N 325 -4.53 -20.47 29.56
N LYS N 326 -4.82 -20.33 28.26
CA LYS N 326 -4.65 -19.08 27.55
C LYS N 326 -5.90 -18.80 26.72
N TYR N 327 -5.94 -17.60 26.15
CA TYR N 327 -7.10 -17.18 25.35
C TYR N 327 -7.33 -18.13 24.19
N THR N 328 -8.59 -18.51 23.99
CA THR N 328 -8.96 -19.47 22.96
C THR N 328 -10.05 -18.91 22.07
N GLU N 329 -10.07 -19.36 20.82
CA GLU N 329 -11.05 -18.93 19.84
C GLU N 329 -11.86 -20.13 19.37
N PRO N 330 -13.19 -20.08 19.45
CA PRO N 330 -14.02 -21.23 19.04
C PRO N 330 -13.91 -21.46 17.54
N THR N 331 -13.36 -22.63 17.17
CA THR N 331 -13.26 -22.98 15.76
C THR N 331 -14.65 -23.13 15.14
N PHE N 332 -15.56 -23.79 15.85
CA PHE N 332 -16.93 -23.93 15.39
C PHE N 332 -17.70 -22.65 15.64
N CYS N 333 -18.86 -22.54 15.00
CA CYS N 333 -19.72 -21.37 15.07
C CYS N 333 -21.15 -21.78 15.34
N PRO N 334 -21.93 -20.93 16.03
CA PRO N 334 -23.37 -21.20 16.16
C PRO N 334 -24.07 -21.39 14.83
N ASN N 335 -23.70 -20.62 13.81
CA ASN N 335 -24.15 -20.90 12.45
C ASN N 335 -23.10 -21.79 11.80
N PRO N 336 -23.42 -23.05 11.47
CA PRO N 336 -22.40 -23.92 10.86
C PRO N 336 -21.83 -23.40 9.54
N SER N 337 -22.60 -22.60 8.80
CA SER N 337 -22.12 -22.08 7.52
C SER N 337 -21.09 -20.96 7.69
N CYS N 338 -21.01 -20.35 8.87
CA CYS N 338 -20.12 -19.23 9.10
C CYS N 338 -18.65 -19.60 8.92
N GLU N 339 -18.14 -20.41 9.84
CA GLU N 339 -16.73 -20.80 9.86
C GLU N 339 -15.82 -19.57 9.84
N ASN N 340 -16.26 -18.51 10.52
CA ASN N 340 -15.45 -17.31 10.70
C ASN N 340 -15.27 -17.03 12.18
N ARG N 341 -14.04 -16.73 12.58
CA ARG N 341 -13.69 -16.59 13.99
C ARG N 341 -12.78 -15.39 14.25
N ALA N 342 -12.68 -14.44 13.32
CA ALA N 342 -11.69 -13.38 13.44
C ALA N 342 -11.97 -12.50 14.66
N PHE N 343 -13.22 -12.11 14.86
CA PHE N 343 -13.59 -11.18 15.93
C PHE N 343 -14.64 -11.84 16.81
N TRP N 344 -14.23 -12.24 18.01
CA TRP N 344 -15.12 -12.83 19.00
C TRP N 344 -15.33 -11.83 20.13
N THR N 345 -16.56 -11.72 20.61
CA THR N 345 -16.91 -10.80 21.70
C THR N 345 -17.43 -11.63 22.86
N LEU N 346 -16.66 -11.72 23.94
CA LEU N 346 -17.00 -12.59 25.05
C LEU N 346 -18.26 -12.11 25.77
N ASN N 347 -19.05 -13.07 26.24
CA ASN N 347 -20.22 -12.81 27.06
C ASN N 347 -20.07 -13.52 28.39
N VAL N 348 -20.27 -12.79 29.49
CA VAL N 348 -20.03 -13.35 30.81
C VAL N 348 -21.10 -14.37 31.18
N THR N 349 -22.28 -14.28 30.58
CA THR N 349 -23.40 -15.12 30.99
C THR N 349 -23.10 -16.60 30.74
N ARG N 350 -22.61 -16.92 29.54
CA ARG N 350 -22.32 -18.30 29.19
C ARG N 350 -20.86 -18.67 29.40
N SER N 351 -20.13 -17.87 30.17
CA SER N 351 -18.74 -18.14 30.49
C SER N 351 -18.64 -18.58 31.95
N ARG N 352 -18.12 -19.78 32.16
CA ARG N 352 -17.96 -20.29 33.51
C ARG N 352 -16.78 -19.61 34.21
N PHE N 353 -16.74 -19.73 35.52
CA PHE N 353 -15.65 -19.16 36.31
C PHE N 353 -15.35 -20.03 37.51
N LEU N 354 -14.13 -19.92 38.01
CA LEU N 354 -13.74 -20.53 39.27
C LEU N 354 -13.17 -19.45 40.18
N ASP N 355 -12.54 -19.86 41.28
CA ASP N 355 -11.91 -18.93 42.20
C ASP N 355 -10.39 -18.96 42.03
N TRP N 356 -9.80 -17.80 41.83
CA TRP N 356 -8.36 -17.66 41.64
C TRP N 356 -7.79 -16.75 42.72
N GLN N 357 -6.66 -17.17 43.30
CA GLN N 357 -5.97 -16.36 44.29
C GLN N 357 -4.50 -16.77 44.29
N LYS N 358 -3.62 -15.78 44.25
CA LYS N 358 -2.18 -16.03 44.20
C LYS N 358 -1.59 -15.75 45.58
N VAL N 359 -0.88 -16.73 46.13
CA VAL N 359 -0.24 -16.61 47.43
C VAL N 359 1.26 -16.77 47.23
N ARG N 360 2.01 -15.79 47.71
CA ARG N 360 3.47 -15.83 47.63
C ARG N 360 4.01 -16.45 48.90
N ILE N 361 4.43 -17.71 48.81
CA ILE N 361 5.00 -18.39 49.97
C ILE N 361 6.48 -18.07 50.07
N GLN N 362 7.04 -18.31 51.25
CA GLN N 362 8.45 -18.07 51.49
C GLN N 362 9.05 -19.25 52.23
N GLU N 363 10.32 -19.52 51.96
CA GLU N 363 11.01 -20.61 52.63
C GLU N 363 11.11 -20.36 54.12
N ASN N 364 10.87 -21.39 54.91
CA ASN N 364 10.94 -21.25 56.35
C ASN N 364 12.38 -21.07 56.80
N ALA N 365 12.55 -20.52 58.01
CA ALA N 365 13.87 -20.18 58.50
C ALA N 365 14.74 -21.42 58.66
N ASN N 366 14.18 -22.50 59.20
CA ASN N 366 14.97 -23.68 59.51
C ASN N 366 15.53 -24.38 58.27
N GLU N 367 14.97 -24.12 57.10
CA GLU N 367 15.40 -24.78 55.88
C GLU N 367 16.46 -24.00 55.11
N ILE N 368 16.84 -22.81 55.59
CA ILE N 368 17.73 -21.95 54.81
C ILE N 368 19.16 -22.47 54.93
N PRO N 369 19.88 -22.65 53.81
CA PRO N 369 21.29 -23.04 53.89
C PRO N 369 22.17 -21.93 54.43
N THR N 370 23.48 -22.19 54.47
CA THR N 370 24.42 -21.24 55.04
C THR N 370 24.61 -20.07 54.10
N GLY N 371 24.37 -18.86 54.59
CA GLY N 371 24.67 -17.67 53.77
C GLY N 371 23.57 -17.32 52.80
N SER N 372 22.84 -18.31 52.33
CA SER N 372 21.83 -17.96 51.32
C SER N 372 20.78 -17.04 51.92
N MET N 373 20.37 -16.05 51.15
CA MET N 373 19.26 -15.17 51.59
C MET N 373 17.98 -15.97 51.34
N PRO N 374 16.81 -15.68 51.94
CA PRO N 374 15.66 -16.53 51.73
C PRO N 374 15.16 -16.62 50.29
N ARG N 375 14.62 -17.78 49.92
CA ARG N 375 14.07 -18.00 48.54
C ARG N 375 12.56 -18.10 48.66
N THR N 376 11.81 -17.69 47.65
CA THR N 376 10.33 -17.67 47.76
C THR N 376 9.68 -18.20 46.48
N LEU N 377 8.45 -18.68 46.59
CA LEU N 377 7.72 -19.20 45.41
C LEU N 377 6.31 -18.63 45.40
N ASP N 378 5.73 -18.48 44.23
CA ASP N 378 4.36 -18.03 44.03
C ASP N 378 3.46 -19.25 43.86
N VAL N 379 2.42 -19.34 44.68
CA VAL N 379 1.49 -20.47 44.69
C VAL N 379 0.11 -19.96 44.36
N ILE N 380 -0.55 -20.61 43.42
CA ILE N 380 -1.90 -20.24 43.00
C ILE N 380 -2.89 -21.21 43.62
N LEU N 381 -3.87 -20.67 44.34
CA LEU N 381 -4.93 -21.47 44.94
C LEU N 381 -6.18 -21.31 44.08
N ARG N 382 -6.58 -22.38 43.43
CA ARG N 382 -7.76 -22.40 42.58
C ARG N 382 -8.81 -23.32 43.19
N GLY N 383 -10.01 -22.79 43.41
CA GLY N 383 -11.10 -23.55 43.98
C GLY N 383 -11.53 -23.00 45.33
N ASP N 384 -12.10 -23.88 46.15
CA ASP N 384 -12.61 -23.49 47.46
C ASP N 384 -11.52 -23.12 48.44
N SER N 385 -10.26 -23.43 48.12
CA SER N 385 -9.15 -23.21 49.05
C SER N 385 -8.71 -21.75 49.11
N VAL N 386 -9.44 -20.85 48.47
CA VAL N 386 -9.06 -19.43 48.48
C VAL N 386 -9.26 -18.86 49.87
N GLU N 387 -8.38 -17.94 50.25
CA GLU N 387 -8.42 -17.25 51.55
C GLU N 387 -8.40 -18.24 52.71
N ARG N 388 -7.75 -19.38 52.53
CA ARG N 388 -7.65 -20.38 53.58
C ARG N 388 -6.44 -20.17 54.48
N ALA N 389 -5.55 -19.24 54.14
CA ALA N 389 -4.34 -19.03 54.92
C ALA N 389 -4.09 -17.54 55.07
N LYS N 390 -3.85 -17.11 56.31
CA LYS N 390 -3.51 -15.73 56.58
C LYS N 390 -2.01 -15.51 56.40
N PRO N 391 -1.60 -14.27 56.12
CA PRO N 391 -0.16 -13.99 55.99
C PRO N 391 0.57 -14.30 57.27
N GLY N 392 1.79 -14.81 57.13
CA GLY N 392 2.60 -15.11 58.29
C GLY N 392 2.32 -16.43 58.96
N ASP N 393 1.76 -17.40 58.24
CA ASP N 393 1.49 -18.72 58.78
C ASP N 393 2.24 -19.77 57.99
N ARG N 394 2.72 -20.80 58.68
CA ARG N 394 3.35 -21.94 58.02
C ARG N 394 2.27 -22.90 57.52
N CYS N 395 2.22 -23.11 56.21
CA CYS N 395 1.22 -23.97 55.60
C CYS N 395 1.91 -25.01 54.73
N LYS N 396 1.27 -26.16 54.60
CA LYS N 396 1.72 -27.22 53.70
C LYS N 396 0.86 -27.20 52.45
N PHE N 397 1.48 -27.00 51.31
CA PHE N 397 0.78 -26.92 50.03
C PHE N 397 0.98 -28.21 49.26
N THR N 398 -0.11 -28.77 48.75
CA THR N 398 -0.06 -29.94 47.89
C THR N 398 -0.68 -29.59 46.55
N GLY N 399 0.03 -29.89 45.48
CA GLY N 399 -0.45 -29.54 44.16
C GLY N 399 0.48 -30.05 43.10
N VAL N 400 0.33 -29.48 41.90
CA VAL N 400 1.11 -29.89 40.73
C VAL N 400 2.15 -28.81 40.44
N GLU N 401 3.38 -29.23 40.14
CA GLU N 401 4.41 -28.30 39.71
C GLU N 401 4.05 -27.73 38.36
N ILE N 402 4.10 -26.40 38.24
CA ILE N 402 3.59 -25.72 37.05
C ILE N 402 4.62 -24.69 36.60
N VAL N 403 4.54 -24.33 35.33
CA VAL N 403 5.38 -23.27 34.76
C VAL N 403 4.47 -22.19 34.22
N VAL N 404 5.00 -20.96 34.20
CA VAL N 404 4.25 -19.80 33.71
C VAL N 404 5.21 -18.95 32.89
N PRO N 405 4.78 -18.36 31.79
CA PRO N 405 5.71 -17.58 30.96
C PRO N 405 6.27 -16.38 31.70
N ASP N 406 7.55 -16.10 31.44
CA ASP N 406 8.24 -14.98 32.05
C ASP N 406 8.87 -14.13 30.95
N VAL N 407 8.65 -12.81 31.02
CA VAL N 407 9.25 -11.89 30.07
C VAL N 407 10.41 -11.12 30.67
N THR N 408 10.67 -11.26 31.96
CA THR N 408 11.74 -10.49 32.61
C THR N 408 13.12 -11.03 32.29
N GLN N 409 13.27 -12.34 32.13
CA GLN N 409 14.58 -12.95 31.92
C GLN N 409 15.01 -12.82 30.45
N LEU N 410 15.17 -11.57 30.03
CA LEU N 410 15.54 -11.29 28.64
C LEU N 410 17.03 -11.13 28.45
N GLY N 411 17.75 -10.61 29.44
CA GLY N 411 19.19 -10.44 29.35
C GLY N 411 20.02 -11.47 30.09
N LEU N 412 19.41 -12.51 30.62
CA LEU N 412 20.14 -13.47 31.43
C LEU N 412 21.13 -14.27 30.58
N PRO N 413 22.23 -14.73 31.19
CA PRO N 413 23.16 -15.58 30.46
C PRO N 413 22.52 -16.90 30.05
N GLY N 414 23.02 -17.45 28.96
CA GLY N 414 22.50 -18.69 28.43
C GLY N 414 21.65 -18.40 27.20
N VAL N 415 21.68 -19.32 26.24
CA VAL N 415 20.92 -19.15 25.00
C VAL N 415 19.44 -19.20 25.32
N LYS N 416 18.70 -18.22 24.80
CA LYS N 416 17.27 -18.16 25.05
C LYS N 416 16.52 -19.03 24.05
N PRO N 417 15.76 -20.03 24.49
CA PRO N 417 14.96 -20.82 23.55
C PRO N 417 13.97 -19.93 22.81
N SER N 418 13.81 -20.19 21.51
CA SER N 418 12.98 -19.37 20.66
C SER N 418 12.34 -20.24 19.60
N SER N 419 11.10 -19.91 19.23
CA SER N 419 10.34 -20.66 18.26
C SER N 419 10.23 -19.86 16.97
N THR N 420 10.49 -20.52 15.85
CA THR N 420 10.34 -19.92 14.53
C THR N 420 9.25 -20.65 13.76
N LEU N 421 8.43 -19.89 13.06
CA LEU N 421 7.30 -20.45 12.32
C LEU N 421 7.22 -19.88 10.91
N SER N 442 6.44 -17.56 6.97
CA SER N 442 6.51 -16.40 7.83
C SER N 442 7.69 -16.49 8.79
N LEU N 443 7.61 -15.74 9.89
CA LEU N 443 8.63 -15.78 10.93
C LEU N 443 8.14 -16.48 12.20
N GLY N 444 7.03 -16.02 12.75
CA GLY N 444 6.43 -16.66 13.92
C GLY N 444 7.33 -16.70 15.14
N VAL N 445 8.05 -15.62 15.42
CA VAL N 445 9.02 -15.61 16.51
C VAL N 445 8.31 -15.50 17.85
N ARG N 446 8.85 -16.19 18.85
CA ARG N 446 8.29 -16.17 20.20
C ARG N 446 9.34 -16.67 21.16
N ASP N 447 9.72 -15.85 22.14
CA ASP N 447 10.72 -16.23 23.11
C ASP N 447 10.10 -17.14 24.17
N LEU N 448 10.68 -18.32 24.34
CA LEU N 448 10.14 -19.33 25.25
C LEU N 448 10.85 -19.25 26.61
N THR N 449 10.60 -18.15 27.31
CA THR N 449 11.18 -17.91 28.63
C THR N 449 10.10 -18.08 29.68
N TYR N 450 10.40 -18.83 30.75
CA TYR N 450 9.42 -19.19 31.75
C TYR N 450 10.01 -19.07 33.14
N LYS N 451 9.14 -19.01 34.13
CA LYS N 451 9.51 -19.07 35.52
C LYS N 451 8.62 -20.09 36.22
N ILE N 452 9.17 -20.70 37.26
CA ILE N 452 8.48 -21.80 37.94
C ILE N 452 7.50 -21.25 38.97
N SER N 453 6.30 -21.81 39.00
CA SER N 453 5.29 -21.46 39.98
C SER N 453 4.67 -22.76 40.49
N PHE N 454 3.56 -22.64 41.21
CA PHE N 454 2.90 -23.80 41.79
C PHE N 454 1.39 -23.63 41.72
N LEU N 455 0.70 -24.72 41.44
CA LEU N 455 -0.76 -24.77 41.46
C LEU N 455 -1.16 -25.79 42.50
N ALA N 456 -1.67 -25.32 43.64
CA ALA N 456 -1.92 -26.18 44.78
C ALA N 456 -3.37 -26.65 44.78
N CYS N 457 -3.57 -27.95 44.87
CA CYS N 457 -4.92 -28.51 44.96
C CYS N 457 -5.60 -28.09 46.25
N HIS N 458 -4.86 -28.08 47.37
CA HIS N 458 -5.43 -27.71 48.65
C HIS N 458 -4.29 -27.26 49.56
N VAL N 459 -4.67 -26.68 50.70
CA VAL N 459 -3.71 -26.14 51.66
C VAL N 459 -4.01 -26.73 53.03
N ILE N 460 -2.96 -27.14 53.74
CA ILE N 460 -3.06 -27.62 55.11
C ILE N 460 -2.10 -26.81 55.97
N SER N 461 -2.61 -26.27 57.08
CA SER N 461 -1.77 -25.53 57.99
C SER N 461 -1.04 -26.49 58.94
N ILE N 462 0.07 -26.00 59.50
CA ILE N 462 0.84 -26.78 60.46
C ILE N 462 1.14 -25.93 61.68
N ASP N 500 -16.29 -20.95 69.81
CA ASP N 500 -16.59 -21.14 71.26
C ASP N 500 -15.82 -22.36 71.77
N GLN N 501 -15.99 -22.67 73.06
CA GLN N 501 -15.22 -23.79 73.66
C GLN N 501 -15.66 -25.08 72.97
N GLU N 502 -16.85 -25.10 72.36
CA GLU N 502 -17.37 -26.35 71.76
C GLU N 502 -16.49 -26.82 70.60
N VAL N 503 -16.16 -25.92 69.68
CA VAL N 503 -15.30 -26.29 68.53
C VAL N 503 -13.91 -26.62 69.08
N PHE N 504 -13.45 -25.81 70.04
CA PHE N 504 -12.14 -26.10 70.66
C PHE N 504 -12.22 -27.46 71.35
N LEU N 505 -13.30 -27.70 72.11
CA LEU N 505 -13.42 -28.96 72.89
C LEU N 505 -13.49 -30.14 71.92
N ASN N 506 -13.92 -29.88 70.69
CA ASN N 506 -14.12 -30.99 69.76
C ASN N 506 -12.73 -31.42 69.26
N SER N 507 -11.87 -30.48 68.94
CA SER N 507 -10.59 -30.91 68.38
C SER N 507 -9.60 -31.33 69.47
N LEU N 508 -10.05 -32.20 70.37
CA LEU N 508 -9.17 -32.80 71.37
C LEU N 508 -9.48 -34.28 71.50
N SER N 509 -8.50 -35.05 71.94
CA SER N 509 -8.69 -36.45 72.25
C SER N 509 -9.15 -36.60 73.70
N SER N 510 -9.64 -37.81 74.02
CA SER N 510 -10.17 -38.07 75.35
C SER N 510 -9.10 -37.89 76.42
N ASP N 511 -7.89 -38.39 76.17
CA ASP N 511 -6.80 -38.19 77.11
C ASP N 511 -6.44 -36.71 77.21
N GLU N 512 -6.46 -36.00 76.08
CA GLU N 512 -6.19 -34.56 76.09
C GLU N 512 -7.23 -33.82 76.91
N ILE N 513 -8.51 -34.17 76.75
CA ILE N 513 -9.57 -33.53 77.51
C ILE N 513 -9.41 -33.82 78.99
N ASN N 514 -9.07 -35.06 79.33
CA ASN N 514 -8.84 -35.41 80.72
C ASN N 514 -7.68 -34.61 81.31
N GLU N 515 -6.67 -34.44 80.47
CA GLU N 515 -5.45 -33.68 80.87
C GLU N 515 -5.89 -32.26 81.17
N LEU N 516 -6.53 -31.62 80.20
CA LEU N 516 -6.91 -30.21 80.38
C LEU N 516 -7.84 -30.12 81.59
N LYS N 517 -8.79 -31.03 81.70
CA LYS N 517 -9.77 -30.93 82.82
C LYS N 517 -9.02 -31.10 84.14
N GLU N 518 -8.04 -32.02 84.18
CA GLU N 518 -7.32 -32.29 85.44
C GLU N 518 -6.59 -31.00 85.85
N MET N 519 -5.97 -30.32 84.89
CA MET N 519 -5.26 -29.06 85.17
C MET N 519 -6.27 -28.04 85.70
N VAL N 520 -7.46 -27.97 85.12
CA VAL N 520 -8.47 -26.92 85.49
C VAL N 520 -8.83 -27.06 86.97
N LYS N 521 -8.85 -28.29 87.49
CA LYS N 521 -9.31 -28.51 88.88
C LYS N 521 -8.16 -28.30 89.87
N ASP N 522 -6.92 -28.57 89.45
CA ASP N 522 -5.84 -28.53 90.43
C ASP N 522 -5.75 -27.17 91.12
N GLU N 523 -5.37 -27.19 92.40
CA GLU N 523 -5.14 -25.95 93.14
C GLU N 523 -3.82 -25.32 92.73
N HIS N 524 -2.79 -26.13 92.51
CA HIS N 524 -1.46 -25.64 92.17
C HIS N 524 -1.34 -25.25 90.69
N ILE N 525 -2.46 -25.12 89.98
CA ILE N 525 -2.39 -24.84 88.55
C ILE N 525 -1.64 -23.52 88.30
N TYR N 526 -1.91 -22.50 89.11
CA TYR N 526 -1.22 -21.23 88.96
C TYR N 526 0.28 -21.39 89.21
N ASP N 527 0.64 -22.03 90.33
CA ASP N 527 2.05 -22.17 90.68
C ASP N 527 2.78 -23.03 89.65
N LYS N 528 2.19 -24.15 89.25
CA LYS N 528 2.83 -25.01 88.27
C LYS N 528 2.97 -24.31 86.92
N LEU N 529 1.94 -23.58 86.50
CA LEU N 529 2.03 -22.83 85.25
C LEU N 529 3.14 -21.80 85.31
N VAL N 530 3.24 -21.06 86.41
CA VAL N 530 4.28 -20.04 86.53
C VAL N 530 5.65 -20.67 86.49
N ARG N 531 5.83 -21.79 87.18
CA ARG N 531 7.14 -22.45 87.18
C ARG N 531 7.50 -22.98 85.80
N SER N 532 6.50 -23.33 85.00
CA SER N 532 6.76 -24.01 83.73
C SER N 532 7.30 -23.07 82.66
N ILE N 533 7.02 -21.77 82.77
CA ILE N 533 7.42 -20.83 81.72
C ILE N 533 8.93 -20.66 81.72
N ALA N 534 9.53 -20.73 80.53
CA ALA N 534 10.96 -20.56 80.32
C ALA N 534 11.77 -21.50 81.19
N PRO N 535 11.75 -22.81 80.91
CA PRO N 535 12.49 -23.75 81.76
C PRO N 535 13.97 -23.46 81.87
N ALA N 536 14.58 -22.96 80.80
CA ALA N 536 16.02 -22.68 80.83
C ALA N 536 16.36 -21.60 81.83
N VAL N 537 15.53 -20.55 81.90
CA VAL N 537 15.81 -19.44 82.81
C VAL N 537 15.53 -19.86 84.24
N PHE N 538 16.41 -19.48 85.15
CA PHE N 538 16.32 -19.87 86.55
C PHE N 538 16.31 -18.62 87.43
N GLY N 539 15.38 -18.58 88.38
CA GLY N 539 15.40 -17.61 89.44
C GLY N 539 14.51 -16.40 89.29
N HIS N 540 13.97 -16.16 88.10
CA HIS N 540 13.12 -14.99 87.86
C HIS N 540 11.68 -15.45 87.80
N GLU N 541 10.88 -15.08 88.81
CA GLU N 541 9.49 -15.48 88.85
C GLU N 541 8.54 -14.36 88.46
N ALA N 542 8.89 -13.11 88.75
CA ALA N 542 8.03 -12.00 88.36
C ALA N 542 7.92 -11.91 86.84
N VAL N 543 9.05 -12.07 86.15
CA VAL N 543 9.04 -12.01 84.69
C VAL N 543 8.22 -13.16 84.11
N LYS N 544 8.37 -14.36 84.69
CA LYS N 544 7.57 -15.49 84.23
C LYS N 544 6.09 -15.24 84.44
N LYS N 545 5.72 -14.70 85.60
CA LYS N 545 4.31 -14.39 85.86
C LYS N 545 3.78 -13.39 84.85
N GLY N 546 4.55 -12.33 84.59
CA GLY N 546 4.10 -11.33 83.64
C GLY N 546 3.93 -11.89 82.24
N ILE N 547 4.90 -12.70 81.79
CA ILE N 547 4.82 -13.26 80.45
C ILE N 547 3.67 -14.25 80.34
N LEU N 548 3.45 -15.05 81.38
CA LEU N 548 2.31 -15.97 81.37
C LEU N 548 0.99 -15.21 81.30
N LEU N 549 0.88 -14.12 82.07
CA LEU N 549 -0.32 -13.29 82.00
C LEU N 549 -0.50 -12.73 80.61
N GLN N 550 0.60 -12.25 80.00
CA GLN N 550 0.52 -11.68 78.67
C GLN N 550 0.05 -12.72 77.65
N MET N 551 0.57 -13.94 77.74
CA MET N 551 0.09 -14.99 76.85
C MET N 551 -1.39 -15.27 77.08
N LEU N 552 -1.81 -15.31 78.34
CA LEU N 552 -3.22 -15.49 78.63
C LEU N 552 -4.06 -14.31 78.15
N GLY N 553 -3.43 -13.16 77.93
CA GLY N 553 -4.13 -12.04 77.33
C GLY N 553 -5.14 -11.42 78.26
N GLY N 554 -6.06 -10.69 77.65
CA GLY N 554 -7.09 -10.00 78.40
C GLY N 554 -8.43 -9.95 77.68
N VAL N 555 -9.32 -9.07 78.14
CA VAL N 555 -10.61 -8.86 77.49
C VAL N 555 -10.61 -7.45 76.93
N HIS N 556 -10.73 -7.34 75.61
CA HIS N 556 -10.80 -6.05 74.94
C HIS N 556 -12.27 -5.67 74.78
N LYS N 557 -12.62 -4.47 75.23
CA LYS N 557 -14.01 -4.08 75.40
C LYS N 557 -14.25 -2.71 74.79
N SER N 558 -15.48 -2.51 74.29
CA SER N 558 -15.91 -1.24 73.76
C SER N 558 -17.13 -0.76 74.54
N THR N 559 -17.07 0.47 75.03
CA THR N 559 -18.18 1.05 75.73
C THR N 559 -19.32 1.37 74.76
N VAL N 560 -20.45 1.82 75.32
CA VAL N 560 -21.53 2.32 74.48
C VAL N 560 -21.10 3.56 73.72
N GLU N 561 -20.09 4.28 74.23
CA GLU N 561 -19.64 5.50 73.59
C GLU N 561 -18.90 5.24 72.27
N GLY N 562 -18.39 4.03 72.09
CA GLY N 562 -17.58 3.71 70.93
C GLY N 562 -16.09 3.65 71.21
N ILE N 563 -15.64 4.17 72.34
CA ILE N 563 -14.24 4.05 72.71
C ILE N 563 -13.96 2.61 73.11
N LYS N 564 -12.80 2.10 72.72
CA LYS N 564 -12.44 0.71 72.94
C LYS N 564 -11.39 0.62 74.04
N LEU N 565 -11.59 -0.32 74.96
CA LEU N 565 -10.66 -0.56 76.06
C LEU N 565 -9.90 -1.84 75.77
N ARG N 566 -8.62 -1.71 75.43
CA ARG N 566 -7.80 -2.88 75.17
C ARG N 566 -7.56 -3.67 76.44
N GLY N 567 -7.40 -4.98 76.29
CA GLY N 567 -7.21 -5.83 77.44
C GLY N 567 -5.86 -6.53 77.45
N ASP N 568 -5.26 -6.66 76.28
CA ASP N 568 -3.96 -7.32 76.17
C ASP N 568 -2.89 -6.55 76.93
N ILE N 569 -1.94 -7.28 77.48
CA ILE N 569 -0.96 -6.72 78.41
C ILE N 569 0.32 -6.41 77.65
N ASN N 570 0.98 -5.32 78.07
CA ASN N 570 2.24 -4.90 77.48
C ASN N 570 3.33 -4.96 78.54
N ILE N 571 4.45 -5.59 78.19
CA ILE N 571 5.55 -5.82 79.12
C ILE N 571 6.79 -5.11 78.59
N CYS N 572 7.45 -4.35 79.46
CA CYS N 572 8.74 -3.74 79.15
C CYS N 572 9.76 -4.22 80.17
N VAL N 573 10.83 -4.84 79.68
CA VAL N 573 11.86 -5.43 80.54
C VAL N 573 13.16 -4.68 80.31
N VAL N 574 13.76 -4.20 81.39
CA VAL N 574 15.04 -3.50 81.34
C VAL N 574 15.93 -4.06 82.43
N GLY N 575 17.21 -4.24 82.11
CA GLY N 575 18.11 -4.80 83.11
C GLY N 575 19.54 -4.78 82.63
N ASP N 576 20.41 -5.29 83.47
CA ASP N 576 21.84 -5.35 83.21
C ASP N 576 22.12 -6.32 82.08
N PRO N 577 23.28 -6.25 81.43
CA PRO N 577 23.58 -7.18 80.35
C PRO N 577 23.61 -8.62 80.84
N SER N 578 23.25 -9.54 79.93
CA SER N 578 23.33 -10.98 80.16
C SER N 578 22.43 -11.42 81.31
N THR N 579 21.33 -10.71 81.53
CA THR N 579 20.36 -11.09 82.54
C THR N 579 19.15 -11.80 81.94
N SER N 580 19.35 -12.53 80.85
CA SER N 580 18.32 -13.32 80.19
C SER N 580 17.16 -12.49 79.68
N LYS N 581 17.37 -11.20 79.44
CA LYS N 581 16.30 -10.39 78.85
C LYS N 581 15.92 -10.92 77.48
N SER N 582 16.92 -11.30 76.68
CA SER N 582 16.53 -11.87 75.36
C SER N 582 15.99 -13.26 75.58
N GLN N 583 16.50 -13.95 76.59
CA GLN N 583 16.11 -15.34 76.75
C GLN N 583 14.60 -15.49 76.79
N PHE N 584 13.92 -14.62 77.53
CA PHE N 584 12.46 -14.67 77.57
C PHE N 584 11.85 -14.40 76.21
N LEU N 585 12.39 -13.41 75.48
CA LEU N 585 11.88 -13.10 74.16
C LEU N 585 12.06 -14.28 73.21
N LYS N 586 13.24 -14.91 73.24
CA LYS N 586 13.50 -16.05 72.39
C LYS N 586 12.64 -17.24 72.78
N TYR N 587 12.28 -17.35 74.06
CA TYR N 587 11.38 -18.44 74.46
C TYR N 587 9.96 -18.19 73.97
N VAL N 588 9.48 -16.94 74.08
CA VAL N 588 8.11 -16.64 73.73
C VAL N 588 7.84 -17.01 72.27
N VAL N 589 8.74 -16.60 71.37
CA VAL N 589 8.67 -17.08 70.01
C VAL N 589 9.01 -18.56 69.97
N GLY N 590 8.23 -19.32 69.21
CA GLY N 590 8.33 -20.76 69.24
C GLY N 590 7.44 -21.42 70.29
N PHE N 591 6.82 -20.64 71.16
CA PHE N 591 5.87 -21.16 72.12
C PHE N 591 4.49 -20.55 71.98
N ALA N 592 4.41 -19.24 71.79
CA ALA N 592 3.13 -18.59 71.57
C ALA N 592 2.56 -19.03 70.22
N PRO N 593 1.23 -19.09 70.09
CA PRO N 593 0.65 -19.52 68.81
C PRO N 593 1.09 -18.67 67.63
N ARG N 594 1.26 -17.37 67.83
CA ARG N 594 1.76 -16.48 66.79
C ARG N 594 2.61 -15.40 67.43
N SER N 595 3.78 -15.16 66.88
CA SER N 595 4.72 -14.19 67.44
C SER N 595 5.70 -13.76 66.38
N VAL N 596 6.28 -12.58 66.60
CA VAL N 596 7.31 -12.03 65.73
C VAL N 596 8.42 -11.48 66.59
N TYR N 597 9.65 -11.95 66.37
CA TYR N 597 10.81 -11.48 67.11
C TYR N 597 11.66 -10.60 66.22
N THR N 598 12.00 -9.41 66.71
CA THR N 598 12.82 -8.46 65.96
C THR N 598 13.81 -7.81 66.90
N SER N 599 14.95 -7.41 66.33
CA SER N 599 15.99 -6.74 67.08
C SER N 599 15.89 -5.23 66.87
N GLY N 600 16.86 -4.49 67.39
CA GLY N 600 16.80 -3.05 67.33
C GLY N 600 17.12 -2.42 65.99
N LYS N 601 18.38 -2.50 65.57
CA LYS N 601 18.81 -1.81 64.37
C LYS N 601 18.40 -2.53 63.10
N ALA N 602 17.91 -3.76 63.20
CA ALA N 602 17.57 -4.59 62.05
C ALA N 602 16.10 -4.47 61.66
N SER N 603 15.50 -3.30 61.85
CA SER N 603 14.09 -3.12 61.51
C SER N 603 13.83 -1.66 61.19
N SER N 604 12.70 -1.41 60.53
CA SER N 604 12.27 -0.07 60.17
C SER N 604 10.77 0.04 60.40
N ALA N 605 10.26 1.27 60.30
CA ALA N 605 8.83 1.50 60.53
C ALA N 605 7.98 0.76 59.51
N ALA N 606 8.35 0.84 58.23
CA ALA N 606 7.58 0.16 57.20
C ALA N 606 7.62 -1.35 57.38
N GLY N 607 8.70 -1.88 57.96
CA GLY N 607 8.75 -3.30 58.24
C GLY N 607 7.86 -3.71 59.39
N LEU N 608 7.81 -2.91 60.45
CA LEU N 608 7.03 -3.27 61.63
C LEU N 608 5.54 -3.19 61.35
N THR N 609 5.09 -2.08 60.75
CA THR N 609 3.70 -1.92 60.36
C THR N 609 3.53 -2.39 58.92
N ALA N 610 2.37 -2.13 58.32
CA ALA N 610 2.13 -2.55 56.95
C ALA N 610 3.09 -1.86 56.00
N ALA N 611 3.51 -2.59 54.97
CA ALA N 611 4.49 -2.11 54.00
C ALA N 611 3.86 -2.03 52.63
N VAL N 612 4.38 -1.12 51.81
CA VAL N 612 3.91 -0.92 50.44
C VAL N 612 5.04 -1.28 49.50
N VAL N 613 4.81 -2.29 48.64
CA VAL N 613 5.79 -2.73 47.65
C VAL N 613 5.07 -2.94 46.33
N ARG N 614 5.85 -2.90 45.25
CA ARG N 614 5.32 -3.24 43.94
C ARG N 614 5.01 -4.73 43.87
N ASP N 615 3.87 -5.06 43.26
CA ASP N 615 3.58 -6.47 43.00
C ASP N 615 4.64 -7.07 42.07
N GLU N 616 5.07 -6.31 41.08
CA GLU N 616 6.20 -6.67 40.24
C GLU N 616 6.86 -5.37 39.80
N GLU N 617 8.11 -5.48 39.34
CA GLU N 617 8.89 -4.28 39.04
C GLU N 617 8.26 -3.49 37.89
N GLY N 618 8.00 -2.21 38.16
CA GLY N 618 7.20 -1.42 37.25
C GLY N 618 5.74 -1.85 37.24
N GLY N 619 5.21 -2.22 38.40
CA GLY N 619 3.83 -2.67 38.50
C GLY N 619 3.12 -1.99 39.65
N ASP N 620 1.82 -2.26 39.75
CA ASP N 620 1.00 -1.62 40.76
C ASP N 620 1.43 -2.02 42.16
N TYR N 621 1.42 -1.05 43.07
CA TYR N 621 1.85 -1.30 44.45
C TYR N 621 0.84 -2.15 45.18
N THR N 622 1.34 -2.96 46.12
CA THR N 622 0.53 -3.86 46.91
C THR N 622 0.94 -3.78 48.37
N ILE N 623 0.02 -4.15 49.24
CA ILE N 623 0.24 -4.06 50.68
C ILE N 623 0.91 -5.33 51.17
N GLU N 624 1.87 -5.19 52.08
CA GLU N 624 2.57 -6.32 52.67
C GLU N 624 2.46 -6.24 54.18
N ALA N 625 2.06 -7.35 54.79
CA ALA N 625 1.81 -7.36 56.23
C ALA N 625 3.11 -7.26 57.02
N GLY N 626 3.20 -6.25 57.87
CA GLY N 626 4.40 -6.01 58.63
C GLY N 626 4.49 -6.84 59.89
N ALA N 627 5.50 -6.51 60.70
CA ALA N 627 5.78 -7.32 61.88
C ALA N 627 4.59 -7.35 62.84
N LEU N 628 3.96 -6.19 63.07
CA LEU N 628 2.83 -6.16 63.98
C LEU N 628 1.63 -6.89 63.41
N MET N 629 1.46 -6.91 62.09
CA MET N 629 0.33 -7.61 61.49
C MET N 629 0.42 -9.11 61.73
N LEU N 630 1.62 -9.68 61.65
CA LEU N 630 1.78 -11.08 62.01
C LEU N 630 1.58 -11.34 63.50
N ALA N 631 1.60 -10.30 64.33
CA ALA N 631 1.37 -10.43 65.76
C ALA N 631 -0.07 -10.15 66.14
N ASP N 632 -0.97 -10.01 65.17
CA ASP N 632 -2.35 -9.67 65.47
C ASP N 632 -2.97 -10.70 66.40
N ASN N 633 -3.58 -10.21 67.49
CA ASN N 633 -4.09 -11.06 68.56
C ASN N 633 -2.99 -11.99 69.08
N GLY N 634 -1.77 -11.46 69.13
CA GLY N 634 -0.62 -12.23 69.57
C GLY N 634 0.42 -11.37 70.25
N ILE N 635 1.61 -11.91 70.44
CA ILE N 635 2.69 -11.23 71.13
C ILE N 635 3.79 -10.91 70.13
N CYS N 636 4.25 -9.65 70.12
CA CYS N 636 5.35 -9.22 69.28
C CYS N 636 6.52 -8.89 70.17
N CYS N 637 7.60 -9.67 70.06
CA CYS N 637 8.77 -9.48 70.88
C CYS N 637 9.74 -8.54 70.18
N ILE N 638 10.08 -7.44 70.83
CA ILE N 638 11.03 -6.46 70.31
C ILE N 638 12.22 -6.42 71.24
N ASP N 639 13.37 -6.83 70.74
CA ASP N 639 14.59 -6.84 71.53
C ASP N 639 15.37 -5.55 71.30
N GLU N 640 15.97 -5.04 72.38
CA GLU N 640 16.78 -3.83 72.34
C GLU N 640 15.96 -2.66 71.81
N PHE N 641 14.94 -2.27 72.58
CA PHE N 641 14.07 -1.17 72.18
C PHE N 641 14.84 0.13 72.03
N ASP N 642 15.78 0.39 72.92
CA ASP N 642 16.49 1.67 72.90
C ASP N 642 17.31 1.83 71.64
N LYS N 643 17.94 0.75 71.16
CA LYS N 643 18.75 0.84 69.95
C LYS N 643 17.90 1.08 68.72
N MET N 644 16.68 0.54 68.70
CA MET N 644 15.84 0.62 67.52
C MET N 644 15.37 2.05 67.30
N ASP N 645 15.29 2.45 66.04
CA ASP N 645 15.38 3.86 65.66
C ASP N 645 14.28 4.71 66.28
N ILE N 646 14.59 6.00 66.49
CA ILE N 646 13.66 6.91 67.14
C ILE N 646 12.40 7.11 66.31
N SER N 647 12.54 7.18 64.98
CA SER N 647 11.36 7.25 64.12
C SER N 647 10.55 5.96 64.22
N ASP N 648 11.22 4.81 64.21
CA ASP N 648 10.54 3.55 64.43
C ASP N 648 9.94 3.50 65.82
N GLN N 649 10.63 4.11 66.80
CA GLN N 649 10.09 4.17 68.15
C GLN N 649 8.77 4.92 68.18
N VAL N 650 8.77 6.09 67.56
CA VAL N 650 7.53 6.91 67.56
C VAL N 650 6.43 6.08 66.91
N ALA N 651 6.72 5.54 65.74
CA ALA N 651 5.66 4.83 65.00
C ALA N 651 5.17 3.62 65.79
N ILE N 652 6.07 2.82 66.37
CA ILE N 652 5.57 1.59 67.05
C ILE N 652 4.66 2.05 68.17
N HIS N 653 5.13 2.99 68.98
CA HIS N 653 4.33 3.38 70.16
C HIS N 653 3.00 3.94 69.67
N GLU N 654 3.04 4.74 68.61
CA GLU N 654 1.79 5.41 68.18
C GLU N 654 0.77 4.32 67.88
N ALA N 655 1.22 3.23 67.25
CA ALA N 655 0.29 2.11 66.98
C ALA N 655 -0.19 1.50 68.30
N MET N 656 0.69 1.40 69.29
CA MET N 656 0.26 0.90 70.61
C MET N 656 -0.86 1.79 71.18
N GLU N 657 -0.81 3.11 70.98
CA GLU N 657 -1.96 3.89 71.45
C GLU N 657 -3.18 3.68 70.56
N GLN N 658 -2.99 3.72 69.23
CA GLN N 658 -4.13 3.70 68.33
C GLN N 658 -4.78 2.33 68.21
N GLN N 659 -4.00 1.26 68.35
CA GLN N 659 -4.43 -0.11 68.07
C GLN N 659 -4.77 -0.34 66.61
N THR N 660 -4.45 0.63 65.75
CA THR N 660 -4.69 0.54 64.31
C THR N 660 -3.52 1.17 63.58
N ILE N 661 -3.38 0.84 62.30
CA ILE N 661 -2.36 1.42 61.45
C ILE N 661 -3.00 1.90 60.16
N SER N 662 -2.57 3.07 59.69
CA SER N 662 -3.11 3.68 58.48
C SER N 662 -2.02 3.80 57.44
N ILE N 663 -2.32 3.38 56.22
CA ILE N 663 -1.40 3.47 55.10
C ILE N 663 -1.94 4.49 54.12
N ALA N 664 -1.10 5.44 53.71
CA ALA N 664 -1.50 6.44 52.74
C ALA N 664 -0.41 6.71 51.71
N LYS N 665 0.46 5.73 51.46
CA LYS N 665 1.60 5.93 50.57
C LYS N 665 1.33 5.29 49.22
N ALA N 666 1.69 6.01 48.15
CA ALA N 666 1.57 5.53 46.78
C ALA N 666 0.12 5.19 46.43
N GLY N 667 -0.81 6.01 46.89
CA GLY N 667 -2.21 5.86 46.52
C GLY N 667 -2.89 4.62 47.05
N ILE N 668 -2.57 4.22 48.28
CA ILE N 668 -3.27 3.13 48.96
C ILE N 668 -3.80 3.66 50.28
N HIS N 669 -5.08 3.40 50.55
CA HIS N 669 -5.75 3.91 51.73
C HIS N 669 -6.29 2.78 52.60
N ALA N 670 -5.52 1.70 52.71
CA ALA N 670 -5.90 0.59 53.58
C ALA N 670 -5.60 0.94 55.03
N THR N 671 -6.58 0.71 55.91
CA THR N 671 -6.45 1.01 57.33
C THR N 671 -6.65 -0.28 58.11
N LEU N 672 -5.55 -0.91 58.50
CA LEU N 672 -5.60 -2.20 59.18
C LEU N 672 -5.84 -2.01 60.67
N ASN N 673 -6.13 -3.11 61.34
CA ASN N 673 -6.30 -3.15 62.79
C ASN N 673 -5.16 -3.95 63.40
N ALA N 674 -4.56 -3.40 64.45
CA ALA N 674 -3.41 -4.03 65.12
C ALA N 674 -3.77 -4.24 66.58
N ARG N 675 -4.27 -5.43 66.89
CA ARG N 675 -4.52 -5.84 68.28
C ARG N 675 -3.38 -6.77 68.67
N THR N 676 -2.28 -6.19 69.15
CA THR N 676 -1.05 -6.92 69.38
C THR N 676 -0.55 -6.66 70.80
N SER N 677 0.15 -7.65 71.35
CA SER N 677 0.76 -7.53 72.67
C SER N 677 2.24 -7.28 72.50
N ILE N 678 2.74 -6.22 73.13
CA ILE N 678 4.14 -5.81 73.04
C ILE N 678 4.89 -6.38 74.22
N LEU N 679 5.95 -7.11 73.93
CA LEU N 679 6.90 -7.59 74.94
C LEU N 679 8.26 -7.08 74.53
N ALA N 680 8.67 -5.96 75.11
CA ALA N 680 9.85 -5.23 74.66
C ALA N 680 10.92 -5.24 75.75
N ALA N 681 12.15 -5.53 75.34
CA ALA N 681 13.30 -5.51 76.23
C ALA N 681 14.24 -4.39 75.82
N ALA N 682 15.04 -3.92 76.78
CA ALA N 682 15.96 -2.82 76.52
C ALA N 682 17.07 -2.85 77.56
N ASN N 683 17.99 -1.89 77.43
CA ASN N 683 19.09 -1.74 78.34
C ASN N 683 19.12 -0.31 78.88
N PRO N 684 19.60 -0.11 80.10
CA PRO N 684 19.76 1.24 80.61
C PRO N 684 20.80 2.01 79.81
N VAL N 685 20.60 3.33 79.72
CA VAL N 685 21.49 4.16 78.95
C VAL N 685 22.90 4.07 79.51
N GLY N 686 23.87 3.94 78.62
CA GLY N 686 25.25 3.73 79.02
C GLY N 686 25.64 2.27 79.19
N GLY N 687 24.67 1.36 79.27
CA GLY N 687 24.95 -0.05 79.29
C GLY N 687 24.52 -0.78 80.54
N ARG N 688 24.74 -0.18 81.72
CA ARG N 688 24.46 -0.84 82.98
C ARG N 688 23.53 0.01 83.82
N TYR N 689 22.62 -0.65 84.52
CA TYR N 689 21.65 0.06 85.35
C TYR N 689 22.34 0.73 86.54
N ASN N 690 21.75 1.83 86.98
CA ASN N 690 22.22 2.57 88.15
C ASN N 690 21.06 2.70 89.12
N ARG N 691 21.26 2.20 90.35
CA ARG N 691 20.15 2.11 91.30
C ARG N 691 19.67 3.48 91.76
N LYS N 692 20.60 4.38 92.07
CA LYS N 692 20.22 5.66 92.68
C LYS N 692 19.38 6.49 91.73
N LEU N 693 19.70 6.48 90.44
CA LEU N 693 18.90 7.20 89.46
C LEU N 693 17.58 6.48 89.25
N SER N 694 16.52 7.26 89.05
CA SER N 694 15.20 6.70 88.88
C SER N 694 15.10 5.96 87.54
N LEU N 695 13.93 5.36 87.30
CA LEU N 695 13.71 4.63 86.06
C LEU N 695 13.85 5.54 84.85
N ARG N 696 13.24 6.72 84.91
CA ARG N 696 13.26 7.64 83.77
C ARG N 696 14.67 8.14 83.48
N GLY N 697 15.50 8.29 84.50
CA GLY N 697 16.87 8.69 84.25
C GLY N 697 17.67 7.63 83.51
N ASN N 698 17.55 6.37 83.93
CA ASN N 698 18.29 5.29 83.30
C ASN N 698 17.63 4.76 82.04
N LEU N 699 16.36 5.07 81.80
CA LEU N 699 15.68 4.64 80.60
C LEU N 699 15.48 5.84 79.68
N ASN N 700 15.90 5.70 78.42
CA ASN N 700 15.82 6.82 77.49
C ASN N 700 14.38 7.26 77.23
N MET N 701 13.40 6.40 77.53
CA MET N 701 12.03 6.69 77.15
C MET N 701 11.40 7.73 78.07
N THR N 702 10.38 8.41 77.57
CA THR N 702 9.71 9.44 78.34
C THR N 702 8.55 8.84 79.13
N ALA N 703 8.03 9.62 80.07
CA ALA N 703 7.05 9.10 81.03
C ALA N 703 5.79 8.54 80.39
N PRO N 704 5.12 9.22 79.44
CA PRO N 704 3.92 8.63 78.84
C PRO N 704 4.17 7.31 78.13
N ILE N 705 5.34 7.13 77.53
CA ILE N 705 5.66 5.86 76.87
C ILE N 705 5.62 4.74 77.89
N MET N 706 6.22 4.96 79.06
CA MET N 706 6.08 4.00 80.15
C MET N 706 4.63 3.89 80.61
N SER N 707 3.89 5.01 80.54
CA SER N 707 2.52 5.00 81.04
C SER N 707 1.64 4.05 80.23
N ARG N 708 1.83 4.01 78.91
CA ARG N 708 1.02 3.12 78.09
C ARG N 708 1.29 1.65 78.41
N PHE N 709 2.49 1.32 78.85
CA PHE N 709 2.81 -0.05 79.22
C PHE N 709 2.06 -0.46 80.48
N ASP N 710 1.58 -1.70 80.49
CA ASP N 710 0.89 -2.21 81.67
C ASP N 710 1.86 -2.55 82.80
N LEU N 711 3.01 -3.14 82.47
CA LEU N 711 3.89 -3.69 83.48
C LEU N 711 5.34 -3.30 83.20
N PHE N 712 6.15 -3.33 84.25
CA PHE N 712 7.59 -3.16 84.14
C PHE N 712 8.30 -4.12 85.08
N PHE N 713 9.38 -4.72 84.59
CA PHE N 713 10.26 -5.55 85.38
C PHE N 713 11.69 -5.04 85.18
N VAL N 714 12.39 -4.79 86.26
CA VAL N 714 13.78 -4.35 86.22
C VAL N 714 14.63 -5.46 86.81
N ILE N 715 15.62 -5.92 86.05
CA ILE N 715 16.48 -7.02 86.45
C ILE N 715 17.82 -6.44 86.87
N LEU N 716 18.29 -6.82 88.05
CA LEU N 716 19.50 -6.25 88.62
C LEU N 716 20.56 -7.31 88.78
N ASP N 717 21.81 -6.88 88.71
CA ASP N 717 22.98 -7.74 88.88
C ASP N 717 23.65 -7.42 90.20
N ASP N 718 24.09 -8.46 90.90
CA ASP N 718 24.73 -8.29 92.20
C ASP N 718 25.64 -9.47 92.48
N CYS N 719 26.70 -9.22 93.23
CA CYS N 719 27.71 -10.24 93.56
C CYS N 719 27.24 -11.00 94.80
N ASN N 720 26.35 -11.95 94.60
CA ASN N 720 25.89 -12.84 95.67
C ASN N 720 26.37 -14.25 95.34
N GLU N 721 27.19 -14.81 96.24
CA GLU N 721 27.85 -16.08 95.93
C GLU N 721 26.86 -17.23 95.80
N LYS N 722 25.79 -17.23 96.59
CA LYS N 722 24.81 -18.32 96.52
C LYS N 722 24.14 -18.37 95.15
N ILE N 723 23.59 -17.24 94.71
CA ILE N 723 22.93 -17.22 93.41
C ILE N 723 23.93 -17.43 92.29
N ASP N 724 25.16 -16.93 92.45
CA ASP N 724 26.18 -17.15 91.43
C ASP N 724 26.48 -18.64 91.28
N THR N 725 26.63 -19.34 92.40
CA THR N 725 26.91 -20.77 92.35
C THR N 725 25.74 -21.54 91.74
N GLU N 726 24.51 -21.21 92.17
CA GLU N 726 23.36 -21.94 91.63
C GLU N 726 23.20 -21.70 90.14
N LEU N 727 23.42 -20.46 89.67
CA LEU N 727 23.29 -20.17 88.25
C LEU N 727 24.41 -20.83 87.45
N ALA N 728 25.63 -20.82 88.00
CA ALA N 728 26.74 -21.49 87.31
C ALA N 728 26.45 -22.97 87.15
N SER N 729 25.98 -23.61 88.22
CA SER N 729 25.66 -25.03 88.14
C SER N 729 24.54 -25.27 87.14
N HIS N 730 23.51 -24.42 87.15
CA HIS N 730 22.41 -24.57 86.21
C HIS N 730 22.88 -24.47 84.77
N ILE N 731 23.70 -23.45 84.47
CA ILE N 731 24.15 -23.25 83.11
C ILE N 731 25.03 -24.40 82.65
N VAL N 732 25.97 -24.81 83.49
CA VAL N 732 26.88 -25.89 83.10
C VAL N 732 26.12 -27.19 82.92
N ASP N 733 25.12 -27.44 83.77
CA ASP N 733 24.30 -28.64 83.61
C ASP N 733 23.51 -28.58 82.32
N LEU N 734 22.96 -27.41 81.99
CA LEU N 734 22.21 -27.27 80.74
C LEU N 734 23.12 -27.55 79.55
N HIS N 735 24.36 -27.08 79.59
CA HIS N 735 25.28 -27.34 78.49
C HIS N 735 25.70 -28.80 78.45
N MET N 736 25.88 -29.43 79.62
CA MET N 736 26.36 -30.81 79.67
C MET N 736 25.26 -31.79 79.35
N LYS N 737 24.21 -31.83 80.17
CA LYS N 737 23.04 -32.66 79.93
C LYS N 737 21.94 -31.77 79.36
N ARG N 738 21.53 -32.05 78.12
CA ARG N 738 20.63 -31.20 77.38
C ARG N 738 19.22 -31.77 77.47
N ASP N 739 18.27 -30.93 77.88
CA ASP N 739 16.89 -31.35 78.09
C ASP N 739 16.81 -32.50 79.09
N GLU N 740 17.81 -32.59 79.97
CA GLU N 740 17.89 -33.65 80.96
C GLU N 740 17.76 -33.03 82.34
N ALA N 741 16.77 -33.49 83.10
CA ALA N 741 16.53 -33.04 84.48
C ALA N 741 16.28 -31.54 84.55
N ILE N 742 15.76 -30.94 83.48
CA ILE N 742 15.29 -29.57 83.58
C ILE N 742 13.98 -29.51 84.34
N GLU N 743 13.27 -30.64 84.43
CA GLU N 743 12.12 -30.84 85.29
C GLU N 743 11.03 -29.79 85.07
N PRO N 744 10.37 -29.79 83.91
CA PRO N 744 9.25 -28.88 83.70
C PRO N 744 7.98 -29.44 84.32
N PRO N 745 7.24 -28.64 85.08
CA PRO N 745 6.01 -29.17 85.69
C PRO N 745 5.02 -29.70 84.68
N PHE N 746 4.92 -29.08 83.51
CA PHE N 746 4.03 -29.55 82.46
C PHE N 746 4.71 -29.42 81.10
N SER N 747 4.28 -30.25 80.16
CA SER N 747 4.81 -30.18 78.81
C SER N 747 4.28 -28.95 78.08
N ALA N 748 5.02 -28.54 77.05
CA ALA N 748 4.68 -27.32 76.33
C ALA N 748 3.32 -27.42 75.66
N GLU N 749 3.02 -28.59 75.07
CA GLU N 749 1.74 -28.75 74.39
C GLU N 749 0.58 -28.67 75.38
N GLN N 750 0.74 -29.27 76.56
CA GLN N 750 -0.29 -29.15 77.59
C GLN N 750 -0.48 -27.70 78.01
N LEU N 751 0.63 -26.96 78.13
CA LEU N 751 0.53 -25.53 78.45
C LEU N 751 -0.24 -24.79 77.36
N ARG N 752 -0.02 -25.21 76.13
CA ARG N 752 -0.67 -24.45 75.06
C ARG N 752 -2.12 -24.94 75.07
N ARG N 753 -2.37 -26.21 75.37
CA ARG N 753 -3.79 -26.61 75.41
C ARG N 753 -4.50 -25.80 76.48
N TYR N 754 -3.93 -25.68 77.68
CA TYR N 754 -4.65 -24.98 78.76
C TYR N 754 -4.83 -23.53 78.35
N ILE N 755 -3.78 -22.96 77.75
CA ILE N 755 -3.82 -21.51 77.40
C ILE N 755 -4.93 -21.31 76.39
N LYS N 756 -5.04 -22.21 75.43
CA LYS N 756 -6.06 -21.97 74.39
C LYS N 756 -7.44 -21.98 75.08
N TYR N 757 -7.65 -22.92 76.01
CA TYR N 757 -8.96 -23.03 76.72
C TYR N 757 -9.21 -21.81 77.59
N ALA N 758 -8.19 -21.36 78.30
CA ALA N 758 -8.41 -20.24 79.24
C ALA N 758 -8.87 -19.06 78.43
N ARG N 759 -8.27 -18.88 77.26
CA ARG N 759 -8.59 -17.71 76.41
C ARG N 759 -10.10 -17.75 76.14
N THR N 760 -10.68 -18.94 75.99
CA THR N 760 -12.12 -18.95 75.61
C THR N 760 -12.93 -18.22 76.68
N PHE N 761 -12.58 -18.37 77.96
CA PHE N 761 -13.39 -17.78 79.05
C PHE N 761 -13.36 -16.25 79.02
N LYS N 762 -14.38 -15.59 79.57
CA LYS N 762 -14.44 -14.11 79.67
C LYS N 762 -14.82 -13.79 81.12
N PRO N 763 -13.89 -13.63 82.09
CA PRO N 763 -14.24 -13.52 83.51
C PRO N 763 -15.18 -12.36 83.81
N ILE N 764 -15.82 -12.45 84.97
CA ILE N 764 -16.80 -11.48 85.44
C ILE N 764 -16.42 -11.06 86.86
N LEU N 765 -16.84 -9.85 87.24
CA LEU N 765 -16.50 -9.30 88.55
C LEU N 765 -17.66 -9.42 89.53
N THR N 766 -17.35 -9.19 90.80
CA THR N 766 -18.31 -9.20 91.90
C THR N 766 -18.31 -7.84 92.60
N LYS N 767 -19.25 -7.67 93.53
CA LYS N 767 -19.29 -6.46 94.33
C LYS N 767 -18.04 -6.33 95.19
N GLU N 768 -17.64 -7.44 95.83
CA GLU N 768 -16.39 -7.44 96.57
C GLU N 768 -15.21 -7.12 95.67
N ALA N 769 -15.27 -7.58 94.41
CA ALA N 769 -14.22 -7.26 93.45
C ALA N 769 -14.13 -5.77 93.21
N ARG N 770 -15.28 -5.11 93.03
CA ARG N 770 -15.28 -3.67 92.81
C ARG N 770 -14.71 -2.93 94.02
N SER N 771 -15.19 -3.29 95.22
CA SER N 771 -14.71 -2.62 96.42
C SER N 771 -13.21 -2.81 96.61
N TYR N 772 -12.72 -4.03 96.38
CA TYR N 772 -11.31 -4.31 96.58
C TYR N 772 -10.45 -3.61 95.53
N LEU N 773 -10.92 -3.53 94.28
CA LEU N 773 -10.18 -2.79 93.26
C LEU N 773 -10.07 -1.32 93.64
N VAL N 774 -11.17 -0.72 94.10
CA VAL N 774 -11.12 0.69 94.49
C VAL N 774 -10.16 0.89 95.65
N GLU N 775 -10.22 0.01 96.65
CA GLU N 775 -9.34 0.15 97.81
C GLU N 775 -7.87 0.00 97.41
N LYS N 776 -7.58 -0.96 96.53
CA LYS N 776 -6.19 -1.17 96.12
C LYS N 776 -5.67 0.02 95.31
N TYR N 777 -6.51 0.58 94.44
CA TYR N 777 -6.09 1.78 93.73
C TYR N 777 -5.84 2.93 94.70
N LYS N 778 -6.70 3.08 95.71
CA LYS N 778 -6.48 4.11 96.71
C LYS N 778 -5.15 3.92 97.42
N GLU N 779 -4.84 2.67 97.80
CA GLU N 779 -3.58 2.41 98.49
C GLU N 779 -2.38 2.69 97.60
N LEU N 780 -2.47 2.33 96.33
CA LEU N 780 -1.37 2.61 95.41
C LEU N 780 -1.16 4.12 95.24
N ARG N 781 -2.25 4.87 95.10
CA ARG N 781 -2.13 6.32 94.97
C ARG N 781 -1.58 6.93 96.25
N LYS N 782 -1.97 6.41 97.40
CA LYS N 782 -1.42 6.87 98.67
C LYS N 782 0.07 6.58 98.74
N ASP N 783 0.50 5.44 98.20
CA ASP N 783 1.92 5.13 98.12
C ASP N 783 2.65 6.17 97.28
N ASP N 784 2.03 6.64 96.21
CA ASP N 784 2.66 7.62 95.33
C ASP N 784 2.86 8.93 96.10
N ALA N 785 4.13 9.33 96.21
CA ALA N 785 4.52 10.53 96.97
C ALA N 785 3.96 10.48 98.39
N GLN N 786 4.12 9.32 99.03
CA GLN N 786 3.59 9.07 100.36
C GLN N 786 4.23 10.00 101.40
N ARG N 790 11.57 9.40 96.53
CA ARG N 790 10.44 9.55 95.63
C ARG N 790 10.24 8.29 94.81
N SER N 791 9.13 8.21 94.09
CA SER N 791 8.81 7.03 93.32
C SER N 791 9.65 6.97 92.04
N SER N 792 9.80 5.75 91.51
CA SER N 792 10.45 5.59 90.22
C SER N 792 9.64 6.26 89.12
N TYR N 793 8.35 5.94 89.03
CA TYR N 793 7.44 6.63 88.14
C TYR N 793 6.07 6.66 88.81
N ARG N 794 5.34 7.74 88.55
CA ARG N 794 4.11 8.01 89.29
C ARG N 794 2.97 7.10 88.81
N ILE N 795 1.88 7.14 89.56
CA ILE N 795 0.74 6.28 89.34
C ILE N 795 -0.37 7.08 88.66
N THR N 796 -1.18 6.40 87.86
CA THR N 796 -2.26 7.02 87.10
C THR N 796 -3.52 6.18 87.24
N VAL N 797 -4.58 6.62 86.56
CA VAL N 797 -5.78 5.80 86.44
C VAL N 797 -5.60 4.74 85.36
N ARG N 798 -4.68 4.97 84.42
CA ARG N 798 -4.30 3.89 83.52
C ARG N 798 -3.71 2.73 84.31
N GLN N 799 -3.08 3.00 85.45
CA GLN N 799 -2.68 1.92 86.34
C GLN N 799 -3.88 1.18 86.89
N LEU N 800 -4.98 1.91 87.14
CA LEU N 800 -6.21 1.24 87.55
C LEU N 800 -6.72 0.31 86.46
N GLU N 801 -6.70 0.77 85.22
CA GLU N 801 -7.09 -0.10 84.11
C GLU N 801 -6.16 -1.29 84.00
N SER N 802 -4.87 -1.08 84.26
CA SER N 802 -3.91 -2.17 84.22
C SER N 802 -4.23 -3.21 85.27
N MET N 803 -4.56 -2.77 86.49
CA MET N 803 -4.94 -3.74 87.51
C MET N 803 -6.21 -4.48 87.12
N ILE N 804 -7.17 -3.78 86.51
CA ILE N 804 -8.39 -4.47 86.09
C ILE N 804 -8.07 -5.59 85.10
N ARG N 805 -7.29 -5.27 84.07
CA ARG N 805 -7.00 -6.26 83.05
C ARG N 805 -6.12 -7.38 83.59
N LEU N 806 -5.17 -7.05 84.48
CA LEU N 806 -4.33 -8.09 85.07
C LEU N 806 -5.14 -9.00 85.97
N SER N 807 -6.08 -8.44 86.73
CA SER N 807 -6.92 -9.27 87.60
C SER N 807 -7.78 -10.22 86.78
N GLU N 808 -8.39 -9.73 85.70
CA GLU N 808 -9.18 -10.64 84.89
C GLU N 808 -8.31 -11.66 84.18
N ALA N 809 -7.08 -11.29 83.82
CA ALA N 809 -6.15 -12.26 83.25
C ALA N 809 -5.80 -13.35 84.26
N ILE N 810 -5.58 -12.96 85.53
CA ILE N 810 -5.29 -13.94 86.57
C ILE N 810 -6.48 -14.87 86.76
N ALA N 811 -7.69 -14.30 86.77
CA ALA N 811 -8.88 -15.13 86.92
C ALA N 811 -9.00 -16.11 85.75
N ARG N 812 -8.71 -15.65 84.54
CA ARG N 812 -8.67 -16.54 83.39
C ARG N 812 -7.62 -17.62 83.58
N ALA N 813 -6.47 -17.28 84.18
CA ALA N 813 -5.45 -18.27 84.47
C ALA N 813 -5.99 -19.34 85.42
N ASN N 814 -6.79 -18.93 86.41
CA ASN N 814 -7.37 -19.90 87.38
C ASN N 814 -8.59 -20.57 86.75
N CYS N 815 -8.91 -20.20 85.51
CA CYS N 815 -10.12 -20.73 84.83
C CYS N 815 -11.36 -20.50 85.71
N VAL N 816 -11.44 -19.33 86.35
CA VAL N 816 -12.60 -18.98 87.21
C VAL N 816 -13.36 -17.81 86.55
N ASP N 817 -14.66 -18.00 86.27
CA ASP N 817 -15.40 -16.94 85.58
C ASP N 817 -15.61 -15.71 86.45
N GLU N 818 -15.33 -15.79 87.75
CA GLU N 818 -15.52 -14.67 88.66
C GLU N 818 -14.19 -14.27 89.29
N ILE N 819 -13.85 -12.99 89.19
CA ILE N 819 -12.65 -12.48 89.87
C ILE N 819 -12.92 -12.39 91.36
N THR N 820 -12.01 -12.93 92.15
CA THR N 820 -12.02 -12.85 93.60
C THR N 820 -11.15 -11.69 94.06
N PRO N 821 -11.38 -11.18 95.28
CA PRO N 821 -10.46 -10.17 95.83
C PRO N 821 -9.04 -10.67 95.97
N SER N 822 -8.84 -11.98 96.04
CA SER N 822 -7.47 -12.52 96.06
C SER N 822 -6.74 -12.20 94.76
N PHE N 823 -7.42 -12.32 93.63
CA PHE N 823 -6.79 -11.99 92.35
C PHE N 823 -6.42 -10.51 92.30
N ILE N 824 -7.30 -9.64 92.79
CA ILE N 824 -7.00 -8.22 92.81
C ILE N 824 -5.81 -7.94 93.70
N ALA N 825 -5.75 -8.59 94.87
CA ALA N 825 -4.60 -8.42 95.75
C ALA N 825 -3.32 -8.88 95.08
N GLU N 826 -3.39 -10.01 94.35
CA GLU N 826 -2.20 -10.50 93.66
C GLU N 826 -1.75 -9.55 92.56
N ALA N 827 -2.68 -9.03 91.77
CA ALA N 827 -2.32 -8.09 90.71
C ALA N 827 -1.74 -6.81 91.31
N TYR N 828 -2.36 -6.30 92.37
CA TYR N 828 -1.84 -5.11 93.04
C TYR N 828 -0.44 -5.35 93.57
N ASP N 829 -0.20 -6.51 94.18
CA ASP N 829 1.12 -6.81 94.68
C ASP N 829 2.12 -6.89 93.55
N LEU N 830 1.74 -7.53 92.44
CA LEU N 830 2.65 -7.66 91.30
C LEU N 830 3.02 -6.29 90.76
N LEU N 831 2.05 -5.38 90.67
CA LEU N 831 2.38 -4.01 90.32
C LEU N 831 3.31 -3.38 91.35
N ARG N 832 3.14 -3.74 92.62
CA ARG N 832 3.98 -3.13 93.66
C ARG N 832 5.44 -3.58 93.52
N GLN N 833 5.69 -4.86 93.24
CA GLN N 833 7.06 -5.23 92.92
C GLN N 833 7.50 -4.68 91.57
N SER N 834 6.55 -4.38 90.69
CA SER N 834 6.91 -3.73 89.42
C SER N 834 7.51 -2.36 89.67
N ILE N 835 6.94 -1.61 90.62
CA ILE N 835 7.46 -0.30 91.01
C ILE N 835 8.44 -0.53 92.16
N ILE N 836 9.69 -0.77 91.83
CA ILE N 836 10.72 -0.94 92.85
C ILE N 836 11.13 0.44 93.36
N ARG N 837 11.28 0.54 94.67
CA ARG N 837 11.66 1.82 95.27
C ARG N 837 13.08 2.21 94.85
N VAL N 838 13.25 3.47 94.49
CA VAL N 838 14.54 3.96 94.06
C VAL N 838 15.36 4.40 95.27
N SER O 2 20.46 9.67 -13.91
CA SER O 2 21.70 10.35 -13.55
C SER O 2 21.42 11.75 -13.05
N ALA O 3 20.19 12.22 -13.26
CA ALA O 3 19.79 13.54 -12.77
C ALA O 3 19.51 13.52 -11.27
N ALA O 4 19.00 12.40 -10.75
CA ALA O 4 18.70 12.33 -9.32
C ALA O 4 19.97 12.42 -8.48
N LEU O 5 21.03 11.72 -8.88
CA LEU O 5 22.32 11.74 -8.18
C LEU O 5 23.35 12.38 -9.08
N PRO O 6 23.59 13.68 -8.95
CA PRO O 6 24.55 14.35 -9.83
C PRO O 6 25.98 13.94 -9.52
N SER O 7 26.93 14.54 -10.23
CA SER O 7 28.33 14.18 -10.09
C SER O 7 29.17 15.43 -9.86
N ILE O 8 30.32 15.25 -9.23
CA ILE O 8 31.27 16.32 -8.99
C ILE O 8 32.67 15.81 -9.31
N GLN O 9 33.43 16.59 -10.05
CA GLN O 9 34.83 16.25 -10.28
C GLN O 9 35.66 16.76 -9.11
N LEU O 10 36.54 15.91 -8.59
CA LEU O 10 37.36 16.24 -7.44
C LEU O 10 38.82 15.99 -7.74
N PRO O 11 39.72 16.75 -7.13
CA PRO O 11 41.15 16.63 -7.48
C PRO O 11 41.74 15.27 -7.19
N VAL O 12 41.13 14.48 -6.32
CA VAL O 12 41.68 13.19 -5.96
C VAL O 12 41.34 12.15 -7.02
N ASP O 13 42.33 11.34 -7.38
CA ASP O 13 42.14 10.19 -8.26
C ASP O 13 42.57 8.95 -7.49
N TYR O 14 41.62 8.11 -7.13
CA TYR O 14 41.93 6.98 -6.26
C TYR O 14 42.78 5.93 -6.93
N ASN O 15 42.77 5.83 -8.26
CA ASN O 15 43.61 4.83 -8.92
C ASN O 15 45.08 5.21 -8.89
N ASN O 16 45.38 6.47 -9.18
CA ASN O 16 46.76 6.93 -9.09
C ASN O 16 47.27 6.83 -7.66
N LEU O 17 46.42 7.16 -6.70
CA LEU O 17 46.83 7.04 -5.30
C LEU O 17 46.98 5.59 -4.88
N PHE O 18 46.18 4.68 -5.43
CA PHE O 18 46.38 3.26 -5.17
C PHE O 18 47.74 2.80 -5.70
N ASN O 19 48.11 3.24 -6.90
CA ASN O 19 49.42 2.90 -7.42
C ASN O 19 50.52 3.47 -6.55
N GLU O 20 50.35 4.71 -6.09
CA GLU O 20 51.35 5.30 -5.21
C GLU O 20 51.47 4.53 -3.91
N ILE O 21 50.33 4.09 -3.35
CA ILE O 21 50.35 3.32 -2.11
C ILE O 21 51.09 2.01 -2.31
N THR O 22 50.79 1.30 -3.41
CA THR O 22 51.45 0.03 -3.66
C THR O 22 52.95 0.23 -3.82
N ASP O 23 53.36 1.24 -4.58
CA ASP O 23 54.78 1.49 -4.78
C ASP O 23 55.45 1.85 -3.47
N PHE O 24 54.80 2.67 -2.63
CA PHE O 24 55.38 3.03 -1.36
C PHE O 24 55.56 1.83 -0.46
N LEU O 25 54.56 0.95 -0.43
CA LEU O 25 54.68 -0.25 0.39
C LEU O 25 55.82 -1.14 -0.09
N VAL O 26 55.95 -1.30 -1.40
CA VAL O 26 56.96 -2.23 -1.92
C VAL O 26 58.36 -1.66 -1.77
N THR O 27 58.54 -0.37 -2.04
CA THR O 27 59.88 0.16 -2.24
C THR O 27 60.28 1.24 -1.25
N PHE O 28 60.05 1.02 0.05
CA PHE O 28 60.51 1.93 1.08
C PHE O 28 61.58 1.25 1.92
N LYS O 29 62.79 1.81 1.91
CA LYS O 29 63.93 1.17 2.54
C LYS O 29 64.59 2.01 3.63
N GLN O 30 64.12 3.23 3.88
CA GLN O 30 64.90 4.17 4.69
C GLN O 30 65.08 3.68 6.11
N ASP O 31 64.04 3.11 6.70
CA ASP O 31 64.17 2.60 8.07
C ASP O 31 64.82 1.23 8.05
N LYS O 59 68.03 -3.50 5.66
CA LYS O 59 68.38 -3.99 4.32
C LYS O 59 67.15 -4.03 3.42
N GLY O 60 66.16 -4.82 3.80
CA GLY O 60 64.96 -4.96 3.01
C GLY O 60 64.00 -3.82 3.24
N PRO O 61 62.89 -3.84 2.49
CA PRO O 61 61.84 -2.84 2.70
C PRO O 61 61.25 -2.96 4.09
N LYS O 62 60.92 -1.82 4.68
CA LYS O 62 60.39 -1.85 6.04
C LYS O 62 59.03 -2.51 6.10
N TYR O 63 58.12 -2.08 5.24
CA TYR O 63 56.76 -2.61 5.28
C TYR O 63 56.66 -4.00 4.72
N MET O 64 57.54 -4.36 3.77
CA MET O 64 57.58 -5.75 3.33
C MET O 64 58.03 -6.67 4.46
N ALA O 65 59.03 -6.24 5.23
CA ALA O 65 59.46 -7.03 6.38
C ALA O 65 58.35 -7.12 7.41
N MET O 66 57.64 -6.01 7.65
CA MET O 66 56.52 -6.04 8.59
C MET O 66 55.45 -7.01 8.12
N LEU O 67 55.14 -7.00 6.82
CA LEU O 67 54.15 -7.92 6.30
C LEU O 67 54.61 -9.37 6.43
N GLN O 68 55.91 -9.61 6.24
CA GLN O 68 56.44 -10.95 6.45
C GLN O 68 56.27 -11.39 7.89
N LYS O 69 56.54 -10.49 8.84
CA LYS O 69 56.33 -10.81 10.25
C LYS O 69 54.86 -11.07 10.53
N VAL O 70 53.97 -10.34 9.88
CA VAL O 70 52.53 -10.58 10.04
C VAL O 70 52.16 -11.96 9.51
N ALA O 71 52.73 -12.32 8.36
CA ALA O 71 52.39 -13.60 7.74
C ALA O 71 52.79 -14.76 8.63
N ASN O 72 53.93 -14.66 9.31
CA ASN O 72 54.37 -15.67 10.25
C ASN O 72 53.62 -15.60 11.58
N ARG O 73 52.52 -14.85 11.62
CA ARG O 73 51.67 -14.78 12.81
C ARG O 73 52.43 -14.25 14.02
N GLU O 74 53.27 -13.25 13.80
CA GLU O 74 53.97 -12.55 14.86
C GLU O 74 53.29 -11.22 15.19
N LEU O 75 53.15 -10.35 14.20
CA LEU O 75 52.54 -9.04 14.38
C LEU O 75 51.09 -9.07 13.95
N ASN O 76 50.22 -8.48 14.77
CA ASN O 76 48.81 -8.39 14.46
C ASN O 76 48.38 -6.97 14.08
N SER O 77 49.30 -6.02 14.05
CA SER O 77 48.96 -4.63 13.79
C SER O 77 50.00 -4.02 12.88
N VAL O 78 49.54 -3.39 11.79
CA VAL O 78 50.41 -2.72 10.84
C VAL O 78 50.26 -1.23 11.09
N ILE O 79 51.36 -0.57 11.45
CA ILE O 79 51.35 0.85 11.76
C ILE O 79 51.92 1.60 10.57
N ILE O 80 51.06 2.30 9.84
CA ILE O 80 51.48 3.05 8.66
C ILE O 80 52.00 4.40 9.15
N ASP O 81 53.31 4.55 9.16
CA ASP O 81 53.94 5.80 9.57
C ASP O 81 53.80 6.85 8.48
N LEU O 82 53.02 7.89 8.75
CA LEU O 82 52.85 8.96 7.76
C LEU O 82 54.14 9.69 7.48
N ASP O 83 55.08 9.72 8.44
CA ASP O 83 56.38 10.32 8.17
C ASP O 83 57.12 9.55 7.08
N ASP O 84 56.93 8.22 7.06
CA ASP O 84 57.51 7.44 5.98
C ASP O 84 56.91 7.84 4.63
N ILE O 85 55.60 8.05 4.58
CA ILE O 85 54.97 8.48 3.34
C ILE O 85 55.50 9.84 2.91
N LEU O 86 55.66 10.75 3.87
CA LEU O 86 56.19 12.08 3.54
C LEU O 86 57.61 11.97 3.00
N GLN O 87 58.45 11.14 3.62
CA GLN O 87 59.81 10.97 3.14
C GLN O 87 59.83 10.32 1.76
N TYR O 88 58.92 9.38 1.52
CA TYR O 88 58.78 8.77 0.21
C TYR O 88 58.43 9.81 -0.85
N GLN O 89 57.47 10.69 -0.52
CA GLN O 89 57.12 11.76 -1.43
C GLN O 89 58.29 12.68 -1.70
N ASN O 90 59.04 13.02 -0.64
CA ASN O 90 60.18 13.91 -0.81
C ASN O 90 61.24 13.28 -1.68
N GLU O 91 61.49 11.98 -1.51
CA GLU O 91 62.45 11.28 -2.36
C GLU O 91 61.99 11.28 -3.81
N LYS O 92 60.71 10.97 -4.05
CA LYS O 92 60.21 10.91 -5.42
C LYS O 92 60.27 12.27 -6.09
N PHE O 93 59.89 13.33 -5.37
CA PHE O 93 59.92 14.67 -5.95
C PHE O 93 61.35 15.15 -6.16
N LEU O 94 62.25 14.82 -5.23
CA LEU O 94 63.63 15.30 -5.32
C LEU O 94 64.31 14.75 -6.57
N GLN O 95 64.08 13.48 -6.88
CA GLN O 95 64.66 12.89 -8.09
C GLN O 95 63.97 13.36 -9.36
N GLY O 96 62.84 14.07 -9.24
CA GLY O 96 62.14 14.64 -10.38
C GLY O 96 60.87 13.92 -10.75
N THR O 97 60.70 12.67 -10.32
CA THR O 97 59.48 11.94 -10.63
C THR O 97 58.29 12.56 -9.92
N GLN O 98 57.16 12.65 -10.63
CA GLN O 98 55.96 13.27 -10.08
C GLN O 98 55.21 12.26 -9.23
N ALA O 99 55.07 12.58 -7.94
CA ALA O 99 54.30 11.75 -7.02
C ALA O 99 53.25 12.62 -6.35
N ASP O 100 52.01 12.15 -6.34
CA ASP O 100 50.91 12.93 -5.79
C ASP O 100 51.03 13.02 -4.27
N ASP O 101 50.38 14.04 -3.70
CA ASP O 101 50.45 14.27 -2.27
C ASP O 101 49.61 13.24 -1.53
N LEU O 102 50.24 12.11 -1.18
CA LEU O 102 49.50 11.05 -0.49
C LEU O 102 49.22 11.43 0.96
N VAL O 103 50.15 12.11 1.61
CA VAL O 103 49.96 12.46 3.01
C VAL O 103 48.78 13.41 3.18
N SER O 104 48.69 14.42 2.32
CA SER O 104 47.58 15.36 2.41
C SER O 104 46.26 14.67 2.14
N ALA O 105 46.22 13.80 1.13
CA ALA O 105 44.99 13.08 0.82
C ALA O 105 44.57 12.18 1.97
N ILE O 106 45.54 11.54 2.63
CA ILE O 106 45.22 10.70 3.77
C ILE O 106 44.65 11.54 4.90
N GLN O 107 45.26 12.68 5.18
CA GLN O 107 44.77 13.53 6.26
C GLN O 107 43.37 14.05 5.96
N GLN O 108 43.10 14.42 4.70
CA GLN O 108 41.81 15.01 4.37
C GLN O 108 40.68 14.00 4.46
N ASN O 109 40.91 12.77 3.99
CA ASN O 109 39.88 11.72 4.01
C ASN O 109 40.52 10.43 4.50
N ALA O 110 40.58 10.25 5.82
CA ALA O 110 41.33 9.14 6.38
C ALA O 110 40.59 7.82 6.24
N ASN O 111 39.26 7.82 6.31
CA ASN O 111 38.53 6.56 6.38
C ASN O 111 38.73 5.74 5.11
N HIS O 112 38.64 6.38 3.94
CA HIS O 112 38.78 5.63 2.69
C HIS O 112 40.18 5.07 2.53
N PHE O 113 41.20 5.84 2.93
CA PHE O 113 42.56 5.37 2.78
C PHE O 113 42.87 4.20 3.68
N THR O 114 42.12 4.02 4.77
CA THR O 114 42.25 2.80 5.55
C THR O 114 41.98 1.58 4.69
N GLU O 115 40.85 1.60 3.96
CA GLU O 115 40.54 0.45 3.11
C GLU O 115 41.46 0.37 1.91
N LEU O 116 41.90 1.51 1.38
CA LEU O 116 42.86 1.46 0.28
C LEU O 116 44.15 0.78 0.71
N PHE O 117 44.70 1.18 1.85
CA PHE O 117 45.89 0.53 2.37
C PHE O 117 45.62 -0.93 2.68
N CYS O 118 44.45 -1.24 3.23
CA CYS O 118 44.15 -2.62 3.58
C CYS O 118 44.13 -3.51 2.34
N ARG O 119 43.51 -3.04 1.25
CA ARG O 119 43.47 -3.85 0.03
C ARG O 119 44.83 -3.93 -0.63
N ALA O 120 45.60 -2.84 -0.60
CA ALA O 120 46.96 -2.90 -1.15
C ALA O 120 47.80 -3.89 -0.38
N ILE O 121 47.66 -3.93 0.94
CA ILE O 121 48.37 -4.91 1.76
C ILE O 121 47.91 -6.32 1.43
N ASP O 122 46.59 -6.49 1.30
CA ASP O 122 46.04 -7.81 1.02
C ASP O 122 46.50 -8.35 -0.33
N ASN O 123 46.78 -7.46 -1.28
CA ASN O 123 47.36 -7.91 -2.54
C ASN O 123 48.80 -8.37 -2.37
N ASN O 124 49.58 -7.65 -1.57
CA ASN O 124 51.01 -7.88 -1.46
C ASN O 124 51.39 -8.76 -0.28
N MET O 125 50.45 -9.51 0.28
CA MET O 125 50.76 -10.31 1.45
C MET O 125 51.60 -11.51 1.06
N PRO O 126 52.78 -11.70 1.66
CA PRO O 126 53.60 -12.88 1.32
C PRO O 126 53.04 -14.14 1.94
N LEU O 127 53.74 -15.25 1.77
CA LEU O 127 53.21 -16.49 2.31
C LEU O 127 53.98 -16.91 3.55
N PRO O 128 53.33 -17.59 4.49
CA PRO O 128 53.99 -17.99 5.73
C PRO O 128 55.12 -18.97 5.49
N THR O 129 56.16 -18.87 6.31
CA THR O 129 57.25 -19.84 6.32
C THR O 129 57.23 -20.73 7.55
N LYS O 130 56.23 -20.59 8.41
CA LYS O 130 56.10 -21.41 9.61
C LYS O 130 54.64 -21.78 9.77
N GLU O 131 54.33 -23.06 9.60
CA GLU O 131 52.95 -23.51 9.51
C GLU O 131 52.34 -23.69 10.91
N ILE O 132 51.10 -24.17 10.92
CA ILE O 132 50.36 -24.36 12.18
C ILE O 132 50.97 -25.53 12.93
N ASP O 133 51.21 -25.33 14.23
CA ASP O 133 51.93 -26.29 15.05
C ASP O 133 51.14 -26.64 16.30
N TYR O 134 49.82 -26.69 16.19
CA TYR O 134 48.89 -27.07 17.25
C TYR O 134 48.85 -26.06 18.40
N LYS O 135 49.69 -25.03 18.37
CA LYS O 135 49.71 -24.02 19.42
C LYS O 135 49.30 -22.65 18.90
N ASP O 136 48.73 -22.59 17.69
CA ASP O 136 48.35 -21.34 17.08
C ASP O 136 46.93 -20.96 17.46
N ASP O 137 46.65 -19.65 17.43
CA ASP O 137 45.36 -19.15 17.84
C ASP O 137 44.27 -19.67 16.91
N VAL O 138 43.08 -19.90 17.48
CA VAL O 138 41.98 -20.48 16.71
C VAL O 138 41.60 -19.58 15.55
N LEU O 139 41.77 -18.27 15.71
CA LEU O 139 41.52 -17.36 14.59
C LEU O 139 42.44 -17.68 13.42
N ASP O 140 43.71 -17.96 13.71
CA ASP O 140 44.66 -18.24 12.64
C ASP O 140 44.30 -19.53 11.90
N VAL O 141 43.91 -20.58 12.62
CA VAL O 141 43.58 -21.83 11.95
C VAL O 141 42.31 -21.67 11.14
N ILE O 142 41.33 -20.91 11.66
CA ILE O 142 40.12 -20.67 10.87
C ILE O 142 40.43 -19.89 9.60
N LEU O 143 41.28 -18.87 9.71
CA LEU O 143 41.66 -18.11 8.52
C LEU O 143 42.37 -18.98 7.51
N ASN O 144 43.29 -19.83 7.97
CA ASN O 144 43.99 -20.72 7.06
C ASN O 144 43.01 -21.69 6.38
N GLN O 145 42.06 -22.21 7.14
CA GLN O 145 41.08 -23.11 6.55
C GLN O 145 40.26 -22.40 5.48
N ARG O 146 39.83 -21.16 5.75
CA ARG O 146 39.05 -20.42 4.77
C ARG O 146 39.88 -20.15 3.52
N ARG O 147 41.14 -19.75 3.69
CA ARG O 147 41.99 -19.46 2.55
C ARG O 147 42.19 -20.70 1.68
N LEU O 148 42.49 -21.83 2.31
CA LEU O 148 42.68 -23.07 1.56
C LEU O 148 41.39 -23.48 0.86
N ARG O 149 40.25 -23.32 1.53
CA ARG O 149 38.98 -23.72 0.93
C ARG O 149 38.66 -22.89 -0.31
N ASN O 150 38.85 -21.56 -0.23
CA ASN O 150 38.51 -20.75 -1.40
C ASN O 150 39.50 -20.98 -2.53
N GLU O 151 40.79 -21.22 -2.19
CA GLU O 151 41.73 -21.58 -3.24
C GLU O 151 41.34 -22.88 -3.91
N ARG O 152 40.92 -23.87 -3.13
CA ARG O 152 40.49 -25.14 -3.70
C ARG O 152 39.28 -24.97 -4.60
N MET O 153 38.32 -24.15 -4.18
CA MET O 153 37.16 -23.89 -5.03
C MET O 153 37.58 -23.23 -6.35
N LEU O 154 38.47 -22.25 -6.28
CA LEU O 154 38.92 -21.56 -7.47
C LEU O 154 39.61 -22.53 -8.43
N SER O 155 40.52 -23.36 -7.91
CA SER O 155 41.23 -24.31 -8.76
C SER O 155 40.28 -25.35 -9.35
N ASP O 156 39.32 -25.82 -8.55
CA ASP O 156 38.37 -26.82 -9.05
C ASP O 156 37.52 -26.25 -10.17
N ARG O 157 37.05 -25.01 -10.03
CA ARG O 157 36.28 -24.39 -11.10
C ARG O 157 37.14 -24.20 -12.34
N THR O 158 38.40 -23.81 -12.15
CA THR O 158 39.30 -23.69 -13.30
C THR O 158 39.44 -25.01 -14.02
N ASN O 159 39.60 -26.10 -13.26
CA ASN O 159 39.75 -27.42 -13.86
C ASN O 159 38.49 -27.82 -14.63
N GLU O 160 37.32 -27.56 -14.06
CA GLU O 160 36.07 -27.91 -14.75
C GLU O 160 35.94 -27.13 -16.05
N ILE O 161 36.14 -25.82 -16.00
CA ILE O 161 35.93 -25.02 -17.21
C ILE O 161 36.99 -25.36 -18.27
N ARG O 162 38.22 -25.67 -17.84
CA ARG O 162 39.23 -26.11 -18.80
C ARG O 162 38.84 -27.44 -19.42
N SER O 163 38.32 -28.37 -18.62
CA SER O 163 37.91 -29.66 -19.16
C SER O 163 36.69 -29.54 -20.07
N GLU O 164 35.92 -28.47 -19.96
CA GLU O 164 34.79 -28.29 -20.87
C GLU O 164 35.23 -28.17 -22.32
N ASN O 165 36.40 -27.57 -22.57
CA ASN O 165 37.00 -27.45 -23.90
C ASN O 165 36.03 -26.76 -24.87
N LEU O 166 35.74 -25.51 -24.54
CA LEU O 166 34.85 -24.70 -25.36
C LEU O 166 35.55 -24.20 -26.62
N MET O 177 43.08 -18.09 -23.55
CA MET O 177 44.19 -17.81 -22.65
C MET O 177 43.78 -17.97 -21.20
N ASN O 178 44.73 -18.35 -20.34
CA ASN O 178 44.44 -18.60 -18.94
C ASN O 178 43.95 -17.35 -18.21
N ASP O 179 44.21 -16.16 -18.76
CA ASP O 179 43.67 -14.95 -18.13
C ASP O 179 42.15 -14.91 -18.22
N ALA O 180 41.60 -15.24 -19.39
CA ALA O 180 40.15 -15.32 -19.52
C ALA O 180 39.57 -16.40 -18.62
N LEU O 181 40.26 -17.54 -18.52
CA LEU O 181 39.82 -18.60 -17.64
C LEU O 181 39.79 -18.14 -16.19
N ARG O 182 40.84 -17.44 -15.76
CA ARG O 182 40.86 -16.91 -14.40
C ARG O 182 39.71 -15.94 -14.18
N GLU O 183 39.46 -15.06 -15.15
CA GLU O 183 38.38 -14.10 -15.01
C GLU O 183 37.03 -14.79 -14.88
N VAL O 184 36.77 -15.79 -15.72
CA VAL O 184 35.45 -16.43 -15.69
C VAL O 184 35.28 -17.23 -14.40
N VAL O 185 36.33 -17.91 -13.93
CA VAL O 185 36.19 -18.70 -12.72
C VAL O 185 36.02 -17.78 -11.51
N GLU O 186 36.75 -16.67 -11.46
CA GLU O 186 36.58 -15.75 -10.34
C GLU O 186 35.24 -15.05 -10.39
N ASP O 187 34.65 -14.91 -11.57
CA ASP O 187 33.30 -14.36 -11.65
C ASP O 187 32.24 -15.38 -11.26
N GLU O 188 32.49 -16.67 -11.47
CA GLU O 188 31.48 -17.69 -11.28
C GLU O 188 31.53 -18.38 -9.92
N THR O 189 32.47 -18.02 -9.06
CA THR O 189 32.61 -18.67 -7.76
C THR O 189 32.37 -17.70 -6.62
N GLU O 190 31.89 -18.24 -5.50
CA GLU O 190 31.55 -17.48 -4.30
C GLU O 190 32.61 -17.77 -3.24
N LEU O 191 33.65 -16.95 -3.20
CA LEU O 191 34.75 -17.13 -2.28
C LEU O 191 34.45 -16.49 -0.93
N PHE O 192 35.22 -16.88 0.07
CA PHE O 192 35.24 -16.14 1.31
C PHE O 192 35.89 -14.79 1.02
N PRO O 193 35.23 -13.68 1.31
CA PRO O 193 35.77 -12.38 0.90
C PRO O 193 37.07 -12.10 1.61
N PRO O 194 37.94 -11.29 1.02
CA PRO O 194 39.22 -10.98 1.68
C PRO O 194 39.04 -10.30 3.02
N ASN O 195 37.88 -9.70 3.26
CA ASN O 195 37.59 -9.12 4.57
C ASN O 195 37.58 -10.17 5.68
N LEU O 196 37.35 -11.44 5.33
CA LEU O 196 37.28 -12.52 6.30
C LEU O 196 38.52 -13.41 6.29
N THR O 197 39.62 -12.97 5.68
CA THR O 197 40.85 -13.74 5.68
C THR O 197 42.05 -12.91 6.09
N ARG O 198 41.82 -11.77 6.74
CA ARG O 198 42.90 -10.93 7.23
C ARG O 198 42.88 -10.94 8.75
N ARG O 199 44.06 -11.10 9.33
CA ARG O 199 44.23 -11.12 10.78
C ARG O 199 44.79 -9.82 11.33
N TYR O 200 45.57 -9.11 10.53
CA TYR O 200 46.23 -7.89 10.98
C TYR O 200 45.22 -6.77 11.16
N PHE O 201 45.65 -5.73 11.88
CA PHE O 201 44.89 -4.51 12.05
C PHE O 201 45.72 -3.35 11.50
N LEU O 202 45.03 -2.34 10.98
CA LEU O 202 45.69 -1.24 10.30
C LEU O 202 45.48 0.05 11.09
N TYR O 203 46.57 0.78 11.32
CA TYR O 203 46.54 2.03 12.05
C TYR O 203 47.48 3.02 11.40
N PHE O 204 47.17 4.30 11.53
CA PHE O 204 47.99 5.36 10.96
C PHE O 204 48.70 6.13 12.07
N LYS O 205 49.97 6.41 11.87
CA LYS O 205 50.69 7.25 12.81
C LYS O 205 50.81 8.66 12.25
N PRO O 206 50.39 9.67 12.99
CA PRO O 206 50.43 11.04 12.47
C PRO O 206 51.86 11.55 12.32
N LEU O 207 51.99 12.58 11.50
CA LEU O 207 53.29 13.20 11.27
C LEU O 207 53.85 13.76 12.57
N SER O 208 55.15 13.53 12.79
CA SER O 208 55.82 14.21 13.87
C SER O 208 55.89 15.70 13.57
N GLN O 209 55.67 16.52 14.59
CA GLN O 209 55.63 17.96 14.37
C GLN O 209 57.00 18.48 13.95
N ASN O 210 58.07 17.96 14.53
CA ASN O 210 59.41 18.48 14.24
C ASN O 210 59.77 18.26 12.77
N CYS O 211 59.46 17.08 12.23
CA CYS O 211 59.75 16.82 10.83
C CYS O 211 58.93 17.73 9.91
N ALA O 212 57.64 17.88 10.19
CA ALA O 212 56.77 18.71 9.37
C ALA O 212 57.06 20.18 9.58
N ILE O 220 48.79 19.17 9.83
CA ILE O 220 47.59 19.35 10.64
C ILE O 220 47.59 18.36 11.79
N SER O 221 47.80 17.08 11.48
CA SER O 221 47.89 16.07 12.52
C SER O 221 49.09 16.30 13.43
N SER O 222 50.05 17.13 12.99
CA SER O 222 51.16 17.50 13.85
C SER O 222 50.70 18.34 15.03
N LYS O 223 49.73 19.22 14.81
CA LYS O 223 49.28 20.14 15.85
C LYS O 223 48.12 19.51 16.63
N PRO O 224 48.31 19.17 17.89
CA PRO O 224 47.19 18.62 18.67
C PRO O 224 46.16 19.68 18.98
N LEU O 225 44.91 19.25 19.06
CA LEU O 225 43.79 20.16 19.25
C LEU O 225 43.02 19.79 20.50
N SER O 226 42.49 20.80 21.18
CA SER O 226 41.60 20.55 22.30
C SER O 226 40.24 20.09 21.81
N VAL O 227 39.45 19.54 22.73
CA VAL O 227 38.12 19.07 22.36
C VAL O 227 37.26 20.22 21.89
N ARG O 228 37.45 21.41 22.45
CA ARG O 228 36.67 22.57 22.05
C ARG O 228 36.89 22.92 20.59
N GLN O 229 38.13 22.82 20.12
CA GLN O 229 38.46 23.20 18.75
C GLN O 229 38.08 22.14 17.73
N ILE O 230 37.61 20.97 18.15
CA ILE O 230 37.23 19.94 17.20
C ILE O 230 35.84 20.25 16.69
N LYS O 231 35.77 21.06 15.64
CA LYS O 231 34.52 21.55 15.12
C LYS O 231 33.92 20.56 14.13
N GLY O 232 32.80 20.95 13.51
CA GLY O 232 32.20 20.13 12.47
C GLY O 232 32.94 20.17 11.16
N ASP O 233 33.85 21.11 10.98
CA ASP O 233 34.66 21.17 9.76
C ASP O 233 35.65 20.02 9.66
N PHE O 234 36.00 19.40 10.79
CA PHE O 234 37.09 18.44 10.83
C PHE O 234 36.64 17.00 10.58
N LEU O 235 35.35 16.76 10.35
CA LEU O 235 34.89 15.39 10.22
C LEU O 235 35.57 14.68 9.06
N GLY O 236 35.87 13.41 9.26
CA GLY O 236 36.53 12.61 8.25
C GLY O 236 38.03 12.77 8.20
N GLN O 237 38.58 13.75 8.89
CA GLN O 237 40.01 14.01 8.84
C GLN O 237 40.75 13.13 9.85
N LEU O 238 42.07 13.24 9.85
CA LEU O 238 42.94 12.58 10.82
C LEU O 238 43.49 13.65 11.75
N ILE O 239 42.92 13.75 12.94
CA ILE O 239 43.26 14.81 13.87
C ILE O 239 43.90 14.22 15.12
N THR O 240 44.54 15.09 15.90
CA THR O 240 45.16 14.71 17.16
C THR O 240 44.50 15.50 18.27
N VAL O 241 43.90 14.79 19.23
CA VAL O 241 43.22 15.42 20.35
C VAL O 241 44.05 15.21 21.60
N ARG O 242 44.46 16.31 22.23
CA ARG O 242 45.23 16.27 23.46
C ARG O 242 44.31 16.53 24.63
N GLY O 243 44.29 15.62 25.60
CA GLY O 243 43.42 15.78 26.73
C GLY O 243 43.76 14.77 27.80
N ILE O 244 42.87 14.66 28.78
CA ILE O 244 43.03 13.75 29.90
C ILE O 244 41.89 12.74 29.87
N ILE O 245 42.23 11.45 29.88
CA ILE O 245 41.23 10.41 29.78
C ILE O 245 40.47 10.31 31.09
N THR O 246 39.15 10.28 31.00
CA THR O 246 38.30 10.27 32.19
C THR O 246 37.78 8.88 32.53
N ARG O 247 37.05 8.25 31.61
CA ARG O 247 36.28 7.05 31.95
C ARG O 247 36.42 6.04 30.82
N VAL O 248 37.24 5.02 31.04
CA VAL O 248 37.47 3.95 30.07
C VAL O 248 36.59 2.77 30.45
N SER O 249 35.80 2.30 29.49
CA SER O 249 35.03 1.09 29.73
C SER O 249 35.92 -0.13 29.55
N ASP O 250 35.39 -1.29 29.93
CA ASP O 250 36.15 -2.52 29.80
C ASP O 250 35.91 -3.15 28.43
N VAL O 251 36.88 -3.97 28.01
CA VAL O 251 36.87 -4.52 26.67
C VAL O 251 35.68 -5.46 26.51
N LYS O 252 34.88 -5.23 25.49
CA LYS O 252 33.78 -6.12 25.14
C LYS O 252 33.84 -6.40 23.64
N PRO O 253 33.36 -7.57 23.21
CA PRO O 253 33.45 -7.93 21.79
C PRO O 253 32.37 -7.21 20.98
N ALA O 254 32.79 -6.45 19.99
CA ALA O 254 31.89 -5.80 19.06
C ALA O 254 31.88 -6.59 17.76
N VAL O 255 30.71 -7.05 17.35
CA VAL O 255 30.60 -7.90 16.17
C VAL O 255 30.74 -7.05 14.92
N GLU O 256 31.56 -7.51 13.99
CA GLU O 256 31.73 -6.84 12.71
C GLU O 256 31.01 -7.57 11.57
N VAL O 257 31.22 -8.88 11.45
CA VAL O 257 30.58 -9.69 10.43
C VAL O 257 30.01 -10.92 11.11
N ILE O 258 28.72 -10.90 11.41
CA ILE O 258 28.07 -12.06 12.00
C ILE O 258 27.96 -13.16 10.95
N ALA O 259 28.26 -14.39 11.35
CA ALA O 259 28.30 -15.53 10.44
C ALA O 259 27.21 -16.53 10.80
N TYR O 260 26.51 -17.02 9.79
CA TYR O 260 25.45 -18.00 9.95
C TYR O 260 25.81 -19.27 9.20
N THR O 261 25.07 -20.34 9.49
CA THR O 261 25.22 -21.61 8.78
C THR O 261 23.84 -22.15 8.45
N CYS O 262 23.64 -22.50 7.17
CA CYS O 262 22.42 -23.19 6.72
C CYS O 262 22.74 -24.67 6.63
N ASP O 263 22.19 -25.46 7.56
CA ASP O 263 22.50 -26.89 7.58
C ASP O 263 21.99 -27.60 6.33
N GLN O 264 20.87 -27.14 5.76
CA GLN O 264 20.31 -27.84 4.62
C GLN O 264 21.21 -27.73 3.40
N CYS O 265 21.63 -26.52 3.05
CA CYS O 265 22.42 -26.30 1.85
C CYS O 265 23.91 -26.30 2.11
N GLY O 266 24.34 -26.47 3.35
CA GLY O 266 25.76 -26.56 3.65
C GLY O 266 26.55 -25.32 3.26
N TYR O 267 25.96 -24.14 3.38
CA TYR O 267 26.63 -22.88 3.11
C TYR O 267 26.92 -22.15 4.40
N GLU O 268 27.73 -21.11 4.29
CA GLU O 268 27.95 -20.16 5.38
C GLU O 268 27.70 -18.76 4.85
N VAL O 269 26.70 -18.08 5.40
CA VAL O 269 26.31 -16.75 4.96
C VAL O 269 26.75 -15.73 5.99
N PHE O 270 27.32 -14.63 5.51
CA PHE O 270 27.89 -13.59 6.36
C PHE O 270 27.08 -12.31 6.20
N GLN O 271 26.81 -11.65 7.30
CA GLN O 271 26.07 -10.39 7.32
C GLN O 271 26.95 -9.32 7.93
N GLU O 272 27.43 -8.39 7.11
CA GLU O 272 28.24 -7.30 7.62
C GLU O 272 27.41 -6.41 8.54
N VAL O 273 28.05 -5.91 9.59
CA VAL O 273 27.41 -5.01 10.54
C VAL O 273 28.31 -3.80 10.72
N ASN O 274 27.75 -2.61 10.51
CA ASN O 274 28.47 -1.35 10.71
C ASN O 274 27.61 -0.36 11.49
N SER O 275 26.75 -0.86 12.36
CA SER O 275 25.84 -0.03 13.13
C SER O 275 25.88 -0.47 14.59
N ARG O 276 25.47 0.44 15.47
CA ARG O 276 25.38 0.09 16.89
C ARG O 276 24.37 -1.01 17.13
N THR O 277 23.44 -1.22 16.20
CA THR O 277 22.39 -2.21 16.36
C THR O 277 22.14 -2.87 15.01
N PHE O 278 21.82 -4.15 15.02
CA PHE O 278 21.64 -4.90 13.79
C PHE O 278 20.41 -5.80 13.90
N THR O 279 19.98 -6.32 12.75
CA THR O 279 18.85 -7.23 12.68
C THR O 279 19.34 -8.61 12.26
N PRO O 280 19.09 -9.65 13.05
CA PRO O 280 19.58 -10.98 12.68
C PRO O 280 18.83 -11.53 11.47
N LEU O 281 19.46 -12.50 10.82
CA LEU O 281 18.89 -13.15 9.65
C LEU O 281 18.22 -14.46 10.04
N SER O 282 17.21 -14.84 9.27
CA SER O 282 16.47 -16.07 9.53
C SER O 282 16.24 -16.94 8.30
N GLU O 283 16.26 -16.38 7.10
CA GLU O 283 16.04 -17.13 5.87
C GLU O 283 17.33 -17.16 5.06
N CYS O 284 17.60 -18.29 4.43
CA CYS O 284 18.89 -18.48 3.79
C CYS O 284 19.08 -17.52 2.62
N THR O 285 20.28 -16.98 2.52
CA THR O 285 20.66 -16.07 1.46
C THR O 285 21.58 -16.73 0.44
N SER O 286 22.01 -17.97 0.70
CA SER O 286 22.81 -18.70 -0.27
C SER O 286 22.09 -18.75 -1.62
N GLU O 287 22.83 -18.40 -2.67
CA GLU O 287 22.24 -18.26 -4.00
C GLU O 287 21.56 -19.55 -4.43
N GLU O 288 22.27 -20.66 -4.36
CA GLU O 288 21.69 -21.95 -4.73
C GLU O 288 20.53 -22.31 -3.81
N CYS O 289 20.69 -22.08 -2.50
CA CYS O 289 19.59 -22.34 -1.58
C CYS O 289 18.47 -21.32 -1.74
N SER O 290 18.78 -20.13 -2.27
CA SER O 290 17.74 -19.14 -2.52
C SER O 290 16.86 -19.57 -3.68
N GLN O 291 17.47 -20.01 -4.79
CA GLN O 291 16.66 -20.48 -5.91
C GLN O 291 15.84 -21.71 -5.53
N ASN O 292 16.45 -22.64 -4.82
CA ASN O 292 15.71 -23.80 -4.35
C ASN O 292 14.62 -23.36 -3.39
N GLN O 293 13.41 -23.89 -3.61
CA GLN O 293 12.25 -23.56 -2.80
C GLN O 293 12.21 -24.29 -1.48
N THR O 294 13.13 -25.23 -1.25
CA THR O 294 13.16 -25.95 0.02
C THR O 294 13.48 -25.01 1.16
N LYS O 295 12.78 -25.20 2.28
CA LYS O 295 12.94 -24.32 3.43
C LYS O 295 14.34 -24.44 4.02
N GLY O 296 14.90 -23.31 4.41
CA GLY O 296 16.19 -23.28 5.06
C GLY O 296 16.15 -22.45 6.32
N GLN O 297 16.92 -22.88 7.32
CA GLN O 297 17.01 -22.17 8.59
C GLN O 297 18.48 -21.93 8.92
N LEU O 298 18.77 -20.74 9.44
CA LEU O 298 20.13 -20.34 9.78
C LEU O 298 20.34 -20.41 11.29
N PHE O 299 21.61 -20.50 11.68
CA PHE O 299 22.00 -20.48 13.07
C PHE O 299 23.26 -19.64 13.22
N MET O 300 23.33 -18.86 14.30
CA MET O 300 24.52 -18.08 14.56
C MET O 300 25.69 -19.00 14.88
N SER O 301 26.87 -18.62 14.43
CA SER O 301 28.11 -19.35 14.71
C SER O 301 29.12 -18.33 15.24
N THR O 302 29.15 -18.18 16.56
CA THR O 302 30.00 -17.15 17.17
C THR O 302 31.47 -17.41 16.88
N ARG O 303 31.88 -18.68 16.84
CA ARG O 303 33.26 -18.98 16.52
C ARG O 303 33.61 -18.59 15.10
N ALA O 304 32.63 -18.64 14.19
CA ALA O 304 32.88 -18.25 12.81
C ALA O 304 32.78 -16.76 12.59
N SER O 305 32.03 -16.05 13.43
CA SER O 305 31.82 -14.63 13.22
C SER O 305 33.08 -13.83 13.50
N LYS O 306 33.13 -12.63 12.94
CA LYS O 306 34.28 -11.74 13.10
C LYS O 306 33.98 -10.75 14.22
N PHE O 307 34.92 -10.63 15.16
CA PHE O 307 34.78 -9.73 16.29
C PHE O 307 35.98 -8.80 16.35
N SER O 308 35.77 -7.62 16.91
CA SER O 308 36.85 -6.67 17.15
C SER O 308 36.78 -6.21 18.59
N ALA O 309 37.92 -6.22 19.27
CA ALA O 309 37.97 -5.72 20.64
C ALA O 309 37.56 -4.26 20.66
N PHE O 310 36.68 -3.90 21.58
CA PHE O 310 36.02 -2.61 21.57
C PHE O 310 36.17 -1.92 22.91
N GLN O 311 36.32 -0.60 22.89
CA GLN O 311 36.48 0.17 24.11
C GLN O 311 36.13 1.62 23.82
N GLU O 312 35.58 2.30 24.83
CA GLU O 312 35.21 3.71 24.72
C GLU O 312 35.85 4.46 25.88
N CYS O 313 36.39 5.64 25.60
CA CYS O 313 37.31 6.28 26.54
C CYS O 313 36.88 7.64 27.06
N LYS O 314 36.23 8.48 26.27
CA LYS O 314 35.66 9.74 26.74
C LYS O 314 36.74 10.67 27.33
N ILE O 315 37.61 11.15 26.44
CA ILE O 315 38.65 12.09 26.83
C ILE O 315 38.04 13.47 27.10
N GLN O 316 38.60 14.19 28.07
CA GLN O 316 38.23 15.57 28.35
C GLN O 316 39.34 16.54 27.94
N GLU O 317 39.16 17.79 28.33
CA GLU O 317 40.10 18.87 28.04
C GLU O 317 41.03 19.07 29.23
N LEU O 318 42.27 19.42 28.94
CA LEU O 318 43.17 19.85 29.98
C LEU O 318 42.70 21.18 30.57
N SER O 319 43.08 21.43 31.81
CA SER O 319 42.66 22.68 32.45
C SER O 319 43.21 23.89 31.73
N GLN O 320 44.40 23.78 31.13
CA GLN O 320 44.97 24.92 30.42
C GLN O 320 44.20 25.25 29.14
N GLN O 321 43.58 24.25 28.52
CA GLN O 321 42.88 24.48 27.27
C GLN O 321 41.54 25.17 27.44
N VAL O 322 40.95 25.10 28.64
CA VAL O 322 39.62 25.69 28.83
C VAL O 322 39.74 27.21 28.82
N PRO O 323 38.97 27.90 27.99
CA PRO O 323 39.00 29.36 28.01
C PRO O 323 38.45 29.89 29.34
N VAL O 324 38.58 31.20 29.51
CA VAL O 324 38.25 31.83 30.78
C VAL O 324 36.75 31.74 31.02
N GLY O 325 36.38 31.22 32.19
CA GLY O 325 34.99 31.17 32.60
C GLY O 325 34.23 29.92 32.22
N HIS O 326 34.79 29.07 31.36
CA HIS O 326 34.10 27.87 30.91
C HIS O 326 34.50 26.67 31.75
N ILE O 327 33.84 25.55 31.47
CA ILE O 327 34.19 24.27 32.09
C ILE O 327 34.63 23.31 30.98
N PRO O 328 35.49 22.35 31.28
CA PRO O 328 35.92 21.41 30.23
C PRO O 328 34.77 20.51 29.76
N ARG O 329 34.83 20.13 28.49
CA ARG O 329 33.84 19.25 27.91
C ARG O 329 34.54 18.06 27.25
N SER O 330 33.85 16.93 27.24
CA SER O 330 34.46 15.66 26.86
C SER O 330 34.09 15.27 25.44
N LEU O 331 34.85 14.31 24.90
CA LEU O 331 34.67 13.80 23.55
C LEU O 331 34.86 12.30 23.58
N ASN O 332 33.93 11.57 22.97
CA ASN O 332 34.02 10.12 22.95
C ASN O 332 35.17 9.66 22.07
N ILE O 333 35.82 8.57 22.48
CA ILE O 333 36.87 7.93 21.71
C ILE O 333 36.48 6.48 21.51
N HIS O 334 36.59 5.98 20.29
CA HIS O 334 36.34 4.59 19.98
C HIS O 334 37.67 3.90 19.73
N VAL O 335 37.90 2.79 20.42
CA VAL O 335 39.14 2.04 20.31
C VAL O 335 38.81 0.65 19.80
N ASN O 336 39.47 0.24 18.72
CA ASN O 336 39.19 -1.02 18.06
C ASN O 336 40.48 -1.78 17.80
N GLY O 337 40.41 -3.09 17.91
CA GLY O 337 41.54 -3.93 17.56
C GLY O 337 42.56 -4.07 18.67
N THR O 338 43.83 -3.96 18.34
CA THR O 338 44.89 -4.13 19.32
C THR O 338 45.20 -2.87 20.11
N LEU O 339 44.49 -1.78 19.86
CA LEU O 339 44.69 -0.57 20.64
C LEU O 339 43.97 -0.59 21.97
N VAL O 340 43.15 -1.60 22.24
CA VAL O 340 42.43 -1.64 23.50
C VAL O 340 43.43 -1.75 24.65
N ARG O 341 42.97 -1.36 25.84
CA ARG O 341 43.73 -1.37 27.08
C ARG O 341 44.93 -0.43 27.03
N SER O 342 45.04 0.40 26.00
CA SER O 342 46.13 1.36 25.92
C SER O 342 45.80 2.67 26.62
N LEU O 343 44.54 2.91 26.97
CA LEU O 343 44.10 4.15 27.59
C LEU O 343 43.47 3.84 28.93
N SER O 344 43.93 4.55 29.97
CA SER O 344 43.45 4.36 31.33
C SER O 344 43.01 5.69 31.91
N PRO O 345 42.08 5.69 32.86
CA PRO O 345 41.62 6.94 33.45
C PRO O 345 42.75 7.70 34.11
N GLY O 346 42.68 9.02 34.02
CA GLY O 346 43.74 9.87 34.53
C GLY O 346 45.02 9.77 33.72
N ASP O 347 44.92 9.72 32.40
CA ASP O 347 46.07 9.71 31.51
C ASP O 347 46.07 10.98 30.67
N ILE O 348 47.23 11.63 30.60
CA ILE O 348 47.41 12.74 29.68
C ILE O 348 47.95 12.15 28.38
N VAL O 349 47.19 12.26 27.31
CA VAL O 349 47.52 11.61 26.05
C VAL O 349 47.24 12.55 24.89
N ASP O 350 47.84 12.24 23.74
CA ASP O 350 47.53 12.89 22.47
C ASP O 350 47.02 11.80 21.54
N VAL O 351 45.72 11.54 21.61
CA VAL O 351 45.12 10.49 20.79
C VAL O 351 44.93 11.02 19.37
N THR O 352 45.40 10.25 18.40
CA THR O 352 45.22 10.58 16.99
C THR O 352 44.23 9.61 16.38
N GLY O 353 43.22 10.13 15.70
CA GLY O 353 42.21 9.24 15.16
C GLY O 353 41.38 9.93 14.09
N ILE O 354 40.46 9.17 13.54
CA ILE O 354 39.58 9.65 12.49
C ILE O 354 38.29 10.16 13.14
N PHE O 355 37.92 11.39 12.82
CA PHE O 355 36.79 12.05 13.48
C PHE O 355 35.50 11.76 12.73
N LEU O 356 35.08 10.51 12.80
CA LEU O 356 33.90 10.09 12.07
C LEU O 356 32.61 10.50 12.78
N PRO O 357 31.53 10.67 12.04
CA PRO O 357 30.22 10.89 12.65
C PRO O 357 29.45 9.59 12.84
N ALA O 358 28.34 9.69 13.55
CA ALA O 358 27.44 8.58 13.78
C ALA O 358 26.01 9.11 13.78
N PRO O 359 25.04 8.28 13.40
CA PRO O 359 23.64 8.74 13.40
C PRO O 359 23.18 9.10 14.80
N TYR O 360 22.30 10.09 14.86
CA TYR O 360 21.86 10.64 16.14
C TYR O 360 20.97 9.65 16.89
N THR O 361 21.16 9.59 18.20
CA THR O 361 20.33 8.78 19.08
C THR O 361 19.64 9.59 20.16
N GLY O 362 19.58 10.91 20.02
CA GLY O 362 18.92 11.77 20.97
C GLY O 362 17.45 11.96 20.66
N PHE O 363 16.85 12.93 21.34
CA PHE O 363 15.42 13.16 21.21
C PHE O 363 15.07 13.63 19.80
N LYS O 364 13.92 13.14 19.30
CA LYS O 364 13.44 13.57 18.00
C LYS O 364 13.10 15.04 17.97
N ALA O 365 12.61 15.57 19.09
CA ALA O 365 12.30 17.00 19.16
C ALA O 365 13.56 17.84 18.96
N LEU O 366 14.67 17.44 19.58
CA LEU O 366 15.91 18.17 19.39
C LEU O 366 16.46 17.96 17.97
N LYS O 367 16.20 16.80 17.38
CA LYS O 367 16.66 16.51 16.03
C LYS O 367 15.85 17.34 15.04
N ALA O 368 16.53 18.29 14.37
CA ALA O 368 15.93 19.11 13.33
C ALA O 368 16.88 19.03 12.12
N GLY O 369 16.68 18.02 11.30
CA GLY O 369 17.56 17.73 10.18
C GLY O 369 18.28 16.41 10.40
N LEU O 370 19.34 16.22 9.62
CA LEU O 370 20.17 15.03 9.74
C LEU O 370 21.27 15.29 10.77
N LEU O 371 20.83 15.49 12.01
CA LEU O 371 21.77 15.71 13.10
C LEU O 371 22.56 14.43 13.38
N THR O 372 23.85 14.60 13.69
CA THR O 372 24.74 13.46 13.89
C THR O 372 25.57 13.69 15.14
N GLU O 373 25.81 12.63 15.89
CA GLU O 373 26.74 12.65 17.00
C GLU O 373 28.08 12.09 16.54
N THR O 374 29.15 12.65 17.08
CA THR O 374 30.49 12.37 16.59
C THR O 374 31.28 11.50 17.56
N TYR O 375 32.44 11.06 17.10
CA TYR O 375 33.39 10.32 17.90
C TYR O 375 34.71 10.31 17.17
N LEU O 376 35.73 9.80 17.84
CA LEU O 376 37.08 9.75 17.29
C LEU O 376 37.56 8.32 17.33
N GLU O 377 37.63 7.67 16.17
CA GLU O 377 38.14 6.31 16.09
C GLU O 377 39.64 6.33 16.31
N ALA O 378 40.09 5.85 17.47
CA ALA O 378 41.48 5.99 17.85
C ALA O 378 42.39 5.22 16.90
N GLN O 379 43.54 5.82 16.60
CA GLN O 379 44.55 5.18 15.76
C GLN O 379 45.92 5.14 16.41
N PHE O 380 46.30 6.18 17.15
CA PHE O 380 47.59 6.23 17.81
C PHE O 380 47.45 6.93 19.14
N VAL O 381 48.12 6.40 20.16
CA VAL O 381 48.05 6.92 21.51
C VAL O 381 49.45 7.24 21.97
N ARG O 382 49.71 8.50 22.32
CA ARG O 382 51.01 8.93 22.82
C ARG O 382 50.83 9.41 24.25
N GLN O 383 51.25 8.60 25.21
CA GLN O 383 51.17 8.99 26.61
C GLN O 383 52.06 10.20 26.86
N HIS O 384 51.50 11.23 27.48
CA HIS O 384 52.29 12.42 27.74
C HIS O 384 53.28 12.19 28.87
N LYS O 385 52.96 11.30 29.80
CA LYS O 385 53.87 10.91 30.86
C LYS O 385 54.00 9.39 30.85
N LYS O 386 55.23 8.90 30.71
CA LYS O 386 55.46 7.47 30.61
C LYS O 386 55.19 6.78 31.95
N LYS O 387 54.41 5.72 31.91
CA LYS O 387 54.15 4.94 33.11
C LYS O 387 55.42 4.22 33.57
N PHE O 388 55.50 3.96 34.87
CA PHE O 388 56.66 3.25 35.41
C PHE O 388 56.64 1.79 35.00
N ALA O 389 55.45 1.19 34.85
CA ALA O 389 55.37 -0.22 34.52
C ALA O 389 55.71 -0.51 33.06
N SER O 390 55.85 0.52 32.22
CA SER O 390 56.18 0.34 30.82
C SER O 390 57.65 0.60 30.51
N PHE O 391 58.49 0.68 31.53
CA PHE O 391 59.90 0.99 31.31
C PHE O 391 60.61 -0.17 30.63
N SER O 392 61.56 0.15 29.77
CA SER O 392 62.37 -0.84 29.07
C SER O 392 63.76 -0.28 28.87
N LEU O 393 64.78 -1.07 29.23
CA LEU O 393 66.17 -0.61 29.19
C LEU O 393 66.72 -0.79 27.77
N THR O 394 66.33 0.12 26.89
CA THR O 394 66.88 0.17 25.55
C THR O 394 68.04 1.18 25.50
N SER O 395 68.68 1.27 24.34
CA SER O 395 69.80 2.21 24.20
C SER O 395 69.34 3.65 24.39
N ASP O 396 68.10 3.96 24.00
CA ASP O 396 67.62 5.33 24.09
C ASP O 396 67.62 5.82 25.54
N VAL O 397 67.14 4.99 26.46
CA VAL O 397 67.19 5.37 27.86
C VAL O 397 68.58 5.08 28.44
N GLU O 398 69.29 4.10 27.88
CA GLU O 398 70.60 3.74 28.41
C GLU O 398 71.58 4.88 28.30
N GLU O 399 71.60 5.55 27.15
CA GLU O 399 72.58 6.62 26.95
C GLU O 399 72.36 7.76 27.95
N ARG O 400 71.11 8.16 28.14
CA ARG O 400 70.84 9.27 29.06
C ARG O 400 71.07 8.86 30.52
N VAL O 401 70.73 7.61 30.87
CA VAL O 401 71.01 7.14 32.22
C VAL O 401 72.51 7.13 32.47
N MET O 402 73.29 6.69 31.49
CA MET O 402 74.74 6.75 31.60
C MET O 402 75.20 8.19 31.76
N GLU O 403 74.59 9.10 31.02
CA GLU O 403 74.98 10.51 31.13
C GLU O 403 74.73 11.04 32.53
N LEU O 404 73.60 10.65 33.14
CA LEU O 404 73.33 11.07 34.51
C LEU O 404 74.33 10.48 35.49
N ILE O 405 74.52 9.16 35.45
CA ILE O 405 75.32 8.52 36.51
C ILE O 405 76.79 8.87 36.36
N THR O 406 77.30 8.91 35.12
CA THR O 406 78.72 9.18 34.91
C THR O 406 79.09 10.56 35.42
N SER O 407 78.21 11.55 35.24
CA SER O 407 78.45 12.85 35.82
C SER O 407 78.42 12.80 37.35
N GLY O 408 77.78 11.79 37.92
CA GLY O 408 77.78 11.61 39.36
C GLY O 408 76.85 12.58 40.06
N ASP O 409 76.90 12.52 41.39
CA ASP O 409 76.07 13.36 42.26
C ASP O 409 74.58 13.19 41.94
N VAL O 410 74.18 11.94 41.68
CA VAL O 410 72.81 11.68 41.24
C VAL O 410 71.82 12.02 42.34
N TYR O 411 72.16 11.73 43.59
CA TYR O 411 71.24 12.00 44.68
C TYR O 411 70.97 13.49 44.82
N ASN O 412 72.03 14.30 44.90
CA ASN O 412 71.86 15.73 45.06
C ASN O 412 71.20 16.35 43.84
N ARG O 413 71.57 15.92 42.64
CA ARG O 413 70.98 16.48 41.44
C ARG O 413 69.48 16.17 41.37
N LEU O 414 69.10 14.93 41.68
CA LEU O 414 67.69 14.58 41.61
C LEU O 414 66.91 15.21 42.75
N ALA O 415 67.55 15.49 43.88
CA ALA O 415 66.86 16.19 44.96
C ALA O 415 66.64 17.66 44.62
N LYS O 416 67.67 18.31 44.06
CA LYS O 416 67.56 19.72 43.74
C LYS O 416 66.64 19.96 42.55
N SER O 417 66.51 18.98 41.66
CA SER O 417 65.73 19.16 40.45
C SER O 417 64.23 19.18 40.70
N ILE O 418 63.78 18.82 41.90
CA ILE O 418 62.36 18.86 42.22
C ILE O 418 62.00 20.28 42.63
N ALA O 419 61.20 20.95 41.80
CA ALA O 419 60.76 22.32 42.02
C ALA O 419 61.96 23.22 42.29
N PRO O 420 62.78 23.52 41.27
CA PRO O 420 63.93 24.40 41.49
C PRO O 420 63.55 25.81 41.93
N GLU O 421 62.33 26.25 41.62
CA GLU O 421 61.90 27.58 42.06
C GLU O 421 61.73 27.64 43.58
N ILE O 422 61.56 26.49 44.23
CA ILE O 422 61.53 26.46 45.69
C ILE O 422 62.96 26.45 46.21
N TYR O 423 63.26 27.34 47.16
CA TYR O 423 64.62 27.57 47.62
C TYR O 423 64.80 27.05 49.04
N GLY O 424 65.95 26.43 49.28
CA GLY O 424 66.40 26.15 50.63
C GLY O 424 65.80 24.93 51.28
N ASN O 425 64.80 24.31 50.68
CA ASN O 425 64.15 23.15 51.27
C ASN O 425 64.75 21.87 50.69
N LEU O 426 66.01 21.64 51.02
CA LEU O 426 66.73 20.51 50.45
C LEU O 426 66.30 19.19 51.08
N ASP O 427 66.15 19.14 52.40
CA ASP O 427 65.84 17.88 53.07
C ASP O 427 64.47 17.36 52.67
N VAL O 428 63.48 18.24 52.60
CA VAL O 428 62.16 17.79 52.20
C VAL O 428 62.18 17.34 50.75
N LYS O 429 62.99 17.98 49.91
CA LYS O 429 63.11 17.53 48.53
C LYS O 429 63.71 16.14 48.46
N LYS O 430 64.70 15.85 49.31
CA LYS O 430 65.23 14.49 49.38
C LYS O 430 64.16 13.50 49.81
N ALA O 431 63.35 13.89 50.80
CA ALA O 431 62.28 13.01 51.25
C ALA O 431 61.27 12.76 50.13
N LEU O 432 60.94 13.79 49.36
CA LEU O 432 60.00 13.63 48.26
C LEU O 432 60.59 12.73 47.17
N LEU O 433 61.89 12.86 46.92
CA LEU O 433 62.53 11.97 45.96
C LEU O 433 62.47 10.52 46.42
N LEU O 434 62.72 10.27 47.70
CA LEU O 434 62.60 8.92 48.22
C LEU O 434 61.17 8.42 48.11
N LEU O 435 60.20 9.30 48.36
CA LEU O 435 58.79 8.97 48.13
C LEU O 435 58.56 8.53 46.70
N LEU O 436 59.13 9.26 45.74
CA LEU O 436 58.96 8.90 44.33
C LEU O 436 59.57 7.53 44.05
N VAL O 437 60.78 7.28 44.56
CA VAL O 437 61.43 6.01 44.29
C VAL O 437 60.67 4.85 44.92
N GLY O 438 60.34 4.98 46.20
CA GLY O 438 59.63 3.93 46.90
C GLY O 438 60.53 2.79 47.31
N GLY O 439 60.19 2.13 48.42
CA GLY O 439 60.97 1.02 48.92
C GLY O 439 60.59 -0.28 48.24
N VAL O 440 61.10 -1.38 48.79
CA VAL O 440 60.83 -2.72 48.30
C VAL O 440 59.77 -3.34 49.19
N ASP O 441 58.74 -3.92 48.57
CA ASP O 441 57.69 -4.61 49.30
C ASP O 441 57.99 -6.10 49.35
N LYS O 442 57.95 -6.66 50.55
CA LYS O 442 58.24 -8.08 50.75
C LYS O 442 56.95 -8.87 50.83
N ARG O 443 57.00 -10.12 50.38
CA ARG O 443 55.86 -11.03 50.46
C ARG O 443 56.38 -12.36 50.98
N VAL O 444 56.23 -12.59 52.29
CA VAL O 444 56.62 -13.87 52.87
C VAL O 444 55.68 -14.95 52.38
N GLY O 445 56.20 -16.19 52.31
CA GLY O 445 55.41 -17.30 51.82
C GLY O 445 54.18 -17.60 52.65
N ASP O 446 54.16 -17.16 53.90
CA ASP O 446 52.99 -17.38 54.75
C ASP O 446 51.81 -16.52 54.34
N GLY O 447 52.01 -15.56 53.44
CA GLY O 447 50.99 -14.61 53.07
C GLY O 447 51.20 -13.23 53.62
N MET O 448 52.17 -13.05 54.52
CA MET O 448 52.47 -11.74 55.07
C MET O 448 52.99 -10.82 53.98
N LYS O 449 52.56 -9.57 54.02
CA LYS O 449 52.96 -8.57 53.03
C LYS O 449 53.40 -7.31 53.73
N ILE O 450 54.46 -6.69 53.22
CA ILE O 450 54.96 -5.42 53.73
C ILE O 450 54.76 -4.36 52.65
N ARG O 451 54.56 -3.12 53.09
CA ARG O 451 54.12 -2.06 52.18
C ARG O 451 55.17 -1.78 51.10
N GLY O 452 56.40 -1.52 51.51
CA GLY O 452 57.40 -1.11 50.55
C GLY O 452 57.15 0.24 49.92
N ASP O 453 56.29 1.06 50.52
CA ASP O 453 56.00 2.39 50.02
C ASP O 453 56.10 3.38 51.18
N ILE O 454 56.53 4.58 50.86
CA ILE O 454 56.78 5.59 51.88
C ILE O 454 55.58 6.53 51.93
N ASN O 455 55.36 7.13 53.10
CA ASN O 455 54.33 8.16 53.27
C ASN O 455 54.98 9.35 53.97
N VAL O 456 54.91 10.51 53.33
CA VAL O 456 55.53 11.72 53.87
C VAL O 456 54.43 12.69 54.27
N CYS O 457 54.58 13.26 55.46
CA CYS O 457 53.69 14.31 55.93
C CYS O 457 54.48 15.60 56.04
N LEU O 458 53.95 16.67 55.47
CA LEU O 458 54.61 17.98 55.51
C LEU O 458 53.80 18.89 56.42
N MET O 459 54.08 18.82 57.71
CA MET O 459 53.54 19.78 58.65
C MET O 459 54.34 21.07 58.56
N GLY O 460 53.69 22.19 58.85
CA GLY O 460 54.40 23.44 58.82
C GLY O 460 53.57 24.70 58.88
N ASP O 461 54.24 25.81 59.19
CA ASP O 461 53.58 27.09 59.24
C ASP O 461 53.12 27.51 57.85
N PRO O 462 52.00 28.22 57.75
CA PRO O 462 51.51 28.63 56.44
C PRO O 462 52.51 29.51 55.71
N GLY O 463 52.61 29.31 54.40
CA GLY O 463 53.49 30.10 53.58
C GLY O 463 54.91 29.60 53.47
N VAL O 464 55.17 28.33 53.78
CA VAL O 464 56.51 27.77 53.64
C VAL O 464 56.61 26.90 52.38
N ALA O 465 55.74 27.14 51.39
CA ALA O 465 55.71 26.44 50.12
C ALA O 465 55.43 24.96 50.26
N LYS O 466 54.57 24.55 51.19
CA LYS O 466 54.18 23.16 51.27
C LYS O 466 53.39 22.75 50.03
N SER O 467 52.34 23.51 49.71
CA SER O 467 51.43 23.10 48.62
C SER O 467 52.13 23.14 47.27
N GLN O 468 53.15 23.97 47.12
CA GLN O 468 53.90 23.97 45.88
C GLN O 468 54.60 22.65 45.62
N LEU O 469 55.19 22.04 46.64
CA LEU O 469 55.89 20.77 46.45
C LEU O 469 54.94 19.65 46.07
N LEU O 470 53.72 19.66 46.60
CA LEU O 470 52.75 18.65 46.19
C LEU O 470 52.43 18.78 44.71
N LYS O 471 52.28 20.01 44.22
CA LYS O 471 52.03 20.19 42.80
C LYS O 471 53.24 19.80 41.95
N ALA O 472 54.45 20.08 42.45
CA ALA O 472 55.64 19.62 41.73
C ALA O 472 55.67 18.11 41.63
N ILE O 473 55.35 17.42 42.72
CA ILE O 473 55.31 15.96 42.69
C ILE O 473 54.23 15.48 41.73
N CYS O 474 53.05 16.13 41.74
CA CYS O 474 52.00 15.78 40.79
C CYS O 474 52.51 15.90 39.36
N LYS O 475 53.32 16.93 39.09
CA LYS O 475 53.85 17.11 37.74
C LYS O 475 55.00 16.16 37.43
N ILE O 476 55.62 15.57 38.43
CA ILE O 476 56.68 14.60 38.16
C ILE O 476 56.15 13.19 38.08
N SER O 477 55.26 12.80 39.00
CA SER O 477 54.81 11.43 39.06
C SER O 477 53.95 11.08 37.85
N PRO O 478 54.14 9.90 37.25
CA PRO O 478 53.30 9.51 36.12
C PRO O 478 51.83 9.39 36.47
N ARG O 479 51.51 8.94 37.68
CA ARG O 479 50.14 8.91 38.17
C ARG O 479 50.07 9.64 39.50
N GLY O 480 48.97 10.34 39.72
CA GLY O 480 48.79 11.05 40.96
C GLY O 480 47.48 11.81 40.95
N VAL O 481 47.02 12.12 42.15
CA VAL O 481 45.81 12.90 42.35
C VAL O 481 46.09 13.97 43.39
N TYR O 482 45.60 15.18 43.15
CA TYR O 482 45.75 16.27 44.10
C TYR O 482 44.40 16.53 44.77
N THR O 483 44.13 15.77 45.82
CA THR O 483 42.98 16.07 46.65
C THR O 483 43.32 17.19 47.62
N THR O 484 42.31 17.90 48.07
CA THR O 484 42.56 19.04 48.95
C THR O 484 41.31 19.34 49.77
N GLY O 485 41.53 19.97 50.91
CA GLY O 485 40.45 20.56 51.68
C GLY O 485 39.45 19.54 52.20
N LYS O 486 38.29 20.07 52.59
CA LYS O 486 37.18 19.28 53.08
C LYS O 486 36.10 19.10 52.02
N GLY O 487 35.58 20.20 51.49
CA GLY O 487 34.55 20.10 50.46
C GLY O 487 35.06 19.43 49.20
N SER O 488 36.23 19.84 48.73
CA SER O 488 36.85 19.19 47.59
C SER O 488 37.32 17.79 47.98
N SER O 489 37.08 16.82 47.11
CA SER O 489 37.37 15.42 47.40
C SER O 489 36.80 15.01 48.75
N GLY O 490 35.54 15.42 48.98
CA GLY O 490 34.89 15.15 50.25
C GLY O 490 34.85 13.69 50.61
N VAL O 491 34.95 12.80 49.62
CA VAL O 491 35.07 11.37 49.85
C VAL O 491 36.27 10.88 49.03
N GLY O 492 37.45 10.86 49.64
CA GLY O 492 38.59 10.23 49.01
C GLY O 492 38.34 8.76 48.76
N LEU O 493 37.78 8.07 49.76
CA LEU O 493 37.16 6.78 49.57
C LEU O 493 35.73 7.00 49.08
N THR O 494 35.40 6.43 47.92
CA THR O 494 34.06 6.57 47.36
C THR O 494 33.51 5.18 47.06
N ALA O 495 32.34 4.88 47.61
CA ALA O 495 31.65 3.62 47.34
C ALA O 495 30.60 3.86 46.25
N ALA O 496 31.10 4.15 45.06
CA ALA O 496 30.25 4.49 43.93
C ALA O 496 30.13 3.27 43.02
N VAL O 497 28.92 2.77 42.86
CA VAL O 497 28.62 1.69 41.92
C VAL O 497 27.56 2.20 40.96
N MET O 498 28.01 2.76 39.85
CA MET O 498 27.12 3.30 38.83
C MET O 498 26.90 2.25 37.75
N LYS O 499 26.28 2.68 36.65
CA LYS O 499 26.07 1.85 35.48
C LYS O 499 26.96 2.32 34.34
N ASP O 500 27.52 1.35 33.61
CA ASP O 500 28.38 1.67 32.48
C ASP O 500 27.51 1.96 31.26
N PRO O 501 27.65 3.13 30.62
CA PRO O 501 26.77 3.45 29.49
C PRO O 501 26.86 2.46 28.33
N VAL O 502 28.05 1.92 28.05
CA VAL O 502 28.19 1.06 26.88
C VAL O 502 27.76 -0.36 27.20
N THR O 503 28.11 -0.87 28.37
CA THR O 503 27.78 -2.23 28.79
C THR O 503 26.93 -2.17 30.04
N ASP O 504 25.79 -2.84 30.02
CA ASP O 504 24.80 -2.67 31.08
C ASP O 504 25.29 -3.17 32.44
N GLU O 505 26.37 -3.95 32.48
CA GLU O 505 26.83 -4.50 33.75
C GLU O 505 27.38 -3.39 34.64
N MET O 506 27.02 -3.43 35.92
CA MET O 506 27.43 -2.38 36.85
C MET O 506 28.93 -2.43 37.10
N ILE O 507 29.58 -1.28 37.01
CA ILE O 507 30.99 -1.16 37.31
C ILE O 507 31.12 -0.44 38.65
N LEU O 508 32.23 -0.70 39.33
CA LEU O 508 32.50 -0.06 40.61
C LEU O 508 33.44 1.12 40.41
N GLU O 509 33.08 2.26 40.99
CA GLU O 509 33.88 3.47 40.90
C GLU O 509 34.28 3.90 42.30
N GLY O 510 35.57 4.24 42.46
CA GLY O 510 36.08 4.73 43.71
C GLY O 510 36.58 6.15 43.58
N GLY O 511 37.01 6.70 44.70
CA GLY O 511 37.50 8.07 44.73
C GLY O 511 38.86 8.22 44.09
N ALA O 512 39.61 9.22 44.53
CA ALA O 512 40.95 9.44 43.99
C ALA O 512 41.90 8.32 44.38
N LEU O 513 41.63 7.61 45.47
CA LEU O 513 42.57 6.60 45.96
C LEU O 513 42.74 5.48 44.95
N VAL O 514 41.65 4.99 44.37
CA VAL O 514 41.77 3.93 43.37
C VAL O 514 42.42 4.49 42.11
N LEU O 515 42.10 5.74 41.75
CA LEU O 515 42.75 6.36 40.61
C LEU O 515 44.23 6.54 40.87
N ALA O 516 44.62 6.72 42.12
CA ALA O 516 46.02 6.86 42.51
C ALA O 516 46.69 5.53 42.78
N ASP O 517 46.16 4.45 42.24
CA ASP O 517 46.80 3.15 42.39
C ASP O 517 48.17 3.17 41.72
N ASN O 518 49.16 2.59 42.42
CA ASN O 518 50.54 2.60 41.95
C ASN O 518 51.01 4.02 41.67
N GLY O 519 50.60 4.96 42.51
CA GLY O 519 50.95 6.35 42.33
C GLY O 519 51.09 7.09 43.64
N ILE O 520 51.00 8.41 43.58
CA ILE O 520 51.12 9.25 44.77
C ILE O 520 49.84 10.05 44.90
N CYS O 521 49.14 9.89 46.02
CA CYS O 521 47.93 10.65 46.28
C CYS O 521 48.30 11.87 47.11
N CYS O 522 48.72 12.93 46.42
CA CYS O 522 49.08 14.17 47.10
C CYS O 522 47.83 14.76 47.75
N ILE O 523 47.75 14.69 49.08
CA ILE O 523 46.63 15.23 49.83
C ILE O 523 47.03 16.56 50.42
N ASP O 524 46.20 17.58 50.20
CA ASP O 524 46.47 18.91 50.70
C ASP O 524 45.43 19.29 51.74
N GLU O 525 45.82 20.16 52.66
CA GLU O 525 44.97 20.55 53.79
C GLU O 525 44.54 19.30 54.58
N PHE O 526 45.54 18.51 54.98
CA PHE O 526 45.25 17.21 55.57
C PHE O 526 44.51 17.33 56.89
N ASP O 527 44.87 18.30 57.72
CA ASP O 527 44.25 18.42 59.04
C ASP O 527 42.77 18.79 58.91
N LYS O 528 42.41 19.58 57.91
CA LYS O 528 41.03 20.00 57.73
C LYS O 528 40.15 18.89 57.18
N MET O 529 40.74 17.76 56.79
CA MET O 529 39.96 16.65 56.27
C MET O 529 39.13 16.02 57.37
N ASP O 530 37.91 15.62 57.03
CA ASP O 530 36.99 15.08 58.02
C ASP O 530 37.48 13.73 58.52
N GLU O 531 36.81 13.24 59.57
CA GLU O 531 37.27 12.04 60.25
C GLU O 531 37.02 10.77 59.44
N SER O 532 35.99 10.77 58.59
CA SER O 532 35.71 9.58 57.79
C SER O 532 36.84 9.31 56.80
N ASP O 533 37.28 10.35 56.08
CA ASP O 533 38.40 10.17 55.17
C ASP O 533 39.67 9.82 55.90
N ARG O 534 39.86 10.37 57.11
CA ARG O 534 41.04 10.01 57.90
C ARG O 534 41.00 8.54 58.28
N THR O 535 39.83 8.02 58.66
CA THR O 535 39.72 6.62 59.00
C THR O 535 39.99 5.73 57.78
N ALA O 536 39.49 6.14 56.61
CA ALA O 536 39.79 5.38 55.41
C ALA O 536 41.28 5.42 55.09
N ILE O 537 41.90 6.59 55.23
CA ILE O 537 43.31 6.71 54.92
C ILE O 537 44.16 5.93 55.90
N HIS O 538 43.66 5.67 57.11
CA HIS O 538 44.34 4.75 58.03
C HIS O 538 44.69 3.45 57.31
N GLU O 539 43.66 2.75 56.84
CA GLU O 539 43.88 1.49 56.15
C GLU O 539 44.66 1.69 54.87
N VAL O 540 44.36 2.75 54.12
CA VAL O 540 45.05 2.93 52.84
C VAL O 540 46.55 3.09 53.05
N MET O 541 46.97 3.79 54.10
CA MET O 541 48.40 3.91 54.36
C MET O 541 48.99 2.62 54.89
N GLU O 542 48.37 2.00 55.90
CA GLU O 542 49.05 0.85 56.52
C GLU O 542 49.00 -0.42 55.70
N GLN O 543 47.88 -0.68 55.04
CA GLN O 543 47.75 -1.76 54.08
C GLN O 543 47.73 -1.12 52.69
N GLN O 544 47.42 -1.91 51.67
CA GLN O 544 47.25 -1.36 50.34
C GLN O 544 45.86 -1.65 49.79
N THR O 545 44.91 -1.92 50.67
CA THR O 545 43.57 -2.29 50.25
C THR O 545 42.54 -1.35 50.88
N ILE O 546 41.35 -1.36 50.30
CA ILE O 546 40.20 -0.66 50.84
C ILE O 546 39.07 -1.67 50.99
N SER O 547 38.53 -1.78 52.19
CA SER O 547 37.48 -2.75 52.49
C SER O 547 36.16 -2.03 52.61
N ILE O 548 35.19 -2.44 51.79
CA ILE O 548 33.90 -1.76 51.70
C ILE O 548 32.80 -2.76 52.04
N SER O 549 31.91 -2.37 52.94
CA SER O 549 30.75 -3.18 53.27
C SER O 549 29.52 -2.32 53.39
N LYS O 550 29.33 -1.40 52.45
CA LYS O 550 28.14 -0.56 52.42
C LYS O 550 27.04 -1.25 51.62
N ALA O 551 25.90 -0.58 51.49
CA ALA O 551 24.77 -1.19 50.82
C ALA O 551 25.07 -1.39 49.34
N GLY O 552 25.08 -2.64 48.91
CA GLY O 552 25.30 -3.01 47.54
C GLY O 552 26.72 -3.42 47.21
N ILE O 553 27.69 -3.03 48.03
CA ILE O 553 29.10 -3.35 47.79
C ILE O 553 29.65 -4.09 48.99
N ASN O 554 30.14 -5.31 48.76
CA ASN O 554 30.91 -6.05 49.75
C ASN O 554 32.17 -6.56 49.03
N THR O 555 33.17 -5.69 48.95
CA THR O 555 34.35 -5.96 48.13
C THR O 555 35.59 -5.54 48.91
N THR O 556 36.72 -5.53 48.21
CA THR O 556 37.99 -5.08 48.78
C THR O 556 38.81 -4.51 47.63
N LEU O 557 38.80 -3.19 47.52
CA LEU O 557 39.53 -2.53 46.44
C LEU O 557 41.03 -2.58 46.70
N ASN O 558 41.80 -2.41 45.64
CA ASN O 558 43.26 -2.42 45.71
C ASN O 558 43.77 -1.02 45.47
N ALA O 559 44.42 -0.44 46.48
CA ALA O 559 45.03 0.89 46.37
C ALA O 559 46.42 0.84 46.99
N ARG O 560 47.42 0.48 46.20
CA ARG O 560 48.80 0.51 46.68
C ARG O 560 49.39 1.89 46.38
N THR O 561 48.86 2.87 47.11
CA THR O 561 49.14 4.28 46.87
C THR O 561 49.99 4.85 47.99
N SER O 562 50.99 5.64 47.61
CA SER O 562 51.84 6.34 48.56
C SER O 562 51.21 7.69 48.88
N ILE O 563 50.83 7.89 50.14
CA ILE O 563 50.15 9.11 50.55
C ILE O 563 51.17 10.20 50.86
N LEU O 564 50.99 11.36 50.27
CA LEU O 564 51.80 12.54 50.56
C LEU O 564 50.86 13.65 51.00
N ALA O 565 51.05 14.15 52.22
CA ALA O 565 50.12 15.08 52.83
C ALA O 565 50.84 16.34 53.28
N ALA O 566 50.08 17.42 53.40
CA ALA O 566 50.60 18.70 53.88
C ALA O 566 49.50 19.41 54.64
N ALA O 567 49.71 19.59 55.94
CA ALA O 567 48.71 20.20 56.80
C ALA O 567 49.37 21.18 57.75
N ASN O 568 48.61 22.19 58.15
CA ASN O 568 49.12 23.13 59.13
C ASN O 568 49.00 22.55 60.53
N PRO O 569 49.84 22.98 61.47
CA PRO O 569 49.69 22.52 62.85
C PRO O 569 48.43 23.06 63.48
N LEU O 570 48.13 22.62 64.70
CA LEU O 570 46.98 23.14 65.41
C LEU O 570 47.17 24.63 65.70
N TYR O 571 46.06 25.36 65.71
CA TYR O 571 46.07 26.81 65.93
C TYR O 571 46.92 27.52 64.88
N GLY O 572 46.84 27.06 63.63
CA GLY O 572 47.61 27.69 62.57
C GLY O 572 49.10 27.47 62.74
N ARG O 573 49.82 28.52 63.13
CA ARG O 573 51.26 28.42 63.31
C ARG O 573 51.60 27.54 64.50
N TYR O 574 52.83 27.05 64.50
CA TYR O 574 53.33 26.28 65.63
C TYR O 574 53.39 27.15 66.87
N ASN O 575 52.96 26.60 68.00
CA ASN O 575 53.04 27.29 69.27
C ASN O 575 54.09 26.61 70.13
N PRO O 576 55.29 27.17 70.26
CA PRO O 576 56.34 26.50 71.05
C PRO O 576 55.98 26.31 72.50
N ARG O 577 54.96 27.02 73.01
CA ARG O 577 54.48 26.74 74.35
C ARG O 577 53.93 25.33 74.44
N LEU O 578 53.15 24.91 73.45
CA LEU O 578 52.53 23.59 73.47
C LEU O 578 53.51 22.52 73.02
N SER O 579 53.23 21.29 73.45
CA SER O 579 54.08 20.17 73.10
C SER O 579 53.96 19.86 71.61
N PRO O 580 55.04 19.35 70.99
CA PRO O 580 54.96 19.05 69.55
C PRO O 580 53.85 18.07 69.20
N LEU O 581 53.61 17.07 70.05
CA LEU O 581 52.54 16.13 69.77
C LEU O 581 51.17 16.77 69.86
N ASP O 582 51.07 17.96 70.44
CA ASP O 582 49.80 18.67 70.46
C ASP O 582 49.67 19.62 69.28
N ASN O 583 50.77 20.23 68.85
CA ASN O 583 50.74 21.06 67.66
C ASN O 583 50.39 20.24 66.43
N ILE O 584 50.96 19.03 66.32
CA ILE O 584 50.71 18.19 65.16
C ILE O 584 49.25 17.77 65.11
N ASN O 585 48.68 17.44 66.27
CA ASN O 585 47.28 17.04 66.40
C ASN O 585 46.97 15.77 65.61
N LEU O 586 47.94 14.88 65.48
CA LEU O 586 47.68 13.62 64.80
C LEU O 586 47.72 12.48 65.80
N PRO O 587 46.67 11.66 65.88
CA PRO O 587 46.69 10.53 66.82
C PRO O 587 47.83 9.58 66.52
N ALA O 588 48.33 8.93 67.59
CA ALA O 588 49.55 8.14 67.46
C ALA O 588 49.38 6.99 66.48
N ALA O 589 48.17 6.47 66.33
CA ALA O 589 47.94 5.44 65.33
C ALA O 589 48.19 5.96 63.93
N LEU O 590 47.68 7.16 63.63
CA LEU O 590 47.87 7.73 62.31
C LEU O 590 49.28 8.24 62.12
N LEU O 591 49.85 8.86 63.15
CA LEU O 591 51.18 9.46 63.00
C LEU O 591 52.25 8.41 62.78
N SER O 592 52.08 7.20 63.36
CA SER O 592 53.07 6.16 63.17
C SER O 592 53.18 5.75 61.71
N ARG O 593 52.09 5.86 60.96
CA ARG O 593 52.09 5.40 59.57
C ARG O 593 53.05 6.22 58.72
N PHE O 594 53.08 7.53 58.92
CA PHE O 594 53.96 8.39 58.14
C PHE O 594 55.41 8.08 58.45
N ASP O 595 56.17 7.72 57.41
CA ASP O 595 57.59 7.43 57.60
C ASP O 595 58.34 8.68 58.04
N ILE O 596 58.17 9.78 57.32
CA ILE O 596 58.83 11.03 57.62
C ILE O 596 57.77 12.11 57.78
N LEU O 597 57.87 12.87 58.87
CA LEU O 597 56.94 13.97 59.14
C LEU O 597 57.77 15.22 59.38
N PHE O 598 58.00 15.99 58.32
CA PHE O 598 58.76 17.22 58.43
C PHE O 598 57.94 18.29 59.13
N LEU O 599 58.65 19.17 59.86
CA LEU O 599 57.97 20.23 60.60
C LEU O 599 58.01 21.57 59.90
N MET O 600 59.09 21.87 59.19
CA MET O 600 59.18 23.03 58.28
C MET O 600 58.63 24.30 58.93
N LEU O 601 59.06 24.55 60.17
CA LEU O 601 58.61 25.74 60.87
C LEU O 601 59.15 26.99 60.21
N ASP O 602 58.42 28.09 60.35
CA ASP O 602 58.81 29.38 59.82
C ASP O 602 59.40 30.23 60.95
N ILE O 603 60.69 30.54 60.83
CA ILE O 603 61.39 31.33 61.84
C ILE O 603 62.14 32.45 61.13
N PRO O 604 61.91 33.71 61.50
CA PRO O 604 62.60 34.81 60.82
C PRO O 604 64.09 34.77 61.05
N SER O 605 64.82 35.22 60.03
CA SER O 605 66.28 35.29 60.10
C SER O 605 66.75 36.40 59.18
N ARG O 606 67.83 37.08 59.57
CA ARG O 606 68.32 38.19 58.76
C ARG O 606 68.97 37.69 57.48
N ASP O 607 69.63 36.53 57.53
CA ASP O 607 70.37 36.02 56.39
C ASP O 607 69.52 35.09 55.53
N ASP O 608 68.88 34.10 56.15
CA ASP O 608 68.10 33.13 55.39
C ASP O 608 66.98 33.81 54.62
N ASP O 609 66.30 34.76 55.27
CA ASP O 609 65.17 35.41 54.61
C ASP O 609 65.62 36.31 53.48
N GLU O 610 66.76 36.98 53.62
CA GLU O 610 67.24 37.79 52.50
C GLU O 610 67.69 36.91 51.34
N LYS O 611 68.30 35.76 51.63
CA LYS O 611 68.61 34.81 50.55
C LYS O 611 67.34 34.34 49.86
N LEU O 612 66.31 34.01 50.63
CA LEU O 612 65.05 33.56 50.05
C LEU O 612 64.40 34.66 49.21
N ALA O 613 64.45 35.89 49.69
CA ALA O 613 63.93 37.01 48.93
C ALA O 613 64.68 37.21 47.63
N GLU O 614 66.01 37.10 47.67
CA GLU O 614 66.79 37.18 46.44
C GLU O 614 66.38 36.09 45.46
N HIS O 615 66.22 34.87 45.96
CA HIS O 615 65.81 33.76 45.10
C HIS O 615 64.47 34.03 44.45
N VAL O 616 63.46 34.41 45.25
CA VAL O 616 62.12 34.60 44.73
C VAL O 616 62.07 35.77 43.75
N THR O 617 62.76 36.86 44.08
CA THR O 617 62.78 38.00 43.18
C THR O 617 63.46 37.66 41.86
N TYR O 618 64.54 36.89 41.90
CA TYR O 618 65.17 36.47 40.66
C TYR O 618 64.23 35.59 39.85
N VAL O 619 63.52 34.68 40.52
CA VAL O 619 62.57 33.82 39.82
C VAL O 619 61.50 34.66 39.15
N HIS O 620 61.02 35.70 39.82
CA HIS O 620 60.02 36.57 39.20
C HIS O 620 60.61 37.38 38.05
N MET O 621 61.88 37.76 38.15
CA MET O 621 62.51 38.52 37.08
C MET O 621 62.75 37.64 35.86
N HIS O 622 63.58 36.61 36.01
CA HIS O 622 63.75 35.59 34.99
C HIS O 622 63.04 34.32 35.43
N ASN O 623 62.20 33.76 34.56
CA ASN O 623 61.46 32.54 34.88
C ASN O 623 62.38 31.33 34.82
N LYS O 624 63.42 31.37 35.65
CA LYS O 624 64.42 30.31 35.68
C LYS O 624 64.96 30.18 37.10
N GLN O 625 65.53 29.02 37.37
CA GLN O 625 66.24 28.84 38.63
C GLN O 625 67.50 29.71 38.62
N PRO O 626 67.77 30.43 39.71
CA PRO O 626 68.84 31.44 39.67
C PRO O 626 70.23 30.88 39.38
N ASP O 627 70.69 29.91 40.18
CA ASP O 627 72.09 29.54 40.14
C ASP O 627 72.48 28.86 38.83
N LEU O 628 73.75 28.99 38.49
CA LEU O 628 74.33 28.35 37.31
C LEU O 628 75.25 27.18 37.69
N ASP O 629 75.26 26.79 38.96
CA ASP O 629 76.16 25.73 39.39
C ASP O 629 75.75 24.38 38.80
N PHE O 630 74.45 24.09 38.76
CA PHE O 630 73.94 22.85 38.21
C PHE O 630 72.78 23.13 37.29
N THR O 631 72.70 22.40 36.21
CA THR O 631 71.50 22.50 35.39
C THR O 631 70.47 21.49 35.87
N PRO O 632 69.24 21.91 36.13
CA PRO O 632 68.24 20.98 36.67
C PRO O 632 67.87 19.91 35.67
N VAL O 633 67.45 18.77 36.20
CA VAL O 633 67.01 17.64 35.38
C VAL O 633 65.53 17.81 35.06
N GLU O 634 65.20 17.84 33.78
CA GLU O 634 63.81 18.02 33.39
C GLU O 634 62.99 16.79 33.78
N PRO O 635 61.69 16.97 34.01
CA PRO O 635 60.89 15.86 34.54
C PRO O 635 60.89 14.62 33.69
N SER O 636 61.10 14.72 32.37
CA SER O 636 61.18 13.53 31.54
C SER O 636 62.41 12.70 31.91
N LYS O 637 63.58 13.32 31.97
CA LYS O 637 64.79 12.59 32.31
C LYS O 637 64.73 12.06 33.73
N MET O 638 64.23 12.88 34.66
CA MET O 638 64.10 12.44 36.04
C MET O 638 63.17 11.25 36.15
N ARG O 639 62.04 11.28 35.43
CA ARG O 639 61.11 10.17 35.45
C ARG O 639 61.73 8.91 34.86
N GLU O 640 62.51 9.06 33.79
CA GLU O 640 63.19 7.89 33.22
C GLU O 640 64.15 7.28 34.22
N TYR O 641 64.96 8.12 34.87
CA TYR O 641 65.89 7.59 35.86
C TYR O 641 65.15 6.95 37.02
N ILE O 642 64.04 7.54 37.45
CA ILE O 642 63.28 6.98 38.56
C ILE O 642 62.71 5.62 38.19
N ALA O 643 62.23 5.48 36.95
CA ALA O 643 61.75 4.17 36.51
C ALA O 643 62.87 3.14 36.51
N TYR O 644 64.04 3.53 35.99
CA TYR O 644 65.17 2.62 35.99
C TYR O 644 65.54 2.19 37.41
N ALA O 645 65.54 3.14 38.34
CA ALA O 645 65.81 2.80 39.73
C ALA O 645 64.74 1.89 40.31
N LYS O 646 63.48 2.12 39.93
CA LYS O 646 62.39 1.29 40.42
C LYS O 646 62.52 -0.14 39.91
N THR O 647 63.19 -0.36 38.78
CA THR O 647 63.40 -1.72 38.32
C THR O 647 64.19 -2.54 39.34
N LYS O 648 65.22 -1.94 39.93
CA LYS O 648 66.09 -2.66 40.85
C LYS O 648 65.35 -3.03 42.13
N ARG O 649 65.76 -4.14 42.73
CA ARG O 649 65.25 -4.61 44.02
C ARG O 649 66.42 -4.95 44.92
N PRO O 650 67.03 -3.95 45.55
CA PRO O 650 68.19 -4.22 46.42
C PRO O 650 67.79 -5.00 47.66
N VAL O 651 68.80 -5.59 48.30
CA VAL O 651 68.61 -6.43 49.47
C VAL O 651 69.57 -5.98 50.57
N MET O 652 69.17 -6.23 51.82
CA MET O 652 69.95 -5.77 52.96
C MET O 652 71.18 -6.66 53.17
N SER O 653 71.95 -6.34 54.20
CA SER O 653 73.19 -7.03 54.51
C SER O 653 73.24 -7.36 55.99
N GLU O 654 74.08 -8.34 56.32
CA GLU O 654 74.19 -8.78 57.71
C GLU O 654 74.68 -7.65 58.61
N ALA O 655 75.81 -7.03 58.24
CA ALA O 655 76.30 -5.89 59.01
C ALA O 655 75.31 -4.74 58.97
N VAL O 656 74.70 -4.52 57.81
CA VAL O 656 73.66 -3.51 57.69
C VAL O 656 72.50 -3.84 58.62
N ASN O 657 72.11 -5.11 58.68
CA ASN O 657 71.01 -5.49 59.57
C ASN O 657 71.37 -5.24 61.03
N ASP O 658 72.61 -5.55 61.42
CA ASP O 658 73.03 -5.29 62.79
C ASP O 658 72.99 -3.80 63.10
N TYR O 659 73.48 -2.97 62.18
CA TYR O 659 73.44 -1.52 62.39
C TYR O 659 72.02 -1.02 62.53
N VAL O 660 71.12 -1.50 61.67
CA VAL O 660 69.73 -1.06 61.73
C VAL O 660 69.08 -1.51 63.02
N VAL O 661 69.36 -2.74 63.46
CA VAL O 661 68.77 -3.25 64.69
C VAL O 661 69.22 -2.41 65.88
N GLN O 662 70.52 -2.13 65.94
CA GLN O 662 71.02 -1.30 67.04
C GLN O 662 70.41 0.09 67.00
N ALA O 663 70.28 0.67 65.81
CA ALA O 663 69.69 2.00 65.70
C ALA O 663 68.24 1.99 66.17
N TYR O 664 67.48 0.96 65.81
CA TYR O 664 66.10 0.86 66.24
C TYR O 664 66.01 0.71 67.76
N ILE O 665 66.89 -0.11 68.34
CA ILE O 665 66.88 -0.27 69.79
C ILE O 665 67.18 1.05 70.47
N ARG O 666 68.18 1.77 69.97
CA ARG O 666 68.53 3.06 70.57
C ARG O 666 67.39 4.06 70.43
N LEU O 667 66.71 4.07 69.28
CA LEU O 667 65.59 4.97 69.09
C LEU O 667 64.44 4.63 70.03
N ARG O 668 64.17 3.34 70.23
CA ARG O 668 63.13 2.94 71.18
C ARG O 668 63.48 3.39 72.60
N GLN O 669 64.74 3.20 72.99
CA GLN O 669 65.16 3.65 74.32
C GLN O 669 65.02 5.15 74.45
N ASP O 670 65.42 5.89 73.41
CA ASP O 670 65.32 7.35 73.44
C ASP O 670 63.87 7.79 73.57
N SER O 671 62.97 7.15 72.84
CA SER O 671 61.55 7.47 72.95
C SER O 671 61.04 7.17 74.36
N LYS O 672 61.46 6.05 74.95
CA LYS O 672 61.03 5.73 76.30
C LYS O 672 61.52 6.79 77.29
N ARG O 673 62.76 7.25 77.12
CA ARG O 673 63.33 8.22 78.05
C ARG O 673 62.53 9.52 78.08
N GLU O 674 62.28 10.10 76.91
CA GLU O 674 61.59 11.39 76.80
C GLU O 674 60.12 11.22 76.48
N MET O 675 59.49 10.19 77.05
CA MET O 675 58.08 9.92 76.80
C MET O 675 57.17 11.05 77.26
N ASP O 676 57.66 11.95 78.12
CA ASP O 676 56.85 13.09 78.51
C ASP O 676 57.68 14.38 78.56
N SER O 677 58.78 14.44 77.83
CA SER O 677 59.57 15.67 77.79
C SER O 677 58.91 16.69 76.88
N LYS O 678 59.56 17.86 76.76
CA LYS O 678 59.09 18.90 75.86
C LYS O 678 59.31 18.58 74.40
N PHE O 679 60.06 17.53 74.09
CA PHE O 679 60.38 17.18 72.71
C PHE O 679 59.90 15.77 72.37
N SER O 680 58.83 15.33 73.01
CA SER O 680 58.31 13.99 72.74
C SER O 680 57.61 14.02 71.39
N PHE O 681 58.37 13.67 70.35
CA PHE O 681 57.81 13.57 69.01
C PHE O 681 57.07 12.26 68.78
N GLY O 682 56.79 11.53 69.84
CA GLY O 682 56.07 10.27 69.75
C GLY O 682 56.96 9.09 70.08
N GLN O 683 56.37 8.08 70.72
CA GLN O 683 57.10 6.87 71.02
C GLN O 683 57.41 6.10 69.74
N ALA O 684 58.62 5.56 69.66
CA ALA O 684 59.02 4.78 68.50
C ALA O 684 58.29 3.45 68.47
N THR O 685 58.01 2.98 67.26
CA THR O 685 57.25 1.78 67.00
C THR O 685 57.98 0.95 65.95
N PRO O 686 57.63 -0.34 65.80
CA PRO O 686 58.25 -1.14 64.74
C PRO O 686 58.07 -0.54 63.36
N ARG O 687 57.03 0.26 63.15
CA ARG O 687 56.89 0.96 61.89
C ARG O 687 58.05 1.91 61.65
N THR O 688 58.68 2.41 62.71
CA THR O 688 59.89 3.22 62.52
C THR O 688 61.03 2.38 61.95
N LEU O 689 61.19 1.17 62.45
CA LEU O 689 62.18 0.25 61.88
C LEU O 689 61.87 -0.04 60.42
N LEU O 690 60.59 -0.32 60.12
CA LEU O 690 60.20 -0.60 58.75
C LEU O 690 60.45 0.61 57.85
N GLY O 691 60.20 1.82 58.36
CA GLY O 691 60.48 3.01 57.59
C GLY O 691 61.96 3.21 57.33
N ILE O 692 62.79 2.88 58.32
CA ILE O 692 64.24 2.94 58.12
C ILE O 692 64.65 1.99 57.01
N ILE O 693 64.11 0.77 57.04
CA ILE O 693 64.41 -0.21 56.00
C ILE O 693 63.96 0.30 54.64
N ARG O 694 62.76 0.87 54.58
CA ARG O 694 62.20 1.34 53.30
C ARG O 694 63.04 2.48 52.74
N LEU O 695 63.41 3.43 53.59
CA LEU O 695 64.23 4.55 53.13
C LEU O 695 65.60 4.07 52.67
N SER O 696 66.20 3.12 53.40
CA SER O 696 67.48 2.59 52.99
C SER O 696 67.39 1.90 51.64
N GLN O 697 66.33 1.12 51.43
CA GLN O 697 66.15 0.47 50.13
C GLN O 697 65.95 1.48 49.02
N ALA O 698 65.20 2.55 49.28
CA ALA O 698 65.02 3.58 48.26
C ALA O 698 66.34 4.25 47.92
N LEU O 699 67.14 4.56 48.94
CA LEU O 699 68.44 5.18 48.69
C LEU O 699 69.35 4.24 47.89
N ALA O 700 69.30 2.95 48.21
CA ALA O 700 70.05 1.98 47.42
C ALA O 700 69.57 1.97 45.97
N LYS O 701 68.26 2.02 45.75
CA LYS O 701 67.73 2.09 44.40
C LYS O 701 68.25 3.33 43.68
N LEU O 702 68.42 4.42 44.41
CA LEU O 702 68.83 5.67 43.77
C LEU O 702 70.23 5.58 43.18
N ARG O 703 71.10 4.76 43.75
CA ARG O 703 72.43 4.58 43.21
C ARG O 703 72.52 3.46 42.19
N LEU O 704 71.38 2.84 41.84
CA LEU O 704 71.35 1.70 40.93
C LEU O 704 72.22 0.56 41.44
N ALA O 705 71.85 0.07 42.62
CA ALA O 705 72.59 -1.02 43.26
C ALA O 705 71.61 -2.06 43.76
N ASP O 706 72.00 -3.33 43.66
CA ASP O 706 71.20 -4.44 44.15
C ASP O 706 71.57 -4.82 45.58
N MET O 707 72.42 -4.04 46.24
CA MET O 707 72.94 -4.41 47.54
C MET O 707 72.89 -3.17 48.44
N VAL O 708 72.13 -3.27 49.54
CA VAL O 708 71.99 -2.12 50.44
C VAL O 708 73.32 -1.78 51.07
N ASP O 709 73.65 -0.49 51.10
CA ASP O 709 74.93 -0.01 51.60
C ASP O 709 74.75 0.61 52.99
N ILE O 710 75.83 0.58 53.77
CA ILE O 710 75.79 1.07 55.15
C ILE O 710 75.60 2.58 55.16
N ASP O 711 76.24 3.30 54.24
CA ASP O 711 76.08 4.74 54.18
C ASP O 711 74.66 5.13 53.82
N ASP O 712 73.97 4.29 53.06
CA ASP O 712 72.57 4.55 52.76
C ASP O 712 71.73 4.53 54.04
N VAL O 713 71.99 3.55 54.91
CA VAL O 713 71.28 3.50 56.19
C VAL O 713 71.63 4.71 57.03
N GLU O 714 72.89 5.11 57.02
CA GLU O 714 73.27 6.30 57.78
C GLU O 714 72.52 7.53 57.28
N GLU O 715 72.40 7.68 55.96
CA GLU O 715 71.69 8.83 55.42
C GLU O 715 70.20 8.76 55.74
N ALA O 716 69.62 7.56 55.69
CA ALA O 716 68.21 7.44 56.06
C ALA O 716 67.98 7.83 57.52
N LEU O 717 68.87 7.38 58.41
CA LEU O 717 68.78 7.80 59.80
C LEU O 717 68.92 9.31 59.93
N ARG O 718 69.85 9.89 59.17
CA ARG O 718 70.01 11.34 59.21
C ARG O 718 68.74 12.06 58.80
N LEU O 719 68.10 11.59 57.72
CA LEU O 719 66.87 12.24 57.26
C LEU O 719 65.77 12.12 58.29
N VAL O 720 65.61 10.92 58.87
CA VAL O 720 64.56 10.72 59.86
C VAL O 720 64.80 11.61 61.07
N ARG O 721 66.06 11.78 61.47
CA ARG O 721 66.36 12.61 62.63
C ARG O 721 66.17 14.09 62.34
N VAL O 722 66.66 14.56 61.18
CA VAL O 722 66.57 15.98 60.85
C VAL O 722 65.20 16.38 60.35
N SER O 723 64.28 15.43 60.17
CA SER O 723 62.90 15.80 59.89
C SER O 723 62.33 16.68 60.99
N LYS O 724 62.83 16.55 62.21
CA LYS O 724 62.41 17.37 63.34
C LYS O 724 63.48 18.36 63.78
N GLU O 725 64.52 18.56 62.98
CA GLU O 725 65.61 19.42 63.41
C GLU O 725 65.20 20.89 63.44
N SER O 726 64.30 21.30 62.55
CA SER O 726 63.83 22.68 62.54
C SER O 726 63.03 23.05 63.78
N LEU O 727 62.66 22.07 64.59
CA LEU O 727 61.95 22.35 65.83
C LEU O 727 62.79 23.18 66.80
N TYR O 728 64.10 23.17 66.65
CA TYR O 728 64.99 23.91 67.54
C TYR O 728 65.53 25.16 66.85
PB ADP P . -34.45 -29.63 -63.19
O1B ADP P . -33.31 -30.54 -63.53
O2B ADP P . -34.18 -28.80 -61.97
O3B ADP P . -34.91 -28.81 -64.36
PA ADP P . -36.27 -30.92 -61.32
O1A ADP P . -35.19 -31.54 -60.50
O2A ADP P . -36.94 -29.70 -60.78
O3A ADP P . -35.68 -30.59 -62.77
O5' ADP P . -37.38 -32.04 -61.64
C5' ADP P . -37.54 -33.06 -60.64
C4' ADP P . -38.84 -33.81 -60.88
O4' ADP P . -38.80 -34.44 -62.18
C3' ADP P . -39.11 -34.95 -59.88
O3' ADP P . -40.49 -35.00 -59.53
C2' ADP P . -38.68 -36.20 -60.65
O2' ADP P . -39.36 -37.36 -60.21
C1' ADP P . -39.09 -35.82 -62.07
N9 ADP P . -38.37 -36.52 -63.13
C8 ADP P . -37.86 -35.93 -64.26
N7 ADP P . -37.26 -36.78 -65.05
C5 ADP P . -37.38 -38.01 -64.42
C6 ADP P . -36.95 -39.30 -64.77
N6 ADP P . -36.28 -39.57 -65.88
N1 ADP P . -37.24 -40.30 -63.91
C2 ADP P . -37.91 -40.01 -62.79
N3 ADP P . -38.37 -38.85 -62.36
C4 ADP P . -38.07 -37.86 -63.23
MG MG Q . -32.53 -27.74 -61.63
ZN ZN R . -3.76 -16.05 3.31
PB ADP S . 5.74 3.55 -78.04
O1B ADP S . 4.94 2.42 -78.61
O2B ADP S . 5.30 3.89 -76.67
O3B ADP S . 5.76 4.75 -78.94
PA ADP S . 8.33 3.06 -76.76
O1A ADP S . 7.94 2.01 -75.78
O2A ADP S . 8.47 4.46 -76.26
O3A ADP S . 7.26 3.05 -77.95
O5' ADP S . 9.67 2.63 -77.51
C5' ADP S . 9.77 1.26 -77.98
C4' ADP S . 11.20 0.79 -77.93
O4' ADP S . 11.86 1.14 -79.18
C3' ADP S . 12.07 1.36 -76.81
O3' ADP S . 12.92 0.36 -76.27
C2' ADP S . 12.87 2.47 -77.50
O2' ADP S . 14.15 2.62 -76.93
C1' ADP S . 12.97 1.98 -78.94
N9 ADP S . 12.92 3.05 -79.93
C8 ADP S . 11.86 3.38 -80.72
N7 ADP S . 12.11 4.38 -81.53
C5 ADP S . 13.42 4.74 -81.24
C6 ADP S . 14.25 5.74 -81.76
N6 ADP S . 13.88 6.60 -82.71
N1 ADP S . 15.50 5.83 -81.25
C2 ADP S . 15.86 4.97 -80.30
N3 ADP S . 15.16 3.99 -79.73
C4 ADP S . 13.93 3.92 -80.26
BE BEF T . 3.38 2.34 -78.35
F1 BEF T . 3.54 2.23 -76.60
F2 BEF T . 2.38 3.65 -78.97
F3 BEF T . 3.26 0.77 -79.17
MG MG U . 3.66 3.85 -75.44
BE BEF V . -13.62 25.94 -75.15
F1 BEF V . -13.50 25.72 -73.39
F2 BEF V . -15.31 26.01 -75.37
F3 BEF V . -12.57 24.92 -76.06
ZN ZN W . -42.96 5.33 6.38
PB ADP X . -44.60 24.68 -69.48
O1B ADP X . -45.99 24.39 -69.95
O2B ADP X . -44.30 24.09 -68.14
O3B ADP X . -43.56 24.34 -70.50
PA ADP X . -44.85 27.13 -67.98
O1A ADP X . -45.84 26.39 -67.15
O2A ADP X . -43.55 27.51 -67.35
O3A ADP X . -44.57 26.27 -69.30
O5' ADP X . -45.55 28.44 -68.57
C5' ADP X . -44.92 29.14 -69.67
C4' ADP X . -44.85 30.61 -69.36
O4' ADP X . -45.60 31.35 -70.35
C3' ADP X . -45.44 31.04 -68.02
O3' ADP X . -44.82 32.24 -67.56
C2' ADP X . -46.91 31.32 -68.37
O2' ADP X . -47.46 32.32 -67.56
C1' ADP X . -46.83 31.79 -69.82
N9 ADP X . -47.90 31.27 -70.65
C8 ADP X . -47.76 30.49 -71.77
N7 ADP X . -48.89 30.15 -72.31
C5 ADP X . -49.85 30.74 -71.50
C6 ADP X . -51.26 30.77 -71.56
N6 ADP X . -51.96 30.13 -72.50
N1 ADP X . -51.91 31.45 -70.61
C2 ADP X . -51.19 32.08 -69.67
N3 ADP X . -49.87 32.14 -69.51
C4 ADP X . -49.25 31.44 -70.48
BE BEF Y . -42.62 23.05 -70.62
F1 BEF Y . -42.09 22.91 -68.93
F2 BEF Y . -43.53 21.63 -70.84
F3 BEF Y . -41.38 23.57 -71.71
MG MG Z . -43.14 22.77 -67.19
PB ADP AA . -4.40 -25.28 -74.27
O1B ADP AA . -5.44 -24.96 -73.25
O2B ADP AA . -3.37 -24.19 -74.41
O3B ADP AA . -4.98 -25.66 -75.59
PA ADP AA . -3.86 -27.65 -72.59
O1A ADP AA . -4.90 -27.14 -71.64
O2A ADP AA . -2.55 -28.06 -72.02
O3A ADP AA . -3.60 -26.58 -73.76
O5' ADP AA . -4.48 -28.86 -73.43
C5' ADP AA . -3.57 -29.82 -74.01
C4' ADP AA . -3.75 -31.17 -73.38
O4' ADP AA . -3.22 -32.17 -74.28
C3' ADP AA . -3.00 -31.42 -72.06
O3' ADP AA . -3.61 -32.45 -71.31
C2' ADP AA . -1.62 -31.84 -72.56
O2' ADP AA . -0.98 -32.72 -71.65
C1' ADP AA . -1.95 -32.59 -73.84
N9 ADP AA . -1.00 -32.38 -74.92
C8 ADP AA . -1.21 -31.63 -76.06
N7 ADP AA . -0.18 -31.61 -76.87
C5 ADP AA . 0.76 -32.41 -76.24
C6 ADP AA . 2.06 -32.80 -76.60
N6 ADP AA . 2.66 -32.40 -77.72
N1 ADP AA . 2.73 -33.60 -75.75
C2 ADP AA . 2.12 -33.99 -74.62
N3 ADP AA . 0.91 -33.69 -74.18
C4 ADP AA . 0.26 -32.90 -75.04
MG MG BA . -5.06 -23.06 -72.49
ZN ZN CA . 9.42 5.95 -1.54
PB ADP DA . -54.83 -4.54 -63.91
O1B ADP DA . -54.68 -5.81 -63.08
O2B ADP DA . -53.52 -3.71 -63.85
O3B ADP DA . -55.11 -4.90 -65.32
PA ADP DA . -57.60 -4.27 -63.21
O1A ADP DA . -57.72 -5.16 -61.90
O2A ADP DA . -57.80 -5.11 -64.42
O3A ADP DA . -56.10 -3.65 -63.30
O5' ADP DA . -58.76 -3.05 -63.19
C5' ADP DA . -59.60 -2.98 -64.24
C4' ADP DA . -60.73 -2.28 -63.90
O4' ADP DA . -61.84 -2.52 -64.90
C3' ADP DA . -61.33 -2.81 -62.51
O3' ADP DA . -62.17 -1.76 -61.90
C2' ADP DA . -62.06 -3.78 -62.85
O2' ADP DA . -63.17 -3.94 -61.90
C1' ADP DA . -62.64 -3.43 -64.36
N9 ADP DA . -62.65 -4.60 -65.17
C8 ADP DA . -61.92 -4.93 -66.24
N7 ADP DA . -62.32 -6.15 -66.62
C5 ADP DA . -63.28 -6.56 -65.80
C6 ADP DA . -64.00 -7.68 -65.74
N6 ADP DA . -64.01 -8.92 -66.59
N1 ADP DA . -64.93 -7.84 -64.79
C2 ADP DA . -65.15 -6.91 -63.90
N3 ADP DA . -64.42 -5.76 -63.94
C4 ADP DA . -63.49 -5.60 -64.89
MG MG EA . -53.27 -4.73 -62.11
ZN ZN FA . -28.94 -11.14 6.96
ZN ZN GA . -31.55 29.81 -1.01
PB ADP HA . -13.33 28.64 -74.71
O1B ADP HA . -13.94 28.44 -73.35
O2B ADP HA . -14.18 29.49 -75.61
O3B ADP HA . -12.92 27.36 -75.35
PA ADP HA . -11.38 30.06 -73.12
O1A ADP HA . -11.01 28.87 -72.31
O2A ADP HA . -12.29 31.06 -72.49
O3A ADP HA . -12.02 29.53 -74.48
O5' ADP HA . -10.06 30.81 -73.61
C5' ADP HA . -9.51 30.49 -74.91
C4' ADP HA . -8.15 31.14 -75.03
O4' ADP HA . -8.14 32.01 -76.19
C3' ADP HA . -7.74 32.03 -73.86
O3' ADP HA . -6.33 32.07 -73.71
C2' ADP HA . -8.27 33.40 -74.28
O2' ADP HA . -7.56 34.45 -73.69
C1' ADP HA . -8.05 33.36 -75.80
N9 ADP HA . -9.04 34.11 -76.55
C8 ADP HA . -9.92 33.60 -77.47
N7 ADP HA . -10.70 34.50 -78.00
C5 ADP HA . -10.33 35.68 -77.38
C6 ADP HA . -10.82 36.99 -77.51
N6 ADP HA . -11.80 37.34 -78.33
N1 ADP HA . -10.24 37.95 -76.74
C2 ADP HA . -9.26 37.59 -75.92
N3 ADP HA . -8.72 36.38 -75.72
C4 ADP HA . -9.32 35.46 -76.49
MG MG IA . -14.62 26.78 -72.11
PB ADP JA . 49.03 -67.74 13.56
O1B ADP JA . 48.33 -68.04 14.85
O2B ADP JA . 49.81 -66.47 13.66
O3B ADP JA . 48.10 -67.79 12.37
PA ADP JA . 50.16 -70.38 12.77
O1A ADP JA . 50.33 -71.36 13.89
O2A ADP JA . 49.03 -70.56 11.84
O3A ADP JA . 50.14 -68.90 13.37
O5' ADP JA . 51.53 -70.34 11.93
C5' ADP JA . 51.61 -69.40 10.83
C4' ADP JA . 52.12 -70.11 9.61
O4' ADP JA . 53.36 -70.78 9.92
C3' ADP JA . 51.21 -71.23 9.08
O3' ADP JA . 50.20 -70.70 8.22
C2' ADP JA . 52.23 -72.10 8.32
O2' ADP JA . 52.51 -71.60 7.03
C1' ADP JA . 53.45 -72.00 9.22
N9 ADP JA . 53.57 -73.09 10.18
C8 ADP JA . 53.10 -73.13 11.47
N7 ADP JA . 53.35 -74.26 12.07
C5 ADP JA . 54.03 -75.02 11.14
C6 ADP JA . 54.58 -76.31 11.19
N6 ADP JA . 54.52 -77.10 12.25
N1 ADP JA . 55.21 -76.77 10.08
C2 ADP JA . 55.30 -75.95 9.02
N3 ADP JA . 54.79 -74.73 8.84
C4 ADP JA . 54.18 -74.31 9.96
MG MG KA . 47.26 -69.61 11.55
BE BEF LA . 46.55 -67.46 12.55
F1 BEF LA . 45.92 -66.89 14.01
F2 BEF LA . 46.73 -66.08 11.64
F3 BEF LA . 45.65 -68.34 11.43
MG MG MA . 46.26 -68.61 15.02
ZN ZN NA . 20.61 -68.24 15.90
ZN ZN OA . 51.99 -53.43 25.67
PB ADP PA . -3.85 10.72 78.56
O1B ADP PA . -4.45 11.79 79.42
O2B ADP PA . -3.92 11.03 77.10
O3B ADP PA . -2.46 10.32 78.99
PA ADP PA . -6.27 9.16 79.20
O1A ADP PA . -6.44 9.73 80.56
O2A ADP PA . -7.16 9.62 78.10
O3A ADP PA . -4.75 9.40 78.75
O5' ADP PA . -6.32 7.57 79.30
C5' ADP PA . -6.15 6.98 80.61
C4' ADP PA . -7.49 6.55 81.14
O4' ADP PA . -7.83 7.37 82.30
C3' ADP PA . -8.68 6.68 80.17
O3' ADP PA . -9.45 5.50 80.11
C2' ADP PA . -9.49 7.85 80.74
O2' ADP PA . -10.87 7.72 80.49
C1' ADP PA . -9.19 7.74 82.21
N9 ADP PA . -9.36 8.99 82.94
C8 ADP PA . -8.42 9.97 83.11
N7 ADP PA . -8.85 10.99 83.81
C5 ADP PA . -10.17 10.66 84.10
C6 ADP PA . -11.17 11.34 84.82
N6 ADP PA . -10.99 12.54 85.38
N1 ADP PA . -12.37 10.74 84.93
C2 ADP PA . -12.54 9.53 84.37
N3 ADP PA . -11.67 8.80 83.67
C4 ADP PA . -10.49 9.43 83.58
MG MG QA . -2.60 11.90 75.91
ZN ZN RA . -22.58 8.05 7.05
PB ADP SA . 29.36 48.88 56.71
O1B ADP SA . 28.67 48.60 58.02
O2B ADP SA . 29.06 47.84 55.69
O3B ADP SA . 30.82 49.14 56.86
PA ADP SA . 28.13 50.67 54.74
O1A ADP SA . 26.78 50.06 54.62
O2A ADP SA . 29.12 50.38 53.67
O3A ADP SA . 28.75 50.26 56.15
O5' ADP SA . 27.98 52.26 54.89
C5' ADP SA . 26.98 52.75 55.81
C4' ADP SA . 26.41 54.08 55.32
O4' ADP SA . 27.23 55.15 55.82
C3' ADP SA . 26.34 54.25 53.80
O3' ADP SA . 25.14 54.92 53.44
C2' ADP SA . 27.58 55.10 53.48
O2' ADP SA . 27.34 55.96 52.39
C1' ADP SA . 27.79 55.90 54.76
N9 ADP SA . 29.18 56.15 55.08
C8 ADP SA . 29.93 55.52 56.04
N7 ADP SA . 31.16 55.94 56.10
C5 ADP SA . 31.24 56.91 55.12
C6 ADP SA . 32.30 57.74 54.69
N6 ADP SA . 33.52 57.71 55.22
N1 ADP SA . 32.04 58.60 53.68
C2 ADP SA . 30.81 58.63 53.16
N3 ADP SA . 29.74 57.90 53.48
C4 ADP SA . 30.03 57.05 54.48
MG MG TA . 28.54 45.89 55.67
ZN ZN UA . -3.53 -32.68 12.35
PB ADP VA . 48.28 -2.52 63.85
O1B ADP VA . 48.35 -3.50 64.99
O2B ADP VA . 47.12 -2.77 62.95
O3B ADP VA . 48.34 -1.10 64.31
PA ADP VA . 49.79 -3.77 61.74
O1A ADP VA . 48.83 -4.90 61.87
O2A ADP VA . 49.74 -2.96 60.49
O3A ADP VA . 49.60 -2.81 63.00
O5' ADP VA . 51.28 -4.31 61.95
C5' ADP VA . 52.35 -3.37 62.20
C4' ADP VA . 53.51 -3.66 61.28
O4' ADP VA . 54.66 -3.99 62.08
C3' ADP VA . 53.33 -4.83 60.32
O3' ADP VA . 54.12 -4.67 59.16
C2' ADP VA . 53.85 -6.01 61.15
O2' ADP VA . 54.41 -7.02 60.34
C1' ADP VA . 54.93 -5.37 62.02
N9 ADP VA . 54.93 -5.88 63.38
C8 ADP VA . 54.72 -5.13 64.53
N7 ADP VA . 54.77 -5.86 65.62
C5 ADP VA . 55.01 -7.15 65.18
C6 ADP VA . 55.16 -8.37 65.86
N6 ADP VA . 55.09 -8.49 67.18
N1 ADP VA . 55.40 -9.47 65.12
C2 ADP VA . 55.47 -9.34 63.78
N3 ADP VA . 55.34 -8.25 63.03
C4 ADP VA . 55.11 -7.17 63.80
BE BEF WA . 47.18 -0.03 64.54
F1 BEF WA . 46.25 -0.29 63.06
F2 BEF WA . 46.09 -0.53 65.74
F3 BEF WA . 48.03 1.48 64.57
MG MG XA . 45.42 -1.97 62.25
BE BEF YA . 28.54 47.17 58.72
F1 BEF YA . 27.65 46.55 57.34
F2 BEF YA . 30.08 46.37 59.07
F3 BEF YA . 27.55 47.65 60.09
PB ADP ZA . 3.08 42.47 71.53
O1B ADP ZA . 2.86 41.00 71.29
O2B ADP ZA . 3.58 43.18 70.31
O3B ADP ZA . 3.95 42.74 72.72
PA ADP ZA . 0.20 42.65 71.33
O1A ADP ZA . -0.02 41.24 71.73
O2A ADP ZA . 0.07 43.00 69.89
O3A ADP ZA . 1.65 43.10 71.84
O5' ADP ZA . -0.77 43.60 72.17
C5' ADP ZA . -1.89 44.11 71.43
C4' ADP ZA . -3.18 43.61 72.03
O4' ADP ZA . -3.43 44.34 73.26
C3' ADP ZA . -4.42 43.89 71.20
O3' ADP ZA . -5.50 43.09 71.65
C2' ADP ZA . -4.65 45.38 71.52
O2' ADP ZA . -5.99 45.78 71.32
C1' ADP ZA . -4.23 45.47 72.98
N9 ADP ZA . -3.44 46.65 73.30
C8 ADP ZA . -2.19 46.66 73.86
N7 ADP ZA . -1.71 47.85 74.06
C5 ADP ZA . -2.70 48.70 73.59
C6 ADP ZA . -2.78 50.11 73.52
N6 ADP ZA . -1.82 50.92 73.93
N1 ADP ZA . -3.91 50.64 72.99
C2 ADP ZA . -4.88 49.81 72.59
N3 ADP ZA . -4.90 48.48 72.61
C4 ADP ZA . -3.78 47.97 73.12
MG MG AB . 3.57 40.19 69.53
ZN ZN BB . -4.26 18.46 -4.65
PB ADP CB . 20.70 -9.95 76.97
O1B ADP CB . 19.20 -9.99 76.81
O2B ADP CB . 21.31 -8.95 75.96
O3B ADP CB . 21.04 -9.54 78.35
PA ADP CB . 20.83 -12.76 77.57
O1A ADP CB . 19.46 -13.31 76.99
O2A ADP CB . 20.66 -12.27 78.97
O3A ADP CB . 21.31 -11.48 76.68
O5' ADP CB . 22.01 -13.97 77.55
C5' ADP CB . 22.61 -14.27 78.72
C4' ADP CB . 23.18 -15.52 78.66
O4' ADP CB . 23.49 -16.03 80.04
C3' ADP CB . 22.11 -16.58 78.09
O3' ADP CB . 22.82 -17.75 77.53
C2' ADP CB . 21.45 -16.93 79.10
O2' ADP CB . 20.97 -18.32 78.95
C1' ADP CB . 22.51 -16.85 80.39
N9 ADP CB . 21.82 -16.33 81.53
C8 ADP CB . 21.96 -15.16 82.18
N7 ADP CB . 21.08 -15.17 83.18
C5 ADP CB . 20.42 -16.33 83.17
C6 ADP CB . 19.47 -16.82 83.94
N6 ADP CB . 18.75 -16.28 85.15
N1 ADP CB . 18.95 -18.04 83.70
C2 ADP CB . 19.41 -18.76 82.69
N3 ADP CB . 20.37 -18.27 81.89
C4 ADP CB . 20.88 -17.06 82.14
MG MG DB . 19.59 -9.33 74.95
ZN ZN EB . -20.52 -17.04 12.72
ZN ZN FB . 20.60 -22.59 2.65
PB ADP GB . 51.76 26.90 51.83
O1B ADP GB . 51.01 25.78 51.16
O2B ADP GB . 52.99 26.42 52.55
O3B ADP GB . 50.87 27.73 52.70
PA ADP GB . 52.12 27.71 49.09
O1A ADP GB . 50.67 27.86 48.82
O2A ADP GB . 52.80 26.49 48.58
O3A ADP GB . 52.33 27.83 50.66
O5' ADP GB . 52.89 28.99 48.53
C5' ADP GB . 53.16 30.11 49.42
C4' ADP GB . 53.69 31.26 48.60
O4' ADP GB . 54.99 31.65 49.11
C3' ADP GB . 53.91 30.97 47.11
O3' ADP GB . 53.76 32.16 46.34
C2' ADP GB . 55.36 30.49 47.09
O2' ADP GB . 55.96 30.71 45.84
C1' ADP GB . 56.00 31.36 48.17
N9 ADP GB . 57.09 30.71 48.88
C8 ADP GB . 57.12 30.43 50.21
N7 ADP GB . 58.22 29.83 50.59
C5 ADP GB . 58.96 29.71 49.42
C6 ADP GB . 60.22 29.14 49.16
N6 ADP GB . 60.99 28.59 50.09
N1 ADP GB . 60.67 29.17 47.88
C2 ADP GB . 59.89 29.73 46.96
N3 ADP GB . 58.69 30.29 47.08
C4 ADP GB . 58.27 30.25 48.35
BE BEF HB . 49.59 27.23 53.50
F1 BEF HB . 48.57 26.60 52.19
F2 BEF HB . 49.89 25.82 54.41
F3 BEF HB . 49.01 28.71 54.17
MG MG IB . 49.03 24.88 51.25
#